data_8JUU
#
_entry.id   8JUU
#
_cell.length_a   1.00
_cell.length_b   1.00
_cell.length_c   1.00
_cell.angle_alpha   90.00
_cell.angle_beta   90.00
_cell.angle_gamma   90.00
#
_symmetry.space_group_name_H-M   'P 1'
#
loop_
_entity.id
_entity.type
_entity.pdbx_description
1 polymer 'LDL receptor related protein 2'
2 polymer 'unclear peptide'
3 polymer 'unclear peptide'
4 polymer 'unclear peptide'
5 polymer 'unclear peptide'
6 polymer 'unclear peptide'
7 polymer 'unclear peptide'
8 branched beta-D-mannopyranose-(1-4)-2-acetamido-2-deoxy-beta-D-glucopyranose-(1-4)-2-acetamido-2-deoxy-beta-D-glucopyranose
9 branched 2-acetamido-2-deoxy-beta-D-glucopyranose-(1-4)-2-acetamido-2-deoxy-beta-D-glucopyranose
10 branched alpha-D-mannopyranose-(1-3)-[alpha-D-mannopyranose-(1-6)]beta-D-mannopyranose-(1-4)-2-acetamido-2-deoxy-beta-D-glucopyranose-(1-4)-2-acetamido-2-deoxy-beta-D-glucopyranose
11 branched beta-D-mannopyranose-(1-3)-2-acetamido-2-deoxy-beta-D-glucopyranose-(1-4)-2-acetamido-2-deoxy-beta-D-glucopyranose
12 non-polymer 2-acetamido-2-deoxy-beta-D-glucopyranose
13 non-polymer 2-acetamido-2-deoxy-alpha-D-galactopyranose
14 non-polymer 'CALCIUM ION'
15 non-polymer 'NICKEL (II) ION'
#
loop_
_entity_poly.entity_id
_entity_poly.type
_entity_poly.pdbx_seq_one_letter_code
_entity_poly.pdbx_strand_id
1 'polypeptide(L)'
;MERGAAAAAWMLLLAIAACLEPVSSQECGSGNFRCDNGYCIPASWRCDGTRDCLDDTDEIGCPPRSCESGLFLCPAEGTC
IPSSWVCDEDKDCSDGADEQQNCAGTTCSAQQMTCSNGQCIPSEYRCDHVSDCPDGSDERNCHYPTCDQLTCANGACYNT
SQRCDQKVDCRDSSDEANCTTLCSQKEFECGSGECILRAYVCDHDNDCEDNSDERNCNYDTCGGHQFTCSNGQCINQNWV
CDGDDDCQDSGDEDGCESNQSHHRCYPREWACPGSGRCISIDKVCDGVPDCPEGDDENNVTSGRTCGMGVCSVLNCEYQC
HQTPFGGECFCPPGHIINSNDSRTCIDFDDCQIWGICDQKCENRQGRHQCLCEEGYILERGQHCKSSDSFSAASVIFSNG
RDLLVGDLHGRNFRILAESKNRGMVMGVDFHYQKHRVFWTDPMQEKVFSTDINGLNTQEILNVSVDTPENLAVDWINNKL
YLVETKVNRIDVVNLEGNQRVTLITENLGHPRGIALDPTVGYLFFSDWGSLSGQPKVERAFMDGSNRKDLVTTKVGWPAG
ITLDLVSKRVYWVDSRYDYIETVTYDGIQRKTVARGGSLVPHPFGISLFEEHVFFTDWTKMAVMKASKFTETNPQVYHQS
SLRPHGVTVYHALRQPNATNPCGSNNGGCAQVCVLSHRTDNGGLGYRCKCEFGFELDDDEHRCVAVKNFLLFSSKTAVRG
IPFTLSTQEDVMVPVTGSPSFFVGIDFDAQHSTVFYSDLSKDIIYKQKIDGTGKEVITANRLESVECLTFDWISRNLYWT
DGGLKSVTVLRLADKSRRQIISNLNNPRSIVVHPTAGYMFLSDWFRPAKIMRAWSDGSHLMPIVNTSLGWPNGLAIDWSA
SRLYWVDAFFDKIEHSTLDGLDRKRLGHVDQMTHPFGLTVFKDNVFITDWRLGAIIRVRKSDGGDMTVIRRGISSVMHVK
AYDADLQTGSNYCSQTTHANGDCSHFCFPVPNFQRVCGCPYGMKLQRDQMTCEGDPAREPPTQQCGSLSFPCNNGKCVPS
FFRCDGVDDCHDNSDEHQCGVFNNTCSPSAFACVRGGQCIPGQWHCDRQNDCLDGSDEQNCPTHATSSTCPSTSFTCDNH
VCIPKDWVCDTDNDCSDGSDEKNCQASGTCQPTQFRCPDHRCISPLYVCDGDKDCADGSDEAGCVLNCTSAQFKCADGSS
CINSRYRCDGVYDCRDNSDEAGCPTRPPGMCHLDEFQCQGDGTCIPNTWECDGHPDCIHGSDEHTGCVPKTCSPTHFLCD
NGNCIYKAWICDGDNDCRDMSDEKDCPTQPFHCPSTQWQCPGYSTCINLSALCDGVFDCPNGTDESPLCNQDSCSHFNGG
CTHQCMQGPFGATCLCPLGYQLANDTKTCEDINECDIPGFCSQHCVNMRGSFRCACDPEYTLESDGRTCKVTGSENPLLV
VASRDKIIVDNITAHTHNLYSLVQDVSFVVALDFDSVTGRVFWSDLLQGKTWSVFQNGTDKRVVHDSGLSVTEMIAVDWI
GRNLYWTDYALETIEVSKIDGSHRTVLISKNVTKPRGLALDPRMGDNVMFWSDWGHHPRIERASMDGTMRTVIVQEKIYW
PCGLSIDYPNRLIYFMDAYLDYIEFCDYDGHNRRQVIASDLVLHHPHALTLFEDFVYWTDRGTRQVMQANKWHGGNQSVV
MYSVHQPLGITAIHPSRQPPSRNPCASASCSHLCLLSAQAPRHYSCACPSGWNLSDDSVNCVRGDQPFLMSVRDNIIFGI
SLDPEVKSNDAMVPISGIQHGYDVEFDDSEQFIYWVENPGEIHRVKTDGSNRTVFAPLSLLGSSLGLALDWVSRNIYYTT
PASRSIEVLTLKGDTRYGKTLIANDGTPLGVGFPVGIAVDPARGKLYWSDHGTDSGVPAKIASANMDGTSLKILFTGNLQ
HLEVVTLDIQEQKLYWAVTSRGVIERGNVDGTERMILVHHLAHPWGLVVYGSFLYYSDEQYEVIERVDKSSGNNKVVLRD
NVPYLRGLRVYHRRNAADSSNGCSNNPNACQQICLPVPGGMFSCACASGFKLSPDGRSCSPYNSFMVVSMLPAVRGFSLE
LSDHSEAMVPVAGQGRNVLHADVDVANGFIYWCDFSSSVRSSNGIRRIKPDGSNFTNVVTYGIGANGIRGVALDWAAGNL
YFTNAFVYETLIEVLRINTTYRRVLLKVSVDMPRHIIVDPKHRYLFWADYGQKPKIERSFLDCTNRTVLVSEGIVTPRGL
AMDHDTGYIYWVDDSLDLIARIHLDGGESQVVRYGSRYPTPYGITVFGESIIWVDRNLKKVFQASKQPGNTDPPVVIRDK
INLLRDVTIFDEHAQPLSPAELNNNPCLQSNGGCSHFCFALPELPTPRCGCAFGTLGNDGKSCATSQEDFLIYSLNNSLR
SLHFDPRDHSLPFQVISVAGTAIALDYDRRNNRIFFTQKLNSLRGQISYVSLYSGSSSPTVLLSNIGVTDGIAFDWINRR
IYYSDFSNQTINSMAEDGSNRAVIARVSKPRAIVLDPCRGYMYWTDWGTNAKIERATLGGNFRVPIVNTSLVWPNGLALD
LETDLLYWADASLQKIERSTLTGTNREVVVSTAFHSFGLTVYGQYIYWTDLYTRKIYRANKYDGSDLVAMTTRLPTQPSG
ISTVVKTQRQQCSNPCDQFNGGCSHICAPGPNGAECQCPHEGNWYLANDNKYCVVDTGTRCNQLQFTCLNGHCINQDWKC
DNDNDCGDGSDELPTVCAFHTCRSTAFTCGNGRCVPYHYRCDYYNDCGDNSDEAGCLFRNCNSTTEFTCSNGRCIPLSYV
CNGINNCHDNDTSDEKNCPPHTCPPDFTKCQTTNICVPRAFLCDGDNDCGDGSDENPIYCASHTCRSNEFQCLSPQRCIP
SYWFCDGEADCADGSDEPDTCGHSVNTCRASQFQCDNGRCISGNWVCDGDNDCGDMSDEDQRHHCELQNCSSTQFTCVNS
RPPNRRCIPQYWVCDGDADCSDALDELQNCTMRTCSAGEFSCANGRCVRQSFRCDRRNDCGDYSDERGCSYPPCHANQFT
CQNGRCIPRFFVCDEDNDCGDGSDEQEHLCHTPEPTCPLHQFRCDNGHCIEMGRVCNHVDDCSDNSDEKGCGINECLDSS
ISRCDHNCTDTITSFYCSCLPGYKLMSDKRSCVDIDECKESPQLCSQKCENVVGSYICKCAPGYIREPDGKSCRQNSNIE
PYLIFSNRYYIRNLTTDGSSYSLILQGLGNVVALDFDRVEKRLYWIDAEKQIIERMFLNKTNRETIINHRLRRAESLAVD
WVSRKLYWLDAILDCLFVSDLEGRHRKMIAQHCVDANNTFCFEHPRGIVLHPQRGHVYWADWGVHAYIGRIGMDGTNKSV
IISTKIEWPNAITIDYTNDLLYWADAHLGYIEFSDLEGHHRHTVYDGSLPHPFALTIFEDTVFWTDWNTRTVEKGNKYDG
SGRVVLVNTTHKPFDIHVYHPYRQPIMSNPCGTNNGGCSHLCLIKAGGRGFTCACPDDFQTVQLRDRTLCMPMCSSTQFL
CGNNEKCIPIWWKCDGQKDCSDGSDEPDLCPHRFCRLGQFQCRDGNCTSPQALCNARQDCADGSDEDRVLCEHHRCESNE
WQCANKRCIPQSWQCDSVNDCLDNSDEDTSHCASRTCRPGQFKCNNGRCIPQSWKCDVDNDCGDYSDEPIDECTTAAYNC
DNHTEFSCKTNYRCIPQWAVCNGFDDCRDNSDEQGCESVPCHPSGDFRCANHHCIPLRWKCDGTDDCGDNSDEENCVPRE
CSESEFRCADQQCIPSRWVCDQENDCGDNSDERDCEMKTCHPEHFQCTSGHCVPKALACDGRADCLDASDESACPTRFPN
GTYCPAAMFECKNHVCIQSFWICDGENDCVDGSDEEIHLCFNIPCESPQRFRCDNSRCVYGHQLCNGVDDCGDGSDEKEE
HCRKPTHKPCTDTEYKCSNGNCISQHYVCDNVNDCGDLSDETGCNLGDNRTCAENICEQNCTQLSSGGFICSCRPGFKPS
TLDKNSCQDINECEEFGICPQSCRNSKGSYECFCVDGFKSMSTHYGERCAADGSPPLLLLPENVRIRKYNTSSEKFSEYL
EEEEHIQTIDYDWDPEHIGLSVVYYTVLAQGSQFGAIKRAYIPNFESGSNNPIREVDLGLKYLMQPDGLAVDWVGRHIYW
SDAKSQRIEVATLDGRYRKWLITTQLDQPAAIAVNPKLGLMFWTDQGKQPKIESAWMNGEHRSVLVSENLGWPNGLSIDY
LNDDRVYWSDSKEDVIEAIKYDGTDRRLIINEAMKPFSLDIFEDKLYWVAKEKGEVWRQNKFGKENKEKVLVVNPWLTQV
RIFHQLRYNQSVSNPCKQVCSHLCLLRPGGYSCACPQGSDFVTGSTVQCDAASELPVTMPPPCRCMHGGNCYFDENELPK
CKCSSGYSGEYCEVGLSRGIPPGTTMAVLLTFVIVIIVGALVLVGLFHYRKTGSLLPTLPKLPSLSSLAKPSENGNGVTF
RSGADVNMDIGVSPFGPETIIDRSMAMNEHFVMEVGKQPVIFENPMYAAKDNTSKVALAVQGPSTGAQVTVPENVENQNY
GRPIDPSEIVPEPKPASPGADEIQGKKWNIFKRKPKQTTNFENPIYAEMDSEVKDAVAVAPPPSPSLPAKASKRNLTPGY
TATEDTFKDTANLVKEDSDV
;
A,B
2 'polypeptide(L)' (UNK)(UNK)L(UNK)(UNK)(UNK) C,I
3 'polypeptide(L)' (UNK)C(UNK) D,J
4 'polypeptide(L)' (UNK)EE(UNK)(UNK) G,K
5 'polypeptide(L)' (UNK)(UNK)N(UNK)(UNK) H,L,O,R
6 'polypeptide(L)' (UNK)(UNK)(UNK)(UNK)(UNK)(UNK) M,P
7 'polypeptide(L)' (UNK)N(UNK)(UNK)(UNK) N,Q
#
loop_
_chem_comp.id
_chem_comp.type
_chem_comp.name
_chem_comp.formula
A2G D-saccharide, alpha linking 2-acetamido-2-deoxy-alpha-D-galactopyranose 'C8 H15 N O6'
BMA D-saccharide, beta linking beta-D-mannopyranose 'C6 H12 O6'
CA non-polymer 'CALCIUM ION' 'Ca 2'
MAN D-saccharide, alpha linking alpha-D-mannopyranose 'C6 H12 O6'
NAG D-saccharide, beta linking 2-acetamido-2-deoxy-beta-D-glucopyranose 'C8 H15 N O6'
NI non-polymer 'NICKEL (II) ION' 'Ni 2'
#
# COMPACT_ATOMS: atom_id res chain seq x y z
N GLU A 27 -49.86 71.60 -70.87
CA GLU A 27 -50.60 71.26 -72.11
C GLU A 27 -49.89 71.87 -73.32
N CYS A 28 -50.23 71.38 -74.51
CA CYS A 28 -49.63 71.84 -75.77
C CYS A 28 -50.74 72.02 -76.81
N GLY A 29 -50.33 72.19 -78.09
CA GLY A 29 -51.24 72.51 -79.17
C GLY A 29 -52.32 71.45 -79.40
N SER A 30 -53.34 71.83 -80.17
CA SER A 30 -54.47 70.96 -80.48
C SER A 30 -54.03 69.77 -81.35
N GLY A 31 -52.99 69.98 -82.19
CA GLY A 31 -52.52 68.98 -83.13
C GLY A 31 -51.53 67.99 -82.52
N ASN A 32 -51.22 68.14 -81.22
CA ASN A 32 -50.25 67.28 -80.55
C ASN A 32 -51.00 66.37 -79.58
N PHE A 33 -50.91 65.05 -79.79
CA PHE A 33 -51.45 64.01 -78.90
C PHE A 33 -50.55 63.83 -77.68
N ARG A 34 -51.10 63.96 -76.46
CA ARG A 34 -50.34 63.89 -75.23
C ARG A 34 -50.30 62.45 -74.71
N CYS A 35 -49.07 61.95 -74.51
CA CYS A 35 -48.79 60.71 -73.80
C CYS A 35 -48.99 60.94 -72.29
N ASP A 36 -49.35 59.89 -71.56
CA ASP A 36 -49.76 59.98 -70.16
C ASP A 36 -48.71 60.63 -69.24
N ASN A 37 -47.42 60.54 -69.60
CA ASN A 37 -46.31 61.08 -68.83
C ASN A 37 -46.13 62.61 -69.02
N GLY A 38 -46.78 63.20 -70.02
CA GLY A 38 -46.78 64.64 -70.23
C GLY A 38 -46.17 65.05 -71.56
N TYR A 39 -45.21 64.25 -72.06
CA TYR A 39 -44.62 64.41 -73.37
C TYR A 39 -45.71 64.25 -74.43
N CYS A 40 -45.96 65.31 -75.22
CA CYS A 40 -47.01 65.27 -76.23
C CYS A 40 -46.34 65.24 -77.62
N ILE A 41 -46.82 64.32 -78.47
CA ILE A 41 -46.29 64.04 -79.79
C ILE A 41 -47.27 64.57 -80.84
N PRO A 42 -46.85 64.81 -82.09
CA PRO A 42 -47.78 65.14 -83.17
C PRO A 42 -48.78 64.02 -83.47
N ALA A 43 -49.99 64.43 -83.88
CA ALA A 43 -51.08 63.51 -84.15
C ALA A 43 -50.76 62.56 -85.31
N SER A 44 -49.88 62.97 -86.22
CA SER A 44 -49.51 62.15 -87.37
C SER A 44 -48.83 60.84 -86.93
N TRP A 45 -48.20 60.88 -85.73
CA TRP A 45 -47.54 59.75 -85.10
C TRP A 45 -48.49 58.87 -84.27
N ARG A 46 -49.78 59.20 -84.16
CA ARG A 46 -50.77 58.21 -83.73
C ARG A 46 -50.90 57.13 -84.80
N CYS A 47 -51.12 55.88 -84.38
CA CYS A 47 -51.47 54.78 -85.27
C CYS A 47 -50.49 54.61 -86.45
N ASP A 48 -49.22 55.01 -86.29
CA ASP A 48 -48.28 55.08 -87.41
C ASP A 48 -47.53 53.76 -87.62
N GLY A 49 -47.79 52.77 -86.76
CA GLY A 49 -47.16 51.46 -86.80
C GLY A 49 -45.95 51.34 -85.86
N THR A 50 -45.61 52.40 -85.13
CA THR A 50 -44.43 52.44 -84.27
C THR A 50 -44.76 53.08 -82.93
N ARG A 51 -44.24 52.56 -81.81
CA ARG A 51 -44.40 53.26 -80.54
C ARG A 51 -43.67 54.60 -80.60
N ASP A 52 -44.20 55.63 -79.94
CA ASP A 52 -43.49 56.89 -79.71
C ASP A 52 -43.59 57.35 -78.26
N CYS A 53 -44.74 57.15 -77.62
CA CYS A 53 -44.86 57.31 -76.18
C CYS A 53 -44.04 56.23 -75.49
N LEU A 54 -43.39 56.56 -74.35
CA LEU A 54 -42.70 55.57 -73.53
C LEU A 54 -43.68 54.54 -72.95
N ASP A 55 -44.98 54.89 -72.85
CA ASP A 55 -46.04 53.99 -72.40
C ASP A 55 -46.85 53.41 -73.57
N ASP A 56 -46.36 53.56 -74.82
CA ASP A 56 -46.93 53.00 -76.05
C ASP A 56 -48.33 53.52 -76.40
N THR A 57 -48.86 54.51 -75.64
CA THR A 57 -50.24 54.96 -75.78
C THR A 57 -50.58 55.50 -77.18
N ASP A 58 -49.59 55.91 -77.98
CA ASP A 58 -49.85 56.41 -79.32
C ASP A 58 -50.28 55.31 -80.31
N GLU A 59 -49.92 54.05 -80.06
CA GLU A 59 -50.34 52.93 -80.90
C GLU A 59 -51.40 52.04 -80.21
N ILE A 60 -51.54 52.17 -78.88
CA ILE A 60 -52.65 51.56 -78.14
C ILE A 60 -53.93 52.38 -78.37
N GLY A 61 -55.11 51.75 -78.20
CA GLY A 61 -56.38 52.44 -78.33
C GLY A 61 -56.55 53.08 -79.72
N CYS A 62 -56.16 52.30 -80.75
CA CYS A 62 -56.10 52.71 -82.14
C CYS A 62 -56.95 51.75 -82.97
N PRO A 63 -57.78 52.22 -83.93
CA PRO A 63 -58.76 51.37 -84.60
C PRO A 63 -58.09 50.23 -85.37
N PRO A 64 -58.43 48.96 -85.07
CA PRO A 64 -57.78 47.81 -85.70
C PRO A 64 -58.17 47.66 -87.17
N ARG A 65 -57.32 46.96 -87.92
CA ARG A 65 -57.53 46.67 -89.33
C ARG A 65 -58.76 45.78 -89.53
N SER A 66 -59.37 45.91 -90.73
CA SER A 66 -60.50 45.09 -91.14
C SER A 66 -60.52 44.92 -92.66
N CYS A 67 -61.25 43.89 -93.15
CA CYS A 67 -61.32 43.55 -94.57
C CYS A 67 -62.79 43.30 -94.97
N GLU A 68 -63.04 43.24 -96.29
CA GLU A 68 -64.39 43.31 -96.88
C GLU A 68 -65.31 42.15 -96.50
N SER A 69 -66.61 42.28 -96.81
CA SER A 69 -67.68 41.43 -96.25
C SER A 69 -67.46 39.93 -96.53
N GLY A 70 -67.74 39.10 -95.52
CA GLY A 70 -67.53 37.65 -95.60
C GLY A 70 -66.09 37.20 -95.37
N LEU A 71 -65.10 38.11 -95.50
CA LEU A 71 -63.71 37.81 -95.18
C LEU A 71 -63.39 38.21 -93.72
N PHE A 72 -62.18 37.83 -93.28
CA PHE A 72 -61.67 38.08 -91.93
C PHE A 72 -60.16 38.33 -92.02
N LEU A 73 -59.58 39.14 -91.12
CA LEU A 73 -58.13 39.29 -91.03
C LEU A 73 -57.61 38.48 -89.85
N CYS A 74 -56.75 37.47 -90.10
CA CYS A 74 -56.04 36.78 -89.03
C CYS A 74 -55.09 37.79 -88.35
N PRO A 75 -55.30 38.21 -87.07
CA PRO A 75 -54.57 39.33 -86.49
C PRO A 75 -53.04 39.14 -86.38
N ALA A 76 -52.60 37.87 -86.37
CA ALA A 76 -51.19 37.52 -86.17
C ALA A 76 -50.34 37.80 -87.41
N GLU A 77 -50.93 37.75 -88.63
CA GLU A 77 -50.19 37.92 -89.89
C GLU A 77 -50.82 38.98 -90.82
N GLY A 78 -52.13 39.24 -90.71
CA GLY A 78 -52.76 40.42 -91.31
C GLY A 78 -53.14 40.28 -92.79
N THR A 79 -53.67 39.12 -93.20
CA THR A 79 -54.18 38.90 -94.56
C THR A 79 -55.66 38.48 -94.55
N CYS A 80 -56.39 38.83 -95.63
CA CYS A 80 -57.81 38.54 -95.77
C CYS A 80 -58.04 37.07 -96.11
N ILE A 81 -58.76 36.35 -95.22
CA ILE A 81 -59.10 34.93 -95.37
C ILE A 81 -60.62 34.78 -95.41
N PRO A 82 -61.17 33.76 -96.11
CA PRO A 82 -62.61 33.70 -96.36
C PRO A 82 -63.36 32.86 -95.33
N SER A 83 -64.70 32.97 -95.38
CA SER A 83 -65.59 32.10 -94.61
C SER A 83 -65.59 30.63 -95.08
N SER A 84 -64.71 30.28 -96.03
CA SER A 84 -64.27 28.92 -96.30
C SER A 84 -63.47 28.32 -95.13
N TRP A 85 -62.62 29.14 -94.48
CA TRP A 85 -61.62 28.66 -93.53
C TRP A 85 -61.89 29.13 -92.09
N VAL A 86 -62.39 30.36 -91.91
CA VAL A 86 -62.94 30.69 -90.60
C VAL A 86 -64.11 29.74 -90.29
N CYS A 87 -64.00 29.08 -89.14
CA CYS A 87 -64.90 28.03 -88.67
C CYS A 87 -64.89 26.79 -89.57
N ASP A 88 -63.78 26.48 -90.26
CA ASP A 88 -63.62 25.20 -90.96
C ASP A 88 -63.28 24.02 -90.02
N GLU A 89 -63.53 24.19 -88.72
CA GLU A 89 -63.18 23.28 -87.62
C GLU A 89 -61.68 23.11 -87.40
N ASP A 90 -60.78 23.83 -88.11
CA ASP A 90 -59.35 23.61 -87.92
C ASP A 90 -58.50 24.87 -88.07
N LYS A 91 -57.17 24.67 -87.89
CA LYS A 91 -56.20 25.72 -87.54
C LYS A 91 -55.73 26.46 -88.80
N ASP A 92 -56.64 27.18 -89.45
CA ASP A 92 -56.34 27.87 -90.71
C ASP A 92 -55.53 29.16 -90.51
N CYS A 93 -55.85 29.95 -89.47
CA CYS A 93 -55.07 31.15 -89.12
C CYS A 93 -53.75 30.76 -88.43
N SER A 94 -52.72 31.62 -88.57
CA SER A 94 -51.40 31.41 -87.96
C SER A 94 -51.43 31.48 -86.43
N ASP A 95 -52.43 32.14 -85.84
CA ASP A 95 -52.69 32.14 -84.41
C ASP A 95 -53.39 30.85 -83.92
N GLY A 96 -53.96 30.05 -84.85
CA GLY A 96 -54.72 28.85 -84.54
C GLY A 96 -56.08 29.10 -83.88
N ALA A 97 -56.54 30.37 -83.77
CA ALA A 97 -57.53 30.72 -82.75
C ALA A 97 -58.95 30.96 -83.30
N ASP A 98 -59.17 30.87 -84.63
CA ASP A 98 -60.46 31.20 -85.23
C ASP A 98 -61.62 30.38 -84.62
N GLU A 99 -61.39 29.07 -84.42
CA GLU A 99 -62.36 28.13 -83.88
C GLU A 99 -62.86 28.45 -82.46
N GLN A 100 -62.28 29.47 -81.78
CA GLN A 100 -62.87 30.01 -80.55
C GLN A 100 -63.07 31.53 -80.63
N GLN A 101 -62.17 32.30 -81.27
CA GLN A 101 -62.23 33.76 -81.26
C GLN A 101 -63.24 34.31 -82.28
N ASN A 102 -63.40 33.64 -83.43
CA ASN A 102 -64.40 33.98 -84.43
C ASN A 102 -65.68 33.15 -84.24
N CYS A 103 -65.52 31.85 -83.97
CA CYS A 103 -66.62 30.88 -83.94
C CYS A 103 -67.27 30.82 -82.55
N ALA A 104 -67.44 31.97 -81.89
CA ALA A 104 -68.01 32.06 -80.55
C ALA A 104 -69.50 31.71 -80.53
N LYS A 186 -73.50 67.49 -48.50
CA LYS A 186 -72.61 67.35 -47.33
C LYS A 186 -72.60 68.66 -46.54
N GLU A 187 -71.81 69.65 -47.01
CA GLU A 187 -71.75 70.97 -46.39
C GLU A 187 -72.95 71.80 -46.88
N PHE A 188 -72.98 73.08 -46.47
CA PHE A 188 -74.02 74.00 -46.87
C PHE A 188 -73.53 74.84 -48.06
N GLU A 189 -74.34 74.83 -49.13
CA GLU A 189 -74.02 75.58 -50.33
C GLU A 189 -74.85 76.85 -50.34
N CYS A 190 -74.18 78.00 -50.49
CA CYS A 190 -74.84 79.30 -50.47
C CYS A 190 -75.62 79.50 -51.76
N GLY A 191 -76.54 80.46 -51.75
CA GLY A 191 -77.31 80.84 -52.93
C GLY A 191 -76.44 81.36 -54.09
N SER A 192 -75.25 81.87 -53.76
CA SER A 192 -74.34 82.45 -54.75
C SER A 192 -73.42 81.39 -55.36
N GLY A 193 -73.48 80.15 -54.87
CA GLY A 193 -72.69 79.06 -55.43
C GLY A 193 -71.32 78.94 -54.76
N GLU A 194 -71.33 78.77 -53.43
CA GLU A 194 -70.12 78.58 -52.66
C GLU A 194 -70.40 77.63 -51.49
N CYS A 195 -69.40 76.82 -51.15
CA CYS A 195 -69.49 75.86 -50.06
C CYS A 195 -68.87 76.45 -48.79
N ILE A 196 -69.58 76.32 -47.67
CA ILE A 196 -69.11 76.80 -46.38
C ILE A 196 -69.35 75.72 -45.33
N LEU A 197 -68.39 75.58 -44.41
CA LEU A 197 -68.44 74.55 -43.39
C LEU A 197 -69.63 74.80 -42.45
N ARG A 198 -70.20 73.72 -41.93
CA ARG A 198 -71.41 73.78 -41.11
C ARG A 198 -71.15 74.56 -39.82
N ALA A 199 -69.97 74.37 -39.22
CA ALA A 199 -69.62 75.03 -37.96
C ALA A 199 -69.64 76.55 -38.12
N TYR A 200 -69.17 77.04 -39.27
CA TYR A 200 -69.14 78.47 -39.57
C TYR A 200 -70.37 78.91 -40.35
N VAL A 201 -71.31 77.99 -40.63
CA VAL A 201 -72.63 78.37 -41.11
C VAL A 201 -73.45 78.82 -39.89
N CYS A 202 -74.10 79.99 -40.02
CA CYS A 202 -74.93 80.55 -38.97
C CYS A 202 -74.08 80.77 -37.72
N ASP A 203 -73.12 81.71 -37.81
CA ASP A 203 -72.31 82.09 -36.67
C ASP A 203 -71.97 83.58 -36.72
N HIS A 204 -72.89 84.38 -37.27
CA HIS A 204 -72.74 85.83 -37.40
C HIS A 204 -71.64 86.22 -38.37
N ASP A 205 -71.11 85.25 -39.14
CA ASP A 205 -70.15 85.55 -40.19
C ASP A 205 -70.86 85.54 -41.54
N ASN A 206 -70.67 86.62 -42.31
CA ASN A 206 -71.40 86.81 -43.56
C ASN A 206 -71.07 85.70 -44.56
N ASP A 207 -69.79 85.28 -44.62
CA ASP A 207 -69.35 84.23 -45.52
C ASP A 207 -69.63 84.64 -46.97
N CYS A 208 -70.58 83.95 -47.62
CA CYS A 208 -70.99 84.30 -48.96
C CYS A 208 -71.71 85.65 -48.94
N GLU A 209 -71.50 86.45 -49.98
CA GLU A 209 -72.06 87.80 -50.05
C GLU A 209 -73.58 87.78 -50.08
N ASP A 210 -74.19 86.64 -50.43
CA ASP A 210 -75.64 86.48 -50.38
C ASP A 210 -76.15 86.41 -48.95
N ASN A 211 -75.27 86.09 -47.99
CA ASN A 211 -75.62 85.97 -46.58
C ASN A 211 -76.71 84.92 -46.38
N SER A 212 -76.58 83.78 -47.07
CA SER A 212 -77.57 82.71 -46.96
C SER A 212 -77.59 82.11 -45.56
N ASP A 213 -76.39 81.97 -44.96
CA ASP A 213 -76.26 81.34 -43.66
C ASP A 213 -76.65 82.31 -42.54
N GLU A 214 -76.86 83.60 -42.87
CA GLU A 214 -77.14 84.61 -41.85
C GLU A 214 -78.56 85.15 -41.92
N ARG A 215 -79.42 84.60 -42.80
CA ARG A 215 -80.81 85.02 -42.84
C ARG A 215 -81.58 84.42 -41.67
N ASN A 216 -81.27 83.17 -41.31
CA ASN A 216 -81.87 82.52 -40.15
C ASN A 216 -81.14 82.96 -38.89
N CYS A 217 -81.89 83.08 -37.80
CA CYS A 217 -81.36 83.60 -36.54
C CYS A 217 -81.82 82.71 -35.39
N ASN A 218 -80.90 81.86 -34.89
CA ASN A 218 -81.12 81.15 -33.64
C ASN A 218 -80.47 81.98 -32.53
N TYR A 219 -79.14 82.09 -32.58
CA TYR A 219 -78.35 83.05 -31.81
C TYR A 219 -78.98 83.36 -30.45
N ASP A 220 -79.26 82.30 -29.68
CA ASP A 220 -79.90 82.43 -28.39
C ASP A 220 -79.01 83.20 -27.42
N THR A 221 -79.64 83.74 -26.37
CA THR A 221 -78.97 84.58 -25.40
C THR A 221 -77.89 83.76 -24.70
N CYS A 222 -76.75 84.40 -24.41
CA CYS A 222 -75.59 83.71 -23.85
C CYS A 222 -75.87 83.25 -22.42
N GLY A 223 -75.13 82.24 -21.98
CA GLY A 223 -75.26 81.73 -20.62
C GLY A 223 -74.50 82.60 -19.61
N GLY A 224 -74.45 82.12 -18.37
CA GLY A 224 -73.71 82.79 -17.31
C GLY A 224 -72.21 82.85 -17.61
N HIS A 225 -71.68 81.81 -18.25
CA HIS A 225 -70.25 81.66 -18.46
C HIS A 225 -69.76 82.38 -19.72
N GLN A 226 -70.66 83.05 -20.45
CA GLN A 226 -70.31 83.66 -21.73
C GLN A 226 -70.50 85.18 -21.66
N PHE A 227 -69.71 85.88 -22.50
CA PHE A 227 -69.87 87.30 -22.71
C PHE A 227 -70.62 87.54 -24.02
N THR A 228 -71.49 88.55 -24.02
CA THR A 228 -72.36 88.81 -25.15
C THR A 228 -71.80 90.01 -25.93
N CYS A 229 -71.39 89.76 -27.18
CA CYS A 229 -70.90 90.81 -28.05
C CYS A 229 -72.06 91.67 -28.56
N SER A 230 -71.74 92.77 -29.24
CA SER A 230 -72.74 93.68 -29.79
C SER A 230 -73.62 92.97 -30.81
N ASN A 231 -72.99 92.14 -31.66
CA ASN A 231 -73.68 91.49 -32.78
C ASN A 231 -74.43 90.22 -32.32
N GLY A 232 -74.36 89.88 -31.03
CA GLY A 232 -75.11 88.77 -30.49
C GLY A 232 -74.28 87.48 -30.36
N GLN A 233 -73.05 87.47 -30.88
CA GLN A 233 -72.18 86.31 -30.77
C GLN A 233 -71.78 86.09 -29.31
N CYS A 234 -71.83 84.83 -28.86
CA CYS A 234 -71.45 84.48 -27.51
C CYS A 234 -70.03 83.91 -27.50
N ILE A 235 -69.19 84.44 -26.61
CA ILE A 235 -67.82 83.97 -26.46
C ILE A 235 -67.59 83.67 -24.98
N ASN A 236 -66.61 82.80 -24.68
CA ASN A 236 -66.33 82.40 -23.31
C ASN A 236 -65.83 83.59 -22.51
N GLN A 237 -66.16 83.59 -21.21
CA GLN A 237 -65.86 84.70 -20.32
C GLN A 237 -64.36 84.98 -20.23
N ASN A 238 -63.53 83.94 -20.40
CA ASN A 238 -62.09 84.08 -20.28
C ASN A 238 -61.49 84.86 -21.45
N TRP A 239 -62.21 84.94 -22.58
CA TRP A 239 -61.73 85.67 -23.75
C TRP A 239 -61.83 87.18 -23.55
N VAL A 240 -62.51 87.65 -22.50
CA VAL A 240 -62.76 89.07 -22.34
C VAL A 240 -61.49 89.76 -21.84
N CYS A 241 -61.11 90.84 -22.53
CA CYS A 241 -59.99 91.69 -22.14
C CYS A 241 -58.70 90.88 -22.01
N ASP A 242 -58.44 90.04 -23.02
CA ASP A 242 -57.21 89.25 -23.08
C ASP A 242 -56.26 89.77 -24.16
N GLY A 243 -56.74 90.64 -25.05
CA GLY A 243 -55.90 91.22 -26.09
C GLY A 243 -56.37 90.87 -27.51
N ASP A 244 -57.35 89.96 -27.64
CA ASP A 244 -57.83 89.54 -28.94
C ASP A 244 -59.24 90.09 -29.16
N ASP A 245 -59.46 90.77 -30.30
CA ASP A 245 -60.77 91.29 -30.64
C ASP A 245 -61.65 90.17 -31.17
N ASP A 246 -62.13 89.31 -30.27
CA ASP A 246 -62.90 88.13 -30.65
C ASP A 246 -64.28 88.53 -31.18
N CYS A 247 -64.85 89.62 -30.64
CA CYS A 247 -66.20 90.03 -30.96
C CYS A 247 -66.33 90.63 -32.37
N GLN A 248 -65.20 90.96 -33.00
CA GLN A 248 -65.15 91.59 -34.31
C GLN A 248 -65.63 93.04 -34.21
N ASP A 249 -66.14 93.43 -33.03
CA ASP A 249 -66.58 94.78 -32.76
C ASP A 249 -65.77 95.43 -31.62
N SER A 250 -64.77 94.70 -31.09
CA SER A 250 -63.95 95.12 -29.97
C SER A 250 -64.78 95.38 -28.71
N GLY A 251 -65.97 94.77 -28.61
CA GLY A 251 -66.82 94.89 -27.44
C GLY A 251 -66.22 94.19 -26.22
N ASP A 252 -65.40 93.16 -26.48
CA ASP A 252 -64.77 92.39 -25.41
C ASP A 252 -63.38 92.93 -25.09
N GLU A 253 -62.93 93.99 -25.80
CA GLU A 253 -61.63 94.59 -25.54
C GLU A 253 -61.79 96.09 -25.27
N ASP A 254 -62.91 96.50 -24.67
CA ASP A 254 -63.21 97.91 -24.46
C ASP A 254 -62.66 98.33 -23.10
N GLY A 255 -61.62 99.19 -23.13
CA GLY A 255 -61.12 99.88 -21.95
C GLY A 255 -60.63 98.95 -20.85
N CYS A 256 -59.84 97.93 -21.23
CA CYS A 256 -59.24 97.02 -20.28
C CYS A 256 -58.20 97.75 -19.42
N GLU A 257 -57.64 98.84 -19.94
CA GLU A 257 -56.68 99.64 -19.20
C GLU A 257 -57.42 100.53 -18.20
N SER A 258 -56.69 100.98 -17.17
CA SER A 258 -57.28 101.73 -16.06
C SER A 258 -57.43 103.22 -16.42
N ASN A 259 -58.06 103.50 -17.57
CA ASN A 259 -58.34 104.87 -18.01
C ASN A 259 -57.06 105.71 -17.98
N GLN A 260 -56.05 105.23 -18.72
CA GLN A 260 -54.72 105.86 -18.74
C GLN A 260 -54.81 107.28 -19.30
N SER A 261 -55.58 107.45 -20.38
CA SER A 261 -55.80 108.75 -20.98
C SER A 261 -57.17 108.80 -21.65
N HIS A 262 -57.62 110.03 -21.93
CA HIS A 262 -58.89 110.29 -22.59
C HIS A 262 -58.83 109.86 -24.06
N HIS A 263 -60.03 109.78 -24.67
CA HIS A 263 -60.17 109.59 -26.10
C HIS A 263 -60.74 110.87 -26.69
N ARG A 264 -59.85 111.75 -27.18
CA ARG A 264 -60.19 113.07 -27.69
C ARG A 264 -60.91 113.88 -26.61
N CYS A 265 -60.57 113.64 -25.33
CA CYS A 265 -61.17 114.32 -24.19
C CYS A 265 -62.69 114.16 -24.26
N TYR A 266 -63.46 115.23 -23.99
CA TYR A 266 -64.90 115.19 -24.09
C TYR A 266 -65.39 116.51 -24.67
N PRO A 267 -66.62 116.58 -25.22
CA PRO A 267 -67.21 117.86 -25.60
C PRO A 267 -67.30 118.82 -24.41
N ARG A 268 -67.22 120.12 -24.72
CA ARG A 268 -67.14 121.20 -23.74
C ARG A 268 -66.15 120.88 -22.61
N GLU A 269 -65.02 120.25 -22.97
CA GLU A 269 -63.92 120.02 -22.04
C GLU A 269 -62.61 120.19 -22.79
N TRP A 270 -61.55 120.54 -22.05
CA TRP A 270 -60.21 120.75 -22.60
C TRP A 270 -59.25 119.72 -22.01
N ALA A 271 -58.21 119.38 -22.78
CA ALA A 271 -57.26 118.33 -22.42
C ALA A 271 -55.97 118.97 -21.94
N CYS A 272 -55.53 118.60 -20.72
CA CYS A 272 -54.19 118.94 -20.26
C CYS A 272 -53.20 117.98 -20.91
N PRO A 273 -52.20 118.49 -21.67
CA PRO A 273 -51.25 117.62 -22.37
C PRO A 273 -50.48 116.63 -21.49
N GLY A 274 -50.17 117.04 -20.24
CA GLY A 274 -49.26 116.30 -19.38
C GLY A 274 -49.76 114.90 -18.99
N SER A 275 -51.02 114.80 -18.53
CA SER A 275 -51.49 113.57 -17.90
C SER A 275 -52.88 113.13 -18.39
N GLY A 276 -53.47 113.86 -19.35
CA GLY A 276 -54.72 113.46 -19.96
C GLY A 276 -55.94 113.80 -19.11
N ARG A 277 -55.77 114.66 -18.10
CA ARG A 277 -56.91 115.15 -17.32
C ARG A 277 -57.72 116.14 -18.16
N CYS A 278 -59.04 116.08 -18.01
CA CYS A 278 -59.94 116.93 -18.78
C CYS A 278 -60.68 117.90 -17.84
N ILE A 279 -60.65 119.19 -18.21
CA ILE A 279 -61.42 120.22 -17.51
C ILE A 279 -62.18 121.03 -18.56
N SER A 280 -63.26 121.69 -18.12
CA SER A 280 -64.10 122.46 -19.02
C SER A 280 -63.62 123.91 -19.08
N ILE A 281 -64.14 124.65 -20.06
CA ILE A 281 -63.80 126.05 -20.30
C ILE A 281 -64.13 126.91 -19.06
N ASP A 282 -65.10 126.49 -18.25
CA ASP A 282 -65.45 127.22 -17.03
C ASP A 282 -64.27 127.30 -16.05
N LYS A 283 -63.29 126.38 -16.19
CA LYS A 283 -62.09 126.39 -15.38
C LYS A 283 -60.86 126.80 -16.19
N VAL A 284 -60.88 126.63 -17.52
CA VAL A 284 -59.74 126.97 -18.35
C VAL A 284 -59.61 128.50 -18.42
N CYS A 285 -58.39 129.00 -18.16
CA CYS A 285 -58.06 130.41 -18.21
C CYS A 285 -58.87 131.24 -17.21
N ASP A 286 -59.44 130.63 -16.17
CA ASP A 286 -60.15 131.39 -15.16
C ASP A 286 -59.20 132.04 -14.15
N GLY A 287 -57.91 131.70 -14.22
CA GLY A 287 -56.89 132.29 -13.35
C GLY A 287 -56.33 131.30 -12.33
N VAL A 288 -56.87 130.06 -12.28
CA VAL A 288 -56.46 129.08 -11.29
C VAL A 288 -55.91 127.84 -12.01
N PRO A 289 -54.74 127.30 -11.59
CA PRO A 289 -54.27 126.01 -12.11
C PRO A 289 -55.17 124.85 -11.66
N ASP A 290 -56.00 124.35 -12.59
CA ASP A 290 -57.07 123.42 -12.24
C ASP A 290 -56.75 122.00 -12.70
N CYS A 291 -55.50 121.74 -13.13
CA CYS A 291 -55.06 120.38 -13.44
C CYS A 291 -53.58 120.27 -13.06
N PRO A 292 -53.07 119.04 -12.81
CA PRO A 292 -51.75 118.86 -12.21
C PRO A 292 -50.61 119.65 -12.86
N GLU A 293 -50.63 119.76 -14.18
CA GLU A 293 -49.57 120.48 -14.90
C GLU A 293 -49.75 121.99 -14.75
N GLY A 294 -51.00 122.44 -14.59
CA GLY A 294 -51.31 123.86 -14.51
C GLY A 294 -51.08 124.60 -15.82
N ASP A 295 -51.15 123.88 -16.95
CA ASP A 295 -50.91 124.46 -18.27
C ASP A 295 -52.07 125.36 -18.72
N ASP A 296 -53.20 125.32 -18.02
CA ASP A 296 -54.39 126.03 -18.44
C ASP A 296 -54.35 127.52 -18.08
N GLU A 297 -53.18 128.03 -17.66
CA GLU A 297 -53.02 129.44 -17.31
C GLU A 297 -51.73 129.95 -17.95
N ASN A 298 -51.39 131.23 -17.68
CA ASN A 298 -50.18 131.84 -18.19
C ASN A 298 -48.95 131.23 -17.53
N ASN A 299 -47.93 130.97 -18.35
CA ASN A 299 -46.67 130.40 -17.88
C ASN A 299 -45.51 131.22 -18.44
N VAL A 300 -44.48 131.44 -17.63
CA VAL A 300 -43.35 132.26 -18.02
C VAL A 300 -42.39 131.48 -18.91
N THR A 301 -42.49 130.15 -18.92
CA THR A 301 -41.55 129.30 -19.64
C THR A 301 -42.01 129.06 -21.09
N SER A 302 -43.26 129.41 -21.42
CA SER A 302 -43.83 129.08 -22.73
C SER A 302 -44.29 130.34 -23.48
N GLY A 303 -44.69 131.37 -22.73
CA GLY A 303 -45.16 132.63 -23.31
C GLY A 303 -46.63 132.58 -23.74
N ARG A 304 -47.35 131.52 -23.35
CA ARG A 304 -48.77 131.39 -23.66
C ARG A 304 -49.56 132.30 -22.74
N THR A 305 -50.49 133.06 -23.33
CA THR A 305 -51.33 133.99 -22.60
C THR A 305 -52.80 133.68 -22.86
N CYS A 306 -53.65 133.93 -21.86
CA CYS A 306 -55.07 133.61 -21.95
C CYS A 306 -55.81 134.83 -22.50
N GLY A 307 -56.59 134.62 -23.56
CA GLY A 307 -57.40 135.67 -24.16
C GLY A 307 -57.97 135.22 -25.50
N MET A 308 -58.58 136.17 -26.21
CA MET A 308 -59.12 135.92 -27.55
C MET A 308 -57.96 135.74 -28.54
N GLY A 309 -58.31 135.41 -29.79
CA GLY A 309 -57.32 135.20 -30.83
C GLY A 309 -57.95 134.86 -32.19
N VAL A 310 -57.43 133.81 -32.84
CA VAL A 310 -57.73 133.52 -34.23
C VAL A 310 -59.13 132.91 -34.38
N CYS A 311 -59.86 132.77 -33.28
CA CYS A 311 -61.20 132.18 -33.30
C CYS A 311 -62.15 133.01 -34.17
N SER A 312 -61.85 134.30 -34.39
CA SER A 312 -62.62 135.14 -35.29
C SER A 312 -62.62 134.59 -36.72
N VAL A 313 -61.56 133.87 -37.09
CA VAL A 313 -61.46 133.26 -38.41
C VAL A 313 -62.05 131.85 -38.39
N LEU A 314 -62.01 131.16 -37.25
CA LEU A 314 -62.55 129.81 -37.14
C LEU A 314 -64.07 129.83 -37.37
N ASN A 315 -64.76 130.79 -36.76
CA ASN A 315 -66.22 130.89 -36.84
C ASN A 315 -66.85 129.57 -36.41
N CYS A 316 -66.67 129.23 -35.13
CA CYS A 316 -67.15 127.97 -34.58
C CYS A 316 -68.68 127.91 -34.63
N GLU A 317 -69.21 126.69 -34.58
CA GLU A 317 -70.63 126.43 -34.73
C GLU A 317 -71.44 127.03 -33.57
N TYR A 318 -70.84 127.11 -32.38
CA TYR A 318 -71.57 127.57 -31.21
C TYR A 318 -71.01 128.87 -30.67
N GLN A 319 -69.74 128.86 -30.23
CA GLN A 319 -69.14 130.00 -29.54
C GLN A 319 -67.62 129.90 -29.59
N CYS A 320 -66.98 131.02 -29.26
CA CYS A 320 -65.54 131.07 -29.03
C CYS A 320 -65.28 131.43 -27.56
N HIS A 321 -64.11 131.01 -27.07
CA HIS A 321 -63.72 131.33 -25.70
C HIS A 321 -62.21 131.34 -25.60
N GLN A 322 -61.72 131.96 -24.52
CA GLN A 322 -60.28 132.20 -24.34
C GLN A 322 -59.59 130.92 -23.89
N THR A 323 -58.45 130.64 -24.56
CA THR A 323 -57.54 129.56 -24.20
C THR A 323 -56.13 130.14 -24.23
N PRO A 324 -55.12 129.51 -23.61
CA PRO A 324 -53.76 130.05 -23.64
C PRO A 324 -53.16 130.14 -25.06
N PHE A 325 -53.74 129.41 -26.02
CA PHE A 325 -53.37 129.55 -27.42
C PHE A 325 -54.20 130.62 -28.12
N GLY A 326 -55.09 131.30 -27.38
CA GLY A 326 -56.02 132.26 -27.95
C GLY A 326 -57.45 131.72 -27.98
N GLY A 327 -58.29 132.32 -28.84
CA GLY A 327 -59.68 131.89 -28.97
C GLY A 327 -59.77 130.52 -29.63
N GLU A 328 -60.59 129.63 -29.06
CA GLU A 328 -60.82 128.29 -29.60
C GLU A 328 -62.30 127.94 -29.47
N CYS A 329 -62.70 126.86 -30.17
CA CYS A 329 -64.10 126.48 -30.27
C CYS A 329 -64.55 125.74 -29.00
N PHE A 330 -65.81 125.99 -28.63
CA PHE A 330 -66.51 125.23 -27.59
C PHE A 330 -67.96 125.07 -28.02
N CYS A 331 -68.53 123.90 -27.75
CA CYS A 331 -69.81 123.51 -28.32
C CYS A 331 -70.75 122.97 -27.24
N PRO A 332 -72.09 123.07 -27.45
CA PRO A 332 -73.06 122.72 -26.41
C PRO A 332 -73.10 121.22 -26.16
N PRO A 333 -73.93 120.73 -25.21
CA PRO A 333 -74.16 119.29 -25.09
C PRO A 333 -74.64 118.66 -26.40
N GLY A 334 -74.16 117.44 -26.67
CA GLY A 334 -74.42 116.75 -27.92
C GLY A 334 -73.81 117.48 -29.12
N HIS A 335 -72.61 118.05 -28.94
CA HIS A 335 -71.88 118.71 -30.01
C HIS A 335 -70.39 118.52 -29.78
N ILE A 336 -69.75 117.72 -30.65
CA ILE A 336 -68.31 117.48 -30.59
C ILE A 336 -67.71 117.84 -31.95
N ILE A 337 -66.47 118.35 -31.91
CA ILE A 337 -65.76 118.73 -33.13
C ILE A 337 -65.56 117.49 -34.01
N ASN A 338 -65.60 117.71 -35.32
CA ASN A 338 -65.50 116.63 -36.30
C ASN A 338 -64.04 116.20 -36.47
N SER A 339 -63.81 115.31 -37.45
CA SER A 339 -62.48 114.81 -37.77
C SER A 339 -61.56 115.94 -38.22
N ASN A 340 -60.58 116.28 -37.37
CA ASN A 340 -59.59 117.33 -37.60
C ASN A 340 -60.23 118.61 -38.12
N ASP A 341 -61.46 118.89 -37.69
CA ASP A 341 -62.18 120.10 -38.08
C ASP A 341 -62.72 120.78 -36.81
N SER A 342 -61.88 121.64 -36.22
CA SER A 342 -62.21 122.36 -35.00
C SER A 342 -63.41 123.27 -35.19
N ARG A 343 -63.62 123.76 -36.43
CA ARG A 343 -64.66 124.73 -36.71
C ARG A 343 -66.02 124.04 -36.78
N THR A 344 -66.03 122.73 -37.06
CA THR A 344 -67.26 121.98 -37.29
C THR A 344 -67.53 121.09 -36.08
N CYS A 345 -68.75 121.19 -35.53
CA CYS A 345 -69.20 120.35 -34.44
C CYS A 345 -70.26 119.37 -34.94
N ILE A 346 -70.06 118.09 -34.64
CA ILE A 346 -71.05 117.06 -34.97
C ILE A 346 -71.74 116.63 -33.68
N ASP A 347 -72.96 116.08 -33.81
CA ASP A 347 -73.72 115.61 -32.67
C ASP A 347 -72.98 114.47 -31.97
N PHE A 348 -72.98 114.50 -30.64
CA PHE A 348 -72.27 113.51 -29.84
C PHE A 348 -73.24 112.81 -28.88
N ASP A 349 -72.91 111.56 -28.54
CA ASP A 349 -73.70 110.79 -27.59
C ASP A 349 -73.18 111.07 -26.18
N ASP A 350 -73.90 111.92 -25.44
CA ASP A 350 -73.53 112.29 -24.09
C ASP A 350 -73.74 111.13 -23.12
N CYS A 351 -74.43 110.06 -23.56
CA CYS A 351 -74.71 108.91 -22.72
C CYS A 351 -73.41 108.16 -22.37
N GLN A 352 -72.34 108.37 -23.14
CA GLN A 352 -71.10 107.62 -22.95
C GLN A 352 -70.18 108.29 -21.94
N ILE A 353 -70.49 109.52 -21.51
CA ILE A 353 -69.62 110.26 -20.61
C ILE A 353 -69.82 109.75 -19.20
N TRP A 354 -68.72 109.66 -18.43
CA TRP A 354 -68.74 109.13 -17.08
C TRP A 354 -69.49 110.05 -16.15
N GLY A 355 -70.55 109.52 -15.51
CA GLY A 355 -71.29 110.24 -14.49
C GLY A 355 -72.29 111.26 -15.02
N ILE A 356 -72.70 111.13 -16.28
CA ILE A 356 -73.71 112.04 -16.83
C ILE A 356 -75.04 111.81 -16.13
N CYS A 357 -75.40 110.55 -15.88
CA CYS A 357 -76.58 110.20 -15.10
C CYS A 357 -76.23 109.07 -14.15
N ASP A 358 -76.73 109.16 -12.91
CA ASP A 358 -76.24 108.31 -11.85
C ASP A 358 -76.68 106.86 -12.04
N GLN A 359 -77.84 106.63 -12.66
CA GLN A 359 -78.33 105.27 -12.83
C GLN A 359 -78.44 104.89 -14.31
N LYS A 360 -79.27 105.64 -15.05
CA LYS A 360 -79.59 105.28 -16.42
C LYS A 360 -79.69 106.52 -17.30
N CYS A 361 -79.55 106.31 -18.61
CA CYS A 361 -79.53 107.40 -19.56
C CYS A 361 -80.03 106.92 -20.93
N GLU A 362 -80.78 107.79 -21.61
CA GLU A 362 -81.24 107.56 -22.97
C GLU A 362 -80.96 108.80 -23.81
N ASN A 363 -80.61 108.59 -25.09
CA ASN A 363 -80.09 109.66 -25.93
C ASN A 363 -81.06 110.02 -27.06
N ARG A 364 -82.27 109.44 -27.05
CA ARG A 364 -83.23 109.63 -28.12
C ARG A 364 -83.89 111.01 -28.05
N GLN A 365 -83.91 111.65 -26.86
CA GLN A 365 -84.51 112.97 -26.71
C GLN A 365 -83.54 113.91 -25.99
N GLY A 366 -83.58 115.17 -26.40
CA GLY A 366 -82.77 116.23 -25.82
C GLY A 366 -81.27 115.94 -25.89
N ARG A 367 -80.86 115.09 -26.84
CA ARG A 367 -79.47 114.67 -27.03
C ARG A 367 -79.04 113.73 -25.90
N HIS A 368 -79.85 113.66 -24.83
CA HIS A 368 -79.68 112.72 -23.72
C HIS A 368 -80.80 112.97 -22.72
N GLN A 369 -81.08 111.96 -21.89
CA GLN A 369 -82.04 112.10 -20.80
C GLN A 369 -81.76 111.01 -19.78
N CYS A 370 -81.79 111.40 -18.49
CA CYS A 370 -81.59 110.47 -17.39
C CYS A 370 -82.92 109.84 -17.00
N LEU A 371 -82.84 108.66 -16.36
CA LEU A 371 -84.00 108.00 -15.76
C LEU A 371 -83.50 107.09 -14.64
N CYS A 372 -84.44 106.64 -13.79
CA CYS A 372 -84.09 105.97 -12.54
C CYS A 372 -84.80 104.62 -12.46
N GLU A 373 -84.19 103.68 -11.74
CA GLU A 373 -84.81 102.39 -11.47
C GLU A 373 -86.02 102.59 -10.56
N GLU A 374 -86.96 101.63 -10.60
CA GLU A 374 -88.13 101.67 -9.74
C GLU A 374 -87.68 101.65 -8.28
N GLY A 375 -88.40 102.41 -7.44
CA GLY A 375 -88.00 102.61 -6.06
C GLY A 375 -87.22 103.91 -5.87
N TYR A 376 -86.42 104.30 -6.87
CA TYR A 376 -85.76 105.60 -6.83
C TYR A 376 -86.65 106.66 -7.48
N ILE A 377 -86.40 107.93 -7.13
CA ILE A 377 -87.11 109.06 -7.70
C ILE A 377 -86.10 110.08 -8.20
N LEU A 378 -86.32 110.61 -9.41
CA LEU A 378 -85.38 111.52 -10.02
C LEU A 378 -85.44 112.88 -9.33
N GLU A 379 -84.27 113.41 -8.97
CA GLU A 379 -84.14 114.75 -8.42
C GLU A 379 -83.22 115.56 -9.34
N ARG A 380 -83.51 116.86 -9.45
CA ARG A 380 -82.90 117.72 -10.46
C ARG A 380 -83.08 117.03 -11.82
N GLY A 381 -82.04 117.06 -12.67
CA GLY A 381 -82.08 116.39 -13.95
C GLY A 381 -81.01 115.31 -14.06
N GLN A 382 -80.25 115.05 -12.99
CA GLN A 382 -79.09 114.19 -13.06
C GLN A 382 -79.13 113.09 -12.00
N HIS A 383 -79.63 113.44 -10.81
CA HIS A 383 -79.45 112.61 -9.62
C HIS A 383 -80.73 111.86 -9.27
N CYS A 384 -80.62 110.55 -9.07
CA CYS A 384 -81.72 109.73 -8.60
C CYS A 384 -81.53 109.43 -7.11
N LYS A 385 -82.56 109.76 -6.32
CA LYS A 385 -82.50 109.53 -4.88
C LYS A 385 -83.61 108.56 -4.47
N SER A 386 -83.41 107.95 -3.30
CA SER A 386 -84.36 106.98 -2.75
C SER A 386 -85.70 107.68 -2.48
N SER A 387 -86.79 106.99 -2.82
CA SER A 387 -88.12 107.47 -2.50
C SER A 387 -88.34 107.38 -0.99
N ASP A 388 -89.16 108.29 -0.47
CA ASP A 388 -89.47 108.34 0.96
C ASP A 388 -90.49 107.27 1.37
N SER A 389 -90.83 106.34 0.46
CA SER A 389 -91.76 105.26 0.78
C SER A 389 -91.08 104.14 1.57
N PHE A 390 -89.73 104.16 1.66
CA PHE A 390 -88.99 103.23 2.49
C PHE A 390 -88.65 103.89 3.81
N SER A 391 -88.45 103.06 4.85
CA SER A 391 -88.44 103.53 6.23
C SER A 391 -87.36 104.59 6.45
N ALA A 392 -86.10 104.24 6.14
CA ALA A 392 -84.97 105.13 6.38
C ALA A 392 -83.72 104.54 5.74
N ALA A 393 -82.63 105.32 5.76
CA ALA A 393 -81.32 104.87 5.32
C ALA A 393 -80.28 105.17 6.38
N SER A 394 -79.47 104.15 6.73
CA SER A 394 -78.43 104.28 7.74
C SER A 394 -77.18 103.56 7.26
N VAL A 395 -76.04 103.93 7.83
CA VAL A 395 -74.76 103.35 7.47
C VAL A 395 -74.22 102.64 8.70
N ILE A 396 -73.76 101.40 8.51
CA ILE A 396 -73.23 100.58 9.59
C ILE A 396 -71.78 100.30 9.31
N PHE A 397 -70.93 100.53 10.30
CA PHE A 397 -69.51 100.30 10.13
C PHE A 397 -68.87 99.94 11.47
N SER A 398 -67.68 99.35 11.40
CA SER A 398 -66.92 98.99 12.58
C SER A 398 -65.98 100.13 12.94
N ASN A 399 -66.05 100.58 14.19
CA ASN A 399 -65.17 101.60 14.73
C ASN A 399 -63.74 101.07 14.87
N GLY A 400 -63.57 99.76 14.71
CA GLY A 400 -62.30 99.10 14.99
C GLY A 400 -62.36 98.29 16.28
N ARG A 401 -63.30 98.62 17.17
CA ARG A 401 -63.54 97.80 18.36
C ARG A 401 -65.02 97.41 18.41
N ASP A 402 -65.91 98.39 18.21
CA ASP A 402 -67.33 98.21 18.38
C ASP A 402 -68.07 98.37 17.06
N LEU A 403 -69.38 98.07 17.08
CA LEU A 403 -70.23 98.22 15.92
C LEU A 403 -71.06 99.50 16.05
N LEU A 404 -70.83 100.45 15.14
CA LEU A 404 -71.53 101.73 15.17
C LEU A 404 -72.65 101.76 14.13
N VAL A 405 -73.46 102.83 14.19
CA VAL A 405 -74.48 103.11 13.20
C VAL A 405 -74.82 104.60 13.27
N GLY A 406 -75.10 105.19 12.11
CA GLY A 406 -75.49 106.59 12.04
C GLY A 406 -76.31 106.87 10.78
N ASP A 407 -76.71 108.13 10.62
CA ASP A 407 -77.43 108.55 9.43
C ASP A 407 -76.43 108.82 8.29
N LEU A 408 -76.95 109.26 7.13
CA LEU A 408 -76.11 109.50 5.97
C LEU A 408 -75.34 110.82 6.08
N HIS A 409 -75.50 111.57 7.18
CA HIS A 409 -74.77 112.83 7.35
C HIS A 409 -73.93 112.86 8.63
N GLY A 410 -74.11 111.86 9.52
CA GLY A 410 -73.31 111.72 10.72
C GLY A 410 -73.71 112.68 11.85
N ARG A 411 -74.96 113.17 11.84
CA ARG A 411 -75.43 114.05 12.90
C ARG A 411 -75.43 113.32 14.24
N ASN A 412 -75.83 112.04 14.24
CA ASN A 412 -75.92 111.26 15.46
C ASN A 412 -75.41 109.85 15.21
N PHE A 413 -74.60 109.35 16.14
CA PHE A 413 -74.05 108.00 16.08
C PHE A 413 -74.48 107.21 17.30
N ARG A 414 -74.85 105.94 17.08
CA ARG A 414 -75.30 105.04 18.12
C ARG A 414 -74.45 103.78 18.10
N ILE A 415 -73.90 103.40 19.27
CA ILE A 415 -73.19 102.15 19.40
C ILE A 415 -74.23 101.03 19.37
N LEU A 416 -74.11 100.13 18.39
CA LEU A 416 -75.08 99.06 18.21
C LEU A 416 -74.78 97.93 19.18
N ALA A 417 -73.61 97.28 19.02
CA ALA A 417 -73.18 96.20 19.89
C ALA A 417 -71.71 96.39 20.23
N GLU A 418 -71.39 96.32 21.53
CA GLU A 418 -70.04 96.56 22.00
C GLU A 418 -69.33 95.22 22.14
N SER A 419 -68.03 95.20 21.81
CA SER A 419 -67.24 93.98 21.80
C SER A 419 -66.88 93.58 23.23
N LYS A 420 -66.97 92.28 23.52
CA LYS A 420 -66.59 91.74 24.81
C LYS A 420 -65.26 91.00 24.71
N ASN A 421 -64.55 90.92 25.84
CA ASN A 421 -63.34 90.10 25.98
C ASN A 421 -62.30 90.50 24.93
N ARG A 422 -62.06 91.81 24.83
CA ARG A 422 -61.11 92.38 23.90
C ARG A 422 -61.46 91.98 22.46
N GLY A 423 -62.75 91.95 22.14
CA GLY A 423 -63.22 91.55 20.82
C GLY A 423 -62.94 92.62 19.77
N MET A 424 -63.37 92.35 18.54
CA MET A 424 -63.11 93.26 17.43
C MET A 424 -64.10 92.98 16.32
N VAL A 425 -64.93 93.99 15.98
CA VAL A 425 -65.83 93.87 14.86
C VAL A 425 -65.04 93.98 13.56
N MET A 426 -65.19 92.99 12.68
CA MET A 426 -64.29 92.85 11.55
C MET A 426 -65.01 93.11 10.25
N GLY A 427 -66.07 92.34 9.95
CA GLY A 427 -66.79 92.48 8.70
C GLY A 427 -68.29 92.42 8.92
N VAL A 428 -69.03 93.33 8.27
CA VAL A 428 -70.42 93.54 8.64
C VAL A 428 -71.30 93.45 7.40
N ASP A 429 -72.50 92.91 7.60
CA ASP A 429 -73.51 92.87 6.56
C ASP A 429 -74.85 92.61 7.23
N PHE A 430 -75.94 92.84 6.49
CA PHE A 430 -77.27 92.87 7.08
C PHE A 430 -78.26 92.11 6.21
N HIS A 431 -79.52 92.14 6.65
CA HIS A 431 -80.62 91.53 5.91
C HIS A 431 -81.89 92.32 6.25
N TYR A 432 -82.30 93.20 5.32
CA TYR A 432 -83.30 94.21 5.61
C TYR A 432 -84.66 93.57 5.90
N GLN A 433 -84.94 92.42 5.27
CA GLN A 433 -86.22 91.74 5.46
C GLN A 433 -86.43 91.36 6.93
N LYS A 434 -85.38 90.84 7.58
CA LYS A 434 -85.48 90.31 8.93
C LYS A 434 -84.90 91.27 9.97
N HIS A 435 -84.38 92.43 9.53
CA HIS A 435 -83.84 93.43 10.44
C HIS A 435 -82.70 92.88 11.29
N ARG A 436 -81.84 92.05 10.68
CA ARG A 436 -80.71 91.48 11.41
C ARG A 436 -79.40 92.00 10.84
N VAL A 437 -78.43 92.26 11.73
CA VAL A 437 -77.12 92.73 11.35
C VAL A 437 -76.09 91.73 11.85
N PHE A 438 -75.20 91.30 10.94
CA PHE A 438 -74.20 90.29 11.23
C PHE A 438 -72.82 90.94 11.25
N TRP A 439 -71.94 90.43 12.11
CA TRP A 439 -70.57 90.90 12.15
C TRP A 439 -69.67 89.79 12.65
N THR A 440 -68.47 89.75 12.09
CA THR A 440 -67.48 88.74 12.42
C THR A 440 -66.51 89.31 13.46
N ASP A 441 -65.77 88.40 14.10
CA ASP A 441 -64.86 88.77 15.15
C ASP A 441 -63.63 87.88 15.06
N PRO A 442 -62.47 88.41 14.62
CA PRO A 442 -61.27 87.58 14.51
C PRO A 442 -60.55 87.34 15.83
N MET A 443 -60.64 88.28 16.78
CA MET A 443 -59.96 88.13 18.05
C MET A 443 -60.66 87.08 18.90
N GLN A 444 -62.00 87.10 18.90
CA GLN A 444 -62.77 86.11 19.62
C GLN A 444 -62.98 84.84 18.80
N GLU A 445 -62.65 84.90 17.49
CA GLU A 445 -62.78 83.75 16.60
C GLU A 445 -64.24 83.26 16.58
N LYS A 446 -65.19 84.20 16.57
CA LYS A 446 -66.60 83.88 16.54
C LYS A 446 -67.32 84.82 15.56
N VAL A 447 -68.52 84.42 15.14
CA VAL A 447 -69.36 85.25 14.28
C VAL A 447 -70.69 85.46 15.00
N PHE A 448 -71.12 86.73 15.07
CA PHE A 448 -72.32 87.10 15.81
C PHE A 448 -73.39 87.58 14.84
N SER A 449 -74.58 87.82 15.39
CA SER A 449 -75.68 88.45 14.69
C SER A 449 -76.60 89.10 15.72
N THR A 450 -77.30 90.14 15.29
CA THR A 450 -78.16 90.88 16.20
C THR A 450 -79.27 91.56 15.39
N ASP A 451 -80.33 91.93 16.10
CA ASP A 451 -81.36 92.80 15.54
C ASP A 451 -80.78 94.21 15.41
N ILE A 452 -81.45 95.03 14.61
CA ILE A 452 -81.00 96.40 14.40
C ILE A 452 -81.12 97.20 15.70
N ASN A 453 -81.97 96.76 16.63
CA ASN A 453 -82.18 97.45 17.89
C ASN A 453 -81.14 97.05 18.95
N GLY A 454 -80.24 96.11 18.61
CA GLY A 454 -79.24 95.64 19.55
C GLY A 454 -79.73 94.48 20.42
N LEU A 455 -80.91 93.93 20.10
CA LEU A 455 -81.50 92.86 20.90
C LEU A 455 -81.12 91.51 20.30
N ASN A 456 -81.12 90.46 21.15
CA ASN A 456 -80.95 89.09 20.73
C ASN A 456 -79.60 88.88 20.03
N THR A 457 -78.52 89.36 20.66
CA THR A 457 -77.18 89.12 20.13
C THR A 457 -76.79 87.68 20.43
N GLN A 458 -76.56 86.89 19.38
CA GLN A 458 -76.27 85.47 19.53
C GLN A 458 -75.10 85.08 18.65
N GLU A 459 -74.42 84.00 19.04
CA GLU A 459 -73.30 83.45 18.28
C GLU A 459 -73.83 82.56 17.17
N ILE A 460 -73.40 82.82 15.93
CA ILE A 460 -73.81 82.03 14.79
C ILE A 460 -72.88 80.82 14.64
N LEU A 461 -71.57 81.08 14.57
CA LEU A 461 -70.57 80.02 14.45
C LEU A 461 -69.48 80.24 15.48
N ASN A 462 -68.91 79.16 16.02
CA ASN A 462 -67.69 79.28 16.83
C ASN A 462 -66.74 78.10 16.59
N VAL A 463 -67.00 77.27 15.58
CA VAL A 463 -66.16 76.11 15.28
C VAL A 463 -65.49 76.33 13.93
N SER A 464 -64.16 76.13 13.89
CA SER A 464 -63.36 76.13 12.67
C SER A 464 -63.29 77.53 12.03
N VAL A 465 -64.00 78.50 12.62
CA VAL A 465 -63.91 79.88 12.19
C VAL A 465 -62.90 80.57 13.09
N ASP A 466 -61.80 81.06 12.50
CA ASP A 466 -60.69 81.56 13.29
C ASP A 466 -60.30 82.99 12.90
N THR A 467 -60.34 83.33 11.61
CA THR A 467 -60.02 84.68 11.19
C THR A 467 -60.98 85.12 10.08
N PRO A 468 -62.27 85.33 10.39
CA PRO A 468 -63.23 85.72 9.38
C PRO A 468 -63.07 87.18 8.95
N GLU A 469 -62.24 87.41 7.94
CA GLU A 469 -61.94 88.75 7.46
C GLU A 469 -63.22 89.52 7.07
N ASN A 470 -64.12 88.88 6.31
CA ASN A 470 -65.24 89.62 5.74
C ASN A 470 -66.46 88.71 5.69
N LEU A 471 -67.58 89.24 5.19
CA LEU A 471 -68.86 88.58 5.27
C LEU A 471 -69.78 89.09 4.17
N ALA A 472 -70.82 88.30 3.86
CA ALA A 472 -71.85 88.67 2.90
C ALA A 472 -73.09 87.82 3.13
N VAL A 473 -74.25 88.35 2.74
CA VAL A 473 -75.52 87.67 2.95
C VAL A 473 -76.28 87.60 1.63
N ASP A 474 -76.69 86.39 1.26
CA ASP A 474 -77.63 86.20 0.17
C ASP A 474 -79.03 86.41 0.73
N TRP A 475 -79.62 87.57 0.43
CA TRP A 475 -80.81 88.01 1.14
C TRP A 475 -82.07 87.30 0.66
N ILE A 476 -82.06 86.69 -0.54
CA ILE A 476 -83.26 86.05 -1.06
C ILE A 476 -83.24 84.54 -0.83
N ASN A 477 -82.05 83.94 -0.70
CA ASN A 477 -81.94 82.51 -0.43
C ASN A 477 -81.72 82.23 1.06
N ASN A 478 -81.61 83.28 1.89
CA ASN A 478 -81.37 83.14 3.33
C ASN A 478 -80.07 82.36 3.56
N LYS A 479 -78.96 82.94 3.06
CA LYS A 479 -77.65 82.36 3.20
C LYS A 479 -76.66 83.40 3.69
N LEU A 480 -75.57 82.92 4.28
CA LEU A 480 -74.50 83.77 4.80
C LEU A 480 -73.17 83.26 4.25
N TYR A 481 -72.61 83.97 3.28
CA TYR A 481 -71.33 83.62 2.68
C TYR A 481 -70.21 84.22 3.52
N LEU A 482 -69.24 83.38 3.90
CA LEU A 482 -68.22 83.76 4.88
C LEU A 482 -66.83 83.57 4.27
N VAL A 483 -65.91 84.44 4.67
CA VAL A 483 -64.52 84.36 4.28
C VAL A 483 -63.69 83.90 5.47
N GLU A 484 -62.71 83.04 5.21
CA GLU A 484 -61.83 82.51 6.25
C GLU A 484 -60.39 82.61 5.74
N THR A 485 -59.45 82.90 6.65
CA THR A 485 -58.07 83.10 6.25
C THR A 485 -57.05 82.30 7.05
N LYS A 486 -57.46 81.58 8.10
CA LYS A 486 -56.54 80.64 8.72
C LYS A 486 -56.35 79.42 7.81
N VAL A 487 -57.47 78.91 7.29
CA VAL A 487 -57.48 77.98 6.17
C VAL A 487 -58.26 78.66 5.05
N ASN A 488 -57.54 79.21 4.08
CA ASN A 488 -58.09 80.09 3.07
C ASN A 488 -59.21 79.39 2.30
N ARG A 489 -60.46 79.83 2.53
CA ARG A 489 -61.62 79.21 1.91
C ARG A 489 -62.80 80.19 1.98
N ILE A 490 -63.83 79.89 1.19
CA ILE A 490 -65.07 80.65 1.20
C ILE A 490 -66.21 79.67 1.50
N ASP A 491 -66.96 79.96 2.56
CA ASP A 491 -68.01 79.07 3.03
C ASP A 491 -69.37 79.66 2.72
N VAL A 492 -70.40 78.83 2.89
CA VAL A 492 -71.78 79.27 2.90
C VAL A 492 -72.49 78.54 4.04
N VAL A 493 -73.21 79.33 4.86
CA VAL A 493 -73.98 78.78 5.96
C VAL A 493 -75.28 79.58 6.06
N ASN A 494 -76.34 78.93 6.53
CA ASN A 494 -77.64 79.57 6.64
C ASN A 494 -77.60 80.69 7.68
N LEU A 495 -78.64 81.52 7.72
CA LEU A 495 -78.68 82.69 8.59
C LEU A 495 -78.56 82.29 10.06
N GLU A 496 -79.02 81.08 10.42
CA GLU A 496 -78.94 80.63 11.81
C GLU A 496 -77.64 79.85 12.07
N GLY A 497 -76.95 79.42 11.01
CA GLY A 497 -75.59 78.88 11.14
C GLY A 497 -75.54 77.36 11.24
N ASN A 498 -76.46 76.64 10.58
CA ASN A 498 -76.55 75.19 10.75
C ASN A 498 -75.92 74.45 9.57
N GLN A 499 -76.44 74.65 8.35
CA GLN A 499 -75.98 73.89 7.19
C GLN A 499 -74.73 74.55 6.63
N ARG A 500 -73.62 73.81 6.61
CA ARG A 500 -72.33 74.36 6.24
C ARG A 500 -71.74 73.53 5.08
N VAL A 501 -71.14 74.24 4.12
CA VAL A 501 -70.45 73.59 3.01
C VAL A 501 -69.47 74.59 2.39
N THR A 502 -68.28 74.09 2.05
CA THR A 502 -67.23 74.93 1.47
C THR A 502 -67.43 74.99 -0.03
N LEU A 503 -67.27 76.19 -0.61
CA LEU A 503 -67.52 76.42 -2.03
C LEU A 503 -66.22 76.59 -2.81
N ILE A 504 -65.33 77.48 -2.34
CA ILE A 504 -64.10 77.77 -3.06
C ILE A 504 -62.92 77.42 -2.16
N THR A 505 -62.01 76.58 -2.68
CA THR A 505 -60.81 76.25 -1.94
C THR A 505 -59.58 76.25 -2.86
N GLU A 506 -59.78 76.10 -4.17
CA GLU A 506 -58.68 75.98 -5.11
C GLU A 506 -57.98 77.32 -5.28
N ASN A 507 -56.66 77.33 -5.00
CA ASN A 507 -55.79 78.46 -5.31
C ASN A 507 -56.34 79.77 -4.73
N LEU A 508 -56.86 79.71 -3.50
CA LEU A 508 -57.52 80.87 -2.93
C LEU A 508 -56.56 81.83 -2.22
N GLY A 509 -55.33 81.40 -1.92
CA GLY A 509 -54.29 82.33 -1.50
C GLY A 509 -54.65 83.18 -0.27
N HIS A 510 -55.03 84.45 -0.49
CA HIS A 510 -55.36 85.37 0.58
C HIS A 510 -56.69 86.06 0.28
N PRO A 511 -57.85 85.41 0.54
CA PRO A 511 -59.14 86.00 0.23
C PRO A 511 -59.51 87.08 1.25
N ARG A 512 -59.91 88.25 0.77
CA ARG A 512 -60.18 89.37 1.66
C ARG A 512 -61.60 89.91 1.48
N GLY A 513 -62.00 90.17 0.23
CA GLY A 513 -63.27 90.83 -0.07
C GLY A 513 -64.30 89.86 -0.63
N ILE A 514 -65.58 90.20 -0.46
CA ILE A 514 -66.66 89.39 -1.01
C ILE A 514 -67.88 90.28 -1.20
N ALA A 515 -68.59 90.05 -2.31
CA ALA A 515 -69.85 90.71 -2.60
C ALA A 515 -70.64 89.81 -3.54
N LEU A 516 -71.97 89.97 -3.55
CA LEU A 516 -72.80 89.10 -4.36
C LEU A 516 -74.04 89.84 -4.85
N ASP A 517 -74.62 89.32 -5.93
CA ASP A 517 -75.84 89.85 -6.51
C ASP A 517 -76.77 88.68 -6.77
N PRO A 518 -77.54 88.24 -5.76
CA PRO A 518 -78.42 87.08 -5.91
C PRO A 518 -79.47 87.21 -7.00
N THR A 519 -79.88 88.45 -7.34
CA THR A 519 -80.91 88.66 -8.34
C THR A 519 -80.44 88.14 -9.70
N VAL A 520 -79.17 88.41 -10.04
CA VAL A 520 -78.60 87.92 -11.28
C VAL A 520 -77.90 86.58 -11.07
N GLY A 521 -77.10 86.48 -10.00
CA GLY A 521 -76.58 85.20 -9.55
C GLY A 521 -75.06 85.05 -9.62
N TYR A 522 -74.32 86.15 -9.47
CA TYR A 522 -72.87 86.08 -9.43
C TYR A 522 -72.34 86.22 -7.99
N LEU A 523 -71.12 85.71 -7.77
CA LEU A 523 -70.36 85.97 -6.56
C LEU A 523 -69.05 86.64 -6.96
N PHE A 524 -68.78 87.79 -6.36
CA PHE A 524 -67.53 88.51 -6.57
C PHE A 524 -66.70 88.45 -5.31
N PHE A 525 -65.42 88.11 -5.45
CA PHE A 525 -64.52 88.09 -4.32
C PHE A 525 -63.12 88.49 -4.77
N SER A 526 -62.33 88.96 -3.81
CA SER A 526 -61.02 89.51 -4.08
C SER A 526 -59.95 88.61 -3.46
N ASP A 527 -58.70 88.82 -3.88
CA ASP A 527 -57.59 87.98 -3.51
C ASP A 527 -56.30 88.76 -3.74
N TRP A 528 -55.57 89.09 -2.66
CA TRP A 528 -54.37 89.93 -2.78
C TRP A 528 -53.11 89.09 -2.91
N GLY A 529 -53.26 87.78 -3.09
CA GLY A 529 -52.15 86.92 -3.46
C GLY A 529 -52.57 85.47 -3.42
N SER A 530 -52.33 84.73 -4.50
CA SER A 530 -52.74 83.33 -4.59
C SER A 530 -51.55 82.43 -4.30
N LEU A 531 -51.75 81.12 -4.44
CA LEU A 531 -50.64 80.18 -4.39
C LEU A 531 -49.71 80.45 -5.57
N SER A 532 -50.29 80.73 -6.75
CA SER A 532 -49.58 81.41 -7.82
C SER A 532 -49.40 82.87 -7.41
N GLY A 533 -48.27 83.48 -7.81
CA GLY A 533 -47.87 84.80 -7.35
C GLY A 533 -48.89 85.90 -7.65
N GLN A 534 -49.84 85.60 -8.55
CA GLN A 534 -50.74 86.59 -9.10
C GLN A 534 -51.78 87.04 -8.07
N PRO A 535 -51.89 88.35 -7.76
CA PRO A 535 -53.08 88.89 -7.12
C PRO A 535 -54.15 89.18 -8.17
N LYS A 536 -55.41 89.18 -7.75
CA LYS A 536 -56.50 89.27 -8.72
C LYS A 536 -57.81 89.59 -8.03
N VAL A 537 -58.78 90.01 -8.84
CA VAL A 537 -60.17 90.13 -8.42
C VAL A 537 -60.99 89.13 -9.22
N GLU A 538 -61.62 88.20 -8.52
CA GLU A 538 -62.19 87.03 -9.15
C GLU A 538 -63.71 87.13 -9.18
N ARG A 539 -64.31 86.52 -10.21
CA ARG A 539 -65.75 86.42 -10.32
C ARG A 539 -66.11 84.94 -10.38
N ALA A 540 -67.28 84.62 -9.86
CA ALA A 540 -67.73 83.24 -9.81
C ALA A 540 -69.25 83.18 -9.71
N PHE A 541 -69.81 82.01 -10.01
CA PHE A 541 -71.20 81.74 -9.73
C PHE A 541 -71.39 81.67 -8.23
N MET A 542 -72.64 81.81 -7.79
CA MET A 542 -72.94 81.88 -6.37
C MET A 542 -72.81 80.50 -5.71
N ASP A 543 -72.26 79.51 -6.42
CA ASP A 543 -71.94 78.21 -5.83
C ASP A 543 -70.49 77.81 -6.15
N GLY A 544 -69.65 78.76 -6.56
CA GLY A 544 -68.22 78.53 -6.73
C GLY A 544 -67.83 78.06 -8.12
N SER A 545 -68.80 77.88 -9.03
CA SER A 545 -68.54 77.37 -10.36
C SER A 545 -68.04 78.50 -11.26
N ASN A 546 -67.26 78.11 -12.29
CA ASN A 546 -66.89 78.99 -13.39
C ASN A 546 -66.18 80.25 -12.86
N ARG A 547 -65.08 80.05 -12.14
CA ARG A 547 -64.28 81.16 -11.65
C ARG A 547 -63.60 81.85 -12.82
N LYS A 548 -63.52 83.18 -12.76
CA LYS A 548 -62.93 83.99 -13.80
C LYS A 548 -62.13 85.13 -13.17
N ASP A 549 -61.01 85.49 -13.81
CA ASP A 549 -60.24 86.64 -13.38
C ASP A 549 -60.91 87.90 -13.93
N LEU A 550 -61.73 88.55 -13.10
CA LEU A 550 -62.47 89.73 -13.51
C LEU A 550 -61.51 90.88 -13.77
N VAL A 551 -60.53 91.05 -12.88
CA VAL A 551 -59.52 92.09 -13.03
C VAL A 551 -58.18 91.53 -12.59
N THR A 552 -57.18 91.63 -13.45
CA THR A 552 -55.89 90.99 -13.21
C THR A 552 -54.72 91.97 -13.27
N THR A 553 -54.81 92.98 -14.15
CA THR A 553 -53.68 93.86 -14.37
C THR A 553 -53.69 95.00 -13.34
N LYS A 554 -52.51 95.29 -12.78
CA LYS A 554 -52.31 96.44 -11.91
C LYS A 554 -53.29 96.39 -10.73
N VAL A 555 -53.31 95.26 -10.02
CA VAL A 555 -54.32 95.03 -9.01
C VAL A 555 -53.71 95.10 -7.60
N GLY A 556 -52.41 94.83 -7.43
CA GLY A 556 -51.74 95.08 -6.16
C GLY A 556 -52.30 94.27 -4.99
N TRP A 557 -53.01 94.97 -4.08
CA TRP A 557 -53.61 94.36 -2.90
C TRP A 557 -55.10 94.63 -2.89
N PRO A 558 -55.90 93.95 -3.73
CA PRO A 558 -57.33 94.20 -3.76
C PRO A 558 -58.00 93.86 -2.44
N ALA A 559 -59.00 94.67 -2.07
CA ALA A 559 -59.65 94.60 -0.77
C ALA A 559 -61.15 94.46 -1.00
N GLY A 560 -61.97 94.78 0.02
CA GLY A 560 -63.40 94.51 -0.05
C GLY A 560 -64.04 95.04 -1.33
N ILE A 561 -65.13 94.40 -1.74
CA ILE A 561 -65.82 94.69 -2.98
C ILE A 561 -67.27 95.08 -2.68
N THR A 562 -67.79 96.04 -3.43
CA THR A 562 -69.20 96.40 -3.36
C THR A 562 -69.75 96.53 -4.78
N LEU A 563 -71.07 96.39 -4.91
CA LEU A 563 -71.73 96.32 -6.21
C LEU A 563 -72.73 97.46 -6.35
N ASP A 564 -72.78 98.03 -7.56
CA ASP A 564 -73.84 98.93 -7.96
C ASP A 564 -74.95 98.08 -8.59
N LEU A 565 -75.97 97.78 -7.78
CA LEU A 565 -76.96 96.78 -8.16
C LEU A 565 -77.86 97.24 -9.31
N VAL A 566 -77.83 98.53 -9.66
CA VAL A 566 -78.72 99.05 -10.69
C VAL A 566 -77.97 99.31 -11.99
N SER A 567 -76.66 99.60 -11.92
CA SER A 567 -75.86 99.88 -13.10
C SER A 567 -74.96 98.69 -13.47
N LYS A 568 -74.99 97.62 -12.67
CA LYS A 568 -74.22 96.40 -12.91
C LYS A 568 -72.73 96.72 -13.02
N ARG A 569 -72.18 97.24 -11.93
CA ARG A 569 -70.74 97.48 -11.82
C ARG A 569 -70.26 97.01 -10.45
N VAL A 570 -68.97 96.69 -10.37
CA VAL A 570 -68.35 96.31 -9.12
C VAL A 570 -67.33 97.38 -8.76
N TYR A 571 -67.24 97.67 -7.46
CA TYR A 571 -66.27 98.64 -6.94
C TYR A 571 -65.37 97.92 -5.95
N TRP A 572 -64.06 98.02 -6.17
CA TRP A 572 -63.10 97.42 -5.28
C TRP A 572 -62.02 98.46 -4.95
N VAL A 573 -61.41 98.29 -3.79
CA VAL A 573 -60.39 99.22 -3.33
C VAL A 573 -59.08 98.45 -3.20
N ASP A 574 -57.97 99.19 -3.29
CA ASP A 574 -56.64 98.59 -3.29
C ASP A 574 -55.78 99.30 -2.26
N SER A 575 -55.03 98.53 -1.47
CA SER A 575 -54.21 99.09 -0.40
C SER A 575 -52.76 99.28 -0.85
N ARG A 576 -52.35 98.63 -1.95
CA ARG A 576 -50.97 98.73 -2.41
C ARG A 576 -50.83 99.94 -3.33
N TYR A 577 -51.62 99.97 -4.41
CA TYR A 577 -51.57 101.05 -5.37
C TYR A 577 -52.48 102.21 -4.98
N ASP A 578 -53.31 102.02 -3.94
CA ASP A 578 -54.07 103.09 -3.30
C ASP A 578 -55.00 103.77 -4.30
N TYR A 579 -56.00 103.02 -4.78
CA TYR A 579 -57.01 103.56 -5.67
C TYR A 579 -58.36 102.89 -5.40
N ILE A 580 -59.43 103.55 -5.86
CA ILE A 580 -60.77 102.97 -5.91
C ILE A 580 -61.18 102.90 -7.37
N GLU A 581 -61.45 101.69 -7.86
CA GLU A 581 -61.74 101.49 -9.28
C GLU A 581 -63.04 100.73 -9.45
N THR A 582 -63.55 100.75 -10.68
CA THR A 582 -64.81 100.10 -10.98
C THR A 582 -64.73 99.46 -12.37
N VAL A 583 -65.31 98.26 -12.46
CA VAL A 583 -65.50 97.57 -13.71
C VAL A 583 -66.91 97.01 -13.74
N THR A 584 -67.38 96.63 -14.92
CA THR A 584 -68.71 96.07 -15.06
C THR A 584 -68.68 94.63 -14.57
N TYR A 585 -69.84 93.96 -14.63
CA TYR A 585 -69.92 92.55 -14.24
C TYR A 585 -69.04 91.67 -15.12
N ASP A 586 -68.67 92.14 -16.32
CA ASP A 586 -67.85 91.36 -17.24
C ASP A 586 -66.40 91.83 -17.25
N GLY A 587 -66.05 92.82 -16.41
CA GLY A 587 -64.67 93.24 -16.29
C GLY A 587 -64.24 94.27 -17.34
N ILE A 588 -65.18 94.74 -18.17
CA ILE A 588 -64.87 95.72 -19.21
C ILE A 588 -65.09 97.12 -18.67
N GLN A 589 -64.54 98.12 -19.36
CA GLN A 589 -64.78 99.53 -19.08
C GLN A 589 -64.28 99.90 -17.68
N ARG A 590 -62.97 99.75 -17.46
CA ARG A 590 -62.35 100.05 -16.18
C ARG A 590 -62.19 101.57 -16.04
N LYS A 591 -62.73 102.13 -14.96
CA LYS A 591 -62.63 103.55 -14.68
C LYS A 591 -62.19 103.76 -13.23
N THR A 592 -61.28 104.73 -13.03
CA THR A 592 -60.74 105.01 -11.71
C THR A 592 -61.48 106.22 -11.12
N VAL A 593 -61.94 106.09 -9.87
CA VAL A 593 -62.72 107.15 -9.24
C VAL A 593 -61.87 107.93 -8.25
N ALA A 594 -60.76 107.34 -7.77
CA ALA A 594 -59.85 108.01 -6.86
C ALA A 594 -58.48 107.37 -6.95
N ARG A 595 -57.44 108.14 -6.63
CA ARG A 595 -56.08 107.65 -6.77
C ARG A 595 -55.13 108.62 -6.06
N GLY A 596 -54.09 108.06 -5.45
CA GLY A 596 -53.04 108.86 -4.85
C GLY A 596 -52.90 108.59 -3.35
N GLY A 597 -51.70 108.87 -2.84
CA GLY A 597 -51.37 108.66 -1.44
C GLY A 597 -51.98 109.72 -0.52
N SER A 598 -52.47 110.83 -1.10
CA SER A 598 -53.10 111.90 -0.34
C SER A 598 -54.61 111.69 -0.28
N LEU A 599 -55.17 110.88 -1.19
CA LEU A 599 -56.61 110.74 -1.34
C LEU A 599 -57.11 109.53 -0.55
N VAL A 600 -56.62 108.33 -0.93
CA VAL A 600 -57.07 107.09 -0.33
C VAL A 600 -55.84 106.26 0.07
N PRO A 601 -55.10 106.69 1.11
CA PRO A 601 -53.79 106.11 1.39
C PRO A 601 -53.82 104.63 1.74
N HIS A 602 -54.90 104.12 2.33
CA HIS A 602 -54.94 102.70 2.68
C HIS A 602 -56.37 102.21 2.88
N PRO A 603 -57.18 102.13 1.81
CA PRO A 603 -58.56 101.68 1.95
C PRO A 603 -58.66 100.22 2.36
N PHE A 604 -59.71 99.90 3.13
CA PHE A 604 -59.98 98.52 3.48
C PHE A 604 -61.35 98.10 2.96
N GLY A 605 -62.41 98.75 3.43
CA GLY A 605 -63.78 98.36 3.13
C GLY A 605 -64.50 99.43 2.32
N ILE A 606 -65.60 99.05 1.65
CA ILE A 606 -66.29 99.99 0.78
C ILE A 606 -67.75 99.54 0.64
N SER A 607 -68.64 100.51 0.44
CA SER A 607 -70.04 100.23 0.16
C SER A 607 -70.67 101.38 -0.61
N LEU A 608 -71.58 101.04 -1.52
CA LEU A 608 -72.35 102.00 -2.31
C LEU A 608 -73.77 102.11 -1.74
N PHE A 609 -74.37 103.30 -1.88
CA PHE A 609 -75.80 103.43 -1.64
C PHE A 609 -76.54 103.93 -2.88
N GLU A 610 -76.35 105.21 -3.23
CA GLU A 610 -77.01 105.75 -4.41
C GLU A 610 -75.99 106.47 -5.30
N GLU A 611 -75.24 107.40 -4.71
CA GLU A 611 -74.27 108.18 -5.47
C GLU A 611 -72.95 108.32 -4.70
N HIS A 612 -72.86 107.72 -3.50
CA HIS A 612 -71.68 107.86 -2.67
C HIS A 612 -71.11 106.49 -2.33
N VAL A 613 -69.78 106.36 -2.44
CA VAL A 613 -69.06 105.21 -1.94
C VAL A 613 -68.48 105.57 -0.58
N PHE A 614 -68.93 104.86 0.45
CA PHE A 614 -68.31 104.98 1.77
C PHE A 614 -67.18 103.96 1.87
N PHE A 615 -65.96 104.44 2.13
CA PHE A 615 -64.82 103.56 2.21
C PHE A 615 -64.02 103.84 3.48
N THR A 616 -63.70 102.77 4.20
CA THR A 616 -62.77 102.83 5.31
C THR A 616 -61.36 103.04 4.78
N ASP A 617 -60.57 103.81 5.53
CA ASP A 617 -59.17 104.03 5.21
C ASP A 617 -58.34 103.87 6.48
N TRP A 618 -57.28 103.05 6.41
CA TRP A 618 -56.48 102.69 7.57
C TRP A 618 -55.42 103.73 7.92
N THR A 619 -55.22 104.73 7.06
CA THR A 619 -54.16 105.71 7.29
C THR A 619 -54.70 106.99 7.92
N LYS A 620 -55.76 107.56 7.32
CA LYS A 620 -56.41 108.72 7.93
C LYS A 620 -57.31 108.30 9.09
N MET A 621 -57.47 106.97 9.29
CA MET A 621 -58.08 106.38 10.47
C MET A 621 -59.53 106.83 10.61
N ALA A 622 -60.27 106.82 9.51
CA ALA A 622 -61.64 107.30 9.50
C ALA A 622 -62.43 106.63 8.38
N VAL A 623 -63.74 106.53 8.59
CA VAL A 623 -64.66 106.16 7.52
C VAL A 623 -64.93 107.40 6.68
N MET A 624 -64.73 107.27 5.37
CA MET A 624 -64.78 108.44 4.49
C MET A 624 -65.91 108.28 3.48
N LYS A 625 -66.52 109.41 3.15
CA LYS A 625 -67.63 109.49 2.20
C LYS A 625 -67.11 110.03 0.88
N ALA A 626 -67.38 109.30 -0.20
CA ALA A 626 -66.79 109.59 -1.50
C ALA A 626 -67.86 109.51 -2.60
N SER A 627 -67.76 110.40 -3.58
CA SER A 627 -68.62 110.34 -4.76
C SER A 627 -68.19 109.17 -5.63
N LYS A 628 -69.15 108.53 -6.32
CA LYS A 628 -68.88 107.23 -6.93
C LYS A 628 -68.45 107.39 -8.39
N PHE A 629 -68.31 108.61 -8.89
CA PHE A 629 -67.88 108.85 -10.27
C PHE A 629 -66.46 109.38 -10.31
N THR A 630 -66.22 110.52 -9.65
CA THR A 630 -64.90 111.14 -9.63
C THR A 630 -64.81 112.05 -8.42
N GLU A 631 -63.66 112.03 -7.74
CA GLU A 631 -63.48 112.85 -6.55
C GLU A 631 -62.14 113.56 -6.58
N THR A 632 -62.16 114.85 -6.26
CA THR A 632 -60.94 115.61 -6.02
C THR A 632 -60.44 115.39 -4.59
N ASN A 633 -61.38 115.22 -3.65
CA ASN A 633 -61.02 115.05 -2.24
C ASN A 633 -62.16 114.39 -1.47
N PRO A 634 -61.91 113.25 -0.78
CA PRO A 634 -62.95 112.59 -0.01
C PRO A 634 -63.19 113.31 1.31
N GLN A 635 -64.46 113.36 1.71
CA GLN A 635 -64.84 113.99 2.96
C GLN A 635 -64.69 112.99 4.10
N VAL A 636 -64.44 113.50 5.31
CA VAL A 636 -64.41 112.68 6.50
C VAL A 636 -65.83 112.51 7.02
N TYR A 637 -66.21 111.26 7.29
CA TYR A 637 -67.56 110.94 7.74
C TYR A 637 -67.57 110.62 9.24
N HIS A 638 -66.56 109.90 9.74
CA HIS A 638 -66.42 109.61 11.16
C HIS A 638 -64.97 109.25 11.47
N GLN A 639 -64.30 110.09 12.28
CA GLN A 639 -62.88 109.95 12.55
C GLN A 639 -62.69 109.12 13.82
N SER A 640 -62.01 107.98 13.68
CA SER A 640 -61.86 107.01 14.76
C SER A 640 -60.48 107.12 15.41
N SER A 641 -60.35 106.48 16.59
CA SER A 641 -59.08 106.39 17.30
C SER A 641 -58.39 105.07 16.99
N LEU A 642 -59.07 104.16 16.27
CA LEU A 642 -58.54 102.85 15.93
C LEU A 642 -58.70 102.64 14.43
N ARG A 643 -58.09 101.60 13.89
CA ARG A 643 -58.26 101.28 12.48
C ARG A 643 -59.70 100.83 12.27
N PRO A 644 -60.50 101.52 11.43
CA PRO A 644 -61.86 101.07 11.15
C PRO A 644 -61.84 99.89 10.18
N HIS A 645 -63.02 99.34 9.91
CA HIS A 645 -63.14 98.12 9.12
C HIS A 645 -64.41 98.18 8.25
N GLY A 646 -64.85 96.99 7.81
CA GLY A 646 -65.89 96.86 6.80
C GLY A 646 -67.09 97.78 7.08
N VAL A 647 -67.60 98.41 6.02
CA VAL A 647 -68.73 99.32 6.09
C VAL A 647 -69.86 98.77 5.22
N THR A 648 -71.09 99.07 5.62
CA THR A 648 -72.24 98.76 4.81
C THR A 648 -73.30 99.85 5.00
N VAL A 649 -74.21 99.96 4.03
CA VAL A 649 -75.27 100.94 4.10
C VAL A 649 -76.58 100.18 4.31
N TYR A 650 -77.24 100.45 5.43
CA TYR A 650 -78.44 99.73 5.82
C TYR A 650 -79.65 100.39 5.14
N HIS A 651 -80.16 99.76 4.08
CA HIS A 651 -81.31 100.28 3.36
C HIS A 651 -82.00 99.15 2.62
N ALA A 652 -83.29 99.35 2.30
CA ALA A 652 -84.08 98.33 1.62
C ALA A 652 -83.70 98.24 0.15
N LEU A 653 -83.50 99.39 -0.50
CA LEU A 653 -83.14 99.42 -1.91
C LEU A 653 -81.78 98.77 -2.18
N ARG A 654 -80.95 98.62 -1.14
CA ARG A 654 -79.69 97.92 -1.25
C ARG A 654 -79.91 96.41 -1.44
N GLN A 655 -81.13 95.92 -1.22
CA GLN A 655 -81.44 94.50 -1.37
C GLN A 655 -82.71 94.34 -2.21
N PRO A 656 -82.60 94.46 -3.55
CA PRO A 656 -83.77 94.38 -4.42
C PRO A 656 -84.43 93.01 -4.35
N ASN A 657 -85.74 92.98 -4.64
CA ASN A 657 -86.50 91.75 -4.63
C ASN A 657 -86.20 90.91 -5.87
N ALA A 658 -86.26 89.59 -5.69
CA ALA A 658 -86.19 88.62 -6.76
C ALA A 658 -86.73 87.28 -6.25
N THR A 659 -87.18 86.43 -7.18
CA THR A 659 -87.76 85.15 -6.83
C THR A 659 -86.68 84.21 -6.29
N ASN A 660 -87.11 83.24 -5.47
CA ASN A 660 -86.20 82.28 -4.88
C ASN A 660 -86.28 80.95 -5.61
N PRO A 661 -85.26 80.56 -6.39
CA PRO A 661 -85.26 79.27 -7.07
C PRO A 661 -85.36 78.06 -6.14
N CYS A 662 -84.80 78.17 -4.92
CA CYS A 662 -84.84 77.05 -3.98
C CYS A 662 -86.14 77.04 -3.17
N GLY A 663 -87.08 77.98 -3.45
CA GLY A 663 -88.31 78.08 -2.69
C GLY A 663 -89.28 76.91 -2.91
N SER A 664 -89.15 76.23 -4.06
CA SER A 664 -90.05 75.15 -4.43
C SER A 664 -89.63 73.85 -3.74
N ASN A 665 -89.94 73.77 -2.43
CA ASN A 665 -89.66 72.59 -1.62
C ASN A 665 -88.16 72.33 -1.64
N ASN A 666 -87.41 73.28 -1.07
CA ASN A 666 -85.97 73.19 -0.89
C ASN A 666 -85.27 72.91 -2.22
N GLY A 667 -85.94 73.21 -3.35
CA GLY A 667 -85.39 73.00 -4.68
C GLY A 667 -85.20 71.51 -5.02
N GLY A 668 -85.79 70.63 -4.19
CA GLY A 668 -85.66 69.19 -4.38
C GLY A 668 -84.36 68.61 -3.82
N CYS A 669 -83.43 69.47 -3.36
CA CYS A 669 -82.16 68.99 -2.84
C CYS A 669 -82.38 68.30 -1.49
N ALA A 670 -81.55 67.29 -1.20
CA ALA A 670 -81.69 66.48 0.01
C ALA A 670 -81.35 67.29 1.26
N GLN A 671 -80.23 68.00 1.25
CA GLN A 671 -79.73 68.66 2.46
C GLN A 671 -79.67 70.17 2.32
N VAL A 672 -78.92 70.65 1.31
CA VAL A 672 -78.64 72.07 1.17
C VAL A 672 -78.93 72.50 -0.27
N CYS A 673 -79.56 73.68 -0.41
CA CYS A 673 -79.79 74.29 -1.72
C CYS A 673 -79.00 75.59 -1.79
N VAL A 674 -77.95 75.60 -2.61
CA VAL A 674 -77.12 76.77 -2.78
C VAL A 674 -77.44 77.39 -4.13
N LEU A 675 -77.78 78.68 -4.12
CA LEU A 675 -78.21 79.36 -5.32
C LEU A 675 -77.02 79.52 -6.28
N SER A 676 -77.34 79.50 -7.58
CA SER A 676 -76.34 79.63 -8.63
C SER A 676 -76.85 80.61 -9.67
N HIS A 677 -76.18 80.67 -10.82
CA HIS A 677 -76.59 81.59 -11.88
C HIS A 677 -77.99 81.20 -12.37
N ARG A 678 -78.74 82.21 -12.85
CA ARG A 678 -80.09 81.99 -13.35
C ARG A 678 -80.11 81.04 -14.56
N THR A 679 -79.02 81.01 -15.32
CA THR A 679 -78.94 80.17 -16.51
C THR A 679 -78.31 78.81 -16.20
N ASP A 680 -77.80 78.62 -14.98
CA ASP A 680 -77.18 77.35 -14.60
C ASP A 680 -78.26 76.31 -14.29
N ASN A 681 -77.86 75.03 -14.41
CA ASN A 681 -78.70 73.88 -14.11
C ASN A 681 -79.96 73.92 -14.99
N GLY A 682 -79.78 74.21 -16.28
CA GLY A 682 -80.87 74.24 -17.25
C GLY A 682 -81.96 75.27 -16.89
N GLY A 683 -81.55 76.41 -16.34
CA GLY A 683 -82.44 77.51 -16.03
C GLY A 683 -83.07 77.40 -14.64
N LEU A 684 -82.85 76.30 -13.91
CA LEU A 684 -83.40 76.13 -12.58
C LEU A 684 -82.80 77.14 -11.59
N GLY A 685 -81.56 77.58 -11.83
CA GLY A 685 -80.95 78.66 -11.08
C GLY A 685 -80.41 78.23 -9.71
N TYR A 686 -80.26 76.93 -9.47
CA TYR A 686 -79.73 76.44 -8.21
C TYR A 686 -78.93 75.16 -8.46
N ARG A 687 -78.03 74.85 -7.52
CA ARG A 687 -77.27 73.62 -7.55
C ARG A 687 -77.32 72.99 -6.17
N CYS A 688 -77.58 71.68 -6.11
CA CYS A 688 -77.71 70.98 -4.84
C CYS A 688 -76.33 70.72 -4.23
N LYS A 689 -76.27 70.78 -2.90
CA LYS A 689 -75.05 70.54 -2.16
C LYS A 689 -75.39 69.65 -0.97
N CYS A 690 -74.35 69.08 -0.36
CA CYS A 690 -74.50 68.24 0.81
C CYS A 690 -73.56 68.74 1.91
N GLU A 691 -74.07 68.71 3.15
CA GLU A 691 -73.31 69.18 4.30
C GLU A 691 -72.13 68.24 4.52
N PHE A 692 -71.18 68.70 5.33
CA PHE A 692 -69.94 67.97 5.53
C PHE A 692 -70.21 66.56 6.05
N GLY A 693 -69.55 65.58 5.41
CA GLY A 693 -69.77 64.18 5.74
C GLY A 693 -70.63 63.44 4.71
N PHE A 694 -71.04 64.13 3.65
CA PHE A 694 -71.83 63.53 2.59
C PHE A 694 -71.29 63.93 1.22
N GLU A 695 -71.64 63.15 0.19
CA GLU A 695 -71.32 63.49 -1.18
C GLU A 695 -72.53 63.23 -2.06
N LEU A 696 -72.59 63.93 -3.20
CA LEU A 696 -73.72 63.82 -4.11
C LEU A 696 -73.59 62.53 -4.92
N ASP A 697 -74.74 61.85 -5.10
CA ASP A 697 -74.80 60.68 -5.97
C ASP A 697 -74.86 61.14 -7.44
N ASP A 698 -75.06 60.17 -8.34
CA ASP A 698 -75.15 60.44 -9.77
C ASP A 698 -76.43 61.22 -10.11
N ASP A 699 -77.42 61.26 -9.21
CA ASP A 699 -78.64 62.02 -9.45
C ASP A 699 -78.47 63.50 -9.14
N GLU A 700 -77.39 63.87 -8.42
CA GLU A 700 -77.12 65.24 -8.03
C GLU A 700 -78.27 65.82 -7.19
N HIS A 701 -79.06 64.95 -6.54
CA HIS A 701 -80.16 65.39 -5.70
C HIS A 701 -80.11 64.77 -4.31
N ARG A 702 -79.69 63.51 -4.21
CA ARG A 702 -79.70 62.78 -2.95
C ARG A 702 -78.27 62.63 -2.43
N CYS A 703 -78.10 62.94 -1.14
CA CYS A 703 -76.80 62.84 -0.51
C CYS A 703 -76.57 61.40 -0.02
N VAL A 704 -75.32 60.96 -0.07
CA VAL A 704 -74.91 59.66 0.47
C VAL A 704 -73.70 59.88 1.36
N ALA A 705 -73.54 59.01 2.36
CA ALA A 705 -72.45 59.13 3.31
C ALA A 705 -71.11 58.94 2.61
N VAL A 706 -70.14 59.78 2.98
CA VAL A 706 -68.82 59.77 2.36
C VAL A 706 -68.09 58.49 2.73
N LYS A 707 -67.35 57.94 1.77
CA LYS A 707 -66.61 56.70 1.97
C LYS A 707 -65.11 56.93 2.05
N ASN A 708 -64.55 57.76 1.15
CA ASN A 708 -63.12 57.93 1.07
C ASN A 708 -62.75 59.41 0.94
N PHE A 709 -61.63 59.78 1.56
CA PHE A 709 -61.00 61.07 1.31
C PHE A 709 -59.60 61.05 1.93
N LEU A 710 -58.76 61.98 1.47
CA LEU A 710 -57.39 62.05 1.93
C LEU A 710 -57.32 62.95 3.15
N LEU A 711 -56.84 62.41 4.26
CA LEU A 711 -56.71 63.16 5.50
C LEU A 711 -55.22 63.46 5.75
N PHE A 712 -54.90 64.74 5.95
CA PHE A 712 -53.53 65.15 6.17
C PHE A 712 -53.47 66.24 7.22
N SER A 713 -52.31 66.36 7.86
CA SER A 713 -52.08 67.27 8.98
C SER A 713 -51.01 68.28 8.59
N SER A 714 -51.02 69.43 9.28
CA SER A 714 -50.02 70.46 9.08
C SER A 714 -49.85 71.22 10.39
N LYS A 715 -49.05 72.29 10.37
CA LYS A 715 -48.87 73.15 11.53
C LYS A 715 -50.19 73.82 11.90
N THR A 716 -50.93 74.28 10.89
CA THR A 716 -52.05 75.18 11.12
C THR A 716 -53.39 74.44 11.17
N ALA A 717 -53.53 73.32 10.45
CA ALA A 717 -54.83 72.69 10.36
C ALA A 717 -54.71 71.20 10.06
N VAL A 718 -55.80 70.48 10.37
CA VAL A 718 -56.00 69.10 9.95
C VAL A 718 -57.16 69.10 8.95
N ARG A 719 -56.90 68.57 7.75
CA ARG A 719 -57.82 68.72 6.63
C ARG A 719 -58.13 67.37 5.99
N GLY A 720 -59.26 67.33 5.29
CA GLY A 720 -59.68 66.15 4.55
C GLY A 720 -60.02 66.52 3.11
N ILE A 721 -59.41 65.81 2.15
CA ILE A 721 -59.43 66.21 0.76
C ILE A 721 -59.91 65.04 -0.09
N PRO A 722 -60.73 65.28 -1.15
CA PRO A 722 -61.05 64.22 -2.10
C PRO A 722 -59.81 63.76 -2.86
N PHE A 723 -59.76 62.46 -3.14
CA PHE A 723 -58.66 61.88 -3.89
C PHE A 723 -58.62 62.42 -5.32
N THR A 724 -59.81 62.60 -5.92
CA THR A 724 -59.91 63.04 -7.30
C THR A 724 -59.44 64.48 -7.40
N LEU A 725 -58.29 64.68 -8.07
CA LEU A 725 -57.66 65.99 -8.16
C LEU A 725 -58.51 66.97 -8.97
N SER A 726 -59.49 66.45 -9.74
CA SER A 726 -60.38 67.27 -10.55
C SER A 726 -61.15 68.28 -9.69
N THR A 727 -61.57 67.87 -8.48
CA THR A 727 -62.21 68.76 -7.52
C THR A 727 -61.24 69.06 -6.39
N GLN A 728 -61.50 70.15 -5.67
CA GLN A 728 -60.51 70.70 -4.75
C GLN A 728 -61.09 70.98 -3.36
N GLU A 729 -62.42 70.96 -3.21
CA GLU A 729 -63.07 71.41 -1.99
C GLU A 729 -62.99 70.32 -0.94
N ASP A 730 -62.91 70.73 0.34
CA ASP A 730 -62.79 69.82 1.46
C ASP A 730 -64.06 69.00 1.63
N VAL A 731 -63.92 67.82 2.24
CA VAL A 731 -65.06 66.99 2.61
C VAL A 731 -65.29 67.06 4.13
N MET A 732 -64.27 67.53 4.86
CA MET A 732 -64.32 67.59 6.31
C MET A 732 -63.94 69.00 6.75
N VAL A 733 -64.58 69.47 7.82
CA VAL A 733 -64.27 70.77 8.38
C VAL A 733 -62.80 70.78 8.81
N PRO A 734 -62.05 71.86 8.53
CA PRO A 734 -60.71 72.00 9.10
C PRO A 734 -60.74 71.97 10.62
N VAL A 735 -59.66 71.42 11.20
CA VAL A 735 -59.46 71.46 12.64
C VAL A 735 -58.36 72.48 12.91
N THR A 736 -58.65 73.47 13.75
CA THR A 736 -57.72 74.54 13.99
C THR A 736 -57.89 75.08 15.41
N GLY A 737 -56.84 75.71 15.93
CA GLY A 737 -56.87 76.41 17.21
C GLY A 737 -56.06 77.70 17.13
N SER A 738 -56.02 78.45 18.24
CA SER A 738 -55.25 79.68 18.27
C SER A 738 -53.76 79.36 18.34
N PRO A 739 -53.27 78.56 19.33
CA PRO A 739 -51.97 77.93 19.17
C PRO A 739 -52.13 76.55 18.55
N SER A 740 -51.39 76.30 17.48
CA SER A 740 -51.63 75.10 16.69
C SER A 740 -50.32 74.57 16.10
N PHE A 741 -50.07 73.26 16.32
CA PHE A 741 -49.04 72.51 15.62
C PHE A 741 -49.43 71.03 15.61
N PHE A 742 -50.25 70.64 14.63
CA PHE A 742 -50.78 69.29 14.58
C PHE A 742 -49.77 68.37 13.90
N VAL A 743 -49.63 67.16 14.45
CA VAL A 743 -48.72 66.17 13.91
C VAL A 743 -49.44 64.86 13.63
N GLY A 744 -49.74 64.06 14.67
CA GLY A 744 -50.31 62.74 14.46
C GLY A 744 -51.80 62.85 14.13
N ILE A 745 -52.31 61.90 13.33
CA ILE A 745 -53.73 61.79 13.02
C ILE A 745 -54.10 60.32 12.78
N ASP A 746 -55.37 59.98 13.02
CA ASP A 746 -55.99 58.77 12.49
C ASP A 746 -57.51 58.93 12.56
N PHE A 747 -58.29 57.90 12.20
CA PHE A 747 -59.73 58.04 12.06
C PHE A 747 -60.43 56.82 12.66
N ASP A 748 -61.71 57.03 12.99
CA ASP A 748 -62.61 55.99 13.48
C ASP A 748 -63.84 56.00 12.59
N ALA A 749 -63.84 55.12 11.57
CA ALA A 749 -64.88 55.16 10.54
C ALA A 749 -66.26 54.81 11.09
N GLN A 750 -66.32 53.95 12.11
CA GLN A 750 -67.60 53.50 12.65
C GLN A 750 -68.31 54.60 13.44
N HIS A 751 -67.61 55.71 13.73
CA HIS A 751 -68.21 56.82 14.45
C HIS A 751 -68.07 58.15 13.71
N SER A 752 -67.60 58.11 12.45
CA SER A 752 -67.33 59.32 11.67
C SER A 752 -66.43 60.26 12.46
N THR A 753 -65.40 59.70 13.10
CA THR A 753 -64.55 60.42 14.04
C THR A 753 -63.12 60.37 13.55
N VAL A 754 -62.37 61.46 13.79
CA VAL A 754 -60.92 61.49 13.60
C VAL A 754 -60.26 61.77 14.95
N PHE A 755 -58.97 61.44 15.06
CA PHE A 755 -58.14 61.81 16.21
C PHE A 755 -57.02 62.71 15.73
N TYR A 756 -56.48 63.55 16.62
CA TYR A 756 -55.29 64.32 16.30
C TYR A 756 -54.45 64.58 17.54
N SER A 757 -53.15 64.84 17.37
CA SER A 757 -52.34 65.43 18.43
C SER A 757 -52.07 66.89 18.10
N ASP A 758 -51.65 67.66 19.11
CA ASP A 758 -51.24 69.04 18.92
C ASP A 758 -50.06 69.34 19.83
N LEU A 759 -48.86 69.42 19.25
CA LEU A 759 -47.64 69.60 20.04
C LEU A 759 -47.54 70.97 20.71
N SER A 760 -48.49 71.89 20.45
CA SER A 760 -48.51 73.15 21.19
C SER A 760 -49.30 73.01 22.50
N LYS A 761 -50.10 71.95 22.63
CA LYS A 761 -50.89 71.73 23.83
C LYS A 761 -50.58 70.41 24.54
N ASP A 762 -49.89 69.47 23.86
CA ASP A 762 -49.58 68.14 24.39
C ASP A 762 -50.86 67.41 24.81
N ILE A 763 -51.91 67.50 23.96
CA ILE A 763 -53.18 66.82 24.15
C ILE A 763 -53.44 65.94 22.92
N ILE A 764 -54.22 64.86 23.07
CA ILE A 764 -54.76 64.12 21.93
C ILE A 764 -56.28 64.35 21.90
N TYR A 765 -56.84 64.73 20.75
CA TYR A 765 -58.25 65.09 20.65
C TYR A 765 -59.01 64.06 19.81
N LYS A 766 -60.34 64.16 19.86
CA LYS A 766 -61.20 63.44 18.94
C LYS A 766 -62.32 64.39 18.52
N GLN A 767 -62.72 64.32 17.25
CA GLN A 767 -63.71 65.23 16.71
C GLN A 767 -64.43 64.55 15.55
N LYS A 768 -65.72 64.82 15.43
CA LYS A 768 -66.53 64.34 14.32
C LYS A 768 -66.06 65.02 13.03
N ILE A 769 -66.48 64.44 11.90
CA ILE A 769 -66.19 65.01 10.59
C ILE A 769 -66.92 66.34 10.43
N ASP A 770 -68.15 66.43 10.95
CA ASP A 770 -68.96 67.64 10.88
C ASP A 770 -68.35 68.77 11.71
N GLY A 771 -67.57 68.43 12.75
CA GLY A 771 -66.91 69.44 13.58
C GLY A 771 -67.45 69.46 15.01
N THR A 772 -68.67 68.95 15.21
CA THR A 772 -69.27 68.90 16.53
C THR A 772 -68.61 67.82 17.38
N GLY A 773 -68.82 67.90 18.70
CA GLY A 773 -68.41 66.86 19.64
C GLY A 773 -66.90 66.72 19.78
N LYS A 774 -66.18 67.84 19.91
CA LYS A 774 -64.77 67.80 20.27
C LYS A 774 -64.64 67.34 21.72
N GLU A 775 -63.80 66.32 21.92
CA GLU A 775 -63.43 65.86 23.25
C GLU A 775 -61.94 65.56 23.27
N VAL A 776 -61.35 65.63 24.46
CA VAL A 776 -59.97 65.22 24.64
C VAL A 776 -59.95 63.73 24.95
N ILE A 777 -58.87 63.05 24.53
CA ILE A 777 -58.66 61.66 24.92
C ILE A 777 -57.84 61.65 26.21
N THR A 778 -56.66 62.30 26.16
CA THR A 778 -55.73 62.42 27.27
C THR A 778 -54.94 63.72 27.17
N ALA A 779 -54.47 64.21 28.33
CA ALA A 779 -53.55 65.35 28.39
C ALA A 779 -52.41 65.16 29.40
N ASN A 780 -52.31 63.96 30.01
CA ASN A 780 -51.41 63.64 31.11
C ASN A 780 -50.19 62.86 30.61
N ARG A 781 -48.97 63.33 30.88
CA ARG A 781 -47.71 62.67 30.48
C ARG A 781 -47.73 62.32 28.99
N LEU A 782 -47.87 63.35 28.15
CA LEU A 782 -47.63 63.30 26.72
C LEU A 782 -46.42 64.20 26.42
N GLU A 783 -45.45 63.70 25.65
CA GLU A 783 -44.25 64.45 25.32
C GLU A 783 -43.88 64.18 23.86
N SER A 784 -44.22 65.13 22.98
CA SER A 784 -43.89 65.03 21.56
C SER A 784 -44.50 63.77 20.92
N VAL A 785 -45.84 63.72 20.88
CA VAL A 785 -46.60 62.61 20.29
C VAL A 785 -46.48 62.63 18.76
N GLU A 786 -45.45 61.97 18.20
CA GLU A 786 -45.07 62.15 16.80
C GLU A 786 -45.94 61.37 15.80
N CYS A 787 -46.78 60.43 16.26
CA CYS A 787 -47.64 59.68 15.35
C CYS A 787 -48.78 59.02 16.14
N LEU A 788 -49.91 58.69 15.50
CA LEU A 788 -50.96 57.85 16.09
C LEU A 788 -51.23 56.67 15.16
N THR A 789 -51.79 55.58 15.71
CA THR A 789 -52.49 54.61 14.87
C THR A 789 -53.60 53.95 15.69
N PHE A 790 -54.62 53.47 15.01
CA PHE A 790 -55.85 53.05 15.66
C PHE A 790 -56.21 51.62 15.23
N ASP A 791 -56.38 50.73 16.20
CA ASP A 791 -56.88 49.38 15.98
C ASP A 791 -58.41 49.42 16.03
N TRP A 792 -59.02 49.42 14.85
CA TRP A 792 -60.45 49.66 14.70
C TRP A 792 -61.32 48.50 15.18
N ILE A 793 -60.73 47.32 15.39
CA ILE A 793 -61.48 46.14 15.83
C ILE A 793 -61.50 46.09 17.35
N SER A 794 -60.33 46.26 17.98
CA SER A 794 -60.21 46.28 19.43
C SER A 794 -60.59 47.64 20.04
N ARG A 795 -60.67 48.71 19.24
CA ARG A 795 -60.87 50.08 19.69
C ARG A 795 -59.74 50.51 20.65
N ASN A 796 -58.49 50.26 20.24
CA ASN A 796 -57.30 50.71 20.95
C ASN A 796 -56.57 51.78 20.15
N LEU A 797 -56.11 52.83 20.83
CA LEU A 797 -55.37 53.91 20.20
C LEU A 797 -53.92 53.83 20.61
N TYR A 798 -53.00 53.76 19.65
CA TYR A 798 -51.57 53.70 19.94
C TYR A 798 -50.90 55.00 19.57
N TRP A 799 -49.98 55.48 20.41
CA TRP A 799 -49.23 56.67 20.07
C TRP A 799 -47.76 56.56 20.48
N THR A 800 -46.94 57.47 19.98
CA THR A 800 -45.49 57.39 20.14
C THR A 800 -44.97 58.68 20.75
N ASP A 801 -44.58 58.64 22.03
CA ASP A 801 -43.97 59.76 22.71
C ASP A 801 -42.49 59.84 22.36
N GLY A 802 -42.10 60.74 21.45
CA GLY A 802 -40.70 60.98 21.14
C GLY A 802 -39.89 61.60 22.29
N GLY A 803 -40.58 62.13 23.32
CA GLY A 803 -39.95 62.74 24.49
C GLY A 803 -39.87 61.81 25.72
N LEU A 804 -40.91 60.99 25.95
CA LEU A 804 -40.80 59.89 26.92
C LEU A 804 -40.04 58.69 26.33
N LYS A 805 -39.79 58.68 25.00
CA LYS A 805 -39.10 57.64 24.25
C LYS A 805 -39.79 56.28 24.35
N SER A 806 -41.11 56.27 24.13
CA SER A 806 -41.92 55.08 24.36
C SER A 806 -43.16 55.13 23.46
N VAL A 807 -43.87 53.99 23.41
CA VAL A 807 -45.14 53.88 22.73
C VAL A 807 -46.18 53.45 23.76
N THR A 808 -47.37 54.04 23.69
CA THR A 808 -48.44 53.78 24.63
C THR A 808 -49.63 53.21 23.86
N VAL A 809 -50.48 52.44 24.55
CA VAL A 809 -51.75 52.04 23.98
C VAL A 809 -52.84 52.39 24.98
N LEU A 810 -54.02 52.79 24.47
CA LEU A 810 -55.11 53.24 25.32
C LEU A 810 -56.42 52.66 24.78
N ARG A 811 -57.28 52.08 25.65
CA ARG A 811 -58.59 51.60 25.21
C ARG A 811 -59.62 52.74 25.31
N LEU A 812 -60.40 52.98 24.24
CA LEU A 812 -61.30 54.11 24.19
C LEU A 812 -62.56 53.89 25.01
N ALA A 813 -62.94 52.61 25.21
CA ALA A 813 -64.16 52.27 25.93
C ALA A 813 -64.12 52.84 27.36
N ASP A 814 -62.98 52.67 28.05
CA ASP A 814 -62.74 53.29 29.33
C ASP A 814 -61.25 53.56 29.46
N LYS A 815 -60.88 54.79 29.83
CA LYS A 815 -59.50 55.25 29.78
C LYS A 815 -58.59 54.32 30.58
N SER A 816 -57.74 53.59 29.86
CA SER A 816 -56.92 52.51 30.36
C SER A 816 -55.64 52.56 29.55
N ARG A 817 -54.47 52.83 30.16
CA ARG A 817 -53.25 53.02 29.36
C ARG A 817 -52.03 52.36 30.00
N ARG A 818 -51.13 51.85 29.14
CA ARG A 818 -49.85 51.27 29.54
C ARG A 818 -48.78 51.63 28.50
N GLN A 819 -47.57 51.99 28.95
CA GLN A 819 -46.40 52.01 28.09
C GLN A 819 -45.99 50.57 27.77
N ILE A 820 -46.30 50.11 26.56
CA ILE A 820 -46.04 48.73 26.19
C ILE A 820 -44.61 48.55 25.69
N ILE A 821 -43.99 49.57 25.08
CA ILE A 821 -42.57 49.55 24.75
C ILE A 821 -41.95 50.83 25.32
N SER A 822 -40.77 50.73 25.95
CA SER A 822 -40.36 51.75 26.89
C SER A 822 -38.99 52.37 26.62
N ASN A 823 -38.05 51.65 25.98
CA ASN A 823 -36.66 52.06 25.99
C ASN A 823 -36.11 52.31 24.58
N LEU A 824 -36.85 53.10 23.80
CA LEU A 824 -36.45 53.43 22.43
C LEU A 824 -35.58 54.68 22.46
N ASN A 825 -35.10 55.08 21.27
CA ASN A 825 -34.14 56.18 21.15
C ASN A 825 -34.80 57.40 20.50
N ASN A 826 -35.31 57.24 19.27
CA ASN A 826 -36.03 58.30 18.58
C ASN A 826 -37.15 57.66 17.77
N PRO A 827 -38.18 57.08 18.42
CA PRO A 827 -39.24 56.42 17.66
C PRO A 827 -40.07 57.48 16.93
N ARG A 828 -40.58 57.11 15.74
CA ARG A 828 -41.41 58.02 14.96
C ARG A 828 -42.72 57.35 14.52
N SER A 829 -42.84 56.92 13.26
CA SER A 829 -44.14 56.43 12.81
C SER A 829 -44.43 55.09 13.48
N ILE A 830 -45.73 54.85 13.74
CA ILE A 830 -46.22 53.57 14.20
C ILE A 830 -47.45 53.21 13.36
N VAL A 831 -47.61 51.92 13.03
CA VAL A 831 -48.77 51.46 12.30
C VAL A 831 -49.10 50.05 12.80
N VAL A 832 -50.40 49.76 12.96
CA VAL A 832 -50.85 48.48 13.51
C VAL A 832 -51.85 47.85 12.55
N HIS A 833 -51.82 46.50 12.48
CA HIS A 833 -52.58 45.71 11.54
C HIS A 833 -53.46 44.74 12.32
N PRO A 834 -54.71 45.10 12.69
CA PRO A 834 -55.49 44.32 13.65
C PRO A 834 -55.75 42.88 13.24
N THR A 835 -56.09 42.59 11.98
CA THR A 835 -56.41 41.23 11.58
C THR A 835 -55.18 40.30 11.65
N ALA A 836 -53.98 40.80 11.32
CA ALA A 836 -52.75 40.02 11.46
C ALA A 836 -52.15 40.09 12.88
N GLY A 837 -52.51 41.09 13.69
CA GLY A 837 -52.05 41.16 15.08
C GLY A 837 -50.61 41.65 15.24
N TYR A 838 -50.10 42.43 14.27
CA TYR A 838 -48.77 43.03 14.32
C TYR A 838 -48.83 44.55 14.40
N MET A 839 -47.82 45.15 15.05
CA MET A 839 -47.60 46.58 15.07
C MET A 839 -46.17 46.87 14.60
N PHE A 840 -45.95 47.95 13.86
CA PHE A 840 -44.65 48.26 13.29
C PHE A 840 -44.29 49.66 13.74
N LEU A 841 -43.04 49.89 14.10
CA LEU A 841 -42.62 51.25 14.45
C LEU A 841 -41.20 51.47 13.96
N SER A 842 -40.92 52.73 13.65
CA SER A 842 -39.66 53.17 13.08
C SER A 842 -38.83 53.85 14.15
N ASP A 843 -37.51 53.60 14.16
CA ASP A 843 -36.57 54.32 15.02
C ASP A 843 -35.44 54.82 14.13
N TRP A 844 -35.04 56.08 14.30
CA TRP A 844 -34.06 56.68 13.41
C TRP A 844 -32.78 57.13 14.10
N PHE A 845 -32.49 56.63 15.32
CA PHE A 845 -31.18 56.82 15.90
C PHE A 845 -30.13 56.13 15.01
N ARG A 846 -28.93 56.70 14.98
CA ARG A 846 -27.84 56.23 14.10
C ARG A 846 -28.09 54.78 13.66
N PRO A 847 -27.97 53.74 14.52
CA PRO A 847 -28.32 52.39 14.08
C PRO A 847 -29.82 52.24 13.83
N ALA A 848 -30.30 52.87 12.75
CA ALA A 848 -31.72 53.00 12.47
C ALA A 848 -32.33 51.65 12.12
N LYS A 849 -33.63 51.47 12.40
CA LYS A 849 -34.29 50.19 12.16
C LYS A 849 -35.81 50.33 12.15
N ILE A 850 -36.47 49.29 11.60
CA ILE A 850 -37.91 49.15 11.69
C ILE A 850 -38.20 47.89 12.50
N MET A 851 -38.99 48.05 13.57
CA MET A 851 -39.33 46.99 14.50
C MET A 851 -40.65 46.34 14.07
N ARG A 852 -40.89 45.13 14.59
CA ARG A 852 -42.22 44.53 14.56
C ARG A 852 -42.47 43.87 15.91
N ALA A 853 -43.73 43.88 16.35
CA ALA A 853 -44.11 43.26 17.61
C ALA A 853 -45.56 42.80 17.53
N TRP A 854 -45.91 41.82 18.36
CA TRP A 854 -47.28 41.43 18.56
C TRP A 854 -48.05 42.63 19.10
N SER A 855 -49.37 42.73 18.83
CA SER A 855 -50.12 43.93 19.19
C SER A 855 -50.08 44.23 20.70
N ASP A 856 -49.77 43.24 21.55
CA ASP A 856 -49.69 43.44 22.99
C ASP A 856 -48.37 44.09 23.44
N GLY A 857 -47.41 44.28 22.53
CA GLY A 857 -46.19 45.02 22.83
C GLY A 857 -45.09 44.07 23.33
N SER A 858 -45.05 42.87 22.76
CA SER A 858 -44.07 41.86 23.10
C SER A 858 -43.43 41.32 21.81
N HIS A 859 -42.42 40.45 21.97
CA HIS A 859 -41.70 39.86 20.85
C HIS A 859 -41.12 40.94 19.93
N LEU A 860 -40.62 42.02 20.55
CA LEU A 860 -40.01 43.11 19.80
C LEU A 860 -38.74 42.62 19.14
N MET A 861 -38.66 42.78 17.82
CA MET A 861 -37.49 42.34 17.07
C MET A 861 -37.40 43.16 15.79
N PRO A 862 -36.18 43.52 15.34
CA PRO A 862 -36.04 44.28 14.10
C PRO A 862 -36.24 43.40 12.88
N ILE A 863 -36.93 43.96 11.87
CA ILE A 863 -37.17 43.28 10.61
C ILE A 863 -36.42 43.93 9.46
N VAL A 864 -36.11 45.24 9.57
CA VAL A 864 -35.30 45.93 8.59
C VAL A 864 -34.29 46.78 9.34
N ASN A 865 -33.03 46.33 9.39
CA ASN A 865 -31.98 47.08 10.05
C ASN A 865 -30.78 47.35 9.13
N THR A 866 -30.90 46.99 7.84
CA THR A 866 -29.78 47.14 6.91
C THR A 866 -30.12 48.19 5.85
N SER A 867 -29.17 49.10 5.55
CA SER A 867 -29.35 50.14 4.55
C SER A 867 -30.58 50.99 4.87
N LEU A 868 -30.53 51.66 6.04
CA LEU A 868 -31.51 52.65 6.46
C LEU A 868 -30.83 53.86 7.11
N GLY A 869 -31.42 55.04 6.90
CA GLY A 869 -31.17 56.22 7.71
C GLY A 869 -32.42 57.11 7.67
N TRP A 870 -32.86 57.61 8.83
CA TRP A 870 -34.09 58.41 8.93
C TRP A 870 -35.32 57.75 8.27
N PRO A 871 -35.80 56.56 8.70
CA PRO A 871 -36.95 55.91 8.09
C PRO A 871 -38.29 56.50 8.53
N ASN A 872 -38.60 57.74 8.13
CA ASN A 872 -39.68 58.53 8.75
C ASN A 872 -41.06 57.83 8.76
N GLY A 873 -41.69 57.57 7.60
CA GLY A 873 -43.08 57.16 7.58
C GLY A 873 -43.31 55.70 7.15
N LEU A 874 -43.96 54.89 8.02
CA LEU A 874 -44.49 53.57 7.67
C LEU A 874 -45.93 53.66 7.17
N ALA A 875 -46.35 52.71 6.31
CA ALA A 875 -47.74 52.53 5.90
C ALA A 875 -47.95 51.09 5.42
N ILE A 876 -49.20 50.62 5.32
CA ILE A 876 -49.49 49.22 4.95
C ILE A 876 -50.44 49.19 3.74
N ASP A 877 -50.14 48.34 2.75
CA ASP A 877 -51.10 48.00 1.70
C ASP A 877 -52.00 46.88 2.21
N TRP A 878 -53.24 47.23 2.59
CA TRP A 878 -54.19 46.27 3.12
C TRP A 878 -54.59 45.20 2.09
N SER A 879 -54.54 45.57 0.80
CA SER A 879 -54.98 44.67 -0.26
C SER A 879 -53.95 43.56 -0.53
N ALA A 880 -52.70 43.74 -0.06
CA ALA A 880 -51.64 42.79 -0.37
C ALA A 880 -50.81 42.40 0.87
N SER A 881 -51.08 42.98 2.04
CA SER A 881 -50.31 42.71 3.25
C SER A 881 -48.81 42.98 3.03
N ARG A 882 -48.49 44.11 2.38
CA ARG A 882 -47.14 44.60 2.17
C ARG A 882 -46.97 45.87 3.02
N LEU A 883 -45.91 45.92 3.83
CA LEU A 883 -45.47 47.15 4.48
C LEU A 883 -44.74 48.02 3.47
N TYR A 884 -45.00 49.33 3.46
CA TYR A 884 -44.23 50.31 2.71
C TYR A 884 -43.59 51.28 3.69
N TRP A 885 -42.39 51.79 3.40
CA TRP A 885 -41.82 52.83 4.23
C TRP A 885 -40.97 53.81 3.43
N VAL A 886 -40.98 55.06 3.88
CA VAL A 886 -40.05 56.08 3.43
C VAL A 886 -38.71 55.92 4.16
N ASP A 887 -37.63 56.31 3.48
CA ASP A 887 -36.37 56.64 4.11
C ASP A 887 -35.92 58.01 3.58
N ALA A 888 -35.46 58.87 4.47
CA ALA A 888 -35.17 60.26 4.13
C ALA A 888 -33.68 60.58 4.08
N PHE A 889 -32.80 59.64 4.44
CA PHE A 889 -31.36 59.83 4.33
C PHE A 889 -30.82 59.35 2.98
N PHE A 890 -31.44 58.31 2.41
CA PHE A 890 -31.14 57.82 1.07
C PHE A 890 -32.24 58.18 0.05
N ASP A 891 -33.22 59.00 0.45
CA ASP A 891 -34.27 59.59 -0.40
C ASP A 891 -35.02 58.52 -1.19
N LYS A 892 -35.49 57.46 -0.51
CA LYS A 892 -36.10 56.34 -1.19
C LYS A 892 -37.40 55.92 -0.51
N ILE A 893 -38.22 55.21 -1.28
CA ILE A 893 -39.35 54.51 -0.70
C ILE A 893 -39.21 53.03 -1.06
N GLU A 894 -39.48 52.18 -0.06
CA GLU A 894 -39.28 50.74 -0.16
C GLU A 894 -40.55 50.03 0.31
N HIS A 895 -40.65 48.72 0.01
CA HIS A 895 -41.73 47.92 0.54
C HIS A 895 -41.31 46.46 0.70
N SER A 896 -41.99 45.73 1.58
CA SER A 896 -41.68 44.34 1.84
C SER A 896 -42.88 43.65 2.48
N THR A 897 -42.83 42.32 2.56
CA THR A 897 -43.82 41.57 3.30
C THR A 897 -43.75 41.93 4.78
N LEU A 898 -44.77 41.52 5.53
CA LEU A 898 -44.85 41.87 6.94
C LEU A 898 -43.72 41.23 7.74
N ASP A 899 -43.05 40.22 7.18
CA ASP A 899 -41.93 39.56 7.85
C ASP A 899 -40.60 40.27 7.62
N GLY A 900 -40.60 41.32 6.80
CA GLY A 900 -39.38 42.03 6.42
C GLY A 900 -38.63 41.36 5.27
N LEU A 901 -39.17 40.27 4.74
CA LEU A 901 -38.53 39.54 3.64
C LEU A 901 -39.04 40.08 2.31
N ASP A 902 -38.33 39.74 1.22
CA ASP A 902 -38.70 40.15 -0.13
C ASP A 902 -38.76 41.67 -0.19
N ARG A 903 -37.61 42.31 0.05
CA ARG A 903 -37.53 43.76 0.08
C ARG A 903 -37.37 44.31 -1.33
N LYS A 904 -38.13 45.37 -1.67
CA LYS A 904 -38.04 46.02 -2.98
C LYS A 904 -38.07 47.55 -2.83
N ARG A 905 -37.51 48.23 -3.85
CA ARG A 905 -37.26 49.66 -3.85
C ARG A 905 -38.01 50.29 -5.03
N LEU A 906 -38.71 51.41 -4.80
CA LEU A 906 -39.29 52.13 -5.92
C LEU A 906 -38.22 53.01 -6.57
N GLY A 907 -38.42 53.34 -7.86
CA GLY A 907 -37.51 54.18 -8.62
C GLY A 907 -37.39 55.60 -8.04
N HIS A 908 -36.41 56.35 -8.55
CA HIS A 908 -36.19 57.75 -8.19
C HIS A 908 -37.45 58.57 -8.39
N VAL A 909 -37.85 59.35 -7.37
CA VAL A 909 -39.02 60.21 -7.44
C VAL A 909 -38.56 61.67 -7.60
N ASP A 910 -39.10 62.36 -8.60
CA ASP A 910 -38.66 63.72 -8.93
C ASP A 910 -38.88 64.68 -7.75
N GLN A 911 -37.81 65.39 -7.37
CA GLN A 911 -37.83 66.45 -6.35
C GLN A 911 -38.26 65.96 -4.97
N MET A 912 -38.36 64.65 -4.74
CA MET A 912 -38.37 64.12 -3.39
C MET A 912 -36.97 64.32 -2.80
N THR A 913 -36.89 64.96 -1.63
CA THR A 913 -35.62 65.21 -0.95
C THR A 913 -35.67 64.77 0.52
N HIS A 914 -36.85 64.83 1.14
CA HIS A 914 -36.99 64.53 2.55
C HIS A 914 -38.46 64.26 2.81
N PRO A 915 -38.93 63.00 2.75
CA PRO A 915 -40.34 62.70 2.97
C PRO A 915 -40.60 62.35 4.43
N PHE A 916 -41.85 62.57 4.85
CA PHE A 916 -42.25 62.36 6.22
C PHE A 916 -43.46 61.43 6.30
N GLY A 917 -44.62 61.90 5.82
CA GLY A 917 -45.83 61.10 5.84
C GLY A 917 -45.87 60.17 4.63
N LEU A 918 -46.50 59.01 4.80
CA LEU A 918 -46.69 58.05 3.73
C LEU A 918 -48.07 57.42 3.87
N THR A 919 -48.71 57.09 2.74
CA THR A 919 -49.98 56.40 2.76
C THR A 919 -50.14 55.60 1.47
N VAL A 920 -50.84 54.46 1.55
CA VAL A 920 -51.14 53.64 0.38
C VAL A 920 -52.65 53.47 0.29
N PHE A 921 -53.24 53.86 -0.85
CA PHE A 921 -54.67 53.72 -1.06
C PHE A 921 -54.93 53.43 -2.53
N LYS A 922 -55.62 52.32 -2.81
CA LYS A 922 -55.84 51.81 -4.16
C LYS A 922 -54.48 51.61 -4.83
N ASP A 923 -54.24 52.26 -5.99
CA ASP A 923 -53.01 52.06 -6.75
C ASP A 923 -52.09 53.28 -6.66
N ASN A 924 -52.27 54.12 -5.63
CA ASN A 924 -51.48 55.33 -5.48
C ASN A 924 -50.75 55.33 -4.13
N VAL A 925 -49.56 55.96 -4.10
CA VAL A 925 -48.80 56.21 -2.89
C VAL A 925 -48.73 57.72 -2.67
N PHE A 926 -49.18 58.16 -1.49
CA PHE A 926 -49.24 59.56 -1.14
C PHE A 926 -48.12 59.89 -0.15
N ILE A 927 -47.33 60.93 -0.46
CA ILE A 927 -46.15 61.26 0.32
C ILE A 927 -46.15 62.76 0.60
N THR A 928 -45.51 63.16 1.70
CA THR A 928 -45.36 64.57 2.07
C THR A 928 -43.87 64.88 2.25
N ASP A 929 -43.39 65.89 1.52
CA ASP A 929 -41.98 66.26 1.54
C ASP A 929 -41.81 67.57 2.28
N TRP A 930 -40.96 67.61 3.31
CA TRP A 930 -40.71 68.84 4.07
C TRP A 930 -39.96 69.89 3.26
N ARG A 931 -39.11 69.48 2.30
CA ARG A 931 -38.35 70.43 1.50
C ARG A 931 -39.19 71.05 0.38
N LEU A 932 -40.16 70.29 -0.17
CA LEU A 932 -41.15 70.85 -1.08
C LEU A 932 -42.24 71.60 -0.31
N GLY A 933 -42.64 71.08 0.85
CA GLY A 933 -43.82 71.57 1.54
C GLY A 933 -45.06 71.31 0.68
N ALA A 934 -45.25 70.04 0.33
CA ALA A 934 -46.31 69.65 -0.60
C ALA A 934 -46.71 68.21 -0.36
N ILE A 935 -47.85 67.83 -0.96
CA ILE A 935 -48.26 66.43 -1.05
C ILE A 935 -48.15 65.99 -2.51
N ILE A 936 -47.39 64.92 -2.73
CA ILE A 936 -47.11 64.41 -4.07
C ILE A 936 -47.66 62.98 -4.17
N ARG A 937 -48.04 62.56 -5.37
CA ARG A 937 -48.63 61.25 -5.58
C ARG A 937 -47.85 60.51 -6.66
N VAL A 938 -47.55 59.22 -6.40
CA VAL A 938 -46.91 58.34 -7.37
C VAL A 938 -47.65 57.00 -7.42
N ARG A 939 -47.49 56.27 -8.53
CA ARG A 939 -48.09 54.95 -8.70
C ARG A 939 -47.40 53.94 -7.76
N LYS A 940 -48.16 53.10 -7.02
CA LYS A 940 -47.61 52.34 -5.90
C LYS A 940 -46.69 51.17 -6.29
N SER A 941 -46.55 50.87 -7.60
CA SER A 941 -45.80 49.73 -8.12
C SER A 941 -44.36 50.07 -8.53
N ASP A 942 -44.05 51.36 -8.76
CA ASP A 942 -42.82 51.80 -9.41
C ASP A 942 -42.57 53.29 -9.15
N GLY A 943 -41.66 53.94 -9.88
CA GLY A 943 -41.38 55.37 -9.73
C GLY A 943 -42.64 56.25 -9.85
N GLY A 944 -43.48 55.92 -10.84
CA GLY A 944 -44.81 56.49 -11.01
C GLY A 944 -44.77 57.91 -11.59
N ASP A 945 -45.96 58.40 -11.94
CA ASP A 945 -46.14 59.75 -12.47
C ASP A 945 -46.35 60.72 -11.30
N MET A 946 -45.25 61.32 -10.85
CA MET A 946 -45.27 62.25 -9.73
C MET A 946 -46.28 63.37 -10.04
N THR A 947 -47.37 63.40 -9.28
CA THR A 947 -48.43 64.37 -9.45
C THR A 947 -48.59 65.14 -8.15
N VAL A 948 -48.41 66.46 -8.20
CA VAL A 948 -48.55 67.28 -6.99
C VAL A 948 -50.03 67.42 -6.66
N ILE A 949 -50.38 67.05 -5.41
CA ILE A 949 -51.75 67.17 -4.95
C ILE A 949 -51.96 68.56 -4.34
N ARG A 950 -51.04 68.98 -3.47
CA ARG A 950 -51.12 70.26 -2.79
C ARG A 950 -49.75 70.95 -2.86
N ARG A 951 -49.75 72.27 -2.66
CA ARG A 951 -48.52 73.05 -2.66
C ARG A 951 -48.70 74.22 -1.71
N GLY A 952 -47.58 74.70 -1.14
CA GLY A 952 -47.58 75.79 -0.17
C GLY A 952 -48.40 75.45 1.06
N ILE A 953 -48.14 74.27 1.64
CA ILE A 953 -48.97 73.74 2.71
C ILE A 953 -48.25 73.91 4.04
N SER A 954 -47.33 74.90 4.09
CA SER A 954 -46.62 75.26 5.31
C SER A 954 -45.81 74.06 5.81
N SER A 955 -45.58 73.96 7.12
CA SER A 955 -45.03 72.77 7.74
C SER A 955 -46.07 71.65 7.64
N VAL A 956 -45.76 70.59 6.89
CA VAL A 956 -46.69 69.53 6.57
C VAL A 956 -46.28 68.27 7.33
N MET A 957 -47.27 67.48 7.80
CA MET A 957 -46.99 66.33 8.65
C MET A 957 -47.61 65.07 8.03
N HIS A 958 -48.11 64.13 8.84
CA HIS A 958 -48.60 62.85 8.34
C HIS A 958 -49.75 62.99 7.33
N VAL A 959 -49.89 61.99 6.46
CA VAL A 959 -51.10 61.80 5.67
C VAL A 959 -51.76 60.51 6.12
N LYS A 960 -53.00 60.30 5.70
CA LYS A 960 -53.79 59.14 6.10
C LYS A 960 -54.92 59.02 5.08
N ALA A 961 -55.31 57.78 4.76
CA ALA A 961 -56.42 57.56 3.84
C ALA A 961 -57.66 57.17 4.62
N TYR A 962 -58.62 58.09 4.71
CA TYR A 962 -59.91 57.76 5.31
C TYR A 962 -60.67 56.82 4.37
N ASP A 963 -61.14 55.70 4.91
CA ASP A 963 -61.85 54.71 4.14
C ASP A 963 -62.67 53.86 5.12
N ALA A 964 -63.99 53.91 4.98
CA ALA A 964 -64.88 53.16 5.86
C ALA A 964 -64.89 51.67 5.52
N ASP A 965 -64.55 51.32 4.27
CA ASP A 965 -64.51 49.93 3.84
C ASP A 965 -63.36 49.20 4.53
N LEU A 966 -62.23 49.89 4.72
CA LEU A 966 -61.05 49.30 5.36
C LEU A 966 -61.39 48.84 6.78
N GLN A 967 -62.09 49.69 7.54
CA GLN A 967 -62.37 49.42 8.95
C GLN A 967 -63.50 48.40 9.06
N THR A 968 -63.23 47.20 8.53
CA THR A 968 -64.18 46.10 8.53
C THR A 968 -63.43 44.81 8.88
N GLY A 969 -64.05 44.00 9.74
CA GLY A 969 -63.51 42.70 10.12
C GLY A 969 -63.70 42.42 11.62
N SER A 970 -63.30 41.20 12.03
CA SER A 970 -63.33 40.80 13.44
C SER A 970 -62.32 39.67 13.74
N ASN A 971 -61.40 39.96 14.66
CA ASN A 971 -60.59 38.97 15.36
C ASN A 971 -61.41 38.35 16.49
N TYR A 972 -60.87 37.34 17.18
CA TYR A 972 -61.49 36.82 18.39
C TYR A 972 -61.64 37.88 19.50
N CYS A 973 -60.94 39.02 19.39
CA CYS A 973 -61.10 40.16 20.28
C CYS A 973 -62.48 40.84 20.17
N SER A 974 -63.21 40.70 19.05
CA SER A 974 -64.60 41.14 19.03
C SER A 974 -65.43 40.33 18.04
N GLN A 975 -65.36 39.00 18.20
CA GLN A 975 -66.41 38.12 17.74
C GLN A 975 -67.65 38.33 18.62
N THR A 976 -68.84 38.04 18.07
CA THR A 976 -70.11 38.16 18.78
C THR A 976 -70.40 36.94 19.65
N THR A 977 -71.51 36.99 20.44
CA THR A 977 -71.91 36.05 21.48
C THR A 977 -71.12 36.20 22.80
N HIS A 978 -70.03 36.98 22.78
CA HIS A 978 -69.29 37.41 23.96
C HIS A 978 -68.61 38.76 23.62
N ALA A 979 -68.08 39.46 24.63
CA ALA A 979 -67.51 40.78 24.44
C ALA A 979 -66.01 40.78 24.73
N ASN A 980 -65.25 41.54 23.92
CA ASN A 980 -63.86 41.91 24.17
C ASN A 980 -62.93 40.70 24.34
N GLY A 981 -63.26 39.55 23.75
CA GLY A 981 -62.50 38.32 23.96
C GLY A 981 -62.36 37.90 25.43
N ASP A 982 -63.41 38.14 26.24
CA ASP A 982 -63.49 37.82 27.66
C ASP A 982 -62.49 38.58 28.55
N CYS A 983 -61.58 39.38 28.00
CA CYS A 983 -60.65 40.13 28.83
C CYS A 983 -61.32 41.33 29.51
N SER A 984 -60.97 41.58 30.78
CA SER A 984 -61.15 42.89 31.37
C SER A 984 -60.09 43.85 30.82
N HIS A 985 -60.42 45.15 30.72
CA HIS A 985 -59.47 46.22 30.37
C HIS A 985 -58.92 46.19 28.94
N PHE A 986 -58.25 45.11 28.46
CA PHE A 986 -57.78 45.07 27.09
C PHE A 986 -57.77 43.64 26.54
N CYS A 987 -57.98 43.48 25.23
CA CYS A 987 -57.45 42.33 24.54
C CYS A 987 -56.69 42.79 23.29
N PHE A 988 -55.61 42.08 22.98
CA PHE A 988 -54.74 42.40 21.87
C PHE A 988 -54.75 41.26 20.85
N PRO A 989 -55.04 41.51 19.56
CA PRO A 989 -54.93 40.46 18.56
C PRO A 989 -53.47 40.07 18.36
N VAL A 990 -53.21 38.77 18.38
CA VAL A 990 -51.89 38.19 18.25
C VAL A 990 -51.87 37.33 16.98
N PRO A 991 -50.77 37.33 16.19
CA PRO A 991 -50.74 36.62 14.91
C PRO A 991 -51.07 35.15 15.05
N ASN A 992 -51.62 34.61 13.95
CA ASN A 992 -52.14 33.25 13.86
C ASN A 992 -53.45 33.13 14.65
N PHE A 993 -54.33 34.14 14.51
CA PHE A 993 -55.74 34.17 14.91
C PHE A 993 -55.96 33.82 16.40
N GLN A 994 -55.33 34.60 17.29
CA GLN A 994 -55.41 34.39 18.74
C GLN A 994 -55.51 35.75 19.45
N ARG A 995 -55.82 35.74 20.75
CA ARG A 995 -55.93 36.99 21.51
C ARG A 995 -55.18 36.86 22.83
N VAL A 996 -54.49 37.93 23.27
CA VAL A 996 -53.84 37.97 24.56
C VAL A 996 -54.42 39.14 25.37
N CYS A 997 -54.82 38.90 26.62
CA CYS A 997 -55.38 39.97 27.44
C CYS A 997 -54.29 40.92 27.95
N GLY A 998 -54.70 42.14 28.32
CA GLY A 998 -53.81 43.12 28.90
C GLY A 998 -54.45 43.79 30.12
N CYS A 999 -53.61 44.43 30.94
CA CYS A 999 -54.04 45.15 32.13
C CYS A 999 -53.42 46.56 32.12
N PRO A 1000 -54.11 47.61 32.64
CA PRO A 1000 -53.53 48.97 32.70
C PRO A 1000 -52.32 49.06 33.62
N TYR A 1001 -51.71 50.24 33.71
CA TYR A 1001 -50.71 50.49 34.74
C TYR A 1001 -51.25 50.12 36.13
N GLY A 1002 -50.45 49.37 36.91
CA GLY A 1002 -50.76 49.02 38.28
C GLY A 1002 -51.68 47.82 38.42
N MET A 1003 -51.89 47.02 37.35
CA MET A 1003 -52.72 45.82 37.47
C MET A 1003 -52.04 44.61 36.82
N LYS A 1004 -52.33 43.43 37.35
CA LYS A 1004 -51.68 42.17 36.96
C LYS A 1004 -52.76 41.17 36.58
N LEU A 1005 -52.49 40.34 35.57
CA LEU A 1005 -53.45 39.31 35.17
C LEU A 1005 -53.52 38.23 36.25
N GLN A 1006 -54.75 37.78 36.54
CA GLN A 1006 -54.96 36.72 37.52
C GLN A 1006 -54.48 35.38 36.97
N ARG A 1007 -54.69 34.30 37.75
CA ARG A 1007 -54.31 32.96 37.36
C ARG A 1007 -55.00 32.54 36.06
N ASP A 1008 -56.20 33.06 35.80
CA ASP A 1008 -56.97 32.67 34.61
C ASP A 1008 -56.44 33.34 33.34
N GLN A 1009 -55.50 34.30 33.48
CA GLN A 1009 -54.85 34.98 32.37
C GLN A 1009 -55.81 35.86 31.59
N MET A 1010 -57.00 36.19 32.14
CA MET A 1010 -57.98 37.00 31.43
C MET A 1010 -58.52 38.13 32.32
N THR A 1011 -58.96 37.80 33.54
CA THR A 1011 -59.43 38.80 34.47
C THR A 1011 -58.26 39.35 35.27
N CYS A 1012 -58.45 40.55 35.79
CA CYS A 1012 -57.35 41.42 36.15
C CYS A 1012 -57.42 41.77 37.65
N GLU A 1013 -56.28 41.97 38.32
CA GLU A 1013 -56.30 42.26 39.75
C GLU A 1013 -55.31 43.37 40.06
N GLY A 1014 -55.57 44.09 41.16
CA GLY A 1014 -54.68 45.13 41.63
C GLY A 1014 -53.28 44.60 41.92
N ASP A 1015 -52.25 45.34 41.48
CA ASP A 1015 -50.87 44.97 41.72
C ASP A 1015 -50.10 46.19 42.22
N PRO A 1016 -50.40 46.71 43.43
CA PRO A 1016 -49.72 47.91 43.93
C PRO A 1016 -48.28 47.69 44.37
N ALA A 1017 -47.89 46.41 44.60
CA ALA A 1017 -46.57 46.07 45.09
C ALA A 1017 -45.49 46.43 44.07
N ARG A 1018 -45.73 46.11 42.79
CA ARG A 1018 -44.74 46.29 41.74
C ARG A 1018 -44.88 47.68 41.10
N GLU A 1019 -46.12 48.16 40.93
CA GLU A 1019 -46.40 49.42 40.28
C GLU A 1019 -47.30 50.25 41.18
N PRO A 1020 -46.70 51.08 42.08
CA PRO A 1020 -47.50 51.83 43.04
C PRO A 1020 -48.32 52.89 42.32
N PRO A 1021 -49.47 53.30 42.90
CA PRO A 1021 -50.25 54.43 42.37
C PRO A 1021 -49.45 55.73 42.35
N THR A 1022 -49.72 56.55 41.35
CA THR A 1022 -48.92 57.74 41.07
C THR A 1022 -49.83 58.96 40.97
N GLN A 1023 -49.25 60.13 41.26
CA GLN A 1023 -49.96 61.39 41.20
C GLN A 1023 -50.07 61.86 39.75
N GLN A 1024 -51.05 62.74 39.52
CA GLN A 1024 -51.23 63.38 38.23
C GLN A 1024 -50.08 64.36 37.99
N CYS A 1025 -49.54 64.95 39.05
CA CYS A 1025 -48.51 65.97 38.92
C CYS A 1025 -47.52 65.88 40.07
N GLY A 1026 -46.35 66.50 39.87
CA GLY A 1026 -45.34 66.63 40.91
C GLY A 1026 -45.74 67.64 41.99
N SER A 1027 -44.84 67.84 42.96
CA SER A 1027 -45.10 68.75 44.06
C SER A 1027 -44.95 70.21 43.63
N LEU A 1028 -44.31 70.46 42.47
CA LEU A 1028 -44.00 71.81 42.02
C LEU A 1028 -44.95 72.27 40.90
N SER A 1029 -46.01 71.49 40.62
CA SER A 1029 -46.89 71.77 39.49
C SER A 1029 -48.35 71.63 39.91
N PHE A 1030 -49.21 72.44 39.30
CA PHE A 1030 -50.64 72.43 39.63
C PHE A 1030 -51.36 71.47 38.71
N PRO A 1031 -52.04 70.42 39.23
CA PRO A 1031 -52.85 69.54 38.40
C PRO A 1031 -54.16 70.21 38.01
N CYS A 1032 -54.39 70.36 36.71
CA CYS A 1032 -55.62 70.97 36.21
C CYS A 1032 -56.78 70.00 36.42
N ASN A 1033 -58.01 70.50 36.27
CA ASN A 1033 -59.20 69.66 36.23
C ASN A 1033 -59.10 68.71 35.03
N ASN A 1034 -58.63 69.24 33.90
CA ASN A 1034 -58.19 68.43 32.78
C ASN A 1034 -56.89 67.73 33.18
N GLY A 1035 -56.60 66.59 32.55
CA GLY A 1035 -55.47 65.76 32.94
C GLY A 1035 -54.09 66.44 32.81
N LYS A 1036 -54.03 67.69 32.32
CA LYS A 1036 -52.76 68.32 32.03
C LYS A 1036 -52.05 68.71 33.34
N CYS A 1037 -50.88 69.33 33.18
CA CYS A 1037 -50.05 69.74 34.29
C CYS A 1037 -49.34 71.05 33.94
N VAL A 1038 -49.39 72.03 34.83
CA VAL A 1038 -48.82 73.35 34.56
C VAL A 1038 -47.94 73.75 35.73
N PRO A 1039 -46.95 74.64 35.52
CA PRO A 1039 -46.16 75.20 36.62
C PRO A 1039 -47.04 75.84 37.69
N SER A 1040 -46.65 75.68 38.96
CA SER A 1040 -47.46 76.08 40.09
C SER A 1040 -47.67 77.59 40.12
N PHE A 1041 -46.76 78.36 39.50
CA PHE A 1041 -46.90 79.80 39.49
C PHE A 1041 -47.65 80.29 38.26
N PHE A 1042 -48.13 79.37 37.41
CA PHE A 1042 -49.05 79.72 36.34
C PHE A 1042 -50.51 79.72 36.80
N ARG A 1043 -50.79 79.30 38.04
CA ARG A 1043 -52.12 79.45 38.63
C ARG A 1043 -52.46 80.93 38.77
N CYS A 1044 -53.69 81.32 38.37
CA CYS A 1044 -54.21 82.69 38.51
C CYS A 1044 -53.24 83.73 37.93
N ASP A 1045 -52.72 83.53 36.72
CA ASP A 1045 -51.86 84.50 36.07
C ASP A 1045 -52.64 85.32 35.04
N GLY A 1046 -53.95 85.05 34.89
CA GLY A 1046 -54.80 85.74 33.92
C GLY A 1046 -54.82 85.08 32.54
N VAL A 1047 -54.00 84.04 32.33
CA VAL A 1047 -53.91 83.37 31.04
C VAL A 1047 -54.29 81.91 31.23
N ASP A 1048 -55.15 81.40 30.33
CA ASP A 1048 -55.58 80.01 30.36
C ASP A 1048 -54.45 79.13 29.83
N ASP A 1049 -53.72 78.49 30.74
CA ASP A 1049 -52.63 77.61 30.38
C ASP A 1049 -53.07 76.13 30.37
N CYS A 1050 -54.07 75.78 31.18
CA CYS A 1050 -54.50 74.39 31.30
C CYS A 1050 -55.42 73.98 30.14
N HIS A 1051 -55.82 74.95 29.30
CA HIS A 1051 -56.75 74.72 28.19
C HIS A 1051 -58.12 74.24 28.68
N ASP A 1052 -58.42 74.48 29.98
CA ASP A 1052 -59.73 74.21 30.55
C ASP A 1052 -60.19 75.36 31.44
N ASN A 1053 -59.40 76.44 31.51
CA ASN A 1053 -59.62 77.56 32.43
C ASN A 1053 -59.61 77.07 33.88
N SER A 1054 -59.00 75.92 34.12
CA SER A 1054 -58.93 75.32 35.45
C SER A 1054 -57.89 76.02 36.31
N ASP A 1055 -56.88 76.65 35.70
CA ASP A 1055 -55.86 77.37 36.45
C ASP A 1055 -56.31 78.81 36.75
N GLU A 1056 -57.34 79.30 36.05
CA GLU A 1056 -57.85 80.66 36.23
C GLU A 1056 -59.27 80.62 36.83
N HIS A 1057 -59.52 79.66 37.73
CA HIS A 1057 -60.82 79.48 38.36
C HIS A 1057 -60.82 80.03 39.80
N GLN A 1058 -61.91 80.72 40.19
CA GLN A 1058 -62.16 81.32 41.50
C GLN A 1058 -60.96 82.13 42.04
N CYS A 1059 -60.23 82.83 41.16
CA CYS A 1059 -58.98 83.49 41.50
C CYS A 1059 -59.19 84.81 42.28
N GLY A 1060 -58.11 85.29 42.92
CA GLY A 1060 -58.07 86.58 43.59
C GLY A 1060 -58.61 86.56 45.03
N VAL A 1061 -59.22 85.44 45.43
CA VAL A 1061 -59.66 85.20 46.81
C VAL A 1061 -58.44 84.86 47.69
N PHE A 1062 -58.54 85.06 49.01
CA PHE A 1062 -57.64 84.41 49.98
C PHE A 1062 -57.56 82.90 49.67
N ASN A 1063 -56.43 82.27 49.99
CA ASN A 1063 -56.09 80.89 49.62
C ASN A 1063 -56.08 80.62 48.09
N ASN A 1064 -56.13 81.65 47.23
CA ASN A 1064 -56.11 81.47 45.77
C ASN A 1064 -55.70 82.79 45.10
N THR A 1065 -54.53 83.34 45.49
CA THR A 1065 -54.16 84.70 45.11
C THR A 1065 -53.74 84.78 43.64
N CYS A 1066 -53.67 85.99 43.09
CA CYS A 1066 -53.11 86.18 41.75
C CYS A 1066 -51.60 85.95 41.78
N SER A 1067 -51.02 85.43 40.67
CA SER A 1067 -49.57 85.34 40.54
C SER A 1067 -48.92 86.72 40.70
N PRO A 1068 -47.62 86.80 41.04
CA PRO A 1068 -46.91 88.08 41.02
C PRO A 1068 -46.87 88.76 39.65
N SER A 1069 -46.92 87.97 38.56
CA SER A 1069 -46.83 88.49 37.21
C SER A 1069 -48.12 89.19 36.80
N ALA A 1070 -49.27 88.70 37.29
CA ALA A 1070 -50.57 89.22 36.88
C ALA A 1070 -50.91 90.48 37.68
N PHE A 1071 -51.91 91.21 37.17
CA PHE A 1071 -52.46 92.38 37.86
C PHE A 1071 -53.82 91.99 38.46
N ALA A 1072 -54.03 92.36 39.73
CA ALA A 1072 -55.22 91.99 40.47
C ALA A 1072 -56.20 93.14 40.49
N CYS A 1073 -57.43 92.88 40.04
CA CYS A 1073 -58.53 93.82 40.22
C CYS A 1073 -58.86 93.89 41.72
N VAL A 1074 -59.07 95.11 42.22
CA VAL A 1074 -59.14 95.34 43.65
C VAL A 1074 -60.41 94.74 44.25
N ARG A 1075 -61.44 94.52 43.43
CA ARG A 1075 -62.73 94.04 43.93
C ARG A 1075 -63.23 92.88 43.08
N GLY A 1076 -63.90 91.92 43.72
CA GLY A 1076 -64.66 90.89 43.04
C GLY A 1076 -63.84 89.64 42.68
N GLY A 1077 -62.55 89.62 43.06
CA GLY A 1077 -61.69 88.47 42.84
C GLY A 1077 -61.54 88.15 41.34
N GLN A 1078 -60.79 89.00 40.63
CA GLN A 1078 -60.46 88.72 39.25
C GLN A 1078 -59.00 89.09 39.02
N CYS A 1079 -58.21 88.15 38.48
CA CYS A 1079 -56.81 88.38 38.13
C CYS A 1079 -56.70 88.47 36.60
N ILE A 1080 -55.96 89.47 36.10
CA ILE A 1080 -55.80 89.67 34.66
C ILE A 1080 -54.32 89.70 34.34
N PRO A 1081 -53.94 89.40 33.08
CA PRO A 1081 -52.55 89.45 32.66
C PRO A 1081 -51.94 90.84 32.86
N GLY A 1082 -50.63 90.86 33.14
CA GLY A 1082 -49.90 92.09 33.38
C GLY A 1082 -49.92 93.05 32.17
N GLN A 1083 -49.89 92.46 30.97
CA GLN A 1083 -49.82 93.23 29.74
C GLN A 1083 -51.13 94.00 29.49
N TRP A 1084 -52.20 93.65 30.22
CA TRP A 1084 -53.49 94.32 30.06
C TRP A 1084 -53.64 95.49 31.03
N HIS A 1085 -52.61 95.75 31.85
CA HIS A 1085 -52.68 96.83 32.84
C HIS A 1085 -52.37 98.16 32.17
N CYS A 1086 -53.40 99.03 32.11
CA CYS A 1086 -53.31 100.34 31.49
C CYS A 1086 -52.78 100.26 30.06
N ASP A 1087 -53.55 99.57 29.21
CA ASP A 1087 -53.33 99.53 27.77
C ASP A 1087 -54.56 100.08 27.03
N ARG A 1088 -55.31 100.98 27.69
CA ARG A 1088 -56.43 101.72 27.13
C ARG A 1088 -57.63 100.84 26.82
N GLN A 1089 -57.72 99.66 27.46
CA GLN A 1089 -58.91 98.82 27.39
C GLN A 1089 -59.34 98.47 28.82
N ASN A 1090 -60.63 98.66 29.13
CA ASN A 1090 -61.15 98.33 30.44
C ASN A 1090 -61.31 96.81 30.54
N ASP A 1091 -60.30 96.15 31.12
CA ASP A 1091 -60.29 94.71 31.25
C ASP A 1091 -60.96 94.26 32.56
N CYS A 1092 -60.49 94.83 33.68
CA CYS A 1092 -61.05 94.50 35.00
C CYS A 1092 -62.55 94.82 35.00
N LEU A 1093 -63.32 93.98 35.69
CA LEU A 1093 -64.76 94.17 35.82
C LEU A 1093 -65.07 95.51 36.49
N ASP A 1094 -64.18 96.00 37.37
CA ASP A 1094 -64.39 97.27 38.05
C ASP A 1094 -63.52 98.39 37.49
N GLY A 1095 -62.76 98.10 36.42
CA GLY A 1095 -61.97 99.10 35.72
C GLY A 1095 -60.73 99.55 36.49
N SER A 1096 -60.24 98.66 37.36
CA SER A 1096 -59.05 98.93 38.17
C SER A 1096 -57.80 99.03 37.30
N ASP A 1097 -57.86 98.45 36.08
CA ASP A 1097 -56.68 98.31 35.25
C ASP A 1097 -56.44 99.57 34.40
N GLU A 1098 -57.36 100.54 34.43
CA GLU A 1098 -57.26 101.75 33.62
C GLU A 1098 -57.43 102.97 34.51
N GLN A 1099 -56.73 102.99 35.65
CA GLN A 1099 -56.92 104.04 36.63
C GLN A 1099 -55.57 104.38 37.26
N ASN A 1100 -55.16 105.66 37.13
CA ASN A 1100 -54.03 106.23 37.84
C ASN A 1100 -52.74 105.48 37.47
N CYS A 1101 -52.35 105.59 36.19
CA CYS A 1101 -51.09 105.05 35.71
C CYS A 1101 -50.29 106.16 35.04
N PRO A 1102 -48.94 106.07 35.04
CA PRO A 1102 -48.08 107.15 34.54
C PRO A 1102 -48.43 107.68 33.15
N THR A 1103 -48.60 108.99 33.04
CA THR A 1103 -48.73 109.67 31.77
C THR A 1103 -47.38 110.26 31.33
N HIS A 1104 -46.35 110.09 32.17
CA HIS A 1104 -45.06 110.74 31.94
C HIS A 1104 -44.28 110.01 30.84
N ALA A 1105 -44.42 110.53 29.61
CA ALA A 1105 -43.50 110.18 28.53
C ALA A 1105 -42.11 110.72 28.83
N THR A 1106 -42.05 111.77 29.68
CA THR A 1106 -40.80 112.35 30.18
C THR A 1106 -40.04 112.99 29.01
N SER A 1107 -38.83 113.48 29.26
CA SER A 1107 -37.95 113.97 28.20
C SER A 1107 -37.32 112.80 27.42
N SER A 1108 -37.78 111.56 27.67
CA SER A 1108 -37.26 110.40 26.96
C SER A 1108 -37.49 110.58 25.47
N THR A 1109 -36.44 110.32 24.67
CA THR A 1109 -36.50 110.50 23.23
C THR A 1109 -35.85 109.31 22.56
N CYS A 1110 -36.42 108.91 21.42
CA CYS A 1110 -35.81 107.89 20.58
C CYS A 1110 -34.64 108.51 19.82
N PRO A 1111 -33.66 107.71 19.35
CA PRO A 1111 -32.49 108.23 18.64
C PRO A 1111 -32.84 109.21 17.51
N SER A 1112 -31.91 110.13 17.25
CA SER A 1112 -32.04 111.16 16.23
C SER A 1112 -32.32 110.57 14.85
N THR A 1113 -31.93 109.31 14.61
CA THR A 1113 -32.16 108.63 13.34
C THR A 1113 -33.65 108.35 13.15
N SER A 1114 -34.40 108.21 14.24
CA SER A 1114 -35.79 107.74 14.19
C SER A 1114 -36.76 108.91 14.32
N PHE A 1115 -37.80 108.91 13.48
CA PHE A 1115 -38.91 109.83 13.60
C PHE A 1115 -39.77 109.43 14.80
N THR A 1116 -40.34 110.43 15.48
CA THR A 1116 -41.14 110.21 16.66
C THR A 1116 -42.60 110.58 16.38
N CYS A 1117 -43.50 109.64 16.68
CA CYS A 1117 -44.93 109.87 16.51
C CYS A 1117 -45.48 110.60 17.74
N ASP A 1118 -46.75 111.01 17.65
CA ASP A 1118 -47.44 111.63 18.77
C ASP A 1118 -47.69 110.59 19.86
N ASN A 1119 -47.68 109.29 19.51
CA ASN A 1119 -47.89 108.22 20.46
C ASN A 1119 -46.57 107.80 21.14
N HIS A 1120 -45.48 108.53 20.84
CA HIS A 1120 -44.16 108.30 21.43
C HIS A 1120 -43.53 107.01 20.91
N VAL A 1121 -44.23 106.28 20.04
CA VAL A 1121 -43.60 105.23 19.25
C VAL A 1121 -42.63 105.90 18.28
N CYS A 1122 -41.50 105.24 17.99
CA CYS A 1122 -40.54 105.80 17.07
C CYS A 1122 -40.26 104.80 15.94
N ILE A 1123 -40.12 105.36 14.73
CA ILE A 1123 -39.81 104.62 13.52
C ILE A 1123 -38.77 105.42 12.75
N PRO A 1124 -38.00 104.80 11.83
CA PRO A 1124 -37.06 105.54 10.99
C PRO A 1124 -37.76 106.64 10.20
N LYS A 1125 -37.06 107.75 9.97
CA LYS A 1125 -37.58 108.84 9.16
C LYS A 1125 -37.89 108.37 7.74
N ASP A 1126 -37.22 107.30 7.30
CA ASP A 1126 -37.44 106.70 5.99
C ASP A 1126 -38.87 106.21 5.81
N TRP A 1127 -39.57 105.90 6.92
CA TRP A 1127 -40.90 105.32 6.87
C TRP A 1127 -42.01 106.37 6.78
N VAL A 1128 -41.69 107.65 6.89
CA VAL A 1128 -42.71 108.67 6.92
C VAL A 1128 -43.29 108.86 5.51
N CYS A 1129 -44.62 109.00 5.44
CA CYS A 1129 -45.35 109.32 4.22
C CYS A 1129 -45.22 108.22 3.16
N ASP A 1130 -45.29 106.95 3.58
CA ASP A 1130 -45.31 105.83 2.65
C ASP A 1130 -46.71 105.25 2.51
N THR A 1131 -47.74 105.93 3.05
CA THR A 1131 -49.13 105.50 3.04
C THR A 1131 -49.35 104.26 3.91
N ASP A 1132 -48.36 103.88 4.71
CA ASP A 1132 -48.49 102.78 5.65
C ASP A 1132 -48.57 103.35 7.06
N ASN A 1133 -49.57 102.90 7.82
CA ASN A 1133 -49.83 103.41 9.15
C ASN A 1133 -48.91 102.74 10.16
N ASP A 1134 -47.65 103.15 10.17
CA ASP A 1134 -46.63 102.51 10.99
C ASP A 1134 -46.78 102.89 12.45
N CYS A 1135 -47.11 104.17 12.72
CA CYS A 1135 -47.18 104.68 14.09
C CYS A 1135 -48.37 104.12 14.86
N SER A 1136 -49.32 103.50 14.16
CA SER A 1136 -50.55 102.96 14.73
C SER A 1136 -51.45 104.09 15.24
N ASP A 1137 -51.06 105.35 15.02
CA ASP A 1137 -51.93 106.48 15.33
C ASP A 1137 -51.97 107.48 14.17
N GLY A 1138 -51.31 107.18 13.04
CA GLY A 1138 -51.35 108.03 11.85
C GLY A 1138 -50.47 109.28 11.95
N SER A 1139 -49.58 109.36 12.95
CA SER A 1139 -48.72 110.52 13.13
C SER A 1139 -47.67 110.60 12.03
N ASP A 1140 -47.22 109.45 11.51
CA ASP A 1140 -46.23 109.44 10.45
C ASP A 1140 -46.86 109.67 9.08
N GLU A 1141 -48.20 109.78 9.02
CA GLU A 1141 -48.90 110.02 7.77
C GLU A 1141 -49.70 111.32 7.81
N LYS A 1142 -49.55 112.11 8.88
CA LYS A 1142 -50.23 113.40 8.97
C LYS A 1142 -49.53 114.40 8.06
N ASN A 1143 -50.29 115.43 7.65
CA ASN A 1143 -49.83 116.53 6.81
C ASN A 1143 -49.07 116.03 5.58
N CYS A 1144 -49.39 114.83 5.10
CA CYS A 1144 -48.78 114.33 3.87
C CYS A 1144 -49.48 114.99 2.68
N GLN A 1145 -48.69 115.52 1.74
CA GLN A 1145 -49.22 116.34 0.65
C GLN A 1145 -48.64 115.84 -0.68
N ALA A 1146 -49.33 116.19 -1.77
CA ALA A 1146 -48.99 115.72 -3.11
C ALA A 1146 -47.91 116.58 -3.76
N SER A 1147 -47.10 117.30 -2.94
CA SER A 1147 -46.09 118.22 -3.45
C SER A 1147 -44.95 117.49 -4.15
N GLY A 1148 -44.84 116.16 -3.95
CA GLY A 1148 -43.82 115.35 -4.61
C GLY A 1148 -42.41 115.75 -4.19
N THR A 1149 -42.21 115.87 -2.88
CA THR A 1149 -40.97 116.40 -2.30
C THR A 1149 -40.48 115.45 -1.21
N CYS A 1150 -40.37 114.16 -1.58
CA CYS A 1150 -39.96 113.13 -0.64
C CYS A 1150 -38.56 113.39 -0.11
N GLN A 1151 -38.20 112.68 0.97
CA GLN A 1151 -36.88 112.78 1.56
C GLN A 1151 -35.85 112.21 0.60
N PRO A 1152 -34.56 112.63 0.70
CA PRO A 1152 -33.50 112.09 -0.16
C PRO A 1152 -33.40 110.56 -0.17
N THR A 1153 -33.58 109.94 1.00
CA THR A 1153 -33.47 108.49 1.11
C THR A 1153 -34.62 107.81 0.39
N GLN A 1154 -35.84 108.37 0.54
CA GLN A 1154 -37.04 107.74 0.01
C GLN A 1154 -37.11 107.92 -1.50
N PHE A 1155 -37.39 106.83 -2.22
CA PHE A 1155 -37.69 106.90 -3.63
C PHE A 1155 -39.12 107.39 -3.84
N ARG A 1156 -39.36 108.04 -4.97
CA ARG A 1156 -40.65 108.63 -5.27
C ARG A 1156 -41.27 107.95 -6.49
N CYS A 1157 -42.39 107.26 -6.28
CA CYS A 1157 -43.21 106.81 -7.39
C CYS A 1157 -43.82 108.03 -8.06
N PRO A 1158 -44.00 108.04 -9.40
CA PRO A 1158 -44.27 109.28 -10.12
C PRO A 1158 -45.47 110.08 -9.61
N ASP A 1159 -46.58 109.40 -9.29
CA ASP A 1159 -47.77 110.08 -8.81
C ASP A 1159 -48.49 109.24 -7.77
N HIS A 1160 -47.74 108.37 -7.07
CA HIS A 1160 -48.36 107.41 -6.17
C HIS A 1160 -48.00 107.71 -4.72
N ARG A 1161 -46.70 107.61 -4.40
CA ARG A 1161 -46.23 107.84 -3.05
C ARG A 1161 -44.70 107.76 -3.00
N CYS A 1162 -44.16 108.18 -1.87
CA CYS A 1162 -42.76 107.95 -1.56
C CYS A 1162 -42.59 106.53 -1.08
N ILE A 1163 -41.34 106.04 -1.10
CA ILE A 1163 -41.07 104.65 -0.74
C ILE A 1163 -39.62 104.50 -0.28
N SER A 1164 -39.40 103.53 0.61
CA SER A 1164 -38.10 103.27 1.22
C SER A 1164 -37.15 102.61 0.21
N PRO A 1165 -35.82 102.83 0.34
CA PRO A 1165 -34.85 102.14 -0.52
C PRO A 1165 -34.91 100.60 -0.48
N LEU A 1166 -35.23 100.03 0.68
CA LEU A 1166 -35.23 98.58 0.86
C LEU A 1166 -36.30 97.91 0.00
N TYR A 1167 -37.16 98.71 -0.65
CA TYR A 1167 -38.17 98.17 -1.56
C TYR A 1167 -37.85 98.50 -3.01
N VAL A 1168 -36.82 99.32 -3.27
CA VAL A 1168 -36.38 99.57 -4.64
C VAL A 1168 -35.56 98.38 -5.12
N CYS A 1169 -35.94 97.86 -6.30
CA CYS A 1169 -35.31 96.72 -6.94
C CYS A 1169 -35.23 95.53 -5.98
N ASP A 1170 -36.39 94.99 -5.59
CA ASP A 1170 -36.46 93.87 -4.66
C ASP A 1170 -37.26 92.70 -5.22
N GLY A 1171 -37.53 92.68 -6.53
CA GLY A 1171 -38.31 91.62 -7.17
C GLY A 1171 -39.83 91.81 -7.07
N ASP A 1172 -40.27 92.91 -6.44
CA ASP A 1172 -41.69 93.19 -6.24
C ASP A 1172 -41.99 94.61 -6.71
N LYS A 1173 -43.10 94.75 -7.45
CA LYS A 1173 -43.54 96.04 -7.94
C LYS A 1173 -44.31 96.76 -6.83
N ASP A 1174 -43.65 97.70 -6.16
CA ASP A 1174 -44.27 98.38 -5.03
C ASP A 1174 -44.99 99.65 -5.47
N CYS A 1175 -44.51 100.32 -6.53
CA CYS A 1175 -45.23 101.47 -7.07
C CYS A 1175 -46.35 100.98 -7.98
N ALA A 1176 -47.25 101.90 -8.36
CA ALA A 1176 -48.39 101.56 -9.20
C ALA A 1176 -47.92 101.10 -10.58
N ASP A 1177 -46.96 101.81 -11.15
CA ASP A 1177 -46.50 101.56 -12.51
C ASP A 1177 -45.23 100.69 -12.54
N GLY A 1178 -44.75 100.26 -11.36
CA GLY A 1178 -43.53 99.48 -11.26
C GLY A 1178 -42.26 100.27 -11.56
N SER A 1179 -42.32 101.60 -11.35
CA SER A 1179 -41.17 102.47 -11.60
C SER A 1179 -40.00 102.14 -10.67
N ASP A 1180 -40.27 101.51 -9.51
CA ASP A 1180 -39.22 101.23 -8.55
C ASP A 1180 -38.47 99.94 -8.88
N GLU A 1181 -38.99 99.14 -9.82
CA GLU A 1181 -38.42 97.83 -10.09
C GLU A 1181 -37.85 97.77 -11.50
N ALA A 1182 -38.47 98.49 -12.45
CA ALA A 1182 -38.06 98.49 -13.84
C ALA A 1182 -36.70 99.17 -14.02
N GLY A 1183 -35.85 98.60 -14.88
CA GLY A 1183 -34.58 99.18 -15.28
C GLY A 1183 -33.39 98.75 -14.40
N CYS A 1184 -33.66 98.11 -13.25
CA CYS A 1184 -32.61 97.66 -12.35
C CYS A 1184 -32.08 96.27 -12.74
N VAL A 1185 -31.01 95.82 -12.06
CA VAL A 1185 -30.39 94.52 -12.29
C VAL A 1185 -30.12 93.81 -10.96
N LEU A 1186 -30.20 92.46 -10.96
CA LEU A 1186 -29.95 91.65 -9.78
C LEU A 1186 -28.46 91.62 -9.39
N ASN A 1187 -28.23 91.35 -8.10
CA ASN A 1187 -26.89 91.31 -7.51
C ASN A 1187 -26.85 90.18 -6.47
N CYS A 1188 -25.66 89.61 -6.22
CA CYS A 1188 -25.53 88.46 -5.32
C CYS A 1188 -24.23 88.53 -4.50
N THR A 1189 -24.34 88.20 -3.20
CA THR A 1189 -23.19 87.91 -2.34
C THR A 1189 -22.57 86.54 -2.69
N SER A 1190 -21.42 86.23 -2.07
CA SER A 1190 -20.77 84.93 -2.19
C SER A 1190 -21.61 83.77 -1.66
N ALA A 1191 -22.68 84.05 -0.91
CA ALA A 1191 -23.60 83.06 -0.35
C ALA A 1191 -24.84 82.82 -1.21
N GLN A 1192 -24.87 83.32 -2.47
CA GLN A 1192 -26.02 83.19 -3.35
C GLN A 1192 -25.63 82.70 -4.76
N PHE A 1193 -26.63 82.25 -5.53
CA PHE A 1193 -26.46 81.68 -6.86
C PHE A 1193 -27.41 82.33 -7.86
N LYS A 1194 -26.94 82.55 -9.10
CA LYS A 1194 -27.68 83.23 -10.14
C LYS A 1194 -28.41 82.22 -11.03
N CYS A 1195 -29.75 82.32 -11.16
CA CYS A 1195 -30.44 81.60 -12.22
C CYS A 1195 -29.87 82.02 -13.58
N ALA A 1196 -29.82 81.10 -14.55
CA ALA A 1196 -29.18 81.36 -15.85
C ALA A 1196 -29.80 82.58 -16.54
N ASP A 1197 -31.14 82.71 -16.49
CA ASP A 1197 -31.87 83.79 -17.16
C ASP A 1197 -31.87 85.10 -16.35
N GLY A 1198 -31.25 85.13 -15.16
CA GLY A 1198 -31.23 86.32 -14.30
C GLY A 1198 -32.57 86.60 -13.59
N SER A 1199 -33.52 85.65 -13.58
CA SER A 1199 -34.83 85.89 -12.97
C SER A 1199 -34.79 85.81 -11.44
N SER A 1200 -33.74 85.18 -10.84
CA SER A 1200 -33.60 85.21 -9.39
C SER A 1200 -32.15 84.99 -8.93
N CYS A 1201 -31.90 85.44 -7.69
CA CYS A 1201 -30.68 85.22 -6.92
C CYS A 1201 -31.04 84.31 -5.74
N ILE A 1202 -31.02 82.98 -5.92
CA ILE A 1202 -31.38 82.02 -4.87
C ILE A 1202 -30.23 81.87 -3.87
N ASN A 1203 -30.54 81.40 -2.66
CA ASN A 1203 -29.52 81.13 -1.66
C ASN A 1203 -28.68 79.93 -2.08
N SER A 1204 -27.34 79.98 -1.85
CA SER A 1204 -26.41 78.95 -2.28
C SER A 1204 -26.73 77.58 -1.69
N ARG A 1205 -27.46 77.54 -0.58
CA ARG A 1205 -27.84 76.28 0.05
C ARG A 1205 -28.70 75.44 -0.90
N TYR A 1206 -29.52 76.09 -1.72
CA TYR A 1206 -30.43 75.41 -2.62
C TYR A 1206 -29.75 74.99 -3.94
N ARG A 1207 -28.45 75.26 -4.10
CA ARG A 1207 -27.73 74.78 -5.26
C ARG A 1207 -27.39 73.31 -5.09
N CYS A 1208 -27.76 72.48 -6.07
CA CYS A 1208 -27.50 71.05 -6.08
C CYS A 1208 -28.13 70.38 -4.87
N ASP A 1209 -29.47 70.42 -4.83
CA ASP A 1209 -30.23 69.87 -3.72
C ASP A 1209 -31.22 68.79 -4.16
N GLY A 1210 -31.43 68.60 -5.47
CA GLY A 1210 -32.43 67.68 -6.00
C GLY A 1210 -33.79 68.34 -6.27
N VAL A 1211 -33.94 69.64 -5.96
CA VAL A 1211 -35.17 70.39 -6.15
C VAL A 1211 -34.93 71.54 -7.13
N TYR A 1212 -35.77 71.67 -8.17
CA TYR A 1212 -35.69 72.80 -9.08
C TYR A 1212 -36.29 74.03 -8.43
N ASP A 1213 -35.43 75.00 -8.11
CA ASP A 1213 -35.82 76.26 -7.50
C ASP A 1213 -36.00 77.33 -8.57
N CYS A 1214 -34.93 77.60 -9.33
CA CYS A 1214 -34.98 78.56 -10.42
C CYS A 1214 -35.99 78.07 -11.46
N ARG A 1215 -36.67 79.02 -12.12
CA ARG A 1215 -37.65 78.72 -13.15
C ARG A 1215 -37.01 77.96 -14.31
N ASP A 1216 -35.76 78.31 -14.64
CA ASP A 1216 -35.06 77.73 -15.78
C ASP A 1216 -34.20 76.53 -15.35
N ASN A 1217 -34.39 76.05 -14.11
CA ASN A 1217 -33.74 74.85 -13.60
C ASN A 1217 -32.20 74.97 -13.61
N SER A 1218 -31.70 76.21 -13.49
CA SER A 1218 -30.27 76.48 -13.59
C SER A 1218 -29.49 75.96 -12.37
N ASP A 1219 -30.19 75.64 -11.28
CA ASP A 1219 -29.52 75.27 -10.04
C ASP A 1219 -29.08 73.81 -10.11
N GLU A 1220 -29.98 72.90 -10.49
CA GLU A 1220 -29.69 71.48 -10.47
C GLU A 1220 -28.96 70.98 -11.71
N ALA A 1221 -28.74 71.86 -12.70
CA ALA A 1221 -27.97 71.52 -13.88
C ALA A 1221 -26.48 71.59 -13.57
N GLY A 1222 -25.75 70.53 -13.96
CA GLY A 1222 -24.31 70.45 -13.79
C GLY A 1222 -23.89 69.99 -12.40
N CYS A 1223 -24.83 69.41 -11.63
CA CYS A 1223 -24.51 68.88 -10.32
C CYS A 1223 -23.67 67.61 -10.44
N PRO A 1224 -22.80 67.30 -9.46
CA PRO A 1224 -21.92 66.15 -9.54
C PRO A 1224 -22.69 64.84 -9.66
N THR A 1225 -22.30 64.05 -10.66
CA THR A 1225 -22.91 62.77 -10.96
C THR A 1225 -21.99 61.65 -10.48
N ARG A 1226 -22.60 60.65 -9.82
CA ARG A 1226 -21.90 59.48 -9.33
C ARG A 1226 -21.43 58.63 -10.51
N PRO A 1227 -20.11 58.34 -10.70
CA PRO A 1227 -19.62 57.66 -11.92
C PRO A 1227 -20.27 56.31 -12.12
N PRO A 1228 -20.45 55.83 -13.38
CA PRO A 1228 -21.37 54.71 -13.64
C PRO A 1228 -21.14 53.44 -12.80
N GLY A 1229 -22.14 53.13 -11.95
CA GLY A 1229 -22.12 51.94 -11.13
C GLY A 1229 -21.12 51.98 -9.96
N MET A 1230 -20.39 53.08 -9.79
CA MET A 1230 -19.53 53.31 -8.63
C MET A 1230 -20.22 54.24 -7.62
N CYS A 1231 -19.46 54.78 -6.66
CA CYS A 1231 -19.96 55.68 -5.63
C CYS A 1231 -18.97 56.86 -5.46
N HIS A 1232 -19.43 57.99 -4.86
CA HIS A 1232 -18.58 59.16 -4.65
C HIS A 1232 -17.40 58.84 -3.72
N LEU A 1233 -16.45 59.76 -3.62
CA LEU A 1233 -15.29 59.60 -2.73
C LEU A 1233 -15.71 59.51 -1.26
N ASP A 1234 -16.86 60.12 -0.90
CA ASP A 1234 -17.37 60.14 0.46
C ASP A 1234 -18.13 58.85 0.83
N GLU A 1235 -18.18 57.84 -0.06
CA GLU A 1235 -19.06 56.69 0.10
C GLU A 1235 -18.31 55.35 -0.04
N PHE A 1236 -18.60 54.44 0.88
CA PHE A 1236 -18.30 53.02 0.73
C PHE A 1236 -19.34 52.38 -0.19
N GLN A 1237 -18.95 51.34 -0.96
CA GLN A 1237 -19.90 50.64 -1.82
C GLN A 1237 -20.14 49.22 -1.30
N CYS A 1238 -21.42 48.85 -1.09
CA CYS A 1238 -21.78 47.50 -0.68
C CYS A 1238 -21.47 46.50 -1.80
N GLN A 1239 -20.50 45.60 -1.59
CA GLN A 1239 -20.14 44.63 -2.60
C GLN A 1239 -21.31 43.68 -2.94
N GLY A 1240 -22.27 43.52 -2.02
CA GLY A 1240 -23.43 42.66 -2.21
C GLY A 1240 -24.49 43.17 -3.21
N ASP A 1241 -24.61 44.50 -3.42
CA ASP A 1241 -25.69 45.04 -4.26
C ASP A 1241 -25.35 46.37 -4.96
N GLY A 1242 -24.14 46.89 -4.77
CA GLY A 1242 -23.67 48.08 -5.46
C GLY A 1242 -24.18 49.41 -4.88
N THR A 1243 -25.03 49.39 -3.83
CA THR A 1243 -25.51 50.63 -3.23
C THR A 1243 -24.43 51.31 -2.37
N CYS A 1244 -24.59 52.61 -2.14
CA CYS A 1244 -23.58 53.43 -1.50
C CYS A 1244 -24.00 53.81 -0.08
N ILE A 1245 -23.05 53.81 0.89
CA ILE A 1245 -23.27 54.32 2.24
C ILE A 1245 -22.10 55.22 2.63
N PRO A 1246 -22.24 56.21 3.52
CA PRO A 1246 -21.14 57.14 3.80
C PRO A 1246 -19.91 56.43 4.40
N ASN A 1247 -18.72 57.02 4.19
CA ASN A 1247 -17.49 56.49 4.78
C ASN A 1247 -17.60 56.33 6.29
N THR A 1248 -18.30 57.24 6.97
CA THR A 1248 -18.46 57.24 8.41
C THR A 1248 -19.13 55.94 8.89
N TRP A 1249 -19.83 55.23 8.01
CA TRP A 1249 -20.47 53.98 8.37
C TRP A 1249 -19.58 52.78 8.07
N GLU A 1250 -18.43 52.94 7.39
CA GLU A 1250 -17.52 51.82 7.24
C GLU A 1250 -16.81 51.53 8.56
N CYS A 1251 -16.80 50.26 8.97
CA CYS A 1251 -16.11 49.77 10.15
C CYS A 1251 -16.62 50.44 11.43
N ASP A 1252 -17.95 50.59 11.58
CA ASP A 1252 -18.48 51.29 12.75
C ASP A 1252 -19.17 50.34 13.73
N GLY A 1253 -19.06 49.02 13.52
CA GLY A 1253 -19.64 48.03 14.43
C GLY A 1253 -21.04 47.58 14.03
N HIS A 1254 -21.69 48.30 13.10
CA HIS A 1254 -23.03 47.95 12.65
C HIS A 1254 -22.99 47.61 11.16
N PRO A 1255 -23.35 46.38 10.75
CA PRO A 1255 -23.41 46.04 9.34
C PRO A 1255 -24.59 46.74 8.64
N ASP A 1256 -24.26 47.82 7.95
CA ASP A 1256 -25.26 48.56 7.21
C ASP A 1256 -25.57 47.88 5.86
N CYS A 1257 -24.58 47.28 5.19
CA CYS A 1257 -24.79 46.66 3.89
C CYS A 1257 -25.49 45.30 4.00
N ILE A 1258 -26.18 44.86 2.93
CA ILE A 1258 -27.16 43.78 3.05
C ILE A 1258 -26.51 42.43 3.38
N HIS A 1259 -25.22 42.23 3.04
CA HIS A 1259 -24.48 41.03 3.44
C HIS A 1259 -23.34 41.33 4.42
N GLY A 1260 -23.31 42.52 5.03
CA GLY A 1260 -22.31 42.85 6.04
C GLY A 1260 -20.92 43.05 5.44
N SER A 1261 -20.87 43.61 4.22
CA SER A 1261 -19.63 43.92 3.52
C SER A 1261 -18.88 45.06 4.19
N ASP A 1262 -19.60 45.98 4.86
CA ASP A 1262 -19.02 47.18 5.43
C ASP A 1262 -18.29 46.92 6.75
N GLU A 1263 -18.47 45.73 7.36
CA GLU A 1263 -17.80 45.39 8.61
C GLU A 1263 -16.83 44.22 8.39
N HIS A 1264 -16.07 44.29 7.29
CA HIS A 1264 -15.09 43.29 6.90
C HIS A 1264 -14.03 43.08 7.98
N THR A 1265 -13.31 41.96 7.89
CA THR A 1265 -12.32 41.58 8.90
C THR A 1265 -11.11 42.52 8.91
N GLY A 1266 -10.97 43.36 7.88
CA GLY A 1266 -9.92 44.38 7.83
C GLY A 1266 -10.17 45.57 8.76
N CYS A 1267 -11.37 45.67 9.33
CA CYS A 1267 -11.73 46.76 10.22
C CYS A 1267 -10.93 46.66 11.54
N VAL A 1268 -10.35 47.79 11.96
CA VAL A 1268 -9.57 47.86 13.20
C VAL A 1268 -10.48 47.62 14.40
N PRO A 1269 -10.13 46.70 15.33
CA PRO A 1269 -10.94 46.45 16.52
C PRO A 1269 -10.89 47.64 17.49
N LYS A 1270 -12.05 47.97 18.08
CA LYS A 1270 -12.19 49.11 18.98
C LYS A 1270 -11.94 48.71 20.44
N THR A 1271 -10.76 49.07 20.96
CA THR A 1271 -10.41 48.97 22.37
C THR A 1271 -11.17 50.02 23.19
N CYS A 1272 -11.08 49.93 24.54
CA CYS A 1272 -11.68 50.90 25.44
C CYS A 1272 -10.83 51.05 26.72
N SER A 1273 -10.83 52.26 27.32
CA SER A 1273 -9.99 52.57 28.49
C SER A 1273 -10.55 51.92 29.76
N PRO A 1274 -9.70 51.47 30.73
CA PRO A 1274 -10.17 50.86 31.98
C PRO A 1274 -11.08 51.72 32.87
N THR A 1275 -11.06 53.05 32.67
CA THR A 1275 -11.99 54.00 33.27
C THR A 1275 -13.45 53.75 32.87
N HIS A 1276 -13.69 53.13 31.70
CA HIS A 1276 -14.99 53.09 31.05
C HIS A 1276 -15.45 51.65 30.76
N PHE A 1277 -16.77 51.46 30.83
CA PHE A 1277 -17.47 50.29 30.31
C PHE A 1277 -17.53 50.37 28.77
N LEU A 1278 -17.29 49.24 28.10
CA LEU A 1278 -17.46 49.13 26.65
C LEU A 1278 -18.84 48.53 26.36
N CYS A 1279 -19.73 49.34 25.76
CA CYS A 1279 -21.10 48.95 25.42
C CYS A 1279 -21.15 48.00 24.21
N ASP A 1280 -22.27 47.30 24.03
CA ASP A 1280 -22.43 46.30 22.98
C ASP A 1280 -22.38 46.91 21.58
N ASN A 1281 -22.60 48.23 21.45
CA ASN A 1281 -22.50 48.97 20.18
C ASN A 1281 -21.12 49.64 19.98
N GLY A 1282 -20.16 49.44 20.90
CA GLY A 1282 -18.80 49.95 20.74
C GLY A 1282 -18.53 51.30 21.42
N ASN A 1283 -19.52 51.89 22.10
CA ASN A 1283 -19.30 53.09 22.90
C ASN A 1283 -18.46 52.82 24.16
N CYS A 1284 -17.70 53.82 24.62
CA CYS A 1284 -17.13 53.83 25.97
C CYS A 1284 -17.99 54.75 26.87
N ILE A 1285 -18.42 54.24 28.04
CA ILE A 1285 -19.24 54.99 29.00
C ILE A 1285 -18.63 54.88 30.41
N TYR A 1286 -18.57 55.98 31.17
CA TYR A 1286 -17.93 55.99 32.50
C TYR A 1286 -18.70 55.11 33.49
N LYS A 1287 -17.98 54.38 34.37
CA LYS A 1287 -18.60 53.29 35.14
C LYS A 1287 -19.25 53.80 36.44
N ALA A 1288 -19.55 55.11 36.52
CA ALA A 1288 -20.53 55.63 37.48
C ALA A 1288 -21.93 55.62 36.86
N TRP A 1289 -22.02 55.79 35.53
CA TRP A 1289 -23.30 55.93 34.83
C TRP A 1289 -23.92 54.57 34.49
N ILE A 1290 -23.10 53.53 34.38
CA ILE A 1290 -23.62 52.16 34.39
C ILE A 1290 -24.47 51.98 35.64
N CYS A 1291 -25.66 51.36 35.46
CA CYS A 1291 -26.64 51.14 36.51
C CYS A 1291 -27.13 52.45 37.15
N ASP A 1292 -27.09 53.59 36.46
CA ASP A 1292 -27.70 54.81 36.98
C ASP A 1292 -29.22 54.79 36.76
N GLY A 1293 -29.70 53.87 35.91
CA GLY A 1293 -31.11 53.69 35.62
C GLY A 1293 -31.52 54.19 34.25
N ASP A 1294 -30.56 54.69 33.44
CA ASP A 1294 -30.84 55.25 32.12
C ASP A 1294 -29.85 54.65 31.12
N ASN A 1295 -30.27 54.34 29.90
CA ASN A 1295 -29.40 53.66 28.95
C ASN A 1295 -28.48 54.68 28.28
N ASP A 1296 -27.36 54.96 28.96
CA ASP A 1296 -26.35 55.91 28.51
C ASP A 1296 -25.64 55.44 27.24
N CYS A 1297 -25.59 54.12 27.01
CA CYS A 1297 -25.01 53.55 25.80
C CYS A 1297 -25.91 53.75 24.58
N ARG A 1298 -27.18 54.09 24.80
CA ARG A 1298 -28.24 54.09 23.79
C ARG A 1298 -28.61 52.66 23.39
N ASP A 1299 -27.84 51.69 23.89
CA ASP A 1299 -28.25 50.29 23.91
C ASP A 1299 -28.49 49.90 25.37
N MET A 1300 -29.15 48.76 25.61
CA MET A 1300 -29.49 48.40 26.98
C MET A 1300 -28.24 48.02 27.80
N SER A 1301 -27.05 47.98 27.16
CA SER A 1301 -25.81 47.46 27.76
C SER A 1301 -25.51 47.94 29.18
N ASP A 1302 -25.68 49.25 29.48
CA ASP A 1302 -25.29 49.80 30.78
C ASP A 1302 -26.42 49.72 31.82
N GLU A 1303 -27.53 49.04 31.47
CA GLU A 1303 -28.67 48.79 32.36
C GLU A 1303 -29.17 47.34 32.25
N LYS A 1304 -28.59 46.56 31.31
CA LYS A 1304 -28.88 45.17 31.02
C LYS A 1304 -28.59 44.25 32.20
N ASP A 1305 -27.67 44.68 33.08
CA ASP A 1305 -27.30 43.92 34.28
C ASP A 1305 -27.03 44.88 35.44
N CYS A 1306 -28.12 45.29 36.10
CA CYS A 1306 -28.10 46.28 37.18
C CYS A 1306 -29.18 45.97 38.22
N PRO A 1307 -28.98 44.91 39.05
CA PRO A 1307 -29.98 44.49 40.04
C PRO A 1307 -29.96 45.17 41.41
N THR A 1308 -28.83 45.79 41.78
CA THR A 1308 -28.48 46.15 43.16
C THR A 1308 -29.31 47.35 43.67
N GLN A 1309 -30.47 47.03 44.27
CA GLN A 1309 -31.39 48.00 44.84
C GLN A 1309 -32.09 47.38 46.07
N PRO A 1310 -31.44 47.39 47.27
CA PRO A 1310 -32.01 46.77 48.46
C PRO A 1310 -33.14 47.55 49.15
N PHE A 1311 -33.87 46.88 50.05
CA PHE A 1311 -35.04 47.43 50.73
C PHE A 1311 -34.66 48.33 51.91
N HIS A 1312 -33.36 48.68 52.07
CA HIS A 1312 -32.84 49.53 53.14
C HIS A 1312 -33.55 50.89 53.18
N CYS A 1313 -33.77 51.42 54.40
CA CYS A 1313 -34.47 52.68 54.60
C CYS A 1313 -33.48 53.80 54.94
N PRO A 1314 -33.42 54.90 54.15
CA PRO A 1314 -32.54 56.04 54.46
C PRO A 1314 -33.13 57.02 55.49
N SER A 1315 -32.42 58.14 55.71
CA SER A 1315 -32.86 59.25 56.54
C SER A 1315 -32.95 58.83 58.02
N THR A 1316 -33.75 59.57 58.82
CA THR A 1316 -33.81 59.44 60.28
C THR A 1316 -34.61 58.21 60.73
N GLN A 1317 -34.95 57.33 59.78
CA GLN A 1317 -35.61 56.07 60.12
C GLN A 1317 -34.59 55.06 60.65
N TRP A 1318 -35.12 54.03 61.32
CA TRP A 1318 -34.38 52.89 61.88
C TRP A 1318 -35.08 51.59 61.48
N GLN A 1319 -34.28 50.57 61.18
CA GLN A 1319 -34.76 49.27 60.71
C GLN A 1319 -34.42 48.21 61.77
N CYS A 1320 -35.38 47.99 62.67
CA CYS A 1320 -35.28 47.04 63.77
C CYS A 1320 -34.97 45.64 63.22
N PRO A 1321 -33.89 44.96 63.68
CA PRO A 1321 -33.30 43.86 62.93
C PRO A 1321 -34.24 42.66 62.77
N GLY A 1322 -34.21 42.03 61.59
CA GLY A 1322 -35.06 40.89 61.29
C GLY A 1322 -36.54 41.25 61.10
N TYR A 1323 -36.88 42.55 61.18
CA TYR A 1323 -38.23 43.06 60.95
C TYR A 1323 -38.22 44.09 59.83
N SER A 1324 -39.33 44.19 59.08
CA SER A 1324 -39.36 44.81 57.76
C SER A 1324 -39.80 46.28 57.81
N THR A 1325 -40.32 46.75 58.95
CA THR A 1325 -40.77 48.13 59.11
C THR A 1325 -39.57 49.06 59.36
N CYS A 1326 -39.80 50.37 59.11
CA CYS A 1326 -38.81 51.41 59.38
C CYS A 1326 -39.49 52.58 60.09
N ILE A 1327 -38.90 53.02 61.23
CA ILE A 1327 -39.54 53.93 62.17
C ILE A 1327 -38.58 55.08 62.51
N ASN A 1328 -39.09 56.30 62.70
CA ASN A 1328 -38.29 57.44 63.19
C ASN A 1328 -37.54 57.05 64.46
N LEU A 1329 -36.21 57.29 64.50
CA LEU A 1329 -35.36 56.82 65.59
C LEU A 1329 -35.69 57.42 66.97
N SER A 1330 -36.53 58.47 67.06
CA SER A 1330 -37.04 59.00 68.33
C SER A 1330 -37.84 57.95 69.12
N ALA A 1331 -38.52 57.03 68.43
CA ALA A 1331 -39.32 55.99 69.08
C ALA A 1331 -38.46 54.88 69.71
N LEU A 1332 -37.19 54.74 69.28
CA LEU A 1332 -36.30 53.73 69.86
C LEU A 1332 -36.05 54.02 71.33
N CYS A 1333 -36.21 53.01 72.19
CA CYS A 1333 -36.15 53.21 73.64
C CYS A 1333 -37.09 54.34 74.10
N ASP A 1334 -38.25 54.53 73.45
CA ASP A 1334 -39.25 55.47 73.95
C ASP A 1334 -39.97 54.91 75.18
N GLY A 1335 -39.86 53.59 75.38
CA GLY A 1335 -40.33 52.91 76.58
C GLY A 1335 -41.38 51.84 76.31
N VAL A 1336 -41.72 51.63 75.03
CA VAL A 1336 -42.53 50.50 74.59
C VAL A 1336 -41.89 49.93 73.32
N PHE A 1337 -41.88 48.60 73.17
CA PHE A 1337 -41.40 47.99 71.93
C PHE A 1337 -42.30 48.41 70.77
N ASP A 1338 -41.76 49.24 69.87
CA ASP A 1338 -42.37 49.62 68.60
C ASP A 1338 -42.50 48.41 67.68
N CYS A 1339 -41.41 47.62 67.56
CA CYS A 1339 -41.35 46.43 66.73
C CYS A 1339 -41.79 45.21 67.55
N PRO A 1340 -42.32 44.14 66.92
CA PRO A 1340 -43.04 43.08 67.66
C PRO A 1340 -42.29 42.36 68.77
N ASN A 1341 -40.95 42.33 68.74
CA ASN A 1341 -40.18 41.61 69.75
C ASN A 1341 -38.76 42.17 69.86
N GLY A 1342 -38.57 43.10 70.80
CA GLY A 1342 -37.27 43.44 71.37
C GLY A 1342 -36.20 43.79 70.33
N THR A 1343 -36.53 44.74 69.42
CA THR A 1343 -35.67 45.12 68.31
C THR A 1343 -35.62 46.64 68.03
N ASP A 1344 -36.44 47.45 68.72
CA ASP A 1344 -36.32 48.92 68.74
C ASP A 1344 -35.77 49.47 70.07
N GLU A 1345 -35.57 48.59 71.07
CA GLU A 1345 -35.16 48.97 72.43
C GLU A 1345 -34.17 47.94 72.99
N SER A 1346 -33.57 48.25 74.16
CA SER A 1346 -32.65 47.37 74.86
C SER A 1346 -32.97 47.34 76.37
N PRO A 1347 -32.39 46.41 77.16
CA PRO A 1347 -32.52 46.43 78.62
C PRO A 1347 -32.09 47.76 79.27
N LEU A 1348 -31.17 48.50 78.62
CA LEU A 1348 -30.84 49.88 78.98
C LEU A 1348 -31.48 50.83 77.96
N CYS A 1349 -32.18 51.87 78.45
CA CYS A 1349 -32.87 52.84 77.59
C CYS A 1349 -32.86 54.27 78.13
N ASN A 1350 -32.75 55.22 77.18
CA ASN A 1350 -33.00 56.65 77.35
C ASN A 1350 -32.09 57.30 78.41
N GLN A 1351 -30.86 56.80 78.55
CA GLN A 1351 -29.74 57.60 79.05
C GLN A 1351 -29.56 58.82 78.14
N ASP A 1352 -29.02 59.93 78.67
CA ASP A 1352 -28.78 61.12 77.87
C ASP A 1352 -27.67 60.86 76.83
N SER A 1353 -27.48 61.78 75.87
CA SER A 1353 -26.31 61.80 75.00
C SER A 1353 -25.03 62.01 75.83
N CYS A 1354 -23.87 61.71 75.25
CA CYS A 1354 -22.59 61.78 75.95
C CYS A 1354 -22.11 63.24 76.07
N SER A 1355 -22.81 64.04 76.89
CA SER A 1355 -22.49 65.44 77.14
C SER A 1355 -22.81 65.82 78.60
N HIS A 1356 -24.08 65.66 79.03
CA HIS A 1356 -24.54 66.01 80.36
C HIS A 1356 -23.90 65.11 81.44
N PHE A 1357 -22.78 65.59 82.03
CA PHE A 1357 -21.86 64.76 82.82
C PHE A 1357 -21.50 63.46 82.08
N ASN A 1358 -21.26 63.56 80.76
CA ASN A 1358 -21.08 62.44 79.84
C ASN A 1358 -22.24 61.43 79.87
N GLY A 1359 -23.50 61.90 80.00
CA GLY A 1359 -24.66 61.01 80.16
C GLY A 1359 -24.63 60.26 81.50
N GLY A 1360 -23.90 60.79 82.49
CA GLY A 1360 -23.67 60.15 83.78
C GLY A 1360 -22.39 59.31 83.86
N CYS A 1361 -21.73 59.03 82.73
CA CYS A 1361 -20.50 58.24 82.71
C CYS A 1361 -19.32 59.04 83.30
N THR A 1362 -18.46 58.40 84.13
CA THR A 1362 -17.30 59.05 84.74
C THR A 1362 -15.98 58.79 83.96
N HIS A 1363 -16.08 58.24 82.74
CA HIS A 1363 -14.93 57.83 81.92
C HIS A 1363 -15.15 58.12 80.43
N GLN A 1364 -14.31 57.57 79.53
CA GLN A 1364 -14.48 57.71 78.07
C GLN A 1364 -15.83 57.13 77.64
N CYS A 1365 -16.54 57.80 76.72
CA CYS A 1365 -17.99 57.63 76.52
C CYS A 1365 -18.45 58.03 75.11
N MET A 1366 -19.59 57.46 74.67
CA MET A 1366 -20.34 57.85 73.48
C MET A 1366 -21.81 57.39 73.62
N GLN A 1367 -22.69 57.82 72.70
CA GLN A 1367 -24.07 57.31 72.64
C GLN A 1367 -24.39 56.63 71.29
N GLY A 1368 -25.12 55.50 71.36
CA GLY A 1368 -25.98 55.05 70.28
C GLY A 1368 -27.38 55.68 70.41
N PRO A 1369 -28.34 55.36 69.51
CA PRO A 1369 -29.69 55.95 69.56
C PRO A 1369 -30.45 55.69 70.87
N PHE A 1370 -30.02 54.67 71.63
CA PHE A 1370 -30.64 54.24 72.88
C PHE A 1370 -30.16 55.05 74.09
N GLY A 1371 -29.06 55.82 73.96
CA GLY A 1371 -28.47 56.60 75.04
C GLY A 1371 -26.97 56.29 75.27
N ALA A 1372 -26.29 57.12 76.08
CA ALA A 1372 -24.85 56.99 76.34
C ALA A 1372 -24.46 55.79 77.23
N THR A 1373 -23.21 55.33 77.06
CA THR A 1373 -22.51 54.45 77.98
C THR A 1373 -21.05 54.91 78.12
N CYS A 1374 -20.36 54.48 79.17
CA CYS A 1374 -18.91 54.43 79.09
C CYS A 1374 -18.48 53.40 78.04
N LEU A 1375 -17.27 53.57 77.49
CA LEU A 1375 -16.54 52.54 76.76
C LEU A 1375 -15.07 52.64 77.17
N CYS A 1376 -14.66 51.72 78.04
CA CYS A 1376 -13.37 51.77 78.70
C CYS A 1376 -12.22 51.49 77.71
N PRO A 1377 -11.04 52.15 77.87
CA PRO A 1377 -9.88 51.91 77.00
C PRO A 1377 -9.22 50.55 77.27
N LEU A 1378 -8.16 50.25 76.50
CA LEU A 1378 -7.41 49.02 76.69
C LEU A 1378 -6.89 48.94 78.13
N GLY A 1379 -7.11 47.78 78.76
CA GLY A 1379 -6.67 47.53 80.13
C GLY A 1379 -7.75 47.76 81.18
N TYR A 1380 -8.91 48.32 80.81
CA TYR A 1380 -10.02 48.54 81.74
C TYR A 1380 -11.28 47.75 81.34
N GLN A 1381 -12.17 47.50 82.32
CA GLN A 1381 -13.48 46.89 82.09
C GLN A 1381 -14.62 47.77 82.63
N LEU A 1382 -15.81 47.63 82.01
CA LEU A 1382 -17.04 48.25 82.49
C LEU A 1382 -17.51 47.59 83.79
N ALA A 1383 -17.86 48.40 84.78
CA ALA A 1383 -18.56 47.93 85.97
C ALA A 1383 -20.02 47.57 85.64
N ASN A 1384 -20.74 47.02 86.63
CA ASN A 1384 -22.18 46.75 86.57
C ASN A 1384 -22.97 47.99 86.10
N ASP A 1385 -22.63 49.16 86.65
CA ASP A 1385 -23.34 50.41 86.42
C ASP A 1385 -23.24 50.91 84.97
N THR A 1386 -22.25 50.42 84.18
CA THR A 1386 -22.04 50.75 82.76
C THR A 1386 -21.73 52.25 82.53
N LYS A 1387 -21.61 53.00 83.65
CA LYS A 1387 -21.27 54.43 83.71
C LYS A 1387 -20.00 54.66 84.56
N THR A 1388 -19.25 53.57 84.84
CA THR A 1388 -17.92 53.65 85.43
C THR A 1388 -17.05 52.46 84.94
N CYS A 1389 -15.72 52.66 85.00
CA CYS A 1389 -14.73 51.69 84.55
C CYS A 1389 -13.82 51.30 85.72
N GLU A 1390 -13.34 50.04 85.71
CA GLU A 1390 -12.45 49.51 86.75
C GLU A 1390 -11.21 48.85 86.12
N ASP A 1391 -10.05 48.99 86.79
CA ASP A 1391 -8.81 48.37 86.34
C ASP A 1391 -8.94 46.85 86.31
N ILE A 1392 -8.58 46.23 85.18
CA ILE A 1392 -8.46 44.78 85.14
C ILE A 1392 -7.21 44.38 85.93
N ASN A 1393 -7.37 43.34 86.76
CA ASN A 1393 -6.23 42.69 87.38
C ASN A 1393 -5.69 41.68 86.37
N GLU A 1394 -4.81 42.14 85.48
CA GLU A 1394 -4.46 41.38 84.29
C GLU A 1394 -3.73 40.09 84.65
N CYS A 1395 -3.17 39.98 85.86
CA CYS A 1395 -2.42 38.77 86.22
C CYS A 1395 -2.95 38.11 87.49
N ASP A 1396 -4.24 38.30 87.81
CA ASP A 1396 -4.95 37.32 88.64
C ASP A 1396 -5.24 36.05 87.84
N ILE A 1397 -5.20 36.16 86.51
CA ILE A 1397 -5.33 35.03 85.61
C ILE A 1397 -4.03 34.23 85.69
N PRO A 1398 -4.07 32.91 86.00
CA PRO A 1398 -2.85 32.12 86.06
C PRO A 1398 -2.22 31.98 84.67
N GLY A 1399 -0.93 32.34 84.58
CA GLY A 1399 -0.15 32.14 83.37
C GLY A 1399 -0.20 33.33 82.41
N PHE A 1400 -0.84 34.44 82.80
CA PHE A 1400 -0.79 35.66 82.02
C PHE A 1400 0.67 36.15 81.93
N CYS A 1401 1.32 36.21 83.10
CA CYS A 1401 2.76 36.39 83.19
C CYS A 1401 3.39 35.06 83.56
N SER A 1402 4.41 34.65 82.79
CA SER A 1402 5.13 33.41 83.04
C SER A 1402 5.77 33.40 84.44
N GLN A 1403 6.15 34.58 84.95
CA GLN A 1403 6.78 34.70 86.25
C GLN A 1403 6.24 35.93 86.99
N HIS A 1404 7.02 36.43 87.96
CA HIS A 1404 6.62 37.50 88.87
C HIS A 1404 5.85 38.60 88.14
N CYS A 1405 4.73 39.03 88.74
CA CYS A 1405 3.89 40.07 88.16
C CYS A 1405 3.47 41.06 89.25
N VAL A 1406 3.21 42.30 88.83
CA VAL A 1406 2.57 43.31 89.67
C VAL A 1406 1.42 43.92 88.88
N ASN A 1407 0.35 44.30 89.57
CA ASN A 1407 -0.80 44.91 88.94
C ASN A 1407 -0.75 46.42 89.14
N MET A 1408 -1.09 47.17 88.09
CA MET A 1408 -1.15 48.62 88.12
C MET A 1408 -2.37 49.09 87.32
N ARG A 1409 -2.79 50.34 87.56
CA ARG A 1409 -4.02 50.84 86.97
C ARG A 1409 -3.88 50.93 85.44
N GLY A 1410 -4.64 50.07 84.75
CA GLY A 1410 -4.78 50.10 83.31
C GLY A 1410 -3.69 49.35 82.57
N SER A 1411 -2.74 48.71 83.28
CA SER A 1411 -1.65 47.99 82.66
C SER A 1411 -1.05 47.00 83.65
N PHE A 1412 0.09 46.40 83.28
CA PHE A 1412 0.78 45.44 84.11
C PHE A 1412 2.29 45.58 83.91
N ARG A 1413 3.06 45.00 84.84
CA ARG A 1413 4.52 44.97 84.75
C ARG A 1413 5.01 43.57 85.10
N CYS A 1414 5.95 43.04 84.31
CA CYS A 1414 6.41 41.68 84.45
C CYS A 1414 7.93 41.64 84.62
N ALA A 1415 8.41 40.65 85.38
CA ALA A 1415 9.83 40.42 85.59
C ALA A 1415 10.05 38.94 85.91
N CYS A 1416 11.28 38.47 85.69
CA CYS A 1416 11.64 37.09 85.98
C CYS A 1416 13.01 37.01 86.63
N ASP A 1417 13.37 35.78 87.07
CA ASP A 1417 14.59 35.52 87.80
C ASP A 1417 15.81 35.72 86.89
N PRO A 1418 17.02 35.93 87.45
CA PRO A 1418 18.22 36.14 86.66
C PRO A 1418 18.57 35.03 85.65
N GLU A 1419 18.03 33.82 85.83
CA GLU A 1419 18.26 32.72 84.90
C GLU A 1419 17.43 32.90 83.63
N TYR A 1420 16.52 33.90 83.59
CA TYR A 1420 15.62 34.07 82.46
C TYR A 1420 15.70 35.51 81.94
N THR A 1421 15.19 35.71 80.73
CA THR A 1421 15.12 37.03 80.09
C THR A 1421 13.72 37.26 79.53
N LEU A 1422 13.17 38.45 79.74
CA LEU A 1422 11.86 38.81 79.20
C LEU A 1422 11.94 38.90 77.68
N GLU A 1423 10.92 38.38 77.00
CA GLU A 1423 10.86 38.42 75.54
C GLU A 1423 10.25 39.75 75.07
N SER A 1424 10.13 39.91 73.75
CA SER A 1424 9.52 41.08 73.15
C SER A 1424 8.06 41.23 73.58
N ASP A 1425 7.40 40.12 73.94
CA ASP A 1425 6.00 40.14 74.37
C ASP A 1425 5.83 40.91 75.67
N GLY A 1426 6.90 40.97 76.49
CA GLY A 1426 6.88 41.71 77.75
C GLY A 1426 6.23 40.92 78.88
N ARG A 1427 5.83 39.66 78.65
CA ARG A 1427 5.27 38.84 79.71
C ARG A 1427 5.70 37.37 79.59
N THR A 1428 6.56 37.02 78.64
CA THR A 1428 7.08 35.66 78.52
C THR A 1428 8.59 35.68 78.72
N CYS A 1429 9.09 34.76 79.56
CA CYS A 1429 10.52 34.67 79.86
C CYS A 1429 11.07 33.34 79.33
N LYS A 1430 12.34 33.37 78.91
CA LYS A 1430 13.04 32.20 78.37
C LYS A 1430 14.40 32.10 79.06
N VAL A 1431 14.96 30.88 79.09
CA VAL A 1431 16.22 30.63 79.78
C VAL A 1431 17.33 31.51 79.21
N THR A 1432 18.41 31.65 79.99
CA THR A 1432 19.54 32.50 79.65
C THR A 1432 20.12 32.14 78.29
N GLY A 1433 20.29 30.84 78.01
CA GLY A 1433 20.73 30.37 76.70
C GLY A 1433 21.59 29.12 76.79
N SER A 1434 21.69 28.42 75.65
CA SER A 1434 22.56 27.26 75.50
C SER A 1434 22.13 26.12 76.43
N GLU A 1435 22.98 25.10 76.53
CA GLU A 1435 22.84 23.98 77.45
C GLU A 1435 21.79 22.98 76.97
N ASN A 1436 20.96 23.36 75.99
CA ASN A 1436 20.08 22.46 75.26
C ASN A 1436 19.37 21.50 76.21
N PRO A 1437 18.28 21.92 76.87
CA PRO A 1437 17.71 21.13 77.98
C PRO A 1437 17.34 19.72 77.56
N LEU A 1438 17.68 18.75 78.42
CA LEU A 1438 17.43 17.34 78.17
C LEU A 1438 16.27 16.85 79.03
N LEU A 1439 15.49 15.90 78.52
CA LEU A 1439 14.41 15.29 79.26
C LEU A 1439 14.69 13.80 79.36
N VAL A 1440 14.91 13.29 80.58
CA VAL A 1440 15.34 11.91 80.79
C VAL A 1440 14.18 11.10 81.38
N VAL A 1441 13.92 9.91 80.81
CA VAL A 1441 12.74 9.09 81.13
C VAL A 1441 13.16 7.66 81.43
N ALA A 1442 12.63 7.10 82.53
CA ALA A 1442 12.92 5.75 82.94
C ALA A 1442 11.89 4.76 82.38
N SER A 1443 12.30 3.90 81.43
CA SER A 1443 11.56 2.73 80.98
C SER A 1443 12.31 1.49 81.46
N ARG A 1444 11.61 0.39 81.79
CA ARG A 1444 12.17 -0.76 82.50
C ARG A 1444 13.63 -1.07 82.13
N ASP A 1445 13.93 -1.39 80.86
CA ASP A 1445 15.27 -1.76 80.41
C ASP A 1445 16.22 -0.57 80.17
N LYS A 1446 15.69 0.64 79.90
CA LYS A 1446 16.44 1.75 79.31
C LYS A 1446 16.17 3.09 80.02
N ILE A 1447 17.24 3.88 80.24
CA ILE A 1447 17.08 5.30 80.57
C ILE A 1447 17.17 6.08 79.26
N ILE A 1448 16.01 6.51 78.71
CA ILE A 1448 15.98 7.26 77.47
C ILE A 1448 16.30 8.73 77.77
N VAL A 1449 17.26 9.30 77.04
CA VAL A 1449 17.49 10.74 77.01
C VAL A 1449 16.81 11.31 75.78
N ASP A 1450 16.06 12.39 75.96
CA ASP A 1450 15.55 13.19 74.87
C ASP A 1450 16.25 14.55 74.87
N ASN A 1451 17.03 14.79 73.82
CA ASN A 1451 17.68 16.08 73.59
C ASN A 1451 16.70 16.96 72.81
N ILE A 1452 16.27 18.05 73.46
CA ILE A 1452 15.30 18.95 72.86
C ILE A 1452 16.06 19.95 71.99
N THR A 1453 16.37 19.55 70.75
CA THR A 1453 17.07 20.40 69.80
C THR A 1453 16.02 21.24 69.07
N ALA A 1454 16.07 22.56 69.28
CA ALA A 1454 15.09 23.49 68.73
C ALA A 1454 13.67 23.03 69.08
N HIS A 1455 12.94 22.50 68.08
CA HIS A 1455 11.55 22.14 68.25
C HIS A 1455 11.36 20.61 68.25
N THR A 1456 12.37 19.87 67.78
CA THR A 1456 12.26 18.42 67.61
C THR A 1456 12.97 17.70 68.76
N HIS A 1457 12.96 16.36 68.68
CA HIS A 1457 13.45 15.51 69.75
C HIS A 1457 14.44 14.50 69.20
N ASN A 1458 15.43 14.13 70.03
CA ASN A 1458 16.42 13.12 69.69
C ASN A 1458 16.49 12.10 70.82
N LEU A 1459 16.17 10.83 70.54
CA LEU A 1459 16.06 9.80 71.56
C LEU A 1459 17.25 8.85 71.48
N TYR A 1460 17.86 8.55 72.64
CA TYR A 1460 18.94 7.57 72.77
C TYR A 1460 19.06 7.07 74.22
N SER A 1461 19.77 5.96 74.45
CA SER A 1461 19.94 5.40 75.80
C SER A 1461 21.14 6.02 76.51
N LEU A 1462 20.96 6.42 77.78
CA LEU A 1462 22.03 6.97 78.60
C LEU A 1462 23.06 5.91 79.00
N VAL A 1463 22.59 4.70 79.34
CA VAL A 1463 23.40 3.63 79.95
C VAL A 1463 22.97 2.27 79.38
N GLN A 1464 23.94 1.33 79.29
CA GLN A 1464 23.75 0.06 78.62
C GLN A 1464 23.24 -1.01 79.59
N ASP A 1465 23.63 -0.94 80.88
CA ASP A 1465 23.47 -2.03 81.84
C ASP A 1465 22.48 -1.67 82.96
N VAL A 1466 21.18 -1.84 82.68
CA VAL A 1466 20.07 -1.48 83.57
C VAL A 1466 19.06 -2.63 83.58
N SER A 1467 18.45 -2.95 84.76
CA SER A 1467 17.54 -4.08 84.90
C SER A 1467 16.08 -3.65 85.00
N PHE A 1468 15.80 -2.63 85.84
CA PHE A 1468 14.48 -2.05 86.03
C PHE A 1468 14.64 -0.68 86.68
N VAL A 1469 14.87 0.38 85.89
CA VAL A 1469 14.99 1.72 86.46
C VAL A 1469 13.63 2.27 86.90
N VAL A 1470 13.57 2.94 88.06
CA VAL A 1470 12.33 3.54 88.57
C VAL A 1470 12.50 5.05 88.77
N ALA A 1471 13.33 5.50 89.72
CA ALA A 1471 13.51 6.91 90.02
C ALA A 1471 14.58 7.55 89.12
N LEU A 1472 14.48 8.87 88.89
CA LEU A 1472 15.51 9.65 88.23
C LEU A 1472 15.65 11.03 88.90
N ASP A 1473 16.91 11.49 89.03
CA ASP A 1473 17.19 12.91 89.27
C ASP A 1473 18.62 13.24 88.82
N PHE A 1474 19.04 14.51 88.89
CA PHE A 1474 20.37 14.90 88.47
C PHE A 1474 21.03 15.88 89.45
N ASP A 1475 22.36 15.99 89.34
CA ASP A 1475 23.12 16.99 90.05
C ASP A 1475 23.68 18.01 89.05
N SER A 1476 23.29 19.29 89.19
CA SER A 1476 23.74 20.34 88.30
C SER A 1476 25.23 20.67 88.45
N VAL A 1477 25.84 20.42 89.63
CA VAL A 1477 27.23 20.84 89.83
C VAL A 1477 28.21 19.82 89.23
N THR A 1478 27.96 18.50 89.38
CA THR A 1478 28.83 17.48 88.79
C THR A 1478 28.37 16.99 87.40
N GLY A 1479 27.13 17.28 86.99
CA GLY A 1479 26.63 16.83 85.70
C GLY A 1479 26.39 15.31 85.65
N ARG A 1480 25.87 14.76 86.77
CA ARG A 1480 25.60 13.33 86.90
C ARG A 1480 24.10 13.07 87.00
N VAL A 1481 23.67 11.91 86.46
CA VAL A 1481 22.29 11.44 86.53
C VAL A 1481 22.22 10.27 87.52
N PHE A 1482 21.30 10.35 88.48
CA PHE A 1482 21.11 9.36 89.54
C PHE A 1482 19.85 8.55 89.23
N TRP A 1483 19.88 7.24 89.47
CA TRP A 1483 18.70 6.41 89.30
C TRP A 1483 18.70 5.24 90.28
N SER A 1484 17.50 4.73 90.60
CA SER A 1484 17.34 3.54 91.41
C SER A 1484 16.96 2.38 90.50
N ASP A 1485 17.62 1.22 90.69
CA ASP A 1485 17.23 0.01 89.98
C ASP A 1485 16.47 -0.90 90.95
N LEU A 1486 15.24 -1.27 90.57
CA LEU A 1486 14.32 -1.99 91.44
C LEU A 1486 14.75 -3.44 91.63
N LEU A 1487 15.20 -4.11 90.56
CA LEU A 1487 15.57 -5.51 90.63
C LEU A 1487 16.94 -5.69 91.32
N GLN A 1488 17.90 -4.79 91.08
CA GLN A 1488 19.21 -4.91 91.67
C GLN A 1488 19.23 -4.39 93.11
N GLY A 1489 18.27 -3.54 93.50
CA GLY A 1489 18.20 -3.00 94.86
C GLY A 1489 19.33 -2.01 95.16
N LYS A 1490 19.72 -1.21 94.16
CA LYS A 1490 20.86 -0.29 94.24
C LYS A 1490 20.50 1.08 93.66
N THR A 1491 21.19 2.13 94.13
CA THR A 1491 21.16 3.45 93.51
C THR A 1491 22.47 3.66 92.77
N TRP A 1492 22.39 4.10 91.50
CA TRP A 1492 23.55 4.36 90.66
C TRP A 1492 23.73 5.85 90.39
N SER A 1493 24.88 6.21 89.80
CA SER A 1493 24.97 7.45 89.02
C SER A 1493 25.95 7.27 87.84
N VAL A 1494 25.83 8.17 86.84
CA VAL A 1494 26.68 8.22 85.65
C VAL A 1494 26.81 9.69 85.22
N PHE A 1495 27.85 10.09 84.47
CA PHE A 1495 27.84 11.41 83.84
C PHE A 1495 26.78 11.49 82.72
N GLN A 1496 26.29 12.71 82.41
CA GLN A 1496 25.29 12.91 81.34
C GLN A 1496 25.73 12.36 79.97
N ASN A 1497 27.02 12.23 79.73
CA ASN A 1497 27.56 11.70 78.47
C ASN A 1497 27.76 10.17 78.50
N GLY A 1498 27.56 9.51 79.65
CA GLY A 1498 27.43 8.05 79.65
C GLY A 1498 28.63 7.33 80.27
N THR A 1499 29.65 8.10 80.70
CA THR A 1499 30.89 7.57 81.28
C THR A 1499 30.86 7.62 82.81
N ASP A 1500 31.72 6.80 83.43
CA ASP A 1500 31.93 6.74 84.88
C ASP A 1500 30.68 6.30 85.66
N LYS A 1501 30.06 5.18 85.22
CA LYS A 1501 28.95 4.59 85.97
C LYS A 1501 29.46 3.98 87.28
N ARG A 1502 28.94 4.45 88.43
CA ARG A 1502 29.36 3.96 89.73
C ARG A 1502 28.19 3.94 90.72
N VAL A 1503 28.27 3.07 91.73
CA VAL A 1503 27.15 2.81 92.61
C VAL A 1503 27.18 3.81 93.77
N VAL A 1504 25.99 4.24 94.22
CA VAL A 1504 25.83 5.17 95.33
C VAL A 1504 25.41 4.40 96.59
N HIS A 1505 24.34 3.61 96.48
CA HIS A 1505 23.90 2.72 97.56
C HIS A 1505 23.93 1.30 97.02
N ASP A 1506 24.74 0.42 97.65
CA ASP A 1506 24.88 -0.97 97.21
C ASP A 1506 23.98 -1.93 98.01
N SER A 1507 23.25 -1.43 99.02
CA SER A 1507 22.37 -2.24 99.87
C SER A 1507 21.34 -1.36 100.58
N GLY A 1508 20.20 -1.96 100.96
CA GLY A 1508 19.28 -1.38 101.95
C GLY A 1508 18.13 -0.57 101.37
N LEU A 1509 18.00 -0.51 100.02
CA LEU A 1509 16.80 -0.01 99.35
C LEU A 1509 15.84 -1.17 99.06
N SER A 1510 14.51 -0.91 99.03
CA SER A 1510 13.55 -1.95 98.65
C SER A 1510 12.24 -1.35 98.13
N VAL A 1511 12.10 -1.22 96.79
CA VAL A 1511 11.02 -0.42 96.18
C VAL A 1511 11.17 1.05 96.59
N THR A 1512 12.37 1.60 96.35
CA THR A 1512 12.60 3.03 96.44
C THR A 1512 11.85 3.72 95.30
N GLU A 1513 10.90 4.58 95.66
CA GLU A 1513 9.88 5.11 94.77
C GLU A 1513 10.37 6.32 93.98
N MET A 1514 11.07 7.25 94.64
CA MET A 1514 11.41 8.55 94.07
C MET A 1514 12.72 9.03 94.69
N ILE A 1515 13.48 9.86 93.96
CA ILE A 1515 14.74 10.42 94.42
C ILE A 1515 14.71 11.94 94.26
N ALA A 1516 15.34 12.66 95.18
CA ALA A 1516 15.57 14.09 95.03
C ALA A 1516 16.97 14.45 95.51
N VAL A 1517 17.72 15.13 94.64
CA VAL A 1517 19.09 15.59 94.91
C VAL A 1517 19.02 17.00 95.48
N ASP A 1518 19.73 17.22 96.59
CA ASP A 1518 19.89 18.55 97.16
C ASP A 1518 21.19 19.14 96.62
N TRP A 1519 21.08 19.99 95.61
CA TRP A 1519 22.26 20.51 94.93
C TRP A 1519 23.01 21.55 95.75
N ILE A 1520 22.37 22.13 96.77
CA ILE A 1520 23.00 23.13 97.60
C ILE A 1520 23.66 22.47 98.82
N GLY A 1521 22.90 21.66 99.55
CA GLY A 1521 23.40 21.00 100.75
C GLY A 1521 24.26 19.77 100.46
N ARG A 1522 24.29 19.32 99.19
CA ARG A 1522 25.02 18.13 98.72
C ARG A 1522 24.49 16.85 99.40
N ASN A 1523 23.17 16.67 99.40
CA ASN A 1523 22.52 15.53 100.06
C ASN A 1523 21.58 14.85 99.07
N LEU A 1524 21.12 13.63 99.39
CA LEU A 1524 20.32 12.82 98.49
C LEU A 1524 19.15 12.24 99.30
N TYR A 1525 17.92 12.64 98.95
CA TYR A 1525 16.72 12.24 99.67
C TYR A 1525 15.97 11.19 98.85
N TRP A 1526 15.33 10.20 99.51
CA TRP A 1526 14.46 9.27 98.78
C TRP A 1526 13.30 8.77 99.65
N THR A 1527 12.21 8.42 98.95
CA THR A 1527 11.06 7.78 99.53
C THR A 1527 11.11 6.28 99.24
N ASP A 1528 10.73 5.46 100.23
CA ASP A 1528 10.73 4.02 100.03
C ASP A 1528 9.37 3.45 100.43
N TYR A 1529 8.78 2.66 99.52
CA TYR A 1529 7.44 2.13 99.69
C TYR A 1529 7.39 0.93 100.64
N ALA A 1530 8.35 0.00 100.54
CA ALA A 1530 8.30 -1.21 101.36
C ALA A 1530 8.76 -0.92 102.79
N LEU A 1531 9.72 0.00 102.96
CA LEU A 1531 10.19 0.40 104.28
C LEU A 1531 9.26 1.44 104.93
N GLU A 1532 8.48 2.20 104.14
CA GLU A 1532 7.56 3.22 104.62
C GLU A 1532 8.32 4.29 105.39
N THR A 1533 9.38 4.80 104.76
CA THR A 1533 10.23 5.83 105.37
C THR A 1533 10.64 6.85 104.33
N ILE A 1534 11.20 7.96 104.81
CA ILE A 1534 11.89 8.95 103.98
C ILE A 1534 13.30 9.09 104.52
N GLU A 1535 14.29 8.83 103.66
CA GLU A 1535 15.67 8.71 104.08
C GLU A 1535 16.51 9.76 103.40
N VAL A 1536 17.63 10.14 104.05
CA VAL A 1536 18.55 11.13 103.52
C VAL A 1536 19.96 10.58 103.66
N SER A 1537 20.82 10.97 102.72
CA SER A 1537 22.21 10.56 102.71
C SER A 1537 23.02 11.57 101.93
N LYS A 1538 24.35 11.52 102.07
CA LYS A 1538 25.20 12.41 101.29
C LYS A 1538 25.13 12.03 99.82
N ILE A 1539 25.59 12.92 98.93
CA ILE A 1539 25.55 12.69 97.48
C ILE A 1539 26.47 11.54 97.05
N ASP A 1540 27.47 11.18 97.88
CA ASP A 1540 28.24 9.96 97.70
C ASP A 1540 27.64 8.77 98.47
N GLY A 1541 26.57 8.99 99.26
CA GLY A 1541 25.92 7.94 100.03
C GLY A 1541 26.71 7.47 101.23
N SER A 1542 27.56 8.34 101.80
CA SER A 1542 28.44 7.95 102.89
C SER A 1542 27.65 7.66 104.18
N HIS A 1543 26.76 8.58 104.55
CA HIS A 1543 26.07 8.51 105.82
C HIS A 1543 24.57 8.48 105.56
N ARG A 1544 23.86 7.58 106.25
CA ARG A 1544 22.46 7.30 105.95
C ARG A 1544 21.65 7.30 107.24
N THR A 1545 20.50 7.98 107.21
CA THR A 1545 19.58 7.93 108.33
C THR A 1545 18.15 7.99 107.83
N VAL A 1546 17.23 7.56 108.68
CA VAL A 1546 15.81 7.64 108.39
C VAL A 1546 15.30 8.96 108.94
N LEU A 1547 14.81 9.83 108.03
CA LEU A 1547 14.44 11.18 108.41
C LEU A 1547 13.02 11.20 108.99
N ILE A 1548 12.04 10.66 108.25
CA ILE A 1548 10.65 10.70 108.66
C ILE A 1548 10.05 9.31 108.54
N SER A 1549 9.54 8.78 109.65
CA SER A 1549 8.88 7.48 109.64
C SER A 1549 7.58 7.47 110.44
N LYS A 1550 7.21 8.62 111.02
CA LYS A 1550 6.17 8.65 112.06
C LYS A 1550 4.80 8.29 111.51
N ASN A 1551 4.26 9.13 110.61
CA ASN A 1551 2.94 8.92 110.05
C ASN A 1551 3.03 8.59 108.57
N VAL A 1552 4.11 7.92 108.17
CA VAL A 1552 4.33 7.63 106.76
C VAL A 1552 3.84 6.21 106.47
N THR A 1553 3.03 6.08 105.42
CA THR A 1553 2.45 4.78 105.09
C THR A 1553 2.90 4.32 103.71
N LYS A 1554 2.65 5.15 102.68
CA LYS A 1554 3.00 4.82 101.31
C LYS A 1554 3.54 6.06 100.62
N PRO A 1555 4.75 6.48 100.97
CA PRO A 1555 5.34 7.70 100.42
C PRO A 1555 5.73 7.43 98.98
N ARG A 1556 5.45 8.38 98.08
CA ARG A 1556 5.85 8.26 96.70
C ARG A 1556 6.55 9.53 96.22
N GLY A 1557 5.80 10.55 95.79
CA GLY A 1557 6.41 11.76 95.24
C GLY A 1557 7.25 12.50 96.27
N LEU A 1558 8.30 13.18 95.81
CA LEU A 1558 9.24 13.89 96.68
C LEU A 1558 9.85 15.08 95.92
N ALA A 1559 9.95 16.25 96.57
CA ALA A 1559 10.50 17.45 95.95
C ALA A 1559 11.14 18.33 97.02
N LEU A 1560 12.09 19.16 96.59
CA LEU A 1560 12.88 19.99 97.50
C LEU A 1560 12.94 21.43 96.98
N ASP A 1561 13.14 22.37 97.92
CA ASP A 1561 13.42 23.76 97.59
C ASP A 1561 14.62 24.21 98.41
N PRO A 1562 15.86 23.90 97.98
CA PRO A 1562 17.03 24.17 98.80
C PRO A 1562 17.46 25.64 98.91
N ARG A 1563 16.79 26.55 98.18
CA ARG A 1563 17.19 27.94 98.17
C ARG A 1563 17.05 28.51 99.58
N MET A 1564 18.06 29.29 100.01
CA MET A 1564 18.12 29.78 101.37
C MET A 1564 16.90 30.67 101.66
N GLY A 1565 16.26 30.41 102.80
CA GLY A 1565 15.03 31.10 103.17
C GLY A 1565 13.81 30.19 103.06
N ASP A 1566 13.81 29.25 102.11
CA ASP A 1566 12.72 28.28 102.00
C ASP A 1566 13.09 26.99 102.72
N ASN A 1567 14.10 26.28 102.18
CA ASN A 1567 14.65 25.07 102.78
C ASN A 1567 13.53 24.14 103.24
N VAL A 1568 12.63 23.79 102.32
CA VAL A 1568 11.51 22.92 102.64
C VAL A 1568 11.52 21.73 101.68
N MET A 1569 10.92 20.63 102.15
CA MET A 1569 10.75 19.44 101.34
C MET A 1569 9.27 19.07 101.31
N PHE A 1570 8.86 18.43 100.20
CA PHE A 1570 7.50 17.97 100.02
C PHE A 1570 7.50 16.50 99.67
N TRP A 1571 6.48 15.77 100.15
CA TRP A 1571 6.27 14.40 99.73
C TRP A 1571 4.78 14.11 99.71
N SER A 1572 4.42 13.07 98.95
CA SER A 1572 3.04 12.64 98.81
C SER A 1572 2.89 11.21 99.34
N ASP A 1573 1.79 10.97 100.05
CA ASP A 1573 1.50 9.68 100.64
C ASP A 1573 0.13 9.23 100.16
N TRP A 1574 0.05 7.98 99.67
CA TRP A 1574 -1.19 7.41 99.19
C TRP A 1574 -1.71 6.30 100.13
N GLY A 1575 -1.51 6.47 101.44
CA GLY A 1575 -2.03 5.53 102.42
C GLY A 1575 -3.53 5.68 102.61
N HIS A 1576 -4.01 5.24 103.78
CA HIS A 1576 -5.45 5.15 104.03
C HIS A 1576 -6.05 6.55 104.12
N HIS A 1577 -5.25 7.56 104.46
CA HIS A 1577 -5.68 8.95 104.46
C HIS A 1577 -4.69 9.74 103.62
N PRO A 1578 -4.84 9.71 102.28
CA PRO A 1578 -3.83 10.27 101.40
C PRO A 1578 -3.67 11.76 101.63
N ARG A 1579 -2.42 12.24 101.49
CA ARG A 1579 -2.11 13.62 101.74
C ARG A 1579 -0.80 14.00 101.06
N ILE A 1580 -0.59 15.31 100.91
CA ILE A 1580 0.71 15.87 100.54
C ILE A 1580 1.20 16.70 101.72
N GLU A 1581 2.41 16.39 102.20
CA GLU A 1581 2.93 17.03 103.40
C GLU A 1581 4.15 17.87 103.06
N ARG A 1582 4.33 18.95 103.83
CA ARG A 1582 5.51 19.78 103.78
C ARG A 1582 6.24 19.68 105.11
N ALA A 1583 7.58 19.71 105.04
CA ALA A 1583 8.41 19.78 106.23
C ALA A 1583 9.71 20.49 105.88
N SER A 1584 10.43 20.95 106.91
CA SER A 1584 11.77 21.45 106.73
C SER A 1584 12.66 20.31 106.26
N MET A 1585 13.73 20.65 105.53
CA MET A 1585 14.56 19.63 104.93
C MET A 1585 15.33 18.84 105.98
N ASP A 1586 15.31 19.26 107.24
CA ASP A 1586 15.81 18.44 108.34
C ASP A 1586 14.69 17.65 109.01
N GLY A 1587 13.44 17.82 108.51
CA GLY A 1587 12.30 17.05 108.98
C GLY A 1587 11.67 17.56 110.28
N THR A 1588 11.90 18.84 110.63
CA THR A 1588 11.42 19.36 111.90
C THR A 1588 9.96 19.81 111.82
N MET A 1589 9.69 20.83 110.99
CA MET A 1589 8.40 21.50 110.99
C MET A 1589 7.43 20.78 110.06
N ARG A 1590 6.97 19.59 110.46
CA ARG A 1590 6.18 18.74 109.59
C ARG A 1590 4.72 19.18 109.63
N THR A 1591 4.12 19.34 108.45
CA THR A 1591 2.74 19.82 108.33
C THR A 1591 2.11 19.25 107.08
N VAL A 1592 0.78 19.25 107.05
CA VAL A 1592 0.03 18.73 105.92
C VAL A 1592 -0.59 19.91 105.18
N ILE A 1593 -0.41 19.95 103.85
CA ILE A 1593 -0.86 21.07 103.05
C ILE A 1593 -2.08 20.71 102.19
N VAL A 1594 -2.13 19.48 101.67
CA VAL A 1594 -3.21 19.08 100.79
C VAL A 1594 -3.77 17.75 101.30
N GLN A 1595 -5.05 17.75 101.72
CA GLN A 1595 -5.66 16.55 102.26
C GLN A 1595 -7.14 16.45 101.90
N GLU A 1596 -7.61 17.25 100.92
CA GLU A 1596 -9.06 17.45 100.76
C GLU A 1596 -9.61 16.71 99.54
N LYS A 1597 -8.92 16.75 98.40
CA LYS A 1597 -9.49 16.24 97.16
C LYS A 1597 -8.47 15.36 96.46
N ILE A 1598 -7.89 14.40 97.19
CA ILE A 1598 -6.90 13.49 96.63
C ILE A 1598 -7.24 12.06 97.03
N TYR A 1599 -6.95 11.12 96.13
CA TYR A 1599 -7.15 9.70 96.39
C TYR A 1599 -5.84 8.95 96.21
N TRP A 1600 -5.14 9.24 95.10
CA TRP A 1600 -3.90 8.57 94.74
C TRP A 1600 -2.84 9.59 94.34
N PRO A 1601 -2.28 10.36 95.29
CA PRO A 1601 -1.21 11.30 94.98
C PRO A 1601 -0.01 10.58 94.37
N CYS A 1602 0.38 11.00 93.17
CA CYS A 1602 1.37 10.29 92.38
C CYS A 1602 2.28 11.29 91.68
N GLY A 1603 3.47 11.52 92.24
CA GLY A 1603 4.47 12.38 91.61
C GLY A 1603 4.28 13.87 91.96
N LEU A 1604 5.40 14.54 92.27
CA LEU A 1604 5.43 15.93 92.70
C LEU A 1604 6.55 16.65 91.95
N SER A 1605 6.42 17.97 91.80
CA SER A 1605 7.45 18.80 91.21
C SER A 1605 7.20 20.25 91.60
N ILE A 1606 8.28 21.05 91.63
CA ILE A 1606 8.23 22.41 92.15
C ILE A 1606 8.59 23.38 91.04
N ASP A 1607 7.79 24.45 90.93
CA ASP A 1607 8.06 25.58 90.05
C ASP A 1607 8.82 26.62 90.88
N TYR A 1608 10.15 26.62 90.75
CA TYR A 1608 11.00 27.42 91.63
C TYR A 1608 10.75 28.92 91.47
N PRO A 1609 10.70 29.50 90.24
CA PRO A 1609 10.52 30.94 90.12
C PRO A 1609 9.24 31.48 90.77
N ASN A 1610 8.12 30.75 90.61
CA ASN A 1610 6.85 31.19 91.14
C ASN A 1610 6.53 30.59 92.51
N ARG A 1611 7.39 29.68 93.01
CA ARG A 1611 7.18 28.99 94.28
C ARG A 1611 5.81 28.31 94.31
N LEU A 1612 5.58 27.44 93.32
CA LEU A 1612 4.40 26.61 93.25
C LEU A 1612 4.83 25.15 93.19
N ILE A 1613 4.00 24.27 93.76
CA ILE A 1613 4.24 22.84 93.73
C ILE A 1613 3.18 22.19 92.84
N TYR A 1614 3.63 21.43 91.85
CA TYR A 1614 2.74 20.71 90.95
C TYR A 1614 2.60 19.26 91.42
N PHE A 1615 1.37 18.78 91.51
CA PHE A 1615 1.12 17.40 91.90
C PHE A 1615 0.04 16.79 91.00
N MET A 1616 -0.02 15.47 90.99
CA MET A 1616 -0.95 14.73 90.15
C MET A 1616 -1.69 13.69 90.99
N ASP A 1617 -2.79 13.18 90.42
CA ASP A 1617 -3.56 12.12 91.03
C ASP A 1617 -3.89 11.10 89.94
N ALA A 1618 -3.72 9.81 90.28
CA ALA A 1618 -3.92 8.72 89.33
C ALA A 1618 -5.33 8.15 89.43
N TYR A 1619 -6.08 8.47 90.49
CA TYR A 1619 -7.43 7.95 90.67
C TYR A 1619 -8.47 8.98 90.22
N LEU A 1620 -8.29 10.24 90.61
CA LEU A 1620 -9.16 11.32 90.16
C LEU A 1620 -8.70 11.89 88.82
N ASP A 1621 -7.49 11.51 88.37
CA ASP A 1621 -6.99 11.82 87.03
C ASP A 1621 -6.95 13.33 86.77
N TYR A 1622 -6.09 14.05 87.49
CA TYR A 1622 -5.89 15.46 87.24
C TYR A 1622 -4.44 15.85 87.45
N ILE A 1623 -4.09 17.06 87.00
CA ILE A 1623 -2.83 17.72 87.31
C ILE A 1623 -3.16 19.08 87.91
N GLU A 1624 -2.60 19.35 89.10
CA GLU A 1624 -2.89 20.59 89.81
C GLU A 1624 -1.58 21.20 90.28
N PHE A 1625 -1.61 22.53 90.51
CA PHE A 1625 -0.52 23.22 91.15
C PHE A 1625 -1.07 24.03 92.33
N CYS A 1626 -0.17 24.36 93.25
CA CYS A 1626 -0.55 25.05 94.46
C CYS A 1626 0.69 25.66 95.10
N ASP A 1627 0.47 26.59 96.03
CA ASP A 1627 1.57 27.29 96.69
C ASP A 1627 2.07 26.45 97.86
N TYR A 1628 3.12 26.92 98.53
CA TYR A 1628 3.78 26.14 99.56
C TYR A 1628 2.89 25.90 100.78
N ASP A 1629 1.90 26.78 101.00
CA ASP A 1629 1.07 26.71 102.18
C ASP A 1629 -0.25 25.98 101.92
N GLY A 1630 -0.49 25.56 100.67
CA GLY A 1630 -1.62 24.72 100.34
C GLY A 1630 -2.87 25.51 99.93
N HIS A 1631 -2.79 26.85 99.87
CA HIS A 1631 -3.98 27.67 99.73
C HIS A 1631 -4.44 27.80 98.28
N ASN A 1632 -3.61 28.46 97.45
CA ASN A 1632 -4.04 28.89 96.13
C ASN A 1632 -3.82 27.77 95.13
N ARG A 1633 -4.69 26.75 95.15
CA ARG A 1633 -4.55 25.63 94.23
C ARG A 1633 -5.45 25.83 93.01
N ARG A 1634 -4.91 25.44 91.85
CA ARG A 1634 -5.62 25.52 90.58
C ARG A 1634 -5.45 24.19 89.85
N GLN A 1635 -6.32 23.96 88.86
CA GLN A 1635 -6.30 22.73 88.07
C GLN A 1635 -5.74 23.03 86.69
N VAL A 1636 -4.70 22.28 86.30
CA VAL A 1636 -4.07 22.42 84.98
C VAL A 1636 -4.84 21.57 83.98
N ILE A 1637 -4.85 20.25 84.20
CA ILE A 1637 -5.62 19.30 83.41
C ILE A 1637 -6.55 18.58 84.37
N ALA A 1638 -7.87 18.66 84.13
CA ALA A 1638 -8.85 17.98 84.94
C ALA A 1638 -10.09 17.70 84.09
N SER A 1639 -10.85 16.67 84.49
CA SER A 1639 -12.03 16.23 83.75
C SER A 1639 -11.67 15.96 82.30
N ASP A 1640 -10.49 15.34 82.08
CA ASP A 1640 -9.92 15.15 80.76
C ASP A 1640 -9.51 13.68 80.62
N LEU A 1641 -10.03 13.02 79.58
CA LEU A 1641 -9.76 11.60 79.35
C LEU A 1641 -8.32 11.36 78.85
N VAL A 1642 -7.50 12.41 78.70
CA VAL A 1642 -6.10 12.27 78.32
C VAL A 1642 -5.28 11.58 79.41
N LEU A 1643 -5.69 11.72 80.68
CA LEU A 1643 -4.96 11.16 81.81
C LEU A 1643 -5.54 9.79 82.17
N HIS A 1644 -4.70 8.76 82.11
CA HIS A 1644 -5.08 7.39 82.43
C HIS A 1644 -4.46 6.99 83.77
N HIS A 1645 -3.13 7.12 83.91
CA HIS A 1645 -2.46 6.74 85.14
C HIS A 1645 -1.12 7.47 85.24
N PRO A 1646 -1.13 8.80 85.43
CA PRO A 1646 0.12 9.55 85.52
C PRO A 1646 0.94 9.15 86.75
N HIS A 1647 2.27 9.20 86.62
CA HIS A 1647 3.17 8.70 87.65
C HIS A 1647 4.22 9.73 88.11
N ALA A 1648 4.98 10.31 87.17
CA ALA A 1648 5.98 11.31 87.53
C ALA A 1648 5.78 12.56 86.67
N LEU A 1649 6.23 13.71 87.20
CA LEU A 1649 5.97 15.00 86.60
C LEU A 1649 7.19 15.91 86.78
N THR A 1650 7.59 16.57 85.69
CA THR A 1650 8.60 17.62 85.74
C THR A 1650 8.22 18.71 84.76
N LEU A 1651 8.59 19.95 85.09
CA LEU A 1651 8.19 21.10 84.28
C LEU A 1651 9.39 21.94 83.92
N PHE A 1652 9.28 22.62 82.77
CA PHE A 1652 10.37 23.44 82.24
C PHE A 1652 9.80 24.41 81.20
N GLU A 1653 9.93 25.71 81.45
CA GLU A 1653 9.59 26.75 80.50
C GLU A 1653 8.14 26.64 80.02
N ASP A 1654 7.20 26.82 80.95
CA ASP A 1654 5.77 26.89 80.66
C ASP A 1654 5.23 25.58 80.07
N PHE A 1655 5.90 24.44 80.32
CA PHE A 1655 5.41 23.12 79.95
C PHE A 1655 5.56 22.17 81.14
N VAL A 1656 4.59 21.24 81.29
CA VAL A 1656 4.68 20.08 82.16
C VAL A 1656 4.92 18.85 81.29
N TYR A 1657 5.85 17.98 81.70
CA TYR A 1657 6.03 16.68 81.08
C TYR A 1657 5.68 15.62 82.14
N TRP A 1658 4.84 14.67 81.76
CA TRP A 1658 4.44 13.60 82.67
C TRP A 1658 4.47 12.27 81.96
N THR A 1659 4.70 11.23 82.76
CA THR A 1659 4.70 9.85 82.30
C THR A 1659 3.37 9.22 82.70
N ASP A 1660 2.70 8.58 81.75
CA ASP A 1660 1.46 7.87 82.04
C ASP A 1660 1.74 6.37 81.94
N ARG A 1661 1.43 5.62 83.01
CA ARG A 1661 1.70 4.19 83.03
C ARG A 1661 0.59 3.42 82.33
N GLY A 1662 -0.64 3.97 82.34
CA GLY A 1662 -1.78 3.30 81.75
C GLY A 1662 -1.67 3.21 80.22
N THR A 1663 -1.30 4.34 79.60
CA THR A 1663 -1.21 4.44 78.16
C THR A 1663 0.23 4.33 77.67
N ARG A 1664 1.20 4.27 78.61
CA ARG A 1664 2.59 3.96 78.30
C ARG A 1664 3.18 5.00 77.33
N GLN A 1665 3.03 6.29 77.63
CA GLN A 1665 3.67 7.33 76.83
C GLN A 1665 3.95 8.56 77.68
N VAL A 1666 4.95 9.32 77.23
CA VAL A 1666 5.36 10.58 77.83
C VAL A 1666 4.63 11.70 77.11
N MET A 1667 4.02 12.60 77.89
CA MET A 1667 3.18 13.67 77.36
C MET A 1667 3.77 15.03 77.72
N GLN A 1668 3.40 16.05 76.92
CA GLN A 1668 3.72 17.46 77.15
C GLN A 1668 2.43 18.26 77.13
N ALA A 1669 2.30 19.29 77.98
CA ALA A 1669 1.21 20.25 77.89
C ALA A 1669 1.61 21.60 78.50
N ASN A 1670 0.88 22.67 78.18
CA ASN A 1670 1.13 23.99 78.75
C ASN A 1670 0.89 23.96 80.26
N LYS A 1671 1.84 24.44 81.09
CA LYS A 1671 1.79 24.22 82.53
C LYS A 1671 0.72 25.04 83.26
N TRP A 1672 0.01 25.96 82.59
CA TRP A 1672 -0.93 26.85 83.25
C TRP A 1672 -2.39 26.47 82.98
N HIS A 1673 -2.76 26.27 81.69
CA HIS A 1673 -4.12 25.93 81.31
C HIS A 1673 -4.28 24.51 80.75
N GLY A 1674 -3.19 23.74 80.68
CA GLY A 1674 -3.25 22.34 80.29
C GLY A 1674 -3.55 22.08 78.82
N GLY A 1675 -3.57 23.13 78.00
CA GLY A 1675 -3.74 23.01 76.55
C GLY A 1675 -2.43 22.65 75.85
N ASN A 1676 -2.49 22.61 74.50
CA ASN A 1676 -1.35 22.27 73.65
C ASN A 1676 -0.78 20.89 74.03
N GLN A 1677 -1.66 19.92 74.28
CA GLN A 1677 -1.26 18.57 74.65
C GLN A 1677 -0.69 17.82 73.45
N SER A 1678 0.46 17.13 73.65
CA SER A 1678 1.05 16.28 72.63
C SER A 1678 1.93 15.19 73.24
N VAL A 1679 2.11 14.08 72.50
CA VAL A 1679 3.04 13.03 72.89
C VAL A 1679 4.47 13.47 72.61
N VAL A 1680 5.36 13.28 73.60
CA VAL A 1680 6.79 13.43 73.42
C VAL A 1680 7.38 12.11 72.90
N MET A 1681 7.07 10.98 73.55
CA MET A 1681 7.53 9.69 73.06
C MET A 1681 6.58 8.58 73.50
N TYR A 1682 6.57 7.48 72.75
CA TYR A 1682 5.92 6.24 73.16
C TYR A 1682 6.97 5.31 73.77
N SER A 1683 6.53 4.40 74.64
CA SER A 1683 7.41 3.43 75.26
C SER A 1683 6.78 2.03 75.16
N VAL A 1684 7.61 1.00 74.91
CA VAL A 1684 7.12 -0.38 74.90
C VAL A 1684 6.70 -0.80 76.31
N HIS A 1685 7.55 -0.50 77.31
CA HIS A 1685 7.25 -0.72 78.72
C HIS A 1685 6.59 0.51 79.35
N GLN A 1686 6.10 0.40 80.60
CA GLN A 1686 5.62 1.56 81.34
C GLN A 1686 6.77 2.55 81.62
N PRO A 1687 6.62 3.87 81.31
CA PRO A 1687 7.57 4.88 81.75
C PRO A 1687 7.24 5.28 83.19
N LEU A 1688 8.23 5.22 84.09
CA LEU A 1688 8.01 5.56 85.49
C LEU A 1688 8.55 6.95 85.81
N GLY A 1689 9.83 7.10 86.18
CA GLY A 1689 10.40 8.40 86.51
C GLY A 1689 10.66 9.28 85.28
N ILE A 1690 10.70 10.60 85.50
CA ILE A 1690 11.11 11.57 84.50
C ILE A 1690 11.81 12.73 85.20
N THR A 1691 12.81 13.34 84.55
CA THR A 1691 13.43 14.56 85.07
C THR A 1691 13.89 15.46 83.92
N ALA A 1692 13.80 16.79 84.10
CA ALA A 1692 14.31 17.74 83.12
C ALA A 1692 15.67 18.23 83.60
N ILE A 1693 16.71 18.01 82.78
CA ILE A 1693 18.08 18.37 83.12
C ILE A 1693 18.40 19.72 82.49
N HIS A 1694 18.51 20.75 83.33
CA HIS A 1694 18.86 22.09 82.90
C HIS A 1694 19.22 22.92 84.12
N PRO A 1695 20.19 23.87 84.02
CA PRO A 1695 20.50 24.76 85.13
C PRO A 1695 19.30 25.54 85.68
N SER A 1696 18.31 25.84 84.83
CA SER A 1696 17.09 26.51 85.27
C SER A 1696 16.36 25.68 86.32
N ARG A 1697 16.41 24.34 86.17
CA ARG A 1697 15.72 23.43 87.07
C ARG A 1697 16.39 23.39 88.45
N GLN A 1698 17.62 23.90 88.57
CA GLN A 1698 18.32 23.91 89.85
C GLN A 1698 18.95 25.29 90.03
N PRO A 1699 18.17 26.27 90.52
CA PRO A 1699 18.69 27.62 90.70
C PRO A 1699 19.80 27.63 91.73
N PRO A 1700 20.83 28.49 91.57
CA PRO A 1700 21.87 28.61 92.58
C PRO A 1700 21.44 29.44 93.79
N SER A 1701 22.11 29.19 94.90
CA SER A 1701 21.92 29.93 96.13
C SER A 1701 23.13 29.71 97.03
N ARG A 1702 23.26 30.53 98.07
CA ARG A 1702 24.36 30.39 99.01
C ARG A 1702 24.10 29.18 99.90
N ASN A 1703 25.18 28.50 100.27
CA ASN A 1703 25.10 27.29 101.08
C ASN A 1703 25.31 27.65 102.54
N PRO A 1704 24.27 27.56 103.40
CA PRO A 1704 24.42 27.96 104.79
C PRO A 1704 25.36 27.04 105.59
N CYS A 1705 25.56 25.80 105.11
CA CYS A 1705 26.36 24.83 105.85
C CYS A 1705 27.79 24.73 105.31
N ALA A 1706 28.22 25.69 104.46
CA ALA A 1706 29.57 25.67 103.93
C ALA A 1706 30.59 25.86 105.06
N SER A 1707 30.22 26.65 106.07
CA SER A 1707 31.11 26.98 107.19
C SER A 1707 30.72 26.23 108.47
N ALA A 1708 29.80 25.25 108.35
CA ALA A 1708 29.34 24.50 109.52
C ALA A 1708 30.35 23.43 109.88
N SER A 1709 30.40 23.11 111.18
CA SER A 1709 31.33 22.13 111.73
C SER A 1709 30.61 20.83 112.12
N CYS A 1710 29.40 20.62 111.60
CA CYS A 1710 28.62 19.42 111.89
C CYS A 1710 29.37 18.18 111.39
N SER A 1711 29.46 17.16 112.25
CA SER A 1711 29.97 15.87 111.85
C SER A 1711 28.84 15.06 111.21
N HIS A 1712 29.22 14.13 110.32
CA HIS A 1712 28.27 13.31 109.58
C HIS A 1712 27.39 14.22 108.74
N LEU A 1713 26.08 14.00 108.75
CA LEU A 1713 25.16 14.76 107.91
C LEU A 1713 25.03 16.20 108.43
N CYS A 1714 24.88 17.14 107.50
CA CYS A 1714 24.49 18.50 107.81
C CYS A 1714 23.31 18.88 106.93
N LEU A 1715 22.12 19.00 107.54
CA LEU A 1715 20.88 19.16 106.81
C LEU A 1715 20.42 20.62 106.86
N LEU A 1716 20.02 21.14 105.70
CA LEU A 1716 19.44 22.48 105.62
C LEU A 1716 18.08 22.48 106.33
N SER A 1717 17.71 23.64 106.86
CA SER A 1717 16.49 23.77 107.63
C SER A 1717 15.87 25.15 107.41
N ALA A 1718 14.58 25.25 107.73
CA ALA A 1718 13.83 26.49 107.59
C ALA A 1718 13.96 27.39 108.83
N GLN A 1719 14.70 26.92 109.86
CA GLN A 1719 14.95 27.73 111.05
C GLN A 1719 15.79 28.94 110.65
N ALA A 1720 15.34 30.13 111.08
CA ALA A 1720 15.84 31.40 110.58
C ALA A 1720 17.33 31.63 110.89
N PRO A 1721 17.81 31.47 112.15
CA PRO A 1721 19.17 31.92 112.48
C PRO A 1721 20.27 31.25 111.64
N ARG A 1722 20.34 29.92 111.68
CA ARG A 1722 21.43 29.18 111.06
C ARG A 1722 21.03 28.60 109.71
N HIS A 1723 19.76 28.21 109.56
CA HIS A 1723 19.26 27.53 108.35
C HIS A 1723 19.98 26.21 108.09
N TYR A 1724 20.42 25.55 109.17
CA TYR A 1724 20.99 24.22 109.06
C TYR A 1724 20.87 23.53 110.40
N SER A 1725 20.95 22.19 110.37
CA SER A 1725 20.96 21.39 111.57
C SER A 1725 21.82 20.14 111.33
N CYS A 1726 22.61 19.76 112.35
CA CYS A 1726 23.45 18.59 112.25
C CYS A 1726 22.63 17.35 112.59
N ALA A 1727 22.77 16.31 111.75
CA ALA A 1727 22.13 15.03 111.98
C ALA A 1727 23.13 13.92 111.67
N CYS A 1728 22.87 12.74 112.21
CA CYS A 1728 23.89 11.70 112.25
C CYS A 1728 23.24 10.35 111.94
N PRO A 1729 23.98 9.40 111.32
CA PRO A 1729 23.36 8.21 110.74
C PRO A 1729 22.65 7.32 111.75
N SER A 1730 22.02 6.26 111.22
CA SER A 1730 21.33 5.26 112.02
C SER A 1730 22.33 4.60 112.96
N GLY A 1731 21.96 4.51 114.25
CA GLY A 1731 22.79 3.91 115.28
C GLY A 1731 23.82 4.87 115.88
N TRP A 1732 23.54 6.18 115.82
CA TRP A 1732 24.39 7.19 116.43
C TRP A 1732 23.52 8.13 117.26
N ASN A 1733 24.09 8.66 118.35
CA ASN A 1733 23.42 9.71 119.12
C ASN A 1733 24.05 11.06 118.80
N LEU A 1734 23.20 12.06 118.53
CA LEU A 1734 23.64 13.45 118.48
C LEU A 1734 24.00 13.91 119.89
N SER A 1735 25.27 14.30 120.09
CA SER A 1735 25.76 14.69 121.41
C SER A 1735 25.15 16.03 121.83
N ASP A 1736 25.37 16.38 123.10
CA ASP A 1736 24.87 17.62 123.67
C ASP A 1736 25.54 18.84 123.02
N ASP A 1737 26.70 18.65 122.37
CA ASP A 1737 27.37 19.73 121.65
C ASP A 1737 26.53 20.15 120.44
N SER A 1738 25.65 19.25 119.97
CA SER A 1738 24.80 19.48 118.80
C SER A 1738 25.62 19.74 117.53
N VAL A 1739 26.88 19.30 117.53
CA VAL A 1739 27.73 19.37 116.35
C VAL A 1739 28.46 18.04 116.14
N ASN A 1740 28.48 17.20 117.17
CA ASN A 1740 29.22 15.94 117.12
C ASN A 1740 28.30 14.80 117.54
N CYS A 1741 28.58 13.61 117.01
CA CYS A 1741 27.74 12.44 117.18
C CYS A 1741 28.58 11.25 117.61
N VAL A 1742 28.03 10.40 118.48
CA VAL A 1742 28.75 9.27 119.04
C VAL A 1742 28.00 7.98 118.70
N ARG A 1743 28.73 6.87 118.66
CA ARG A 1743 28.14 5.57 118.33
C ARG A 1743 27.15 5.16 119.41
N GLY A 1744 25.98 4.68 118.97
CA GLY A 1744 24.97 4.16 119.87
C GLY A 1744 25.22 2.70 120.25
N ASP A 1745 26.13 2.47 121.19
CA ASP A 1745 26.57 1.12 121.53
C ASP A 1745 25.51 0.30 122.25
N GLN A 1746 24.29 0.84 122.43
CA GLN A 1746 23.23 0.09 123.09
C GLN A 1746 22.80 -1.08 122.21
N PRO A 1747 22.30 -2.17 122.81
CA PRO A 1747 21.82 -3.32 122.03
C PRO A 1747 20.54 -3.01 121.25
N PHE A 1748 20.27 -3.83 120.23
CA PHE A 1748 19.03 -3.74 119.49
C PHE A 1748 18.64 -5.13 118.97
N LEU A 1749 17.35 -5.33 118.77
CA LEU A 1749 16.82 -6.62 118.34
C LEU A 1749 16.77 -6.68 116.81
N MET A 1750 17.41 -7.71 116.25
CA MET A 1750 17.45 -7.91 114.81
C MET A 1750 16.33 -8.87 114.45
N SER A 1751 15.30 -8.34 113.77
CA SER A 1751 14.10 -9.10 113.45
C SER A 1751 14.22 -9.60 112.01
N VAL A 1752 14.54 -10.90 111.89
CA VAL A 1752 14.61 -11.53 110.59
C VAL A 1752 13.19 -11.78 110.09
N ARG A 1753 12.97 -11.46 108.81
CA ARG A 1753 11.69 -11.69 108.16
C ARG A 1753 12.00 -12.26 106.79
N ASP A 1754 10.97 -12.76 106.12
CA ASP A 1754 11.11 -13.13 104.72
C ASP A 1754 11.36 -11.85 103.91
N ASN A 1755 12.34 -11.92 103.01
CA ASN A 1755 12.70 -10.82 102.10
C ASN A 1755 13.46 -9.65 102.74
N ILE A 1756 13.51 -9.52 104.09
CA ILE A 1756 14.27 -8.43 104.71
C ILE A 1756 14.65 -8.78 106.16
N ILE A 1757 15.78 -8.21 106.64
CA ILE A 1757 16.15 -8.25 108.04
C ILE A 1757 16.14 -6.82 108.57
N PHE A 1758 15.43 -6.61 109.69
CA PHE A 1758 15.30 -5.29 110.29
C PHE A 1758 16.02 -5.25 111.63
N GLY A 1759 16.44 -4.03 112.00
CA GLY A 1759 16.98 -3.77 113.32
C GLY A 1759 16.05 -2.82 114.07
N ILE A 1760 15.39 -3.36 115.12
CA ILE A 1760 14.43 -2.59 115.90
C ILE A 1760 15.00 -2.37 117.29
N SER A 1761 14.57 -1.27 117.92
CA SER A 1761 15.05 -0.93 119.25
C SER A 1761 14.41 -1.84 120.29
N LEU A 1762 15.15 -2.14 121.36
CA LEU A 1762 14.65 -2.95 122.47
C LEU A 1762 13.54 -2.23 123.23
N ASP A 1763 13.46 -0.90 123.11
CA ASP A 1763 12.44 -0.12 123.79
C ASP A 1763 11.12 -0.27 123.03
N PRO A 1764 10.06 -0.83 123.66
CA PRO A 1764 8.79 -1.03 122.97
C PRO A 1764 8.10 0.26 122.53
N GLU A 1765 8.47 1.40 123.13
CA GLU A 1765 7.82 2.67 122.83
C GLU A 1765 8.33 3.26 121.50
N VAL A 1766 9.46 2.75 120.98
CA VAL A 1766 10.03 3.25 119.74
C VAL A 1766 9.60 2.31 118.60
N LYS A 1767 8.97 2.88 117.58
CA LYS A 1767 8.50 2.11 116.43
C LYS A 1767 9.23 2.49 115.15
N SER A 1768 10.55 2.75 115.24
CA SER A 1768 11.27 3.36 114.14
C SER A 1768 11.85 2.34 113.16
N ASN A 1769 12.33 1.19 113.68
CA ASN A 1769 13.02 0.17 112.89
C ASN A 1769 14.25 0.73 112.19
N ASP A 1770 15.02 1.58 112.87
CA ASP A 1770 16.17 2.23 112.25
C ASP A 1770 17.45 2.06 113.10
N ALA A 1771 17.53 0.97 113.89
CA ALA A 1771 18.73 0.70 114.67
C ALA A 1771 19.90 0.34 113.76
N MET A 1772 19.59 -0.17 112.57
CA MET A 1772 20.61 -0.52 111.59
C MET A 1772 20.06 -0.25 110.18
N VAL A 1773 20.94 -0.17 109.19
CA VAL A 1773 20.51 -0.10 107.80
C VAL A 1773 19.90 -1.44 107.41
N PRO A 1774 18.61 -1.51 106.99
CA PRO A 1774 17.95 -2.79 106.74
C PRO A 1774 18.63 -3.61 105.66
N ILE A 1775 18.65 -4.93 105.83
CA ILE A 1775 19.26 -5.81 104.84
C ILE A 1775 18.16 -6.37 103.95
N SER A 1776 17.87 -5.66 102.85
CA SER A 1776 16.86 -6.04 101.88
C SER A 1776 17.37 -7.09 100.89
N GLY A 1777 16.45 -7.77 100.19
CA GLY A 1777 16.78 -8.68 99.10
C GLY A 1777 17.16 -10.09 99.57
N ILE A 1778 16.84 -10.44 100.81
CA ILE A 1778 17.01 -11.78 101.33
C ILE A 1778 16.00 -12.70 100.65
N GLN A 1779 16.34 -13.98 100.55
CA GLN A 1779 15.42 -14.99 100.02
C GLN A 1779 15.32 -16.12 101.05
N HIS A 1780 14.08 -16.49 101.40
CA HIS A 1780 13.82 -17.59 102.31
C HIS A 1780 14.58 -17.39 103.62
N GLY A 1781 14.51 -16.16 104.15
CA GLY A 1781 15.21 -15.79 105.37
C GLY A 1781 14.66 -16.55 106.57
N TYR A 1782 15.55 -17.16 107.34
CA TYR A 1782 15.15 -17.92 108.52
C TYR A 1782 15.94 -17.45 109.75
N ASP A 1783 17.25 -17.25 109.60
CA ASP A 1783 18.11 -17.04 110.74
C ASP A 1783 19.23 -16.06 110.39
N VAL A 1784 19.93 -15.60 111.42
CA VAL A 1784 20.94 -14.58 111.26
C VAL A 1784 21.96 -14.73 112.39
N GLU A 1785 23.15 -14.14 112.17
CA GLU A 1785 24.18 -14.05 113.18
C GLU A 1785 24.96 -12.76 112.99
N PHE A 1786 25.79 -12.42 113.96
CA PHE A 1786 26.54 -11.17 113.91
C PHE A 1786 27.90 -11.36 114.57
N ASP A 1787 28.84 -10.52 114.15
CA ASP A 1787 30.13 -10.37 114.79
C ASP A 1787 30.31 -8.90 115.14
N ASP A 1788 30.29 -8.60 116.43
CA ASP A 1788 30.35 -7.22 116.88
C ASP A 1788 31.65 -6.56 116.41
N SER A 1789 32.77 -7.27 116.56
CA SER A 1789 34.03 -6.83 115.97
C SER A 1789 33.87 -6.79 114.45
N GLU A 1790 34.27 -5.66 113.85
CA GLU A 1790 34.09 -5.40 112.42
C GLU A 1790 32.63 -5.09 112.08
N GLN A 1791 31.71 -5.24 113.05
CA GLN A 1791 30.30 -4.95 112.89
C GLN A 1791 29.73 -5.60 111.62
N PHE A 1792 29.75 -6.94 111.58
CA PHE A 1792 29.25 -7.67 110.43
C PHE A 1792 28.00 -8.46 110.80
N ILE A 1793 27.12 -8.65 109.81
CA ILE A 1793 25.90 -9.42 109.96
C ILE A 1793 25.95 -10.56 108.95
N TYR A 1794 25.68 -11.79 109.43
CA TYR A 1794 25.78 -12.98 108.61
C TYR A 1794 24.40 -13.62 108.43
N TRP A 1795 24.08 -13.98 107.19
CA TRP A 1795 22.89 -14.77 106.90
C TRP A 1795 23.20 -15.70 105.75
N VAL A 1796 22.45 -16.80 105.64
CA VAL A 1796 22.66 -17.79 104.59
C VAL A 1796 21.73 -17.49 103.43
N GLU A 1797 22.18 -17.83 102.21
CA GLU A 1797 21.37 -17.70 101.01
C GLU A 1797 21.08 -19.10 100.47
N ASN A 1798 19.96 -19.21 99.72
CA ASN A 1798 19.40 -20.48 99.30
C ASN A 1798 20.41 -21.31 98.50
N PRO A 1799 21.12 -20.75 97.49
CA PRO A 1799 22.01 -21.56 96.66
C PRO A 1799 23.17 -22.24 97.39
N GLY A 1800 23.32 -21.99 98.70
CA GLY A 1800 24.37 -22.60 99.50
C GLY A 1800 25.56 -21.67 99.70
N GLU A 1801 25.26 -20.41 100.06
CA GLU A 1801 26.27 -19.41 100.35
C GLU A 1801 25.96 -18.74 101.68
N ILE A 1802 26.98 -18.11 102.28
CA ILE A 1802 26.81 -17.28 103.45
C ILE A 1802 27.21 -15.86 103.08
N HIS A 1803 26.33 -14.90 103.35
CA HIS A 1803 26.57 -13.51 102.98
C HIS A 1803 26.91 -12.70 104.24
N ARG A 1804 27.53 -11.53 104.02
CA ARG A 1804 27.88 -10.64 105.11
C ARG A 1804 27.58 -9.20 104.67
N VAL A 1805 27.41 -8.34 105.67
CA VAL A 1805 27.22 -6.92 105.45
C VAL A 1805 27.47 -6.20 106.78
N LYS A 1806 27.92 -4.95 106.69
CA LYS A 1806 28.11 -4.15 107.89
C LYS A 1806 26.78 -3.55 108.32
N THR A 1807 26.71 -3.16 109.58
CA THR A 1807 25.50 -2.57 110.13
C THR A 1807 25.16 -1.24 109.47
N ASP A 1808 26.14 -0.62 108.79
CA ASP A 1808 25.92 0.65 108.10
C ASP A 1808 25.63 0.47 106.61
N GLY A 1809 25.47 -0.80 106.17
CA GLY A 1809 25.15 -1.13 104.78
C GLY A 1809 26.36 -1.31 103.86
N SER A 1810 27.60 -1.16 104.37
CA SER A 1810 28.77 -1.23 103.52
C SER A 1810 29.32 -2.65 103.49
N ASN A 1811 30.13 -2.96 102.46
CA ASN A 1811 30.87 -4.21 102.34
C ASN A 1811 29.93 -5.41 102.26
N ARG A 1812 28.80 -5.26 101.55
CA ARG A 1812 27.90 -6.38 101.32
C ARG A 1812 28.50 -7.31 100.27
N THR A 1813 28.91 -8.51 100.69
CA THR A 1813 29.54 -9.46 99.78
C THR A 1813 29.10 -10.88 100.14
N VAL A 1814 29.28 -11.81 99.22
CA VAL A 1814 29.14 -13.22 99.54
C VAL A 1814 30.44 -13.68 100.18
N PHE A 1815 30.33 -14.24 101.38
CA PHE A 1815 31.51 -14.50 102.19
C PHE A 1815 32.20 -15.79 101.75
N ALA A 1816 31.47 -16.91 101.76
CA ALA A 1816 32.03 -18.20 101.43
C ALA A 1816 30.94 -19.16 101.00
N PRO A 1817 31.24 -20.20 100.21
CA PRO A 1817 30.27 -21.25 99.94
C PRO A 1817 30.20 -22.24 101.09
N LEU A 1818 28.98 -22.64 101.45
CA LEU A 1818 28.76 -23.46 102.65
C LEU A 1818 28.76 -24.95 102.32
N SER A 1819 27.83 -25.39 101.45
CA SER A 1819 27.67 -26.80 101.18
C SER A 1819 27.27 -27.00 99.72
N LEU A 1820 27.87 -28.01 99.08
CA LEU A 1820 27.56 -28.36 97.71
C LEU A 1820 26.37 -29.33 97.64
N LEU A 1821 25.84 -29.73 98.81
CA LEU A 1821 24.86 -30.81 98.88
C LEU A 1821 23.45 -30.30 99.23
N GLY A 1822 23.33 -29.07 99.73
CA GLY A 1822 22.03 -28.52 100.05
C GLY A 1822 22.13 -27.15 100.70
N SER A 1823 20.96 -26.64 101.10
CA SER A 1823 20.85 -25.31 101.68
C SER A 1823 20.90 -25.40 103.20
N SER A 1824 21.61 -24.47 103.82
CA SER A 1824 21.75 -24.43 105.27
C SER A 1824 20.57 -23.71 105.91
N LEU A 1825 20.28 -24.04 107.17
CA LEU A 1825 19.10 -23.53 107.85
C LEU A 1825 19.50 -22.67 109.06
N GLY A 1826 20.23 -23.28 110.00
CA GLY A 1826 20.57 -22.64 111.26
C GLY A 1826 21.92 -21.94 111.18
N LEU A 1827 22.19 -21.08 112.17
CA LEU A 1827 23.44 -20.36 112.27
C LEU A 1827 23.77 -20.12 113.74
N ALA A 1828 25.07 -20.06 114.03
CA ALA A 1828 25.59 -19.67 115.33
C ALA A 1828 27.07 -19.34 115.17
N LEU A 1829 27.49 -18.22 115.75
CA LEU A 1829 28.84 -17.72 115.56
C LEU A 1829 29.60 -17.85 116.88
N ASP A 1830 30.77 -18.46 116.81
CA ASP A 1830 31.68 -18.56 117.93
C ASP A 1830 32.62 -17.36 117.89
N TRP A 1831 32.48 -16.44 118.85
CA TRP A 1831 33.08 -15.12 118.70
C TRP A 1831 34.47 -15.02 119.33
N VAL A 1832 35.00 -16.13 119.87
CA VAL A 1832 36.32 -16.09 120.47
C VAL A 1832 37.29 -16.93 119.66
N SER A 1833 36.80 -18.03 119.07
CA SER A 1833 37.59 -18.84 118.16
C SER A 1833 37.36 -18.44 116.70
N ARG A 1834 36.37 -17.58 116.44
CA ARG A 1834 36.07 -17.05 115.11
C ARG A 1834 35.69 -18.18 114.15
N ASN A 1835 34.68 -18.96 114.57
CA ASN A 1835 34.09 -20.00 113.76
C ASN A 1835 32.58 -19.77 113.69
N ILE A 1836 31.96 -20.27 112.62
CA ILE A 1836 30.52 -20.24 112.47
C ILE A 1836 30.01 -21.66 112.28
N TYR A 1837 29.04 -22.06 113.12
CA TYR A 1837 28.43 -23.37 113.04
C TYR A 1837 27.06 -23.24 112.40
N TYR A 1838 26.72 -24.17 111.51
CA TYR A 1838 25.43 -24.13 110.85
C TYR A 1838 24.93 -25.54 110.57
N THR A 1839 23.62 -25.64 110.35
CA THR A 1839 22.98 -26.90 110.02
C THR A 1839 22.57 -26.90 108.56
N THR A 1840 22.75 -28.05 107.91
CA THR A 1840 22.31 -28.28 106.54
C THR A 1840 21.37 -29.47 106.54
N PRO A 1841 20.05 -29.24 106.76
CA PRO A 1841 19.12 -30.35 106.92
C PRO A 1841 18.96 -31.20 105.66
N ALA A 1842 19.36 -30.66 104.50
CA ALA A 1842 19.33 -31.40 103.23
C ALA A 1842 20.26 -32.62 103.30
N SER A 1843 21.50 -32.39 103.71
CA SER A 1843 22.48 -33.47 103.85
C SER A 1843 22.50 -34.01 105.29
N ARG A 1844 21.74 -33.38 106.20
CA ARG A 1844 21.54 -33.88 107.56
C ARG A 1844 22.86 -33.94 108.31
N SER A 1845 23.52 -32.79 108.41
CA SER A 1845 24.79 -32.70 109.11
C SER A 1845 24.91 -31.35 109.80
N ILE A 1846 25.74 -31.31 110.85
CA ILE A 1846 26.15 -30.06 111.49
C ILE A 1846 27.62 -29.84 111.17
N GLU A 1847 27.94 -28.69 110.59
CA GLU A 1847 29.32 -28.42 110.20
C GLU A 1847 29.75 -27.05 110.70
N VAL A 1848 31.05 -26.77 110.51
CA VAL A 1848 31.68 -25.57 111.01
C VAL A 1848 32.45 -24.91 109.86
N LEU A 1849 32.68 -23.60 109.98
CA LEU A 1849 33.40 -22.83 108.99
C LEU A 1849 34.18 -21.73 109.71
N THR A 1850 35.40 -21.45 109.24
CA THR A 1850 36.29 -20.53 109.93
C THR A 1850 36.12 -19.12 109.38
N LEU A 1851 36.01 -18.14 110.31
CA LEU A 1851 35.92 -16.73 109.94
C LEU A 1851 37.31 -16.10 109.88
N LYS A 1852 38.28 -16.62 110.64
CA LYS A 1852 39.60 -16.05 110.71
C LYS A 1852 40.37 -16.32 109.41
N GLY A 1853 41.32 -15.42 109.12
CA GLY A 1853 42.25 -15.61 108.01
C GLY A 1853 41.65 -15.25 106.66
N ASP A 1854 42.41 -15.50 105.59
CA ASP A 1854 42.01 -15.14 104.23
C ASP A 1854 41.52 -16.37 103.46
N THR A 1855 41.68 -17.57 104.03
CA THR A 1855 41.30 -18.81 103.36
C THR A 1855 40.22 -19.52 104.18
N ARG A 1856 39.18 -19.99 103.49
CA ARG A 1856 38.05 -20.63 104.14
C ARG A 1856 38.32 -22.12 104.29
N TYR A 1857 38.00 -22.64 105.48
CA TYR A 1857 38.10 -24.07 105.76
C TYR A 1857 36.81 -24.49 106.46
N GLY A 1858 36.26 -25.65 106.07
CA GLY A 1858 35.02 -26.13 106.65
C GLY A 1858 35.01 -27.66 106.78
N LYS A 1859 34.42 -28.14 107.88
CA LYS A 1859 34.41 -29.54 108.25
C LYS A 1859 33.00 -29.95 108.67
N THR A 1860 32.48 -31.07 108.15
CA THR A 1860 31.29 -31.67 108.73
C THR A 1860 31.62 -32.27 110.10
N LEU A 1861 30.91 -31.82 111.14
CA LEU A 1861 31.20 -32.25 112.50
C LEU A 1861 30.40 -33.50 112.85
N ILE A 1862 29.07 -33.42 112.68
CA ILE A 1862 28.19 -34.52 113.04
C ILE A 1862 27.36 -34.91 111.82
N ALA A 1863 27.18 -36.22 111.60
CA ALA A 1863 26.39 -36.71 110.50
C ALA A 1863 25.30 -37.64 111.04
N ASN A 1864 24.37 -38.02 110.14
CA ASN A 1864 23.32 -38.97 110.43
C ASN A 1864 23.83 -40.39 110.19
N ASP A 1865 24.46 -41.03 111.18
CA ASP A 1865 24.50 -42.48 111.21
C ASP A 1865 23.18 -43.02 111.77
N GLY A 1866 23.01 -44.34 111.86
CA GLY A 1866 21.75 -44.93 112.29
C GLY A 1866 21.36 -44.68 113.76
N THR A 1867 22.30 -44.20 114.59
CA THR A 1867 22.15 -44.23 116.05
C THR A 1867 21.32 -43.05 116.57
N PRO A 1868 20.68 -43.16 117.77
CA PRO A 1868 19.96 -42.05 118.38
C PRO A 1868 20.75 -40.76 118.64
N LEU A 1869 22.09 -40.87 118.67
CA LEU A 1869 22.98 -39.75 119.00
C LEU A 1869 23.32 -38.86 117.79
N GLY A 1870 23.21 -39.38 116.56
CA GLY A 1870 23.47 -38.60 115.36
C GLY A 1870 22.42 -37.50 115.13
N VAL A 1871 22.67 -36.59 114.18
CA VAL A 1871 21.66 -35.60 113.84
C VAL A 1871 20.60 -36.27 112.97
N GLY A 1872 19.31 -35.94 113.19
CA GLY A 1872 18.24 -36.45 112.35
C GLY A 1872 17.87 -35.42 111.30
N PHE A 1873 17.41 -34.26 111.79
CA PHE A 1873 17.06 -33.09 111.00
C PHE A 1873 17.25 -31.89 111.90
N PRO A 1874 18.47 -31.32 111.99
CA PRO A 1874 18.76 -30.24 112.92
C PRO A 1874 18.17 -28.93 112.45
N VAL A 1875 17.58 -28.17 113.39
CA VAL A 1875 16.94 -26.91 113.08
C VAL A 1875 17.80 -25.76 113.61
N GLY A 1876 17.98 -25.72 114.94
CA GLY A 1876 18.65 -24.60 115.58
C GLY A 1876 20.01 -24.98 116.15
N ILE A 1877 20.87 -23.96 116.34
CA ILE A 1877 22.18 -24.12 116.92
C ILE A 1877 22.41 -23.02 117.95
N ALA A 1878 22.96 -23.42 119.11
CA ALA A 1878 23.49 -22.49 120.09
C ALA A 1878 24.90 -22.94 120.46
N VAL A 1879 25.82 -21.96 120.54
CA VAL A 1879 27.20 -22.26 120.86
C VAL A 1879 27.56 -21.59 122.17
N ASP A 1880 28.36 -22.31 122.97
CA ASP A 1880 28.90 -21.79 124.21
C ASP A 1880 30.42 -21.77 124.08
N PRO A 1881 31.03 -20.62 123.74
CA PRO A 1881 32.47 -20.58 123.47
C PRO A 1881 33.30 -21.09 124.63
N ALA A 1882 33.13 -20.50 125.83
CA ALA A 1882 33.65 -21.08 127.04
C ALA A 1882 32.88 -22.37 127.35
N ARG A 1883 33.54 -23.33 128.00
CA ARG A 1883 32.96 -24.63 128.33
C ARG A 1883 32.73 -25.48 127.07
N GLY A 1884 32.94 -24.88 125.88
CA GLY A 1884 33.03 -25.58 124.60
C GLY A 1884 31.96 -26.66 124.38
N LYS A 1885 30.69 -26.24 124.30
CA LYS A 1885 29.61 -27.11 123.84
C LYS A 1885 28.69 -26.46 122.81
N LEU A 1886 28.35 -27.24 121.77
CA LEU A 1886 27.22 -27.03 120.88
C LEU A 1886 25.96 -27.58 121.53
N TYR A 1887 24.83 -26.90 121.28
CA TYR A 1887 23.50 -27.42 121.53
C TYR A 1887 22.70 -27.30 120.26
N TRP A 1888 21.85 -28.30 119.95
CA TRP A 1888 21.00 -28.22 118.76
C TRP A 1888 19.63 -28.84 119.02
N SER A 1889 18.63 -28.37 118.27
CA SER A 1889 17.28 -28.93 118.29
C SER A 1889 17.04 -29.73 117.02
N ASP A 1890 16.32 -30.84 117.11
CA ASP A 1890 16.34 -31.85 116.07
C ASP A 1890 14.94 -32.48 115.92
N HIS A 1891 14.40 -32.54 114.70
CA HIS A 1891 13.09 -33.17 114.47
C HIS A 1891 13.15 -34.70 114.50
N GLY A 1892 14.36 -35.29 114.57
CA GLY A 1892 14.50 -36.73 114.46
C GLY A 1892 14.25 -37.26 113.04
N THR A 1893 14.25 -38.58 112.89
CA THR A 1893 14.03 -39.29 111.63
C THR A 1893 13.22 -40.57 111.86
N ASP A 1894 12.64 -41.10 110.77
CA ASP A 1894 11.93 -42.36 110.80
C ASP A 1894 12.91 -43.51 111.07
N SER A 1895 12.55 -44.36 112.04
CA SER A 1895 13.28 -45.57 112.43
C SER A 1895 14.72 -45.29 112.83
N GLY A 1896 14.97 -44.16 113.53
CA GLY A 1896 16.30 -43.82 113.98
C GLY A 1896 16.31 -42.79 115.10
N VAL A 1897 16.73 -41.56 114.76
CA VAL A 1897 16.94 -40.49 115.69
C VAL A 1897 15.60 -39.99 116.26
N PRO A 1898 15.38 -39.91 117.58
CA PRO A 1898 14.15 -39.33 118.12
C PRO A 1898 14.19 -37.80 118.01
N ALA A 1899 13.02 -37.16 118.01
CA ALA A 1899 12.94 -35.71 118.14
C ALA A 1899 13.51 -35.29 119.50
N LYS A 1900 14.50 -34.38 119.52
CA LYS A 1900 15.33 -34.20 120.69
C LYS A 1900 15.97 -32.81 120.78
N ILE A 1901 16.37 -32.46 122.02
CA ILE A 1901 17.36 -31.43 122.30
C ILE A 1901 18.66 -32.19 122.60
N ALA A 1902 19.74 -31.84 121.89
CA ALA A 1902 20.98 -32.60 121.97
C ALA A 1902 22.16 -31.65 122.14
N SER A 1903 23.31 -32.19 122.58
CA SER A 1903 24.52 -31.41 122.72
C SER A 1903 25.75 -32.23 122.32
N ALA A 1904 26.84 -31.51 122.03
CA ALA A 1904 28.13 -32.08 121.69
C ALA A 1904 29.22 -31.12 122.12
N ASN A 1905 30.46 -31.60 122.26
CA ASN A 1905 31.61 -30.72 122.24
C ASN A 1905 31.64 -29.99 120.89
N MET A 1906 32.25 -28.80 120.81
CA MET A 1906 32.22 -28.02 119.58
C MET A 1906 33.13 -28.64 118.51
N ASP A 1907 33.96 -29.63 118.87
CA ASP A 1907 34.64 -30.46 117.88
C ASP A 1907 33.79 -31.68 117.47
N GLY A 1908 32.62 -31.89 118.09
CA GLY A 1908 31.66 -32.92 117.69
C GLY A 1908 31.91 -34.28 118.35
N THR A 1909 32.67 -34.32 119.45
CA THR A 1909 33.09 -35.58 120.05
C THR A 1909 31.95 -36.28 120.82
N SER A 1910 31.44 -35.65 121.89
CA SER A 1910 30.65 -36.34 122.90
C SER A 1910 29.16 -36.03 122.72
N LEU A 1911 28.52 -36.73 121.77
CA LEU A 1911 27.09 -36.55 121.50
C LEU A 1911 26.26 -36.99 122.72
N LYS A 1912 25.21 -36.22 123.04
CA LYS A 1912 24.39 -36.47 124.22
C LYS A 1912 22.95 -36.04 123.96
N ILE A 1913 21.97 -36.76 124.55
CA ILE A 1913 20.56 -36.38 124.47
C ILE A 1913 20.16 -35.74 125.81
N LEU A 1914 19.73 -34.48 125.78
CA LEU A 1914 19.35 -33.75 126.98
C LEU A 1914 17.86 -33.96 127.28
N PHE A 1915 17.00 -33.59 126.33
CA PHE A 1915 15.55 -33.70 126.49
C PHE A 1915 14.93 -34.38 125.28
N THR A 1916 14.05 -35.35 125.53
CA THR A 1916 13.17 -35.91 124.52
C THR A 1916 11.84 -36.26 125.17
N GLY A 1917 10.75 -36.17 124.39
CA GLY A 1917 9.41 -36.25 124.96
C GLY A 1917 8.34 -35.76 123.98
N ASN A 1918 7.62 -34.69 124.35
CA ASN A 1918 6.46 -34.25 123.59
C ASN A 1918 6.85 -33.26 122.50
N LEU A 1919 8.15 -33.17 122.18
CA LEU A 1919 8.67 -32.37 121.09
C LEU A 1919 8.19 -33.00 119.78
N GLN A 1920 7.33 -32.31 119.02
CA GLN A 1920 7.07 -32.71 117.64
C GLN A 1920 7.48 -31.61 116.68
N HIS A 1921 6.79 -30.47 116.68
CA HIS A 1921 7.14 -29.37 115.78
C HIS A 1921 8.12 -28.45 116.49
N LEU A 1922 9.29 -28.99 116.84
CA LEU A 1922 10.31 -28.27 117.58
C LEU A 1922 10.89 -27.15 116.73
N GLU A 1923 11.07 -25.98 117.35
CA GLU A 1923 11.62 -24.79 116.72
C GLU A 1923 13.05 -24.59 117.21
N VAL A 1924 13.62 -23.44 116.87
CA VAL A 1924 15.03 -23.17 117.15
C VAL A 1924 15.26 -23.24 118.66
N VAL A 1925 16.48 -23.63 119.03
CA VAL A 1925 16.95 -23.59 120.41
C VAL A 1925 17.78 -22.32 120.62
N THR A 1926 17.89 -21.89 121.88
CA THR A 1926 18.72 -20.75 122.24
C THR A 1926 19.23 -20.97 123.65
N LEU A 1927 20.31 -20.26 123.99
CA LEU A 1927 21.02 -20.46 125.24
C LEU A 1927 21.19 -19.12 125.94
N ASP A 1928 20.90 -19.11 127.25
CA ASP A 1928 21.27 -18.01 128.13
C ASP A 1928 22.57 -18.40 128.83
N ILE A 1929 23.69 -17.86 128.34
CA ILE A 1929 25.00 -18.25 128.83
C ILE A 1929 25.18 -17.87 130.30
N GLN A 1930 24.68 -16.69 130.70
CA GLN A 1930 24.87 -16.21 132.06
C GLN A 1930 24.20 -17.15 133.07
N GLU A 1931 23.00 -17.63 132.75
CA GLU A 1931 22.25 -18.49 133.65
C GLU A 1931 22.41 -19.98 133.30
N GLN A 1932 22.98 -20.28 132.12
CA GLN A 1932 23.23 -21.64 131.66
C GLN A 1932 21.94 -22.44 131.61
N LYS A 1933 20.94 -21.92 130.89
CA LYS A 1933 19.69 -22.62 130.66
C LYS A 1933 19.32 -22.53 129.18
N LEU A 1934 18.93 -23.65 128.56
CA LEU A 1934 18.43 -23.68 127.19
C LEU A 1934 16.96 -23.27 127.16
N TYR A 1935 16.56 -22.63 126.05
CA TYR A 1935 15.17 -22.27 125.77
C TYR A 1935 14.82 -22.79 124.39
N TRP A 1936 13.58 -23.27 124.22
CA TRP A 1936 13.12 -23.72 122.92
C TRP A 1936 11.60 -23.61 122.87
N ALA A 1937 11.05 -23.69 121.66
CA ALA A 1937 9.63 -23.56 121.46
C ALA A 1937 9.10 -24.79 120.74
N VAL A 1938 7.93 -25.25 121.13
CA VAL A 1938 7.28 -26.40 120.51
C VAL A 1938 5.98 -25.92 119.88
N THR A 1939 5.88 -26.01 118.55
CA THR A 1939 4.71 -25.49 117.84
C THR A 1939 3.51 -26.42 118.03
N SER A 1940 3.75 -27.74 118.09
CA SER A 1940 2.68 -28.71 118.23
C SER A 1940 1.90 -28.51 119.52
N ARG A 1941 2.50 -27.86 120.53
CA ARG A 1941 1.82 -27.59 121.79
C ARG A 1941 1.67 -26.10 122.06
N GLY A 1942 2.34 -25.25 121.26
CA GLY A 1942 2.26 -23.80 121.39
C GLY A 1942 2.85 -23.29 122.70
N VAL A 1943 4.03 -23.80 123.08
CA VAL A 1943 4.67 -23.42 124.32
C VAL A 1943 6.13 -23.04 124.07
N ILE A 1944 6.70 -22.29 125.02
CA ILE A 1944 8.13 -22.07 125.10
C ILE A 1944 8.61 -22.69 126.41
N GLU A 1945 9.65 -23.53 126.32
CA GLU A 1945 10.12 -24.28 127.48
C GLU A 1945 11.56 -23.88 127.83
N ARG A 1946 11.93 -24.18 129.08
CA ARG A 1946 13.28 -24.01 129.56
C ARG A 1946 13.86 -25.36 129.96
N GLY A 1947 15.18 -25.38 130.10
CA GLY A 1947 15.88 -26.57 130.56
C GLY A 1947 17.33 -26.26 130.86
N ASN A 1948 17.86 -26.86 131.93
CA ASN A 1948 19.28 -26.74 132.23
C ASN A 1948 20.09 -27.49 131.18
N VAL A 1949 21.34 -27.08 131.00
CA VAL A 1949 22.23 -27.77 130.06
C VAL A 1949 22.58 -29.16 130.58
N ASP A 1950 22.39 -29.43 131.88
CA ASP A 1950 22.58 -30.75 132.44
C ASP A 1950 21.50 -31.73 131.97
N GLY A 1951 20.39 -31.21 131.44
CA GLY A 1951 19.29 -32.04 130.98
C GLY A 1951 18.37 -32.50 132.11
N THR A 1952 18.43 -31.83 133.27
CA THR A 1952 17.71 -32.31 134.45
C THR A 1952 16.36 -31.62 134.59
N GLU A 1953 16.36 -30.30 134.74
CA GLU A 1953 15.12 -29.58 135.06
C GLU A 1953 14.49 -29.06 133.78
N ARG A 1954 13.18 -29.28 133.64
CA ARG A 1954 12.45 -28.89 132.43
C ARG A 1954 11.07 -28.40 132.84
N MET A 1955 10.62 -27.31 132.21
CA MET A 1955 9.35 -26.70 132.59
C MET A 1955 8.82 -25.85 131.43
N ILE A 1956 7.52 -25.53 131.49
CA ILE A 1956 6.85 -24.77 130.46
C ILE A 1956 6.78 -23.31 130.94
N LEU A 1957 7.24 -22.40 130.07
CA LEU A 1957 7.41 -20.99 130.44
C LEU A 1957 6.25 -20.14 129.90
N VAL A 1958 5.88 -20.33 128.64
CA VAL A 1958 4.81 -19.55 128.01
C VAL A 1958 3.77 -20.52 127.46
N HIS A 1959 2.49 -20.14 127.53
CA HIS A 1959 1.39 -20.96 127.05
C HIS A 1959 0.64 -20.25 125.91
N HIS A 1960 -0.14 -21.05 125.17
CA HIS A 1960 -1.12 -20.56 124.21
C HIS A 1960 -0.49 -19.71 123.11
N LEU A 1961 0.69 -20.13 122.61
CA LEU A 1961 1.22 -19.51 121.41
C LEU A 1961 0.67 -20.22 120.17
N ALA A 1962 0.77 -19.55 119.02
CA ALA A 1962 0.21 -20.05 117.77
C ALA A 1962 1.27 -20.79 116.95
N HIS A 1963 2.34 -20.08 116.57
CA HIS A 1963 3.44 -20.67 115.82
C HIS A 1963 4.71 -19.87 116.10
N PRO A 1964 5.36 -20.14 117.25
CA PRO A 1964 6.63 -19.50 117.55
C PRO A 1964 7.67 -19.86 116.49
N TRP A 1965 8.47 -18.87 116.09
CA TRP A 1965 9.46 -19.10 115.04
C TRP A 1965 10.86 -18.80 115.56
N GLY A 1966 11.03 -17.61 116.15
CA GLY A 1966 12.29 -17.19 116.73
C GLY A 1966 12.12 -16.83 118.20
N LEU A 1967 13.20 -16.97 118.96
CA LEU A 1967 13.23 -16.50 120.34
C LEU A 1967 14.68 -16.25 120.75
N VAL A 1968 14.86 -15.28 121.64
CA VAL A 1968 16.18 -14.89 122.12
C VAL A 1968 16.06 -14.40 123.55
N VAL A 1969 17.09 -14.68 124.36
CA VAL A 1969 17.12 -14.24 125.74
C VAL A 1969 18.26 -13.26 125.90
N TYR A 1970 17.94 -12.06 126.39
CA TYR A 1970 18.94 -11.05 126.69
C TYR A 1970 18.54 -10.30 127.96
N GLY A 1971 19.51 -10.13 128.86
CA GLY A 1971 19.26 -9.52 130.15
C GLY A 1971 18.20 -10.32 130.93
N SER A 1972 17.19 -9.60 131.41
CA SER A 1972 16.15 -10.20 132.25
C SER A 1972 14.89 -10.52 131.44
N PHE A 1973 14.93 -10.35 130.11
CA PHE A 1973 13.74 -10.53 129.29
C PHE A 1973 13.99 -11.54 128.17
N LEU A 1974 12.90 -12.20 127.74
CA LEU A 1974 12.90 -13.13 126.63
C LEU A 1974 11.99 -12.60 125.54
N TYR A 1975 12.55 -12.48 124.32
CA TYR A 1975 11.81 -11.96 123.18
C TYR A 1975 11.47 -13.12 122.26
N TYR A 1976 10.21 -13.21 121.83
CA TYR A 1976 9.79 -14.22 120.87
C TYR A 1976 8.87 -13.59 119.82
N SER A 1977 8.96 -14.13 118.60
CA SER A 1977 8.14 -13.69 117.49
C SER A 1977 7.19 -14.84 117.10
N ASP A 1978 5.90 -14.52 117.01
CA ASP A 1978 4.91 -15.50 116.59
C ASP A 1978 4.51 -15.20 115.16
N GLU A 1979 4.72 -16.16 114.27
CA GLU A 1979 4.50 -15.97 112.85
C GLU A 1979 3.00 -15.94 112.52
N GLN A 1980 2.19 -16.61 113.34
CA GLN A 1980 0.75 -16.72 113.10
C GLN A 1980 -0.04 -15.61 113.78
N TYR A 1981 0.40 -15.17 114.96
CA TYR A 1981 -0.16 -13.98 115.58
C TYR A 1981 0.39 -12.70 114.96
N GLU A 1982 1.45 -12.81 114.16
CA GLU A 1982 2.08 -11.68 113.47
C GLU A 1982 2.52 -10.62 114.48
N VAL A 1983 3.21 -11.05 115.54
CA VAL A 1983 3.55 -10.18 116.65
C VAL A 1983 4.94 -10.50 117.17
N ILE A 1984 5.58 -9.51 117.79
CA ILE A 1984 6.82 -9.69 118.51
C ILE A 1984 6.57 -9.26 119.95
N GLU A 1985 6.83 -10.16 120.90
CA GLU A 1985 6.50 -9.93 122.29
C GLU A 1985 7.73 -10.11 123.18
N ARG A 1986 7.73 -9.38 124.30
CA ARG A 1986 8.75 -9.50 125.32
C ARG A 1986 8.10 -10.00 126.62
N VAL A 1987 8.73 -11.00 127.23
CA VAL A 1987 8.33 -11.51 128.53
C VAL A 1987 9.58 -11.68 129.38
N ASP A 1988 9.39 -11.86 130.69
CA ASP A 1988 10.50 -12.14 131.59
C ASP A 1988 11.06 -13.52 131.27
N LYS A 1989 12.35 -13.71 131.51
CA LYS A 1989 13.00 -14.99 131.23
C LYS A 1989 12.74 -16.00 132.35
N SER A 1990 12.28 -15.52 133.52
CA SER A 1990 11.94 -16.41 134.63
C SER A 1990 10.51 -16.96 134.51
N SER A 1991 9.60 -16.15 133.96
CA SER A 1991 8.23 -16.55 133.71
C SER A 1991 7.62 -15.57 132.71
N GLY A 1992 6.43 -15.91 132.18
CA GLY A 1992 5.75 -15.02 131.24
C GLY A 1992 5.53 -13.65 131.86
N ASN A 1993 4.69 -13.61 132.90
CA ASN A 1993 4.52 -12.42 133.73
C ASN A 1993 4.19 -11.20 132.87
N ASN A 1994 5.16 -10.29 132.72
CA ASN A 1994 4.95 -9.00 132.09
C ASN A 1994 5.07 -9.13 130.58
N LYS A 1995 3.95 -9.44 129.92
CA LYS A 1995 3.94 -9.53 128.46
C LYS A 1995 3.88 -8.13 127.87
N VAL A 1996 4.79 -7.85 126.93
CA VAL A 1996 4.87 -6.55 126.28
C VAL A 1996 5.05 -6.77 124.79
N VAL A 1997 4.31 -5.99 123.98
CA VAL A 1997 4.35 -6.11 122.53
C VAL A 1997 5.29 -5.06 121.98
N LEU A 1998 6.27 -5.50 121.16
CA LEU A 1998 7.20 -4.59 120.50
C LEU A 1998 6.67 -4.19 119.13
N ARG A 1999 6.26 -5.17 118.31
CA ARG A 1999 5.70 -4.90 117.00
C ARG A 1999 4.46 -5.78 116.80
N ASP A 2000 3.52 -5.29 115.99
CA ASP A 2000 2.30 -6.04 115.70
C ASP A 2000 1.90 -5.79 114.25
N ASN A 2001 1.07 -6.70 113.72
CA ASN A 2001 0.64 -6.68 112.33
C ASN A 2001 1.86 -6.73 111.40
N VAL A 2002 2.85 -7.55 111.79
CA VAL A 2002 4.05 -7.73 110.99
C VAL A 2002 4.00 -9.10 110.34
N PRO A 2003 3.82 -9.18 109.00
CA PRO A 2003 3.77 -10.48 108.34
C PRO A 2003 5.17 -11.08 108.13
N TYR A 2004 5.18 -12.38 107.82
CA TYR A 2004 6.37 -13.13 107.47
C TYR A 2004 7.45 -13.01 108.55
N LEU A 2005 7.08 -13.16 109.82
CA LEU A 2005 8.05 -13.10 110.90
C LEU A 2005 8.90 -14.37 110.91
N ARG A 2006 10.18 -14.20 111.28
CA ARG A 2006 11.13 -15.30 111.35
C ARG A 2006 11.97 -15.14 112.62
N GLY A 2007 13.12 -15.84 112.66
CA GLY A 2007 13.99 -15.85 113.82
C GLY A 2007 14.40 -14.45 114.29
N LEU A 2008 14.93 -14.42 115.52
CA LEU A 2008 15.33 -13.20 116.19
C LEU A 2008 16.73 -13.38 116.76
N ARG A 2009 17.39 -12.25 116.97
CA ARG A 2009 18.69 -12.19 117.62
C ARG A 2009 18.86 -10.78 118.19
N VAL A 2010 19.64 -10.69 119.26
CA VAL A 2010 19.94 -9.39 119.85
C VAL A 2010 21.39 -9.06 119.55
N TYR A 2011 21.61 -7.95 118.85
CA TYR A 2011 22.94 -7.45 118.58
C TYR A 2011 23.45 -6.73 119.82
N HIS A 2012 24.56 -7.19 120.39
CA HIS A 2012 25.06 -6.62 121.63
C HIS A 2012 26.56 -6.81 121.74
N ARG A 2013 27.17 -6.12 122.72
CA ARG A 2013 28.61 -6.17 122.92
C ARG A 2013 28.98 -7.42 123.71
N ARG A 2014 29.68 -8.35 123.06
CA ARG A 2014 30.37 -9.44 123.72
C ARG A 2014 31.81 -9.44 123.23
N ASN A 2015 32.75 -9.60 124.16
CA ASN A 2015 34.17 -9.42 123.87
C ASN A 2015 34.91 -10.73 124.09
N ALA A 2016 36.09 -10.84 123.45
CA ALA A 2016 36.95 -12.00 123.59
C ALA A 2016 37.61 -12.04 124.97
N ALA A 2017 37.58 -10.93 125.72
CA ALA A 2017 38.22 -10.82 127.02
C ALA A 2017 37.36 -11.44 128.13
N ASP A 2018 36.03 -11.24 128.05
CA ASP A 2018 35.12 -11.69 129.09
C ASP A 2018 35.03 -13.22 129.14
N SER A 2019 35.39 -13.89 128.04
CA SER A 2019 35.41 -15.35 127.99
C SER A 2019 36.48 -15.79 127.01
N SER A 2020 37.31 -16.75 127.42
CA SER A 2020 38.41 -17.24 126.61
C SER A 2020 38.43 -18.77 126.64
N ASN A 2021 39.02 -19.36 125.60
CA ASN A 2021 39.17 -20.80 125.50
C ASN A 2021 40.50 -21.10 124.82
N GLY A 2022 40.71 -22.38 124.49
CA GLY A 2022 41.97 -22.85 123.93
C GLY A 2022 42.31 -22.17 122.61
N CYS A 2023 41.31 -22.07 121.73
CA CYS A 2023 41.54 -21.51 120.40
C CYS A 2023 41.83 -20.01 120.44
N SER A 2024 41.46 -19.32 121.53
CA SER A 2024 41.75 -17.90 121.68
C SER A 2024 43.11 -17.69 122.35
N ASN A 2025 43.45 -18.57 123.31
CA ASN A 2025 44.73 -18.46 124.01
C ASN A 2025 45.89 -18.83 123.09
N ASN A 2026 45.65 -19.73 122.14
CA ASN A 2026 46.69 -20.30 121.31
C ASN A 2026 46.34 -20.11 119.84
N PRO A 2027 46.53 -18.90 119.29
CA PRO A 2027 46.39 -18.72 117.85
C PRO A 2027 47.53 -19.40 117.10
N ASN A 2028 47.26 -19.77 115.85
CA ASN A 2028 48.25 -20.38 114.97
C ASN A 2028 48.70 -21.75 115.49
N ALA A 2029 47.96 -22.37 116.43
CA ALA A 2029 48.28 -23.71 116.89
C ALA A 2029 47.99 -24.76 115.80
N CYS A 2030 46.87 -24.58 115.10
CA CYS A 2030 46.38 -25.48 114.06
C CYS A 2030 46.49 -24.81 112.69
N GLN A 2031 46.88 -25.55 111.65
CA GLN A 2031 47.14 -24.92 110.35
C GLN A 2031 45.86 -24.63 109.56
N GLN A 2032 44.70 -25.21 109.94
CA GLN A 2032 43.44 -24.99 109.24
C GLN A 2032 42.33 -24.57 110.21
N ILE A 2033 41.75 -25.53 110.98
CA ILE A 2033 40.59 -25.26 111.83
C ILE A 2033 40.95 -25.56 113.29
N CYS A 2034 40.57 -24.66 114.21
CA CYS A 2034 40.68 -24.90 115.64
C CYS A 2034 39.28 -24.99 116.26
N LEU A 2035 38.99 -26.05 117.03
CA LEU A 2035 37.70 -26.24 117.65
C LEU A 2035 37.88 -26.42 119.17
N PRO A 2036 37.34 -25.54 120.03
CA PRO A 2036 37.49 -25.71 121.47
C PRO A 2036 36.66 -26.87 122.01
N VAL A 2037 37.11 -27.39 123.15
CA VAL A 2037 36.45 -28.50 123.83
C VAL A 2037 36.34 -28.14 125.30
N PRO A 2038 35.47 -28.81 126.09
CA PRO A 2038 35.36 -28.47 127.51
C PRO A 2038 36.68 -28.64 128.27
N GLY A 2039 36.88 -27.77 129.26
CA GLY A 2039 38.05 -27.81 130.13
C GLY A 2039 39.17 -26.87 129.68
N GLY A 2040 38.92 -26.03 128.67
CA GLY A 2040 39.88 -25.04 128.19
C GLY A 2040 40.83 -25.59 127.13
N MET A 2041 40.72 -26.88 126.79
CA MET A 2041 41.56 -27.47 125.77
C MET A 2041 41.01 -27.12 124.38
N PHE A 2042 41.77 -27.46 123.32
CA PHE A 2042 41.33 -27.32 121.95
C PHE A 2042 41.70 -28.56 121.12
N SER A 2043 40.87 -28.85 120.11
CA SER A 2043 41.12 -29.87 119.10
C SER A 2043 41.45 -29.19 117.78
N CYS A 2044 42.58 -29.54 117.15
CA CYS A 2044 42.80 -29.15 115.77
C CYS A 2044 41.94 -30.00 114.82
N ALA A 2045 41.68 -29.46 113.63
CA ALA A 2045 40.84 -30.11 112.62
C ALA A 2045 41.23 -29.59 111.24
N CYS A 2046 40.82 -30.33 110.20
CA CYS A 2046 41.15 -30.03 108.82
C CYS A 2046 39.87 -29.96 107.97
N ALA A 2047 39.96 -29.26 106.83
CA ALA A 2047 38.84 -29.13 105.89
C ALA A 2047 38.45 -30.49 105.29
N SER A 2048 37.27 -30.53 104.66
CA SER A 2048 36.80 -31.70 103.93
C SER A 2048 37.84 -32.16 102.89
N GLY A 2049 38.11 -33.49 102.88
CA GLY A 2049 39.13 -34.07 102.01
C GLY A 2049 40.49 -34.27 102.69
N PHE A 2050 40.68 -33.71 103.90
CA PHE A 2050 41.94 -33.79 104.62
C PHE A 2050 41.73 -34.49 105.98
N LYS A 2051 42.78 -35.16 106.45
CA LYS A 2051 42.84 -35.84 107.73
C LYS A 2051 43.97 -35.25 108.57
N LEU A 2052 43.76 -35.16 109.89
CA LEU A 2052 44.74 -34.63 110.81
C LEU A 2052 45.95 -35.57 110.91
N SER A 2053 47.16 -34.99 110.82
CA SER A 2053 48.42 -35.72 110.95
C SER A 2053 48.56 -36.31 112.35
N PRO A 2054 49.42 -37.34 112.55
CA PRO A 2054 49.70 -37.88 113.89
C PRO A 2054 50.24 -36.87 114.90
N ASP A 2055 50.89 -35.78 114.41
CA ASP A 2055 51.36 -34.68 115.25
C ASP A 2055 50.21 -33.95 115.96
N GLY A 2056 48.96 -34.12 115.47
CA GLY A 2056 47.77 -33.53 116.06
C GLY A 2056 47.56 -32.05 115.69
N ARG A 2057 48.35 -31.51 114.73
CA ARG A 2057 48.35 -30.08 114.41
C ARG A 2057 48.29 -29.82 112.89
N SER A 2058 48.98 -30.63 112.07
CA SER A 2058 49.07 -30.42 110.63
C SER A 2058 48.04 -31.28 109.87
N CYS A 2059 47.83 -30.98 108.57
CA CYS A 2059 46.82 -31.64 107.75
C CYS A 2059 47.45 -32.37 106.55
N SER A 2060 46.80 -33.45 106.11
CA SER A 2060 47.28 -34.34 105.06
C SER A 2060 46.08 -34.86 104.27
N PRO A 2061 46.20 -35.30 103.00
CA PRO A 2061 45.07 -35.87 102.28
C PRO A 2061 44.60 -37.19 102.89
N TYR A 2062 43.28 -37.45 102.83
CA TYR A 2062 42.67 -38.64 103.41
C TYR A 2062 43.13 -39.87 102.62
N ASN A 2063 44.10 -40.65 103.15
CA ASN A 2063 44.71 -41.74 102.39
C ASN A 2063 43.74 -42.90 102.20
N SER A 2064 42.95 -43.21 103.23
CA SER A 2064 42.06 -44.36 103.22
C SER A 2064 40.63 -43.89 103.52
N PHE A 2065 39.74 -44.08 102.54
CA PHE A 2065 38.32 -43.82 102.74
C PHE A 2065 37.53 -44.66 101.73
N MET A 2066 36.20 -44.56 101.82
CA MET A 2066 35.33 -45.26 100.91
C MET A 2066 34.52 -44.25 100.09
N VAL A 2067 34.15 -44.67 98.88
CA VAL A 2067 33.41 -43.82 97.96
C VAL A 2067 32.01 -44.38 97.79
N VAL A 2068 31.00 -43.52 97.99
CA VAL A 2068 29.63 -43.87 97.65
C VAL A 2068 29.14 -42.89 96.60
N SER A 2069 28.43 -43.44 95.61
CA SER A 2069 27.94 -42.64 94.50
C SER A 2069 26.41 -42.65 94.53
N MET A 2070 25.83 -41.44 94.50
CA MET A 2070 24.41 -41.26 94.37
C MET A 2070 24.12 -40.56 93.05
N LEU A 2071 22.86 -40.56 92.62
CA LEU A 2071 22.49 -39.87 91.40
C LEU A 2071 22.81 -38.37 91.51
N PRO A 2072 22.52 -37.66 92.62
CA PRO A 2072 22.90 -36.25 92.72
C PRO A 2072 24.40 -35.99 92.84
N ALA A 2073 25.15 -36.84 93.54
CA ALA A 2073 26.50 -36.50 93.90
C ALA A 2073 27.33 -37.75 94.21
N VAL A 2074 28.65 -37.56 94.26
CA VAL A 2074 29.60 -38.55 94.74
C VAL A 2074 30.22 -38.03 96.03
N ARG A 2075 30.26 -38.89 97.06
CA ARG A 2075 30.69 -38.50 98.39
C ARG A 2075 31.62 -39.56 98.97
N GLY A 2076 32.49 -39.14 99.88
CA GLY A 2076 33.43 -40.03 100.53
C GLY A 2076 33.24 -40.07 102.04
N PHE A 2077 33.22 -41.28 102.61
CA PHE A 2077 33.12 -41.46 104.05
C PHE A 2077 34.29 -42.29 104.55
N SER A 2078 34.76 -41.96 105.76
CA SER A 2078 35.88 -42.67 106.36
C SER A 2078 35.44 -44.07 106.79
N LEU A 2079 36.40 -44.99 106.88
CA LEU A 2079 36.14 -46.37 107.28
C LEU A 2079 35.80 -46.43 108.77
N GLU A 2080 36.51 -45.65 109.59
CA GLU A 2080 36.28 -45.60 111.03
C GLU A 2080 35.00 -44.83 111.28
N LEU A 2081 34.03 -45.49 111.95
CA LEU A 2081 32.66 -45.01 112.01
C LEU A 2081 32.54 -43.77 112.92
N SER A 2082 33.54 -43.52 113.77
CA SER A 2082 33.51 -42.38 114.68
C SER A 2082 33.76 -41.06 113.96
N ASP A 2083 34.32 -41.11 112.74
CA ASP A 2083 34.63 -39.90 111.99
C ASP A 2083 33.45 -39.57 111.08
N HIS A 2084 32.75 -38.50 111.40
CA HIS A 2084 31.57 -38.07 110.64
C HIS A 2084 31.92 -37.09 109.52
N SER A 2085 33.19 -36.68 109.39
CA SER A 2085 33.62 -35.73 108.35
C SER A 2085 33.50 -36.31 106.94
N GLU A 2086 33.30 -35.43 105.94
CA GLU A 2086 33.32 -35.80 104.53
C GLU A 2086 34.78 -35.98 104.10
N ALA A 2087 35.19 -37.24 103.83
CA ALA A 2087 36.57 -37.64 103.57
C ALA A 2087 37.07 -37.23 102.18
N MET A 2088 36.24 -36.56 101.37
CA MET A 2088 36.50 -36.21 99.98
C MET A 2088 35.63 -34.98 99.71
N VAL A 2089 36.10 -33.99 98.94
CA VAL A 2089 35.28 -32.83 98.60
C VAL A 2089 34.15 -33.31 97.67
N PRO A 2090 32.86 -33.19 98.05
CA PRO A 2090 31.78 -33.81 97.27
C PRO A 2090 31.68 -33.32 95.83
N VAL A 2091 31.50 -34.26 94.90
CA VAL A 2091 31.25 -33.93 93.51
C VAL A 2091 29.75 -33.77 93.34
N ALA A 2092 29.30 -32.53 93.16
CA ALA A 2092 27.87 -32.26 93.04
C ALA A 2092 27.64 -31.11 92.06
N GLY A 2093 26.42 -30.54 92.10
CA GLY A 2093 26.08 -29.37 91.31
C GLY A 2093 25.43 -29.74 89.99
N GLN A 2094 25.31 -28.75 89.10
CA GLN A 2094 24.57 -28.88 87.86
C GLN A 2094 25.27 -29.86 86.92
N GLY A 2095 24.46 -30.68 86.24
CA GLY A 2095 24.93 -31.61 85.22
C GLY A 2095 25.41 -32.95 85.80
N ARG A 2096 25.09 -33.22 87.06
CA ARG A 2096 25.55 -34.42 87.74
C ARG A 2096 24.42 -35.44 87.82
N ASN A 2097 24.65 -36.62 87.26
CA ASN A 2097 23.73 -37.75 87.38
C ASN A 2097 24.57 -39.03 87.33
N VAL A 2098 25.00 -39.48 88.51
CA VAL A 2098 26.07 -40.46 88.61
C VAL A 2098 25.50 -41.87 88.66
N LEU A 2099 26.06 -42.76 87.84
CA LEU A 2099 25.64 -44.16 87.85
C LEU A 2099 26.65 -45.01 88.61
N HIS A 2100 27.94 -44.83 88.35
CA HIS A 2100 28.98 -45.63 88.99
C HIS A 2100 30.21 -44.76 89.21
N ALA A 2101 31.07 -45.21 90.14
CA ALA A 2101 32.35 -44.57 90.36
C ALA A 2101 33.43 -45.62 90.53
N ASP A 2102 34.66 -45.27 90.14
CA ASP A 2102 35.82 -46.10 90.40
C ASP A 2102 37.01 -45.20 90.77
N VAL A 2103 37.99 -45.79 91.42
CA VAL A 2103 39.06 -45.03 92.05
C VAL A 2103 40.40 -45.41 91.45
N ASP A 2104 41.34 -44.48 91.55
CA ASP A 2104 42.73 -44.67 91.15
C ASP A 2104 43.60 -44.21 92.32
N VAL A 2105 43.97 -45.15 93.18
CA VAL A 2105 44.52 -44.80 94.48
C VAL A 2105 45.92 -44.19 94.32
N ALA A 2106 46.74 -44.77 93.43
CA ALA A 2106 48.12 -44.34 93.27
C ALA A 2106 48.17 -42.90 92.75
N ASN A 2107 47.45 -42.62 91.66
CA ASN A 2107 47.53 -41.31 91.01
C ASN A 2107 46.59 -40.31 91.66
N GLY A 2108 45.72 -40.76 92.57
CA GLY A 2108 44.82 -39.88 93.31
C GLY A 2108 43.73 -39.29 92.42
N PHE A 2109 42.91 -40.16 91.82
CA PHE A 2109 41.81 -39.73 90.99
C PHE A 2109 40.58 -40.58 91.31
N ILE A 2110 39.40 -40.01 91.03
CA ILE A 2110 38.14 -40.73 91.13
C ILE A 2110 37.40 -40.60 89.81
N TYR A 2111 37.11 -41.74 89.17
CA TYR A 2111 36.43 -41.78 87.89
C TYR A 2111 34.95 -42.10 88.13
N TRP A 2112 34.07 -41.35 87.46
CA TRP A 2112 32.65 -41.61 87.51
C TRP A 2112 32.05 -41.38 86.13
N CYS A 2113 30.89 -42.01 85.90
CA CYS A 2113 30.19 -41.90 84.62
C CYS A 2113 28.83 -41.22 84.85
N ASP A 2114 28.60 -40.14 84.10
CA ASP A 2114 27.34 -39.42 84.16
C ASP A 2114 26.37 -40.03 83.16
N PHE A 2115 25.07 -39.80 83.40
CA PHE A 2115 24.03 -40.26 82.50
C PHE A 2115 22.99 -39.19 82.30
N SER A 2116 22.42 -39.14 81.10
CA SER A 2116 21.30 -38.27 80.80
C SER A 2116 20.57 -38.78 79.56
N SER A 2117 19.27 -39.05 79.72
CA SER A 2117 18.47 -39.63 78.65
C SER A 2117 18.15 -38.59 77.58
N SER A 2118 17.91 -37.35 78.02
CA SER A 2118 17.44 -36.29 77.12
C SER A 2118 18.61 -35.45 76.61
N VAL A 2119 19.31 -34.80 77.54
CA VAL A 2119 20.36 -33.86 77.19
C VAL A 2119 21.67 -34.62 76.93
N ARG A 2120 22.27 -34.38 75.76
CA ARG A 2120 23.59 -34.94 75.46
C ARG A 2120 24.67 -34.05 76.09
N SER A 2121 25.91 -34.54 76.03
CA SER A 2121 27.05 -33.86 76.64
C SER A 2121 26.98 -33.92 78.17
N SER A 2122 25.87 -34.44 78.70
CA SER A 2122 25.76 -34.81 80.11
C SER A 2122 26.09 -36.29 80.28
N ASN A 2123 26.47 -36.94 79.17
CA ASN A 2123 26.90 -38.32 79.19
C ASN A 2123 28.42 -38.39 79.01
N GLY A 2124 29.06 -39.26 79.79
CA GLY A 2124 30.47 -39.51 79.61
C GLY A 2124 31.12 -39.95 80.92
N ILE A 2125 32.45 -40.02 80.90
CA ILE A 2125 33.25 -40.35 82.06
C ILE A 2125 34.09 -39.13 82.42
N ARG A 2126 34.13 -38.82 83.71
CA ARG A 2126 34.91 -37.70 84.21
C ARG A 2126 35.87 -38.20 85.30
N ARG A 2127 36.89 -37.38 85.58
CA ARG A 2127 37.83 -37.65 86.64
C ARG A 2127 37.98 -36.38 87.48
N ILE A 2128 38.36 -36.58 88.74
CA ILE A 2128 38.60 -35.48 89.66
C ILE A 2128 39.49 -36.01 90.79
N LYS A 2129 40.29 -35.12 91.37
CA LYS A 2129 41.06 -35.51 92.53
C LYS A 2129 40.17 -35.43 93.76
N PRO A 2130 40.40 -36.24 94.82
CA PRO A 2130 39.59 -36.19 96.03
C PRO A 2130 39.60 -34.84 96.77
N ASP A 2131 40.59 -33.98 96.51
CA ASP A 2131 40.61 -32.61 97.04
C ASP A 2131 39.81 -31.62 96.16
N GLY A 2132 39.22 -32.08 95.05
CA GLY A 2132 38.32 -31.27 94.24
C GLY A 2132 39.01 -30.54 93.08
N SER A 2133 40.26 -30.90 92.76
CA SER A 2133 41.01 -30.22 91.72
C SER A 2133 41.17 -31.10 90.48
N ASN A 2134 41.52 -30.45 89.36
CA ASN A 2134 41.84 -31.13 88.10
C ASN A 2134 40.68 -31.97 87.61
N PHE A 2135 39.49 -31.34 87.51
CA PHE A 2135 38.35 -31.97 86.87
C PHE A 2135 38.63 -32.06 85.36
N THR A 2136 38.29 -33.21 84.76
CA THR A 2136 38.60 -33.45 83.36
C THR A 2136 37.67 -34.52 82.81
N ASN A 2137 37.19 -34.31 81.57
CA ASN A 2137 36.40 -35.30 80.87
C ASN A 2137 37.35 -36.36 80.31
N VAL A 2138 37.02 -37.65 80.50
CA VAL A 2138 37.87 -38.73 80.03
C VAL A 2138 37.30 -39.31 78.74
N VAL A 2139 36.01 -39.67 78.77
CA VAL A 2139 35.33 -40.21 77.59
C VAL A 2139 34.10 -39.35 77.32
N THR A 2140 34.01 -38.80 76.10
CA THR A 2140 32.88 -37.96 75.74
C THR A 2140 32.27 -38.41 74.41
N TYR A 2141 33.14 -38.81 73.47
CA TYR A 2141 32.69 -39.14 72.12
C TYR A 2141 32.22 -40.60 72.07
N GLY A 2142 31.14 -40.81 71.30
CA GLY A 2142 30.69 -42.14 70.94
C GLY A 2142 29.93 -42.86 72.05
N ILE A 2143 29.30 -42.11 72.97
CA ILE A 2143 28.50 -42.74 74.02
C ILE A 2143 27.19 -43.21 73.41
N GLY A 2144 26.72 -44.39 73.84
CA GLY A 2144 25.50 -44.98 73.31
C GLY A 2144 24.25 -44.24 73.80
N ALA A 2145 23.09 -44.67 73.31
CA ALA A 2145 21.82 -44.04 73.65
C ALA A 2145 21.60 -44.10 75.16
N ASN A 2146 21.84 -45.29 75.75
CA ASN A 2146 21.98 -45.41 77.20
C ASN A 2146 23.46 -45.20 77.52
N GLY A 2147 23.74 -44.48 78.60
CA GLY A 2147 25.09 -43.97 78.84
C GLY A 2147 26.08 -45.08 79.19
N ILE A 2148 27.24 -44.67 79.67
CA ILE A 2148 28.24 -45.60 80.17
C ILE A 2148 27.65 -46.29 81.40
N ARG A 2149 27.41 -47.60 81.28
CA ARG A 2149 26.62 -48.30 82.29
C ARG A 2149 27.51 -48.99 83.33
N GLY A 2150 28.83 -48.83 83.21
CA GLY A 2150 29.77 -49.45 84.13
C GLY A 2150 31.20 -48.98 83.83
N VAL A 2151 32.00 -48.84 84.89
CA VAL A 2151 33.37 -48.36 84.75
C VAL A 2151 34.26 -49.20 85.66
N ALA A 2152 35.44 -49.56 85.14
CA ALA A 2152 36.42 -50.36 85.88
C ALA A 2152 37.80 -49.91 85.44
N LEU A 2153 38.70 -49.70 86.41
CA LEU A 2153 40.03 -49.21 86.11
C LEU A 2153 41.06 -50.27 86.47
N ASP A 2154 41.99 -50.51 85.54
CA ASP A 2154 43.11 -51.42 85.74
C ASP A 2154 44.28 -50.61 86.27
N TRP A 2155 44.54 -50.71 87.58
CA TRP A 2155 45.52 -49.87 88.23
C TRP A 2155 46.95 -50.31 87.92
N ALA A 2156 47.12 -51.48 87.30
CA ALA A 2156 48.45 -51.98 86.95
C ALA A 2156 48.85 -51.48 85.55
N ALA A 2157 48.07 -51.85 84.54
CA ALA A 2157 48.39 -51.54 83.15
C ALA A 2157 47.94 -50.14 82.77
N GLY A 2158 47.13 -49.48 83.62
CA GLY A 2158 46.63 -48.14 83.33
C GLY A 2158 45.49 -48.14 82.30
N ASN A 2159 44.80 -49.29 82.17
CA ASN A 2159 43.68 -49.41 81.26
C ASN A 2159 42.37 -49.10 81.99
N LEU A 2160 41.43 -48.47 81.28
CA LEU A 2160 40.10 -48.19 81.81
C LEU A 2160 39.07 -48.93 80.96
N TYR A 2161 38.33 -49.84 81.59
CA TYR A 2161 37.27 -50.59 80.93
C TYR A 2161 35.92 -49.93 81.21
N PHE A 2162 35.06 -49.87 80.20
CA PHE A 2162 33.71 -49.35 80.39
C PHE A 2162 32.78 -49.98 79.38
N THR A 2163 31.48 -49.87 79.67
CA THR A 2163 30.44 -50.45 78.85
C THR A 2163 29.63 -49.35 78.18
N ASN A 2164 29.50 -49.41 76.85
CA ASN A 2164 28.54 -48.60 76.14
C ASN A 2164 27.25 -49.37 75.95
N ALA A 2165 26.10 -48.72 76.20
CA ALA A 2165 24.81 -49.37 76.14
C ALA A 2165 23.98 -48.71 75.05
N PHE A 2166 24.05 -49.24 73.84
CA PHE A 2166 23.18 -48.79 72.77
C PHE A 2166 21.80 -49.42 72.94
N VAL A 2167 20.86 -48.99 72.09
CA VAL A 2167 19.48 -49.42 72.22
C VAL A 2167 19.34 -50.93 72.01
N TYR A 2168 20.02 -51.49 71.01
CA TYR A 2168 19.97 -52.92 70.75
C TYR A 2168 21.36 -53.56 70.72
N GLU A 2169 22.41 -52.80 71.10
CA GLU A 2169 23.76 -53.34 71.16
C GLU A 2169 24.42 -52.90 72.46
N THR A 2170 25.53 -53.55 72.78
CA THR A 2170 26.32 -53.21 73.95
C THR A 2170 27.78 -53.50 73.65
N LEU A 2171 28.65 -52.52 73.90
CA LEU A 2171 30.08 -52.67 73.69
C LEU A 2171 30.81 -52.69 75.02
N ILE A 2172 31.87 -53.50 75.11
CA ILE A 2172 32.88 -53.34 76.13
C ILE A 2172 34.07 -52.65 75.47
N GLU A 2173 34.61 -51.63 76.12
CA GLU A 2173 35.68 -50.83 75.54
C GLU A 2173 36.83 -50.69 76.51
N VAL A 2174 37.99 -50.31 75.97
CA VAL A 2174 39.17 -49.98 76.77
C VAL A 2174 39.63 -48.59 76.36
N LEU A 2175 40.24 -47.90 77.31
CA LEU A 2175 40.88 -46.62 77.04
C LEU A 2175 42.13 -46.53 77.89
N ARG A 2176 43.28 -46.29 77.23
CA ARG A 2176 44.51 -46.06 77.96
C ARG A 2176 44.47 -44.64 78.53
N ILE A 2177 44.70 -44.52 79.84
CA ILE A 2177 44.58 -43.25 80.52
C ILE A 2177 45.69 -42.32 80.05
N ASN A 2178 45.36 -41.03 79.91
CA ASN A 2178 46.27 -39.98 79.43
C ASN A 2178 46.73 -40.28 78.00
N THR A 2179 45.82 -40.84 77.21
CA THR A 2179 46.17 -41.35 75.89
C THR A 2179 44.91 -41.44 75.05
N THR A 2180 45.03 -41.22 73.73
CA THR A 2180 43.87 -41.17 72.86
C THR A 2180 43.46 -42.55 72.35
N TYR A 2181 44.24 -43.59 72.69
CA TYR A 2181 43.97 -44.94 72.20
C TYR A 2181 42.75 -45.50 72.91
N ARG A 2182 41.73 -45.84 72.10
CA ARG A 2182 40.49 -46.40 72.60
C ARG A 2182 40.06 -47.54 71.68
N ARG A 2183 39.67 -48.67 72.27
CA ARG A 2183 39.40 -49.88 71.51
C ARG A 2183 38.12 -50.53 72.00
N VAL A 2184 37.44 -51.21 71.07
CA VAL A 2184 36.28 -52.02 71.40
C VAL A 2184 36.72 -53.47 71.51
N LEU A 2185 36.39 -54.15 72.61
CA LEU A 2185 36.78 -55.53 72.85
C LEU A 2185 35.71 -56.54 72.41
N LEU A 2186 34.44 -56.19 72.66
CA LEU A 2186 33.32 -57.10 72.47
C LEU A 2186 32.11 -56.31 71.98
N LYS A 2187 31.32 -56.91 71.09
CA LYS A 2187 30.03 -56.38 70.69
C LYS A 2187 29.01 -57.50 70.79
N VAL A 2188 27.98 -57.28 71.62
CA VAL A 2188 26.96 -58.27 71.92
C VAL A 2188 25.57 -57.68 71.70
N SER A 2189 24.60 -58.54 71.40
CA SER A 2189 23.23 -58.10 71.12
C SER A 2189 22.25 -58.76 72.08
N VAL A 2190 22.41 -60.07 72.32
CA VAL A 2190 21.50 -60.79 73.20
C VAL A 2190 21.99 -60.70 74.65
N ASP A 2191 23.31 -60.62 74.85
CA ASP A 2191 23.88 -60.39 76.18
C ASP A 2191 24.03 -58.89 76.39
N MET A 2192 23.87 -58.44 77.64
CA MET A 2192 24.05 -57.03 77.96
C MET A 2192 24.87 -56.90 79.24
N PRO A 2193 26.21 -56.88 79.13
CA PRO A 2193 27.07 -56.56 80.26
C PRO A 2193 26.74 -55.17 80.80
N ARG A 2194 26.67 -55.04 82.12
CA ARG A 2194 26.31 -53.77 82.72
C ARG A 2194 27.42 -53.25 83.63
N HIS A 2195 27.79 -54.02 84.65
CA HIS A 2195 28.75 -53.57 85.63
C HIS A 2195 30.03 -54.41 85.50
N ILE A 2196 31.17 -53.75 85.23
CA ILE A 2196 32.45 -54.41 85.02
C ILE A 2196 33.33 -54.20 86.24
N ILE A 2197 33.98 -55.28 86.70
CA ILE A 2197 35.10 -55.20 87.63
C ILE A 2197 36.29 -55.90 87.00
N VAL A 2198 37.48 -55.34 87.23
CA VAL A 2198 38.71 -55.87 86.65
C VAL A 2198 39.61 -56.33 87.79
N ASP A 2199 40.30 -57.46 87.55
CA ASP A 2199 41.22 -58.01 88.53
C ASP A 2199 42.59 -58.19 87.89
N PRO A 2200 43.52 -57.23 88.03
CA PRO A 2200 44.86 -57.39 87.47
C PRO A 2200 45.67 -58.51 88.12
N LYS A 2201 45.33 -58.91 89.35
CA LYS A 2201 46.10 -59.91 90.06
C LYS A 2201 45.95 -61.27 89.37
N HIS A 2202 44.70 -61.65 89.05
CA HIS A 2202 44.43 -62.89 88.34
C HIS A 2202 44.22 -62.66 86.84
N ARG A 2203 44.21 -61.40 86.41
CA ARG A 2203 44.11 -61.03 85.00
C ARG A 2203 42.80 -61.54 84.40
N TYR A 2204 41.68 -61.04 84.95
CA TYR A 2204 40.34 -61.32 84.45
C TYR A 2204 39.44 -60.07 84.48
N LEU A 2205 38.42 -60.06 83.61
CA LEU A 2205 37.25 -59.21 83.71
C LEU A 2205 36.05 -60.04 84.17
N PHE A 2206 35.28 -59.52 85.14
CA PHE A 2206 33.98 -60.03 85.50
C PHE A 2206 32.96 -58.92 85.26
N TRP A 2207 31.86 -59.28 84.57
CA TRP A 2207 30.74 -58.37 84.39
C TRP A 2207 29.42 -59.04 84.74
N ALA A 2208 28.45 -58.21 85.13
CA ALA A 2208 27.13 -58.69 85.47
C ALA A 2208 26.16 -58.34 84.35
N ASP A 2209 25.22 -59.26 84.12
CA ASP A 2209 24.22 -59.13 83.06
C ASP A 2209 22.85 -59.30 83.70
N TYR A 2210 21.96 -58.32 83.48
CA TYR A 2210 20.62 -58.39 84.03
C TYR A 2210 19.55 -58.29 82.95
N GLY A 2211 19.90 -58.57 81.68
CA GLY A 2211 18.92 -58.69 80.62
C GLY A 2211 18.30 -60.08 80.61
N GLN A 2212 17.85 -60.51 79.42
CA GLN A 2212 17.40 -61.88 79.23
C GLN A 2212 18.60 -62.80 79.47
N LYS A 2213 18.37 -63.93 80.14
CA LYS A 2213 19.46 -64.82 80.57
C LYS A 2213 20.42 -64.05 81.47
N PRO A 2214 20.01 -63.68 82.70
CA PRO A 2214 20.93 -63.02 83.63
C PRO A 2214 22.04 -63.98 84.06
N LYS A 2215 23.23 -63.42 84.29
CA LYS A 2215 24.42 -64.20 84.58
C LYS A 2215 25.56 -63.29 85.04
N ILE A 2216 26.60 -63.90 85.63
CA ILE A 2216 27.88 -63.24 85.79
C ILE A 2216 28.89 -64.00 84.93
N GLU A 2217 29.56 -63.28 84.03
CA GLU A 2217 30.58 -63.86 83.16
C GLU A 2217 31.98 -63.47 83.64
N ARG A 2218 32.97 -64.26 83.22
CA ARG A 2218 34.38 -63.99 83.43
C ARG A 2218 35.13 -64.19 82.12
N SER A 2219 36.12 -63.34 81.85
CA SER A 2219 36.94 -63.46 80.63
C SER A 2219 38.37 -62.97 80.89
N PHE A 2220 39.28 -63.25 79.96
CA PHE A 2220 40.61 -62.62 79.96
C PHE A 2220 40.47 -61.10 79.79
N LEU A 2221 41.56 -60.34 80.01
CA LEU A 2221 41.56 -58.88 80.02
C LEU A 2221 41.35 -58.23 78.64
N ASP A 2222 41.04 -59.05 77.61
CA ASP A 2222 40.72 -58.59 76.26
C ASP A 2222 39.40 -59.19 75.74
N CYS A 2223 38.57 -59.74 76.66
CA CYS A 2223 37.31 -60.42 76.40
C CYS A 2223 37.42 -61.66 75.49
N THR A 2224 38.62 -62.25 75.28
CA THR A 2224 38.74 -63.34 74.30
C THR A 2224 38.19 -64.69 74.79
N ASN A 2225 38.18 -64.96 76.10
CA ASN A 2225 37.96 -66.32 76.59
C ASN A 2225 36.83 -66.39 77.62
N ARG A 2226 35.61 -66.04 77.17
CA ARG A 2226 34.43 -65.93 78.02
C ARG A 2226 34.00 -67.29 78.60
N THR A 2227 33.71 -67.30 79.91
CA THR A 2227 33.02 -68.40 80.58
C THR A 2227 32.03 -67.80 81.60
N VAL A 2228 31.08 -68.60 82.09
CA VAL A 2228 30.05 -68.09 82.98
C VAL A 2228 30.26 -68.64 84.39
N LEU A 2229 30.36 -67.76 85.40
CA LEU A 2229 30.51 -68.19 86.79
C LEU A 2229 29.20 -68.73 87.33
N VAL A 2230 28.13 -67.93 87.20
CA VAL A 2230 26.83 -68.31 87.71
C VAL A 2230 25.78 -67.87 86.71
N SER A 2231 24.85 -68.80 86.37
CA SER A 2231 23.77 -68.51 85.46
C SER A 2231 22.43 -69.05 85.96
N GLU A 2232 22.40 -69.62 87.17
CA GLU A 2232 21.17 -70.14 87.77
C GLU A 2232 20.94 -69.45 89.10
N GLY A 2233 19.65 -69.21 89.41
CA GLY A 2233 19.25 -68.55 90.65
C GLY A 2233 19.84 -67.14 90.73
N ILE A 2234 19.81 -66.43 89.60
CA ILE A 2234 20.28 -65.06 89.54
C ILE A 2234 19.35 -64.25 88.65
N VAL A 2235 18.79 -63.17 89.21
CA VAL A 2235 17.97 -62.24 88.45
C VAL A 2235 18.37 -60.83 88.84
N THR A 2236 18.73 -60.03 87.83
CA THR A 2236 19.18 -58.66 88.03
C THR A 2236 20.34 -58.58 89.02
N PRO A 2237 21.54 -59.09 88.68
CA PRO A 2237 22.72 -58.81 89.48
C PRO A 2237 23.17 -57.37 89.31
N ARG A 2238 22.89 -56.55 90.31
CA ARG A 2238 22.97 -55.11 90.15
C ARG A 2238 24.42 -54.64 90.29
N GLY A 2239 25.22 -55.33 91.11
CA GLY A 2239 26.58 -54.90 91.40
C GLY A 2239 27.51 -56.09 91.59
N LEU A 2240 28.82 -55.81 91.46
CA LEU A 2240 29.87 -56.80 91.65
C LEU A 2240 30.98 -56.22 92.52
N ALA A 2241 31.69 -57.12 93.22
CA ALA A 2241 32.82 -56.73 94.05
C ALA A 2241 33.77 -57.90 94.13
N MET A 2242 35.07 -57.58 94.27
CA MET A 2242 36.12 -58.58 94.25
C MET A 2242 36.95 -58.47 95.52
N ASP A 2243 37.25 -59.64 96.12
CA ASP A 2243 38.18 -59.72 97.22
C ASP A 2243 39.50 -60.27 96.68
N HIS A 2244 40.54 -59.43 96.69
CA HIS A 2244 41.83 -59.79 96.12
C HIS A 2244 42.54 -60.87 96.96
N ASP A 2245 42.20 -60.96 98.25
CA ASP A 2245 42.89 -61.88 99.14
C ASP A 2245 42.38 -63.30 98.95
N THR A 2246 41.09 -63.53 99.24
CA THR A 2246 40.53 -64.87 99.26
C THR A 2246 40.10 -65.34 97.86
N GLY A 2247 40.00 -64.41 96.90
CA GLY A 2247 39.68 -64.76 95.52
C GLY A 2247 38.21 -65.12 95.32
N TYR A 2248 37.31 -64.44 96.04
CA TYR A 2248 35.88 -64.56 95.81
C TYR A 2248 35.36 -63.29 95.15
N ILE A 2249 34.25 -63.42 94.40
CA ILE A 2249 33.56 -62.28 93.85
C ILE A 2249 32.17 -62.22 94.48
N TYR A 2250 31.74 -61.00 94.81
CA TYR A 2250 30.49 -60.75 95.50
C TYR A 2250 29.52 -60.02 94.58
N TRP A 2251 28.24 -60.39 94.65
CA TRP A 2251 27.21 -59.72 93.87
C TRP A 2251 25.93 -59.59 94.69
N VAL A 2252 25.03 -58.73 94.21
CA VAL A 2252 23.77 -58.44 94.89
C VAL A 2252 22.63 -58.57 93.88
N ASP A 2253 21.55 -59.25 94.29
CA ASP A 2253 20.36 -59.39 93.48
C ASP A 2253 19.20 -58.70 94.18
N ASP A 2254 18.83 -57.51 93.69
CA ASP A 2254 17.74 -56.77 94.29
C ASP A 2254 16.40 -57.41 93.96
N SER A 2255 16.33 -58.18 92.87
CA SER A 2255 15.09 -58.86 92.48
C SER A 2255 14.89 -60.15 93.29
N LEU A 2256 15.96 -60.66 93.90
CA LEU A 2256 15.87 -61.88 94.70
C LEU A 2256 16.13 -61.59 96.18
N ASP A 2257 16.53 -60.36 96.53
CA ASP A 2257 16.75 -59.95 97.92
C ASP A 2257 17.82 -60.84 98.56
N LEU A 2258 19.01 -60.86 97.95
CA LEU A 2258 20.11 -61.63 98.53
C LEU A 2258 21.45 -61.05 98.10
N ILE A 2259 22.46 -61.39 98.89
CA ILE A 2259 23.86 -61.20 98.54
C ILE A 2259 24.52 -62.57 98.51
N ALA A 2260 25.48 -62.76 97.60
CA ALA A 2260 26.13 -64.05 97.48
C ALA A 2260 27.55 -63.86 96.95
N ARG A 2261 28.32 -64.96 97.02
CA ARG A 2261 29.69 -64.96 96.55
C ARG A 2261 29.98 -66.28 95.85
N ILE A 2262 30.95 -66.26 94.95
CA ILE A 2262 31.39 -67.45 94.23
C ILE A 2262 32.86 -67.26 93.90
N HIS A 2263 33.59 -68.38 93.85
CA HIS A 2263 35.01 -68.36 93.62
C HIS A 2263 35.30 -68.03 92.15
N LEU A 2264 36.55 -67.61 91.88
CA LEU A 2264 36.99 -67.33 90.53
C LEU A 2264 36.86 -68.57 89.65
N ASP A 2265 37.18 -69.74 90.21
CA ASP A 2265 37.24 -70.98 89.46
C ASP A 2265 35.84 -71.51 89.14
N GLY A 2266 34.79 -70.87 89.65
CA GLY A 2266 33.42 -71.26 89.34
C GLY A 2266 32.97 -72.49 90.13
N GLY A 2267 32.92 -72.34 91.45
CA GLY A 2267 32.46 -73.40 92.34
C GLY A 2267 30.93 -73.37 92.49
N GLU A 2268 30.48 -73.32 93.75
CA GLU A 2268 29.07 -73.19 94.06
C GLU A 2268 28.83 -71.87 94.76
N SER A 2269 27.69 -71.23 94.46
CA SER A 2269 27.32 -69.95 95.03
C SER A 2269 27.00 -70.11 96.52
N GLN A 2270 27.64 -69.29 97.35
CA GLN A 2270 27.40 -69.28 98.79
C GLN A 2270 26.55 -68.06 99.12
N VAL A 2271 25.51 -68.28 99.94
CA VAL A 2271 24.56 -67.24 100.27
C VAL A 2271 25.08 -66.44 101.45
N VAL A 2272 25.13 -65.12 101.27
CA VAL A 2272 25.50 -64.20 102.34
C VAL A 2272 24.33 -63.25 102.58
N ARG A 2273 23.72 -63.34 103.77
CA ARG A 2273 22.68 -62.41 104.20
C ARG A 2273 21.50 -62.44 103.23
N TYR A 2274 20.80 -63.57 103.20
CA TYR A 2274 19.53 -63.67 102.50
C TYR A 2274 18.41 -63.23 103.44
N GLY A 2275 17.35 -62.66 102.85
CA GLY A 2275 16.17 -62.30 103.60
C GLY A 2275 15.39 -61.16 102.95
N SER A 2276 14.22 -60.86 103.54
CA SER A 2276 13.34 -59.78 103.11
C SER A 2276 13.84 -58.42 103.60
N ARG A 2277 14.70 -58.41 104.63
CA ARG A 2277 15.27 -57.19 105.19
C ARG A 2277 16.39 -56.61 104.32
N TYR A 2278 16.56 -57.13 103.08
CA TYR A 2278 17.51 -56.59 102.11
C TYR A 2278 16.78 -56.35 100.79
N PRO A 2279 15.87 -55.35 100.73
CA PRO A 2279 14.98 -55.19 99.59
C PRO A 2279 15.71 -54.87 98.29
N THR A 2280 16.57 -53.85 98.31
CA THR A 2280 17.21 -53.39 97.09
C THR A 2280 18.70 -53.16 97.29
N PRO A 2281 19.53 -54.21 97.47
CA PRO A 2281 20.97 -54.02 97.47
C PRO A 2281 21.45 -53.67 96.06
N TYR A 2282 21.96 -52.43 95.91
CA TYR A 2282 22.26 -51.88 94.61
C TYR A 2282 23.74 -51.97 94.24
N GLY A 2283 24.63 -51.85 95.23
CA GLY A 2283 26.07 -51.89 94.99
C GLY A 2283 26.79 -52.45 96.20
N ILE A 2284 27.92 -53.14 95.97
CA ILE A 2284 28.63 -53.81 97.05
C ILE A 2284 30.13 -53.62 96.87
N THR A 2285 30.84 -53.62 98.00
CA THR A 2285 32.29 -53.63 98.00
C THR A 2285 32.77 -54.45 99.19
N VAL A 2286 34.03 -54.91 99.11
CA VAL A 2286 34.63 -55.71 100.17
C VAL A 2286 35.89 -55.01 100.65
N PHE A 2287 35.98 -54.83 101.98
CA PHE A 2287 37.15 -54.26 102.61
C PHE A 2287 37.49 -55.08 103.85
N GLY A 2288 38.66 -55.74 103.82
CA GLY A 2288 39.12 -56.57 104.92
C GLY A 2288 38.16 -57.73 105.17
N GLU A 2289 37.62 -57.79 106.39
CA GLU A 2289 36.76 -58.89 106.81
C GLU A 2289 35.27 -58.54 106.67
N SER A 2290 34.94 -57.36 106.12
CA SER A 2290 33.56 -56.88 106.08
C SER A 2290 33.17 -56.50 104.67
N ILE A 2291 31.89 -56.71 104.33
CA ILE A 2291 31.31 -56.22 103.09
C ILE A 2291 30.54 -54.94 103.40
N ILE A 2292 30.65 -53.98 102.48
CA ILE A 2292 29.95 -52.72 102.59
C ILE A 2292 29.07 -52.56 101.36
N TRP A 2293 27.78 -52.32 101.58
CA TRP A 2293 26.85 -52.21 100.47
C TRP A 2293 25.83 -51.11 100.75
N VAL A 2294 25.14 -50.69 99.70
CA VAL A 2294 24.15 -49.63 99.77
C VAL A 2294 22.80 -50.22 99.41
N ASP A 2295 21.76 -49.71 100.08
CA ASP A 2295 20.40 -50.16 99.87
C ASP A 2295 19.54 -48.96 99.49
N ARG A 2296 18.90 -49.03 98.32
CA ARG A 2296 18.19 -47.88 97.80
C ARG A 2296 16.91 -47.62 98.61
N ASN A 2297 16.14 -48.68 98.86
CA ASN A 2297 14.85 -48.55 99.53
C ASN A 2297 15.03 -48.00 100.94
N LEU A 2298 16.02 -48.52 101.67
CA LEU A 2298 16.24 -48.16 103.06
C LEU A 2298 17.04 -46.87 103.19
N LYS A 2299 17.61 -46.37 102.08
CA LYS A 2299 18.41 -45.15 102.06
C LYS A 2299 19.57 -45.25 103.05
N LYS A 2300 20.20 -46.42 103.13
CA LYS A 2300 21.23 -46.67 104.12
C LYS A 2300 22.46 -47.29 103.48
N VAL A 2301 23.62 -47.07 104.11
CA VAL A 2301 24.85 -47.75 103.76
C VAL A 2301 25.21 -48.69 104.91
N PHE A 2302 25.28 -49.99 104.60
CA PHE A 2302 25.46 -51.00 105.63
C PHE A 2302 26.88 -51.56 105.58
N GLN A 2303 27.31 -52.08 106.74
CA GLN A 2303 28.55 -52.83 106.85
C GLN A 2303 28.28 -54.09 107.66
N ALA A 2304 28.74 -55.24 107.15
CA ALA A 2304 28.53 -56.52 107.81
C ALA A 2304 29.65 -57.47 107.41
N SER A 2305 29.78 -58.57 108.17
CA SER A 2305 30.84 -59.54 107.95
C SER A 2305 30.67 -60.21 106.58
N LYS A 2306 31.79 -60.43 105.90
CA LYS A 2306 31.80 -61.01 104.57
C LYS A 2306 31.53 -62.51 104.63
N GLN A 2307 31.76 -63.15 105.79
CA GLN A 2307 31.68 -64.60 105.89
C GLN A 2307 30.21 -65.02 105.86
N PRO A 2308 29.85 -66.03 105.03
CA PRO A 2308 28.47 -66.52 105.01
C PRO A 2308 28.11 -67.20 106.33
N GLY A 2309 26.83 -67.12 106.71
CA GLY A 2309 26.32 -67.75 107.91
C GLY A 2309 26.43 -66.87 109.15
N ASN A 2310 27.04 -65.68 109.03
CA ASN A 2310 27.08 -64.74 110.13
C ASN A 2310 25.69 -64.13 110.32
N THR A 2311 25.27 -63.95 111.58
CA THR A 2311 23.90 -63.54 111.89
C THR A 2311 23.84 -62.24 112.67
N ASP A 2312 24.98 -61.56 112.85
CA ASP A 2312 25.01 -60.28 113.54
C ASP A 2312 24.35 -59.23 112.66
N PRO A 2313 23.52 -58.33 113.23
CA PRO A 2313 22.83 -57.32 112.42
C PRO A 2313 23.83 -56.32 111.84
N PRO A 2314 23.66 -55.89 110.58
CA PRO A 2314 24.60 -54.96 109.97
C PRO A 2314 24.58 -53.59 110.66
N VAL A 2315 25.74 -52.94 110.66
CA VAL A 2315 25.85 -51.59 111.21
C VAL A 2315 25.61 -50.59 110.09
N VAL A 2316 25.14 -49.40 110.47
CA VAL A 2316 24.79 -48.37 109.50
C VAL A 2316 25.89 -47.31 109.52
N ILE A 2317 26.62 -47.20 108.41
CA ILE A 2317 27.68 -46.20 108.28
C ILE A 2317 27.04 -44.82 108.16
N ARG A 2318 26.05 -44.70 107.27
CA ARG A 2318 25.35 -43.44 107.04
C ARG A 2318 23.91 -43.77 106.72
N ASP A 2319 23.01 -42.84 107.04
CA ASP A 2319 21.58 -43.12 106.96
C ASP A 2319 20.88 -41.96 106.25
N LYS A 2320 19.74 -42.30 105.62
CA LYS A 2320 18.85 -41.33 104.99
C LYS A 2320 19.55 -40.61 103.86
N ILE A 2321 20.17 -41.38 102.95
CA ILE A 2321 20.78 -40.83 101.75
C ILE A 2321 19.92 -41.24 100.56
N ASN A 2322 19.55 -40.26 99.72
CA ASN A 2322 18.62 -40.50 98.65
C ASN A 2322 19.36 -40.98 97.40
N LEU A 2323 18.78 -42.00 96.74
CA LEU A 2323 19.16 -42.46 95.41
C LEU A 2323 20.59 -42.98 95.42
N LEU A 2324 20.88 -43.93 96.32
CA LEU A 2324 22.18 -44.57 96.37
C LEU A 2324 22.36 -45.45 95.14
N ARG A 2325 23.59 -45.54 94.63
CA ARG A 2325 23.84 -46.30 93.42
C ARG A 2325 24.98 -47.29 93.57
N ASP A 2326 26.06 -46.90 94.26
CA ASP A 2326 27.26 -47.72 94.26
C ASP A 2326 28.16 -47.33 95.42
N VAL A 2327 29.13 -48.22 95.70
CA VAL A 2327 30.09 -48.01 96.76
C VAL A 2327 31.38 -48.73 96.41
N THR A 2328 32.52 -48.06 96.64
CA THR A 2328 33.84 -48.65 96.43
C THR A 2328 34.75 -48.26 97.58
N ILE A 2329 35.99 -48.75 97.52
CA ILE A 2329 36.99 -48.48 98.53
C ILE A 2329 38.17 -47.78 97.89
N PHE A 2330 38.60 -46.68 98.53
CA PHE A 2330 39.77 -45.92 98.11
C PHE A 2330 40.88 -46.18 99.11
N ASP A 2331 41.70 -47.20 98.84
CA ASP A 2331 42.75 -47.60 99.75
C ASP A 2331 43.88 -48.25 98.97
N GLU A 2332 45.11 -48.13 99.47
CA GLU A 2332 46.26 -48.77 98.86
C GLU A 2332 46.15 -50.28 98.95
N HIS A 2333 45.60 -50.80 100.06
CA HIS A 2333 45.43 -52.23 100.26
C HIS A 2333 44.46 -52.82 99.24
N ALA A 2334 43.55 -51.98 98.72
CA ALA A 2334 42.59 -52.41 97.70
C ALA A 2334 43.20 -52.39 96.30
N GLN A 2335 44.34 -51.71 96.12
CA GLN A 2335 45.01 -51.64 94.82
C GLN A 2335 46.50 -51.85 95.03
N PRO A 2336 46.94 -53.11 95.24
CA PRO A 2336 48.37 -53.38 95.38
C PRO A 2336 49.14 -53.05 94.09
N LEU A 2337 50.41 -52.68 94.25
CA LEU A 2337 51.20 -52.25 93.10
C LEU A 2337 52.52 -53.00 92.97
N SER A 2338 53.03 -53.59 94.06
CA SER A 2338 54.30 -54.31 94.00
C SER A 2338 54.11 -55.57 93.14
N PRO A 2339 55.15 -55.96 92.36
CA PRO A 2339 55.05 -57.14 91.51
C PRO A 2339 54.74 -58.43 92.29
N ALA A 2340 55.20 -58.51 93.54
CA ALA A 2340 54.94 -59.68 94.37
C ALA A 2340 53.44 -59.83 94.65
N GLU A 2341 52.77 -58.72 94.94
CA GLU A 2341 51.34 -58.76 95.27
C GLU A 2341 50.49 -58.96 94.02
N LEU A 2342 51.01 -58.58 92.84
CA LEU A 2342 50.27 -58.70 91.59
C LEU A 2342 50.68 -59.95 90.80
N ASN A 2343 51.32 -60.93 91.46
CA ASN A 2343 51.72 -62.17 90.83
C ASN A 2343 52.61 -61.91 89.61
N ASN A 2344 53.58 -60.99 89.77
CA ASN A 2344 54.55 -60.66 88.74
C ASN A 2344 53.84 -60.23 87.45
N ASN A 2345 52.82 -59.39 87.60
CA ASN A 2345 51.98 -58.97 86.48
C ASN A 2345 52.84 -58.19 85.48
N PRO A 2346 52.81 -58.54 84.18
CA PRO A 2346 53.41 -57.68 83.17
C PRO A 2346 52.64 -56.37 83.05
N CYS A 2347 53.11 -55.50 82.14
CA CYS A 2347 52.47 -54.21 81.89
C CYS A 2347 52.65 -53.26 83.08
N LEU A 2348 53.23 -53.76 84.18
CA LEU A 2348 53.43 -52.95 85.37
C LEU A 2348 54.68 -52.08 85.18
N GLN A 2349 55.68 -52.61 84.46
CA GLN A 2349 57.00 -51.98 84.40
C GLN A 2349 56.97 -50.78 83.46
N SER A 2350 56.83 -51.05 82.16
CA SER A 2350 56.81 -50.01 81.13
C SER A 2350 55.74 -50.38 80.10
N ASN A 2351 54.55 -50.73 80.61
CA ASN A 2351 53.42 -51.14 79.80
C ASN A 2351 53.78 -52.40 78.99
N GLY A 2352 54.73 -53.19 79.50
CA GLY A 2352 55.14 -54.44 78.88
C GLY A 2352 55.77 -54.24 77.50
N GLY A 2353 56.17 -53.01 77.18
CA GLY A 2353 56.78 -52.69 75.90
C GLY A 2353 55.77 -52.54 74.76
N CYS A 2354 54.49 -52.81 75.01
CA CYS A 2354 53.47 -52.72 73.98
C CYS A 2354 53.23 -51.25 73.62
N SER A 2355 53.08 -51.00 72.31
CA SER A 2355 52.93 -49.64 71.79
C SER A 2355 51.59 -49.04 72.20
N HIS A 2356 50.49 -49.78 71.99
CA HIS A 2356 49.16 -49.23 72.21
C HIS A 2356 48.54 -49.77 73.50
N PHE A 2357 48.34 -51.09 73.57
CA PHE A 2357 47.66 -51.71 74.69
C PHE A 2357 48.43 -52.93 75.18
N CYS A 2358 48.40 -53.13 76.51
CA CYS A 2358 49.03 -54.27 77.14
C CYS A 2358 47.96 -55.10 77.84
N PHE A 2359 47.81 -56.36 77.43
CA PHE A 2359 46.83 -57.27 78.00
C PHE A 2359 47.56 -58.46 78.59
N ALA A 2360 47.56 -58.56 79.93
CA ALA A 2360 48.14 -59.70 80.61
C ALA A 2360 47.20 -60.91 80.50
N LEU A 2361 47.75 -62.13 80.54
CA LEU A 2361 46.94 -63.34 80.41
C LEU A 2361 47.23 -64.27 81.57
N PRO A 2362 46.24 -65.08 82.04
CA PRO A 2362 46.31 -65.69 83.37
C PRO A 2362 47.54 -66.54 83.70
N GLU A 2363 48.07 -67.31 82.73
CA GLU A 2363 49.17 -68.24 82.98
C GLU A 2363 50.40 -67.94 82.11
N LEU A 2364 50.46 -66.76 81.47
CA LEU A 2364 51.57 -66.44 80.59
C LEU A 2364 52.47 -65.40 81.24
N PRO A 2365 53.80 -65.55 81.16
CA PRO A 2365 54.71 -64.48 81.54
C PRO A 2365 54.88 -63.40 80.47
N THR A 2366 54.29 -63.61 79.28
CA THR A 2366 54.40 -62.66 78.18
C THR A 2366 53.05 -62.01 77.93
N PRO A 2367 52.98 -60.67 77.87
CA PRO A 2367 51.70 -60.00 77.63
C PRO A 2367 51.31 -60.00 76.15
N ARG A 2368 50.01 -60.18 75.88
CA ARG A 2368 49.46 -60.04 74.55
C ARG A 2368 49.24 -58.56 74.28
N CYS A 2369 50.09 -57.96 73.44
CA CYS A 2369 49.95 -56.56 73.11
C CYS A 2369 48.70 -56.34 72.27
N GLY A 2370 47.95 -55.28 72.60
CA GLY A 2370 46.78 -54.87 71.85
C GLY A 2370 47.15 -53.87 70.77
N CYS A 2371 46.15 -53.41 70.03
CA CYS A 2371 46.36 -52.49 68.93
C CYS A 2371 45.07 -51.71 68.69
N ALA A 2372 45.12 -50.41 68.99
CA ALA A 2372 43.95 -49.55 68.85
C ALA A 2372 43.59 -49.34 67.38
N PHE A 2373 44.62 -49.15 66.54
CA PHE A 2373 44.43 -48.99 65.11
C PHE A 2373 45.59 -49.64 64.36
N GLY A 2374 45.35 -49.98 63.11
CA GLY A 2374 46.32 -50.73 62.32
C GLY A 2374 46.43 -52.17 62.79
N THR A 2375 47.60 -52.77 62.57
CA THR A 2375 47.81 -54.17 62.92
C THR A 2375 49.16 -54.32 63.63
N LEU A 2376 49.29 -55.39 64.39
CA LEU A 2376 50.55 -55.71 65.06
C LEU A 2376 51.61 -56.07 64.03
N GLY A 2377 52.84 -55.61 64.29
CA GLY A 2377 54.01 -56.03 63.52
C GLY A 2377 54.44 -57.45 63.87
N ASN A 2378 55.45 -57.95 63.16
CA ASN A 2378 56.05 -59.25 63.44
C ASN A 2378 56.66 -59.27 64.84
N ASP A 2379 57.12 -58.11 65.33
CA ASP A 2379 57.71 -58.01 66.64
C ASP A 2379 56.69 -58.32 67.72
N GLY A 2380 55.41 -57.99 67.46
CA GLY A 2380 54.33 -58.23 68.42
C GLY A 2380 54.21 -57.11 69.47
N LYS A 2381 55.03 -56.06 69.35
CA LYS A 2381 55.04 -54.98 70.33
C LYS A 2381 54.63 -53.64 69.70
N SER A 2382 54.56 -53.56 68.36
CA SER A 2382 54.35 -52.30 67.67
C SER A 2382 53.17 -52.43 66.70
N CYS A 2383 52.61 -51.28 66.31
CA CYS A 2383 51.47 -51.24 65.41
C CYS A 2383 51.80 -50.36 64.21
N ALA A 2384 51.34 -50.79 63.03
CA ALA A 2384 51.50 -50.05 61.79
C ALA A 2384 50.21 -50.16 60.97
N THR A 2385 50.16 -49.48 59.82
CA THR A 2385 48.97 -49.48 58.98
C THR A 2385 48.63 -50.90 58.55
N SER A 2386 47.34 -51.14 58.27
CA SER A 2386 46.80 -52.48 58.10
C SER A 2386 47.49 -53.23 56.97
N GLN A 2387 47.79 -52.54 55.87
CA GLN A 2387 48.38 -53.15 54.68
C GLN A 2387 47.50 -54.30 54.19
N GLU A 2388 46.18 -54.08 54.21
CA GLU A 2388 45.20 -55.10 53.82
C GLU A 2388 44.02 -54.39 53.17
N ASP A 2389 43.04 -55.19 52.74
CA ASP A 2389 41.81 -54.64 52.16
C ASP A 2389 40.81 -54.35 53.27
N PHE A 2390 40.16 -53.19 53.18
CA PHE A 2390 39.16 -52.76 54.16
C PHE A 2390 38.24 -51.71 53.54
N LEU A 2391 37.33 -51.17 54.37
CA LEU A 2391 36.41 -50.12 53.95
C LEU A 2391 36.89 -48.77 54.46
N ILE A 2392 36.53 -47.72 53.73
CA ILE A 2392 36.73 -46.36 54.16
C ILE A 2392 35.44 -45.58 53.92
N TYR A 2393 35.05 -44.77 54.90
CA TYR A 2393 33.85 -43.95 54.79
C TYR A 2393 34.12 -42.60 55.44
N SER A 2394 33.30 -41.62 55.08
CA SER A 2394 33.42 -40.26 55.60
C SER A 2394 32.30 -40.01 56.60
N LEU A 2395 32.68 -39.50 57.78
CA LEU A 2395 31.73 -39.21 58.85
C LEU A 2395 31.95 -37.77 59.31
N ASN A 2396 31.05 -36.89 58.87
CA ASN A 2396 31.12 -35.47 59.16
C ASN A 2396 32.47 -34.90 58.73
N ASN A 2397 33.28 -34.45 59.70
CA ASN A 2397 34.50 -33.71 59.42
C ASN A 2397 35.71 -34.62 59.46
N SER A 2398 35.55 -35.90 59.11
CA SER A 2398 36.65 -36.85 59.20
C SER A 2398 36.41 -38.04 58.30
N LEU A 2399 37.50 -38.77 58.01
CA LEU A 2399 37.44 -40.03 57.30
C LEU A 2399 37.74 -41.15 58.29
N ARG A 2400 36.97 -42.24 58.19
CA ARG A 2400 37.12 -43.37 59.10
C ARG A 2400 37.26 -44.66 58.29
N SER A 2401 37.81 -45.67 58.96
CA SER A 2401 38.09 -46.96 58.35
C SER A 2401 37.36 -48.07 59.10
N LEU A 2402 37.24 -49.23 58.44
CA LEU A 2402 36.51 -50.35 59.00
C LEU A 2402 36.89 -51.61 58.23
N HIS A 2403 37.15 -52.71 58.96
CA HIS A 2403 37.45 -53.98 58.33
C HIS A 2403 36.18 -54.62 57.78
N PHE A 2404 36.36 -55.59 56.88
CA PHE A 2404 35.24 -56.33 56.30
C PHE A 2404 34.67 -57.30 57.33
N ASP A 2405 35.55 -57.91 58.14
CA ASP A 2405 35.13 -58.93 59.09
C ASP A 2405 34.28 -58.29 60.17
N PRO A 2406 33.01 -58.71 60.37
CA PRO A 2406 32.19 -58.14 61.43
C PRO A 2406 32.73 -58.37 62.84
N ARG A 2407 33.55 -59.41 63.02
CA ARG A 2407 34.04 -59.79 64.35
C ARG A 2407 35.40 -59.16 64.67
N ASP A 2408 35.94 -58.35 63.75
CA ASP A 2408 37.21 -57.68 63.98
C ASP A 2408 36.95 -56.22 64.31
N HIS A 2409 37.21 -55.83 65.56
CA HIS A 2409 36.86 -54.50 66.06
C HIS A 2409 38.03 -53.53 66.02
N SER A 2410 39.19 -53.96 65.50
CA SER A 2410 40.33 -53.05 65.31
C SER A 2410 40.08 -52.14 64.12
N LEU A 2411 40.80 -51.02 64.07
CA LEU A 2411 40.68 -50.08 62.97
C LEU A 2411 41.88 -50.22 62.05
N PRO A 2412 41.68 -50.30 60.72
CA PRO A 2412 42.80 -50.33 59.79
C PRO A 2412 43.70 -49.10 59.86
N PHE A 2413 43.12 -47.92 60.07
CA PHE A 2413 43.91 -46.73 60.38
C PHE A 2413 43.09 -45.80 61.26
N GLN A 2414 43.78 -44.93 62.01
CA GLN A 2414 43.11 -44.03 62.93
C GLN A 2414 42.41 -42.94 62.15
N VAL A 2415 41.40 -42.33 62.81
CA VAL A 2415 40.55 -41.32 62.21
C VAL A 2415 41.41 -40.19 61.65
N ILE A 2416 41.10 -39.78 60.41
CA ILE A 2416 41.77 -38.66 59.77
C ILE A 2416 40.83 -37.46 59.81
N SER A 2417 41.25 -36.41 60.54
CA SER A 2417 40.46 -35.20 60.65
C SER A 2417 40.68 -34.33 59.41
N VAL A 2418 39.60 -33.72 58.89
CA VAL A 2418 39.64 -32.92 57.66
C VAL A 2418 38.83 -31.64 57.83
N ALA A 2419 39.02 -30.67 56.92
CA ALA A 2419 38.26 -29.42 56.92
C ALA A 2419 36.80 -29.62 56.49
N GLY A 2420 35.91 -28.72 56.96
CA GLY A 2420 34.51 -28.71 56.53
C GLY A 2420 33.76 -30.00 56.88
N THR A 2421 33.09 -30.59 55.89
CA THR A 2421 32.44 -31.89 55.96
C THR A 2421 32.84 -32.70 54.72
N ALA A 2422 33.29 -33.96 54.87
CA ALA A 2422 33.58 -34.83 53.73
C ALA A 2422 32.30 -35.52 53.24
N ILE A 2423 32.19 -35.83 51.92
CA ILE A 2423 30.94 -36.38 51.36
C ILE A 2423 31.16 -37.60 50.44
N ALA A 2424 32.30 -37.72 49.75
CA ALA A 2424 32.57 -38.89 48.93
C ALA A 2424 34.07 -39.24 48.98
N LEU A 2425 34.41 -40.51 48.71
CA LEU A 2425 35.80 -40.96 48.76
C LEU A 2425 36.10 -41.88 47.58
N ASP A 2426 37.39 -41.92 47.21
CA ASP A 2426 37.91 -42.92 46.31
C ASP A 2426 39.41 -43.06 46.55
N TYR A 2427 39.93 -44.26 46.29
CA TYR A 2427 41.29 -44.63 46.67
C TYR A 2427 42.18 -44.76 45.44
N ASP A 2428 43.40 -44.20 45.55
CA ASP A 2428 44.40 -44.28 44.49
C ASP A 2428 45.49 -45.25 44.94
N ARG A 2429 45.60 -46.38 44.24
CA ARG A 2429 46.46 -47.48 44.68
C ARG A 2429 47.94 -47.16 44.45
N ARG A 2430 48.27 -46.32 43.45
CA ARG A 2430 49.65 -46.09 43.09
C ARG A 2430 50.39 -45.37 44.22
N ASN A 2431 49.75 -44.42 44.89
CA ASN A 2431 50.41 -43.63 45.91
C ASN A 2431 49.79 -43.79 47.31
N ASN A 2432 48.80 -44.70 47.44
CA ASN A 2432 48.12 -44.94 48.70
C ASN A 2432 47.57 -43.62 49.26
N ARG A 2433 46.78 -42.93 48.44
CA ARG A 2433 46.11 -41.71 48.86
C ARG A 2433 44.62 -41.81 48.54
N ILE A 2434 43.82 -41.10 49.33
CA ILE A 2434 42.37 -41.11 49.18
C ILE A 2434 41.93 -39.76 48.66
N PHE A 2435 41.21 -39.76 47.53
CA PHE A 2435 40.61 -38.56 46.98
C PHE A 2435 39.21 -38.41 47.57
N PHE A 2436 38.95 -37.25 48.18
CA PHE A 2436 37.66 -37.04 48.83
C PHE A 2436 37.14 -35.63 48.60
N THR A 2437 35.81 -35.53 48.40
CA THR A 2437 35.17 -34.24 48.24
C THR A 2437 34.82 -33.65 49.61
N GLN A 2438 34.75 -32.32 49.66
CA GLN A 2438 34.37 -31.61 50.87
C GLN A 2438 33.27 -30.59 50.55
N LYS A 2439 32.42 -30.33 51.55
CA LYS A 2439 31.51 -29.20 51.61
C LYS A 2439 32.06 -28.21 52.62
N LEU A 2440 32.12 -26.91 52.26
CA LEU A 2440 32.61 -25.86 53.14
C LEU A 2440 31.50 -24.89 53.56
N ASN A 2441 30.51 -24.70 52.66
CA ASN A 2441 29.32 -23.89 52.90
C ASN A 2441 28.25 -24.38 51.92
N SER A 2442 26.97 -23.99 52.09
CA SER A 2442 25.86 -24.53 51.30
C SER A 2442 25.96 -24.21 49.81
N LEU A 2443 26.90 -23.33 49.40
CA LEU A 2443 27.19 -23.00 48.00
C LEU A 2443 28.68 -23.15 47.65
N ARG A 2444 29.49 -23.83 48.48
CA ARG A 2444 30.92 -24.01 48.28
C ARG A 2444 31.37 -25.45 48.53
N GLY A 2445 32.06 -26.03 47.54
CA GLY A 2445 32.73 -27.32 47.66
C GLY A 2445 34.23 -27.21 47.46
N GLN A 2446 34.91 -28.34 47.65
CA GLN A 2446 36.37 -28.45 47.52
C GLN A 2446 36.73 -29.91 47.25
N ILE A 2447 37.90 -30.16 46.62
CA ILE A 2447 38.42 -31.52 46.48
C ILE A 2447 39.83 -31.54 47.08
N SER A 2448 40.10 -32.61 47.83
CA SER A 2448 41.34 -32.77 48.57
C SER A 2448 41.80 -34.22 48.49
N TYR A 2449 43.02 -34.47 48.96
CA TYR A 2449 43.50 -35.84 49.10
C TYR A 2449 44.38 -35.95 50.33
N VAL A 2450 44.47 -37.17 50.85
CA VAL A 2450 45.34 -37.47 51.99
C VAL A 2450 45.92 -38.87 51.80
N SER A 2451 47.20 -39.01 52.17
CA SER A 2451 47.91 -40.27 52.03
C SER A 2451 47.86 -41.05 53.35
N LEU A 2452 48.03 -42.37 53.26
CA LEU A 2452 48.05 -43.24 54.43
C LEU A 2452 49.28 -44.14 54.38
N TYR A 2453 50.42 -43.53 54.03
CA TYR A 2453 51.71 -44.22 54.12
C TYR A 2453 52.25 -44.15 55.55
N SER A 2454 52.40 -42.93 56.06
CA SER A 2454 53.00 -42.70 57.37
C SER A 2454 52.53 -41.34 57.91
N GLY A 2455 53.27 -40.81 58.90
CA GLY A 2455 52.92 -39.59 59.60
C GLY A 2455 52.59 -38.41 58.67
N SER A 2456 52.96 -38.51 57.38
CA SER A 2456 52.61 -37.51 56.38
C SER A 2456 51.15 -37.64 56.00
N SER A 2457 50.24 -37.34 56.95
CA SER A 2457 48.81 -37.55 56.77
C SER A 2457 48.04 -36.23 56.82
N SER A 2458 48.70 -35.12 56.46
CA SER A 2458 48.02 -33.83 56.43
C SER A 2458 47.29 -33.69 55.10
N PRO A 2459 45.94 -33.49 55.10
CA PRO A 2459 45.21 -33.35 53.85
C PRO A 2459 45.58 -32.03 53.16
N THR A 2460 45.66 -32.06 51.82
CA THR A 2460 45.91 -30.87 51.03
C THR A 2460 44.90 -30.83 49.88
N VAL A 2461 44.52 -29.61 49.50
CA VAL A 2461 43.49 -29.37 48.49
C VAL A 2461 44.08 -29.51 47.08
N LEU A 2462 43.18 -29.73 46.11
CA LEU A 2462 43.50 -29.70 44.69
C LEU A 2462 42.71 -28.60 43.98
N LEU A 2463 41.40 -28.50 44.28
CA LEU A 2463 40.56 -27.46 43.71
C LEU A 2463 39.87 -26.68 44.83
N SER A 2464 39.43 -25.46 44.48
CA SER A 2464 38.76 -24.56 45.40
C SER A 2464 37.71 -23.74 44.64
N ASN A 2465 36.73 -23.19 45.39
CA ASN A 2465 35.64 -22.38 44.88
C ASN A 2465 34.72 -23.14 43.90
N ILE A 2466 34.90 -24.46 43.75
CA ILE A 2466 33.95 -25.30 43.01
C ILE A 2466 32.61 -25.35 43.76
N GLY A 2467 31.57 -25.82 43.07
CA GLY A 2467 30.28 -26.01 43.72
C GLY A 2467 30.25 -27.22 44.66
N VAL A 2468 29.17 -27.34 45.44
CA VAL A 2468 29.01 -28.45 46.38
C VAL A 2468 29.00 -29.77 45.61
N THR A 2469 29.91 -30.69 45.99
CA THR A 2469 30.25 -31.84 45.14
C THR A 2469 30.06 -33.17 45.89
N ASP A 2470 29.18 -34.02 45.36
CA ASP A 2470 28.62 -35.16 46.08
C ASP A 2470 29.13 -36.50 45.56
N GLY A 2471 29.96 -36.51 44.50
CA GLY A 2471 30.47 -37.75 43.95
C GLY A 2471 31.90 -37.60 43.42
N ILE A 2472 32.65 -38.71 43.40
CA ILE A 2472 34.01 -38.71 42.87
C ILE A 2472 34.40 -40.13 42.49
N ALA A 2473 35.33 -40.26 41.53
CA ALA A 2473 35.87 -41.55 41.14
C ALA A 2473 37.22 -41.35 40.47
N PHE A 2474 38.11 -42.37 40.53
CA PHE A 2474 39.46 -42.24 40.02
C PHE A 2474 39.73 -43.23 38.89
N ASP A 2475 40.15 -42.73 37.72
CA ASP A 2475 40.56 -43.57 36.61
C ASP A 2475 41.97 -44.09 36.89
N TRP A 2476 42.09 -45.39 37.19
CA TRP A 2476 43.35 -45.93 37.64
C TRP A 2476 44.33 -46.16 36.49
N ILE A 2477 43.86 -46.12 35.24
CA ILE A 2477 44.75 -46.34 34.10
C ILE A 2477 45.08 -45.03 33.39
N ASN A 2478 44.09 -44.13 33.28
CA ASN A 2478 44.31 -42.86 32.60
C ASN A 2478 44.70 -41.77 33.60
N ARG A 2479 44.65 -42.08 34.91
CA ARG A 2479 45.10 -41.18 35.96
C ARG A 2479 44.43 -39.81 35.83
N ARG A 2480 43.10 -39.79 35.59
CA ARG A 2480 42.30 -38.56 35.62
C ARG A 2480 41.11 -38.77 36.54
N ILE A 2481 40.66 -37.69 37.19
CA ILE A 2481 39.69 -37.80 38.26
C ILE A 2481 38.38 -37.17 37.78
N TYR A 2482 37.24 -37.81 38.11
CA TYR A 2482 35.90 -37.38 37.73
C TYR A 2482 35.13 -36.97 38.99
N TYR A 2483 34.31 -35.91 38.93
CA TYR A 2483 33.50 -35.51 40.07
C TYR A 2483 32.20 -34.85 39.61
N SER A 2484 31.18 -34.88 40.48
CA SER A 2484 29.89 -34.27 40.22
C SER A 2484 29.79 -32.97 41.00
N ASP A 2485 29.49 -31.86 40.31
CA ASP A 2485 29.09 -30.63 40.98
C ASP A 2485 27.56 -30.55 40.94
N PHE A 2486 26.93 -30.78 42.09
CA PHE A 2486 25.48 -30.71 42.20
C PHE A 2486 24.99 -29.28 41.94
N SER A 2487 25.63 -28.30 42.58
CA SER A 2487 25.20 -26.90 42.55
C SER A 2487 25.30 -26.26 41.15
N ASN A 2488 26.28 -26.67 40.34
CA ASN A 2488 26.39 -26.23 38.95
C ASN A 2488 25.70 -27.16 37.94
N GLN A 2489 25.14 -28.30 38.39
CA GLN A 2489 24.41 -29.24 37.52
C GLN A 2489 25.31 -29.78 36.40
N THR A 2490 26.57 -30.13 36.73
CA THR A 2490 27.52 -30.68 35.76
C THR A 2490 28.33 -31.84 36.34
N ILE A 2491 28.79 -32.72 35.44
CA ILE A 2491 29.84 -33.69 35.75
C ILE A 2491 31.12 -33.20 35.11
N ASN A 2492 32.18 -33.09 35.91
CA ASN A 2492 33.44 -32.48 35.55
C ASN A 2492 34.55 -33.54 35.64
N SER A 2493 35.71 -33.24 35.04
CA SER A 2493 36.85 -34.13 35.12
C SER A 2493 38.16 -33.34 35.19
N MET A 2494 39.13 -33.83 35.97
CA MET A 2494 40.39 -33.12 36.16
C MET A 2494 41.54 -34.14 36.16
N ALA A 2495 42.76 -33.65 35.92
CA ALA A 2495 43.95 -34.50 35.96
C ALA A 2495 44.37 -34.71 37.42
N GLU A 2496 45.18 -35.74 37.67
CA GLU A 2496 45.58 -36.10 39.02
C GLU A 2496 46.14 -34.90 39.78
N ASP A 2497 46.75 -33.94 39.07
CA ASP A 2497 47.41 -32.80 39.70
C ASP A 2497 46.47 -31.61 39.86
N GLY A 2498 45.20 -31.75 39.44
CA GLY A 2498 44.22 -30.68 39.53
C GLY A 2498 44.18 -29.77 38.31
N SER A 2499 45.00 -30.05 37.29
CA SER A 2499 44.99 -29.29 36.05
C SER A 2499 44.24 -30.08 34.97
N ASN A 2500 44.21 -29.53 33.74
CA ASN A 2500 43.66 -30.19 32.56
C ASN A 2500 42.15 -30.49 32.76
N ARG A 2501 41.40 -29.44 33.12
CA ARG A 2501 39.97 -29.48 33.41
C ARG A 2501 39.12 -29.65 32.15
N ALA A 2502 38.03 -30.42 32.26
CA ALA A 2502 37.02 -30.57 31.20
C ALA A 2502 35.63 -30.76 31.80
N VAL A 2503 34.57 -30.45 31.04
CA VAL A 2503 33.19 -30.75 31.43
C VAL A 2503 32.71 -31.94 30.60
N ILE A 2504 32.24 -32.99 31.30
CA ILE A 2504 31.81 -34.24 30.70
C ILE A 2504 30.34 -34.12 30.26
N ALA A 2505 29.49 -33.54 31.11
CA ALA A 2505 28.06 -33.47 30.85
C ALA A 2505 27.39 -32.38 31.69
N ARG A 2506 26.21 -31.89 31.23
CA ARG A 2506 25.28 -31.14 32.06
C ARG A 2506 24.13 -32.09 32.47
N VAL A 2507 23.80 -32.09 33.77
CA VAL A 2507 22.97 -33.12 34.40
C VAL A 2507 22.04 -32.46 35.41
N SER A 2508 20.74 -32.82 35.43
CA SER A 2508 19.72 -32.13 36.22
C SER A 2508 20.08 -32.03 37.71
N LYS A 2509 20.38 -33.18 38.35
CA LYS A 2509 20.89 -33.27 39.71
C LYS A 2509 21.87 -34.44 39.78
N PRO A 2510 23.17 -34.25 39.47
CA PRO A 2510 24.13 -35.35 39.41
C PRO A 2510 24.52 -35.84 40.79
N ARG A 2511 24.91 -37.13 40.88
CA ARG A 2511 25.32 -37.72 42.17
C ARG A 2511 26.50 -38.68 42.01
N ALA A 2512 26.22 -40.00 41.96
CA ALA A 2512 27.27 -41.00 41.99
C ALA A 2512 27.90 -41.19 40.61
N ILE A 2513 29.20 -41.53 40.60
CA ILE A 2513 29.96 -41.82 39.38
C ILE A 2513 30.63 -43.18 39.55
N VAL A 2514 30.57 -43.99 38.49
CA VAL A 2514 31.38 -45.18 38.38
C VAL A 2514 31.80 -45.32 36.91
N LEU A 2515 32.97 -45.90 36.68
CA LEU A 2515 33.51 -45.97 35.33
C LEU A 2515 34.20 -47.31 35.09
N ASP A 2516 34.31 -47.66 33.81
CA ASP A 2516 35.00 -48.86 33.36
C ASP A 2516 36.00 -48.44 32.29
N PRO A 2517 37.20 -47.96 32.70
CA PRO A 2517 38.15 -47.39 31.74
C PRO A 2517 38.66 -48.39 30.72
N CYS A 2518 38.78 -49.68 31.10
CA CYS A 2518 39.24 -50.71 30.17
C CYS A 2518 38.20 -50.99 29.07
N ARG A 2519 36.97 -50.52 29.25
CA ARG A 2519 35.96 -50.52 28.19
C ARG A 2519 35.62 -49.10 27.73
N GLY A 2520 36.19 -48.07 28.38
CA GLY A 2520 36.02 -46.69 27.97
C GLY A 2520 34.64 -46.11 28.30
N TYR A 2521 33.93 -46.75 29.24
CA TYR A 2521 32.60 -46.32 29.62
C TYR A 2521 32.58 -45.77 31.04
N MET A 2522 31.67 -44.82 31.28
CA MET A 2522 31.39 -44.30 32.61
C MET A 2522 29.88 -44.25 32.85
N TYR A 2523 29.50 -44.40 34.12
CA TYR A 2523 28.10 -44.39 34.50
C TYR A 2523 27.88 -43.35 35.59
N TRP A 2524 26.69 -42.73 35.61
CA TRP A 2524 26.33 -41.81 36.67
C TRP A 2524 24.83 -41.86 36.94
N THR A 2525 24.44 -41.41 38.14
CA THR A 2525 23.03 -41.27 38.48
C THR A 2525 22.64 -39.80 38.51
N ASP A 2526 21.34 -39.55 38.31
CA ASP A 2526 20.74 -38.29 38.69
C ASP A 2526 19.45 -38.51 39.48
N TRP A 2527 19.08 -37.51 40.27
CA TRP A 2527 17.89 -37.55 41.11
C TRP A 2527 17.00 -36.32 40.83
N GLY A 2528 17.01 -35.89 39.56
CA GLY A 2528 16.28 -34.71 39.10
C GLY A 2528 14.80 -34.98 38.81
N THR A 2529 14.23 -34.18 37.89
CA THR A 2529 12.81 -34.28 37.52
C THR A 2529 12.45 -35.67 37.01
N ASN A 2530 13.42 -36.34 36.34
CA ASN A 2530 13.28 -37.68 35.80
C ASN A 2530 14.57 -38.45 36.09
N ALA A 2531 14.62 -39.12 37.26
CA ALA A 2531 15.78 -39.88 37.70
C ALA A 2531 16.08 -41.01 36.72
N LYS A 2532 17.36 -41.21 36.41
CA LYS A 2532 17.82 -42.27 35.51
C LYS A 2532 19.31 -42.51 35.76
N ILE A 2533 19.79 -43.62 35.19
CA ILE A 2533 21.20 -43.93 35.18
C ILE A 2533 21.67 -43.93 33.74
N GLU A 2534 22.72 -43.13 33.46
CA GLU A 2534 23.17 -42.85 32.10
C GLU A 2534 24.56 -43.45 31.87
N ARG A 2535 24.78 -43.97 30.66
CA ARG A 2535 26.08 -44.44 30.24
C ARG A 2535 26.62 -43.52 29.15
N ALA A 2536 27.85 -43.08 29.36
CA ALA A 2536 28.58 -42.32 28.36
C ALA A 2536 29.91 -43.01 28.09
N THR A 2537 30.39 -42.86 26.86
CA THR A 2537 31.81 -42.91 26.58
C THR A 2537 32.56 -42.04 27.58
N LEU A 2538 33.80 -42.41 27.92
CA LEU A 2538 34.57 -41.74 28.95
C LEU A 2538 34.97 -40.31 28.56
N GLY A 2539 34.94 -39.99 27.24
CA GLY A 2539 35.04 -38.61 26.76
C GLY A 2539 33.71 -37.83 26.78
N GLY A 2540 32.63 -38.45 27.27
CA GLY A 2540 31.37 -37.80 27.59
C GLY A 2540 30.49 -37.41 26.40
N ASN A 2541 30.50 -38.16 25.29
CA ASN A 2541 29.74 -37.74 24.11
C ASN A 2541 28.48 -38.59 23.94
N PHE A 2542 28.64 -39.91 23.83
CA PHE A 2542 27.53 -40.80 23.52
C PHE A 2542 26.79 -41.19 24.80
N ARG A 2543 26.18 -40.20 25.48
CA ARG A 2543 25.36 -40.45 26.66
C ARG A 2543 24.05 -41.13 26.24
N VAL A 2544 23.62 -42.11 27.04
CA VAL A 2544 22.39 -42.85 26.80
C VAL A 2544 21.94 -43.46 28.13
N PRO A 2545 20.63 -43.37 28.48
CA PRO A 2545 20.14 -44.01 29.69
C PRO A 2545 20.31 -45.53 29.67
N ILE A 2546 20.64 -46.08 30.83
CA ILE A 2546 20.74 -47.52 31.03
C ILE A 2546 19.43 -48.04 31.62
N VAL A 2547 18.97 -47.41 32.70
CA VAL A 2547 17.70 -47.78 33.32
C VAL A 2547 17.02 -46.49 33.79
N ASN A 2548 15.76 -46.31 33.40
CA ASN A 2548 15.03 -45.09 33.66
C ASN A 2548 13.57 -45.38 34.03
N THR A 2549 13.21 -46.66 34.12
CA THR A 2549 11.81 -47.05 34.22
C THR A 2549 11.23 -46.65 35.57
N SER A 2550 11.97 -46.90 36.65
CA SER A 2550 11.50 -46.57 37.99
C SER A 2550 12.68 -46.23 38.89
N LEU A 2551 13.04 -44.95 38.91
CA LEU A 2551 14.04 -44.41 39.83
C LEU A 2551 13.49 -43.10 40.38
N VAL A 2552 13.80 -42.81 41.65
CA VAL A 2552 13.38 -41.58 42.28
C VAL A 2552 14.60 -40.86 42.87
N TRP A 2553 15.32 -41.52 43.79
CA TRP A 2553 16.49 -40.95 44.43
C TRP A 2553 17.67 -41.93 44.36
N PRO A 2554 18.24 -42.15 43.15
CA PRO A 2554 19.37 -43.06 43.03
C PRO A 2554 20.65 -42.40 43.57
N ASN A 2555 21.06 -42.78 44.78
CA ASN A 2555 22.19 -42.15 45.46
C ASN A 2555 23.49 -42.95 45.35
N GLY A 2556 23.41 -44.24 44.99
CA GLY A 2556 24.59 -45.10 44.98
C GLY A 2556 24.78 -45.77 43.62
N LEU A 2557 26.04 -45.87 43.19
CA LEU A 2557 26.42 -46.68 42.03
C LEU A 2557 27.68 -47.47 42.34
N ALA A 2558 27.65 -48.76 42.01
CA ALA A 2558 28.79 -49.64 42.21
C ALA A 2558 28.83 -50.66 41.08
N LEU A 2559 30.06 -50.98 40.65
CA LEU A 2559 30.27 -51.91 39.54
C LEU A 2559 31.10 -53.09 40.05
N ASP A 2560 30.59 -54.30 39.81
CA ASP A 2560 31.31 -55.51 40.15
C ASP A 2560 32.08 -55.96 38.91
N LEU A 2561 33.38 -55.70 38.90
CA LEU A 2561 34.22 -55.97 37.73
C LEU A 2561 34.31 -57.47 37.46
N GLU A 2562 34.28 -58.29 38.52
CA GLU A 2562 34.46 -59.73 38.41
C GLU A 2562 33.28 -60.40 37.69
N THR A 2563 32.10 -59.76 37.68
CA THR A 2563 30.94 -60.33 37.01
C THR A 2563 30.29 -59.36 36.02
N ASP A 2564 30.78 -58.11 35.94
CA ASP A 2564 30.25 -57.09 35.04
C ASP A 2564 28.75 -56.87 35.28
N LEU A 2565 28.44 -56.46 36.51
CA LEU A 2565 27.07 -56.12 36.89
C LEU A 2565 27.05 -54.72 37.50
N LEU A 2566 25.91 -54.03 37.35
CA LEU A 2566 25.76 -52.68 37.84
C LEU A 2566 24.78 -52.67 39.01
N TYR A 2567 25.20 -52.12 40.15
CA TYR A 2567 24.40 -52.06 41.38
C TYR A 2567 24.07 -50.61 41.69
N TRP A 2568 22.82 -50.33 42.08
CA TRP A 2568 22.44 -48.99 42.52
C TRP A 2568 21.47 -49.04 43.68
N ALA A 2569 21.46 -47.97 44.48
CA ALA A 2569 20.64 -47.87 45.67
C ALA A 2569 19.71 -46.67 45.57
N ASP A 2570 18.39 -46.89 45.64
CA ASP A 2570 17.42 -45.81 45.59
C ASP A 2570 16.91 -45.51 47.01
N ALA A 2571 17.15 -44.29 47.48
CA ALA A 2571 16.79 -43.89 48.83
C ALA A 2571 15.28 -43.65 49.02
N SER A 2572 14.53 -43.42 47.93
CA SER A 2572 13.10 -43.13 48.05
C SER A 2572 12.27 -44.41 47.96
N LEU A 2573 12.57 -45.26 46.97
CA LEU A 2573 11.99 -46.59 46.87
C LEU A 2573 12.55 -47.52 47.95
N GLN A 2574 13.62 -47.09 48.64
CA GLN A 2574 14.28 -47.76 49.76
C GLN A 2574 14.75 -49.16 49.39
N LYS A 2575 15.32 -49.37 48.19
CA LYS A 2575 15.80 -50.69 47.83
C LYS A 2575 17.04 -50.62 46.93
N ILE A 2576 17.84 -51.70 47.00
CA ILE A 2576 19.07 -51.83 46.23
C ILE A 2576 18.86 -52.89 45.15
N GLU A 2577 19.28 -52.53 43.94
CA GLU A 2577 19.00 -53.33 42.75
C GLU A 2577 20.28 -53.59 41.97
N ARG A 2578 20.19 -54.57 41.06
CA ARG A 2578 21.28 -54.86 40.15
C ARG A 2578 20.74 -55.09 38.73
N SER A 2579 21.62 -54.90 37.75
CA SER A 2579 21.38 -55.27 36.36
C SER A 2579 22.69 -55.59 35.66
N THR A 2580 22.58 -56.16 34.46
CA THR A 2580 23.72 -56.28 33.56
C THR A 2580 24.16 -54.88 33.13
N LEU A 2581 25.38 -54.78 32.60
CA LEU A 2581 25.95 -53.50 32.20
C LEU A 2581 25.09 -52.83 31.13
N THR A 2582 24.29 -53.61 30.39
CA THR A 2582 23.37 -53.07 29.40
C THR A 2582 22.02 -52.72 30.03
N GLY A 2583 21.83 -53.05 31.31
CA GLY A 2583 20.63 -52.67 32.04
C GLY A 2583 19.41 -53.54 31.73
N THR A 2584 19.65 -54.81 31.38
CA THR A 2584 18.58 -55.70 30.99
C THR A 2584 17.90 -56.33 32.21
N ASN A 2585 18.64 -57.08 33.05
CA ASN A 2585 18.04 -57.92 34.08
C ASN A 2585 17.88 -57.16 35.41
N ARG A 2586 16.89 -56.26 35.55
CA ARG A 2586 16.61 -55.64 36.85
C ARG A 2586 16.20 -56.71 37.87
N GLU A 2587 16.86 -56.69 39.03
CA GLU A 2587 16.49 -57.47 40.19
C GLU A 2587 16.70 -56.64 41.45
N VAL A 2588 15.82 -56.80 42.45
CA VAL A 2588 16.16 -56.38 43.81
C VAL A 2588 17.15 -57.36 44.42
N VAL A 2589 18.30 -56.86 44.89
CA VAL A 2589 19.21 -57.64 45.71
C VAL A 2589 18.82 -57.48 47.18
N VAL A 2590 18.44 -56.26 47.60
CA VAL A 2590 17.98 -55.98 48.95
C VAL A 2590 16.67 -55.19 48.83
N SER A 2591 15.55 -55.82 49.23
CA SER A 2591 14.22 -55.30 48.96
C SER A 2591 13.77 -54.21 49.95
N THR A 2592 14.55 -53.97 51.03
CA THR A 2592 14.39 -52.78 51.88
C THR A 2592 15.74 -52.41 52.49
N ALA A 2593 16.14 -51.12 52.34
CA ALA A 2593 17.51 -50.71 52.62
C ALA A 2593 17.62 -49.33 53.29
N PHE A 2594 16.48 -48.73 53.71
CA PHE A 2594 16.38 -47.39 54.28
C PHE A 2594 16.97 -46.31 53.35
N HIS A 2595 17.41 -45.17 53.91
CA HIS A 2595 17.79 -43.98 53.15
C HIS A 2595 19.23 -44.11 52.67
N SER A 2596 19.47 -45.00 51.70
CA SER A 2596 20.80 -45.32 51.21
C SER A 2596 21.50 -44.09 50.64
N PHE A 2597 22.75 -43.82 51.06
CA PHE A 2597 23.65 -42.99 50.27
C PHE A 2597 24.53 -43.91 49.42
N GLY A 2598 25.79 -43.55 49.17
CA GLY A 2598 26.68 -44.29 48.29
C GLY A 2598 26.87 -45.75 48.73
N LEU A 2599 27.14 -46.60 47.74
CA LEU A 2599 27.21 -48.05 47.89
C LEU A 2599 28.49 -48.55 47.22
N THR A 2600 29.07 -49.62 47.76
CA THR A 2600 30.23 -50.26 47.14
C THR A 2600 30.09 -51.78 47.22
N VAL A 2601 30.79 -52.46 46.31
CA VAL A 2601 30.79 -53.91 46.27
C VAL A 2601 32.23 -54.42 46.40
N TYR A 2602 32.43 -55.41 47.26
CA TYR A 2602 33.71 -56.09 47.39
C TYR A 2602 33.45 -57.52 47.81
N GLY A 2603 34.22 -58.45 47.25
CA GLY A 2603 34.08 -59.87 47.57
C GLY A 2603 32.68 -60.36 47.23
N GLN A 2604 31.99 -60.95 48.23
CA GLN A 2604 30.68 -61.53 48.03
C GLN A 2604 29.57 -60.58 48.46
N TYR A 2605 29.92 -59.43 49.05
CA TYR A 2605 28.93 -58.59 49.72
C TYR A 2605 28.89 -57.19 49.12
N ILE A 2606 27.76 -56.51 49.35
CA ILE A 2606 27.54 -55.11 48.99
C ILE A 2606 27.43 -54.32 50.29
N TYR A 2607 28.13 -53.17 50.41
CA TYR A 2607 28.13 -52.36 51.61
C TYR A 2607 27.57 -50.98 51.27
N TRP A 2608 26.62 -50.50 52.07
CA TRP A 2608 26.06 -49.17 51.87
C TRP A 2608 25.95 -48.40 53.19
N THR A 2609 26.02 -47.07 53.09
CA THR A 2609 25.74 -46.19 54.22
C THR A 2609 24.28 -45.78 54.18
N ASP A 2610 23.65 -45.67 55.36
CA ASP A 2610 22.27 -45.26 55.49
C ASP A 2610 22.19 -43.91 56.23
N LEU A 2611 21.52 -42.90 55.65
CA LEU A 2611 21.36 -41.61 56.30
C LEU A 2611 20.30 -41.64 57.41
N TYR A 2612 19.39 -42.63 57.42
CA TYR A 2612 18.28 -42.70 58.36
C TYR A 2612 18.70 -43.34 59.69
N THR A 2613 19.14 -44.61 59.70
CA THR A 2613 19.56 -45.27 60.92
C THR A 2613 21.04 -45.00 61.27
N ARG A 2614 21.79 -44.32 60.39
CA ARG A 2614 23.15 -43.88 60.63
C ARG A 2614 24.10 -45.06 60.80
N LYS A 2615 23.85 -46.17 60.08
CA LYS A 2615 24.69 -47.36 60.16
C LYS A 2615 25.21 -47.73 58.78
N ILE A 2616 26.23 -48.60 58.78
CA ILE A 2616 26.74 -49.23 57.57
C ILE A 2616 26.27 -50.67 57.57
N TYR A 2617 25.49 -51.04 56.55
CA TYR A 2617 24.98 -52.40 56.41
C TYR A 2617 25.78 -53.17 55.36
N ARG A 2618 25.59 -54.50 55.33
CA ARG A 2618 26.12 -55.34 54.27
C ARG A 2618 25.09 -56.44 53.99
N ALA A 2619 25.14 -56.97 52.76
CA ALA A 2619 24.29 -58.08 52.36
C ALA A 2619 24.97 -58.87 51.24
N ASN A 2620 24.63 -60.15 51.07
CA ASN A 2620 25.21 -61.01 50.04
C ASN A 2620 24.79 -60.52 48.64
N LYS A 2621 25.71 -60.44 47.66
CA LYS A 2621 25.51 -59.66 46.44
C LYS A 2621 24.50 -60.26 45.45
N TYR A 2622 24.06 -61.51 45.65
CA TYR A 2622 23.14 -62.21 44.77
C TYR A 2622 21.70 -62.20 45.31
N ASP A 2623 21.53 -62.42 46.62
CA ASP A 2623 20.23 -62.70 47.22
C ASP A 2623 19.90 -61.83 48.44
N GLY A 2624 20.86 -61.00 48.89
CA GLY A 2624 20.69 -60.13 50.05
C GLY A 2624 20.36 -60.89 51.34
N SER A 2625 20.92 -62.10 51.52
CA SER A 2625 20.52 -62.98 52.59
C SER A 2625 21.18 -62.56 53.90
N ASP A 2626 22.51 -62.57 53.93
CA ASP A 2626 23.25 -62.37 55.18
C ASP A 2626 23.34 -60.87 55.49
N LEU A 2627 22.20 -60.24 55.79
CA LEU A 2627 22.18 -58.82 56.07
C LEU A 2627 22.50 -58.55 57.56
N VAL A 2628 23.63 -57.86 57.81
CA VAL A 2628 24.00 -57.44 59.15
C VAL A 2628 24.42 -55.97 59.09
N ALA A 2629 24.46 -55.33 60.26
CA ALA A 2629 24.96 -53.97 60.38
C ALA A 2629 26.42 -54.01 60.79
N MET A 2630 27.26 -53.34 60.02
CA MET A 2630 28.71 -53.35 60.25
C MET A 2630 29.07 -52.54 61.48
N THR A 2631 28.35 -51.43 61.73
CA THR A 2631 28.67 -50.53 62.82
C THR A 2631 27.44 -50.31 63.70
N THR A 2632 27.65 -49.73 64.88
CA THR A 2632 26.58 -49.23 65.72
C THR A 2632 26.04 -47.94 65.11
N ARG A 2633 25.04 -47.35 65.79
CA ARG A 2633 24.47 -46.09 65.33
C ARG A 2633 25.53 -45.01 65.42
N LEU A 2634 26.04 -44.58 64.26
CA LEU A 2634 27.07 -43.56 64.21
C LEU A 2634 26.49 -42.22 64.66
N PRO A 2635 27.29 -41.39 65.37
CA PRO A 2635 26.80 -40.15 65.95
C PRO A 2635 26.26 -39.13 64.94
N THR A 2636 26.82 -39.09 63.73
CA THR A 2636 26.65 -37.94 62.86
C THR A 2636 26.49 -38.36 61.40
N GLN A 2637 25.62 -39.35 61.17
CA GLN A 2637 25.02 -39.56 59.85
C GLN A 2637 26.08 -39.76 58.75
N PRO A 2638 26.62 -40.98 58.59
CA PRO A 2638 27.71 -41.21 57.64
C PRO A 2638 27.24 -41.01 56.21
N SER A 2639 28.18 -40.62 55.34
CA SER A 2639 27.88 -40.37 53.94
C SER A 2639 29.12 -40.72 53.12
N GLY A 2640 28.90 -41.49 52.04
CA GLY A 2640 29.98 -41.88 51.15
C GLY A 2640 30.78 -43.06 51.71
N ILE A 2641 31.15 -43.98 50.82
CA ILE A 2641 31.88 -45.18 51.21
C ILE A 2641 32.66 -45.69 50.00
N SER A 2642 33.83 -46.29 50.28
CA SER A 2642 34.65 -46.92 49.26
C SER A 2642 35.52 -47.98 49.91
N THR A 2643 36.17 -48.79 49.08
CA THR A 2643 37.01 -49.88 49.55
C THR A 2643 38.47 -49.58 49.21
N VAL A 2644 39.37 -49.87 50.14
CA VAL A 2644 40.80 -49.77 49.88
C VAL A 2644 41.34 -51.16 49.58
N VAL A 2645 41.91 -51.32 48.39
CA VAL A 2645 42.44 -52.60 47.94
C VAL A 2645 43.91 -52.42 47.58
N LYS A 2646 44.72 -53.43 47.92
CA LYS A 2646 46.15 -53.38 47.70
C LYS A 2646 46.52 -54.02 46.36
N THR A 2647 45.72 -54.97 45.88
CA THR A 2647 46.02 -55.64 44.62
C THR A 2647 45.58 -54.75 43.46
N GLN A 2648 46.41 -54.70 42.40
CA GLN A 2648 46.10 -53.96 41.19
C GLN A 2648 44.86 -54.56 40.53
N ARG A 2649 43.99 -53.69 40.02
CA ARG A 2649 42.69 -54.10 39.48
C ARG A 2649 42.69 -53.96 37.96
N GLN A 2650 42.48 -55.09 37.27
CA GLN A 2650 42.16 -55.15 35.84
C GLN A 2650 42.96 -54.13 35.04
N GLN A 2651 44.30 -54.22 35.12
CA GLN A 2651 45.17 -53.29 34.40
C GLN A 2651 45.06 -53.53 32.90
N CYS A 2652 45.05 -52.43 32.13
CA CYS A 2652 45.01 -52.49 30.68
C CYS A 2652 45.73 -51.28 30.09
N SER A 2653 46.18 -51.40 28.84
CA SER A 2653 47.00 -50.38 28.19
C SER A 2653 46.10 -49.33 27.54
N ASN A 2654 46.18 -48.09 28.04
CA ASN A 2654 45.39 -47.00 27.51
C ASN A 2654 46.05 -46.47 26.23
N PRO A 2655 45.28 -46.00 25.23
CA PRO A 2655 45.87 -45.38 24.04
C PRO A 2655 46.40 -43.97 24.26
N CYS A 2656 46.07 -43.34 25.40
CA CYS A 2656 46.36 -41.93 25.61
C CYS A 2656 47.82 -41.67 25.97
N ASP A 2657 48.57 -42.71 26.37
CA ASP A 2657 49.97 -42.55 26.76
C ASP A 2657 50.84 -42.21 25.54
N GLN A 2658 50.55 -42.82 24.38
CA GLN A 2658 51.34 -42.65 23.16
C GLN A 2658 51.01 -41.31 22.50
N PHE A 2659 51.96 -40.36 22.55
CA PHE A 2659 51.80 -39.02 21.99
C PHE A 2659 50.46 -38.38 22.38
N ASN A 2660 50.03 -38.55 23.63
CA ASN A 2660 48.79 -37.94 24.13
C ASN A 2660 47.59 -38.35 23.26
N GLY A 2661 47.61 -39.57 22.71
CA GLY A 2661 46.53 -40.07 21.86
C GLY A 2661 46.37 -39.29 20.55
N GLY A 2662 47.36 -38.47 20.20
CA GLY A 2662 47.31 -37.62 19.01
C GLY A 2662 46.35 -36.43 19.12
N CYS A 2663 46.15 -35.90 20.34
CA CYS A 2663 45.19 -34.82 20.59
C CYS A 2663 45.83 -33.60 21.28
N SER A 2664 45.22 -32.42 21.06
CA SER A 2664 45.81 -31.13 21.41
C SER A 2664 46.05 -30.97 22.91
N HIS A 2665 45.04 -31.32 23.71
CA HIS A 2665 45.04 -31.08 25.15
C HIS A 2665 44.67 -32.35 25.91
N ILE A 2666 43.37 -32.65 26.01
CA ILE A 2666 42.85 -33.66 26.92
C ILE A 2666 42.28 -34.83 26.13
N CYS A 2667 42.73 -36.05 26.47
CA CYS A 2667 42.17 -37.26 25.88
C CYS A 2667 41.74 -38.25 26.96
N ALA A 2668 40.66 -39.00 26.67
CA ALA A 2668 40.17 -40.10 27.51
C ALA A 2668 40.15 -41.38 26.69
N PRO A 2669 40.52 -42.55 27.26
CA PRO A 2669 40.42 -43.80 26.51
C PRO A 2669 38.95 -44.20 26.33
N GLY A 2670 38.43 -44.05 25.11
CA GLY A 2670 37.06 -44.43 24.81
C GLY A 2670 36.96 -45.88 24.36
N PRO A 2671 35.75 -46.34 23.95
CA PRO A 2671 35.58 -47.70 23.47
C PRO A 2671 36.45 -48.04 22.27
N ASN A 2672 36.69 -47.05 21.39
CA ASN A 2672 37.49 -47.21 20.20
C ASN A 2672 38.48 -46.05 20.11
N GLY A 2673 39.74 -46.33 20.43
CA GLY A 2673 40.82 -45.34 20.33
C GLY A 2673 40.67 -44.22 21.36
N ALA A 2674 41.65 -43.29 21.37
CA ALA A 2674 41.59 -42.13 22.25
C ALA A 2674 40.51 -41.16 21.77
N GLU A 2675 39.74 -40.61 22.72
CA GLU A 2675 38.58 -39.77 22.44
C GLU A 2675 38.80 -38.42 23.13
N CYS A 2676 38.64 -37.32 22.40
CA CYS A 2676 39.34 -36.08 22.77
C CYS A 2676 38.38 -34.90 22.97
N GLN A 2677 38.79 -34.01 23.89
CA GLN A 2677 37.93 -32.97 24.44
C GLN A 2677 38.77 -31.75 24.84
N CYS A 2678 38.12 -30.58 24.95
CA CYS A 2678 38.82 -29.31 24.99
C CYS A 2678 38.62 -28.60 26.33
N PRO A 2679 39.56 -27.73 26.76
CA PRO A 2679 39.56 -27.14 28.10
C PRO A 2679 38.26 -26.49 28.54
N HIS A 2680 38.03 -26.49 29.85
CA HIS A 2680 36.82 -25.97 30.48
C HIS A 2680 36.54 -24.49 30.10
N GLU A 2681 37.56 -23.63 30.25
CA GLU A 2681 37.42 -22.19 29.98
C GLU A 2681 37.66 -21.85 28.50
N GLY A 2682 36.95 -20.81 28.01
CA GLY A 2682 36.98 -20.42 26.60
C GLY A 2682 35.97 -21.17 25.73
N ASN A 2683 35.82 -20.72 24.47
CA ASN A 2683 34.91 -21.33 23.51
C ASN A 2683 35.69 -22.20 22.53
N TRP A 2684 35.26 -23.46 22.38
CA TRP A 2684 36.02 -24.47 21.64
C TRP A 2684 35.14 -25.26 20.68
N TYR A 2685 35.74 -25.74 19.60
CA TYR A 2685 35.18 -26.80 18.77
C TYR A 2685 36.29 -27.75 18.31
N LEU A 2686 35.88 -28.92 17.81
CA LEU A 2686 36.81 -29.95 17.36
C LEU A 2686 36.96 -29.89 15.83
N ALA A 2687 38.21 -30.10 15.37
CA ALA A 2687 38.59 -30.09 13.96
C ALA A 2687 39.51 -31.28 13.66
N ASN A 2688 39.82 -31.49 12.37
CA ASN A 2688 40.78 -32.48 11.88
C ASN A 2688 40.44 -33.90 12.40
N ASP A 2689 39.39 -34.51 11.83
CA ASP A 2689 38.83 -35.78 12.29
C ASP A 2689 38.46 -35.74 13.79
N ASN A 2690 38.06 -34.56 14.26
CA ASN A 2690 37.73 -34.22 15.64
C ASN A 2690 38.86 -34.51 16.65
N LYS A 2691 40.14 -34.46 16.24
CA LYS A 2691 41.27 -34.66 17.15
C LYS A 2691 41.94 -33.36 17.60
N TYR A 2692 41.66 -32.23 16.93
CA TYR A 2692 42.25 -30.94 17.30
C TYR A 2692 41.22 -30.02 17.96
N CYS A 2693 41.62 -29.40 19.08
CA CYS A 2693 40.87 -28.33 19.72
C CYS A 2693 41.19 -26.97 19.08
N VAL A 2694 40.13 -26.28 18.63
CA VAL A 2694 40.27 -24.98 17.97
C VAL A 2694 39.34 -23.97 18.64
N VAL A 2695 39.82 -22.72 18.81
CA VAL A 2695 39.02 -21.67 19.42
C VAL A 2695 37.84 -21.32 18.51
N ASP A 2696 36.63 -21.27 19.07
CA ASP A 2696 35.40 -21.19 18.28
C ASP A 2696 35.05 -19.74 17.91
N THR A 2697 35.84 -19.13 17.02
CA THR A 2697 35.68 -17.72 16.63
C THR A 2697 34.54 -17.51 15.62
N GLY A 2698 33.74 -18.56 15.33
CA GLY A 2698 32.63 -18.50 14.37
C GLY A 2698 33.07 -18.73 12.92
N THR A 2699 34.05 -19.62 12.70
CA THR A 2699 34.51 -20.01 11.37
C THR A 2699 34.94 -21.48 11.32
N ARG A 2700 34.87 -22.09 10.12
CA ARG A 2700 35.28 -23.46 9.85
C ARG A 2700 36.04 -23.54 8.52
N CYS A 2701 36.68 -24.67 8.26
CA CYS A 2701 37.46 -24.90 7.04
C CYS A 2701 36.79 -25.97 6.19
N ASN A 2702 37.06 -26.00 4.88
CA ASN A 2702 36.60 -27.08 4.01
C ASN A 2702 37.58 -28.25 4.18
N GLN A 2703 37.18 -29.47 3.81
CA GLN A 2703 37.95 -30.67 4.16
C GLN A 2703 39.36 -30.62 3.55
N LEU A 2704 39.49 -30.03 2.35
CA LEU A 2704 40.77 -29.88 1.66
C LEU A 2704 41.72 -28.91 2.39
N GLN A 2705 41.23 -28.25 3.45
CA GLN A 2705 42.05 -27.44 4.34
C GLN A 2705 42.15 -28.11 5.72
N PHE A 2706 43.37 -28.47 6.13
CA PHE A 2706 43.71 -28.76 7.52
C PHE A 2706 43.53 -27.51 8.39
N THR A 2707 43.18 -27.67 9.68
CA THR A 2707 42.99 -26.55 10.58
C THR A 2707 44.08 -26.47 11.64
N CYS A 2708 44.86 -25.39 11.65
CA CYS A 2708 45.88 -25.13 12.65
C CYS A 2708 45.25 -24.76 14.01
N LEU A 2709 46.02 -24.85 15.11
CA LEU A 2709 45.54 -24.44 16.44
C LEU A 2709 45.19 -22.94 16.49
N ASN A 2710 45.76 -22.13 15.59
CA ASN A 2710 45.45 -20.71 15.45
C ASN A 2710 44.08 -20.46 14.80
N GLY A 2711 43.39 -21.53 14.35
CA GLY A 2711 42.14 -21.43 13.58
C GLY A 2711 42.36 -21.29 12.08
N HIS A 2712 43.62 -21.29 11.62
CA HIS A 2712 43.97 -21.10 10.22
C HIS A 2712 43.63 -22.34 9.40
N CYS A 2713 43.08 -22.14 8.20
CA CYS A 2713 42.82 -23.20 7.24
C CYS A 2713 43.93 -23.21 6.20
N ILE A 2714 44.60 -24.37 6.01
CA ILE A 2714 45.74 -24.50 5.10
C ILE A 2714 45.64 -25.82 4.34
N ASN A 2715 46.33 -25.94 3.18
CA ASN A 2715 46.32 -27.14 2.35
C ASN A 2715 46.69 -28.40 3.13
N GLN A 2716 45.88 -29.48 3.00
CA GLN A 2716 46.19 -30.81 3.55
C GLN A 2716 47.64 -31.24 3.26
N ASP A 2717 48.11 -30.93 2.04
CA ASP A 2717 49.40 -31.36 1.53
C ASP A 2717 50.55 -30.69 2.28
N TRP A 2718 50.26 -29.63 3.05
CA TRP A 2718 51.23 -28.88 3.84
C TRP A 2718 51.34 -29.42 5.27
N LYS A 2719 50.48 -30.35 5.69
CA LYS A 2719 50.63 -30.96 7.02
C LYS A 2719 51.87 -31.86 7.06
N CYS A 2720 52.58 -31.85 8.20
CA CYS A 2720 53.75 -32.69 8.46
C CYS A 2720 54.74 -32.76 7.27
N ASP A 2721 55.11 -31.60 6.70
CA ASP A 2721 55.98 -31.58 5.53
C ASP A 2721 57.30 -30.83 5.79
N ASN A 2722 57.69 -30.71 7.06
CA ASN A 2722 58.91 -30.05 7.52
C ASN A 2722 58.90 -28.54 7.22
N ASP A 2723 57.70 -27.93 7.22
CA ASP A 2723 57.53 -26.52 6.93
C ASP A 2723 56.49 -25.92 7.88
N ASN A 2724 56.85 -24.81 8.54
CA ASN A 2724 55.97 -24.15 9.48
C ASN A 2724 54.96 -23.31 8.68
N ASP A 2725 53.94 -23.97 8.12
CA ASP A 2725 52.91 -23.31 7.33
C ASP A 2725 51.88 -22.62 8.21
N CYS A 2726 51.57 -23.19 9.39
CA CYS A 2726 50.63 -22.57 10.31
C CYS A 2726 51.18 -21.25 10.88
N GLY A 2727 52.50 -21.04 10.77
CA GLY A 2727 53.16 -19.90 11.39
C GLY A 2727 53.42 -20.10 12.89
N ASP A 2728 53.06 -21.27 13.45
CA ASP A 2728 53.42 -21.58 14.83
C ASP A 2728 53.92 -23.01 15.00
N GLY A 2729 54.00 -23.80 13.92
CA GLY A 2729 54.44 -25.19 13.98
C GLY A 2729 53.37 -26.15 14.49
N SER A 2730 52.09 -25.73 14.50
CA SER A 2730 50.98 -26.59 14.91
C SER A 2730 50.64 -27.68 13.89
N ASP A 2731 51.01 -27.52 12.61
CA ASP A 2731 50.90 -28.57 11.59
C ASP A 2731 52.10 -29.51 11.56
N GLU A 2732 53.16 -29.20 12.32
CA GLU A 2732 54.39 -29.98 12.36
C GLU A 2732 54.61 -30.63 13.73
N LEU A 2733 53.60 -30.64 14.62
CA LEU A 2733 53.74 -31.24 15.94
C LEU A 2733 53.86 -32.76 15.84
N PRO A 2734 54.76 -33.42 16.63
CA PRO A 2734 54.83 -34.88 16.68
C PRO A 2734 53.51 -35.58 17.03
N THR A 2735 52.65 -34.93 17.84
CA THR A 2735 51.33 -35.46 18.18
C THR A 2735 50.45 -35.69 16.95
N VAL A 2736 50.65 -34.91 15.87
CA VAL A 2736 49.98 -35.18 14.60
C VAL A 2736 50.82 -36.16 13.77
N CYS A 2737 52.11 -35.88 13.57
CA CYS A 2737 52.92 -36.60 12.59
C CYS A 2737 53.20 -38.06 12.96
N ALA A 2738 52.95 -38.47 14.22
CA ALA A 2738 53.00 -39.88 14.61
C ALA A 2738 51.89 -40.71 13.94
N PHE A 2739 50.74 -40.08 13.64
CA PHE A 2739 49.53 -40.76 13.15
C PHE A 2739 49.17 -40.31 11.74
N HIS A 2740 50.16 -40.38 10.83
CA HIS A 2740 50.05 -39.85 9.49
C HIS A 2740 50.87 -40.68 8.51
N THR A 2741 50.42 -40.75 7.23
CA THR A 2741 51.24 -41.25 6.11
C THR A 2741 51.18 -40.25 4.96
N CYS A 2742 52.25 -40.17 4.18
CA CYS A 2742 52.24 -39.26 3.04
C CYS A 2742 51.26 -39.75 1.97
N ARG A 2743 50.56 -38.82 1.30
CA ARG A 2743 49.81 -39.15 0.09
C ARG A 2743 50.73 -39.92 -0.86
N SER A 2744 50.18 -40.90 -1.59
CA SER A 2744 50.95 -41.87 -2.37
C SER A 2744 51.97 -41.22 -3.33
N THR A 2745 51.64 -40.06 -3.89
CA THR A 2745 52.46 -39.39 -4.90
C THR A 2745 53.65 -38.61 -4.35
N ALA A 2746 53.79 -38.52 -3.01
CA ALA A 2746 54.89 -37.81 -2.36
C ALA A 2746 56.04 -38.76 -1.97
N PHE A 2747 57.24 -38.21 -1.80
CA PHE A 2747 58.34 -38.93 -1.16
C PHE A 2747 58.15 -38.92 0.35
N THR A 2748 58.60 -39.98 1.04
CA THR A 2748 58.56 -40.05 2.49
C THR A 2748 59.97 -39.96 3.05
N CYS A 2749 60.28 -38.88 3.79
CA CYS A 2749 61.58 -38.71 4.43
C CYS A 2749 61.75 -39.74 5.55
N GLY A 2750 63.01 -40.01 5.97
CA GLY A 2750 63.30 -40.97 7.03
C GLY A 2750 62.54 -40.69 8.32
N ASN A 2751 62.44 -39.40 8.67
CA ASN A 2751 61.81 -38.99 9.92
C ASN A 2751 60.28 -39.11 9.85
N GLY A 2752 59.70 -39.34 8.66
CA GLY A 2752 58.26 -39.47 8.48
C GLY A 2752 57.60 -38.22 7.87
N ARG A 2753 58.35 -37.12 7.70
CA ARG A 2753 57.83 -35.94 7.01
C ARG A 2753 57.65 -36.24 5.51
N CYS A 2754 56.70 -35.55 4.87
CA CYS A 2754 56.47 -35.69 3.44
C CYS A 2754 57.16 -34.60 2.65
N VAL A 2755 57.62 -34.91 1.42
CA VAL A 2755 58.01 -33.87 0.48
C VAL A 2755 57.46 -34.19 -0.91
N PRO A 2756 57.07 -33.18 -1.70
CA PRO A 2756 56.79 -33.35 -3.12
C PRO A 2756 57.98 -34.05 -3.79
N TYR A 2757 57.70 -35.03 -4.65
CA TYR A 2757 58.73 -35.97 -5.06
C TYR A 2757 59.90 -35.27 -5.78
N HIS A 2758 59.62 -34.20 -6.52
CA HIS A 2758 60.62 -33.41 -7.21
C HIS A 2758 61.63 -32.70 -6.29
N TYR A 2759 61.46 -32.78 -4.96
CA TYR A 2759 62.48 -32.32 -4.02
C TYR A 2759 63.55 -33.37 -3.76
N ARG A 2760 63.50 -34.55 -4.41
CA ARG A 2760 64.58 -35.52 -4.38
C ARG A 2760 65.75 -35.06 -5.25
N CYS A 2761 66.99 -35.30 -4.80
CA CYS A 2761 68.20 -35.11 -5.61
C CYS A 2761 68.22 -33.73 -6.29
N ASP A 2762 67.82 -32.69 -5.54
CA ASP A 2762 67.55 -31.35 -6.06
C ASP A 2762 68.65 -30.34 -5.67
N TYR A 2763 69.68 -30.80 -4.94
CA TYR A 2763 70.74 -29.99 -4.33
C TYR A 2763 70.23 -29.02 -3.24
N TYR A 2764 69.02 -29.23 -2.71
CA TYR A 2764 68.48 -28.46 -1.60
C TYR A 2764 67.93 -29.45 -0.57
N ASN A 2765 68.65 -29.61 0.54
CA ASN A 2765 68.23 -30.51 1.60
C ASN A 2765 66.99 -29.94 2.30
N ASP A 2766 65.82 -30.53 2.04
CA ASP A 2766 64.58 -30.06 2.67
C ASP A 2766 63.81 -31.19 3.37
N CYS A 2767 64.28 -32.43 3.28
CA CYS A 2767 63.68 -33.52 4.05
C CYS A 2767 64.09 -33.44 5.52
N GLY A 2768 65.11 -32.62 5.84
CA GLY A 2768 65.62 -32.50 7.20
C GLY A 2768 66.80 -33.44 7.44
N ASP A 2769 66.57 -34.75 7.25
CA ASP A 2769 67.58 -35.77 7.51
C ASP A 2769 68.48 -36.00 6.30
N ASN A 2770 68.42 -35.10 5.29
CA ASN A 2770 69.17 -35.25 4.04
C ASN A 2770 68.71 -36.52 3.32
N SER A 2771 67.51 -37.01 3.64
CA SER A 2771 66.94 -38.20 3.01
C SER A 2771 66.60 -37.95 1.55
N ASP A 2772 66.26 -36.70 1.19
CA ASP A 2772 65.96 -36.39 -0.19
C ASP A 2772 67.22 -36.43 -1.07
N GLU A 2773 68.42 -36.24 -0.47
CA GLU A 2773 69.70 -36.34 -1.19
C GLU A 2773 70.41 -37.69 -0.97
N ALA A 2774 69.93 -38.51 -0.02
CA ALA A 2774 70.50 -39.83 0.24
C ALA A 2774 70.39 -40.74 -1.00
N GLY A 2775 71.47 -41.47 -1.31
CA GLY A 2775 71.50 -42.41 -2.42
C GLY A 2775 71.61 -41.77 -3.81
N CYS A 2776 71.54 -40.43 -3.91
CA CYS A 2776 71.49 -39.76 -5.21
C CYS A 2776 72.84 -39.88 -5.95
N LEU A 2777 72.80 -40.40 -7.19
CA LEU A 2777 73.98 -40.62 -8.01
C LEU A 2777 74.13 -39.46 -9.00
N PHE A 2778 74.66 -38.33 -8.52
CA PHE A 2778 74.83 -37.12 -9.33
C PHE A 2778 75.94 -37.29 -10.37
N ARG A 2779 75.76 -36.65 -11.54
CA ARG A 2779 76.71 -36.72 -12.65
C ARG A 2779 78.00 -35.94 -12.36
N ASN A 2780 79.03 -36.21 -13.17
CA ASN A 2780 80.37 -35.69 -12.98
C ASN A 2780 80.45 -34.16 -13.04
N CYS A 2781 81.46 -33.60 -12.34
CA CYS A 2781 81.81 -32.19 -12.43
C CYS A 2781 83.14 -32.00 -13.16
N ASN A 2782 83.11 -31.16 -14.19
CA ASN A 2782 84.28 -30.84 -15.02
C ASN A 2782 85.07 -29.74 -14.29
N SER A 2783 86.08 -30.14 -13.50
CA SER A 2783 86.83 -29.26 -12.61
C SER A 2783 87.54 -28.10 -13.34
N THR A 2784 87.81 -28.25 -14.65
CA THR A 2784 88.38 -27.18 -15.47
C THR A 2784 87.37 -26.05 -15.77
N THR A 2785 86.08 -26.32 -15.56
CA THR A 2785 84.95 -25.47 -15.97
C THR A 2785 84.09 -25.05 -14.76
N GLU A 2786 83.86 -25.97 -13.81
CA GLU A 2786 82.83 -25.83 -12.78
C GLU A 2786 83.30 -26.40 -11.42
N PHE A 2787 82.87 -25.78 -10.31
CA PHE A 2787 83.35 -26.08 -8.97
C PHE A 2787 82.43 -27.06 -8.22
N THR A 2788 83.01 -28.15 -7.69
CA THR A 2788 82.31 -29.12 -6.86
C THR A 2788 81.87 -28.50 -5.51
N CYS A 2789 80.63 -28.01 -5.48
CA CYS A 2789 79.96 -27.58 -4.25
C CYS A 2789 79.96 -28.71 -3.21
N SER A 2790 79.82 -28.36 -1.92
CA SER A 2790 79.83 -29.33 -0.82
C SER A 2790 78.66 -30.33 -0.90
N ASN A 2791 77.56 -29.96 -1.56
CA ASN A 2791 76.39 -30.81 -1.74
C ASN A 2791 76.45 -31.68 -3.01
N GLY A 2792 77.53 -31.55 -3.81
CA GLY A 2792 77.68 -32.30 -5.05
C GLY A 2792 77.18 -31.58 -6.31
N ARG A 2793 76.55 -30.39 -6.17
CA ARG A 2793 76.30 -29.54 -7.34
C ARG A 2793 77.63 -29.02 -7.90
N CYS A 2794 77.64 -28.59 -9.17
CA CYS A 2794 78.71 -27.72 -9.63
C CYS A 2794 78.22 -26.70 -10.65
N ILE A 2795 78.86 -25.52 -10.59
CA ILE A 2795 78.57 -24.33 -11.38
C ILE A 2795 79.88 -23.66 -11.81
N PRO A 2796 79.89 -22.81 -12.86
CA PRO A 2796 81.11 -22.10 -13.26
C PRO A 2796 81.75 -21.32 -12.11
N LEU A 2797 83.09 -21.32 -12.06
CA LEU A 2797 83.82 -20.69 -10.97
C LEU A 2797 83.62 -19.16 -10.97
N SER A 2798 83.06 -18.59 -12.03
CA SER A 2798 82.76 -17.16 -12.07
C SER A 2798 81.74 -16.77 -10.99
N TYR A 2799 80.98 -17.76 -10.48
CA TYR A 2799 79.95 -17.50 -9.48
C TYR A 2799 80.49 -17.67 -8.06
N VAL A 2800 81.78 -18.00 -7.89
CA VAL A 2800 82.34 -18.12 -6.55
C VAL A 2800 82.72 -16.73 -6.05
N CYS A 2801 82.52 -16.48 -4.76
CA CYS A 2801 82.76 -15.18 -4.14
C CYS A 2801 81.94 -14.09 -4.83
N ASN A 2802 80.90 -14.45 -5.59
CA ASN A 2802 80.21 -13.49 -6.46
C ASN A 2802 79.36 -12.52 -5.64
N GLY A 2803 78.78 -13.00 -4.53
CA GLY A 2803 77.90 -12.16 -3.72
C GLY A 2803 76.67 -12.90 -3.18
N ILE A 2804 76.49 -14.17 -3.60
CA ILE A 2804 75.41 -15.00 -3.07
C ILE A 2804 75.88 -16.45 -3.05
N ASN A 2805 75.43 -17.20 -2.03
CA ASN A 2805 75.79 -18.60 -1.89
C ASN A 2805 75.00 -19.42 -2.90
N ASN A 2806 75.53 -19.50 -4.12
CA ASN A 2806 74.85 -20.19 -5.22
C ASN A 2806 74.68 -21.68 -4.92
N CYS A 2807 75.72 -22.30 -4.36
CA CYS A 2807 75.71 -23.73 -4.08
C CYS A 2807 74.68 -24.08 -3.01
N HIS A 2808 74.36 -23.12 -2.12
CA HIS A 2808 73.37 -23.29 -1.06
C HIS A 2808 73.72 -24.46 -0.14
N ASP A 2809 75.00 -24.86 -0.11
CA ASP A 2809 75.46 -25.90 0.79
C ASP A 2809 75.44 -25.38 2.23
N ASN A 2810 75.36 -26.32 3.18
CA ASN A 2810 75.20 -25.99 4.60
C ASN A 2810 76.46 -25.30 5.15
N ASP A 2811 77.62 -25.54 4.53
CA ASP A 2811 78.89 -24.95 4.97
C ASP A 2811 79.22 -23.67 4.20
N THR A 2812 78.39 -23.28 3.20
CA THR A 2812 78.60 -22.14 2.31
C THR A 2812 80.01 -22.18 1.67
N SER A 2813 80.47 -23.36 1.22
CA SER A 2813 81.79 -23.50 0.60
C SER A 2813 81.95 -22.55 -0.58
N ASP A 2814 80.87 -22.32 -1.33
CA ASP A 2814 80.86 -21.38 -2.43
C ASP A 2814 81.16 -19.95 -1.94
N GLU A 2815 80.50 -19.54 -0.86
CA GLU A 2815 80.54 -18.15 -0.41
C GLU A 2815 81.42 -17.99 0.85
N LYS A 2816 82.52 -18.77 0.91
CA LYS A 2816 83.72 -18.40 1.67
C LYS A 2816 84.39 -17.23 0.94
N ASN A 2817 83.80 -16.04 1.14
CA ASN A 2817 83.95 -14.85 0.30
C ASN A 2817 85.40 -14.39 0.09
N CYS A 2818 85.71 -13.94 -1.15
CA CYS A 2818 86.99 -13.34 -1.50
C CYS A 2818 86.76 -12.13 -2.41
N PRO A 2819 86.03 -11.09 -1.95
CA PRO A 2819 85.74 -9.93 -2.79
C PRO A 2819 86.80 -8.85 -2.64
N PRO A 2820 86.71 -7.73 -3.40
CA PRO A 2820 87.54 -6.56 -3.10
C PRO A 2820 87.05 -5.75 -1.89
N HIS A 2821 86.02 -6.24 -1.17
CA HIS A 2821 85.45 -5.59 0.02
C HIS A 2821 84.83 -4.22 -0.32
N THR A 2822 84.66 -3.36 0.71
CA THR A 2822 84.22 -1.96 0.62
C THR A 2822 82.75 -1.81 0.16
N CYS A 2823 81.90 -2.82 0.39
CA CYS A 2823 80.46 -2.64 0.27
C CYS A 2823 80.00 -1.54 1.22
N PRO A 2824 79.29 -0.48 0.75
CA PRO A 2824 78.93 0.65 1.61
C PRO A 2824 77.79 0.32 2.57
N PRO A 2825 77.52 1.18 3.59
CA PRO A 2825 76.27 1.08 4.36
C PRO A 2825 75.05 1.24 3.45
N ASP A 2826 73.89 0.75 3.93
CA ASP A 2826 72.61 0.65 3.21
C ASP A 2826 72.64 -0.45 2.13
N PHE A 2827 73.81 -0.73 1.51
CA PHE A 2827 74.05 -1.95 0.72
C PHE A 2827 75.02 -2.87 1.47
N THR A 2828 74.70 -3.13 2.75
CA THR A 2828 75.65 -3.62 3.76
C THR A 2828 76.21 -5.01 3.47
N LYS A 2829 77.48 -5.22 3.88
CA LYS A 2829 78.11 -6.52 3.96
C LYS A 2829 77.59 -7.28 5.20
N CYS A 2830 76.98 -8.46 4.98
CA CYS A 2830 76.37 -9.29 6.01
C CYS A 2830 77.39 -10.08 6.87
N GLN A 2831 78.46 -9.40 7.36
CA GLN A 2831 79.59 -10.00 8.10
C GLN A 2831 80.36 -11.03 7.25
N THR A 2832 81.06 -12.02 7.87
CA THR A 2832 82.00 -12.91 7.19
C THR A 2832 81.31 -13.74 6.08
N THR A 2833 80.02 -14.08 6.27
CA THR A 2833 79.14 -14.51 5.20
C THR A 2833 78.81 -13.29 4.34
N ASN A 2834 79.80 -12.83 3.55
CA ASN A 2834 79.85 -11.49 2.94
C ASN A 2834 78.96 -11.35 1.69
N ILE A 2835 77.67 -11.66 1.87
CA ILE A 2835 76.58 -11.19 1.02
C ILE A 2835 76.54 -9.66 1.13
N CYS A 2836 76.50 -8.93 0.01
CA CYS A 2836 76.26 -7.49 0.03
C CYS A 2836 74.85 -7.21 -0.49
N VAL A 2837 74.03 -6.50 0.30
CA VAL A 2837 72.57 -6.62 0.22
C VAL A 2837 71.88 -5.29 0.59
N PRO A 2838 70.72 -4.94 -0.02
CA PRO A 2838 69.91 -3.81 0.43
C PRO A 2838 69.39 -4.01 1.87
N ARG A 2839 69.46 -2.97 2.70
CA ARG A 2839 69.20 -3.06 4.14
C ARG A 2839 67.76 -3.51 4.46
N ALA A 2840 66.82 -3.40 3.50
CA ALA A 2840 65.46 -3.93 3.64
C ALA A 2840 65.43 -5.43 3.99
N PHE A 2841 66.48 -6.20 3.65
CA PHE A 2841 66.60 -7.64 3.90
C PHE A 2841 67.22 -7.97 5.28
N LEU A 2842 67.35 -6.96 6.17
CA LEU A 2842 67.85 -7.13 7.53
C LEU A 2842 66.80 -6.68 8.56
N CYS A 2843 66.93 -7.18 9.79
CA CYS A 2843 65.94 -7.01 10.87
C CYS A 2843 64.51 -7.30 10.36
N ASP A 2844 64.37 -8.43 9.65
CA ASP A 2844 63.13 -8.73 8.91
C ASP A 2844 62.72 -10.21 8.94
N GLY A 2845 62.96 -10.91 10.05
CA GLY A 2845 62.30 -12.19 10.37
C GLY A 2845 62.56 -13.42 9.47
N ASP A 2846 63.09 -13.25 8.25
CA ASP A 2846 63.27 -14.33 7.28
C ASP A 2846 64.64 -14.24 6.60
N ASN A 2847 65.27 -15.39 6.36
CA ASN A 2847 66.69 -15.52 6.04
C ASN A 2847 67.01 -15.03 4.61
N ASP A 2848 67.94 -14.06 4.50
CA ASP A 2848 68.41 -13.51 3.23
C ASP A 2848 69.95 -13.48 3.12
N CYS A 2849 70.67 -13.78 4.23
CA CYS A 2849 72.13 -13.70 4.29
C CYS A 2849 72.78 -14.98 4.85
N GLY A 2850 72.07 -16.12 4.91
CA GLY A 2850 72.59 -17.34 5.53
C GLY A 2850 72.90 -17.14 7.01
N ASP A 2851 74.14 -17.49 7.44
CA ASP A 2851 74.62 -17.22 8.79
C ASP A 2851 75.10 -15.77 8.99
N GLY A 2852 74.99 -14.92 7.94
CA GLY A 2852 75.39 -13.50 7.99
C GLY A 2852 74.38 -12.59 8.71
N SER A 2853 74.54 -11.26 8.54
CA SER A 2853 73.89 -10.26 9.40
C SER A 2853 72.37 -10.35 9.43
N ASP A 2854 71.68 -10.15 8.29
CA ASP A 2854 70.26 -10.50 8.15
C ASP A 2854 69.37 -9.84 9.24
N GLU A 2855 68.32 -10.57 9.65
CA GLU A 2855 67.56 -10.35 10.88
C GLU A 2855 68.23 -10.89 12.15
N ASN A 2856 69.49 -11.37 12.08
CA ASN A 2856 70.12 -12.09 13.19
C ASN A 2856 70.55 -11.14 14.33
N PRO A 2857 70.60 -11.61 15.60
CA PRO A 2857 70.47 -10.75 16.78
C PRO A 2857 71.42 -9.56 16.90
N ILE A 2858 72.73 -9.76 16.65
CA ILE A 2858 73.77 -8.75 16.84
C ILE A 2858 73.50 -7.49 16.01
N TYR A 2859 72.89 -7.67 14.82
CA TYR A 2859 72.72 -6.64 13.80
C TYR A 2859 71.37 -5.89 13.94
N CYS A 2860 70.61 -6.23 15.00
CA CYS A 2860 69.34 -5.62 15.41
C CYS A 2860 69.28 -5.49 16.95
N ALA A 2861 70.46 -5.33 17.61
CA ALA A 2861 70.62 -5.53 19.05
C ALA A 2861 70.29 -4.27 19.87
N SER A 2862 70.92 -3.13 19.53
CA SER A 2862 70.81 -1.89 20.30
C SER A 2862 69.45 -1.21 20.12
N HIS A 2863 68.87 -1.38 18.91
CA HIS A 2863 67.61 -0.78 18.49
C HIS A 2863 66.85 -1.76 17.59
N THR A 2864 65.51 -1.63 17.53
CA THR A 2864 64.65 -2.53 16.75
C THR A 2864 65.06 -2.53 15.26
N CYS A 2865 65.50 -1.37 14.77
CA CYS A 2865 66.33 -1.24 13.57
C CYS A 2865 67.22 0.01 13.69
N ARG A 2866 68.08 0.26 12.69
CA ARG A 2866 69.03 1.37 12.68
C ARG A 2866 68.37 2.73 12.94
N SER A 2867 69.17 3.73 13.38
CA SER A 2867 68.69 5.07 13.72
C SER A 2867 67.97 5.79 12.57
N ASN A 2868 68.36 5.51 11.32
CA ASN A 2868 67.73 6.05 10.11
C ASN A 2868 66.47 5.29 9.69
N GLU A 2869 66.01 4.31 10.49
CA GLU A 2869 65.05 3.28 10.06
C GLU A 2869 63.98 2.99 11.12
N PHE A 2870 62.89 2.38 10.63
CA PHE A 2870 61.66 2.06 11.35
C PHE A 2870 61.37 0.56 11.19
N GLN A 2871 60.74 -0.05 12.21
CA GLN A 2871 60.42 -1.49 12.22
C GLN A 2871 58.90 -1.68 12.14
N CYS A 2872 58.46 -2.69 11.35
CA CYS A 2872 57.06 -2.97 11.06
C CYS A 2872 56.30 -3.58 12.26
N LEU A 2873 57.00 -4.19 13.24
CA LEU A 2873 56.42 -4.82 14.44
C LEU A 2873 55.64 -6.12 14.14
N SER A 2874 54.85 -6.20 13.04
CA SER A 2874 54.22 -7.45 12.63
C SER A 2874 54.01 -7.49 11.13
N PRO A 2875 54.57 -8.48 10.39
CA PRO A 2875 55.68 -9.32 10.85
C PRO A 2875 56.97 -8.48 10.89
N GLN A 2876 58.03 -8.99 11.54
CA GLN A 2876 59.27 -8.22 11.67
C GLN A 2876 59.82 -7.88 10.27
N ARG A 2877 59.99 -6.58 9.98
CA ARG A 2877 60.69 -6.06 8.81
C ARG A 2877 61.08 -4.60 9.07
N CYS A 2878 62.11 -4.11 8.36
CA CYS A 2878 62.67 -2.79 8.61
C CYS A 2878 62.74 -1.97 7.31
N ILE A 2879 62.43 -0.66 7.43
CA ILE A 2879 62.45 0.29 6.30
C ILE A 2879 62.99 1.65 6.76
N PRO A 2880 63.64 2.46 5.89
CA PRO A 2880 64.05 3.81 6.26
C PRO A 2880 62.93 4.74 6.74
N SER A 2881 63.30 5.78 7.49
CA SER A 2881 62.41 6.89 7.88
C SER A 2881 61.69 7.53 6.69
N TYR A 2882 62.32 7.50 5.50
CA TYR A 2882 61.77 8.01 4.24
C TYR A 2882 61.02 6.95 3.41
N TRP A 2883 60.97 5.67 3.87
CA TRP A 2883 60.01 4.67 3.38
C TRP A 2883 58.81 4.54 4.33
N PHE A 2884 58.98 4.81 5.62
CA PHE A 2884 57.86 5.07 6.52
C PHE A 2884 57.10 6.31 6.06
N CYS A 2885 55.76 6.24 6.04
CA CYS A 2885 54.88 7.26 5.44
C CYS A 2885 55.38 7.70 4.05
N ASP A 2886 55.58 6.72 3.13
CA ASP A 2886 55.97 7.00 1.74
C ASP A 2886 54.84 6.74 0.74
N GLY A 2887 53.66 6.32 1.23
CA GLY A 2887 52.49 6.03 0.42
C GLY A 2887 52.36 4.58 -0.04
N GLU A 2888 53.42 3.76 0.12
CA GLU A 2888 53.36 2.32 -0.14
C GLU A 2888 53.36 1.59 1.20
N ALA A 2889 52.34 0.76 1.47
CA ALA A 2889 52.32 -0.03 2.70
C ALA A 2889 53.31 -1.19 2.61
N ASP A 2890 54.56 -0.94 3.02
CA ASP A 2890 55.65 -1.91 3.03
C ASP A 2890 55.41 -3.01 4.07
N CYS A 2891 54.78 -2.63 5.20
CA CYS A 2891 54.47 -3.55 6.30
C CYS A 2891 53.11 -4.19 6.03
N ALA A 2892 53.02 -5.51 6.25
CA ALA A 2892 51.80 -6.27 6.01
C ALA A 2892 50.64 -5.78 6.89
N ASP A 2893 50.93 -5.25 8.09
CA ASP A 2893 49.90 -4.76 8.99
C ASP A 2893 49.53 -3.29 8.73
N GLY A 2894 50.23 -2.63 7.79
CA GLY A 2894 50.02 -1.23 7.45
C GLY A 2894 50.71 -0.26 8.41
N SER A 2895 51.59 -0.77 9.30
CA SER A 2895 52.22 0.02 10.37
C SER A 2895 53.15 1.14 9.87
N ASP A 2896 53.70 1.03 8.63
CA ASP A 2896 54.50 2.10 8.07
C ASP A 2896 53.63 3.22 7.46
N GLU A 2897 52.36 2.93 7.17
CA GLU A 2897 51.42 3.87 6.57
C GLU A 2897 50.14 3.94 7.41
N PRO A 2898 50.18 4.40 8.69
CA PRO A 2898 48.97 4.50 9.52
C PRO A 2898 47.89 5.38 8.89
N ASP A 2899 46.64 5.19 9.35
CA ASP A 2899 45.48 5.96 8.91
C ASP A 2899 45.66 7.47 9.15
N THR A 2900 46.30 7.82 10.28
CA THR A 2900 46.69 9.18 10.64
C THR A 2900 48.08 9.58 10.11
N CYS A 2901 48.81 8.62 9.50
CA CYS A 2901 50.24 8.61 9.20
C CYS A 2901 51.14 9.02 10.40
N GLY A 2902 50.70 8.72 11.64
CA GLY A 2902 51.56 8.85 12.82
C GLY A 2902 50.82 9.15 14.14
N HIS A 2903 51.58 9.22 15.23
CA HIS A 2903 51.13 9.74 16.52
C HIS A 2903 50.76 11.22 16.41
N SER A 2904 51.61 11.98 15.70
CA SER A 2904 51.27 13.29 15.13
C SER A 2904 50.31 13.10 13.95
N VAL A 2905 49.07 13.62 14.05
CA VAL A 2905 48.04 13.40 13.02
C VAL A 2905 48.33 14.21 11.75
N ASN A 2906 48.30 13.52 10.58
CA ASN A 2906 48.43 14.04 9.22
C ASN A 2906 49.86 14.53 8.91
N THR A 2907 50.48 15.28 9.84
CA THR A 2907 51.90 15.62 9.80
C THR A 2907 52.71 14.42 10.29
N CYS A 2908 53.10 13.54 9.36
CA CYS A 2908 53.89 12.35 9.68
C CYS A 2908 55.29 12.71 10.20
N ARG A 2909 55.88 13.79 9.62
CA ARG A 2909 57.15 14.38 10.01
C ARG A 2909 57.13 15.87 9.63
N ALA A 2910 57.88 16.73 10.33
CA ALA A 2910 57.80 18.18 10.21
C ALA A 2910 58.19 18.71 8.81
N SER A 2911 58.99 17.94 8.04
CA SER A 2911 59.41 18.28 6.68
C SER A 2911 58.49 17.68 5.60
N GLN A 2912 57.49 16.87 5.98
CA GLN A 2912 56.65 16.13 5.03
C GLN A 2912 55.26 16.76 4.90
N PHE A 2913 54.85 17.01 3.65
CA PHE A 2913 53.60 17.71 3.34
C PHE A 2913 52.37 16.83 3.62
N GLN A 2914 51.31 17.47 4.12
CA GLN A 2914 50.13 16.79 4.63
C GLN A 2914 48.98 16.86 3.62
N CYS A 2915 48.53 15.70 3.15
CA CYS A 2915 47.39 15.61 2.25
C CYS A 2915 46.09 15.69 3.07
N ASP A 2916 45.09 16.42 2.55
CA ASP A 2916 43.84 16.73 3.26
C ASP A 2916 43.04 15.46 3.60
N ASN A 2917 43.16 14.40 2.76
CA ASN A 2917 42.59 13.07 3.01
C ASN A 2917 43.24 12.31 4.18
N GLY A 2918 44.31 12.86 4.78
CA GLY A 2918 45.05 12.25 5.88
C GLY A 2918 46.37 11.60 5.48
N ARG A 2919 46.63 11.47 4.17
CA ARG A 2919 47.86 10.90 3.62
C ARG A 2919 49.05 11.85 3.82
N CYS A 2920 50.29 11.34 3.71
CA CYS A 2920 51.52 12.13 3.88
C CYS A 2920 52.49 11.85 2.73
N ILE A 2921 53.17 12.91 2.25
CA ILE A 2921 54.13 12.84 1.13
C ILE A 2921 55.39 13.66 1.46
N SER A 2922 56.45 13.55 0.64
CA SER A 2922 57.58 14.46 0.75
C SER A 2922 57.20 15.87 0.27
N GLY A 2923 57.60 16.91 1.04
CA GLY A 2923 57.17 18.28 0.83
C GLY A 2923 57.89 18.96 -0.34
N ASN A 2924 59.01 18.39 -0.80
CA ASN A 2924 59.79 19.00 -1.86
C ASN A 2924 59.13 18.81 -3.23
N TRP A 2925 58.13 17.92 -3.34
CA TRP A 2925 57.39 17.64 -4.58
C TRP A 2925 56.20 18.58 -4.82
N VAL A 2926 55.99 19.58 -3.95
CA VAL A 2926 54.79 20.39 -4.05
C VAL A 2926 54.83 21.25 -5.32
N CYS A 2927 53.77 21.13 -6.13
CA CYS A 2927 53.61 21.85 -7.38
C CYS A 2927 54.85 21.72 -8.26
N ASP A 2928 55.31 20.48 -8.42
CA ASP A 2928 56.22 20.12 -9.50
C ASP A 2928 55.46 19.83 -10.79
N GLY A 2929 54.11 19.82 -10.73
CA GLY A 2929 53.30 19.62 -11.92
C GLY A 2929 52.39 18.39 -11.85
N ASP A 2930 52.47 17.59 -10.79
CA ASP A 2930 51.67 16.38 -10.68
C ASP A 2930 51.05 16.28 -9.28
N ASN A 2931 49.85 15.70 -9.22
CA ASN A 2931 49.09 15.57 -7.97
C ASN A 2931 49.64 14.37 -7.20
N ASP A 2932 50.70 14.61 -6.42
CA ASP A 2932 51.34 13.54 -5.66
C ASP A 2932 50.42 13.01 -4.55
N CYS A 2933 49.68 13.92 -3.89
CA CYS A 2933 48.81 13.53 -2.77
C CYS A 2933 47.66 12.66 -3.26
N GLY A 2934 47.17 12.92 -4.49
CA GLY A 2934 46.01 12.22 -5.01
C GLY A 2934 44.70 12.97 -4.78
N ASP A 2935 44.70 13.98 -3.90
CA ASP A 2935 43.54 14.85 -3.73
C ASP A 2935 43.90 16.31 -3.97
N MET A 2936 44.98 16.54 -4.74
CA MET A 2936 45.40 17.88 -5.17
C MET A 2936 45.81 18.73 -3.96
N SER A 2937 46.13 18.07 -2.83
CA SER A 2937 46.55 18.79 -1.63
C SER A 2937 47.90 19.49 -1.86
N ASP A 2938 48.86 18.77 -2.44
CA ASP A 2938 50.17 19.32 -2.74
C ASP A 2938 50.11 20.36 -3.86
N GLU A 2939 49.08 20.29 -4.70
CA GLU A 2939 48.90 21.23 -5.81
C GLU A 2939 47.84 22.30 -5.48
N ASP A 2940 47.30 22.30 -4.26
CA ASP A 2940 46.19 23.19 -3.90
C ASP A 2940 46.69 24.62 -3.79
N GLN A 2941 45.92 25.56 -4.36
CA GLN A 2941 46.25 26.98 -4.30
C GLN A 2941 46.18 27.49 -2.86
N ARG A 2942 45.22 26.97 -2.09
CA ARG A 2942 45.07 27.34 -0.68
C ARG A 2942 46.21 26.78 0.17
N HIS A 2943 47.04 25.87 -0.39
CA HIS A 2943 48.28 25.45 0.25
C HIS A 2943 49.47 26.28 -0.25
N HIS A 2944 49.21 27.56 -0.57
CA HIS A 2944 50.23 28.55 -0.93
C HIS A 2944 50.92 28.19 -2.26
N CYS A 2945 50.23 27.47 -3.14
CA CYS A 2945 50.80 27.14 -4.43
C CYS A 2945 50.35 28.18 -5.46
N GLU A 2946 50.62 29.45 -5.13
CA GLU A 2946 50.21 30.60 -5.92
C GLU A 2946 51.01 31.81 -5.43
N LEU A 2947 51.02 32.87 -6.25
CA LEU A 2947 51.59 34.16 -5.89
C LEU A 2947 53.10 34.06 -5.64
N GLN A 2948 53.71 32.91 -5.96
CA GLN A 2948 55.11 32.69 -5.70
C GLN A 2948 55.85 32.55 -7.02
N ASN A 2949 57.13 32.98 -7.04
CA ASN A 2949 57.94 32.96 -8.25
C ASN A 2949 58.46 31.53 -8.46
N CYS A 2950 57.83 30.81 -9.40
CA CYS A 2950 58.33 29.51 -9.81
C CYS A 2950 59.71 29.69 -10.46
N SER A 2951 60.67 28.85 -10.03
CA SER A 2951 62.08 29.14 -10.17
C SER A 2951 62.71 28.35 -11.30
N SER A 2952 63.54 29.03 -12.10
CA SER A 2952 64.48 28.43 -13.03
C SER A 2952 63.72 27.64 -14.10
N THR A 2953 64.08 26.37 -14.34
CA THR A 2953 63.45 25.56 -15.37
C THR A 2953 62.01 25.22 -15.01
N GLN A 2954 61.60 25.47 -13.76
CA GLN A 2954 60.20 25.34 -13.37
C GLN A 2954 59.50 26.67 -13.63
N PHE A 2955 59.11 26.91 -14.90
CA PHE A 2955 58.44 28.15 -15.26
C PHE A 2955 57.04 28.19 -14.68
N THR A 2956 56.48 29.40 -14.64
CA THR A 2956 55.13 29.62 -14.14
C THR A 2956 54.07 29.02 -15.07
N CYS A 2957 54.40 28.83 -16.35
CA CYS A 2957 53.45 28.42 -17.37
C CYS A 2957 52.23 29.35 -17.30
N VAL A 2958 52.47 30.62 -17.64
CA VAL A 2958 51.53 31.71 -17.37
C VAL A 2958 50.14 31.37 -17.93
N ASN A 2959 49.15 31.35 -17.04
CA ASN A 2959 47.75 31.20 -17.43
C ASN A 2959 46.88 31.42 -16.19
N SER A 2960 45.56 31.32 -16.36
CA SER A 2960 44.61 31.55 -15.29
C SER A 2960 44.24 30.24 -14.59
N ARG A 2961 43.74 29.27 -15.36
CA ARG A 2961 43.17 28.05 -14.80
C ARG A 2961 44.26 27.25 -14.09
N PRO A 2962 44.02 26.80 -12.84
CA PRO A 2962 45.04 26.10 -12.07
C PRO A 2962 45.66 24.88 -12.76
N PRO A 2963 44.88 23.88 -13.24
CA PRO A 2963 45.46 22.60 -13.64
C PRO A 2963 46.52 22.71 -14.74
N ASN A 2964 46.32 23.66 -15.66
CA ASN A 2964 47.26 23.85 -16.77
C ASN A 2964 48.40 24.79 -16.38
N ARG A 2965 48.26 25.52 -15.26
CA ARG A 2965 49.26 26.50 -14.87
C ARG A 2965 50.32 25.90 -13.94
N ARG A 2966 50.28 24.58 -13.71
CA ARG A 2966 51.22 23.93 -12.81
C ARG A 2966 52.66 24.16 -13.29
N CYS A 2967 53.52 24.57 -12.35
CA CYS A 2967 54.90 24.94 -12.66
C CYS A 2967 55.74 23.68 -12.88
N ILE A 2968 55.53 23.00 -14.01
CA ILE A 2968 56.31 21.82 -14.32
C ILE A 2968 57.73 22.27 -14.67
N PRO A 2969 58.78 21.51 -14.31
CA PRO A 2969 60.15 21.87 -14.68
C PRO A 2969 60.47 21.57 -16.14
N GLN A 2970 60.08 22.47 -17.06
CA GLN A 2970 60.32 22.25 -18.48
C GLN A 2970 61.80 22.51 -18.79
N TYR A 2971 62.61 21.46 -18.56
CA TYR A 2971 64.02 21.48 -18.96
C TYR A 2971 64.13 21.59 -20.48
N TRP A 2972 63.08 21.12 -21.19
CA TRP A 2972 62.97 21.12 -22.64
C TRP A 2972 62.39 22.43 -23.21
N VAL A 2973 62.47 23.54 -22.45
CA VAL A 2973 61.98 24.82 -22.91
C VAL A 2973 62.76 25.25 -24.17
N CYS A 2974 62.02 25.82 -25.13
CA CYS A 2974 62.56 26.37 -26.38
C CYS A 2974 63.06 25.28 -27.32
N ASP A 2975 62.86 23.99 -26.99
CA ASP A 2975 63.29 22.90 -27.85
C ASP A 2975 62.52 22.89 -29.18
N GLY A 2976 61.33 23.48 -29.21
CA GLY A 2976 60.49 23.48 -30.40
C GLY A 2976 59.22 22.64 -30.18
N ASP A 2977 58.72 22.67 -28.94
CA ASP A 2977 57.58 21.85 -28.55
C ASP A 2977 56.77 22.63 -27.52
N ALA A 2978 55.44 22.47 -27.57
CA ALA A 2978 54.52 23.14 -26.65
C ALA A 2978 54.59 22.52 -25.26
N ASP A 2979 54.87 23.35 -24.25
CA ASP A 2979 55.22 22.86 -22.93
C ASP A 2979 54.37 23.46 -21.80
N CYS A 2980 53.62 24.54 -22.06
CA CYS A 2980 52.77 25.15 -21.05
C CYS A 2980 51.35 25.33 -21.60
N SER A 2981 50.51 26.05 -20.84
CA SER A 2981 49.10 26.25 -21.17
C SER A 2981 48.95 26.91 -22.54
N ASP A 2982 49.69 28.01 -22.75
CA ASP A 2982 49.66 28.71 -24.03
C ASP A 2982 50.93 28.45 -24.84
N ALA A 2983 51.79 27.53 -24.37
CA ALA A 2983 53.06 27.19 -25.02
C ALA A 2983 53.97 28.42 -25.15
N LEU A 2984 53.99 29.28 -24.13
CA LEU A 2984 54.83 30.47 -24.16
C LEU A 2984 56.30 30.11 -23.93
N ASP A 2985 56.59 28.86 -23.54
CA ASP A 2985 57.97 28.41 -23.36
C ASP A 2985 58.79 28.64 -24.63
N GLU A 2986 58.14 28.50 -25.79
CA GLU A 2986 58.78 28.75 -27.07
C GLU A 2986 58.79 30.24 -27.43
N LEU A 2987 58.46 31.11 -26.46
CA LEU A 2987 58.45 32.56 -26.69
C LEU A 2987 59.10 33.32 -25.55
N GLN A 2988 59.52 32.63 -24.47
CA GLN A 2988 60.22 33.29 -23.36
C GLN A 2988 61.54 33.86 -23.85
N ASN A 2989 62.42 32.98 -24.32
CA ASN A 2989 63.65 33.37 -24.98
C ASN A 2989 64.01 32.28 -25.97
N CYS A 2990 63.50 32.39 -27.20
CA CYS A 2990 63.56 31.30 -28.15
C CYS A 2990 63.96 31.79 -29.53
N THR A 2991 63.90 30.88 -30.52
CA THR A 2991 64.28 31.17 -31.90
C THR A 2991 63.15 30.77 -32.83
N MET A 2992 63.14 31.40 -34.02
CA MET A 2992 62.16 31.08 -35.04
C MET A 2992 62.59 29.79 -35.76
N ARG A 2993 61.66 29.22 -36.53
CA ARG A 2993 61.94 28.04 -37.34
C ARG A 2993 61.08 28.09 -38.60
N THR A 2994 61.48 27.30 -39.60
CA THR A 2994 60.72 27.16 -40.84
C THR A 2994 59.99 25.83 -40.83
N CYS A 2995 58.71 25.86 -41.23
CA CYS A 2995 57.84 24.69 -41.18
C CYS A 2995 58.28 23.62 -42.18
N SER A 2996 58.13 22.36 -41.76
CA SER A 2996 58.22 21.23 -42.66
C SER A 2996 56.97 21.21 -43.54
N ALA A 2997 57.15 20.77 -44.79
CA ALA A 2997 56.08 20.78 -45.80
C ALA A 2997 54.97 19.78 -45.47
N GLY A 2998 55.26 18.80 -44.59
CA GLY A 2998 54.34 17.71 -44.29
C GLY A 2998 53.41 18.01 -43.11
N GLU A 2999 53.99 18.54 -42.02
CA GLU A 2999 53.26 18.75 -40.78
C GLU A 2999 52.32 19.93 -40.93
N PHE A 3000 51.39 20.07 -39.97
CA PHE A 3000 50.55 21.24 -39.86
C PHE A 3000 51.41 22.46 -39.53
N SER A 3001 51.04 23.61 -40.11
CA SER A 3001 51.82 24.83 -39.98
C SER A 3001 51.06 25.86 -39.15
N CYS A 3002 51.25 25.81 -37.83
CA CYS A 3002 50.69 26.83 -36.95
C CYS A 3002 51.45 28.13 -37.17
N ALA A 3003 50.72 29.23 -37.41
CA ALA A 3003 51.33 30.54 -37.65
C ALA A 3003 51.97 31.04 -36.34
N ASN A 3004 51.13 31.27 -35.33
CA ASN A 3004 51.58 31.70 -34.02
C ASN A 3004 52.28 30.54 -33.31
N GLY A 3005 51.73 29.34 -33.45
CA GLY A 3005 52.19 28.19 -32.68
C GLY A 3005 53.33 27.45 -33.37
N ARG A 3006 53.70 26.31 -32.77
CA ARG A 3006 54.81 25.50 -33.26
C ARG A 3006 54.31 24.65 -34.43
N CYS A 3007 55.26 24.21 -35.26
CA CYS A 3007 54.93 23.44 -36.45
C CYS A 3007 54.77 21.97 -36.05
N VAL A 3008 53.53 21.56 -35.79
CA VAL A 3008 53.25 20.30 -35.10
C VAL A 3008 52.57 19.32 -36.06
N ARG A 3009 52.30 18.11 -35.55
CA ARG A 3009 51.82 17.00 -36.37
C ARG A 3009 50.39 17.26 -36.85
N GLN A 3010 49.98 16.52 -37.88
CA GLN A 3010 48.69 16.70 -38.52
C GLN A 3010 47.58 16.05 -37.68
N SER A 3011 47.94 15.14 -36.76
CA SER A 3011 46.97 14.51 -35.87
C SER A 3011 46.35 15.52 -34.91
N PHE A 3012 47.03 16.66 -34.72
CA PHE A 3012 46.54 17.71 -33.84
C PHE A 3012 45.44 18.55 -34.50
N ARG A 3013 45.15 18.32 -35.78
CA ARG A 3013 44.14 19.10 -36.48
C ARG A 3013 42.75 18.60 -36.06
N CYS A 3014 41.96 19.50 -35.48
CA CYS A 3014 40.56 19.24 -35.13
C CYS A 3014 40.43 18.03 -34.21
N ASP A 3015 40.99 18.15 -32.99
CA ASP A 3015 41.00 17.02 -32.06
C ASP A 3015 40.60 17.42 -30.63
N ARG A 3016 39.90 18.56 -30.47
CA ARG A 3016 39.51 19.10 -29.17
C ARG A 3016 40.71 19.48 -28.28
N ARG A 3017 41.91 19.55 -28.87
CA ARG A 3017 43.11 19.88 -28.10
C ARG A 3017 43.75 21.14 -28.68
N ASN A 3018 44.27 21.99 -27.78
CA ASN A 3018 45.03 23.17 -28.17
C ASN A 3018 46.49 22.77 -28.32
N ASP A 3019 47.04 22.96 -29.52
CA ASP A 3019 48.39 22.48 -29.81
C ASP A 3019 49.30 23.64 -30.22
N CYS A 3020 48.79 24.56 -31.05
CA CYS A 3020 49.56 25.74 -31.42
C CYS A 3020 49.66 26.71 -30.23
N GLY A 3021 48.88 26.47 -29.16
CA GLY A 3021 48.91 27.31 -27.98
C GLY A 3021 47.81 28.37 -27.98
N ASP A 3022 47.22 28.64 -29.15
CA ASP A 3022 46.14 29.61 -29.28
C ASP A 3022 44.93 29.01 -30.01
N TYR A 3023 44.85 27.67 -30.02
CA TYR A 3023 43.76 26.92 -30.64
C TYR A 3023 43.71 27.12 -32.16
N SER A 3024 44.79 27.62 -32.77
CA SER A 3024 44.83 27.81 -34.21
C SER A 3024 44.70 26.48 -34.96
N ASP A 3025 45.05 25.36 -34.31
CA ASP A 3025 44.85 24.04 -34.89
C ASP A 3025 43.38 23.63 -34.81
N GLU A 3026 42.56 24.36 -34.03
CA GLU A 3026 41.14 24.08 -33.89
C GLU A 3026 40.28 25.16 -34.57
N ARG A 3027 40.88 26.26 -35.01
CA ARG A 3027 40.14 27.32 -35.70
C ARG A 3027 39.76 26.87 -37.10
N GLY A 3028 38.49 27.09 -37.47
CA GLY A 3028 37.97 26.75 -38.79
C GLY A 3028 37.67 25.26 -38.94
N CYS A 3029 38.00 24.46 -37.90
CA CYS A 3029 37.79 23.02 -37.94
C CYS A 3029 36.30 22.67 -37.82
N SER A 3030 36.01 21.38 -38.01
CA SER A 3030 34.73 20.80 -37.65
C SER A 3030 34.98 19.52 -36.85
N TYR A 3031 33.93 18.71 -36.65
CA TYR A 3031 34.05 17.44 -35.95
C TYR A 3031 33.16 16.41 -36.61
N PRO A 3032 33.70 15.23 -36.99
CA PRO A 3032 32.85 14.11 -37.37
C PRO A 3032 32.02 13.69 -36.16
N PRO A 3033 30.75 13.25 -36.36
CA PRO A 3033 29.87 12.94 -35.25
C PRO A 3033 30.46 11.83 -34.37
N CYS A 3034 30.34 12.00 -33.05
CA CYS A 3034 30.87 11.04 -32.09
C CYS A 3034 30.21 9.69 -32.31
N HIS A 3035 31.01 8.61 -32.19
CA HIS A 3035 30.53 7.26 -32.41
C HIS A 3035 29.61 6.81 -31.27
N ALA A 3036 29.07 5.60 -31.40
CA ALA A 3036 28.18 5.00 -30.42
C ALA A 3036 28.81 4.98 -29.03
N ASN A 3037 30.14 4.75 -28.97
CA ASN A 3037 30.87 4.67 -27.72
C ASN A 3037 31.04 6.06 -27.09
N GLN A 3038 31.06 7.11 -27.93
CA GLN A 3038 31.34 8.46 -27.48
C GLN A 3038 30.03 9.24 -27.36
N PHE A 3039 29.65 9.57 -26.12
CA PHE A 3039 28.53 10.46 -25.86
C PHE A 3039 28.94 11.90 -26.21
N THR A 3040 28.07 12.59 -26.94
CA THR A 3040 28.36 13.93 -27.40
C THR A 3040 27.90 14.94 -26.36
N CYS A 3041 28.87 15.61 -25.72
CA CYS A 3041 28.58 16.66 -24.77
C CYS A 3041 27.92 17.83 -25.52
N GLN A 3042 27.24 18.69 -24.76
CA GLN A 3042 26.51 19.81 -25.33
C GLN A 3042 27.45 20.76 -26.09
N ASN A 3043 28.72 20.82 -25.67
CA ASN A 3043 29.67 21.73 -26.27
C ASN A 3043 30.47 21.09 -27.41
N GLY A 3044 30.20 19.81 -27.74
CA GLY A 3044 30.81 19.15 -28.89
C GLY A 3044 31.98 18.23 -28.53
N ARG A 3045 32.09 17.85 -27.25
CA ARG A 3045 33.15 16.95 -26.82
C ARG A 3045 32.66 15.50 -26.93
N CYS A 3046 33.49 14.65 -27.54
CA CYS A 3046 33.17 13.22 -27.61
C CYS A 3046 33.79 12.52 -26.40
N ILE A 3047 32.94 12.03 -25.50
CA ILE A 3047 33.39 11.40 -24.27
C ILE A 3047 32.91 9.97 -24.24
N PRO A 3048 33.78 8.99 -23.88
CA PRO A 3048 33.35 7.60 -23.81
C PRO A 3048 32.27 7.39 -22.76
N ARG A 3049 31.40 6.40 -22.99
CA ARG A 3049 30.25 6.15 -22.13
C ARG A 3049 30.69 5.64 -20.75
N PHE A 3050 32.00 5.45 -20.53
CA PHE A 3050 32.50 5.07 -19.22
C PHE A 3050 32.46 6.26 -18.25
N PHE A 3051 32.25 7.47 -18.78
CA PHE A 3051 32.36 8.68 -17.98
C PHE A 3051 31.02 9.38 -17.77
N VAL A 3052 29.93 8.88 -18.36
CA VAL A 3052 28.63 9.52 -18.21
C VAL A 3052 28.12 9.26 -16.80
N CYS A 3053 27.78 10.35 -16.09
CA CYS A 3053 27.31 10.29 -14.72
C CYS A 3053 28.31 9.55 -13.82
N ASP A 3054 29.62 9.82 -14.03
CA ASP A 3054 30.67 9.26 -13.19
C ASP A 3054 31.05 10.23 -12.06
N GLU A 3055 30.19 11.22 -11.78
CA GLU A 3055 30.39 12.23 -10.73
C GLU A 3055 31.63 13.09 -11.00
N ASP A 3056 32.08 13.15 -12.26
CA ASP A 3056 33.21 13.99 -12.64
C ASP A 3056 32.86 14.76 -13.92
N ASN A 3057 33.15 16.06 -13.92
CA ASN A 3057 32.92 16.91 -15.08
C ASN A 3057 34.02 16.67 -16.10
N ASP A 3058 33.79 15.71 -17.01
CA ASP A 3058 34.75 15.37 -18.04
C ASP A 3058 34.60 16.29 -19.26
N CYS A 3059 33.35 16.67 -19.58
CA CYS A 3059 33.08 17.47 -20.78
C CYS A 3059 33.64 18.88 -20.64
N GLY A 3060 33.69 19.39 -19.39
CA GLY A 3060 34.11 20.76 -19.13
C GLY A 3060 32.93 21.70 -18.86
N ASP A 3061 31.72 21.27 -19.20
CA ASP A 3061 30.51 22.07 -18.98
C ASP A 3061 29.57 21.42 -17.97
N GLY A 3062 29.88 20.19 -17.52
CA GLY A 3062 29.01 19.48 -16.59
C GLY A 3062 27.79 18.83 -17.26
N SER A 3063 27.75 18.81 -18.59
CA SER A 3063 26.64 18.20 -19.32
C SER A 3063 26.54 16.70 -19.02
N ASP A 3064 27.68 16.01 -18.97
CA ASP A 3064 27.73 14.57 -18.75
C ASP A 3064 27.08 14.17 -17.42
N GLU A 3065 27.17 15.04 -16.40
CA GLU A 3065 26.70 14.71 -15.06
C GLU A 3065 25.41 15.47 -14.72
N GLN A 3066 24.63 15.87 -15.73
CA GLN A 3066 23.38 16.56 -15.48
C GLN A 3066 22.34 15.60 -14.91
N GLU A 3067 21.34 16.17 -14.24
CA GLU A 3067 20.37 15.42 -13.45
C GLU A 3067 19.40 14.65 -14.33
N HIS A 3068 19.34 14.94 -15.65
CA HIS A 3068 18.46 14.21 -16.56
C HIS A 3068 18.82 12.73 -16.59
N LEU A 3069 20.12 12.41 -16.48
CA LEU A 3069 20.58 11.03 -16.45
C LEU A 3069 21.00 10.62 -15.04
N CYS A 3070 21.21 11.58 -14.13
CA CYS A 3070 21.76 11.27 -12.81
C CYS A 3070 20.69 11.36 -11.72
N HIS A 3071 19.48 10.89 -12.02
CA HIS A 3071 18.41 10.80 -11.03
C HIS A 3071 18.33 9.37 -10.49
N THR A 3072 18.12 8.41 -11.40
CA THR A 3072 18.04 6.99 -11.05
C THR A 3072 17.05 6.77 -9.92
N PRO A 3073 15.73 6.88 -10.17
CA PRO A 3073 14.74 6.79 -9.11
C PRO A 3073 14.76 5.40 -8.46
N GLU A 3074 14.53 5.39 -7.13
CA GLU A 3074 14.54 4.20 -6.29
C GLU A 3074 13.21 3.43 -6.40
N PRO A 3075 13.15 2.14 -5.97
CA PRO A 3075 11.91 1.36 -6.03
C PRO A 3075 10.78 1.98 -5.20
N THR A 3076 9.74 2.43 -5.92
CA THR A 3076 8.56 3.06 -5.32
C THR A 3076 7.62 2.03 -4.68
N CYS A 3077 7.70 0.76 -5.12
CA CYS A 3077 6.83 -0.33 -4.67
C CYS A 3077 5.36 0.12 -4.68
N PRO A 3078 4.79 0.47 -5.86
CA PRO A 3078 3.67 1.40 -5.91
C PRO A 3078 2.29 0.78 -5.66
N LEU A 3079 2.04 -0.48 -6.08
CA LEU A 3079 0.69 -1.07 -6.07
C LEU A 3079 0.68 -2.46 -5.40
N HIS A 3080 -0.34 -2.67 -4.53
CA HIS A 3080 -0.77 -3.96 -3.98
C HIS A 3080 0.32 -4.76 -3.25
N GLN A 3081 1.25 -4.07 -2.58
CA GLN A 3081 2.19 -4.69 -1.63
C GLN A 3081 2.59 -3.67 -0.54
N PHE A 3082 3.41 -4.09 0.44
CA PHE A 3082 3.99 -3.22 1.46
C PHE A 3082 5.35 -2.68 0.99
N ARG A 3083 5.95 -1.75 1.76
CA ARG A 3083 7.31 -1.26 1.48
C ARG A 3083 8.06 -1.03 2.78
N CYS A 3084 9.30 -1.54 2.84
CA CYS A 3084 10.16 -1.36 4.01
C CYS A 3084 11.60 -1.03 3.62
N ASP A 3085 12.23 -0.16 4.44
CA ASP A 3085 13.57 0.40 4.23
C ASP A 3085 13.83 0.89 2.78
N ASN A 3086 15.00 0.51 2.20
CA ASN A 3086 15.45 0.89 0.87
C ASN A 3086 14.70 0.16 -0.25
N GLY A 3087 13.37 0.19 -0.22
CA GLY A 3087 12.54 -0.23 -1.36
C GLY A 3087 12.32 -1.74 -1.46
N HIS A 3088 12.30 -2.44 -0.32
CA HIS A 3088 11.93 -3.85 -0.30
C HIS A 3088 10.40 -3.96 -0.45
N CYS A 3089 9.95 -4.33 -1.65
CA CYS A 3089 8.52 -4.35 -2.01
C CYS A 3089 7.84 -5.63 -1.52
N ILE A 3090 8.00 -5.97 -0.22
CA ILE A 3090 7.54 -7.25 0.30
C ILE A 3090 6.01 -7.22 0.46
N GLU A 3091 5.35 -8.39 0.39
CA GLU A 3091 3.91 -8.48 0.63
C GLU A 3091 3.54 -8.07 2.06
N MET A 3092 2.29 -7.58 2.23
CA MET A 3092 1.78 -6.96 3.46
C MET A 3092 1.82 -7.90 4.68
N GLY A 3093 1.72 -9.22 4.46
CA GLY A 3093 1.87 -10.21 5.52
C GLY A 3093 3.21 -10.15 6.26
N ARG A 3094 4.24 -9.53 5.63
CA ARG A 3094 5.57 -9.37 6.22
C ARG A 3094 5.70 -8.11 7.11
N VAL A 3095 4.61 -7.35 7.29
CA VAL A 3095 4.55 -6.25 8.24
C VAL A 3095 4.66 -6.79 9.67
N CYS A 3096 5.77 -6.45 10.35
CA CYS A 3096 6.01 -6.68 11.78
C CYS A 3096 5.76 -8.14 12.20
N ASN A 3097 6.10 -9.13 11.35
CA ASN A 3097 5.74 -10.53 11.55
C ASN A 3097 6.92 -11.30 12.16
N HIS A 3098 7.80 -10.57 12.86
CA HIS A 3098 8.94 -11.14 13.60
C HIS A 3098 9.99 -11.73 12.68
N VAL A 3099 9.82 -11.59 11.36
CA VAL A 3099 10.80 -12.12 10.42
C VAL A 3099 11.59 -10.94 9.85
N ASP A 3100 12.88 -10.88 10.20
CA ASP A 3100 13.72 -9.76 9.79
C ASP A 3100 14.15 -9.96 8.34
N ASP A 3101 13.29 -9.50 7.41
CA ASP A 3101 13.61 -9.51 5.99
C ASP A 3101 13.69 -8.08 5.45
N CYS A 3102 13.18 -7.10 6.20
CA CYS A 3102 13.00 -5.69 5.79
C CYS A 3102 14.25 -4.83 6.06
N SER A 3103 15.34 -5.06 5.29
CA SER A 3103 16.66 -4.52 5.60
C SER A 3103 17.06 -4.93 7.02
N ASP A 3104 17.55 -3.98 7.82
CA ASP A 3104 17.84 -4.16 9.24
C ASP A 3104 16.54 -3.95 10.02
N ASN A 3105 15.61 -4.92 9.90
CA ASN A 3105 14.32 -4.95 10.59
C ASN A 3105 13.73 -3.55 10.72
N SER A 3106 13.55 -2.88 9.57
CA SER A 3106 13.08 -1.50 9.51
C SER A 3106 11.64 -1.34 10.03
N ASP A 3107 10.84 -2.43 10.05
CA ASP A 3107 9.50 -2.42 10.63
C ASP A 3107 9.46 -3.11 12.01
N GLU A 3108 10.20 -4.19 12.25
CA GLU A 3108 10.20 -4.80 13.57
C GLU A 3108 10.81 -3.87 14.62
N LYS A 3109 11.65 -2.91 14.21
CA LYS A 3109 12.32 -2.02 15.15
C LYS A 3109 11.34 -1.00 15.75
N GLY A 3110 10.20 -0.76 15.09
CA GLY A 3110 9.15 0.14 15.56
C GLY A 3110 7.86 -0.63 15.88
N CYS A 3111 6.73 -0.18 15.30
CA CYS A 3111 5.50 -0.97 15.19
C CYS A 3111 4.88 -1.34 16.55
N GLY A 3112 5.10 -0.49 17.59
CA GLY A 3112 4.52 -0.70 18.92
C GLY A 3112 3.15 -0.03 19.10
N ILE A 3113 2.94 0.57 20.28
CA ILE A 3113 1.69 1.27 20.66
C ILE A 3113 1.54 2.61 19.92
N ASN A 3114 0.31 3.16 19.92
CA ASN A 3114 -0.05 4.39 19.22
C ASN A 3114 0.68 5.60 19.81
N GLU A 3115 1.71 6.08 19.09
CA GLU A 3115 2.57 7.20 19.50
C GLU A 3115 1.95 8.58 19.23
N CYS A 3116 0.65 8.64 18.89
CA CYS A 3116 -0.13 9.89 18.81
C CYS A 3116 -0.74 10.27 20.18
N LEU A 3117 -0.82 9.31 21.13
CA LEU A 3117 -1.63 9.47 22.34
C LEU A 3117 -0.86 10.23 23.41
N ASP A 3118 0.35 10.71 23.06
CA ASP A 3118 1.17 11.54 23.93
C ASP A 3118 2.04 12.45 23.06
N SER A 3119 2.65 13.47 23.70
CA SER A 3119 3.56 14.38 23.05
C SER A 3119 5.02 13.94 23.23
N SER A 3120 5.24 12.69 23.66
CA SER A 3120 6.58 12.18 23.91
C SER A 3120 7.29 11.83 22.61
N ILE A 3121 6.51 11.49 21.55
CA ILE A 3121 7.07 11.03 20.28
C ILE A 3121 6.56 11.93 19.14
N SER A 3122 5.31 11.74 18.68
CA SER A 3122 4.83 12.28 17.41
C SER A 3122 4.78 13.81 17.40
N ARG A 3123 4.21 14.43 18.46
CA ARG A 3123 4.07 15.87 18.64
C ARG A 3123 3.31 16.57 17.50
N CYS A 3124 2.56 15.84 16.65
CA CYS A 3124 1.93 16.41 15.47
C CYS A 3124 0.96 17.53 15.83
N ASP A 3125 0.96 18.59 15.01
CA ASP A 3125 0.22 19.80 15.30
C ASP A 3125 -1.29 19.58 15.21
N HIS A 3126 -1.76 19.16 14.04
CA HIS A 3126 -3.20 19.11 13.77
C HIS A 3126 -3.75 17.71 13.99
N ASN A 3127 -3.24 16.74 13.21
CA ASN A 3127 -3.64 15.33 13.30
C ASN A 3127 -2.39 14.45 13.13
N CYS A 3128 -2.32 13.35 13.91
CA CYS A 3128 -1.37 12.27 13.63
C CYS A 3128 -2.14 11.05 13.11
N THR A 3129 -1.74 10.52 11.95
CA THR A 3129 -2.24 9.23 11.47
C THR A 3129 -1.30 8.13 11.96
N ASP A 3130 -1.66 7.47 13.06
CA ASP A 3130 -1.04 6.20 13.43
C ASP A 3130 -1.41 5.13 12.39
N THR A 3131 -0.39 4.47 11.82
CA THR A 3131 -0.58 3.41 10.84
C THR A 3131 0.49 2.32 11.01
N ILE A 3132 0.58 1.38 10.06
CA ILE A 3132 1.56 0.30 10.14
C ILE A 3132 2.98 0.86 10.31
N THR A 3133 3.74 0.26 11.24
CA THR A 3133 5.10 0.66 11.64
C THR A 3133 5.21 2.03 12.34
N SER A 3134 4.46 3.07 11.90
CA SER A 3134 4.71 4.45 12.32
C SER A 3134 3.46 5.34 12.28
N PHE A 3135 3.47 6.42 13.08
CA PHE A 3135 2.66 7.61 12.82
C PHE A 3135 3.18 8.38 11.60
N TYR A 3136 2.35 9.32 11.10
CA TYR A 3136 2.80 10.48 10.32
C TYR A 3136 1.94 11.71 10.63
N CYS A 3137 2.52 12.92 10.56
CA CYS A 3137 1.78 14.17 10.73
C CYS A 3137 1.03 14.57 9.46
N SER A 3138 -0.09 15.29 9.63
CA SER A 3138 -0.78 15.98 8.55
C SER A 3138 -1.56 17.18 9.10
N CYS A 3139 -1.95 18.11 8.20
CA CYS A 3139 -2.53 19.39 8.58
C CYS A 3139 -3.93 19.54 8.00
N LEU A 3140 -4.74 20.37 8.67
CA LEU A 3140 -6.10 20.66 8.24
C LEU A 3140 -6.06 21.48 6.96
N PRO A 3141 -7.11 21.41 6.10
CA PRO A 3141 -7.20 22.26 4.92
C PRO A 3141 -7.01 23.74 5.26
N GLY A 3142 -6.29 24.45 4.39
CA GLY A 3142 -5.92 25.83 4.63
C GLY A 3142 -4.52 25.96 5.23
N TYR A 3143 -3.88 24.83 5.56
CA TYR A 3143 -2.53 24.83 6.10
C TYR A 3143 -1.65 23.92 5.24
N LYS A 3144 -0.39 24.31 5.07
CA LYS A 3144 0.56 23.57 4.24
C LYS A 3144 1.55 22.83 5.13
N LEU A 3145 1.84 21.58 4.73
CA LEU A 3145 2.88 20.76 5.34
C LEU A 3145 4.22 21.48 5.24
N MET A 3146 4.75 21.93 6.38
CA MET A 3146 5.98 22.72 6.36
C MET A 3146 7.16 21.80 6.04
N SER A 3147 8.28 22.41 5.60
CA SER A 3147 9.47 21.68 5.16
C SER A 3147 10.11 20.86 6.28
N ASP A 3148 9.81 21.19 7.54
CA ASP A 3148 10.40 20.47 8.67
C ASP A 3148 9.65 19.16 8.96
N LYS A 3149 8.53 18.91 8.26
CA LYS A 3149 7.75 17.68 8.41
C LYS A 3149 7.24 17.52 9.84
N ARG A 3150 7.06 18.65 10.55
CA ARG A 3150 6.62 18.63 11.93
C ARG A 3150 5.40 19.54 12.16
N SER A 3151 5.36 20.70 11.50
CA SER A 3151 4.35 21.71 11.81
C SER A 3151 3.60 22.15 10.55
N CYS A 3152 2.64 23.05 10.76
CA CYS A 3152 1.73 23.53 9.72
C CYS A 3152 1.84 25.05 9.59
N VAL A 3153 1.78 25.53 8.35
CA VAL A 3153 1.83 26.96 8.06
C VAL A 3153 0.59 27.33 7.27
N ASP A 3154 0.01 28.50 7.59
CA ASP A 3154 -1.18 28.99 6.91
C ASP A 3154 -0.84 29.26 5.44
N ILE A 3155 -1.67 28.74 4.53
CA ILE A 3155 -1.47 28.97 3.11
C ILE A 3155 -1.97 30.36 2.77
N ASP A 3156 -1.20 31.09 1.95
CA ASP A 3156 -1.63 32.37 1.42
C ASP A 3156 -2.30 32.08 0.08
N GLU A 3157 -3.55 31.61 0.16
CA GLU A 3157 -4.19 30.91 -0.95
C GLU A 3157 -4.29 31.82 -2.18
N CYS A 3158 -4.48 33.13 -1.93
CA CYS A 3158 -4.62 34.15 -2.97
C CYS A 3158 -3.30 34.37 -3.72
N LYS A 3159 -2.19 34.47 -2.97
CA LYS A 3159 -0.88 34.76 -3.56
C LYS A 3159 -0.30 33.49 -4.18
N GLU A 3160 -0.60 32.33 -3.59
CA GLU A 3160 -0.21 31.02 -4.12
C GLU A 3160 -1.03 30.66 -5.36
N SER A 3161 -2.33 31.03 -5.36
CA SER A 3161 -3.29 30.72 -6.41
C SER A 3161 -4.25 31.89 -6.64
N PRO A 3162 -3.85 32.95 -7.40
CA PRO A 3162 -4.73 34.07 -7.72
C PRO A 3162 -5.99 33.68 -8.50
N GLN A 3163 -6.03 32.46 -9.04
CA GLN A 3163 -7.16 31.94 -9.81
C GLN A 3163 -8.45 31.83 -9.00
N LEU A 3164 -8.38 31.76 -7.66
CA LEU A 3164 -9.47 31.28 -6.83
C LEU A 3164 -10.77 32.10 -6.95
N CYS A 3165 -10.67 33.40 -7.25
CA CYS A 3165 -11.86 34.24 -7.40
C CYS A 3165 -11.61 35.39 -8.39
N SER A 3166 -12.69 35.89 -8.96
CA SER A 3166 -12.60 36.58 -10.24
C SER A 3166 -11.81 37.88 -10.13
N GLN A 3167 -11.79 38.58 -8.99
CA GLN A 3167 -11.32 39.96 -9.03
C GLN A 3167 -10.32 40.40 -7.96
N LYS A 3168 -10.44 39.89 -6.74
CA LYS A 3168 -9.63 40.33 -5.62
C LYS A 3168 -9.75 39.34 -4.48
N CYS A 3169 -8.63 39.09 -3.80
CA CYS A 3169 -8.51 37.98 -2.87
C CYS A 3169 -7.67 38.44 -1.70
N GLU A 3170 -8.03 38.06 -0.46
CA GLU A 3170 -7.20 38.30 0.70
C GLU A 3170 -7.07 37.05 1.57
N ASN A 3171 -5.96 37.00 2.31
CA ASN A 3171 -5.65 35.89 3.19
C ASN A 3171 -6.53 35.98 4.44
N VAL A 3172 -6.90 34.81 4.96
CA VAL A 3172 -7.22 34.67 6.38
C VAL A 3172 -6.53 33.41 6.86
N VAL A 3173 -6.24 33.31 8.15
CA VAL A 3173 -5.54 32.15 8.66
C VAL A 3173 -6.38 30.89 8.45
N GLY A 3174 -5.94 30.00 7.55
CA GLY A 3174 -6.62 28.74 7.28
C GLY A 3174 -7.73 28.84 6.23
N SER A 3175 -7.91 30.01 5.61
CA SER A 3175 -8.84 30.17 4.49
C SER A 3175 -8.52 31.43 3.71
N TYR A 3176 -9.41 31.82 2.79
CA TYR A 3176 -9.31 33.09 2.09
C TYR A 3176 -10.68 33.78 2.06
N ILE A 3177 -10.65 35.10 1.78
CA ILE A 3177 -11.85 35.87 1.53
C ILE A 3177 -11.75 36.50 0.14
N CYS A 3178 -12.89 36.61 -0.55
CA CYS A 3178 -12.94 37.01 -1.95
C CYS A 3178 -13.94 38.14 -2.16
N LYS A 3179 -13.51 39.14 -2.92
CA LYS A 3179 -14.17 40.42 -3.03
C LYS A 3179 -14.19 40.87 -4.49
N CYS A 3180 -15.12 41.77 -4.81
CA CYS A 3180 -15.11 42.43 -6.11
C CYS A 3180 -14.69 43.89 -5.90
N ALA A 3181 -13.94 44.44 -6.86
CA ALA A 3181 -13.36 45.78 -6.77
C ALA A 3181 -14.45 46.86 -6.86
N PRO A 3182 -14.12 48.15 -6.58
CA PRO A 3182 -15.09 49.24 -6.73
C PRO A 3182 -15.72 49.24 -8.13
N GLY A 3183 -17.05 49.29 -8.18
CA GLY A 3183 -17.80 49.24 -9.43
C GLY A 3183 -18.28 47.85 -9.84
N TYR A 3184 -18.06 46.81 -9.01
CA TYR A 3184 -18.54 45.47 -9.32
C TYR A 3184 -19.42 44.91 -8.19
N ILE A 3185 -20.40 44.06 -8.57
CA ILE A 3185 -21.24 43.35 -7.62
C ILE A 3185 -20.75 41.92 -7.47
N ARG A 3186 -20.65 41.44 -6.21
CA ARG A 3186 -20.31 40.06 -5.90
C ARG A 3186 -21.57 39.20 -5.97
N GLU A 3187 -21.54 38.18 -6.85
CA GLU A 3187 -22.65 37.27 -7.07
C GLU A 3187 -22.90 36.43 -5.83
N PRO A 3188 -24.13 35.90 -5.60
CA PRO A 3188 -24.43 35.09 -4.42
C PRO A 3188 -23.55 33.87 -4.16
N ASP A 3189 -22.88 33.31 -5.19
CA ASP A 3189 -22.01 32.16 -4.99
C ASP A 3189 -20.76 32.55 -4.20
N GLY A 3190 -20.50 33.86 -4.04
CA GLY A 3190 -19.35 34.36 -3.28
C GLY A 3190 -18.04 34.26 -4.05
N LYS A 3191 -18.11 34.02 -5.36
CA LYS A 3191 -16.94 33.83 -6.21
C LYS A 3191 -16.98 34.77 -7.42
N SER A 3192 -18.12 34.78 -8.12
CA SER A 3192 -18.28 35.48 -9.39
C SER A 3192 -18.50 36.98 -9.16
N CYS A 3193 -18.13 37.81 -10.16
CA CYS A 3193 -18.39 39.24 -10.11
C CYS A 3193 -19.05 39.71 -11.41
N ARG A 3194 -20.06 40.60 -11.26
CA ARG A 3194 -20.75 41.21 -12.39
C ARG A 3194 -20.34 42.68 -12.48
N GLN A 3195 -20.03 43.18 -13.69
CA GLN A 3195 -19.75 44.60 -13.88
C GLN A 3195 -21.05 45.39 -13.67
N ASN A 3196 -21.01 46.44 -12.86
CA ASN A 3196 -22.26 47.05 -12.40
C ASN A 3196 -22.83 48.09 -13.38
N SER A 3197 -22.03 48.61 -14.31
CA SER A 3197 -22.49 49.68 -15.19
C SER A 3197 -23.53 49.18 -16.19
N ASN A 3198 -24.47 50.06 -16.58
CA ASN A 3198 -25.34 49.78 -17.72
C ASN A 3198 -24.56 49.89 -19.04
N ILE A 3199 -23.38 50.52 -19.04
CA ILE A 3199 -22.50 50.56 -20.20
C ILE A 3199 -21.97 49.15 -20.43
N GLU A 3200 -22.19 48.58 -21.63
CA GLU A 3200 -21.67 47.27 -21.96
C GLU A 3200 -20.32 47.35 -22.69
N PRO A 3201 -19.42 46.37 -22.49
CA PRO A 3201 -18.13 46.36 -23.17
C PRO A 3201 -18.28 46.02 -24.65
N TYR A 3202 -17.32 46.51 -25.43
CA TYR A 3202 -17.07 46.00 -26.77
C TYR A 3202 -15.58 46.07 -27.05
N LEU A 3203 -15.09 45.14 -27.88
CA LEU A 3203 -13.69 45.15 -28.30
C LEU A 3203 -13.51 46.13 -29.44
N ILE A 3204 -12.69 47.15 -29.22
CA ILE A 3204 -11.99 47.79 -30.32
C ILE A 3204 -10.90 46.83 -30.72
N PHE A 3205 -10.78 46.55 -32.02
CA PHE A 3205 -9.80 45.59 -32.56
C PHE A 3205 -9.13 46.22 -33.78
N SER A 3206 -7.83 45.97 -33.99
CA SER A 3206 -7.12 46.66 -35.06
C SER A 3206 -6.71 45.72 -36.20
N ASN A 3207 -7.41 45.77 -37.33
CA ASN A 3207 -7.00 44.99 -38.50
C ASN A 3207 -6.24 45.94 -39.42
N ARG A 3208 -5.53 45.42 -40.43
CA ARG A 3208 -4.88 46.32 -41.38
C ARG A 3208 -5.95 47.23 -41.98
N TYR A 3209 -5.66 48.54 -42.12
CA TYR A 3209 -6.58 49.51 -42.74
C TYR A 3209 -7.93 49.62 -42.02
N TYR A 3210 -8.32 48.66 -41.18
CA TYR A 3210 -9.67 48.69 -40.60
C TYR A 3210 -9.72 48.58 -39.07
N ILE A 3211 -9.98 49.69 -38.36
CA ILE A 3211 -10.23 49.58 -36.94
C ILE A 3211 -11.64 49.04 -36.79
N ARG A 3212 -11.80 47.99 -35.99
CA ARG A 3212 -13.10 47.33 -35.93
C ARG A 3212 -13.70 47.36 -34.52
N ASN A 3213 -15.02 47.24 -34.44
CA ASN A 3213 -15.82 47.25 -33.25
C ASN A 3213 -16.53 45.91 -33.19
N LEU A 3214 -16.09 45.03 -32.29
CA LEU A 3214 -16.61 43.69 -32.15
C LEU A 3214 -17.21 43.55 -30.75
N THR A 3215 -18.47 43.14 -30.66
CA THR A 3215 -19.11 42.91 -29.38
C THR A 3215 -18.52 41.67 -28.70
N THR A 3216 -18.60 41.63 -27.38
CA THR A 3216 -17.96 40.61 -26.54
C THR A 3216 -18.58 39.22 -26.68
N ASP A 3217 -19.87 39.15 -27.02
CA ASP A 3217 -20.52 37.86 -27.28
C ASP A 3217 -20.29 37.37 -28.71
N GLY A 3218 -20.03 38.30 -29.64
CA GLY A 3218 -19.78 37.95 -31.04
C GLY A 3218 -20.99 38.20 -31.94
N SER A 3219 -22.06 38.83 -31.42
CA SER A 3219 -23.26 39.06 -32.19
C SER A 3219 -23.03 40.12 -33.27
N SER A 3220 -22.41 41.24 -32.88
CA SER A 3220 -22.22 42.38 -33.76
C SER A 3220 -20.76 42.48 -34.20
N TYR A 3221 -20.56 43.11 -35.36
CA TYR A 3221 -19.24 43.26 -35.97
C TYR A 3221 -19.30 44.40 -36.98
N SER A 3222 -18.50 45.46 -36.75
CA SER A 3222 -18.63 46.72 -37.48
C SER A 3222 -17.28 47.36 -37.71
N LEU A 3223 -17.16 48.19 -38.76
CA LEU A 3223 -16.02 49.10 -38.92
C LEU A 3223 -16.20 50.31 -38.00
N ILE A 3224 -15.13 50.73 -37.31
CA ILE A 3224 -15.04 52.08 -36.78
C ILE A 3224 -14.44 52.97 -37.87
N LEU A 3225 -13.37 52.51 -38.53
CA LEU A 3225 -12.63 53.33 -39.47
C LEU A 3225 -11.97 52.43 -40.53
N GLN A 3226 -11.76 52.95 -41.75
CA GLN A 3226 -11.23 52.14 -42.83
C GLN A 3226 -10.39 52.94 -43.84
N GLY A 3227 -9.57 52.23 -44.61
CA GLY A 3227 -8.68 52.84 -45.59
C GLY A 3227 -7.43 53.47 -44.97
N LEU A 3228 -7.00 52.91 -43.83
CA LEU A 3228 -5.79 53.34 -43.12
C LEU A 3228 -4.55 52.70 -43.76
N GLY A 3229 -3.35 53.11 -43.33
CA GLY A 3229 -2.13 52.52 -43.85
C GLY A 3229 -1.92 51.09 -43.35
N ASN A 3230 -1.62 50.96 -42.05
CA ASN A 3230 -1.30 49.69 -41.41
C ASN A 3230 -1.34 49.91 -39.88
N VAL A 3231 -2.50 49.71 -39.26
CA VAL A 3231 -2.66 50.02 -37.84
C VAL A 3231 -2.06 48.89 -37.00
N VAL A 3232 -0.79 49.05 -36.62
CA VAL A 3232 -0.10 48.08 -35.80
C VAL A 3232 -0.48 48.15 -34.31
N ALA A 3233 -0.90 49.31 -33.78
CA ALA A 3233 -1.34 49.36 -32.38
C ALA A 3233 -2.17 50.61 -32.08
N LEU A 3234 -3.10 50.51 -31.11
CA LEU A 3234 -3.98 51.61 -30.73
C LEU A 3234 -4.26 51.63 -29.21
N ASP A 3235 -4.76 52.76 -28.69
CA ASP A 3235 -5.31 52.81 -27.34
C ASP A 3235 -6.36 53.92 -27.23
N PHE A 3236 -7.36 53.72 -26.37
CA PHE A 3236 -8.45 54.66 -26.23
C PHE A 3236 -8.18 55.63 -25.07
N ASP A 3237 -8.99 56.69 -24.99
CA ASP A 3237 -8.96 57.58 -23.85
C ASP A 3237 -10.39 57.77 -23.32
N ARG A 3238 -10.65 57.35 -22.08
CA ARG A 3238 -11.98 57.42 -21.48
C ARG A 3238 -12.46 58.87 -21.33
N VAL A 3239 -11.54 59.80 -21.08
CA VAL A 3239 -11.86 61.12 -20.54
C VAL A 3239 -12.43 62.03 -21.62
N GLU A 3240 -11.90 61.95 -22.85
CA GLU A 3240 -12.35 62.75 -23.99
C GLU A 3240 -12.99 61.89 -25.10
N LYS A 3241 -13.22 60.59 -24.86
CA LYS A 3241 -13.77 59.66 -25.84
C LYS A 3241 -12.93 59.63 -27.12
N ARG A 3242 -11.60 59.65 -26.95
CA ARG A 3242 -10.69 59.65 -28.11
C ARG A 3242 -10.09 58.26 -28.35
N LEU A 3243 -9.54 58.03 -29.54
CA LEU A 3243 -8.93 56.78 -29.93
C LEU A 3243 -7.62 57.09 -30.67
N TYR A 3244 -6.47 56.84 -30.04
CA TYR A 3244 -5.17 57.12 -30.62
C TYR A 3244 -4.63 55.86 -31.28
N TRP A 3245 -3.90 55.97 -32.40
CA TRP A 3245 -3.33 54.78 -33.03
C TRP A 3245 -2.05 55.11 -33.80
N ILE A 3246 -1.19 54.10 -33.99
CA ILE A 3246 -0.03 54.18 -34.89
C ILE A 3246 -0.43 53.70 -36.29
N ASP A 3247 0.24 54.24 -37.31
CA ASP A 3247 0.04 53.86 -38.70
C ASP A 3247 1.43 53.63 -39.28
N ALA A 3248 1.87 52.36 -39.29
CA ALA A 3248 3.25 52.01 -39.58
C ALA A 3248 3.61 52.34 -41.03
N GLU A 3249 2.63 52.32 -41.94
CA GLU A 3249 2.87 52.61 -43.35
C GLU A 3249 3.09 54.12 -43.58
N LYS A 3250 2.68 54.98 -42.64
CA LYS A 3250 2.85 56.42 -42.76
C LYS A 3250 3.74 56.99 -41.66
N GLN A 3251 4.10 56.17 -40.65
CA GLN A 3251 4.93 56.60 -39.52
C GLN A 3251 4.30 57.80 -38.80
N ILE A 3252 2.98 57.71 -38.53
CA ILE A 3252 2.29 58.77 -37.82
C ILE A 3252 1.49 58.17 -36.68
N ILE A 3253 1.11 59.04 -35.74
CA ILE A 3253 0.14 58.74 -34.69
C ILE A 3253 -1.03 59.69 -34.85
N GLU A 3254 -2.23 59.15 -35.02
CA GLU A 3254 -3.41 59.98 -35.21
C GLU A 3254 -4.26 59.96 -33.94
N ARG A 3255 -5.33 60.75 -33.94
CA ARG A 3255 -6.34 60.66 -32.91
C ARG A 3255 -7.66 61.14 -33.48
N MET A 3256 -8.75 60.64 -32.91
CA MET A 3256 -10.08 60.87 -33.43
C MET A 3256 -11.07 60.58 -32.31
N PHE A 3257 -12.17 61.34 -32.22
CA PHE A 3257 -13.22 61.02 -31.27
C PHE A 3257 -13.86 59.69 -31.64
N LEU A 3258 -14.64 59.09 -30.74
CA LEU A 3258 -15.25 57.81 -31.07
C LEU A 3258 -16.50 57.96 -31.95
N ASN A 3259 -16.98 59.18 -32.19
CA ASN A 3259 -18.09 59.39 -33.13
C ASN A 3259 -17.54 59.74 -34.52
N LYS A 3260 -16.31 59.27 -34.80
CA LYS A 3260 -15.71 59.30 -36.13
C LYS A 3260 -15.36 60.70 -36.60
N THR A 3261 -15.41 61.71 -35.72
CA THR A 3261 -15.19 63.09 -36.15
C THR A 3261 -13.86 63.61 -35.62
N ASN A 3262 -13.37 64.67 -36.26
CA ASN A 3262 -12.20 65.43 -35.82
C ASN A 3262 -10.95 64.56 -35.85
N ARG A 3263 -10.73 63.89 -36.98
CA ARG A 3263 -9.52 63.11 -37.19
C ARG A 3263 -8.33 64.06 -37.32
N GLU A 3264 -7.24 63.78 -36.59
CA GLU A 3264 -6.12 64.70 -36.55
C GLU A 3264 -4.83 63.94 -36.26
N THR A 3265 -3.78 64.22 -37.05
CA THR A 3265 -2.45 63.70 -36.79
C THR A 3265 -1.80 64.56 -35.70
N ILE A 3266 -1.15 63.90 -34.72
CA ILE A 3266 -0.51 64.61 -33.62
C ILE A 3266 1.01 64.45 -33.62
N ILE A 3267 1.54 63.36 -34.18
CA ILE A 3267 2.97 63.15 -34.30
C ILE A 3267 3.26 62.71 -35.73
N ASN A 3268 4.28 63.33 -36.36
CA ASN A 3268 4.69 62.95 -37.70
C ASN A 3268 6.22 62.99 -37.86
N HIS A 3269 6.93 63.56 -36.87
CA HIS A 3269 8.37 63.74 -36.99
C HIS A 3269 9.15 62.80 -36.06
N ARG A 3270 10.28 62.31 -36.58
CA ARG A 3270 11.29 61.59 -35.82
C ARG A 3270 10.67 60.37 -35.13
N LEU A 3271 9.98 59.56 -35.94
CA LEU A 3271 9.28 58.39 -35.47
C LEU A 3271 9.56 57.27 -36.49
N ARG A 3272 10.57 56.43 -36.19
CA ARG A 3272 11.15 55.52 -37.16
C ARG A 3272 10.29 54.26 -37.31
N ARG A 3273 10.11 53.51 -36.21
CA ARG A 3273 9.27 52.34 -36.21
C ARG A 3273 8.63 52.20 -34.84
N ALA A 3274 7.50 52.90 -34.67
CA ALA A 3274 6.76 52.87 -33.42
C ALA A 3274 6.08 51.50 -33.31
N GLU A 3275 6.42 50.73 -32.28
CA GLU A 3275 5.95 49.36 -32.16
C GLU A 3275 4.60 49.28 -31.46
N SER A 3276 4.38 50.12 -30.43
CA SER A 3276 3.15 50.09 -29.66
C SER A 3276 2.97 51.40 -28.89
N LEU A 3277 1.76 51.67 -28.39
CA LEU A 3277 1.55 52.81 -27.50
C LEU A 3277 0.51 52.51 -26.44
N ALA A 3278 0.49 53.36 -25.41
CA ALA A 3278 -0.53 53.37 -24.38
C ALA A 3278 -0.78 54.82 -23.96
N VAL A 3279 -1.99 55.11 -23.46
CA VAL A 3279 -2.37 56.46 -23.09
C VAL A 3279 -2.47 56.53 -21.58
N ASP A 3280 -1.70 57.44 -20.97
CA ASP A 3280 -1.83 57.76 -19.56
C ASP A 3280 -3.06 58.64 -19.37
N TRP A 3281 -4.18 58.01 -19.02
CA TRP A 3281 -5.41 58.74 -18.82
C TRP A 3281 -5.37 59.67 -17.61
N VAL A 3282 -4.42 59.44 -16.69
CA VAL A 3282 -4.34 60.14 -15.41
C VAL A 3282 -3.62 61.47 -15.56
N SER A 3283 -2.31 61.50 -15.83
CA SER A 3283 -1.61 62.77 -15.99
C SER A 3283 -1.69 63.30 -17.44
N ARG A 3284 -2.46 62.62 -18.31
CA ARG A 3284 -2.66 63.02 -19.71
C ARG A 3284 -1.32 62.98 -20.47
N LYS A 3285 -0.83 61.78 -20.80
CA LYS A 3285 0.42 61.62 -21.55
C LYS A 3285 0.27 60.47 -22.53
N LEU A 3286 1.06 60.48 -23.60
CA LEU A 3286 1.07 59.36 -24.54
C LEU A 3286 2.46 58.74 -24.46
N TYR A 3287 2.53 57.44 -24.16
CA TYR A 3287 3.79 56.70 -24.11
C TYR A 3287 3.87 55.75 -25.30
N TRP A 3288 5.02 55.70 -25.99
CA TRP A 3288 5.20 54.75 -27.08
C TRP A 3288 6.62 54.20 -27.10
N LEU A 3289 6.81 53.12 -27.88
CA LEU A 3289 8.09 52.45 -28.01
C LEU A 3289 8.51 52.47 -29.46
N ASP A 3290 9.82 52.50 -29.74
CA ASP A 3290 10.26 52.30 -31.11
C ASP A 3290 11.46 51.34 -31.22
N ALA A 3291 11.40 50.49 -32.25
CA ALA A 3291 12.31 49.37 -32.39
C ALA A 3291 13.67 49.78 -32.96
N ILE A 3292 13.74 50.93 -33.63
CA ILE A 3292 14.99 51.31 -34.29
C ILE A 3292 15.85 52.12 -33.33
N LEU A 3293 15.27 53.17 -32.74
CA LEU A 3293 15.98 53.94 -31.72
C LEU A 3293 16.10 53.12 -30.42
N ASP A 3294 15.29 52.06 -30.26
CA ASP A 3294 15.33 51.17 -29.10
C ASP A 3294 15.14 51.98 -27.82
N CYS A 3295 14.01 52.71 -27.75
CA CYS A 3295 13.69 53.64 -26.67
C CYS A 3295 12.23 53.63 -26.24
N LEU A 3296 11.97 54.23 -25.07
CA LEU A 3296 10.63 54.46 -24.53
C LEU A 3296 10.43 55.98 -24.43
N PHE A 3297 9.41 56.50 -25.11
CA PHE A 3297 9.17 57.94 -25.22
C PHE A 3297 7.97 58.38 -24.39
N VAL A 3298 7.79 59.69 -24.22
CA VAL A 3298 6.59 60.25 -23.59
C VAL A 3298 6.27 61.63 -24.19
N SER A 3299 4.98 61.99 -24.27
CA SER A 3299 4.51 63.24 -24.87
C SER A 3299 3.30 63.78 -24.08
N ASP A 3300 2.97 65.07 -24.21
CA ASP A 3300 1.60 65.49 -23.88
C ASP A 3300 0.64 64.85 -24.90
N LEU A 3301 -0.65 64.70 -24.55
CA LEU A 3301 -1.58 64.00 -25.41
C LEU A 3301 -1.75 64.67 -26.77
N GLU A 3302 -1.45 65.97 -26.84
CA GLU A 3302 -1.62 66.74 -28.06
C GLU A 3302 -0.38 66.67 -28.95
N GLY A 3303 0.70 66.01 -28.49
CA GLY A 3303 1.89 65.76 -29.28
C GLY A 3303 3.07 66.68 -28.95
N ARG A 3304 2.83 67.76 -28.17
CA ARG A 3304 3.91 68.67 -27.80
C ARG A 3304 4.75 68.05 -26.67
N HIS A 3305 5.97 68.58 -26.50
CA HIS A 3305 6.83 68.25 -25.37
C HIS A 3305 7.15 66.76 -25.34
N ARG A 3306 7.82 66.26 -26.38
CA ARG A 3306 8.34 64.90 -26.41
C ARG A 3306 9.56 64.78 -25.49
N LYS A 3307 9.77 63.60 -24.89
CA LYS A 3307 10.99 63.27 -24.16
C LYS A 3307 11.26 61.76 -24.32
N MET A 3308 12.52 61.33 -24.17
CA MET A 3308 12.90 59.93 -24.09
C MET A 3308 13.20 59.56 -22.63
N ILE A 3309 12.56 58.52 -22.07
CA ILE A 3309 12.67 58.23 -20.64
C ILE A 3309 13.33 56.88 -20.33
N ALA A 3310 13.70 56.11 -21.35
CA ALA A 3310 14.50 54.90 -21.14
C ALA A 3310 15.20 54.52 -22.43
N GLN A 3311 16.48 54.16 -22.31
CA GLN A 3311 17.35 53.81 -23.42
C GLN A 3311 18.47 52.89 -22.90
N HIS A 3312 19.33 52.43 -23.83
CA HIS A 3312 20.46 51.56 -23.55
C HIS A 3312 20.00 50.19 -23.04
N CYS A 3313 20.17 49.90 -21.74
CA CYS A 3313 19.79 48.62 -21.18
C CYS A 3313 19.06 48.77 -19.83
N VAL A 3314 18.38 47.69 -19.48
CA VAL A 3314 17.83 47.42 -18.16
C VAL A 3314 18.82 46.57 -17.37
N ASP A 3315 18.76 46.61 -16.02
CA ASP A 3315 19.62 45.85 -15.10
C ASP A 3315 21.06 46.38 -15.02
N ALA A 3316 21.75 45.98 -13.93
CA ALA A 3316 23.08 46.47 -13.58
C ALA A 3316 24.23 45.75 -14.31
N ASN A 3317 23.89 44.79 -15.18
CA ASN A 3317 24.83 43.94 -15.91
C ASN A 3317 24.78 44.21 -17.41
N ASN A 3318 23.82 45.01 -17.88
CA ASN A 3318 23.48 45.14 -19.29
C ASN A 3318 23.08 43.78 -19.87
N THR A 3319 22.47 42.86 -19.10
CA THR A 3319 22.09 41.57 -19.64
C THR A 3319 20.87 41.68 -20.56
N PHE A 3320 19.95 42.60 -20.20
CA PHE A 3320 18.69 42.79 -20.89
C PHE A 3320 18.65 44.20 -21.48
N CYS A 3321 18.50 44.30 -22.80
CA CYS A 3321 18.59 45.58 -23.48
C CYS A 3321 17.41 45.76 -24.43
N PHE A 3322 16.98 47.00 -24.65
CA PHE A 3322 16.01 47.30 -25.70
C PHE A 3322 16.60 46.81 -27.01
N GLU A 3323 15.90 45.89 -27.68
CA GLU A 3323 16.41 45.32 -28.93
C GLU A 3323 15.27 45.19 -29.94
N HIS A 3324 14.14 44.67 -29.46
CA HIS A 3324 12.90 44.65 -30.20
C HIS A 3324 11.79 44.84 -29.19
N PRO A 3325 11.64 46.05 -28.61
CA PRO A 3325 10.57 46.31 -27.67
C PRO A 3325 9.23 46.16 -28.40
N ARG A 3326 8.17 45.71 -27.71
CA ARG A 3326 6.86 45.56 -28.35
C ARG A 3326 5.69 46.03 -27.49
N GLY A 3327 4.95 45.16 -26.79
CA GLY A 3327 3.73 45.62 -26.12
C GLY A 3327 4.03 46.52 -24.92
N ILE A 3328 3.13 47.45 -24.61
CA ILE A 3328 3.31 48.39 -23.50
C ILE A 3328 1.98 48.57 -22.75
N VAL A 3329 2.04 48.72 -21.42
CA VAL A 3329 0.87 49.08 -20.62
C VAL A 3329 1.29 49.95 -19.45
N LEU A 3330 0.32 50.65 -18.87
CA LEU A 3330 0.55 51.51 -17.73
C LEU A 3330 -0.19 50.97 -16.52
N HIS A 3331 0.40 51.19 -15.35
CA HIS A 3331 -0.29 50.99 -14.09
C HIS A 3331 -0.25 52.28 -13.28
N PRO A 3332 -0.95 53.36 -13.71
CA PRO A 3332 -0.76 54.69 -13.12
C PRO A 3332 -1.08 54.74 -11.64
N GLN A 3333 -1.90 53.81 -11.13
CA GLN A 3333 -2.12 53.65 -9.69
C GLN A 3333 -0.79 53.64 -8.91
N ARG A 3334 0.22 52.92 -9.43
CA ARG A 3334 1.53 52.77 -8.83
C ARG A 3334 2.63 53.49 -9.64
N GLY A 3335 2.23 54.25 -10.66
CA GLY A 3335 3.15 55.05 -11.48
C GLY A 3335 4.19 54.23 -12.26
N HIS A 3336 3.80 53.07 -12.83
CA HIS A 3336 4.76 52.23 -13.55
C HIS A 3336 4.37 52.02 -15.02
N VAL A 3337 5.39 51.93 -15.88
CA VAL A 3337 5.26 51.48 -17.25
C VAL A 3337 5.86 50.08 -17.38
N TYR A 3338 5.09 49.13 -17.93
CA TYR A 3338 5.60 47.80 -18.23
C TYR A 3338 5.70 47.64 -19.74
N TRP A 3339 6.77 46.99 -20.23
CA TRP A 3339 6.86 46.72 -21.66
C TRP A 3339 7.53 45.38 -21.93
N ALA A 3340 7.16 44.73 -23.03
CA ALA A 3340 7.74 43.48 -23.46
C ALA A 3340 8.88 43.71 -24.44
N ASP A 3341 9.80 42.75 -24.54
CA ASP A 3341 10.83 42.77 -25.58
C ASP A 3341 11.05 41.33 -26.05
N TRP A 3342 11.23 41.15 -27.38
CA TRP A 3342 11.36 39.81 -27.97
C TRP A 3342 12.69 39.65 -28.71
N GLY A 3343 13.73 40.40 -28.31
CA GLY A 3343 15.08 40.22 -28.81
C GLY A 3343 15.68 38.86 -28.44
N VAL A 3344 17.01 38.72 -28.51
CA VAL A 3344 17.63 37.45 -28.17
C VAL A 3344 17.40 37.16 -26.69
N HIS A 3345 17.78 38.10 -25.82
CA HIS A 3345 17.44 38.08 -24.40
C HIS A 3345 16.06 38.71 -24.22
N ALA A 3346 15.02 37.98 -24.65
CA ALA A 3346 13.63 38.41 -24.52
C ALA A 3346 13.23 38.49 -23.05
N TYR A 3347 12.45 39.54 -22.68
CA TYR A 3347 12.13 39.81 -21.29
C TYR A 3347 10.94 40.77 -21.17
N ILE A 3348 10.51 41.03 -19.93
CA ILE A 3348 9.52 42.05 -19.67
C ILE A 3348 10.12 43.04 -18.68
N GLY A 3349 10.27 44.30 -19.13
CA GLY A 3349 10.87 45.36 -18.32
C GLY A 3349 9.81 46.14 -17.55
N ARG A 3350 10.26 46.94 -16.59
CA ARG A 3350 9.40 47.87 -15.87
C ARG A 3350 10.21 49.11 -15.51
N ILE A 3351 9.57 50.28 -15.48
CA ILE A 3351 10.20 51.52 -15.08
C ILE A 3351 9.16 52.44 -14.44
N GLY A 3352 9.60 53.41 -13.64
CA GLY A 3352 8.69 54.46 -13.16
C GLY A 3352 8.21 55.33 -14.33
N MET A 3353 7.05 55.96 -14.19
CA MET A 3353 6.50 56.80 -15.24
C MET A 3353 7.33 58.07 -15.52
N ASP A 3354 8.43 58.31 -14.77
CA ASP A 3354 9.38 59.39 -15.07
C ASP A 3354 10.82 58.89 -15.27
N GLY A 3355 10.99 57.60 -15.60
CA GLY A 3355 12.27 57.10 -16.11
C GLY A 3355 13.25 56.63 -15.03
N THR A 3356 12.85 56.62 -13.76
CA THR A 3356 13.70 56.10 -12.68
C THR A 3356 13.34 54.66 -12.41
N ASN A 3357 14.25 53.93 -11.75
CA ASN A 3357 13.97 52.67 -11.09
C ASN A 3357 13.63 51.58 -12.12
N LYS A 3358 14.32 51.56 -13.27
CA LYS A 3358 14.13 50.51 -14.26
C LYS A 3358 14.65 49.16 -13.77
N SER A 3359 13.97 48.09 -14.19
CA SER A 3359 14.22 46.72 -13.75
C SER A 3359 13.75 45.73 -14.81
N VAL A 3360 14.30 44.52 -14.83
CA VAL A 3360 13.65 43.36 -15.45
C VAL A 3360 12.55 42.87 -14.51
N ILE A 3361 11.53 42.18 -15.04
CA ILE A 3361 10.47 41.54 -14.26
C ILE A 3361 10.40 40.05 -14.61
N ILE A 3362 10.37 39.69 -15.91
CA ILE A 3362 10.34 38.30 -16.33
C ILE A 3362 11.52 38.04 -17.27
N SER A 3363 12.30 37.00 -16.97
CA SER A 3363 13.55 36.74 -17.65
C SER A 3363 13.75 35.25 -17.97
N THR A 3364 12.77 34.40 -17.64
CA THR A 3364 12.91 32.97 -17.82
C THR A 3364 11.69 32.40 -18.52
N LYS A 3365 11.92 31.38 -19.36
CA LYS A 3365 10.89 30.71 -20.13
C LYS A 3365 10.06 31.76 -20.88
N ILE A 3366 10.77 32.57 -21.67
CA ILE A 3366 10.14 33.64 -22.42
C ILE A 3366 10.94 33.87 -23.70
N GLU A 3367 10.29 33.74 -24.85
CA GLU A 3367 11.01 33.82 -26.12
C GLU A 3367 10.43 34.94 -27.00
N TRP A 3368 9.10 34.93 -27.19
CA TRP A 3368 8.43 35.88 -28.06
C TRP A 3368 7.25 36.53 -27.35
N PRO A 3369 7.48 37.40 -26.35
CA PRO A 3369 6.38 38.05 -25.66
C PRO A 3369 5.82 39.22 -26.47
N ASN A 3370 4.92 38.93 -27.39
CA ASN A 3370 4.26 40.00 -28.12
C ASN A 3370 3.33 40.81 -27.20
N ALA A 3371 2.36 40.15 -26.57
CA ALA A 3371 1.29 40.84 -25.86
C ALA A 3371 1.69 41.13 -24.41
N ILE A 3372 1.21 42.23 -23.84
CA ILE A 3372 1.26 42.40 -22.39
C ILE A 3372 0.02 43.17 -21.92
N THR A 3373 -0.47 42.89 -20.70
CA THR A 3373 -1.57 43.64 -20.14
C THR A 3373 -1.63 43.47 -18.61
N ILE A 3374 -2.51 44.26 -17.98
CA ILE A 3374 -2.75 44.15 -16.55
C ILE A 3374 -4.26 43.98 -16.33
N ASP A 3375 -4.64 43.11 -15.41
CA ASP A 3375 -5.99 43.11 -14.90
C ASP A 3375 -6.04 44.08 -13.72
N TYR A 3376 -6.61 45.28 -13.91
CA TYR A 3376 -6.59 46.34 -12.91
C TYR A 3376 -7.36 45.99 -11.63
N THR A 3377 -8.25 44.98 -11.63
CA THR A 3377 -8.92 44.60 -10.40
C THR A 3377 -8.01 43.71 -9.54
N ASN A 3378 -7.43 42.66 -10.11
CA ASN A 3378 -6.58 41.78 -9.33
C ASN A 3378 -5.17 42.35 -9.10
N ASP A 3379 -4.77 43.34 -9.92
CA ASP A 3379 -3.39 43.79 -10.06
C ASP A 3379 -2.47 42.64 -10.51
N LEU A 3380 -2.96 41.78 -11.43
CA LEU A 3380 -2.17 40.71 -12.02
C LEU A 3380 -1.64 41.14 -13.37
N LEU A 3381 -0.33 40.96 -13.58
CA LEU A 3381 0.27 41.11 -14.89
C LEU A 3381 -0.12 39.92 -15.77
N TYR A 3382 -0.20 40.13 -17.08
CA TYR A 3382 -0.43 39.06 -18.03
C TYR A 3382 0.44 39.31 -19.26
N TRP A 3383 0.95 38.23 -19.87
CA TRP A 3383 1.55 38.31 -21.19
C TRP A 3383 1.23 37.05 -21.98
N ALA A 3384 1.53 37.09 -23.28
CA ALA A 3384 1.45 35.92 -24.12
C ALA A 3384 2.78 35.77 -24.85
N ASP A 3385 3.15 34.54 -25.21
CA ASP A 3385 4.36 34.26 -25.95
C ASP A 3385 3.98 33.58 -27.26
N ALA A 3386 4.44 34.11 -28.39
CA ALA A 3386 4.05 33.57 -29.67
C ALA A 3386 4.85 32.30 -30.03
N HIS A 3387 6.00 32.06 -29.40
CA HIS A 3387 6.80 30.89 -29.73
C HIS A 3387 6.41 29.72 -28.83
N LEU A 3388 6.61 29.88 -27.51
CA LEU A 3388 6.26 28.84 -26.56
C LEU A 3388 4.75 28.64 -26.49
N GLY A 3389 3.97 29.63 -26.95
CA GLY A 3389 2.55 29.47 -27.18
C GLY A 3389 1.71 29.42 -25.90
N TYR A 3390 2.09 30.22 -24.91
CA TYR A 3390 1.38 30.24 -23.63
C TYR A 3390 0.76 31.61 -23.37
N ILE A 3391 -0.16 31.67 -22.40
CA ILE A 3391 -0.62 32.92 -21.83
C ILE A 3391 -0.42 32.81 -20.33
N GLU A 3392 0.57 33.54 -19.78
CA GLU A 3392 0.93 33.43 -18.38
C GLU A 3392 0.57 34.71 -17.64
N PHE A 3393 0.05 34.56 -16.42
CA PHE A 3393 -0.19 35.68 -15.53
C PHE A 3393 0.71 35.56 -14.31
N SER A 3394 0.94 36.68 -13.63
CA SER A 3394 1.84 36.71 -12.49
C SER A 3394 1.61 37.98 -11.68
N ASP A 3395 2.18 38.01 -10.48
CA ASP A 3395 2.15 39.21 -9.65
C ASP A 3395 2.96 40.30 -10.34
N LEU A 3396 2.72 41.55 -9.95
CA LEU A 3396 3.32 42.69 -10.63
C LEU A 3396 4.85 42.73 -10.42
N GLU A 3397 5.40 41.89 -9.55
CA GLU A 3397 6.85 41.79 -9.38
C GLU A 3397 7.44 40.60 -10.13
N GLY A 3398 6.60 39.84 -10.85
CA GLY A 3398 7.07 38.74 -11.67
C GLY A 3398 7.06 37.39 -10.96
N HIS A 3399 6.72 37.36 -9.66
CA HIS A 3399 6.73 36.10 -8.92
C HIS A 3399 5.38 35.40 -9.04
N HIS A 3400 5.39 34.08 -8.81
CA HIS A 3400 4.19 33.26 -8.75
C HIS A 3400 3.51 33.28 -10.12
N ARG A 3401 4.24 32.82 -11.14
CA ARG A 3401 3.71 32.68 -12.49
C ARG A 3401 2.73 31.50 -12.52
N HIS A 3402 1.71 31.62 -13.38
CA HIS A 3402 0.76 30.53 -13.63
C HIS A 3402 0.36 30.56 -15.10
N THR A 3403 0.01 29.40 -15.64
CA THR A 3403 -0.29 29.28 -17.06
C THR A 3403 -1.80 29.17 -17.27
N VAL A 3404 -2.34 30.02 -18.17
CA VAL A 3404 -3.70 29.91 -18.66
C VAL A 3404 -3.72 28.82 -19.72
N TYR A 3405 -3.12 29.11 -20.88
CA TYR A 3405 -2.93 28.12 -21.94
C TYR A 3405 -1.48 27.66 -21.94
N ASP A 3406 -1.30 26.35 -22.11
CA ASP A 3406 0.02 25.73 -22.13
C ASP A 3406 0.31 25.21 -23.53
N GLY A 3407 0.98 26.03 -24.35
CA GLY A 3407 1.55 25.59 -25.60
C GLY A 3407 0.51 25.30 -26.70
N SER A 3408 -0.78 25.56 -26.40
CA SER A 3408 -1.84 25.28 -27.35
C SER A 3408 -2.16 26.51 -28.21
N LEU A 3409 -1.50 27.64 -27.94
CA LEU A 3409 -1.77 28.86 -28.70
C LEU A 3409 -0.82 28.96 -29.88
N PRO A 3410 -1.34 29.11 -31.11
CA PRO A 3410 -0.50 29.26 -32.29
C PRO A 3410 0.43 30.47 -32.25
N HIS A 3411 -0.12 31.69 -32.16
CA HIS A 3411 0.66 32.93 -32.24
C HIS A 3411 -0.14 34.14 -31.76
N PRO A 3412 -0.33 34.34 -30.44
CA PRO A 3412 -0.95 35.56 -29.92
C PRO A 3412 -0.08 36.79 -30.16
N PHE A 3413 -0.70 37.88 -30.61
CA PHE A 3413 0.02 39.14 -30.76
C PHE A 3413 -0.36 40.11 -29.64
N ALA A 3414 -1.65 40.34 -29.40
CA ALA A 3414 -2.11 41.25 -28.36
C ALA A 3414 -3.21 40.56 -27.56
N LEU A 3415 -3.40 41.02 -26.32
CA LEU A 3415 -4.42 40.45 -25.46
C LEU A 3415 -5.03 41.54 -24.57
N THR A 3416 -6.21 41.25 -24.02
CA THR A 3416 -6.89 42.18 -23.15
C THR A 3416 -7.78 41.40 -22.19
N ILE A 3417 -8.15 41.99 -21.07
CA ILE A 3417 -8.93 41.28 -20.06
C ILE A 3417 -10.09 42.15 -19.66
N PHE A 3418 -11.28 41.57 -19.51
CA PHE A 3418 -12.35 42.26 -18.83
C PHE A 3418 -13.14 41.28 -17.98
N GLU A 3419 -13.65 41.74 -16.84
CA GLU A 3419 -14.44 40.91 -15.94
C GLU A 3419 -13.68 39.60 -15.63
N ASP A 3420 -14.20 38.44 -16.05
CA ASP A 3420 -13.57 37.14 -15.79
C ASP A 3420 -12.85 36.57 -17.01
N THR A 3421 -12.80 37.27 -18.16
CA THR A 3421 -12.43 36.65 -19.44
C THR A 3421 -11.27 37.39 -20.12
N VAL A 3422 -10.46 36.64 -20.87
CA VAL A 3422 -9.32 37.17 -21.58
C VAL A 3422 -9.57 37.02 -23.08
N PHE A 3423 -9.19 38.03 -23.86
CA PHE A 3423 -9.37 38.05 -25.31
C PHE A 3423 -8.00 38.21 -25.94
N TRP A 3424 -7.76 37.59 -27.09
CA TRP A 3424 -6.46 37.77 -27.75
C TRP A 3424 -6.61 37.71 -29.26
N THR A 3425 -5.61 38.24 -29.96
CA THR A 3425 -5.54 38.25 -31.41
C THR A 3425 -4.50 37.24 -31.86
N ASP A 3426 -4.90 36.21 -32.62
CA ASP A 3426 -3.97 35.20 -33.08
C ASP A 3426 -3.63 35.43 -34.55
N TRP A 3427 -2.33 35.52 -34.89
CA TRP A 3427 -1.92 35.77 -36.26
C TRP A 3427 -2.02 34.53 -37.14
N ASN A 3428 -1.57 33.36 -36.66
CA ASN A 3428 -1.52 32.16 -37.49
C ASN A 3428 -2.92 31.75 -37.98
N THR A 3429 -3.93 31.69 -37.10
CA THR A 3429 -5.28 31.37 -37.57
C THR A 3429 -6.01 32.61 -38.09
N ARG A 3430 -5.45 33.81 -37.86
CA ARG A 3430 -6.06 35.11 -38.21
C ARG A 3430 -7.43 35.28 -37.53
N THR A 3431 -7.46 35.18 -36.19
CA THR A 3431 -8.71 35.23 -35.44
C THR A 3431 -8.61 36.10 -34.19
N VAL A 3432 -9.78 36.50 -33.65
CA VAL A 3432 -9.91 36.95 -32.27
C VAL A 3432 -10.61 35.84 -31.50
N GLU A 3433 -10.08 35.48 -30.32
CA GLU A 3433 -10.62 34.42 -29.50
C GLU A 3433 -10.88 34.93 -28.08
N LYS A 3434 -11.67 34.18 -27.29
CA LYS A 3434 -11.84 34.49 -25.88
C LYS A 3434 -11.91 33.20 -25.05
N GLY A 3435 -11.67 33.33 -23.73
CA GLY A 3435 -11.86 32.23 -22.79
C GLY A 3435 -11.70 32.71 -21.35
N ASN A 3436 -12.01 31.85 -20.36
CA ASN A 3436 -11.88 32.20 -18.96
C ASN A 3436 -10.46 32.66 -18.63
N LYS A 3437 -10.28 33.75 -17.89
CA LYS A 3437 -8.98 34.41 -17.78
C LYS A 3437 -7.95 33.65 -16.94
N TYR A 3438 -8.35 32.63 -16.19
CA TYR A 3438 -7.41 31.86 -15.37
C TYR A 3438 -7.08 30.49 -15.95
N ASP A 3439 -8.08 29.71 -16.41
CA ASP A 3439 -7.86 28.32 -16.80
C ASP A 3439 -8.03 28.10 -18.31
N GLY A 3440 -8.50 29.13 -19.03
CA GLY A 3440 -8.67 29.06 -20.47
C GLY A 3440 -9.89 28.26 -20.93
N SER A 3441 -10.74 27.78 -20.00
CA SER A 3441 -11.91 27.00 -20.36
C SER A 3441 -12.94 27.88 -21.07
N GLY A 3442 -13.83 27.24 -21.85
CA GLY A 3442 -14.86 27.94 -22.59
C GLY A 3442 -14.27 28.77 -23.73
N ARG A 3443 -13.33 28.16 -24.46
CA ARG A 3443 -12.66 28.82 -25.57
C ARG A 3443 -13.63 28.98 -26.74
N VAL A 3444 -13.71 30.21 -27.26
CA VAL A 3444 -14.64 30.54 -28.34
C VAL A 3444 -13.93 31.45 -29.34
N VAL A 3445 -14.07 31.15 -30.64
CA VAL A 3445 -13.50 32.01 -31.69
C VAL A 3445 -14.54 33.08 -32.04
N LEU A 3446 -14.29 34.34 -31.66
CA LEU A 3446 -15.27 35.40 -31.90
C LEU A 3446 -15.40 35.68 -33.39
N VAL A 3447 -14.27 35.82 -34.12
CA VAL A 3447 -14.36 36.14 -35.55
C VAL A 3447 -13.12 35.70 -36.33
N ASN A 3448 -13.30 35.42 -37.63
CA ASN A 3448 -12.22 35.26 -38.58
C ASN A 3448 -11.86 36.60 -39.23
N THR A 3449 -10.65 36.70 -39.80
CA THR A 3449 -10.25 37.93 -40.49
C THR A 3449 -9.46 37.63 -41.76
N THR A 3450 -9.58 38.51 -42.75
CA THR A 3450 -8.86 38.37 -44.01
C THR A 3450 -7.42 38.90 -43.88
N HIS A 3451 -7.19 39.75 -42.87
CA HIS A 3451 -5.85 40.27 -42.61
C HIS A 3451 -5.48 39.90 -41.16
N LYS A 3452 -4.23 40.12 -40.73
CA LYS A 3452 -3.81 39.68 -39.39
C LYS A 3452 -4.30 40.65 -38.31
N PRO A 3453 -4.97 40.17 -37.24
CA PRO A 3453 -5.39 41.02 -36.13
C PRO A 3453 -4.17 41.69 -35.50
N PHE A 3454 -4.12 43.01 -35.43
CA PHE A 3454 -2.91 43.69 -34.95
C PHE A 3454 -3.00 44.17 -33.49
N ASP A 3455 -4.20 44.20 -32.88
CA ASP A 3455 -4.31 44.77 -31.55
C ASP A 3455 -5.77 44.72 -31.09
N ILE A 3456 -6.01 44.74 -29.76
CA ILE A 3456 -7.37 44.62 -29.25
C ILE A 3456 -7.48 45.26 -27.87
N HIS A 3457 -8.64 45.83 -27.55
CA HIS A 3457 -8.86 46.55 -26.30
C HIS A 3457 -10.35 46.48 -25.95
N VAL A 3458 -10.71 46.03 -24.73
CA VAL A 3458 -12.09 46.25 -24.32
C VAL A 3458 -12.22 47.75 -24.06
N TYR A 3459 -13.08 48.41 -24.84
CA TYR A 3459 -13.46 49.78 -24.53
C TYR A 3459 -14.60 49.73 -23.52
N HIS A 3460 -14.31 50.17 -22.30
CA HIS A 3460 -15.30 50.23 -21.23
C HIS A 3460 -14.73 51.16 -20.18
N PRO A 3461 -15.52 52.04 -19.55
CA PRO A 3461 -14.97 53.02 -18.62
C PRO A 3461 -14.20 52.40 -17.44
N TYR A 3462 -14.47 51.16 -17.01
CA TYR A 3462 -13.71 50.53 -15.94
C TYR A 3462 -12.29 50.12 -16.37
N ARG A 3463 -12.00 49.98 -17.67
CA ARG A 3463 -10.68 49.55 -18.13
C ARG A 3463 -9.63 50.66 -18.01
N GLN A 3464 -10.04 51.86 -17.60
CA GLN A 3464 -9.15 52.90 -17.12
C GLN A 3464 -9.74 53.41 -15.81
N PRO A 3465 -9.40 52.83 -14.64
CA PRO A 3465 -10.06 53.21 -13.39
C PRO A 3465 -9.81 54.66 -13.06
N ILE A 3466 -10.81 55.31 -12.45
CA ILE A 3466 -10.72 56.72 -12.07
C ILE A 3466 -9.86 56.87 -10.80
N MET A 3467 -8.92 57.82 -10.85
CA MET A 3467 -8.04 58.13 -9.72
C MET A 3467 -7.52 59.56 -9.83
N SER A 3468 -7.12 60.14 -8.68
CA SER A 3468 -6.76 61.54 -8.58
C SER A 3468 -5.41 61.85 -9.23
N ASN A 3469 -5.42 62.76 -10.22
CA ASN A 3469 -4.25 63.19 -10.96
C ASN A 3469 -3.30 63.98 -10.06
N PRO A 3470 -2.03 63.56 -9.83
CA PRO A 3470 -1.12 64.28 -8.92
C PRO A 3470 -0.68 65.64 -9.46
N CYS A 3471 -0.58 65.78 -10.80
CA CYS A 3471 -0.26 67.05 -11.44
C CYS A 3471 -1.44 68.04 -11.44
N GLY A 3472 -2.56 67.73 -10.76
CA GLY A 3472 -3.86 68.37 -10.99
C GLY A 3472 -3.84 69.91 -11.05
N THR A 3473 -4.32 70.45 -12.18
CA THR A 3473 -4.71 71.84 -12.33
C THR A 3473 -3.52 72.80 -12.32
N ASN A 3474 -2.29 72.29 -12.11
CA ASN A 3474 -1.13 73.15 -12.01
C ASN A 3474 0.10 72.60 -12.75
N ASN A 3475 0.09 71.33 -13.19
CA ASN A 3475 1.30 70.63 -13.63
C ASN A 3475 2.38 70.69 -12.55
N GLY A 3476 1.98 70.80 -11.27
CA GLY A 3476 2.92 71.01 -10.16
C GLY A 3476 3.79 72.26 -10.33
N GLY A 3477 3.34 73.19 -11.18
CA GLY A 3477 4.07 74.41 -11.47
C GLY A 3477 5.14 74.24 -12.54
N CYS A 3478 5.41 72.99 -12.97
CA CYS A 3478 6.45 72.74 -13.97
C CYS A 3478 6.01 73.34 -15.31
N SER A 3479 6.92 74.11 -15.93
CA SER A 3479 6.63 74.73 -17.23
C SER A 3479 6.60 73.67 -18.32
N HIS A 3480 7.17 72.49 -18.04
CA HIS A 3480 7.25 71.38 -18.99
C HIS A 3480 6.63 70.13 -18.36
N LEU A 3481 6.93 68.95 -18.93
CA LEU A 3481 6.40 67.67 -18.47
C LEU A 3481 6.27 67.58 -16.94
N CYS A 3482 5.02 67.45 -16.47
CA CYS A 3482 4.78 66.98 -15.12
C CYS A 3482 4.48 65.48 -15.22
N LEU A 3483 5.45 64.65 -14.79
CA LEU A 3483 5.33 63.20 -14.84
C LEU A 3483 4.96 62.66 -13.47
N ILE A 3484 4.37 61.46 -13.44
CA ILE A 3484 4.09 60.80 -12.19
C ILE A 3484 5.38 60.11 -11.74
N LYS A 3485 5.83 60.41 -10.51
CA LYS A 3485 6.98 59.72 -9.91
C LYS A 3485 6.62 58.25 -9.68
N ALA A 3486 7.65 57.40 -9.64
CA ALA A 3486 7.46 55.99 -9.38
C ALA A 3486 6.79 55.78 -8.03
N GLY A 3487 5.95 54.75 -7.94
CA GLY A 3487 5.17 54.49 -6.74
C GLY A 3487 3.81 55.21 -6.75
N GLY A 3488 3.62 56.17 -7.66
CA GLY A 3488 2.33 56.81 -7.88
C GLY A 3488 1.81 57.57 -6.66
N ARG A 3489 2.72 58.25 -5.94
CA ARG A 3489 2.37 59.02 -4.76
C ARG A 3489 2.76 60.50 -4.90
N GLY A 3490 3.53 60.86 -5.92
CA GLY A 3490 3.94 62.23 -6.14
C GLY A 3490 4.30 62.48 -7.60
N PHE A 3491 4.54 63.76 -7.95
CA PHE A 3491 4.88 64.12 -9.32
C PHE A 3491 6.37 64.44 -9.42
N THR A 3492 6.80 64.86 -10.62
CA THR A 3492 8.18 65.19 -10.89
C THR A 3492 8.26 65.93 -12.23
N CYS A 3493 8.97 67.06 -12.26
CA CYS A 3493 9.10 67.83 -13.50
C CYS A 3493 10.08 67.11 -14.45
N ALA A 3494 10.12 67.59 -15.69
CA ALA A 3494 11.07 67.11 -16.69
C ALA A 3494 11.20 68.16 -17.80
N CYS A 3495 12.06 67.86 -18.78
CA CYS A 3495 12.28 68.74 -19.91
C CYS A 3495 12.20 67.95 -21.21
N PRO A 3496 11.90 68.59 -22.35
CA PRO A 3496 11.89 67.90 -23.63
C PRO A 3496 13.25 67.32 -24.06
N ASP A 3497 13.27 66.76 -25.27
CA ASP A 3497 14.33 65.88 -25.71
C ASP A 3497 15.62 66.66 -26.01
N ASP A 3498 15.56 68.00 -26.11
CA ASP A 3498 16.73 68.77 -26.50
C ASP A 3498 16.91 70.00 -25.61
N PHE A 3499 16.39 69.94 -24.39
CA PHE A 3499 16.59 70.97 -23.40
C PHE A 3499 17.56 70.47 -22.34
N GLN A 3500 18.16 71.41 -21.60
CA GLN A 3500 19.06 71.08 -20.50
C GLN A 3500 18.31 71.23 -19.17
N THR A 3501 18.28 70.14 -18.41
CA THR A 3501 17.62 70.13 -17.10
C THR A 3501 18.55 70.73 -16.06
N VAL A 3502 18.18 71.90 -15.54
CA VAL A 3502 18.95 72.59 -14.51
C VAL A 3502 18.05 72.79 -13.30
N GLN A 3503 18.58 72.42 -12.12
CA GLN A 3503 17.82 72.46 -10.88
C GLN A 3503 18.23 73.68 -10.06
N LEU A 3504 17.25 74.50 -9.67
CA LEU A 3504 17.46 75.53 -8.67
C LEU A 3504 17.04 74.97 -7.30
N ARG A 3505 17.04 75.84 -6.29
CA ARG A 3505 16.71 75.44 -4.92
C ARG A 3505 15.25 74.98 -4.83
N ASP A 3506 14.33 75.58 -5.60
CA ASP A 3506 12.92 75.26 -5.46
C ASP A 3506 12.17 75.15 -6.79
N ARG A 3507 12.84 75.38 -7.93
CA ARG A 3507 12.17 75.31 -9.22
C ARG A 3507 13.13 74.77 -10.28
N THR A 3508 12.65 73.79 -11.04
CA THR A 3508 13.41 73.26 -12.17
C THR A 3508 13.47 74.30 -13.28
N LEU A 3509 14.60 74.32 -14.00
CA LEU A 3509 14.85 75.29 -15.06
C LEU A 3509 15.29 74.55 -16.32
N CYS A 3510 14.36 74.39 -17.27
CA CYS A 3510 14.69 73.78 -18.55
C CYS A 3510 14.80 74.87 -19.61
N MET A 3511 15.96 74.95 -20.28
CA MET A 3511 16.20 75.95 -21.30
C MET A 3511 16.66 75.25 -22.58
N PRO A 3512 16.38 75.84 -23.76
CA PRO A 3512 16.70 75.18 -25.03
C PRO A 3512 18.21 75.08 -25.26
N MET A 3513 18.60 74.01 -25.95
CA MET A 3513 20.00 73.80 -26.30
C MET A 3513 20.12 73.22 -27.72
N CYS A 3514 19.11 73.43 -28.57
CA CYS A 3514 19.03 72.70 -29.84
C CYS A 3514 20.16 73.12 -30.79
N SER A 3515 20.42 72.25 -31.77
CA SER A 3515 21.58 72.33 -32.64
C SER A 3515 21.50 73.54 -33.59
N SER A 3516 22.58 73.73 -34.36
CA SER A 3516 22.61 74.73 -35.42
C SER A 3516 21.57 74.46 -36.50
N THR A 3517 21.32 73.18 -36.80
CA THR A 3517 20.32 72.79 -37.81
C THR A 3517 18.92 72.65 -37.20
N GLN A 3518 18.71 73.20 -35.99
CA GLN A 3518 17.39 73.22 -35.38
C GLN A 3518 16.99 74.66 -35.08
N PHE A 3519 15.68 74.92 -35.17
CA PHE A 3519 15.12 76.24 -34.95
C PHE A 3519 14.32 76.24 -33.65
N LEU A 3520 14.57 77.26 -32.82
CA LEU A 3520 13.95 77.40 -31.52
C LEU A 3520 12.81 78.42 -31.61
N CYS A 3521 11.64 78.03 -31.08
CA CYS A 3521 10.44 78.84 -31.17
C CYS A 3521 10.57 80.11 -30.31
N GLY A 3522 9.92 81.19 -30.74
CA GLY A 3522 10.06 82.51 -30.12
C GLY A 3522 9.78 82.49 -28.61
N ASN A 3523 8.72 81.77 -28.21
CA ASN A 3523 8.37 81.66 -26.81
C ASN A 3523 9.06 80.48 -26.13
N ASN A 3524 9.97 79.79 -26.84
CA ASN A 3524 10.76 78.68 -26.31
C ASN A 3524 9.85 77.52 -25.89
N GLU A 3525 8.97 77.08 -26.77
CA GLU A 3525 8.10 75.93 -26.49
C GLU A 3525 8.87 74.64 -26.79
N LYS A 3526 9.66 74.67 -27.88
CA LYS A 3526 10.28 73.47 -28.44
C LYS A 3526 11.30 73.90 -29.48
N CYS A 3527 12.01 72.93 -30.05
CA CYS A 3527 12.88 73.15 -31.19
C CYS A 3527 12.43 72.28 -32.35
N ILE A 3528 12.47 72.86 -33.56
CA ILE A 3528 12.09 72.16 -34.77
C ILE A 3528 13.26 72.17 -35.73
N PRO A 3529 13.39 71.16 -36.62
CA PRO A 3529 14.47 71.15 -37.59
C PRO A 3529 14.42 72.38 -38.50
N ILE A 3530 15.60 72.80 -38.98
CA ILE A 3530 15.74 74.02 -39.75
C ILE A 3530 14.92 73.94 -41.03
N TRP A 3531 14.84 72.75 -41.64
CA TRP A 3531 14.10 72.62 -42.90
C TRP A 3531 12.60 72.82 -42.69
N TRP A 3532 12.12 72.67 -41.44
CA TRP A 3532 10.72 73.00 -41.13
C TRP A 3532 10.46 74.50 -41.21
N LYS A 3533 11.48 75.32 -40.96
CA LYS A 3533 11.31 76.76 -40.97
C LYS A 3533 11.03 77.23 -42.39
N CYS A 3534 10.16 78.24 -42.51
CA CYS A 3534 9.87 78.92 -43.77
C CYS A 3534 9.26 77.95 -44.79
N ASP A 3535 8.07 77.42 -44.45
CA ASP A 3535 7.38 76.54 -45.38
C ASP A 3535 5.87 76.77 -45.43
N GLY A 3536 5.36 77.78 -44.72
CA GLY A 3536 3.93 78.07 -44.69
C GLY A 3536 3.17 77.25 -43.65
N GLN A 3537 3.59 75.99 -43.44
CA GLN A 3537 2.98 75.14 -42.43
C GLN A 3537 3.42 75.64 -41.06
N LYS A 3538 2.46 76.16 -40.28
CA LYS A 3538 2.77 76.77 -38.99
C LYS A 3538 3.06 75.66 -37.99
N ASP A 3539 4.30 75.16 -38.01
CA ASP A 3539 4.70 74.06 -37.15
C ASP A 3539 4.76 74.53 -35.69
N CYS A 3540 4.98 75.84 -35.48
CA CYS A 3540 5.13 76.40 -34.15
C CYS A 3540 3.89 77.18 -33.75
N SER A 3541 3.51 77.09 -32.47
CA SER A 3541 2.27 77.69 -31.99
C SER A 3541 2.35 79.22 -32.04
N ASP A 3542 3.50 79.79 -31.67
CA ASP A 3542 3.59 81.23 -31.48
C ASP A 3542 3.78 81.98 -32.81
N GLY A 3543 4.08 81.26 -33.89
CA GLY A 3543 4.11 81.84 -35.23
C GLY A 3543 5.49 82.37 -35.62
N SER A 3544 6.51 82.22 -34.77
CA SER A 3544 7.87 82.64 -35.13
C SER A 3544 8.44 81.77 -36.25
N ASP A 3545 7.82 80.60 -36.50
CA ASP A 3545 8.26 79.68 -37.52
C ASP A 3545 8.15 80.30 -38.92
N GLU A 3546 7.18 81.20 -39.10
CA GLU A 3546 6.91 81.79 -40.40
C GLU A 3546 6.92 83.31 -40.29
N PRO A 3547 8.08 83.97 -40.45
CA PRO A 3547 8.11 85.44 -40.46
C PRO A 3547 7.67 86.01 -41.81
N ASP A 3548 7.46 87.32 -41.83
CA ASP A 3548 7.07 88.02 -43.06
C ASP A 3548 8.30 88.35 -43.91
N LEU A 3549 9.50 88.34 -43.32
CA LEU A 3549 10.75 88.51 -44.05
C LEU A 3549 11.22 87.17 -44.67
N CYS A 3550 10.33 86.18 -44.76
CA CYS A 3550 10.70 84.86 -45.23
C CYS A 3550 10.96 84.87 -46.74
N PRO A 3551 12.06 84.27 -47.23
CA PRO A 3551 12.27 84.13 -48.66
C PRO A 3551 11.25 83.19 -49.31
N HIS A 3552 11.07 83.34 -50.62
CA HIS A 3552 10.15 82.50 -51.37
C HIS A 3552 10.58 81.03 -51.31
N ARG A 3553 9.61 80.12 -51.08
CA ARG A 3553 9.89 78.69 -50.97
C ARG A 3553 9.62 78.03 -52.32
N PHE A 3554 10.66 77.38 -52.87
CA PHE A 3554 10.63 76.61 -54.10
C PHE A 3554 10.39 75.12 -53.85
N CYS A 3555 10.89 74.59 -52.72
CA CYS A 3555 10.87 73.16 -52.44
C CYS A 3555 9.52 72.74 -51.87
N ARG A 3556 9.21 71.44 -52.02
CA ARG A 3556 8.03 70.84 -51.42
C ARG A 3556 8.21 70.74 -49.92
N LEU A 3557 7.12 70.44 -49.21
CA LEU A 3557 7.17 70.31 -47.76
C LEU A 3557 8.02 69.10 -47.39
N GLY A 3558 8.92 69.29 -46.41
CA GLY A 3558 9.83 68.26 -45.96
C GLY A 3558 11.21 68.37 -46.59
N GLN A 3559 11.36 69.18 -47.64
CA GLN A 3559 12.65 69.30 -48.32
C GLN A 3559 13.37 70.55 -47.86
N PHE A 3560 14.66 70.39 -47.51
CA PHE A 3560 15.54 71.51 -47.24
C PHE A 3560 15.75 72.33 -48.51
N GLN A 3561 15.85 73.66 -48.35
CA GLN A 3561 16.04 74.57 -49.46
C GLN A 3561 17.44 75.17 -49.36
N CYS A 3562 18.22 75.00 -50.43
CA CYS A 3562 19.53 75.64 -50.54
C CYS A 3562 19.32 77.14 -50.69
N ARG A 3563 20.33 77.93 -50.32
CA ARG A 3563 20.20 79.39 -50.30
C ARG A 3563 19.88 79.92 -51.71
N ASP A 3564 20.38 79.24 -52.74
CA ASP A 3564 20.19 79.71 -54.11
C ASP A 3564 18.86 79.22 -54.69
N GLY A 3565 18.15 78.33 -53.98
CA GLY A 3565 16.81 77.90 -54.38
C GLY A 3565 16.70 76.42 -54.75
N ASN A 3566 17.81 75.67 -54.72
CA ASN A 3566 17.80 74.23 -54.95
C ASN A 3566 17.18 73.47 -53.77
N CYS A 3567 16.92 72.17 -53.98
CA CYS A 3567 16.26 71.33 -52.98
C CYS A 3567 17.04 70.04 -52.80
N THR A 3568 16.92 69.45 -51.60
CA THR A 3568 17.55 68.18 -51.30
C THR A 3568 16.86 67.55 -50.10
N SER A 3569 17.08 66.24 -49.92
CA SER A 3569 16.54 65.50 -48.80
C SER A 3569 17.22 65.95 -47.50
N PRO A 3570 16.52 65.94 -46.36
CA PRO A 3570 17.11 66.44 -45.11
C PRO A 3570 18.40 65.75 -44.68
N GLN A 3571 18.59 64.47 -45.03
CA GLN A 3571 19.77 63.76 -44.58
C GLN A 3571 21.02 64.28 -45.29
N ALA A 3572 20.86 65.12 -46.31
CA ALA A 3572 22.01 65.62 -47.07
C ALA A 3572 22.71 66.77 -46.34
N LEU A 3573 22.14 67.28 -45.25
CA LEU A 3573 22.71 68.42 -44.55
C LEU A 3573 23.95 67.99 -43.75
N CYS A 3574 25.06 68.71 -43.96
CA CYS A 3574 26.30 68.49 -43.23
C CYS A 3574 26.77 67.03 -43.33
N ASN A 3575 26.70 66.46 -44.54
CA ASN A 3575 27.11 65.09 -44.77
C ASN A 3575 28.46 65.01 -45.48
N ALA A 3576 29.24 66.10 -45.46
CA ALA A 3576 30.57 66.18 -46.09
C ALA A 3576 30.51 66.03 -47.60
N ARG A 3577 29.31 65.93 -48.19
CA ARG A 3577 29.15 65.88 -49.63
C ARG A 3577 28.33 67.08 -50.08
N GLN A 3578 28.87 67.85 -51.04
CA GLN A 3578 28.22 69.05 -51.53
C GLN A 3578 27.01 68.64 -52.37
N ASP A 3579 25.82 68.68 -51.74
CA ASP A 3579 24.59 68.24 -52.37
C ASP A 3579 23.81 69.40 -52.98
N CYS A 3580 24.12 70.64 -52.62
CA CYS A 3580 23.55 71.82 -53.29
C CYS A 3580 24.55 72.34 -54.32
N ALA A 3581 24.06 73.19 -55.24
CA ALA A 3581 24.92 73.80 -56.25
C ALA A 3581 25.99 74.66 -55.58
N ASP A 3582 25.56 75.55 -54.68
CA ASP A 3582 26.49 76.42 -53.96
C ASP A 3582 26.95 75.75 -52.67
N GLY A 3583 26.38 74.59 -52.32
CA GLY A 3583 26.77 73.88 -51.11
C GLY A 3583 26.29 74.55 -49.83
N SER A 3584 25.07 75.12 -49.84
CA SER A 3584 24.50 75.72 -48.64
C SER A 3584 24.25 74.67 -47.55
N ASP A 3585 24.07 73.41 -47.97
CA ASP A 3585 23.98 72.31 -47.03
C ASP A 3585 25.32 72.03 -46.37
N GLU A 3586 26.42 72.57 -46.93
CA GLU A 3586 27.76 72.38 -46.39
C GLU A 3586 28.34 73.69 -45.86
N ASP A 3587 27.49 74.68 -45.60
CA ASP A 3587 27.93 75.91 -44.95
C ASP A 3587 28.46 75.60 -43.56
N ARG A 3588 29.51 76.31 -43.15
CA ARG A 3588 30.19 76.05 -41.88
C ARG A 3588 29.22 76.27 -40.71
N VAL A 3589 28.42 77.33 -40.79
CA VAL A 3589 27.55 77.71 -39.68
C VAL A 3589 26.48 76.63 -39.45
N LEU A 3590 26.02 75.98 -40.52
CA LEU A 3590 24.99 74.95 -40.38
C LEU A 3590 25.54 73.73 -39.66
N CYS A 3591 26.86 73.51 -39.72
CA CYS A 3591 27.45 72.30 -39.16
C CYS A 3591 28.13 72.56 -37.81
N GLU A 3592 28.34 73.84 -37.44
CA GLU A 3592 29.19 74.17 -36.29
C GLU A 3592 28.74 73.48 -35.00
N HIS A 3593 27.43 73.39 -34.79
CA HIS A 3593 26.88 72.73 -33.62
C HIS A 3593 25.92 71.61 -34.03
N HIS A 3594 26.30 70.86 -35.07
CA HIS A 3594 25.46 69.80 -35.60
C HIS A 3594 25.32 68.66 -34.58
N ARG A 3595 24.17 67.99 -34.61
CA ARG A 3595 23.90 66.88 -33.72
C ARG A 3595 23.05 65.86 -34.44
N CYS A 3596 23.07 64.61 -33.96
CA CYS A 3596 22.13 63.60 -34.47
C CYS A 3596 21.71 62.66 -33.34
N GLU A 3597 20.82 61.73 -33.68
CA GLU A 3597 20.05 60.96 -32.70
C GLU A 3597 20.97 60.00 -31.95
N SER A 3598 20.43 59.36 -30.90
CA SER A 3598 21.15 58.43 -30.04
C SER A 3598 21.63 57.17 -30.77
N ASN A 3599 21.08 56.81 -31.94
CA ASN A 3599 21.45 55.55 -32.59
C ASN A 3599 22.60 55.73 -33.59
N GLU A 3600 23.02 56.97 -33.86
CA GLU A 3600 24.17 57.18 -34.74
C GLU A 3600 25.32 57.81 -33.97
N TRP A 3601 26.55 57.57 -34.47
CA TRP A 3601 27.77 58.07 -33.86
C TRP A 3601 28.39 59.12 -34.78
N GLN A 3602 28.92 60.20 -34.17
CA GLN A 3602 29.41 61.35 -34.91
C GLN A 3602 30.90 61.20 -35.20
N CYS A 3603 31.29 61.61 -36.42
CA CYS A 3603 32.68 61.56 -36.84
C CYS A 3603 33.35 62.93 -36.69
N ALA A 3604 34.61 63.01 -37.13
CA ALA A 3604 35.41 64.23 -37.03
C ALA A 3604 34.82 65.31 -37.92
N ASN A 3605 34.47 64.96 -39.17
CA ASN A 3605 34.01 65.93 -40.17
C ASN A 3605 32.50 66.16 -40.05
N LYS A 3606 31.90 65.78 -38.90
CA LYS A 3606 30.57 66.18 -38.48
C LYS A 3606 29.46 65.42 -39.22
N ARG A 3607 29.82 64.56 -40.19
CA ARG A 3607 28.88 63.57 -40.68
C ARG A 3607 28.79 62.44 -39.66
N CYS A 3608 27.56 62.08 -39.27
CA CYS A 3608 27.39 61.04 -38.27
C CYS A 3608 26.79 59.80 -38.94
N ILE A 3609 27.29 58.64 -38.49
CA ILE A 3609 27.01 57.35 -39.12
C ILE A 3609 26.44 56.39 -38.09
N PRO A 3610 25.78 55.29 -38.54
CA PRO A 3610 25.31 54.26 -37.62
C PRO A 3610 26.40 53.75 -36.70
N GLN A 3611 26.05 53.56 -35.43
CA GLN A 3611 27.02 53.21 -34.40
C GLN A 3611 27.66 51.84 -34.67
N SER A 3612 26.98 50.97 -35.44
CA SER A 3612 27.50 49.64 -35.75
C SER A 3612 28.68 49.72 -36.71
N TRP A 3613 28.71 50.74 -37.58
CA TRP A 3613 29.74 50.87 -38.59
C TRP A 3613 31.01 51.47 -38.02
N GLN A 3614 30.96 51.97 -36.77
CA GLN A 3614 32.12 52.61 -36.17
C GLN A 3614 33.18 51.55 -35.85
N CYS A 3615 34.42 51.81 -36.30
CA CYS A 3615 35.54 50.89 -36.17
C CYS A 3615 35.19 49.52 -36.77
N ASP A 3616 34.73 49.53 -38.02
CA ASP A 3616 34.33 48.31 -38.71
C ASP A 3616 35.37 47.89 -39.77
N SER A 3617 36.57 48.49 -39.71
CA SER A 3617 37.67 48.28 -40.65
C SER A 3617 37.40 48.96 -42.00
N VAL A 3618 36.30 49.70 -42.15
CA VAL A 3618 35.97 50.37 -43.40
C VAL A 3618 35.81 51.86 -43.12
N ASN A 3619 36.50 52.69 -43.92
CA ASN A 3619 36.44 54.14 -43.78
C ASN A 3619 35.10 54.63 -44.31
N ASP A 3620 34.26 55.18 -43.42
CA ASP A 3620 32.94 55.66 -43.80
C ASP A 3620 32.88 57.18 -43.79
N CYS A 3621 33.43 57.80 -42.74
CA CYS A 3621 33.33 59.25 -42.56
C CYS A 3621 34.25 60.01 -43.50
N LEU A 3622 34.91 59.31 -44.44
CA LEU A 3622 35.78 59.87 -45.47
C LEU A 3622 36.98 60.60 -44.89
N ASP A 3623 37.08 60.70 -43.56
CA ASP A 3623 38.20 61.33 -42.90
C ASP A 3623 39.02 60.29 -42.11
N ASN A 3624 38.59 59.02 -42.19
CA ASN A 3624 39.22 57.91 -41.49
C ASN A 3624 39.15 58.11 -39.97
N SER A 3625 38.16 58.88 -39.51
CA SER A 3625 37.96 59.10 -38.08
C SER A 3625 37.37 57.85 -37.42
N ASP A 3626 36.53 57.13 -38.17
CA ASP A 3626 35.88 55.92 -37.66
C ASP A 3626 36.88 54.76 -37.61
N GLU A 3627 37.96 54.82 -38.39
CA GLU A 3627 39.00 53.79 -38.39
C GLU A 3627 40.32 54.31 -37.84
N ASP A 3628 40.29 55.43 -37.11
CA ASP A 3628 41.49 55.94 -36.43
C ASP A 3628 41.82 54.99 -35.29
N THR A 3629 43.09 54.59 -35.19
CA THR A 3629 43.53 53.63 -34.20
C THR A 3629 43.34 54.18 -32.79
N SER A 3630 43.61 55.48 -32.60
CA SER A 3630 43.53 56.12 -31.29
C SER A 3630 42.12 56.01 -30.72
N HIS A 3631 41.10 56.29 -31.54
CA HIS A 3631 39.72 56.21 -31.09
C HIS A 3631 39.27 54.75 -31.01
N CYS A 3632 39.68 53.94 -31.99
CA CYS A 3632 39.29 52.54 -32.03
C CYS A 3632 39.87 51.74 -30.87
N ALA A 3633 40.87 52.30 -30.16
CA ALA A 3633 41.43 51.62 -28.99
C ALA A 3633 40.68 52.02 -27.72
N SER A 3634 40.53 53.33 -27.48
CA SER A 3634 40.07 53.84 -26.19
C SER A 3634 38.56 53.67 -26.02
N ARG A 3635 37.82 53.60 -27.14
CA ARG A 3635 36.35 53.67 -27.09
C ARG A 3635 35.80 52.43 -26.37
N THR A 3636 34.66 52.63 -25.70
CA THR A 3636 33.95 51.54 -25.05
C THR A 3636 32.66 51.27 -25.81
N CYS A 3637 32.38 49.98 -26.07
CA CYS A 3637 31.13 49.57 -26.70
C CYS A 3637 29.95 49.94 -25.80
N ARG A 3638 28.84 50.35 -26.43
CA ARG A 3638 27.66 50.79 -25.69
C ARG A 3638 27.05 49.62 -24.92
N PRO A 3639 26.26 49.88 -23.87
CA PRO A 3639 25.64 48.82 -23.07
C PRO A 3639 25.00 47.72 -23.92
N GLY A 3640 25.28 46.47 -23.55
CA GLY A 3640 24.73 45.30 -24.21
C GLY A 3640 25.62 44.70 -25.29
N GLN A 3641 26.64 45.43 -25.78
CA GLN A 3641 27.53 44.93 -26.82
C GLN A 3641 28.90 44.54 -26.26
N PHE A 3642 29.38 43.34 -26.60
CA PHE A 3642 30.73 42.89 -26.28
C PHE A 3642 31.74 43.63 -27.15
N LYS A 3643 32.91 43.91 -26.57
CA LYS A 3643 33.96 44.63 -27.26
C LYS A 3643 35.11 43.70 -27.62
N CYS A 3644 35.56 43.79 -28.88
CA CYS A 3644 36.71 43.04 -29.35
C CYS A 3644 37.99 43.83 -29.08
N ASN A 3645 39.12 43.12 -29.07
CA ASN A 3645 40.43 43.76 -28.99
C ASN A 3645 40.71 44.56 -30.27
N ASN A 3646 40.06 44.16 -31.38
CA ASN A 3646 40.18 44.86 -32.64
C ASN A 3646 39.49 46.23 -32.58
N GLY A 3647 38.57 46.43 -31.62
CA GLY A 3647 37.85 47.68 -31.46
C GLY A 3647 36.41 47.60 -31.95
N ARG A 3648 36.07 46.53 -32.67
CA ARG A 3648 34.71 46.33 -33.17
C ARG A 3648 33.76 46.09 -32.01
N CYS A 3649 32.49 46.47 -32.21
CA CYS A 3649 31.43 46.18 -31.27
C CYS A 3649 30.48 45.15 -31.86
N ILE A 3650 30.10 44.17 -31.04
CA ILE A 3650 29.14 43.15 -31.45
C ILE A 3650 28.10 42.99 -30.34
N PRO A 3651 26.85 42.63 -30.69
CA PRO A 3651 25.87 42.19 -29.69
C PRO A 3651 26.41 41.03 -28.87
N GLN A 3652 26.11 41.02 -27.58
CA GLN A 3652 26.68 40.05 -26.66
C GLN A 3652 26.28 38.62 -27.03
N SER A 3653 25.16 38.46 -27.75
CA SER A 3653 24.70 37.15 -28.19
C SER A 3653 25.67 36.50 -29.18
N TRP A 3654 26.63 37.28 -29.74
CA TRP A 3654 27.55 36.76 -30.73
C TRP A 3654 28.86 36.25 -30.11
N LYS A 3655 29.02 36.36 -28.79
CA LYS A 3655 30.15 35.69 -28.16
C LYS A 3655 29.85 34.19 -28.08
N CYS A 3656 30.84 33.36 -28.42
CA CYS A 3656 30.67 31.92 -28.58
C CYS A 3656 29.68 31.61 -29.71
N ASP A 3657 29.63 32.47 -30.74
CA ASP A 3657 28.79 32.26 -31.91
C ASP A 3657 29.36 31.18 -32.83
N VAL A 3658 30.62 30.76 -32.58
CA VAL A 3658 31.37 29.81 -33.39
C VAL A 3658 31.92 30.52 -34.62
N ASP A 3659 31.06 31.21 -35.37
CA ASP A 3659 31.50 32.03 -36.49
C ASP A 3659 32.28 33.23 -35.97
N ASN A 3660 33.32 33.62 -36.71
CA ASN A 3660 34.13 34.79 -36.37
C ASN A 3660 33.31 36.06 -36.60
N ASP A 3661 33.39 37.00 -35.64
CA ASP A 3661 32.70 38.28 -35.75
C ASP A 3661 33.68 39.45 -35.78
N CYS A 3662 34.75 39.38 -34.99
CA CYS A 3662 35.66 40.51 -34.84
C CYS A 3662 36.81 40.47 -35.85
N GLY A 3663 36.93 39.37 -36.62
CA GLY A 3663 38.01 39.22 -37.59
C GLY A 3663 39.28 38.66 -36.97
N ASP A 3664 39.53 38.90 -35.67
CA ASP A 3664 40.71 38.40 -35.00
C ASP A 3664 40.37 37.22 -34.08
N TYR A 3665 39.15 36.67 -34.20
CA TYR A 3665 38.66 35.60 -33.34
C TYR A 3665 38.64 36.02 -31.87
N SER A 3666 38.54 37.33 -31.59
CA SER A 3666 38.43 37.83 -30.23
C SER A 3666 37.08 37.43 -29.63
N ASP A 3667 36.09 37.15 -30.50
CA ASP A 3667 34.74 36.82 -30.06
C ASP A 3667 34.57 35.33 -29.86
N GLU A 3668 35.64 34.53 -29.98
CA GLU A 3668 35.53 33.10 -29.78
C GLU A 3668 36.62 32.61 -28.82
N PRO A 3669 36.58 32.96 -27.52
CA PRO A 3669 37.47 32.34 -26.54
C PRO A 3669 37.01 30.92 -26.24
N ILE A 3670 37.73 29.93 -26.76
CA ILE A 3670 37.26 28.54 -26.74
C ILE A 3670 37.15 28.03 -25.30
N ASP A 3671 38.11 28.42 -24.46
CA ASP A 3671 38.16 27.92 -23.10
C ASP A 3671 36.93 28.37 -22.32
N GLU A 3672 36.53 29.64 -22.50
CA GLU A 3672 35.35 30.18 -21.83
C GLU A 3672 34.09 29.57 -22.44
N CYS A 3673 34.06 29.47 -23.79
CA CYS A 3673 32.88 29.01 -24.50
C CYS A 3673 32.60 27.53 -24.26
N THR A 3674 33.61 26.77 -23.81
CA THR A 3674 33.48 25.33 -23.66
C THR A 3674 33.05 24.91 -22.26
N THR A 3675 32.84 25.87 -21.36
CA THR A 3675 32.43 25.55 -19.99
C THR A 3675 30.91 25.65 -19.85
N ALA A 3676 30.42 25.53 -18.61
CA ALA A 3676 29.00 25.61 -18.32
C ALA A 3676 28.47 27.04 -18.44
N ALA A 3677 29.36 28.03 -18.43
CA ALA A 3677 28.93 29.43 -18.37
C ALA A 3677 28.22 29.87 -19.65
N TYR A 3678 28.37 29.11 -20.74
CA TYR A 3678 27.76 29.45 -22.02
C TYR A 3678 26.93 28.27 -22.56
N ASN A 3679 26.12 27.68 -21.69
CA ASN A 3679 25.18 26.66 -22.11
C ASN A 3679 24.02 27.28 -22.88
N CYS A 3680 23.28 26.41 -23.58
CA CYS A 3680 22.09 26.83 -24.30
C CYS A 3680 20.98 27.15 -23.31
N ASP A 3681 20.10 28.09 -23.69
CA ASP A 3681 18.89 28.37 -22.93
C ASP A 3681 17.97 27.15 -23.03
N ASN A 3682 17.77 26.46 -21.90
CA ASN A 3682 17.04 25.21 -21.86
C ASN A 3682 15.59 25.42 -22.30
N HIS A 3683 15.02 24.41 -22.99
CA HIS A 3683 13.62 24.38 -23.39
C HIS A 3683 13.19 25.64 -24.15
N THR A 3684 14.15 26.42 -24.65
CA THR A 3684 13.85 27.54 -25.54
C THR A 3684 14.81 27.59 -26.73
N GLU A 3685 15.95 26.88 -26.66
CA GLU A 3685 16.96 26.89 -27.70
C GLU A 3685 17.32 25.46 -28.10
N PHE A 3686 17.89 25.31 -29.30
CA PHE A 3686 18.31 24.03 -29.82
C PHE A 3686 19.84 23.98 -29.89
N SER A 3687 20.42 22.88 -29.40
CA SER A 3687 21.87 22.71 -29.40
C SER A 3687 22.31 21.92 -30.62
N CYS A 3688 23.40 22.37 -31.25
CA CYS A 3688 23.98 21.66 -32.38
C CYS A 3688 24.64 20.36 -31.91
N LYS A 3689 24.96 19.48 -32.86
CA LYS A 3689 25.47 18.16 -32.52
C LYS A 3689 27.00 18.14 -32.58
N THR A 3690 27.62 18.96 -33.44
CA THR A 3690 29.07 18.96 -33.54
C THR A 3690 29.67 20.22 -32.89
N ASN A 3691 29.20 21.39 -33.30
CA ASN A 3691 29.73 22.66 -32.80
C ASN A 3691 29.17 22.93 -31.41
N TYR A 3692 29.60 24.04 -30.81
CA TYR A 3692 29.14 24.45 -29.48
C TYR A 3692 28.12 25.59 -29.57
N ARG A 3693 27.61 25.85 -30.79
CA ARG A 3693 26.62 26.91 -31.00
C ARG A 3693 25.28 26.51 -30.39
N CYS A 3694 24.59 27.51 -29.82
CA CYS A 3694 23.20 27.37 -29.40
C CYS A 3694 22.37 28.30 -30.27
N ILE A 3695 21.36 27.73 -30.95
CA ILE A 3695 20.53 28.52 -31.87
C ILE A 3695 19.13 28.61 -31.27
N PRO A 3696 18.36 29.67 -31.61
CA PRO A 3696 16.95 29.72 -31.24
C PRO A 3696 16.17 28.54 -31.83
N GLN A 3697 15.23 28.01 -31.05
CA GLN A 3697 14.62 26.72 -31.35
C GLN A 3697 13.81 26.80 -32.64
N TRP A 3698 13.19 27.95 -32.91
CA TRP A 3698 12.33 28.12 -34.07
C TRP A 3698 13.13 28.09 -35.38
N ALA A 3699 14.46 28.18 -35.32
CA ALA A 3699 15.30 28.08 -36.50
C ALA A 3699 15.51 26.63 -36.94
N VAL A 3700 15.06 25.66 -36.14
CA VAL A 3700 15.12 24.26 -36.55
C VAL A 3700 14.09 24.03 -37.63
N CYS A 3701 14.53 23.38 -38.73
CA CYS A 3701 13.67 23.09 -39.87
C CYS A 3701 13.07 24.38 -40.43
N ASN A 3702 13.93 25.29 -40.91
CA ASN A 3702 13.46 26.54 -41.50
C ASN A 3702 14.03 26.77 -42.91
N GLY A 3703 14.72 25.77 -43.48
CA GLY A 3703 15.31 25.88 -44.81
C GLY A 3703 16.57 26.73 -44.83
N PHE A 3704 17.39 26.63 -43.78
CA PHE A 3704 18.65 27.35 -43.70
C PHE A 3704 19.56 26.65 -42.70
N ASP A 3705 20.87 26.64 -43.00
CA ASP A 3705 21.85 26.00 -42.14
C ASP A 3705 22.19 26.93 -40.97
N ASP A 3706 21.47 26.77 -39.86
CA ASP A 3706 21.67 27.60 -38.69
C ASP A 3706 22.85 27.09 -37.86
N CYS A 3707 22.95 25.78 -37.67
CA CYS A 3707 23.97 25.21 -36.80
C CYS A 3707 25.32 25.03 -37.52
N ARG A 3708 25.38 25.42 -38.81
CA ARG A 3708 26.63 25.45 -39.58
C ARG A 3708 27.12 24.04 -39.91
N ASP A 3709 26.42 23.01 -39.43
CA ASP A 3709 26.71 21.63 -39.79
C ASP A 3709 25.43 20.89 -40.17
N ASN A 3710 24.38 21.64 -40.56
CA ASN A 3710 23.11 21.10 -41.04
C ASN A 3710 22.40 20.27 -39.98
N SER A 3711 22.79 20.39 -38.69
CA SER A 3711 22.15 19.65 -37.62
C SER A 3711 20.70 20.08 -37.46
N ASP A 3712 20.45 21.39 -37.59
CA ASP A 3712 19.12 21.96 -37.42
C ASP A 3712 18.16 21.49 -38.53
N GLU A 3713 18.71 21.06 -39.68
CA GLU A 3713 17.89 20.68 -40.82
C GLU A 3713 17.87 19.16 -41.02
N GLN A 3714 18.41 18.38 -40.08
CA GLN A 3714 18.37 16.93 -40.18
C GLN A 3714 17.09 16.40 -39.56
N GLY A 3715 16.61 15.28 -40.13
CA GLY A 3715 15.45 14.56 -39.64
C GLY A 3715 14.20 15.44 -39.60
N CYS A 3716 14.02 16.25 -40.65
CA CYS A 3716 12.94 17.23 -40.68
C CYS A 3716 11.57 16.56 -40.88
N GLU A 3717 11.55 15.29 -41.28
CA GLU A 3717 10.30 14.61 -41.56
C GLU A 3717 9.60 14.15 -40.28
N SER A 3718 10.28 14.27 -39.13
CA SER A 3718 9.77 13.73 -37.86
C SER A 3718 9.14 14.82 -36.99
N VAL A 3719 9.55 16.07 -37.15
CA VAL A 3719 9.04 17.17 -36.35
C VAL A 3719 7.57 17.39 -36.67
N PRO A 3720 6.66 17.35 -35.66
CA PRO A 3720 5.24 17.55 -35.91
C PRO A 3720 4.88 19.03 -36.00
N CYS A 3721 4.09 19.38 -37.02
CA CYS A 3721 3.57 20.73 -37.16
C CYS A 3721 2.48 20.97 -36.11
N HIS A 3722 2.19 22.25 -35.86
CA HIS A 3722 1.21 22.62 -34.85
C HIS A 3722 -0.15 22.06 -35.25
N PRO A 3723 -0.93 21.49 -34.30
CA PRO A 3723 -2.19 20.85 -34.62
C PRO A 3723 -3.27 21.78 -35.17
N SER A 3724 -3.18 23.09 -34.89
CA SER A 3724 -4.22 24.02 -35.31
C SER A 3724 -3.71 25.07 -36.30
N GLY A 3725 -2.55 25.68 -36.00
CA GLY A 3725 -2.15 26.91 -36.66
C GLY A 3725 -0.98 26.75 -37.61
N ASP A 3726 -0.82 25.55 -38.19
CA ASP A 3726 0.28 25.29 -39.09
C ASP A 3726 -0.20 24.61 -40.36
N PHE A 3727 0.56 24.82 -41.44
CA PHE A 3727 0.38 24.11 -42.70
C PHE A 3727 1.65 23.31 -43.00
N ARG A 3728 1.46 22.04 -43.38
CA ARG A 3728 2.55 21.10 -43.58
C ARG A 3728 2.92 21.09 -45.06
N CYS A 3729 4.21 21.34 -45.34
CA CYS A 3729 4.72 21.37 -46.71
C CYS A 3729 5.05 19.95 -47.17
N ALA A 3730 5.30 19.81 -48.48
CA ALA A 3730 5.65 18.52 -49.06
C ALA A 3730 7.01 18.05 -48.54
N ASN A 3731 7.94 18.98 -48.30
CA ASN A 3731 9.25 18.67 -47.76
C ASN A 3731 9.25 18.66 -46.23
N HIS A 3732 8.06 18.46 -45.64
CA HIS A 3732 7.87 18.27 -44.20
C HIS A 3732 8.20 19.51 -43.37
N HIS A 3733 8.23 20.71 -43.99
CA HIS A 3733 8.37 21.94 -43.23
C HIS A 3733 7.02 22.40 -42.69
N CYS A 3734 7.07 23.19 -41.62
CA CYS A 3734 5.88 23.80 -41.04
C CYS A 3734 5.94 25.31 -41.28
N ILE A 3735 4.84 25.86 -41.80
CA ILE A 3735 4.74 27.31 -42.01
C ILE A 3735 3.48 27.80 -41.31
N PRO A 3736 3.42 29.08 -40.90
CA PRO A 3736 2.17 29.64 -40.38
C PRO A 3736 1.06 29.56 -41.44
N LEU A 3737 -0.16 29.25 -40.99
CA LEU A 3737 -1.26 29.03 -41.91
C LEU A 3737 -1.61 30.31 -42.67
N ARG A 3738 -1.25 31.48 -42.11
CA ARG A 3738 -1.47 32.79 -42.75
C ARG A 3738 -0.66 32.96 -44.04
N TRP A 3739 0.37 32.13 -44.26
CA TRP A 3739 1.20 32.18 -45.46
C TRP A 3739 0.72 31.24 -46.56
N LYS A 3740 -0.28 30.37 -46.32
CA LYS A 3740 -0.83 29.57 -47.41
C LYS A 3740 -1.70 30.46 -48.29
N CYS A 3741 -1.55 30.28 -49.61
CA CYS A 3741 -2.32 31.01 -50.62
C CYS A 3741 -2.06 32.52 -50.57
N ASP A 3742 -0.99 32.95 -49.88
CA ASP A 3742 -0.68 34.37 -49.78
C ASP A 3742 -0.13 34.89 -51.11
N GLY A 3743 0.35 33.99 -51.98
CA GLY A 3743 0.85 34.34 -53.30
C GLY A 3743 2.38 34.32 -53.40
N THR A 3744 3.06 33.85 -52.36
CA THR A 3744 4.52 33.76 -52.37
C THR A 3744 4.94 32.35 -51.98
N ASP A 3745 5.99 31.85 -52.66
CA ASP A 3745 6.52 30.52 -52.40
C ASP A 3745 7.29 30.57 -51.08
N ASP A 3746 6.73 29.97 -50.02
CA ASP A 3746 7.32 30.09 -48.69
C ASP A 3746 7.95 28.77 -48.26
N CYS A 3747 7.27 27.66 -48.52
CA CYS A 3747 7.75 26.35 -48.11
C CYS A 3747 9.07 26.00 -48.81
N GLY A 3748 9.28 26.54 -50.01
CA GLY A 3748 10.45 26.24 -50.82
C GLY A 3748 10.16 25.24 -51.95
N ASP A 3749 9.00 24.56 -51.88
CA ASP A 3749 8.60 23.63 -52.93
C ASP A 3749 7.22 23.98 -53.49
N ASN A 3750 6.74 25.20 -53.23
CA ASN A 3750 5.48 25.70 -53.77
C ASN A 3750 4.29 24.88 -53.28
N SER A 3751 4.44 24.23 -52.12
CA SER A 3751 3.34 23.47 -51.53
C SER A 3751 2.16 24.38 -51.18
N ASP A 3752 2.46 25.58 -50.68
CA ASP A 3752 1.44 26.53 -50.25
C ASP A 3752 0.63 27.03 -51.45
N GLU A 3753 1.32 27.27 -52.57
CA GLU A 3753 0.70 27.90 -53.74
C GLU A 3753 0.00 26.89 -54.64
N GLU A 3754 0.22 25.58 -54.44
CA GLU A 3754 -0.42 24.58 -55.28
C GLU A 3754 -1.92 24.53 -54.97
N ASN A 3755 -2.73 24.47 -56.05
CA ASN A 3755 -4.18 24.42 -55.94
C ASN A 3755 -4.71 25.59 -55.11
N CYS A 3756 -4.22 26.81 -55.41
CA CYS A 3756 -4.60 27.98 -54.63
C CYS A 3756 -5.87 28.59 -55.20
N VAL A 3757 -6.91 28.66 -54.37
CA VAL A 3757 -8.14 29.36 -54.73
C VAL A 3757 -7.99 30.83 -54.34
N PRO A 3758 -8.23 31.79 -55.25
CA PRO A 3758 -8.06 33.20 -54.92
C PRO A 3758 -8.99 33.63 -53.79
N ARG A 3759 -8.45 34.42 -52.85
CA ARG A 3759 -9.17 34.87 -51.66
C ARG A 3759 -10.18 35.97 -52.00
N GLU A 3760 -11.20 36.12 -51.15
CA GLU A 3760 -12.09 37.25 -51.22
C GLU A 3760 -11.35 38.56 -50.94
N CYS A 3761 -11.84 39.67 -51.52
CA CYS A 3761 -11.38 40.98 -51.10
C CYS A 3761 -12.19 41.46 -49.88
N SER A 3762 -11.54 42.26 -49.02
CA SER A 3762 -12.14 42.94 -47.87
C SER A 3762 -12.78 44.29 -48.24
N GLU A 3763 -13.41 45.00 -47.28
CA GLU A 3763 -14.34 46.11 -47.58
C GLU A 3763 -13.70 47.32 -48.29
N SER A 3764 -12.37 47.50 -48.18
CA SER A 3764 -11.63 48.62 -48.75
C SER A 3764 -10.67 48.17 -49.86
N GLU A 3765 -10.89 46.98 -50.45
CA GLU A 3765 -10.04 46.43 -51.50
C GLU A 3765 -10.83 46.27 -52.80
N PHE A 3766 -10.11 46.38 -53.92
CA PHE A 3766 -10.66 46.21 -55.25
C PHE A 3766 -10.05 44.95 -55.87
N ARG A 3767 -10.91 44.09 -56.43
CA ARG A 3767 -10.48 42.84 -57.02
C ARG A 3767 -9.98 43.11 -58.43
N CYS A 3768 -8.70 42.79 -58.70
CA CYS A 3768 -8.09 43.04 -60.00
C CYS A 3768 -8.72 42.14 -61.05
N ALA A 3769 -8.33 42.35 -62.32
CA ALA A 3769 -8.79 41.55 -63.43
C ALA A 3769 -8.41 40.08 -63.26
N ASP A 3770 -7.17 39.83 -62.79
CA ASP A 3770 -6.64 38.49 -62.62
C ASP A 3770 -6.88 37.98 -61.19
N GLN A 3771 -7.93 38.48 -60.54
CA GLN A 3771 -8.34 38.04 -59.21
C GLN A 3771 -7.25 38.31 -58.17
N GLN A 3772 -6.91 39.59 -57.99
CA GLN A 3772 -6.01 40.00 -56.93
C GLN A 3772 -6.62 41.23 -56.23
N CYS A 3773 -6.35 41.35 -54.93
CA CYS A 3773 -6.88 42.46 -54.14
C CYS A 3773 -5.77 43.49 -53.87
N ILE A 3774 -6.09 44.77 -54.10
CA ILE A 3774 -5.18 45.88 -53.82
C ILE A 3774 -5.95 46.95 -53.06
N PRO A 3775 -5.28 47.88 -52.34
CA PRO A 3775 -5.95 49.00 -51.66
C PRO A 3775 -6.83 49.82 -52.61
N SER A 3776 -7.98 50.28 -52.12
CA SER A 3776 -8.90 51.06 -52.94
C SER A 3776 -8.24 52.36 -53.43
N ARG A 3777 -7.36 52.91 -52.58
CA ARG A 3777 -6.63 54.15 -52.88
C ARG A 3777 -5.62 53.97 -54.01
N TRP A 3778 -5.44 52.74 -54.55
CA TRP A 3778 -4.57 52.53 -55.70
C TRP A 3778 -5.33 52.59 -57.03
N VAL A 3779 -6.65 52.81 -56.98
CA VAL A 3779 -7.44 52.81 -58.20
C VAL A 3779 -7.34 54.18 -58.86
N CYS A 3780 -6.85 54.19 -60.11
CA CYS A 3780 -6.65 55.41 -60.89
C CYS A 3780 -5.77 56.40 -60.13
N ASP A 3781 -4.53 55.98 -59.85
CA ASP A 3781 -3.55 56.83 -59.18
C ASP A 3781 -2.34 57.09 -60.08
N GLN A 3782 -2.52 56.97 -61.41
CA GLN A 3782 -1.48 57.15 -62.42
C GLN A 3782 -0.37 56.10 -62.27
N GLU A 3783 -0.73 54.85 -62.00
CA GLU A 3783 0.27 53.79 -61.93
C GLU A 3783 -0.40 52.44 -62.13
N ASN A 3784 0.34 51.52 -62.77
CA ASN A 3784 -0.11 50.17 -63.04
C ASN A 3784 0.10 49.31 -61.81
N ASP A 3785 -0.98 49.04 -61.05
CA ASP A 3785 -0.88 48.30 -59.80
C ASP A 3785 -1.42 46.88 -59.92
N CYS A 3786 -2.41 46.65 -60.80
CA CYS A 3786 -2.98 45.32 -60.98
C CYS A 3786 -2.22 44.49 -62.01
N GLY A 3787 -1.00 44.91 -62.37
CA GLY A 3787 -0.18 44.14 -63.29
C GLY A 3787 -0.42 44.51 -64.75
N ASP A 3788 -1.66 44.88 -65.11
CA ASP A 3788 -2.01 45.16 -66.48
C ASP A 3788 -2.92 46.40 -66.56
N ASN A 3789 -2.71 47.35 -65.64
CA ASN A 3789 -3.44 48.60 -65.60
C ASN A 3789 -4.96 48.37 -65.55
N SER A 3790 -5.40 47.21 -65.04
CA SER A 3790 -6.83 46.93 -64.97
C SER A 3790 -7.53 47.78 -63.92
N ASP A 3791 -6.79 48.33 -62.95
CA ASP A 3791 -7.34 49.27 -62.00
C ASP A 3791 -7.60 50.61 -62.67
N GLU A 3792 -6.69 51.01 -63.58
CA GLU A 3792 -6.81 52.26 -64.31
C GLU A 3792 -7.98 52.26 -65.29
N ARG A 3793 -8.75 51.15 -65.35
CA ARG A 3793 -9.72 50.97 -66.41
C ARG A 3793 -10.98 51.78 -66.11
N ASP A 3794 -11.33 52.66 -67.06
CA ASP A 3794 -12.66 53.24 -67.16
C ASP A 3794 -13.05 54.02 -65.91
N CYS A 3795 -12.23 55.03 -65.56
CA CYS A 3795 -12.56 55.89 -64.42
C CYS A 3795 -12.76 57.33 -64.85
N GLU A 3796 -13.43 57.55 -65.99
CA GLU A 3796 -14.02 58.84 -66.30
C GLU A 3796 -15.38 58.95 -65.59
N MET A 3797 -15.84 57.85 -64.97
CA MET A 3797 -17.22 57.71 -64.52
C MET A 3797 -17.29 57.34 -63.04
N LYS A 3798 -16.33 57.84 -62.26
CA LYS A 3798 -16.36 57.64 -60.82
C LYS A 3798 -15.65 58.81 -60.13
N THR A 3799 -16.14 59.17 -58.95
CA THR A 3799 -15.54 60.24 -58.16
C THR A 3799 -14.35 59.68 -57.40
N CYS A 3800 -13.51 60.58 -56.87
CA CYS A 3800 -12.36 60.18 -56.08
C CYS A 3800 -12.71 60.17 -54.59
N HIS A 3801 -11.70 59.91 -53.75
CA HIS A 3801 -11.85 60.02 -52.31
C HIS A 3801 -12.10 61.47 -51.94
N PRO A 3802 -12.73 61.75 -50.76
CA PRO A 3802 -13.01 63.13 -50.37
C PRO A 3802 -11.81 64.07 -50.33
N GLU A 3803 -10.62 63.54 -50.03
CA GLU A 3803 -9.43 64.34 -49.84
C GLU A 3803 -8.57 64.37 -51.11
N HIS A 3804 -9.04 63.76 -52.20
CA HIS A 3804 -8.25 63.68 -53.43
C HIS A 3804 -8.82 64.62 -54.50
N PHE A 3805 -7.93 65.24 -55.26
CA PHE A 3805 -8.30 66.02 -56.43
C PHE A 3805 -8.34 65.12 -57.66
N GLN A 3806 -9.33 65.35 -58.53
CA GLN A 3806 -9.53 64.54 -59.72
C GLN A 3806 -9.04 65.30 -60.94
N CYS A 3807 -8.14 64.67 -61.71
CA CYS A 3807 -7.69 65.23 -62.99
C CYS A 3807 -8.79 65.03 -64.03
N THR A 3808 -8.74 65.80 -65.12
CA THR A 3808 -9.74 65.69 -66.18
C THR A 3808 -9.70 64.32 -66.84
N SER A 3809 -8.59 63.60 -66.68
CA SER A 3809 -8.42 62.27 -67.26
C SER A 3809 -8.94 61.17 -66.32
N GLY A 3810 -9.52 61.56 -65.17
CA GLY A 3810 -10.15 60.61 -64.27
C GLY A 3810 -9.24 60.12 -63.15
N HIS A 3811 -7.93 60.34 -63.29
CA HIS A 3811 -6.99 59.94 -62.25
C HIS A 3811 -7.19 60.79 -61.00
N CYS A 3812 -6.89 60.20 -59.85
CA CYS A 3812 -6.98 60.90 -58.58
C CYS A 3812 -5.58 61.22 -58.06
N VAL A 3813 -5.41 62.47 -57.63
CA VAL A 3813 -4.16 62.91 -57.03
C VAL A 3813 -4.48 63.59 -55.71
N PRO A 3814 -3.55 63.56 -54.72
CA PRO A 3814 -3.75 64.32 -53.48
C PRO A 3814 -4.01 65.80 -53.74
N LYS A 3815 -4.94 66.39 -53.00
CA LYS A 3815 -5.36 67.77 -53.19
C LYS A 3815 -4.20 68.73 -52.96
N ALA A 3816 -3.35 68.41 -51.97
CA ALA A 3816 -2.24 69.27 -51.58
C ALA A 3816 -1.27 69.48 -52.74
N LEU A 3817 -1.24 68.55 -53.71
CA LEU A 3817 -0.32 68.67 -54.83
C LEU A 3817 -0.87 69.57 -55.93
N ALA A 3818 -2.11 70.06 -55.79
CA ALA A 3818 -2.68 70.93 -56.80
C ALA A 3818 -2.13 72.35 -56.66
N CYS A 3819 -1.80 72.96 -57.82
CA CYS A 3819 -1.41 74.35 -57.91
C CYS A 3819 -0.19 74.65 -57.03
N ASP A 3820 0.83 73.77 -57.12
CA ASP A 3820 2.08 73.95 -56.39
C ASP A 3820 3.21 74.41 -57.31
N GLY A 3821 2.90 74.54 -58.62
CA GLY A 3821 3.81 74.98 -59.66
C GLY A 3821 4.25 73.84 -60.60
N ARG A 3822 3.79 72.61 -60.36
CA ARG A 3822 4.44 71.41 -60.88
C ARG A 3822 3.43 70.52 -61.61
N ALA A 3823 3.87 69.74 -62.60
CA ALA A 3823 2.97 68.82 -63.29
C ALA A 3823 2.79 67.57 -62.42
N ASP A 3824 1.55 67.30 -61.95
CA ASP A 3824 1.24 66.12 -61.15
C ASP A 3824 0.16 65.27 -61.80
N CYS A 3825 -0.91 65.90 -62.31
CA CYS A 3825 -1.80 65.25 -63.26
C CYS A 3825 -0.98 64.83 -64.49
N LEU A 3826 -1.34 63.72 -65.14
CA LEU A 3826 -0.60 63.24 -66.31
C LEU A 3826 -0.64 64.28 -67.45
N ASP A 3827 -1.73 65.06 -67.51
CA ASP A 3827 -1.90 66.16 -68.46
C ASP A 3827 -1.75 67.54 -67.80
N ALA A 3828 -1.13 67.60 -66.61
CA ALA A 3828 -0.94 68.81 -65.81
C ALA A 3828 -2.23 69.62 -65.57
N SER A 3829 -3.39 68.95 -65.53
CA SER A 3829 -4.65 69.65 -65.32
C SER A 3829 -4.68 70.34 -63.95
N ASP A 3830 -3.92 69.82 -62.98
CA ASP A 3830 -4.00 70.34 -61.61
C ASP A 3830 -3.48 71.78 -61.50
N GLU A 3831 -2.64 72.23 -62.45
CA GLU A 3831 -2.14 73.60 -62.49
C GLU A 3831 -2.98 74.48 -63.42
N SER A 3832 -3.73 73.84 -64.33
CA SER A 3832 -4.25 74.46 -65.55
C SER A 3832 -5.40 75.45 -65.31
N ALA A 3833 -6.00 75.47 -64.11
CA ALA A 3833 -7.28 76.14 -63.87
C ALA A 3833 -7.34 76.75 -62.46
N CYS A 3834 -6.26 77.45 -62.05
CA CYS A 3834 -6.19 78.08 -60.73
C CYS A 3834 -5.45 79.43 -60.79
N PRO A 3835 -5.59 80.31 -59.75
CA PRO A 3835 -5.15 81.71 -59.84
C PRO A 3835 -3.66 81.96 -60.09
N THR A 3836 -3.36 83.21 -60.51
CA THR A 3836 -2.00 83.73 -60.53
C THR A 3836 -1.36 83.65 -59.13
N ARG A 3837 -0.01 83.71 -59.08
CA ARG A 3837 0.72 83.52 -57.83
C ARG A 3837 1.16 84.85 -57.20
N PHE A 3838 1.07 85.96 -57.97
CA PHE A 3838 1.62 87.26 -57.60
C PHE A 3838 0.72 88.38 -58.12
N PRO A 3839 0.72 89.57 -57.48
CA PRO A 3839 -0.14 90.69 -57.91
C PRO A 3839 0.13 91.21 -59.33
N ASN A 3840 1.35 91.01 -59.85
CA ASN A 3840 1.76 91.55 -61.14
C ASN A 3840 1.29 90.67 -62.31
N GLY A 3841 0.38 89.71 -62.06
CA GLY A 3841 -0.21 88.85 -63.08
C GLY A 3841 0.65 87.65 -63.47
N THR A 3842 1.53 87.19 -62.56
CA THR A 3842 2.58 86.21 -62.88
C THR A 3842 2.29 84.85 -62.25
N TYR A 3843 2.57 83.77 -63.01
CA TYR A 3843 2.27 82.39 -62.62
C TYR A 3843 3.44 81.62 -61.99
N CYS A 3844 4.65 82.20 -61.95
CA CYS A 3844 5.84 81.45 -61.54
C CYS A 3844 6.88 82.38 -60.89
N PRO A 3845 7.72 81.89 -59.94
CA PRO A 3845 8.88 82.64 -59.46
C PRO A 3845 9.87 83.02 -60.56
N ALA A 3846 10.55 84.16 -60.40
CA ALA A 3846 11.36 84.74 -61.47
C ALA A 3846 12.58 83.87 -61.85
N ALA A 3847 13.10 83.08 -60.89
CA ALA A 3847 14.32 82.30 -61.09
C ALA A 3847 14.09 81.02 -61.92
N MET A 3848 12.93 80.87 -62.58
CA MET A 3848 12.53 79.65 -63.27
C MET A 3848 11.84 79.97 -64.62
N PHE A 3849 11.65 78.92 -65.44
CA PHE A 3849 10.99 79.01 -66.73
C PHE A 3849 9.54 78.51 -66.63
N GLU A 3850 8.59 79.24 -67.23
CA GLU A 3850 7.18 78.91 -67.16
C GLU A 3850 6.61 78.58 -68.56
N CYS A 3851 5.66 77.64 -68.56
CA CYS A 3851 5.05 77.08 -69.76
C CYS A 3851 3.58 77.51 -69.85
N LYS A 3852 2.98 77.50 -71.05
CA LYS A 3852 1.66 78.12 -71.27
C LYS A 3852 0.51 77.45 -70.50
N ASN A 3853 0.69 76.22 -69.97
CA ASN A 3853 -0.27 75.52 -69.12
C ASN A 3853 -0.12 75.86 -67.62
N HIS A 3854 0.74 76.85 -67.28
CA HIS A 3854 1.01 77.35 -65.93
C HIS A 3854 1.91 76.43 -65.07
N VAL A 3855 2.45 75.34 -65.62
CA VAL A 3855 3.55 74.61 -64.97
C VAL A 3855 4.82 75.46 -65.10
N CYS A 3856 5.72 75.39 -64.10
CA CYS A 3856 7.03 76.01 -64.26
C CYS A 3856 8.16 75.22 -63.57
N ILE A 3857 9.37 75.37 -64.13
CA ILE A 3857 10.45 74.39 -64.00
C ILE A 3857 11.81 75.11 -63.97
N GLN A 3858 12.85 74.45 -63.45
CA GLN A 3858 14.21 75.00 -63.47
C GLN A 3858 14.64 75.31 -64.91
N SER A 3859 15.41 76.39 -65.08
CA SER A 3859 15.73 76.94 -66.40
C SER A 3859 16.37 75.91 -67.35
N PHE A 3860 17.27 75.06 -66.84
CA PHE A 3860 18.05 74.14 -67.66
C PHE A 3860 17.22 73.03 -68.34
N TRP A 3861 15.95 72.87 -67.99
CA TRP A 3861 15.07 71.95 -68.70
C TRP A 3861 14.76 72.44 -70.13
N ILE A 3862 14.92 73.73 -70.42
CA ILE A 3862 14.65 74.29 -71.75
C ILE A 3862 15.45 73.56 -72.83
N CYS A 3863 14.72 73.04 -73.83
CA CYS A 3863 15.21 72.33 -75.01
C CYS A 3863 16.21 71.22 -74.68
N ASP A 3864 16.08 70.55 -73.53
CA ASP A 3864 16.97 69.45 -73.18
C ASP A 3864 16.67 68.18 -73.99
N GLY A 3865 15.58 68.20 -74.77
CA GLY A 3865 15.15 67.09 -75.61
C GLY A 3865 13.89 66.40 -75.07
N GLU A 3866 13.35 66.86 -73.94
CA GLU A 3866 12.24 66.21 -73.25
C GLU A 3866 11.14 67.24 -72.93
N ASN A 3867 9.89 66.82 -73.13
CA ASN A 3867 8.71 67.66 -73.04
C ASN A 3867 8.30 67.82 -71.56
N ASP A 3868 9.12 68.54 -70.75
CA ASP A 3868 9.12 68.42 -69.29
C ASP A 3868 7.83 68.94 -68.65
N CYS A 3869 7.43 70.17 -69.00
CA CYS A 3869 6.05 70.60 -68.83
C CYS A 3869 5.23 70.00 -69.99
N VAL A 3870 4.01 69.52 -69.75
CA VAL A 3870 3.32 68.63 -70.70
C VAL A 3870 2.91 69.36 -72.00
N ASP A 3871 2.69 70.68 -71.92
CA ASP A 3871 2.48 71.54 -73.08
C ASP A 3871 3.74 71.67 -73.96
N GLY A 3872 4.92 71.32 -73.42
CA GLY A 3872 6.17 71.26 -74.17
C GLY A 3872 6.77 72.62 -74.51
N SER A 3873 6.34 73.70 -73.84
CA SER A 3873 6.83 75.05 -74.17
C SER A 3873 8.35 75.15 -74.07
N ASP A 3874 8.96 74.37 -73.16
CA ASP A 3874 10.41 74.30 -72.96
C ASP A 3874 11.16 73.91 -74.23
N GLU A 3875 10.53 73.08 -75.08
CA GLU A 3875 11.18 72.48 -76.24
C GLU A 3875 10.88 73.25 -77.53
N GLU A 3876 10.09 74.34 -77.43
CA GLU A 3876 9.87 75.26 -78.55
C GLU A 3876 11.18 76.01 -78.84
N ILE A 3877 11.76 75.78 -80.03
CA ILE A 3877 13.16 76.10 -80.30
C ILE A 3877 13.45 77.60 -80.33
N HIS A 3878 12.41 78.43 -80.54
CA HIS A 3878 12.52 79.89 -80.48
C HIS A 3878 13.02 80.39 -79.12
N LEU A 3879 12.91 79.58 -78.04
CA LEU A 3879 13.60 79.87 -76.79
C LEU A 3879 15.12 79.71 -76.96
N CYS A 3880 15.58 78.49 -77.24
CA CYS A 3880 17.01 78.20 -77.16
C CYS A 3880 17.77 78.50 -78.46
N PHE A 3881 17.15 79.20 -79.41
CA PHE A 3881 17.89 79.91 -80.45
C PHE A 3881 18.82 80.94 -79.83
N ASN A 3882 18.47 81.42 -78.63
CA ASN A 3882 19.23 82.44 -77.92
C ASN A 3882 19.98 81.86 -76.72
N ILE A 3883 19.92 80.54 -76.51
CA ILE A 3883 20.61 79.90 -75.39
C ILE A 3883 21.64 78.93 -75.97
N PRO A 3884 22.92 78.99 -75.53
CA PRO A 3884 23.94 78.09 -76.07
C PRO A 3884 23.79 76.66 -75.58
N CYS A 3885 24.38 75.73 -76.34
CA CYS A 3885 24.51 74.35 -75.92
C CYS A 3885 25.88 74.14 -75.27
N GLU A 3886 25.97 73.13 -74.40
CA GLU A 3886 27.23 72.77 -73.77
C GLU A 3886 28.13 72.09 -74.81
N SER A 3887 28.92 72.90 -75.53
CA SER A 3887 29.60 72.50 -76.77
C SER A 3887 30.38 71.19 -76.65
N PRO A 3888 31.18 70.95 -75.59
CA PRO A 3888 31.96 69.71 -75.51
C PRO A 3888 31.14 68.42 -75.53
N GLN A 3889 29.89 68.45 -75.04
CA GLN A 3889 29.10 67.22 -74.96
C GLN A 3889 27.70 67.41 -75.54
N ARG A 3890 27.17 68.65 -75.48
CA ARG A 3890 25.86 68.94 -76.03
C ARG A 3890 26.03 69.32 -77.50
N PHE A 3891 25.41 68.54 -78.38
CA PHE A 3891 25.49 68.76 -79.81
C PHE A 3891 24.58 69.93 -80.19
N ARG A 3892 25.16 71.08 -80.54
CA ARG A 3892 24.42 72.16 -81.16
C ARG A 3892 24.22 71.82 -82.63
N CYS A 3893 23.00 71.37 -82.97
CA CYS A 3893 22.71 70.84 -84.30
C CYS A 3893 22.65 71.97 -85.32
N ASP A 3894 22.42 71.62 -86.59
CA ASP A 3894 22.35 72.59 -87.68
C ASP A 3894 21.21 73.59 -87.44
N ASN A 3895 20.08 73.10 -86.90
CA ASN A 3895 18.93 73.94 -86.59
C ASN A 3895 18.95 74.41 -85.14
N SER A 3896 20.11 74.29 -84.46
CA SER A 3896 20.39 74.91 -83.16
C SER A 3896 19.57 74.29 -82.03
N ARG A 3897 19.57 72.97 -81.92
CA ARG A 3897 19.01 72.31 -80.74
C ARG A 3897 20.14 71.79 -79.87
N CYS A 3898 19.76 71.21 -78.71
CA CYS A 3898 20.71 70.80 -77.68
C CYS A 3898 20.66 69.28 -77.48
N VAL A 3899 20.75 68.53 -78.59
CA VAL A 3899 20.90 67.08 -78.53
C VAL A 3899 22.26 66.76 -77.89
N TYR A 3900 22.32 65.69 -77.10
CA TYR A 3900 23.53 65.37 -76.37
C TYR A 3900 23.57 63.89 -75.97
N GLY A 3901 24.76 63.45 -75.52
CA GLY A 3901 24.94 62.26 -74.71
C GLY A 3901 24.40 60.97 -75.35
N HIS A 3902 23.55 60.26 -74.61
CA HIS A 3902 23.11 58.92 -74.97
C HIS A 3902 22.29 58.90 -76.26
N GLN A 3903 21.63 60.03 -76.60
CA GLN A 3903 20.86 60.09 -77.82
C GLN A 3903 21.74 60.48 -79.02
N LEU A 3904 23.06 60.72 -78.85
CA LEU A 3904 23.97 60.73 -80.00
C LEU A 3904 24.24 59.29 -80.46
N CYS A 3905 24.42 59.13 -81.76
CA CYS A 3905 24.76 57.87 -82.42
C CYS A 3905 23.82 56.74 -82.02
N ASN A 3906 22.56 57.08 -81.68
CA ASN A 3906 21.49 56.12 -81.39
C ASN A 3906 20.94 55.58 -82.72
N GLY A 3907 19.77 54.93 -82.66
CA GLY A 3907 19.13 54.36 -83.84
C GLY A 3907 18.27 55.36 -84.61
N VAL A 3908 17.79 56.41 -83.93
CA VAL A 3908 16.87 57.36 -84.54
C VAL A 3908 17.37 58.78 -84.29
N ASP A 3909 17.00 59.69 -85.19
CA ASP A 3909 17.43 61.08 -85.13
C ASP A 3909 16.58 61.83 -84.12
N ASP A 3910 17.24 62.59 -83.24
CA ASP A 3910 16.56 63.49 -82.32
C ASP A 3910 16.61 64.94 -82.83
N CYS A 3911 17.64 65.29 -83.60
CA CYS A 3911 17.77 66.64 -84.14
C CYS A 3911 16.76 66.87 -85.27
N GLY A 3912 16.40 65.79 -85.98
CA GLY A 3912 15.43 65.88 -87.07
C GLY A 3912 16.06 65.69 -88.45
N ASP A 3913 17.38 65.85 -88.55
CA ASP A 3913 18.08 65.66 -89.82
C ASP A 3913 19.20 64.62 -89.74
N GLY A 3914 19.30 63.91 -88.60
CA GLY A 3914 20.18 62.75 -88.48
C GLY A 3914 21.64 63.10 -88.20
N SER A 3915 21.94 64.37 -87.91
CA SER A 3915 23.31 64.80 -87.62
C SER A 3915 23.84 64.15 -86.34
N ASP A 3916 22.94 63.81 -85.40
CA ASP A 3916 23.30 63.17 -84.15
C ASP A 3916 23.86 61.76 -84.35
N GLU A 3917 23.65 61.13 -85.53
CA GLU A 3917 24.18 59.81 -85.86
C GLU A 3917 24.98 59.78 -87.18
N LYS A 3918 25.26 60.96 -87.78
CA LYS A 3918 25.94 61.06 -89.07
C LYS A 3918 27.29 60.35 -89.01
N GLU A 3919 27.70 59.69 -90.11
CA GLU A 3919 28.91 58.88 -90.14
C GLU A 3919 30.13 59.68 -89.64
N GLU A 3920 30.28 60.92 -90.13
CA GLU A 3920 31.36 61.84 -89.78
C GLU A 3920 31.28 62.35 -88.33
N HIS A 3921 30.07 62.37 -87.73
CA HIS A 3921 29.83 62.85 -86.38
C HIS A 3921 30.23 61.80 -85.34
N CYS A 3922 29.93 60.52 -85.62
CA CYS A 3922 30.30 59.40 -84.76
C CYS A 3922 31.76 58.94 -84.98
N ARG A 3923 32.45 59.47 -86.01
CA ARG A 3923 33.80 59.06 -86.44
C ARG A 3923 34.90 59.49 -85.45
N LYS A 3924 36.00 58.71 -85.43
CA LYS A 3924 37.25 59.11 -84.78
C LYS A 3924 37.89 60.25 -85.56
N PRO A 3925 38.56 61.23 -84.88
CA PRO A 3925 39.31 62.29 -85.55
C PRO A 3925 40.66 61.80 -86.09
N THR A 3926 41.51 62.74 -86.55
CA THR A 3926 42.91 62.46 -86.86
C THR A 3926 43.70 61.99 -85.63
N HIS A 3927 43.17 62.27 -84.42
CA HIS A 3927 43.66 61.83 -83.10
C HIS A 3927 44.95 62.56 -82.63
N LYS A 3928 45.20 62.48 -81.31
CA LYS A 3928 46.24 63.17 -80.56
C LYS A 3928 47.67 62.74 -80.93
N PRO A 3929 48.54 63.64 -81.45
CA PRO A 3929 49.98 63.43 -81.40
C PRO A 3929 50.51 63.70 -79.98
N CYS A 3930 51.40 62.82 -79.49
CA CYS A 3930 52.15 63.06 -78.26
C CYS A 3930 53.03 64.32 -78.36
N THR A 3931 53.35 64.94 -77.21
CA THR A 3931 54.49 65.86 -77.12
C THR A 3931 55.81 65.08 -77.10
N ASP A 3932 56.95 65.79 -77.24
CA ASP A 3932 58.28 65.19 -77.23
C ASP A 3932 58.59 64.48 -75.89
N THR A 3933 58.00 64.98 -74.80
CA THR A 3933 58.11 64.42 -73.45
C THR A 3933 57.39 63.07 -73.30
N GLU A 3934 56.54 62.68 -74.26
CA GLU A 3934 55.63 61.55 -74.11
C GLU A 3934 55.92 60.41 -75.10
N TYR A 3935 55.84 59.17 -74.59
CA TYR A 3935 55.83 57.96 -75.40
C TYR A 3935 54.45 57.77 -76.06
N LYS A 3936 54.45 57.36 -77.34
CA LYS A 3936 53.24 57.09 -78.11
C LYS A 3936 53.05 55.57 -78.28
N CYS A 3937 51.95 55.06 -77.72
CA CYS A 3937 51.58 53.66 -77.75
C CYS A 3937 50.95 53.32 -79.12
N SER A 3938 51.04 52.05 -79.58
CA SER A 3938 50.52 51.65 -80.89
C SER A 3938 48.99 51.75 -80.97
N ASN A 3939 48.30 51.57 -79.84
CA ASN A 3939 46.86 51.79 -79.69
C ASN A 3939 46.47 53.29 -79.72
N GLY A 3940 47.46 54.21 -79.82
CA GLY A 3940 47.21 55.64 -79.84
C GLY A 3940 47.18 56.31 -78.45
N ASN A 3941 47.36 55.55 -77.37
CA ASN A 3941 47.51 56.12 -76.03
C ASN A 3941 48.84 56.88 -75.93
N CYS A 3942 48.91 57.85 -75.01
CA CYS A 3942 50.06 58.74 -74.87
C CYS A 3942 50.38 58.98 -73.39
N ILE A 3943 51.67 58.93 -73.00
CA ILE A 3943 52.09 58.99 -71.60
C ILE A 3943 53.47 59.64 -71.47
N SER A 3944 53.75 60.38 -70.38
CA SER A 3944 55.08 60.89 -70.08
C SER A 3944 56.13 59.76 -70.12
N GLN A 3945 57.24 59.99 -70.83
CA GLN A 3945 58.18 58.93 -71.21
C GLN A 3945 58.79 58.22 -69.99
N HIS A 3946 58.95 58.91 -68.85
CA HIS A 3946 59.50 58.35 -67.63
C HIS A 3946 58.63 57.23 -67.04
N TYR A 3947 57.35 57.19 -67.39
CA TYR A 3947 56.41 56.15 -67.00
C TYR A 3947 56.67 54.82 -67.73
N VAL A 3948 57.35 54.87 -68.89
CA VAL A 3948 57.77 53.69 -69.64
C VAL A 3948 58.65 52.83 -68.75
N CYS A 3949 58.29 51.54 -68.61
CA CYS A 3949 59.11 50.54 -67.93
C CYS A 3949 59.44 50.97 -66.49
N ASP A 3950 58.40 51.39 -65.76
CA ASP A 3950 58.44 51.63 -64.32
C ASP A 3950 57.62 50.57 -63.55
N ASN A 3951 57.12 49.57 -64.29
CA ASN A 3951 56.25 48.46 -63.86
C ASN A 3951 54.76 48.84 -63.76
N VAL A 3952 54.34 50.08 -64.11
CA VAL A 3952 52.95 50.50 -64.03
C VAL A 3952 52.47 50.94 -65.42
N ASN A 3953 51.40 50.31 -65.93
CA ASN A 3953 50.78 50.68 -67.19
C ASN A 3953 50.07 52.02 -67.06
N ASP A 3954 50.36 53.00 -67.95
CA ASP A 3954 49.44 54.12 -68.21
C ASP A 3954 49.36 54.39 -69.72
N CYS A 3955 49.13 53.28 -70.45
CA CYS A 3955 49.22 53.17 -71.90
C CYS A 3955 48.08 52.26 -72.45
N GLY A 3956 47.25 51.68 -71.58
CA GLY A 3956 46.07 50.89 -71.98
C GLY A 3956 46.36 49.46 -72.45
N ASP A 3957 47.59 49.18 -72.90
CA ASP A 3957 47.97 47.88 -73.47
C ASP A 3957 49.37 47.41 -73.03
N LEU A 3958 49.90 48.01 -71.94
CA LEU A 3958 51.26 47.79 -71.44
C LEU A 3958 52.37 48.11 -72.46
N SER A 3959 52.12 48.85 -73.56
CA SER A 3959 53.18 49.14 -74.53
C SER A 3959 54.30 49.98 -73.90
N ASP A 3960 54.00 50.84 -72.91
CA ASP A 3960 55.02 51.57 -72.16
C ASP A 3960 55.94 50.63 -71.35
N GLU A 3961 55.50 49.39 -71.08
CA GLU A 3961 56.26 48.41 -70.32
C GLU A 3961 57.02 47.40 -71.20
N THR A 3962 56.96 47.54 -72.54
CA THR A 3962 57.53 46.55 -73.46
C THR A 3962 59.06 46.63 -73.51
N GLY A 3963 59.73 45.48 -73.80
CA GLY A 3963 61.18 45.43 -73.83
C GLY A 3963 61.76 45.41 -72.42
N CYS A 3964 61.78 46.58 -71.78
CA CYS A 3964 62.29 46.75 -70.42
C CYS A 3964 63.72 46.22 -70.27
N ASN A 3965 64.45 46.12 -71.39
CA ASN A 3965 65.88 45.89 -71.35
C ASN A 3965 66.55 47.26 -71.17
N LEU A 3966 67.13 47.50 -69.99
CA LEU A 3966 67.55 48.84 -69.61
C LEU A 3966 69.06 48.88 -69.34
N GLY A 3967 69.59 50.12 -69.38
CA GLY A 3967 71.00 50.39 -69.15
C GLY A 3967 71.42 51.66 -69.89
N ASP A 3968 72.14 52.55 -69.19
CA ASP A 3968 72.41 53.90 -69.68
C ASP A 3968 73.49 53.88 -70.77
N ASN A 3969 74.49 52.99 -70.63
CA ASN A 3969 75.61 52.94 -71.55
C ASN A 3969 75.20 52.38 -72.93
N ARG A 3970 74.00 51.79 -73.03
CA ARG A 3970 73.55 51.19 -74.29
C ARG A 3970 72.84 52.25 -75.12
N THR A 3971 72.93 52.10 -76.45
CA THR A 3971 72.30 53.01 -77.40
C THR A 3971 71.46 52.21 -78.39
N CYS A 3972 70.47 52.90 -78.98
CA CYS A 3972 69.58 52.31 -79.96
C CYS A 3972 70.33 51.96 -81.26
N ALA A 3973 71.44 52.66 -81.54
CA ALA A 3973 72.17 52.52 -82.79
C ALA A 3973 72.80 51.13 -82.95
N GLU A 3974 72.87 50.34 -81.86
CA GLU A 3974 73.46 49.01 -81.90
C GLU A 3974 72.60 48.02 -82.70
N ASN A 3975 71.37 48.41 -83.06
CA ASN A 3975 70.45 47.57 -83.84
C ASN A 3975 70.13 46.30 -83.05
N ILE A 3976 69.51 46.48 -81.88
CA ILE A 3976 69.19 45.37 -80.98
C ILE A 3976 67.78 44.89 -81.29
N CYS A 3977 66.82 45.83 -81.34
CA CYS A 3977 65.43 45.50 -81.60
C CYS A 3977 65.14 45.54 -83.12
N GLU A 3978 64.18 44.73 -83.55
CA GLU A 3978 63.85 44.61 -84.97
C GLU A 3978 63.14 45.87 -85.48
N GLN A 3979 62.25 46.44 -84.68
CA GLN A 3979 61.41 47.53 -85.14
C GLN A 3979 61.12 48.50 -84.00
N ASN A 3980 60.88 49.77 -84.36
CA ASN A 3980 60.51 50.86 -83.47
C ASN A 3980 61.48 50.96 -82.28
N CYS A 3981 62.80 51.02 -82.57
CA CYS A 3981 63.81 51.19 -81.55
C CYS A 3981 63.95 52.69 -81.24
N THR A 3982 63.66 53.06 -79.98
CA THR A 3982 63.72 54.43 -79.51
C THR A 3982 64.66 54.51 -78.30
N GLN A 3983 65.44 55.59 -78.18
CA GLN A 3983 66.30 55.77 -77.02
C GLN A 3983 65.50 56.52 -75.95
N LEU A 3984 65.14 55.82 -74.87
CA LEU A 3984 64.49 56.44 -73.73
C LEU A 3984 65.46 57.40 -73.02
N SER A 3985 64.90 58.41 -72.33
CA SER A 3985 65.66 59.43 -71.61
C SER A 3985 66.61 58.79 -70.60
N SER A 3986 66.14 57.73 -69.93
CA SER A 3986 66.97 56.97 -69.00
C SER A 3986 66.85 55.48 -69.33
N GLY A 3987 67.92 54.74 -69.02
CA GLY A 3987 67.95 53.30 -69.21
C GLY A 3987 68.28 52.87 -70.64
N GLY A 3988 68.65 53.83 -71.49
CA GLY A 3988 69.13 53.53 -72.83
C GLY A 3988 67.99 53.46 -73.85
N PHE A 3989 67.92 52.34 -74.60
CA PHE A 3989 66.95 52.18 -75.66
C PHE A 3989 65.77 51.35 -75.15
N ILE A 3990 64.54 51.79 -75.47
CA ILE A 3990 63.33 50.99 -75.29
C ILE A 3990 62.64 50.91 -76.66
N CYS A 3991 62.23 49.70 -77.02
CA CYS A 3991 61.63 49.44 -78.32
C CYS A 3991 60.24 48.83 -78.17
N SER A 3992 59.39 49.04 -79.19
CA SER A 3992 58.04 48.47 -79.21
C SER A 3992 57.62 48.05 -80.62
N CYS A 3993 56.55 47.25 -80.72
CA CYS A 3993 56.20 46.60 -81.97
C CYS A 3993 55.51 47.53 -82.97
N ARG A 3994 55.73 47.27 -84.27
CA ARG A 3994 55.01 47.92 -85.36
C ARG A 3994 53.51 47.63 -85.19
N PRO A 3995 52.62 48.56 -85.56
CA PRO A 3995 51.18 48.30 -85.53
C PRO A 3995 50.81 47.03 -86.30
N GLY A 3996 50.06 46.16 -85.61
CA GLY A 3996 49.72 44.83 -86.11
C GLY A 3996 50.68 43.74 -85.65
N PHE A 3997 51.48 44.03 -84.60
CA PHE A 3997 52.46 43.09 -84.07
C PHE A 3997 52.38 43.09 -82.54
N LYS A 3998 52.85 42.00 -81.92
CA LYS A 3998 52.84 41.87 -80.47
C LYS A 3998 54.21 41.43 -79.98
N PRO A 3999 54.59 41.77 -78.72
CA PRO A 3999 55.74 41.16 -78.05
C PRO A 3999 55.79 39.64 -78.17
N SER A 4000 56.99 39.13 -78.44
CA SER A 4000 57.21 37.71 -78.72
C SER A 4000 57.14 36.86 -77.44
N THR A 4001 57.34 37.49 -76.26
CA THR A 4001 57.45 36.84 -74.96
C THR A 4001 58.70 35.97 -74.86
N LEU A 4002 59.40 35.82 -76.00
CA LEU A 4002 60.68 35.13 -76.10
C LEU A 4002 61.50 35.95 -77.10
N ASP A 4003 62.77 36.24 -76.82
CA ASP A 4003 63.49 37.23 -77.61
C ASP A 4003 62.59 38.46 -77.75
N LYS A 4004 62.35 39.09 -76.60
CA LYS A 4004 61.30 40.09 -76.43
C LYS A 4004 61.49 41.30 -77.36
N ASN A 4005 62.75 41.58 -77.74
CA ASN A 4005 63.06 42.68 -78.65
C ASN A 4005 62.56 42.42 -80.07
N SER A 4006 61.85 41.30 -80.30
CA SER A 4006 61.29 40.94 -81.59
C SER A 4006 59.77 40.81 -81.48
N CYS A 4007 59.08 41.02 -82.61
CA CYS A 4007 57.63 40.96 -82.67
C CYS A 4007 57.20 40.04 -83.81
N GLN A 4008 56.12 39.27 -83.58
CA GLN A 4008 55.57 38.38 -84.59
C GLN A 4008 54.18 38.85 -85.00
N ASP A 4009 53.80 38.49 -86.23
CA ASP A 4009 52.56 38.96 -86.84
C ASP A 4009 51.36 38.31 -86.15
N ILE A 4010 50.30 39.10 -85.95
CA ILE A 4010 49.03 38.60 -85.46
C ILE A 4010 48.32 37.86 -86.59
N ASN A 4011 47.93 36.62 -86.35
CA ASN A 4011 47.14 35.86 -87.30
C ASN A 4011 45.67 36.22 -87.06
N GLU A 4012 45.22 37.32 -87.71
CA GLU A 4012 43.91 37.88 -87.43
C GLU A 4012 42.78 36.95 -87.89
N CYS A 4013 43.09 35.93 -88.72
CA CYS A 4013 42.08 35.00 -89.22
C CYS A 4013 41.51 34.14 -88.09
N GLU A 4014 42.20 34.05 -86.95
CA GLU A 4014 41.73 33.24 -85.83
C GLU A 4014 40.61 33.94 -85.07
N GLU A 4015 40.48 35.28 -85.22
CA GLU A 4015 39.43 36.03 -84.55
C GLU A 4015 38.08 35.67 -85.18
N PHE A 4016 37.07 35.50 -84.31
CA PHE A 4016 35.74 35.13 -84.76
C PHE A 4016 35.02 36.34 -85.35
N GLY A 4017 34.50 36.18 -86.57
CA GLY A 4017 33.72 37.21 -87.24
C GLY A 4017 34.54 38.40 -87.70
N ILE A 4018 35.84 38.21 -87.99
CA ILE A 4018 36.67 39.29 -88.51
C ILE A 4018 36.46 39.43 -90.02
N CYS A 4019 36.27 38.30 -90.72
CA CYS A 4019 35.98 38.31 -92.15
C CYS A 4019 34.66 37.58 -92.38
N PRO A 4020 33.88 37.95 -93.40
CA PRO A 4020 32.60 37.30 -93.66
C PRO A 4020 32.72 35.84 -94.12
N GLN A 4021 33.62 35.55 -95.08
CA GLN A 4021 33.63 34.24 -95.70
C GLN A 4021 35.00 33.58 -95.62
N SER A 4022 36.07 34.33 -95.90
CA SER A 4022 37.41 33.77 -95.86
C SER A 4022 38.42 34.84 -95.45
N CYS A 4023 39.58 34.38 -94.95
CA CYS A 4023 40.63 35.25 -94.45
C CYS A 4023 42.00 34.71 -94.86
N ARG A 4024 42.88 35.62 -95.31
CA ARG A 4024 44.28 35.31 -95.60
C ARG A 4024 45.16 36.22 -94.75
N ASN A 4025 46.24 35.67 -94.19
CA ASN A 4025 47.04 36.39 -93.21
C ASN A 4025 48.22 37.09 -93.89
N SER A 4026 48.60 38.24 -93.34
CA SER A 4026 49.77 38.99 -93.77
C SER A 4026 50.38 39.70 -92.56
N LYS A 4027 51.53 40.37 -92.77
CA LYS A 4027 52.21 41.08 -91.69
C LYS A 4027 51.40 42.31 -91.29
N GLY A 4028 50.63 42.17 -90.19
CA GLY A 4028 49.74 43.22 -89.71
C GLY A 4028 48.66 43.60 -90.72
N SER A 4029 48.26 42.65 -91.57
CA SER A 4029 47.24 42.89 -92.58
C SER A 4029 46.55 41.57 -92.94
N TYR A 4030 45.38 41.67 -93.58
CA TYR A 4030 44.61 40.51 -93.99
C TYR A 4030 43.65 40.93 -95.10
N GLU A 4031 43.05 39.92 -95.77
CA GLU A 4031 42.07 40.15 -96.81
C GLU A 4031 40.82 39.33 -96.53
N CYS A 4032 39.64 39.95 -96.69
CA CYS A 4032 38.38 39.26 -96.55
C CYS A 4032 37.88 38.81 -97.92
N PHE A 4033 38.68 37.92 -98.55
CA PHE A 4033 38.30 37.26 -99.79
C PHE A 4033 37.10 36.34 -99.52
N CYS A 4034 36.29 36.09 -100.55
CA CYS A 4034 35.20 35.11 -100.45
C CYS A 4034 35.25 34.13 -101.61
N VAL A 4035 34.86 32.88 -101.33
CA VAL A 4035 35.14 31.73 -102.17
C VAL A 4035 34.33 31.82 -103.47
N ASP A 4036 34.67 30.93 -104.41
CA ASP A 4036 33.97 30.80 -105.69
C ASP A 4036 32.46 30.71 -105.47
N GLY A 4037 31.72 31.32 -106.40
CA GLY A 4037 30.26 31.37 -106.33
C GLY A 4037 29.74 32.47 -105.40
N PHE A 4038 30.61 33.42 -105.00
CA PHE A 4038 30.22 34.52 -104.14
C PHE A 4038 30.87 35.81 -104.66
N LYS A 4039 30.07 36.66 -105.30
CA LYS A 4039 30.53 37.97 -105.75
C LYS A 4039 30.60 38.93 -104.56
N SER A 4040 31.73 39.62 -104.41
CA SER A 4040 31.90 40.60 -103.35
C SER A 4040 30.97 41.78 -103.57
N MET A 4041 30.09 42.04 -102.59
CA MET A 4041 29.14 43.14 -102.69
C MET A 4041 29.26 44.01 -101.44
N SER A 4042 29.77 45.23 -101.63
CA SER A 4042 29.84 46.22 -100.56
C SER A 4042 28.43 46.51 -100.04
N THR A 4043 28.27 46.44 -98.71
CA THR A 4043 26.97 46.59 -98.08
C THR A 4043 27.06 47.56 -96.90
N HIS A 4044 25.91 47.76 -96.23
CA HIS A 4044 25.81 48.68 -95.11
C HIS A 4044 26.34 48.00 -93.85
N TYR A 4045 27.19 48.73 -93.09
CA TYR A 4045 27.82 48.23 -91.86
C TYR A 4045 28.65 46.99 -92.15
N GLY A 4046 29.41 47.02 -93.26
CA GLY A 4046 30.33 45.96 -93.62
C GLY A 4046 30.03 45.39 -94.99
N GLU A 4047 31.01 44.67 -95.56
CA GLU A 4047 30.89 44.09 -96.89
C GLU A 4047 30.55 42.61 -96.77
N ARG A 4048 29.71 42.13 -97.70
CA ARG A 4048 29.33 40.72 -97.77
C ARG A 4048 29.48 40.24 -99.21
N CYS A 4049 29.17 38.95 -99.45
CA CYS A 4049 29.26 38.37 -100.76
C CYS A 4049 27.92 37.73 -101.13
N ALA A 4050 27.45 38.00 -102.36
CA ALA A 4050 26.09 37.68 -102.79
C ALA A 4050 25.96 36.18 -103.09
N ALA A 4051 24.77 35.79 -103.56
CA ALA A 4051 24.40 34.38 -103.70
C ALA A 4051 24.69 33.84 -105.10
N ASP A 4052 25.05 34.71 -106.06
CA ASP A 4052 25.42 34.27 -107.41
C ASP A 4052 24.33 33.37 -107.99
N GLY A 4053 23.07 33.79 -107.87
CA GLY A 4053 21.97 33.03 -108.42
C GLY A 4053 20.63 33.56 -107.94
N SER A 4054 19.58 32.73 -108.10
CA SER A 4054 18.23 33.10 -107.69
C SER A 4054 18.20 33.30 -106.18
N PRO A 4055 17.54 34.36 -105.67
CA PRO A 4055 17.40 34.57 -104.24
C PRO A 4055 16.88 33.33 -103.51
N PRO A 4056 17.38 33.06 -102.28
CA PRO A 4056 17.00 31.85 -101.57
C PRO A 4056 15.53 31.86 -101.19
N LEU A 4057 14.94 30.65 -101.16
CA LEU A 4057 13.58 30.43 -100.68
C LEU A 4057 13.63 29.92 -99.23
N LEU A 4058 12.48 30.00 -98.56
CA LEU A 4058 12.30 29.40 -97.25
C LEU A 4058 11.24 28.31 -97.35
N LEU A 4059 11.49 27.15 -96.73
CA LEU A 4059 10.49 26.11 -96.65
C LEU A 4059 9.97 26.07 -95.23
N LEU A 4060 8.66 26.26 -95.10
CA LEU A 4060 7.99 26.37 -93.81
C LEU A 4060 6.94 25.27 -93.69
N PRO A 4061 7.25 24.13 -93.07
CA PRO A 4061 6.25 23.07 -92.85
C PRO A 4061 5.24 23.36 -91.73
N GLU A 4062 3.94 23.43 -92.10
CA GLU A 4062 2.82 23.40 -91.18
C GLU A 4062 2.22 21.99 -91.16
N ASN A 4063 1.45 21.67 -90.12
CA ASN A 4063 0.90 20.34 -89.94
C ASN A 4063 0.13 19.88 -91.17
N VAL A 4064 -0.50 20.80 -91.91
CA VAL A 4064 -1.44 20.45 -92.99
C VAL A 4064 -0.89 20.81 -94.37
N ARG A 4065 0.22 21.56 -94.43
CA ARG A 4065 0.75 22.00 -95.73
C ARG A 4065 2.17 22.61 -95.59
N ILE A 4066 2.95 22.59 -96.67
CA ILE A 4066 4.27 23.22 -96.70
C ILE A 4066 4.15 24.52 -97.50
N ARG A 4067 4.79 25.61 -97.04
CA ARG A 4067 4.71 26.89 -97.73
C ARG A 4067 6.10 27.33 -98.17
N LYS A 4068 6.14 28.04 -99.30
CA LYS A 4068 7.37 28.60 -99.85
C LYS A 4068 7.35 30.11 -99.68
N TYR A 4069 8.53 30.73 -99.70
CA TYR A 4069 8.64 32.16 -99.53
C TYR A 4069 9.92 32.66 -100.19
N ASN A 4070 9.75 33.46 -101.25
CA ASN A 4070 10.86 34.12 -101.92
C ASN A 4070 11.33 35.26 -101.03
N THR A 4071 12.60 35.21 -100.61
CA THR A 4071 13.13 36.20 -99.68
C THR A 4071 13.18 37.59 -100.32
N SER A 4072 13.39 37.65 -101.65
CA SER A 4072 13.50 38.92 -102.34
C SER A 4072 12.14 39.39 -102.87
N SER A 4073 11.38 38.49 -103.51
CA SER A 4073 10.06 38.83 -104.03
C SER A 4073 9.06 39.07 -102.90
N GLU A 4074 9.27 38.41 -101.76
CA GLU A 4074 8.43 38.55 -100.57
C GLU A 4074 6.99 38.18 -100.92
N LYS A 4075 6.80 36.94 -101.38
CA LYS A 4075 5.47 36.43 -101.69
C LYS A 4075 5.47 34.91 -101.52
N PHE A 4076 4.28 34.37 -101.26
CA PHE A 4076 4.10 32.94 -101.04
C PHE A 4076 3.86 32.24 -102.38
N SER A 4077 3.60 30.93 -102.32
CA SER A 4077 3.20 30.15 -103.48
C SER A 4077 2.60 28.84 -103.00
N GLU A 4078 1.47 28.43 -103.60
CA GLU A 4078 0.79 27.21 -103.17
C GLU A 4078 1.71 26.01 -103.41
N TYR A 4079 1.83 25.15 -102.39
CA TYR A 4079 2.61 23.91 -102.50
C TYR A 4079 2.07 22.90 -101.49
N LEU A 4080 2.07 21.61 -101.88
CA LEU A 4080 1.59 20.47 -101.08
C LEU A 4080 0.44 20.82 -100.10
N GLU A 4081 -0.75 21.12 -100.64
CA GLU A 4081 -1.97 21.14 -99.84
C GLU A 4081 -2.47 19.72 -99.58
N GLU A 4082 -3.55 19.57 -98.77
CA GLU A 4082 -4.22 18.29 -98.55
C GLU A 4082 -3.23 17.28 -97.98
N GLU A 4083 -2.77 17.55 -96.76
CA GLU A 4083 -1.79 16.74 -96.06
C GLU A 4083 -2.09 16.79 -94.56
N GLU A 4084 -1.51 15.89 -93.74
CA GLU A 4084 -1.72 15.98 -92.31
C GLU A 4084 -0.54 15.45 -91.50
N HIS A 4085 -0.35 16.01 -90.30
CA HIS A 4085 0.68 15.62 -89.33
C HIS A 4085 2.12 15.71 -89.86
N ILE A 4086 2.44 16.68 -90.73
CA ILE A 4086 3.82 16.96 -91.17
C ILE A 4086 4.70 17.31 -89.96
N GLN A 4087 6.03 17.10 -90.06
CA GLN A 4087 6.93 17.53 -88.99
C GLN A 4087 8.27 18.13 -89.44
N THR A 4088 8.95 17.60 -90.47
CA THR A 4088 10.30 18.08 -90.78
C THR A 4088 10.66 17.81 -92.24
N ILE A 4089 11.67 18.54 -92.73
CA ILE A 4089 11.94 18.75 -94.16
C ILE A 4089 13.43 18.69 -94.44
N ASP A 4090 13.85 18.03 -95.53
CA ASP A 4090 15.16 18.31 -96.13
C ASP A 4090 15.06 18.08 -97.63
N TYR A 4091 16.04 18.57 -98.41
CA TYR A 4091 15.94 18.44 -99.86
C TYR A 4091 17.25 17.98 -100.50
N ASP A 4092 17.09 17.40 -101.69
CA ASP A 4092 18.19 17.12 -102.59
C ASP A 4092 18.09 18.07 -103.77
N TRP A 4093 19.14 18.89 -103.98
CA TRP A 4093 19.14 19.83 -105.09
C TRP A 4093 19.27 19.09 -106.43
N ASP A 4094 18.24 19.26 -107.28
CA ASP A 4094 18.17 18.82 -108.68
C ASP A 4094 18.99 17.55 -108.97
N PRO A 4095 18.61 16.39 -108.42
CA PRO A 4095 19.37 15.16 -108.65
C PRO A 4095 19.52 14.79 -110.13
N GLU A 4096 18.48 15.04 -110.94
CA GLU A 4096 18.50 14.64 -112.34
C GLU A 4096 18.87 15.82 -113.25
N HIS A 4097 19.15 17.00 -112.66
CA HIS A 4097 19.56 18.20 -113.40
C HIS A 4097 18.50 18.63 -114.41
N ILE A 4098 17.24 18.21 -114.21
CA ILE A 4098 16.15 18.60 -115.10
C ILE A 4098 15.47 19.85 -114.58
N GLY A 4099 16.10 20.49 -113.58
CA GLY A 4099 15.63 21.75 -113.03
C GLY A 4099 14.54 21.57 -111.97
N LEU A 4100 14.47 20.39 -111.36
CA LEU A 4100 13.50 20.11 -110.29
C LEU A 4100 14.23 19.44 -109.12
N SER A 4101 14.35 20.16 -107.99
CA SER A 4101 14.80 19.55 -106.73
C SER A 4101 13.74 18.63 -106.15
N VAL A 4102 14.10 17.84 -105.14
CA VAL A 4102 13.13 17.00 -104.45
C VAL A 4102 13.23 17.23 -102.94
N VAL A 4103 12.08 17.52 -102.30
CA VAL A 4103 12.02 17.59 -100.85
C VAL A 4103 11.57 16.25 -100.29
N TYR A 4104 12.06 15.96 -99.09
CA TYR A 4104 11.66 14.84 -98.27
C TYR A 4104 10.94 15.39 -97.07
N TYR A 4105 9.88 14.72 -96.63
CA TYR A 4105 9.10 15.20 -95.50
C TYR A 4105 8.57 14.07 -94.63
N THR A 4106 8.65 14.30 -93.32
CA THR A 4106 8.12 13.37 -92.35
C THR A 4106 6.64 13.59 -92.12
N VAL A 4107 5.89 12.49 -92.00
CA VAL A 4107 4.52 12.48 -91.49
C VAL A 4107 4.48 11.68 -90.19
N LEU A 4108 3.93 12.27 -89.12
CA LEU A 4108 3.79 11.61 -87.83
C LEU A 4108 2.66 10.58 -87.83
N ALA A 4109 2.79 9.58 -86.96
CA ALA A 4109 1.74 8.59 -86.71
C ALA A 4109 0.54 9.24 -86.00
N GLN A 4110 -0.65 8.64 -86.18
CA GLN A 4110 -1.85 9.07 -85.48
C GLN A 4110 -2.78 7.85 -85.30
N GLY A 4111 -3.43 7.75 -84.13
CA GLY A 4111 -4.40 6.69 -83.86
C GLY A 4111 -3.92 5.31 -84.32
N SER A 4112 -4.75 4.62 -85.11
CA SER A 4112 -4.51 3.26 -85.58
C SER A 4112 -3.39 3.13 -86.62
N GLN A 4113 -2.77 4.25 -87.07
CA GLN A 4113 -1.97 4.24 -88.31
C GLN A 4113 -0.59 4.88 -88.14
N PHE A 4114 0.42 4.24 -88.75
CA PHE A 4114 1.82 4.67 -88.67
C PHE A 4114 2.09 5.91 -89.52
N GLY A 4115 3.22 6.58 -89.22
CA GLY A 4115 3.70 7.70 -90.00
C GLY A 4115 4.37 7.26 -91.30
N ALA A 4116 5.09 8.19 -91.93
CA ALA A 4116 5.75 7.93 -93.21
C ALA A 4116 6.91 8.90 -93.42
N ILE A 4117 7.84 8.53 -94.31
CA ILE A 4117 8.71 9.48 -94.96
C ILE A 4117 8.23 9.55 -96.40
N LYS A 4118 7.82 10.73 -96.87
CA LYS A 4118 7.38 10.89 -98.25
C LYS A 4118 8.32 11.86 -98.96
N ARG A 4119 8.37 11.79 -100.30
CA ARG A 4119 9.18 12.70 -101.10
C ARG A 4119 8.35 13.29 -102.25
N ALA A 4120 8.73 14.49 -102.69
CA ALA A 4120 8.01 15.18 -103.74
C ALA A 4120 8.93 16.16 -104.47
N TYR A 4121 8.70 16.37 -105.77
CA TYR A 4121 9.42 17.39 -106.51
C TYR A 4121 9.04 18.80 -106.09
N ILE A 4122 9.96 19.74 -106.24
CA ILE A 4122 9.66 21.15 -106.05
C ILE A 4122 10.37 21.95 -107.14
N PRO A 4123 9.69 22.87 -107.86
CA PRO A 4123 10.35 23.62 -108.92
C PRO A 4123 11.33 24.64 -108.37
N ASN A 4124 12.52 24.69 -108.98
CA ASN A 4124 13.51 25.70 -108.64
C ASN A 4124 13.11 27.05 -109.24
N PHE A 4125 12.24 27.03 -110.26
CA PHE A 4125 11.79 28.26 -110.91
C PHE A 4125 10.54 28.80 -110.20
N GLU A 4126 9.92 29.82 -110.80
CA GLU A 4126 8.96 30.68 -110.14
C GLU A 4126 7.55 30.07 -110.14
N SER A 4127 7.36 28.92 -110.82
CA SER A 4127 6.03 28.34 -111.00
C SER A 4127 5.46 27.87 -109.66
N GLY A 4128 4.14 27.93 -109.55
CA GLY A 4128 3.42 27.43 -108.39
C GLY A 4128 1.91 27.60 -108.55
N SER A 4129 1.15 26.97 -107.66
CA SER A 4129 -0.31 27.07 -107.55
C SER A 4129 -1.01 26.37 -108.72
N ASN A 4130 -0.25 25.90 -109.71
CA ASN A 4130 -0.83 25.29 -110.90
C ASN A 4130 -0.12 24.00 -111.26
N ASN A 4131 0.82 23.56 -110.43
CA ASN A 4131 1.56 22.33 -110.64
C ASN A 4131 1.12 21.33 -109.58
N PRO A 4132 0.19 20.40 -109.89
CA PRO A 4132 -0.26 19.42 -108.90
C PRO A 4132 0.87 18.52 -108.40
N ILE A 4133 1.28 18.71 -107.15
CA ILE A 4133 2.36 17.94 -106.55
C ILE A 4133 1.80 16.61 -106.08
N ARG A 4134 2.45 15.52 -106.53
CA ARG A 4134 2.05 14.17 -106.17
C ARG A 4134 3.00 13.65 -105.11
N GLU A 4135 2.49 13.31 -103.93
CA GLU A 4135 3.33 12.70 -102.92
C GLU A 4135 3.54 11.22 -103.25
N VAL A 4136 4.68 10.65 -102.82
CA VAL A 4136 4.87 9.21 -102.86
C VAL A 4136 5.53 8.78 -101.54
N ASP A 4137 4.99 7.72 -100.92
CA ASP A 4137 5.61 7.18 -99.72
C ASP A 4137 6.80 6.32 -100.14
N LEU A 4138 7.91 6.42 -99.38
CA LEU A 4138 9.10 5.61 -99.57
C LEU A 4138 8.88 4.14 -99.18
N GLY A 4139 7.82 3.83 -98.42
CA GLY A 4139 7.54 2.47 -97.99
C GLY A 4139 8.33 2.08 -96.74
N LEU A 4140 8.90 3.08 -96.04
CA LEU A 4140 9.57 2.84 -94.78
C LEU A 4140 8.52 2.71 -93.68
N LYS A 4141 7.83 1.57 -93.69
CA LYS A 4141 6.74 1.30 -92.77
C LYS A 4141 7.27 1.13 -91.34
N TYR A 4142 6.34 0.99 -90.39
CA TYR A 4142 6.63 0.78 -88.96
C TYR A 4142 7.31 2.00 -88.32
N LEU A 4143 6.83 3.19 -88.68
CA LEU A 4143 7.48 4.45 -88.33
C LEU A 4143 6.56 5.32 -87.47
N MET A 4144 7.09 5.97 -86.42
CA MET A 4144 6.24 6.53 -85.38
C MET A 4144 6.37 8.05 -85.22
N GLN A 4145 7.59 8.56 -84.96
CA GLN A 4145 7.77 10.00 -84.77
C GLN A 4145 9.15 10.45 -85.27
N PRO A 4146 9.30 10.68 -86.59
CA PRO A 4146 10.58 11.07 -87.17
C PRO A 4146 10.86 12.58 -87.06
N ASP A 4147 11.09 13.06 -85.83
CA ASP A 4147 11.30 14.47 -85.56
C ASP A 4147 12.55 15.04 -86.27
N GLY A 4148 13.51 14.18 -86.67
CA GLY A 4148 14.71 14.62 -87.37
C GLY A 4148 14.88 13.87 -88.68
N LEU A 4149 15.25 14.59 -89.75
CA LEU A 4149 15.50 14.01 -91.06
C LEU A 4149 16.61 14.83 -91.73
N ALA A 4150 17.57 14.15 -92.36
CA ALA A 4150 18.60 14.81 -93.14
C ALA A 4150 18.94 13.91 -94.33
N VAL A 4151 19.31 14.54 -95.45
CA VAL A 4151 19.58 13.86 -96.70
C VAL A 4151 21.04 14.05 -97.07
N ASP A 4152 21.78 12.95 -97.16
CA ASP A 4152 23.15 12.96 -97.62
C ASP A 4152 23.15 12.96 -99.14
N TRP A 4153 23.44 14.13 -99.73
CA TRP A 4153 23.39 14.28 -101.19
C TRP A 4153 24.59 13.60 -101.86
N VAL A 4154 25.66 13.36 -101.11
CA VAL A 4154 26.85 12.73 -101.67
C VAL A 4154 26.67 11.22 -101.72
N GLY A 4155 26.32 10.63 -100.57
CA GLY A 4155 26.14 9.19 -100.46
C GLY A 4155 24.78 8.70 -100.94
N ARG A 4156 23.88 9.64 -101.29
CA ARG A 4156 22.54 9.30 -101.76
C ARG A 4156 21.78 8.47 -100.72
N HIS A 4157 21.95 8.84 -99.44
CA HIS A 4157 21.25 8.18 -98.35
C HIS A 4157 20.43 9.22 -97.58
N ILE A 4158 19.39 8.74 -96.90
CA ILE A 4158 18.52 9.57 -96.08
C ILE A 4158 18.66 9.11 -94.63
N TYR A 4159 19.02 10.03 -93.73
CA TYR A 4159 19.16 9.74 -92.31
C TYR A 4159 17.99 10.36 -91.56
N TRP A 4160 17.30 9.56 -90.75
CA TRP A 4160 16.23 10.08 -89.91
C TRP A 4160 16.32 9.46 -88.52
N SER A 4161 15.73 10.15 -87.55
CA SER A 4161 15.79 9.76 -86.16
C SER A 4161 14.38 9.66 -85.60
N ASP A 4162 13.97 8.46 -85.22
CA ASP A 4162 12.64 8.22 -84.68
C ASP A 4162 12.71 8.38 -83.15
N ALA A 4163 11.97 9.35 -82.62
CA ALA A 4163 11.97 9.62 -81.19
C ALA A 4163 11.37 8.43 -80.41
N LYS A 4164 10.25 7.86 -80.86
CA LYS A 4164 9.53 6.83 -80.10
C LYS A 4164 10.26 5.49 -80.13
N SER A 4165 10.94 5.20 -81.24
CA SER A 4165 11.74 4.00 -81.46
C SER A 4165 13.16 4.15 -80.91
N GLN A 4166 13.54 5.35 -80.47
CA GLN A 4166 14.78 5.59 -79.73
C GLN A 4166 15.99 5.16 -80.57
N ARG A 4167 15.95 5.43 -81.87
CA ARG A 4167 17.07 5.12 -82.76
C ARG A 4167 17.21 6.16 -83.87
N ILE A 4168 18.38 6.17 -84.49
CA ILE A 4168 18.62 6.92 -85.71
C ILE A 4168 19.20 5.95 -86.73
N GLU A 4169 18.59 5.91 -87.92
CA GLU A 4169 18.88 4.87 -88.90
C GLU A 4169 19.00 5.48 -90.29
N VAL A 4170 19.38 4.65 -91.26
CA VAL A 4170 19.71 5.12 -92.60
C VAL A 4170 19.12 4.16 -93.62
N ALA A 4171 18.78 4.72 -94.78
CA ALA A 4171 18.31 3.95 -95.92
C ALA A 4171 18.63 4.75 -97.17
N THR A 4172 18.52 4.10 -98.33
CA THR A 4172 18.79 4.79 -99.59
C THR A 4172 17.66 5.79 -99.86
N LEU A 4173 17.87 6.74 -100.80
CA LEU A 4173 16.91 7.81 -101.06
C LEU A 4173 15.52 7.28 -101.43
N ASP A 4174 15.44 6.12 -102.09
CA ASP A 4174 14.14 5.60 -102.48
C ASP A 4174 13.56 4.64 -101.42
N GLY A 4175 14.22 4.46 -100.27
CA GLY A 4175 13.61 3.81 -99.11
C GLY A 4175 13.92 2.31 -99.03
N ARG A 4176 14.92 1.84 -99.79
CA ARG A 4176 15.33 0.43 -99.74
C ARG A 4176 16.48 0.24 -98.75
N TYR A 4177 16.68 -1.03 -98.36
CA TYR A 4177 17.83 -1.45 -97.57
C TYR A 4177 17.89 -0.69 -96.25
N ARG A 4178 16.78 -0.69 -95.50
CA ARG A 4178 16.76 -0.06 -94.19
C ARG A 4178 17.79 -0.72 -93.28
N LYS A 4179 18.59 0.10 -92.59
CA LYS A 4179 19.56 -0.36 -91.61
C LYS A 4179 19.53 0.55 -90.39
N TRP A 4180 19.41 -0.05 -89.20
CA TRP A 4180 19.53 0.70 -87.95
C TRP A 4180 20.99 1.09 -87.75
N LEU A 4181 21.24 2.38 -87.50
CA LEU A 4181 22.61 2.88 -87.45
C LEU A 4181 23.08 3.01 -86.00
N ILE A 4182 22.35 3.78 -85.19
CA ILE A 4182 22.67 3.95 -83.77
C ILE A 4182 21.41 3.68 -82.96
N THR A 4183 21.51 2.78 -81.97
CA THR A 4183 20.35 2.32 -81.22
C THR A 4183 20.55 2.33 -79.71
N THR A 4184 21.72 2.79 -79.24
CA THR A 4184 22.05 2.74 -77.83
C THR A 4184 22.22 4.15 -77.28
N GLN A 4185 21.80 4.35 -76.02
CA GLN A 4185 21.97 5.60 -75.29
C GLN A 4185 21.34 6.77 -76.05
N LEU A 4186 20.10 6.58 -76.51
CA LEU A 4186 19.33 7.64 -77.15
C LEU A 4186 17.99 7.77 -76.43
N ASP A 4187 17.80 8.89 -75.73
CA ASP A 4187 16.57 9.13 -74.99
C ASP A 4187 15.49 9.66 -75.92
N GLN A 4188 15.73 10.84 -76.51
CA GLN A 4188 14.81 11.45 -77.45
C GLN A 4188 15.61 12.16 -78.53
N PRO A 4189 15.98 11.44 -79.60
CA PRO A 4189 16.80 12.04 -80.65
C PRO A 4189 16.04 13.14 -81.38
N ALA A 4190 16.58 14.36 -81.32
CA ALA A 4190 16.03 15.52 -82.00
C ALA A 4190 16.63 15.63 -83.40
N ALA A 4191 16.47 16.81 -84.02
CA ALA A 4191 16.92 17.07 -85.38
C ALA A 4191 18.40 16.69 -85.52
N ILE A 4192 18.76 16.18 -86.71
CA ILE A 4192 20.11 15.72 -87.00
C ILE A 4192 20.68 16.53 -88.17
N ALA A 4193 21.97 16.34 -88.45
CA ALA A 4193 22.62 16.98 -89.59
C ALA A 4193 23.77 16.10 -90.08
N VAL A 4194 24.17 16.31 -91.33
CA VAL A 4194 25.24 15.53 -91.94
C VAL A 4194 26.19 16.48 -92.67
N ASN A 4195 27.48 16.13 -92.66
CA ASN A 4195 28.52 16.92 -93.32
C ASN A 4195 29.36 15.98 -94.17
N PRO A 4196 28.94 15.67 -95.41
CA PRO A 4196 29.68 14.72 -96.24
C PRO A 4196 31.13 15.10 -96.52
N LYS A 4197 31.46 16.40 -96.47
CA LYS A 4197 32.83 16.82 -96.73
C LYS A 4197 33.78 16.23 -95.69
N LEU A 4198 33.38 16.28 -94.41
CA LEU A 4198 34.20 15.75 -93.33
C LEU A 4198 33.79 14.31 -92.99
N GLY A 4199 32.73 13.79 -93.61
CA GLY A 4199 32.23 12.45 -93.31
C GLY A 4199 31.77 12.33 -91.86
N LEU A 4200 31.09 13.37 -91.36
CA LEU A 4200 30.64 13.40 -89.96
C LEU A 4200 29.15 13.72 -89.91
N MET A 4201 28.38 12.88 -89.19
CA MET A 4201 26.98 13.15 -88.91
C MET A 4201 26.87 13.78 -87.53
N PHE A 4202 25.86 14.63 -87.34
CA PHE A 4202 25.60 15.26 -86.05
C PHE A 4202 24.12 15.08 -85.70
N TRP A 4203 23.84 14.93 -84.40
CA TRP A 4203 22.47 14.83 -83.93
C TRP A 4203 22.38 15.31 -82.50
N THR A 4204 21.15 15.61 -82.07
CA THR A 4204 20.88 16.16 -80.75
C THR A 4204 19.90 15.26 -80.00
N ASP A 4205 20.14 15.11 -78.70
CA ASP A 4205 19.24 14.39 -77.82
C ASP A 4205 18.65 15.40 -76.83
N GLN A 4206 17.32 15.42 -76.72
CA GLN A 4206 16.63 16.38 -75.87
C GLN A 4206 15.86 15.66 -74.75
N GLY A 4207 16.33 14.48 -74.36
CA GLY A 4207 15.72 13.70 -73.28
C GLY A 4207 16.13 14.22 -71.91
N LYS A 4208 16.25 13.30 -70.95
CA LYS A 4208 16.59 13.65 -69.58
C LYS A 4208 18.07 14.05 -69.49
N GLN A 4209 18.90 13.62 -70.45
CA GLN A 4209 20.32 13.97 -70.48
C GLN A 4209 20.61 14.63 -71.82
N PRO A 4210 20.35 15.96 -71.95
CA PRO A 4210 20.59 16.66 -73.20
C PRO A 4210 22.07 16.61 -73.59
N LYS A 4211 22.33 16.41 -74.88
CA LYS A 4211 23.67 16.34 -75.41
C LYS A 4211 23.65 16.50 -76.93
N ILE A 4212 24.80 16.90 -77.48
CA ILE A 4212 25.01 16.97 -78.92
C ILE A 4212 26.15 16.03 -79.26
N GLU A 4213 25.86 15.00 -80.05
CA GLU A 4213 26.84 13.97 -80.37
C GLU A 4213 27.08 13.97 -81.89
N SER A 4214 28.33 13.64 -82.27
CA SER A 4214 28.70 13.49 -83.66
C SER A 4214 29.34 12.11 -83.86
N ALA A 4215 29.26 11.61 -85.08
CA ALA A 4215 29.84 10.33 -85.42
C ALA A 4215 30.08 10.26 -86.92
N TRP A 4216 30.75 9.20 -87.36
CA TRP A 4216 30.90 8.93 -88.78
C TRP A 4216 29.55 8.50 -89.35
N MET A 4217 29.39 8.69 -90.66
CA MET A 4217 28.20 8.24 -91.34
C MET A 4217 28.07 6.71 -91.27
N ASN A 4218 29.20 6.01 -91.10
CA ASN A 4218 29.19 4.57 -90.89
C ASN A 4218 28.52 4.24 -89.56
N GLY A 4219 28.77 5.06 -88.53
CA GLY A 4219 28.24 4.82 -87.20
C GLY A 4219 29.32 4.57 -86.16
N GLU A 4220 30.60 4.55 -86.58
CA GLU A 4220 31.70 4.33 -85.66
C GLU A 4220 32.15 5.65 -85.04
N HIS A 4221 32.96 5.56 -83.98
CA HIS A 4221 33.59 6.69 -83.33
C HIS A 4221 32.55 7.71 -82.87
N ARG A 4222 31.42 7.21 -82.34
CA ARG A 4222 30.43 8.07 -81.71
C ARG A 4222 31.07 8.79 -80.52
N SER A 4223 30.87 10.12 -80.46
CA SER A 4223 31.43 10.93 -79.39
C SER A 4223 30.45 12.03 -79.03
N VAL A 4224 30.63 12.60 -77.82
CA VAL A 4224 29.77 13.66 -77.32
C VAL A 4224 30.50 14.99 -77.47
N LEU A 4225 29.85 15.95 -78.14
CA LEU A 4225 30.45 17.25 -78.42
C LEU A 4225 30.26 18.19 -77.23
N VAL A 4226 29.00 18.46 -76.87
CA VAL A 4226 28.68 19.34 -75.76
C VAL A 4226 27.51 18.77 -74.96
N SER A 4227 27.63 18.76 -73.64
CA SER A 4227 26.56 18.28 -72.76
C SER A 4227 26.35 19.20 -71.56
N GLU A 4228 27.04 20.35 -71.51
CA GLU A 4228 26.97 21.26 -70.37
C GLU A 4228 26.23 22.53 -70.80
N ASN A 4229 25.45 23.10 -69.86
CA ASN A 4229 24.67 24.32 -70.11
C ASN A 4229 23.75 24.11 -71.31
N LEU A 4230 23.13 22.94 -71.39
CA LEU A 4230 22.20 22.60 -72.46
C LEU A 4230 20.81 22.39 -71.88
N GLY A 4231 19.82 23.00 -72.54
CA GLY A 4231 18.42 22.85 -72.17
C GLY A 4231 17.72 21.82 -73.04
N TRP A 4232 16.99 22.31 -74.06
CA TRP A 4232 16.32 21.46 -75.03
C TRP A 4232 16.94 21.68 -76.40
N PRO A 4233 18.09 21.06 -76.72
CA PRO A 4233 18.67 21.19 -78.06
C PRO A 4233 17.81 20.47 -79.09
N ASN A 4234 17.07 21.26 -79.89
CA ASN A 4234 16.02 20.72 -80.73
C ASN A 4234 16.21 21.05 -82.21
N GLY A 4235 17.12 21.97 -82.53
CA GLY A 4235 17.43 22.30 -83.92
C GLY A 4235 18.92 22.53 -84.11
N LEU A 4236 19.52 21.86 -85.10
CA LEU A 4236 20.95 21.95 -85.33
C LEU A 4236 21.25 22.13 -86.82
N SER A 4237 22.24 22.97 -87.13
CA SER A 4237 22.64 23.21 -88.50
C SER A 4237 24.13 23.52 -88.56
N ILE A 4238 24.74 23.26 -89.72
CA ILE A 4238 26.19 23.37 -89.88
C ILE A 4238 26.51 24.47 -90.88
N ASP A 4239 27.51 25.29 -90.54
CA ASP A 4239 28.00 26.32 -91.42
C ASP A 4239 29.13 25.73 -92.25
N TYR A 4240 28.79 25.23 -93.44
CA TYR A 4240 29.76 24.51 -94.27
C TYR A 4240 30.87 25.44 -94.74
N LEU A 4241 30.53 26.69 -95.06
CA LEU A 4241 31.47 27.61 -95.70
C LEU A 4241 32.38 28.31 -94.69
N ASN A 4242 32.16 28.09 -93.38
CA ASN A 4242 32.97 28.72 -92.36
C ASN A 4242 33.53 27.66 -91.40
N ASP A 4243 34.64 27.04 -91.81
CA ASP A 4243 35.39 26.08 -91.00
C ASP A 4243 34.50 24.92 -90.54
N ASP A 4244 33.41 24.66 -91.27
CA ASP A 4244 32.45 23.60 -90.92
C ASP A 4244 31.98 23.76 -89.48
N ARG A 4245 31.76 25.01 -89.07
CA ARG A 4245 31.32 25.32 -87.71
C ARG A 4245 29.88 24.83 -87.53
N VAL A 4246 29.55 24.45 -86.29
CA VAL A 4246 28.24 23.90 -85.96
C VAL A 4246 27.48 24.89 -85.07
N TYR A 4247 26.22 25.17 -85.45
CA TYR A 4247 25.31 25.97 -84.65
C TYR A 4247 24.14 25.10 -84.21
N TRP A 4248 23.52 25.45 -83.09
CA TRP A 4248 22.34 24.75 -82.62
C TRP A 4248 21.42 25.71 -81.88
N SER A 4249 20.14 25.32 -81.80
CA SER A 4249 19.10 26.14 -81.16
C SER A 4249 18.59 25.43 -79.92
N ASP A 4250 18.55 26.17 -78.80
CA ASP A 4250 18.06 25.63 -77.54
C ASP A 4250 16.76 26.35 -77.20
N SER A 4251 15.64 25.61 -77.21
CA SER A 4251 14.32 26.18 -77.02
C SER A 4251 13.98 26.37 -75.53
N LYS A 4252 14.79 25.80 -74.62
CA LYS A 4252 14.54 25.91 -73.20
C LYS A 4252 15.39 27.01 -72.57
N GLU A 4253 16.71 26.98 -72.83
CA GLU A 4253 17.62 28.03 -72.36
C GLU A 4253 17.38 29.34 -73.11
N ASP A 4254 16.73 29.28 -74.28
CA ASP A 4254 16.40 30.45 -75.09
C ASP A 4254 17.69 31.12 -75.57
N VAL A 4255 18.49 30.35 -76.33
CA VAL A 4255 19.77 30.81 -76.81
C VAL A 4255 20.16 29.98 -78.04
N ILE A 4256 21.03 30.56 -78.88
CA ILE A 4256 21.61 29.86 -80.02
C ILE A 4256 23.13 29.99 -79.92
N GLU A 4257 23.81 28.83 -79.94
CA GLU A 4257 25.25 28.77 -79.70
C GLU A 4257 25.95 28.13 -80.91
N ALA A 4258 27.27 28.35 -80.99
CA ALA A 4258 28.09 27.82 -82.07
C ALA A 4258 29.37 27.22 -81.51
N ILE A 4259 29.74 26.04 -82.00
CA ILE A 4259 30.94 25.33 -81.57
C ILE A 4259 31.62 24.77 -82.81
N LYS A 4260 32.95 24.67 -82.79
CA LYS A 4260 33.69 24.05 -83.87
C LYS A 4260 33.39 22.54 -83.89
N TYR A 4261 33.53 21.94 -85.06
CA TYR A 4261 33.08 20.57 -85.29
C TYR A 4261 33.77 19.58 -84.36
N ASP A 4262 34.93 19.96 -83.79
CA ASP A 4262 35.64 19.11 -82.84
C ASP A 4262 35.18 19.37 -81.40
N GLY A 4263 34.51 20.50 -81.14
CA GLY A 4263 33.87 20.77 -79.86
C GLY A 4263 34.57 21.82 -79.00
N THR A 4264 35.60 22.49 -79.54
CA THR A 4264 36.27 23.55 -78.81
C THR A 4264 35.70 24.92 -79.20
N ASP A 4265 36.06 25.95 -78.42
CA ASP A 4265 35.68 27.33 -78.69
C ASP A 4265 34.16 27.47 -78.72
N ARG A 4266 33.53 27.19 -77.57
CA ARG A 4266 32.10 27.38 -77.43
C ARG A 4266 31.80 28.84 -77.13
N ARG A 4267 30.82 29.40 -77.85
CA ARG A 4267 30.40 30.78 -77.64
C ARG A 4267 28.94 30.92 -78.03
N LEU A 4268 28.15 31.58 -77.16
CA LEU A 4268 26.75 31.85 -77.47
C LEU A 4268 26.71 32.95 -78.53
N ILE A 4269 25.89 32.73 -79.57
CA ILE A 4269 25.81 33.67 -80.68
C ILE A 4269 24.78 34.75 -80.34
N ILE A 4270 23.52 34.34 -80.14
CA ILE A 4270 22.46 35.25 -79.77
C ILE A 4270 21.72 34.68 -78.58
N ASN A 4271 21.35 35.55 -77.63
CA ASN A 4271 20.47 35.20 -76.52
C ASN A 4271 19.13 35.91 -76.73
N GLU A 4272 18.23 35.77 -75.73
CA GLU A 4272 16.85 36.22 -75.81
C GLU A 4272 16.27 35.97 -77.21
N ALA A 4273 16.40 34.72 -77.67
CA ALA A 4273 15.95 34.32 -78.99
C ALA A 4273 14.48 33.91 -79.00
N MET A 4274 13.78 34.08 -77.86
CA MET A 4274 12.35 33.77 -77.74
C MET A 4274 12.06 32.33 -78.19
N LYS A 4275 12.82 31.38 -77.63
CA LYS A 4275 12.58 29.94 -77.77
C LYS A 4275 12.67 29.54 -79.24
N PRO A 4276 13.87 29.55 -79.86
CA PRO A 4276 14.02 29.12 -81.24
C PRO A 4276 13.73 27.63 -81.36
N PHE A 4277 13.06 27.23 -82.46
CA PHE A 4277 12.70 25.83 -82.64
C PHE A 4277 13.66 25.17 -83.62
N SER A 4278 13.76 25.73 -84.82
CA SER A 4278 14.70 25.24 -85.82
C SER A 4278 15.54 26.40 -86.31
N LEU A 4279 16.73 26.09 -86.84
CA LEU A 4279 17.59 27.14 -87.39
C LEU A 4279 18.21 26.66 -88.70
N ASP A 4280 18.63 27.64 -89.50
CA ASP A 4280 19.30 27.38 -90.77
C ASP A 4280 20.16 28.59 -91.10
N ILE A 4281 21.37 28.34 -91.62
CA ILE A 4281 22.35 29.38 -91.83
C ILE A 4281 22.52 29.60 -93.32
N PHE A 4282 22.50 30.86 -93.74
CA PHE A 4282 22.74 31.21 -95.13
C PHE A 4282 23.35 32.61 -95.21
N GLU A 4283 24.33 32.78 -96.09
CA GLU A 4283 25.04 34.05 -96.24
C GLU A 4283 25.62 34.45 -94.89
N ASP A 4284 25.58 35.75 -94.56
CA ASP A 4284 26.14 36.28 -93.32
C ASP A 4284 25.06 36.44 -92.25
N LYS A 4285 23.97 35.67 -92.37
CA LYS A 4285 22.82 35.83 -91.48
C LYS A 4285 22.34 34.46 -91.00
N LEU A 4286 21.67 34.45 -89.85
CA LEU A 4286 21.15 33.22 -89.24
C LEU A 4286 19.64 33.33 -89.12
N TYR A 4287 18.94 32.24 -89.46
CA TYR A 4287 17.49 32.20 -89.42
C TYR A 4287 17.01 31.22 -88.35
N TRP A 4288 15.99 31.63 -87.58
CA TRP A 4288 15.39 30.74 -86.59
C TRP A 4288 13.92 31.09 -86.41
N VAL A 4289 13.18 30.15 -85.82
CA VAL A 4289 11.74 30.27 -85.66
C VAL A 4289 11.40 30.44 -84.19
N ALA A 4290 10.74 31.56 -83.85
CA ALA A 4290 10.11 31.72 -82.54
C ALA A 4290 8.90 30.80 -82.49
N LYS A 4291 8.99 29.73 -81.70
CA LYS A 4291 8.03 28.63 -81.77
C LYS A 4291 6.61 29.11 -81.46
N GLU A 4292 6.37 29.65 -80.26
CA GLU A 4292 5.00 29.96 -79.84
C GLU A 4292 4.45 31.22 -80.51
N LYS A 4293 5.32 32.15 -80.90
CA LYS A 4293 4.89 33.36 -81.61
C LYS A 4293 4.55 33.08 -83.08
N GLY A 4294 5.05 31.96 -83.64
CA GLY A 4294 4.92 31.65 -85.06
C GLY A 4294 5.69 32.61 -85.96
N GLU A 4295 6.88 33.09 -85.53
CA GLU A 4295 7.60 34.10 -86.29
C GLU A 4295 8.94 33.57 -86.80
N VAL A 4296 9.39 34.07 -87.96
CA VAL A 4296 10.72 33.78 -88.46
C VAL A 4296 11.58 35.02 -88.27
N TRP A 4297 12.74 34.82 -87.64
CA TRP A 4297 13.60 35.92 -87.24
C TRP A 4297 14.98 35.79 -87.89
N ARG A 4298 15.62 36.95 -88.11
CA ARG A 4298 16.86 37.03 -88.87
C ARG A 4298 17.86 37.87 -88.08
N GLN A 4299 19.12 37.46 -88.11
CA GLN A 4299 20.17 38.15 -87.37
C GLN A 4299 21.51 37.81 -88.02
N ASN A 4300 22.48 38.72 -87.84
CA ASN A 4300 23.87 38.46 -88.21
C ASN A 4300 24.33 37.17 -87.55
N LYS A 4301 24.95 36.28 -88.33
CA LYS A 4301 25.28 34.95 -87.84
C LYS A 4301 26.51 34.96 -86.93
N PHE A 4302 27.18 36.11 -86.79
CA PHE A 4302 28.35 36.22 -85.93
C PHE A 4302 28.03 36.89 -84.59
N GLY A 4303 26.73 37.10 -84.30
CA GLY A 4303 26.30 37.55 -82.98
C GLY A 4303 26.22 39.07 -82.83
N LYS A 4304 26.62 39.82 -83.86
CA LYS A 4304 26.63 41.27 -83.81
C LYS A 4304 25.26 41.82 -84.20
N GLU A 4305 25.16 43.15 -84.28
CA GLU A 4305 23.96 43.83 -84.76
C GLU A 4305 22.77 43.52 -83.86
N ASN A 4306 21.56 43.72 -84.40
CA ASN A 4306 20.32 43.50 -83.68
C ASN A 4306 19.38 42.66 -84.55
N LYS A 4307 18.45 41.98 -83.87
CA LYS A 4307 17.56 41.01 -84.50
C LYS A 4307 16.64 41.70 -85.48
N GLU A 4308 16.26 40.95 -86.53
CA GLU A 4308 15.32 41.41 -87.53
C GLU A 4308 14.24 40.36 -87.69
N LYS A 4309 12.98 40.83 -87.81
CA LYS A 4309 11.86 39.93 -88.07
C LYS A 4309 11.65 39.82 -89.58
N VAL A 4310 11.12 38.67 -90.00
CA VAL A 4310 10.94 38.36 -91.41
C VAL A 4310 9.45 38.26 -91.73
N LEU A 4311 8.76 37.30 -91.09
CA LEU A 4311 7.34 37.12 -91.34
C LEU A 4311 6.68 36.46 -90.14
N VAL A 4312 5.34 36.47 -90.14
CA VAL A 4312 4.54 35.87 -89.08
C VAL A 4312 3.57 34.88 -89.70
N VAL A 4313 3.45 33.71 -89.08
CA VAL A 4313 2.75 32.55 -89.62
C VAL A 4313 2.23 31.68 -88.46
N ASN A 4314 1.54 30.59 -88.78
CA ASN A 4314 0.82 29.76 -87.81
C ASN A 4314 1.70 29.30 -86.64
N PRO A 4315 1.15 29.04 -85.43
CA PRO A 4315 1.89 28.31 -84.40
C PRO A 4315 2.17 26.86 -84.82
N TRP A 4316 1.50 26.37 -85.89
CA TRP A 4316 1.81 25.11 -86.55
C TRP A 4316 3.14 25.12 -87.31
N LEU A 4317 3.89 26.24 -87.39
CA LEU A 4317 5.21 26.23 -88.02
C LEU A 4317 6.17 25.37 -87.20
N THR A 4318 6.99 24.58 -87.91
CA THR A 4318 7.86 23.61 -87.26
C THR A 4318 9.33 23.77 -87.64
N GLN A 4319 9.64 24.53 -88.70
CA GLN A 4319 11.01 24.61 -89.17
C GLN A 4319 11.14 25.72 -90.20
N VAL A 4320 12.33 26.31 -90.28
CA VAL A 4320 12.72 27.15 -91.40
C VAL A 4320 13.94 26.50 -92.05
N ARG A 4321 13.89 26.38 -93.38
CA ARG A 4321 14.98 25.77 -94.12
C ARG A 4321 15.22 26.56 -95.41
N ILE A 4322 16.47 26.95 -95.66
CA ILE A 4322 16.78 27.76 -96.83
C ILE A 4322 16.91 26.83 -98.03
N PHE A 4323 16.13 27.09 -99.07
CA PHE A 4323 16.17 26.29 -100.29
C PHE A 4323 17.05 27.02 -101.31
N HIS A 4324 18.32 26.65 -101.34
CA HIS A 4324 19.30 27.21 -102.25
C HIS A 4324 20.40 26.17 -102.51
N GLN A 4325 21.13 26.34 -103.62
CA GLN A 4325 22.12 25.35 -104.01
C GLN A 4325 23.46 25.58 -103.32
N LEU A 4326 23.81 26.82 -103.00
CA LEU A 4326 25.10 27.10 -102.38
C LEU A 4326 25.15 26.59 -100.94
N ARG A 4327 23.97 26.34 -100.34
CA ARG A 4327 23.91 25.80 -98.98
C ARG A 4327 24.42 24.36 -98.94
N TYR A 4328 24.26 23.62 -100.03
CA TYR A 4328 24.77 22.25 -100.13
C TYR A 4328 25.73 22.17 -101.31
N ASN A 4329 27.04 22.16 -101.02
CA ASN A 4329 28.05 22.16 -102.06
C ASN A 4329 27.88 20.92 -102.94
N GLN A 4330 27.47 21.14 -104.20
CA GLN A 4330 27.10 20.06 -105.09
C GLN A 4330 28.31 19.40 -105.74
N SER A 4331 29.50 20.04 -105.66
CA SER A 4331 30.70 19.54 -106.29
C SER A 4331 31.53 18.70 -105.33
N VAL A 4332 30.89 18.04 -104.35
CA VAL A 4332 31.57 17.13 -103.44
C VAL A 4332 31.43 15.73 -104.00
N SER A 4333 32.54 15.20 -104.52
CA SER A 4333 32.56 13.89 -105.17
C SER A 4333 32.34 12.77 -104.15
N ASN A 4334 31.52 11.78 -104.53
CA ASN A 4334 31.31 10.60 -103.69
C ASN A 4334 32.51 9.67 -103.84
N PRO A 4335 33.23 9.33 -102.75
CA PRO A 4335 34.38 8.45 -102.86
C PRO A 4335 34.06 7.00 -103.21
N CYS A 4336 32.78 6.61 -103.18
CA CYS A 4336 32.38 5.23 -103.41
C CYS A 4336 32.80 4.77 -104.80
N LYS A 4337 33.36 3.54 -104.87
CA LYS A 4337 33.84 2.98 -106.12
C LYS A 4337 32.86 1.94 -106.68
N GLN A 4338 31.59 2.00 -106.25
CA GLN A 4338 30.51 1.14 -106.75
C GLN A 4338 30.75 -0.32 -106.32
N VAL A 4339 31.80 -0.55 -105.53
CA VAL A 4339 32.16 -1.89 -105.08
C VAL A 4339 31.07 -2.46 -104.18
N CYS A 4340 30.52 -1.63 -103.28
CA CYS A 4340 29.54 -2.05 -102.29
C CYS A 4340 28.30 -2.66 -102.97
N SER A 4341 27.76 -3.71 -102.34
CA SER A 4341 26.62 -4.44 -102.87
C SER A 4341 25.31 -3.66 -102.66
N HIS A 4342 25.04 -3.26 -101.41
CA HIS A 4342 23.76 -2.65 -101.07
C HIS A 4342 23.93 -1.18 -100.70
N LEU A 4343 24.72 -0.90 -99.64
CA LEU A 4343 24.91 0.46 -99.17
C LEU A 4343 26.40 0.79 -99.15
N CYS A 4344 26.71 2.06 -99.44
CA CYS A 4344 28.07 2.55 -99.38
C CYS A 4344 28.08 3.84 -98.56
N LEU A 4345 28.19 3.67 -97.23
CA LEU A 4345 28.19 4.81 -96.32
C LEU A 4345 29.54 5.53 -96.41
N LEU A 4346 29.53 6.80 -96.01
CA LEU A 4346 30.73 7.62 -96.01
C LEU A 4346 31.43 7.54 -94.66
N ARG A 4347 32.70 7.97 -94.66
CA ARG A 4347 33.50 8.11 -93.45
C ARG A 4347 34.66 9.05 -93.77
N PRO A 4348 35.30 9.67 -92.77
CA PRO A 4348 36.40 10.61 -93.01
C PRO A 4348 37.49 10.06 -93.91
N GLY A 4349 37.59 10.66 -95.11
CA GLY A 4349 38.60 10.33 -96.09
C GLY A 4349 38.26 9.11 -96.94
N GLY A 4350 37.06 8.52 -96.79
CA GLY A 4350 36.75 7.30 -97.52
C GLY A 4350 35.30 6.87 -97.38
N TYR A 4351 35.06 5.55 -97.46
CA TYR A 4351 33.71 5.00 -97.42
C TYR A 4351 33.75 3.65 -96.71
N SER A 4352 32.59 2.99 -96.69
CA SER A 4352 32.45 1.68 -96.07
C SER A 4352 31.24 0.95 -96.64
N CYS A 4353 31.23 -0.38 -96.45
CA CYS A 4353 30.16 -1.24 -96.91
C CYS A 4353 29.24 -1.60 -95.75
N ALA A 4354 27.94 -1.76 -96.06
CA ALA A 4354 26.96 -2.22 -95.10
C ALA A 4354 25.77 -2.84 -95.84
N CYS A 4355 24.96 -3.61 -95.10
CA CYS A 4355 23.78 -4.24 -95.66
C CYS A 4355 22.62 -4.11 -94.68
N PRO A 4356 21.36 -4.28 -95.16
CA PRO A 4356 20.18 -4.01 -94.35
C PRO A 4356 20.14 -4.74 -93.02
N GLN A 4357 19.22 -4.28 -92.17
CA GLN A 4357 18.95 -4.85 -90.87
C GLN A 4357 18.52 -6.32 -91.01
N GLY A 4358 18.96 -7.16 -90.05
CA GLY A 4358 18.65 -8.57 -90.04
C GLY A 4358 19.36 -9.34 -91.18
N SER A 4359 20.58 -8.91 -91.51
CA SER A 4359 21.39 -9.57 -92.52
C SER A 4359 22.87 -9.39 -92.18
N ASP A 4360 23.73 -10.24 -92.74
CA ASP A 4360 25.16 -10.20 -92.47
C ASP A 4360 25.93 -10.47 -93.75
N PHE A 4361 27.24 -10.14 -93.73
CA PHE A 4361 28.11 -10.36 -94.86
C PHE A 4361 28.25 -11.86 -95.13
N VAL A 4362 28.40 -12.21 -96.42
CA VAL A 4362 28.80 -13.54 -96.81
C VAL A 4362 30.16 -13.83 -96.19
N THR A 4363 30.30 -15.02 -95.59
CA THR A 4363 31.48 -15.36 -94.80
C THR A 4363 32.74 -15.20 -95.64
N GLY A 4364 33.72 -14.47 -95.09
CA GLY A 4364 35.01 -14.25 -95.72
C GLY A 4364 35.09 -12.94 -96.51
N SER A 4365 33.94 -12.33 -96.83
CA SER A 4365 33.89 -11.10 -97.61
C SER A 4365 33.31 -9.96 -96.77
N THR A 4366 33.80 -8.74 -97.04
CA THR A 4366 33.34 -7.54 -96.35
C THR A 4366 32.62 -6.60 -97.33
N VAL A 4367 32.11 -7.15 -98.44
CA VAL A 4367 31.41 -6.35 -99.44
C VAL A 4367 30.02 -6.93 -99.72
N GLN A 4368 29.97 -8.20 -100.12
CA GLN A 4368 28.71 -8.85 -100.47
C GLN A 4368 27.98 -9.30 -99.21
N CYS A 4369 26.66 -9.05 -99.17
CA CYS A 4369 25.81 -9.50 -98.08
C CYS A 4369 24.70 -10.40 -98.64
N ASP A 4370 24.20 -11.31 -97.80
CA ASP A 4370 23.37 -12.42 -98.24
C ASP A 4370 21.96 -11.96 -98.67
N ALA A 4371 21.53 -10.78 -98.20
CA ALA A 4371 20.18 -10.28 -98.48
C ALA A 4371 20.03 -10.02 -99.97
N ALA A 4372 18.88 -10.45 -100.52
CA ALA A 4372 18.58 -10.29 -101.94
C ALA A 4372 18.44 -8.81 -102.28
N SER A 4373 19.01 -8.41 -103.42
CA SER A 4373 18.94 -7.03 -103.88
C SER A 4373 17.52 -6.69 -104.34
N GLU A 4374 17.20 -5.39 -104.33
CA GLU A 4374 15.90 -4.89 -104.74
C GLU A 4374 16.11 -3.79 -105.79
N LEU A 4375 15.21 -3.75 -106.78
CA LEU A 4375 15.33 -2.79 -107.88
C LEU A 4375 15.04 -1.38 -107.36
N PRO A 4376 15.70 -0.35 -107.92
CA PRO A 4376 15.41 1.03 -107.54
C PRO A 4376 13.98 1.41 -107.90
N VAL A 4377 13.39 2.29 -107.08
CA VAL A 4377 11.98 2.64 -107.22
C VAL A 4377 11.87 3.77 -108.23
N THR A 4378 10.85 3.68 -109.08
CA THR A 4378 10.61 4.66 -110.13
C THR A 4378 9.68 5.74 -109.60
N MET A 4379 10.13 7.01 -109.72
CA MET A 4379 9.34 8.16 -109.31
C MET A 4379 8.51 8.65 -110.51
N PRO A 4380 7.20 8.94 -110.32
CA PRO A 4380 6.31 9.33 -111.42
C PRO A 4380 6.75 10.65 -112.04
N PRO A 4381 6.46 10.89 -113.33
CA PRO A 4381 6.86 12.12 -114.00
C PRO A 4381 6.23 13.34 -113.33
N PRO A 4382 6.98 14.45 -113.25
CA PRO A 4382 6.46 15.67 -112.62
C PRO A 4382 5.80 16.65 -113.59
N CYS A 4383 5.16 17.68 -113.04
CA CYS A 4383 4.61 18.77 -113.83
C CYS A 4383 5.67 19.88 -113.94
N ARG A 4384 5.87 20.37 -115.16
CA ARG A 4384 6.91 21.36 -115.44
C ARG A 4384 6.39 22.40 -116.43
N CYS A 4385 5.79 23.48 -115.89
CA CYS A 4385 5.40 24.63 -116.68
C CYS A 4385 6.01 25.86 -116.03
N MET A 4386 7.07 26.40 -116.65
CA MET A 4386 7.99 27.30 -115.98
C MET A 4386 7.42 28.71 -115.92
N HIS A 4387 7.24 29.36 -117.09
CA HIS A 4387 6.84 30.77 -117.10
C HIS A 4387 5.33 30.95 -116.93
N GLY A 4388 4.59 29.83 -117.02
CA GLY A 4388 3.15 29.81 -116.78
C GLY A 4388 2.53 28.58 -117.41
N GLY A 4389 1.18 28.56 -117.44
CA GLY A 4389 0.44 27.45 -117.99
C GLY A 4389 0.01 26.47 -116.89
N ASN A 4390 -0.90 25.56 -117.23
CA ASN A 4390 -1.48 24.63 -116.27
C ASN A 4390 -1.16 23.20 -116.70
N CYS A 4391 -0.78 22.37 -115.72
CA CYS A 4391 -0.51 20.95 -115.94
C CYS A 4391 -1.82 20.21 -116.18
N TYR A 4392 -1.72 19.08 -116.86
CA TYR A 4392 -2.90 18.30 -117.23
C TYR A 4392 -2.51 16.84 -117.40
N PHE A 4393 -3.42 15.94 -117.02
CA PHE A 4393 -3.21 14.51 -117.10
C PHE A 4393 -3.93 13.95 -118.32
N ASP A 4394 -3.16 13.34 -119.23
CA ASP A 4394 -3.70 12.75 -120.46
C ASP A 4394 -4.25 11.35 -120.15
N GLU A 4395 -4.50 10.57 -121.21
CA GLU A 4395 -5.09 9.23 -121.08
C GLU A 4395 -4.19 8.33 -120.24
N ASN A 4396 -2.86 8.40 -120.44
CA ASN A 4396 -1.90 7.62 -119.66
C ASN A 4396 -1.27 8.46 -118.55
N GLU A 4397 -1.92 9.58 -118.18
CA GLU A 4397 -1.55 10.41 -117.05
C GLU A 4397 -0.16 11.04 -117.19
N LEU A 4398 0.34 11.21 -118.41
CA LEU A 4398 1.58 11.98 -118.56
C LEU A 4398 1.25 13.45 -118.41
N PRO A 4399 2.09 14.24 -117.69
CA PRO A 4399 1.86 15.67 -117.57
C PRO A 4399 2.06 16.41 -118.89
N LYS A 4400 1.27 17.47 -119.08
CA LYS A 4400 1.36 18.33 -120.26
C LYS A 4400 0.85 19.72 -119.90
N CYS A 4401 1.53 20.75 -120.42
CA CYS A 4401 1.24 22.13 -120.08
C CYS A 4401 0.46 22.82 -121.20
N LYS A 4402 -0.51 23.66 -120.82
CA LYS A 4402 -1.18 24.55 -121.76
C LYS A 4402 -0.51 25.91 -121.69
N CYS A 4403 0.42 26.16 -122.63
CA CYS A 4403 1.29 27.32 -122.58
C CYS A 4403 0.48 28.62 -122.60
N SER A 4404 0.99 29.61 -121.85
CA SER A 4404 0.36 30.92 -121.75
C SER A 4404 0.70 31.77 -122.97
N SER A 4405 0.26 33.03 -122.96
CA SER A 4405 0.49 33.96 -124.06
C SER A 4405 1.98 34.30 -124.15
N GLY A 4406 2.48 34.39 -125.39
CA GLY A 4406 3.84 34.82 -125.68
C GLY A 4406 4.90 33.81 -125.23
N TYR A 4407 4.52 32.53 -125.09
CA TYR A 4407 5.47 31.48 -124.75
C TYR A 4407 5.04 30.17 -125.43
N SER A 4408 6.03 29.35 -125.79
CA SER A 4408 5.78 28.10 -126.50
C SER A 4408 6.77 27.03 -126.02
N GLY A 4409 6.62 25.81 -126.55
CA GLY A 4409 7.43 24.67 -126.16
C GLY A 4409 6.61 23.65 -125.39
N GLU A 4410 7.18 22.46 -125.19
CA GLU A 4410 6.52 21.39 -124.44
C GLU A 4410 6.30 21.83 -122.99
N TYR A 4411 7.24 22.59 -122.43
CA TYR A 4411 7.16 23.04 -121.05
C TYR A 4411 7.09 24.57 -120.96
N CYS A 4412 6.80 25.24 -122.09
CA CYS A 4412 6.63 26.69 -122.12
C CYS A 4412 7.89 27.40 -121.61
N GLU A 4413 9.02 27.15 -122.28
CA GLU A 4413 10.32 27.66 -121.85
C GLU A 4413 10.67 28.96 -122.58
N VAL A 4414 10.55 28.95 -123.91
CA VAL A 4414 10.97 30.07 -124.75
C VAL A 4414 9.75 30.66 -125.44
N GLY A 4415 9.70 32.00 -125.50
CA GLY A 4415 8.64 32.73 -126.18
C GLY A 4415 8.93 34.22 -126.25
N GLU B 27 46.44 -15.41 -101.22
CA GLU B 27 47.11 -14.40 -102.09
C GLU B 27 46.31 -14.22 -103.39
N CYS B 28 46.57 -13.12 -104.11
CA CYS B 28 45.88 -12.80 -105.37
C CYS B 28 46.90 -12.30 -106.40
N GLY B 29 46.42 -11.69 -107.50
CA GLY B 29 47.25 -11.28 -108.65
C GLY B 29 48.36 -10.31 -108.26
N SER B 30 49.35 -10.15 -109.15
CA SER B 30 50.49 -9.24 -108.96
C SER B 30 50.02 -7.78 -108.92
N GLY B 31 48.93 -7.45 -109.66
CA GLY B 31 48.43 -6.06 -109.78
C GLY B 31 47.51 -5.66 -108.64
N ASN B 32 47.25 -6.57 -107.68
CA ASN B 32 46.29 -6.30 -106.59
C ASN B 32 47.08 -6.12 -105.29
N PHE B 33 46.93 -4.96 -104.64
CA PHE B 33 47.57 -4.65 -103.35
C PHE B 33 46.73 -5.25 -102.23
N ARG B 34 47.38 -6.00 -101.33
CA ARG B 34 46.68 -6.70 -100.22
C ARG B 34 46.65 -5.80 -98.99
N CYS B 35 45.44 -5.56 -98.44
CA CYS B 35 45.29 -4.89 -97.12
C CYS B 35 45.49 -5.92 -96.00
N ASP B 36 45.59 -5.44 -94.76
CA ASP B 36 46.02 -6.27 -93.60
C ASP B 36 45.04 -7.44 -93.38
N ASN B 37 43.74 -7.21 -93.54
CA ASN B 37 42.72 -8.24 -93.21
C ASN B 37 42.69 -9.36 -94.26
N GLY B 38 43.37 -9.17 -95.41
CA GLY B 38 43.45 -10.19 -96.47
C GLY B 38 42.71 -9.78 -97.71
N TYR B 39 41.73 -8.86 -97.59
CA TYR B 39 41.03 -8.28 -98.77
C TYR B 39 42.06 -7.49 -99.59
N CYS B 40 42.29 -7.92 -100.83
CA CYS B 40 43.31 -7.29 -101.70
C CYS B 40 42.61 -6.47 -102.79
N ILE B 41 43.16 -5.28 -103.04
CA ILE B 41 42.49 -4.25 -103.90
C ILE B 41 43.43 -3.91 -105.05
N PRO B 42 42.91 -3.44 -106.21
CA PRO B 42 43.76 -3.04 -107.32
C PRO B 42 44.77 -1.93 -106.96
N ALA B 43 45.97 -2.00 -107.55
CA ALA B 43 47.08 -1.05 -107.31
C ALA B 43 46.66 0.38 -107.64
N SER B 44 45.72 0.57 -108.59
CA SER B 44 45.29 1.92 -109.03
C SER B 44 44.63 2.68 -107.86
N TRP B 45 44.05 1.94 -106.91
CA TRP B 45 43.33 2.51 -105.74
C TRP B 45 44.29 2.83 -104.60
N ARG B 46 45.53 2.32 -104.65
CA ARG B 46 46.55 2.59 -103.61
C ARG B 46 46.98 4.06 -103.70
N CYS B 47 46.75 4.84 -102.62
CA CYS B 47 47.19 6.26 -102.49
C CYS B 47 46.43 7.15 -103.48
N ASP B 48 45.12 6.88 -103.64
CA ASP B 48 44.24 7.53 -104.65
C ASP B 48 43.49 8.70 -104.02
N GLY B 49 43.67 8.95 -102.71
CA GLY B 49 42.98 10.02 -101.97
C GLY B 49 41.80 9.52 -101.16
N THR B 50 41.49 8.22 -101.18
CA THR B 50 40.33 7.64 -100.45
C THR B 50 40.79 6.44 -99.61
N ARG B 51 40.23 6.26 -98.42
CA ARG B 51 40.52 5.07 -97.59
C ARG B 51 39.72 3.91 -98.19
N ASP B 52 40.31 3.19 -99.16
CA ASP B 52 39.57 2.16 -99.93
C ASP B 52 39.22 0.97 -99.05
N CYS B 53 40.16 0.51 -98.20
CA CYS B 53 39.92 -0.69 -97.36
C CYS B 53 39.88 -0.29 -95.87
N LEU B 54 39.35 -1.18 -95.03
CA LEU B 54 38.90 -0.82 -93.66
C LEU B 54 40.10 -0.38 -92.81
N ASP B 55 41.24 -1.09 -92.93
CA ASP B 55 42.46 -0.77 -92.14
C ASP B 55 43.12 0.50 -92.66
N ASP B 56 42.62 1.07 -93.77
CA ASP B 56 43.09 2.34 -94.39
C ASP B 56 44.60 2.32 -94.64
N THR B 57 45.23 1.13 -94.72
CA THR B 57 46.67 1.01 -95.03
C THR B 57 46.92 1.33 -96.50
N ASP B 58 45.86 1.47 -97.32
CA ASP B 58 45.96 1.69 -98.78
C ASP B 58 46.28 3.15 -99.12
N GLU B 59 46.38 4.08 -98.15
CA GLU B 59 46.75 5.49 -98.42
C GLU B 59 48.12 5.83 -97.84
N ILE B 60 48.79 4.91 -97.11
CA ILE B 60 49.96 5.28 -96.25
C ILE B 60 51.16 4.37 -96.57
N GLY B 61 52.37 4.95 -96.48
CA GLY B 61 53.60 4.33 -97.01
C GLY B 61 54.05 4.99 -98.29
N CYS B 62 53.11 5.62 -99.03
CA CYS B 62 53.40 6.43 -100.25
C CYS B 62 54.05 7.75 -99.84
N PRO B 63 54.98 8.33 -100.65
CA PRO B 63 55.43 9.70 -100.42
C PRO B 63 54.32 10.72 -100.74
N PRO B 64 54.25 11.86 -100.01
CA PRO B 64 53.23 12.88 -100.28
C PRO B 64 53.53 13.74 -101.52
N ARG B 65 52.49 14.43 -102.02
CA ARG B 65 52.62 15.47 -103.08
C ARG B 65 53.44 16.63 -102.51
N SER B 66 54.31 17.24 -103.34
CA SER B 66 55.32 18.23 -102.87
C SER B 66 55.63 19.24 -103.97
N CYS B 67 56.05 20.45 -103.55
CA CYS B 67 56.53 21.54 -104.45
C CYS B 67 58.05 21.48 -104.57
N GLU B 68 58.62 22.37 -105.42
CA GLU B 68 60.06 22.44 -105.75
C GLU B 68 60.88 23.05 -104.59
N SER B 69 62.21 23.15 -104.80
CA SER B 69 63.20 23.63 -103.79
C SER B 69 62.97 25.10 -103.41
N GLY B 70 63.33 25.46 -102.17
CA GLY B 70 63.16 26.84 -101.64
C GLY B 70 61.77 27.09 -101.10
N LEU B 71 60.85 26.12 -101.20
CA LEU B 71 59.50 26.21 -100.57
C LEU B 71 59.30 25.02 -99.62
N PHE B 72 58.48 25.24 -98.58
CA PHE B 72 57.82 24.19 -97.79
C PHE B 72 56.37 24.08 -98.28
N LEU B 73 55.71 22.95 -98.00
CA LEU B 73 54.26 22.77 -98.30
C LEU B 73 53.55 22.48 -96.98
N CYS B 74 52.64 23.38 -96.56
CA CYS B 74 51.92 23.26 -95.27
C CYS B 74 51.03 22.02 -95.33
N PRO B 75 51.25 20.98 -94.51
CA PRO B 75 50.46 19.74 -94.61
C PRO B 75 48.94 19.96 -94.41
N ALA B 76 48.57 20.94 -93.58
CA ALA B 76 47.17 21.14 -93.13
C ALA B 76 46.30 21.69 -94.26
N GLU B 77 46.85 22.54 -95.16
CA GLU B 77 46.03 23.17 -96.23
C GLU B 77 46.56 22.74 -97.61
N GLY B 78 47.88 22.84 -97.85
CA GLY B 78 48.47 22.36 -99.11
C GLY B 78 48.92 23.47 -100.05
N THR B 79 48.99 24.73 -99.59
CA THR B 79 49.71 25.82 -100.32
C THR B 79 51.22 25.61 -100.18
N CYS B 80 51.99 26.15 -101.13
CA CYS B 80 53.47 26.15 -101.08
C CYS B 80 53.97 27.57 -100.78
N ILE B 81 54.76 27.69 -99.71
CA ILE B 81 55.29 29.00 -99.21
C ILE B 81 56.82 28.91 -99.19
N PRO B 82 57.56 30.02 -99.45
CA PRO B 82 59.00 29.93 -99.61
C PRO B 82 59.76 29.80 -98.27
N SER B 83 61.07 29.62 -98.37
CA SER B 83 61.98 29.51 -97.21
C SER B 83 61.88 30.76 -96.33
N SER B 84 61.48 31.91 -96.92
CA SER B 84 61.35 33.18 -96.17
C SER B 84 60.21 33.08 -95.16
N TRP B 85 59.07 32.50 -95.55
CA TRP B 85 57.88 32.47 -94.67
C TRP B 85 58.08 31.45 -93.55
N VAL B 86 58.75 30.34 -93.84
CA VAL B 86 59.05 29.34 -92.78
C VAL B 86 60.23 29.85 -91.96
N CYS B 87 60.22 29.54 -90.66
CA CYS B 87 61.26 30.00 -89.68
C CYS B 87 61.29 31.53 -89.63
N ASP B 88 60.11 32.16 -89.64
CA ASP B 88 59.98 33.62 -89.45
C ASP B 88 59.47 33.91 -88.03
N GLU B 89 59.56 32.93 -87.11
CA GLU B 89 59.23 33.07 -85.67
C GLU B 89 57.73 33.39 -85.47
N ASP B 90 56.95 33.47 -86.56
CA ASP B 90 55.49 33.72 -86.46
C ASP B 90 54.75 32.56 -87.13
N LYS B 91 53.42 32.66 -87.16
CA LYS B 91 52.57 31.54 -87.63
C LYS B 91 52.26 31.75 -89.10
N ASP B 92 53.01 31.08 -89.99
CA ASP B 92 52.82 31.22 -91.45
C ASP B 92 51.82 30.17 -91.93
N CYS B 93 52.08 28.88 -91.67
CA CYS B 93 51.15 27.79 -92.08
C CYS B 93 49.96 27.76 -91.11
N SER B 94 48.84 27.18 -91.55
CA SER B 94 47.60 27.08 -90.74
C SER B 94 47.89 26.32 -89.44
N ASP B 95 48.57 25.17 -89.54
CA ASP B 95 48.92 24.36 -88.35
C ASP B 95 49.99 25.10 -87.53
N GLY B 96 50.92 25.80 -88.20
CA GLY B 96 51.98 26.59 -87.53
C GLY B 96 53.02 25.71 -86.85
N ALA B 97 53.21 24.46 -87.32
CA ALA B 97 54.21 23.53 -86.75
C ALA B 97 55.59 23.80 -87.35
N ASP B 98 55.72 24.72 -88.32
CA ASP B 98 57.01 24.93 -89.05
C ASP B 98 58.11 25.35 -88.07
N GLU B 99 57.78 26.20 -87.09
CA GLU B 99 58.78 26.77 -86.15
C GLU B 99 59.40 25.68 -85.27
N GLN B 100 58.81 24.48 -85.19
CA GLN B 100 59.34 23.40 -84.31
C GLN B 100 59.51 22.08 -85.07
N GLN B 101 58.96 21.92 -86.28
CA GLN B 101 59.07 20.65 -87.04
C GLN B 101 60.02 20.82 -88.23
N ASN B 102 60.29 22.07 -88.66
CA ASN B 102 61.23 22.33 -89.78
C ASN B 102 62.48 23.05 -89.26
N CYS B 103 62.30 24.10 -88.45
CA CYS B 103 63.41 24.98 -88.00
C CYS B 103 64.25 24.28 -86.92
N ALA B 104 63.73 23.20 -86.30
CA ALA B 104 64.41 22.49 -85.20
C ALA B 104 65.52 21.59 -85.78
N LYS B 186 67.69 -28.16 -81.60
CA LYS B 186 66.86 -27.90 -82.81
C LYS B 186 66.56 -29.22 -83.53
N GLU B 187 65.43 -29.24 -84.27
CA GLU B 187 64.99 -30.45 -85.01
C GLU B 187 66.01 -30.77 -86.11
N PHE B 188 66.15 -32.05 -86.43
CA PHE B 188 67.08 -32.53 -87.47
C PHE B 188 66.47 -32.28 -88.85
N GLU B 189 67.29 -31.81 -89.79
CA GLU B 189 66.84 -31.57 -91.19
C GLU B 189 67.04 -32.85 -92.00
N CYS B 190 66.01 -33.69 -92.08
CA CYS B 190 66.03 -34.91 -92.91
C CYS B 190 66.12 -34.51 -94.39
N GLY B 191 66.60 -35.44 -95.23
CA GLY B 191 66.74 -35.25 -96.68
C GLY B 191 65.43 -34.84 -97.35
N SER B 192 64.28 -35.26 -96.79
CA SER B 192 62.94 -34.94 -97.33
C SER B 192 62.54 -33.50 -97.01
N GLY B 193 63.26 -32.82 -96.09
CA GLY B 193 63.01 -31.42 -95.74
C GLY B 193 62.24 -31.28 -94.44
N GLU B 194 61.76 -32.39 -93.83
CA GLU B 194 60.95 -32.33 -92.60
C GLU B 194 61.87 -32.00 -91.41
N CYS B 195 61.36 -31.22 -90.47
CA CYS B 195 62.05 -30.93 -89.19
C CYS B 195 61.70 -32.06 -88.21
N ILE B 196 62.67 -32.94 -87.95
CA ILE B 196 62.43 -34.18 -87.16
C ILE B 196 63.02 -33.99 -85.77
N LEU B 197 62.25 -34.40 -84.74
CA LEU B 197 62.72 -34.34 -83.33
C LEU B 197 63.93 -35.27 -83.17
N ARG B 198 64.87 -34.89 -82.29
CA ARG B 198 66.15 -35.61 -82.14
C ARG B 198 65.95 -36.94 -81.39
N ALA B 199 64.82 -37.11 -80.69
CA ALA B 199 64.49 -38.34 -79.93
C ALA B 199 64.54 -39.59 -80.83
N TYR B 200 64.32 -39.46 -82.14
CA TYR B 200 64.20 -40.64 -83.04
C TYR B 200 65.53 -40.92 -83.73
N VAL B 201 66.62 -40.21 -83.42
CA VAL B 201 67.93 -40.42 -84.13
C VAL B 201 68.59 -41.72 -83.64
N CYS B 202 68.89 -42.58 -84.61
CA CYS B 202 69.16 -44.03 -84.49
C CYS B 202 68.20 -44.67 -83.46
N ASP B 203 66.89 -44.44 -83.59
CA ASP B 203 65.89 -45.16 -82.75
C ASP B 203 65.53 -46.51 -83.39
N HIS B 204 66.19 -46.86 -84.51
CA HIS B 204 65.95 -48.06 -85.34
C HIS B 204 64.59 -47.97 -86.03
N ASP B 205 64.25 -46.80 -86.56
CA ASP B 205 63.04 -46.59 -87.41
C ASP B 205 63.34 -45.51 -88.46
N ASN B 206 62.56 -45.48 -89.55
CA ASN B 206 62.90 -44.65 -90.74
C ASN B 206 62.82 -43.17 -90.38
N ASP B 207 61.66 -42.73 -89.85
CA ASP B 207 61.39 -41.33 -89.42
C ASP B 207 61.26 -40.42 -90.65
N CYS B 208 61.72 -40.87 -91.83
CA CYS B 208 61.55 -40.17 -93.12
C CYS B 208 62.10 -41.08 -94.22
N GLU B 209 62.17 -40.59 -95.47
CA GLU B 209 62.50 -41.45 -96.64
C GLU B 209 63.97 -41.87 -96.57
N ASP B 210 64.88 -40.95 -96.18
CA ASP B 210 66.33 -41.13 -96.43
C ASP B 210 66.94 -42.10 -95.42
N ASN B 211 66.36 -42.23 -94.22
CA ASN B 211 66.96 -42.99 -93.09
C ASN B 211 68.36 -42.45 -92.77
N SER B 212 68.55 -41.13 -92.83
CA SER B 212 69.85 -40.50 -92.48
C SER B 212 70.08 -40.59 -90.97
N ASP B 213 69.00 -40.70 -90.17
CA ASP B 213 69.10 -40.78 -88.70
C ASP B 213 69.73 -42.12 -88.31
N GLU B 214 69.64 -43.14 -89.19
CA GLU B 214 70.21 -44.49 -88.96
C GLU B 214 71.59 -44.61 -89.63
N ARG B 215 72.18 -43.53 -90.17
CA ARG B 215 73.48 -43.62 -90.89
C ARG B 215 74.58 -43.97 -89.89
N ASN B 216 74.66 -43.24 -88.76
CA ASN B 216 75.64 -43.54 -87.70
C ASN B 216 74.90 -43.65 -86.36
N CYS B 217 75.29 -44.63 -85.53
CA CYS B 217 74.44 -45.11 -84.42
C CYS B 217 75.21 -45.16 -83.09
N ASN B 218 74.47 -44.84 -82.02
CA ASN B 218 75.02 -44.57 -80.67
C ASN B 218 74.48 -45.56 -79.63
N TYR B 219 73.83 -46.65 -80.09
CA TYR B 219 73.25 -47.70 -79.20
C TYR B 219 74.34 -48.46 -78.44
N ASP B 220 73.91 -49.21 -77.40
CA ASP B 220 74.83 -50.03 -76.57
C ASP B 220 74.37 -51.49 -76.49
N THR B 221 73.82 -51.90 -75.33
CA THR B 221 73.73 -53.30 -74.85
C THR B 221 72.35 -53.57 -74.24
N CYS B 222 71.45 -52.58 -74.27
CA CYS B 222 70.00 -52.73 -73.93
C CYS B 222 69.71 -53.15 -72.48
N GLY B 223 70.67 -53.09 -71.54
CA GLY B 223 70.37 -53.45 -70.14
C GLY B 223 69.91 -54.89 -69.99
N GLY B 224 69.30 -55.20 -68.83
CA GLY B 224 68.64 -56.50 -68.60
C GLY B 224 67.14 -56.40 -68.75
N HIS B 225 66.58 -55.18 -68.69
CA HIS B 225 65.11 -54.95 -68.69
C HIS B 225 64.60 -54.64 -70.10
N GLN B 226 65.37 -54.93 -71.15
CA GLN B 226 64.92 -54.69 -72.55
C GLN B 226 65.24 -55.92 -73.41
N PHE B 227 64.35 -56.21 -74.35
CA PHE B 227 64.61 -57.19 -75.43
C PHE B 227 65.43 -56.52 -76.54
N THR B 228 66.08 -57.31 -77.40
CA THR B 228 66.81 -56.78 -78.58
C THR B 228 66.19 -57.32 -79.87
N CYS B 229 65.66 -56.43 -80.70
CA CYS B 229 65.08 -56.80 -82.01
C CYS B 229 66.15 -57.27 -83.00
N SER B 230 65.72 -57.86 -84.12
CA SER B 230 66.55 -58.19 -85.31
C SER B 230 67.45 -57.02 -85.74
N ASN B 231 66.94 -55.79 -85.57
CA ASN B 231 67.57 -54.53 -86.04
C ASN B 231 68.60 -53.99 -85.03
N GLY B 232 68.83 -54.66 -83.89
CA GLY B 232 69.72 -54.15 -82.82
C GLY B 232 69.03 -53.18 -81.87
N GLN B 233 67.71 -52.96 -82.04
CA GLN B 233 66.89 -52.03 -81.23
C GLN B 233 66.62 -52.58 -79.83
N CYS B 234 66.82 -51.76 -78.80
CA CYS B 234 66.37 -52.08 -77.42
C CYS B 234 64.87 -51.73 -77.27
N ILE B 235 64.04 -52.67 -76.79
CA ILE B 235 62.61 -52.36 -76.47
C ILE B 235 62.22 -52.92 -75.10
N ASN B 236 61.32 -52.24 -74.37
CA ASN B 236 61.02 -52.61 -72.97
C ASN B 236 60.57 -54.08 -72.83
N GLN B 237 61.06 -54.77 -71.80
CA GLN B 237 60.87 -56.25 -71.69
C GLN B 237 59.39 -56.66 -71.63
N ASN B 238 58.45 -55.80 -71.18
CA ASN B 238 57.02 -56.19 -71.10
C ASN B 238 56.35 -56.27 -72.48
N TRP B 239 56.93 -55.68 -73.53
CA TRP B 239 56.32 -55.67 -74.88
C TRP B 239 56.59 -56.98 -75.63
N VAL B 240 57.65 -57.70 -75.25
CA VAL B 240 57.82 -59.08 -75.76
C VAL B 240 56.56 -59.88 -75.44
N CYS B 241 55.98 -60.44 -76.51
CA CYS B 241 54.81 -61.34 -76.47
C CYS B 241 53.58 -60.64 -75.87
N ASP B 242 53.42 -59.34 -76.12
CA ASP B 242 52.23 -58.58 -75.62
C ASP B 242 51.08 -58.70 -76.64
N GLY B 243 51.36 -59.19 -77.86
CA GLY B 243 50.35 -59.27 -78.95
C GLY B 243 50.53 -58.17 -79.99
N ASP B 244 51.55 -57.31 -79.84
CA ASP B 244 51.82 -56.23 -80.82
C ASP B 244 53.25 -56.37 -81.34
N ASP B 245 53.40 -56.29 -82.66
CA ASP B 245 54.71 -56.47 -83.35
C ASP B 245 55.52 -55.19 -83.15
N ASP B 246 56.19 -55.10 -82.00
CA ASP B 246 57.04 -53.98 -81.58
C ASP B 246 58.30 -53.87 -82.42
N CYS B 247 58.88 -55.01 -82.83
CA CYS B 247 60.05 -55.04 -83.74
C CYS B 247 59.59 -55.09 -85.21
N GLN B 248 60.38 -54.50 -86.13
CA GLN B 248 60.25 -54.85 -87.57
C GLN B 248 60.56 -56.35 -87.74
N ASP B 249 59.75 -57.03 -88.56
CA ASP B 249 59.74 -58.50 -88.86
C ASP B 249 59.13 -59.27 -87.68
N SER B 250 58.61 -58.56 -86.66
CA SER B 250 57.90 -59.17 -85.49
C SER B 250 58.82 -60.19 -84.79
N GLY B 251 60.08 -59.80 -84.58
CA GLY B 251 61.07 -60.60 -83.83
C GLY B 251 60.68 -60.77 -82.37
N ASP B 252 59.88 -59.84 -81.81
CA ASP B 252 59.46 -59.85 -80.38
C ASP B 252 58.33 -60.84 -80.12
N GLU B 253 57.78 -61.52 -81.13
CA GLU B 253 56.73 -62.53 -80.82
C GLU B 253 57.28 -63.93 -81.13
N ASP B 254 57.62 -64.17 -82.41
CA ASP B 254 58.17 -65.47 -82.86
C ASP B 254 57.44 -66.62 -82.16
N GLY B 255 56.11 -66.71 -82.37
CA GLY B 255 55.28 -67.82 -81.88
C GLY B 255 55.34 -67.99 -80.37
N CYS B 256 54.81 -67.01 -79.62
CA CYS B 256 54.69 -67.10 -78.15
C CYS B 256 53.74 -68.25 -77.76
N GLU B 257 52.78 -68.56 -78.65
CA GLU B 257 51.80 -69.63 -78.38
C GLU B 257 52.41 -70.98 -78.76
N SER B 258 51.94 -72.04 -78.11
CA SER B 258 52.42 -73.42 -78.37
C SER B 258 51.24 -74.29 -78.81
N ASN B 259 51.52 -75.53 -79.22
CA ASN B 259 50.50 -76.46 -79.76
C ASN B 259 49.75 -75.75 -80.90
N GLN B 260 50.49 -75.16 -81.85
CA GLN B 260 49.88 -74.41 -82.98
C GLN B 260 49.24 -75.40 -83.95
N SER B 261 48.74 -74.91 -85.09
CA SER B 261 48.20 -75.75 -86.19
C SER B 261 49.33 -76.61 -86.78
N HIS B 262 50.61 -76.28 -86.49
CA HIS B 262 51.79 -77.02 -86.99
C HIS B 262 51.81 -77.04 -88.52
N HIS B 263 51.47 -75.91 -89.13
CA HIS B 263 51.58 -75.74 -90.60
C HIS B 263 53.07 -75.61 -90.95
N ARG B 264 53.37 -75.74 -92.26
CA ARG B 264 54.73 -75.71 -92.84
C ARG B 264 55.70 -76.56 -91.99
N CYS B 265 55.35 -77.83 -91.78
CA CYS B 265 56.20 -78.81 -91.05
C CYS B 265 57.61 -78.81 -91.66
N TYR B 266 58.57 -79.27 -90.89
CA TYR B 266 60.00 -79.24 -91.27
C TYR B 266 60.19 -80.12 -92.51
N PRO B 267 61.17 -79.83 -93.38
CA PRO B 267 61.51 -80.74 -94.46
C PRO B 267 61.99 -82.08 -93.87
N ARG B 268 61.68 -83.19 -94.58
CA ARG B 268 61.65 -84.60 -94.07
C ARG B 268 60.59 -84.81 -92.98
N GLU B 269 59.65 -83.88 -92.79
CA GLU B 269 58.39 -84.15 -92.04
C GLU B 269 57.16 -83.78 -92.90
N TRP B 270 56.08 -84.51 -92.67
CA TRP B 270 54.80 -84.42 -93.40
C TRP B 270 53.69 -84.13 -92.39
N ALA B 271 52.73 -83.29 -92.82
CA ALA B 271 51.60 -82.83 -92.00
C ALA B 271 50.42 -83.79 -92.21
N CYS B 272 49.89 -84.35 -91.11
CA CYS B 272 48.67 -85.18 -91.15
C CYS B 272 47.46 -84.27 -91.37
N PRO B 273 46.70 -84.42 -92.47
CA PRO B 273 45.59 -83.49 -92.77
C PRO B 273 44.53 -83.43 -91.66
N GLY B 274 44.24 -84.57 -91.00
CA GLY B 274 43.18 -84.65 -89.98
C GLY B 274 43.58 -83.97 -88.68
N SER B 275 44.65 -84.47 -88.04
CA SER B 275 45.03 -84.03 -86.68
C SER B 275 46.00 -82.83 -86.73
N GLY B 276 46.55 -82.51 -87.91
CA GLY B 276 47.54 -81.42 -88.07
C GLY B 276 48.88 -81.79 -87.44
N ARG B 277 49.19 -83.09 -87.31
CA ARG B 277 50.40 -83.54 -86.59
C ARG B 277 51.56 -83.65 -87.58
N CYS B 278 52.67 -82.93 -87.31
CA CYS B 278 53.91 -83.08 -88.10
C CYS B 278 54.56 -84.42 -87.72
N ILE B 279 54.71 -85.32 -88.70
CA ILE B 279 55.36 -86.64 -88.47
C ILE B 279 56.42 -86.86 -89.54
N SER B 280 57.33 -87.80 -89.28
CA SER B 280 58.45 -88.13 -90.18
C SER B 280 57.89 -88.71 -91.50
N ILE B 281 58.52 -88.32 -92.62
CA ILE B 281 58.04 -88.72 -93.98
C ILE B 281 58.13 -90.24 -94.13
N ASP B 282 59.17 -90.87 -93.58
CA ASP B 282 59.39 -92.33 -93.74
C ASP B 282 58.28 -93.11 -93.03
N LYS B 283 57.50 -92.46 -92.15
CA LYS B 283 56.45 -93.16 -91.38
C LYS B 283 55.08 -93.09 -92.07
N VAL B 284 54.97 -92.40 -93.21
CA VAL B 284 53.70 -92.36 -93.99
C VAL B 284 53.56 -93.68 -94.75
N CYS B 285 52.38 -94.30 -94.66
CA CYS B 285 52.06 -95.59 -95.33
C CYS B 285 53.07 -96.68 -94.95
N ASP B 286 53.62 -96.61 -93.74
CA ASP B 286 54.59 -97.63 -93.26
C ASP B 286 53.84 -98.82 -92.66
N GLY B 287 52.49 -98.77 -92.59
CA GLY B 287 51.68 -99.85 -91.99
C GLY B 287 51.26 -99.53 -90.56
N VAL B 288 51.67 -98.39 -90.03
CA VAL B 288 51.34 -97.99 -88.63
C VAL B 288 50.50 -96.73 -88.66
N PRO B 289 49.26 -96.74 -88.14
CA PRO B 289 48.48 -95.51 -88.04
C PRO B 289 49.04 -94.58 -86.97
N ASP B 290 50.22 -93.99 -87.23
CA ASP B 290 50.95 -93.20 -86.21
C ASP B 290 50.13 -92.00 -85.76
N CYS B 291 49.55 -91.24 -86.70
CA CYS B 291 48.72 -90.07 -86.36
C CYS B 291 47.44 -90.56 -85.66
N PRO B 292 46.92 -89.82 -84.67
CA PRO B 292 45.70 -90.22 -83.95
C PRO B 292 44.52 -90.55 -84.87
N GLU B 293 44.36 -89.79 -85.98
CA GLU B 293 43.21 -89.96 -86.90
C GLU B 293 43.53 -91.00 -87.96
N GLY B 294 44.74 -91.60 -87.96
CA GLY B 294 45.16 -92.56 -89.00
C GLY B 294 45.38 -91.87 -90.33
N ASP B 295 45.76 -90.58 -90.31
CA ASP B 295 45.96 -89.78 -91.54
C ASP B 295 47.16 -90.30 -92.33
N ASP B 296 48.08 -91.02 -91.65
CA ASP B 296 49.31 -91.54 -92.32
C ASP B 296 49.13 -93.02 -92.65
N GLU B 297 47.89 -93.52 -92.75
CA GLU B 297 47.66 -94.94 -93.09
C GLU B 297 46.44 -95.07 -93.99
N ASN B 298 46.16 -96.30 -94.44
CA ASN B 298 45.09 -96.58 -95.43
C ASN B 298 43.75 -96.70 -94.70
N ASN B 299 42.69 -96.19 -95.33
CA ASN B 299 41.30 -96.39 -94.88
C ASN B 299 40.38 -96.22 -96.10
N VAL B 300 39.23 -96.89 -96.10
CA VAL B 300 38.34 -96.91 -97.28
C VAL B 300 37.15 -95.98 -97.05
N THR B 301 36.86 -95.61 -95.80
CA THR B 301 35.62 -94.85 -95.46
C THR B 301 35.65 -93.47 -96.12
N SER B 302 36.82 -92.93 -96.47
CA SER B 302 36.93 -91.60 -97.11
C SER B 302 37.89 -91.65 -98.28
N GLY B 303 38.10 -92.83 -98.89
CA GLY B 303 38.87 -92.99 -100.14
C GLY B 303 40.32 -92.52 -99.97
N ARG B 304 40.99 -92.94 -98.90
CA ARG B 304 42.41 -92.53 -98.66
C ARG B 304 43.26 -93.76 -98.36
N THR B 305 43.16 -94.79 -99.21
CA THR B 305 44.01 -96.00 -99.09
C THR B 305 45.44 -95.64 -99.51
N CYS B 306 46.40 -96.47 -99.12
CA CYS B 306 47.84 -96.25 -99.43
C CYS B 306 48.14 -96.77 -100.84
N GLY B 307 47.62 -96.04 -101.84
CA GLY B 307 47.82 -96.36 -103.27
C GLY B 307 48.64 -95.27 -103.95
N MET B 308 49.60 -95.65 -104.81
CA MET B 308 50.41 -94.65 -105.56
C MET B 308 49.58 -94.17 -106.75
N GLY B 309 49.44 -92.83 -106.88
CA GLY B 309 48.61 -92.18 -107.91
C GLY B 309 49.38 -91.36 -108.94
N VAL B 310 50.37 -90.51 -108.54
CA VAL B 310 50.85 -89.42 -109.45
C VAL B 310 52.37 -89.12 -109.34
N CYS B 311 53.16 -89.83 -108.51
CA CYS B 311 54.63 -89.58 -108.45
C CYS B 311 55.31 -89.85 -109.80
N SER B 312 54.77 -90.79 -110.59
CA SER B 312 55.30 -91.16 -111.94
C SER B 312 55.36 -89.94 -112.87
N VAL B 313 54.55 -88.89 -112.64
CA VAL B 313 54.56 -87.66 -113.48
C VAL B 313 55.04 -86.45 -112.65
N LEU B 314 54.80 -86.40 -111.33
CA LEU B 314 55.36 -85.30 -110.49
C LEU B 314 56.90 -85.36 -110.46
N ASN B 315 57.49 -86.58 -110.54
CA ASN B 315 58.92 -86.81 -110.87
C ASN B 315 59.82 -85.89 -110.03
N CYS B 316 59.81 -86.07 -108.70
CA CYS B 316 60.50 -85.22 -107.71
C CYS B 316 62.00 -85.04 -108.02
N GLU B 317 62.52 -83.85 -107.69
CA GLU B 317 63.94 -83.47 -107.96
C GLU B 317 64.91 -84.22 -107.03
N TYR B 318 64.41 -85.09 -106.13
CA TYR B 318 65.22 -86.21 -105.59
C TYR B 318 64.39 -87.47 -105.37
N GLN B 319 63.41 -87.45 -104.43
CA GLN B 319 62.67 -88.69 -104.06
C GLN B 319 61.16 -88.40 -103.97
N CYS B 320 60.36 -89.24 -104.63
CA CYS B 320 58.89 -89.10 -104.63
C CYS B 320 58.27 -90.29 -103.87
N HIS B 321 57.36 -90.00 -102.94
CA HIS B 321 56.83 -91.03 -102.00
C HIS B 321 55.30 -91.09 -102.10
N GLN B 322 54.75 -92.31 -101.96
CA GLN B 322 53.28 -92.52 -101.99
C GLN B 322 52.68 -92.11 -100.64
N THR B 323 51.59 -91.34 -100.68
CA THR B 323 50.84 -90.96 -99.46
C THR B 323 49.35 -91.20 -99.70
N PRO B 324 48.53 -91.36 -98.65
CA PRO B 324 47.11 -91.64 -98.85
C PRO B 324 46.35 -90.52 -99.58
N PHE B 325 46.94 -89.31 -99.66
CA PHE B 325 46.34 -88.13 -100.32
C PHE B 325 47.09 -87.73 -101.61
N GLY B 326 48.01 -88.57 -102.12
CA GLY B 326 48.70 -88.37 -103.41
C GLY B 326 50.20 -88.66 -103.37
N GLY B 327 50.88 -88.45 -104.52
CA GLY B 327 52.35 -88.50 -104.58
C GLY B 327 52.95 -87.21 -104.02
N GLU B 328 54.03 -87.31 -103.22
CA GLU B 328 54.68 -86.12 -102.60
C GLU B 328 56.20 -86.16 -102.77
N CYS B 329 56.81 -84.97 -102.83
CA CYS B 329 58.25 -84.79 -103.18
C CYS B 329 59.08 -84.36 -101.97
N PHE B 330 60.24 -85.01 -101.76
CA PHE B 330 61.20 -84.69 -100.67
C PHE B 330 62.62 -84.67 -101.23
N CYS B 331 63.50 -83.86 -100.62
CA CYS B 331 64.86 -83.59 -101.18
C CYS B 331 65.91 -83.47 -100.05
N PRO B 332 67.23 -83.57 -100.36
CA PRO B 332 68.30 -83.59 -99.35
C PRO B 332 68.35 -82.35 -98.44
N PRO B 333 68.96 -82.46 -97.24
CA PRO B 333 69.00 -81.34 -96.29
C PRO B 333 69.56 -80.05 -96.91
N GLY B 334 69.06 -78.92 -96.41
CA GLY B 334 69.44 -77.59 -96.90
C GLY B 334 68.38 -77.01 -97.82
N HIS B 335 67.21 -77.67 -97.95
CA HIS B 335 66.15 -77.19 -98.86
C HIS B 335 64.79 -77.49 -98.24
N ILE B 336 63.78 -76.70 -98.64
CA ILE B 336 62.38 -76.88 -98.17
C ILE B 336 61.49 -77.08 -99.41
N ILE B 337 60.66 -78.12 -99.40
CA ILE B 337 59.76 -78.47 -100.54
C ILE B 337 58.87 -77.26 -100.89
N ASN B 338 58.94 -76.80 -102.14
CA ASN B 338 58.15 -75.62 -102.60
C ASN B 338 56.73 -76.10 -102.86
N SER B 339 55.75 -75.54 -102.13
CA SER B 339 54.31 -75.84 -102.37
C SER B 339 53.86 -75.19 -103.69
N ASN B 340 54.69 -74.29 -104.27
CA ASN B 340 54.32 -73.54 -105.49
C ASN B 340 54.05 -74.51 -106.64
N ASP B 341 54.85 -75.59 -106.73
CA ASP B 341 54.79 -76.58 -107.83
C ASP B 341 54.90 -78.03 -107.33
N SER B 342 55.30 -78.27 -106.06
CA SER B 342 55.60 -79.61 -105.49
C SER B 342 56.67 -80.37 -106.31
N ARG B 343 57.47 -79.65 -107.12
CA ARG B 343 58.59 -80.20 -107.92
C ARG B 343 59.91 -79.72 -107.30
N THR B 344 60.01 -78.41 -107.10
CA THR B 344 61.23 -77.70 -106.65
C THR B 344 61.33 -77.68 -105.11
N CYS B 345 62.54 -77.45 -104.60
CA CYS B 345 62.72 -77.16 -103.15
C CYS B 345 63.76 -76.04 -103.02
N ILE B 346 63.36 -74.82 -102.61
CA ILE B 346 64.33 -73.70 -102.48
C ILE B 346 65.23 -73.97 -101.26
N ASP B 347 66.40 -73.34 -101.24
CA ASP B 347 67.38 -73.49 -100.14
C ASP B 347 66.74 -73.05 -98.82
N PHE B 348 67.03 -73.77 -97.74
CA PHE B 348 66.49 -73.46 -96.40
C PHE B 348 67.52 -73.87 -95.35
N ASP B 349 67.54 -73.15 -94.22
CA ASP B 349 68.46 -73.46 -93.12
C ASP B 349 67.77 -74.46 -92.18
N ASP B 350 68.13 -75.74 -92.29
CA ASP B 350 67.53 -76.79 -91.44
C ASP B 350 68.05 -76.65 -90.00
N CYS B 351 69.09 -75.84 -89.78
CA CYS B 351 69.66 -75.62 -88.43
C CYS B 351 68.62 -74.97 -87.50
N GLN B 352 67.62 -74.29 -88.06
CA GLN B 352 66.62 -73.56 -87.23
C GLN B 352 65.64 -74.55 -86.58
N ILE B 353 65.46 -75.74 -87.17
CA ILE B 353 64.41 -76.68 -86.70
C ILE B 353 64.74 -77.13 -85.28
N TRP B 354 63.70 -77.52 -84.54
CA TRP B 354 63.82 -77.91 -83.13
C TRP B 354 64.50 -79.28 -83.02
N GLY B 355 65.53 -79.36 -82.17
CA GLY B 355 66.18 -80.64 -81.82
C GLY B 355 67.10 -81.17 -82.90
N ILE B 356 67.54 -80.34 -83.84
CA ILE B 356 68.46 -80.78 -84.92
C ILE B 356 69.79 -81.17 -84.27
N CYS B 357 70.31 -80.32 -83.37
CA CYS B 357 71.61 -80.59 -82.70
C CYS B 357 71.51 -80.10 -81.25
N ASP B 358 72.26 -80.75 -80.38
CA ASP B 358 72.42 -80.28 -78.98
C ASP B 358 73.24 -78.99 -79.01
N GLN B 359 72.88 -78.05 -78.12
CA GLN B 359 73.62 -76.77 -77.97
C GLN B 359 73.52 -76.00 -79.30
N LYS B 360 74.53 -75.19 -79.62
CA LYS B 360 74.47 -74.27 -80.78
C LYS B 360 74.74 -75.03 -82.09
N CYS B 361 74.42 -74.37 -83.21
CA CYS B 361 74.67 -74.91 -84.57
C CYS B 361 74.79 -73.74 -85.55
N GLU B 362 75.34 -74.00 -86.74
CA GLU B 362 75.61 -72.92 -87.72
C GLU B 362 75.49 -73.47 -89.14
N ASN B 363 75.37 -72.54 -90.10
CA ASN B 363 75.15 -72.84 -91.53
C ASN B 363 76.34 -72.33 -92.36
N ARG B 364 77.52 -72.18 -91.74
CA ARG B 364 78.64 -71.41 -92.36
C ARG B 364 79.15 -72.12 -93.61
N GLN B 365 79.31 -73.45 -93.58
CA GLN B 365 79.82 -74.20 -94.75
C GLN B 365 79.25 -75.61 -94.73
N GLY B 366 79.09 -76.21 -95.93
CA GLY B 366 78.48 -77.54 -96.08
C GLY B 366 77.09 -77.57 -95.47
N ARG B 367 76.34 -76.47 -95.63
CA ARG B 367 75.01 -76.28 -95.01
C ARG B 367 75.14 -76.41 -93.48
N HIS B 368 74.21 -77.13 -92.83
CA HIS B 368 74.15 -77.13 -91.34
C HIS B 368 75.40 -77.82 -90.81
N GLN B 369 75.84 -77.38 -89.63
CA GLN B 369 77.05 -77.92 -88.98
C GLN B 369 76.93 -77.71 -87.47
N CYS B 370 76.62 -78.78 -86.74
CA CYS B 370 76.45 -78.72 -85.28
C CYS B 370 77.82 -78.48 -84.64
N LEU B 371 77.83 -77.81 -83.48
CA LEU B 371 79.08 -77.62 -82.71
C LEU B 371 78.75 -77.62 -81.23
N CYS B 372 79.78 -77.79 -80.39
CA CYS B 372 79.61 -77.94 -78.93
C CYS B 372 80.43 -76.88 -78.21
N GLU B 373 79.89 -76.39 -77.09
CA GLU B 373 80.55 -75.36 -76.26
C GLU B 373 81.81 -75.97 -75.64
N GLU B 374 82.75 -75.09 -75.27
CA GLU B 374 83.99 -75.48 -74.55
C GLU B 374 83.63 -76.27 -73.29
N GLY B 375 84.40 -77.34 -73.01
CA GLY B 375 84.12 -78.26 -71.90
C GLY B 375 83.26 -79.44 -72.34
N TYR B 376 82.43 -79.28 -73.37
CA TYR B 376 81.77 -80.43 -74.03
C TYR B 376 82.60 -80.92 -75.22
N ILE B 377 82.31 -82.15 -75.64
CA ILE B 377 82.94 -82.77 -76.85
C ILE B 377 81.82 -83.39 -77.69
N LEU B 378 81.93 -83.28 -79.02
CA LEU B 378 80.86 -83.72 -79.94
C LEU B 378 80.94 -85.23 -80.12
N GLU B 379 79.79 -85.90 -80.09
CA GLU B 379 79.72 -87.38 -80.27
C GLU B 379 78.57 -87.71 -81.20
N ARG B 380 78.77 -88.76 -82.01
CA ARG B 380 77.81 -89.30 -83.02
C ARG B 380 77.57 -88.26 -84.13
N GLY B 381 78.20 -87.07 -84.05
CA GLY B 381 77.97 -85.99 -85.03
C GLY B 381 76.88 -85.03 -84.59
N GLN B 382 75.93 -85.48 -83.76
CA GLN B 382 74.76 -84.65 -83.38
C GLN B 382 74.78 -84.33 -81.88
N HIS B 383 75.46 -85.10 -81.04
CA HIS B 383 75.33 -85.01 -79.57
C HIS B 383 76.59 -84.37 -78.97
N CYS B 384 76.37 -83.49 -77.98
CA CYS B 384 77.47 -82.85 -77.21
C CYS B 384 77.56 -83.51 -75.83
N LYS B 385 78.62 -84.29 -75.57
CA LYS B 385 78.82 -84.97 -74.28
C LYS B 385 79.64 -84.08 -73.36
N SER B 386 79.44 -84.18 -72.05
CA SER B 386 80.39 -83.62 -71.06
C SER B 386 81.78 -84.27 -71.27
N SER B 387 82.86 -83.50 -71.19
CA SER B 387 84.24 -84.06 -71.27
C SER B 387 84.52 -84.95 -70.05
N ASP B 388 85.19 -86.10 -70.29
CA ASP B 388 85.68 -86.96 -69.18
C ASP B 388 86.88 -86.35 -68.44
N SER B 389 87.29 -85.12 -68.80
CA SER B 389 88.18 -84.26 -68.01
C SER B 389 87.55 -83.91 -66.65
N PHE B 390 86.22 -83.72 -66.60
CA PHE B 390 85.48 -83.41 -65.35
C PHE B 390 85.14 -84.71 -64.61
N SER B 391 84.98 -84.61 -63.29
CA SER B 391 85.14 -85.75 -62.35
C SER B 391 84.23 -86.93 -62.72
N ALA B 392 82.91 -86.70 -62.73
CA ALA B 392 81.90 -87.72 -63.04
C ALA B 392 80.54 -87.03 -63.11
N ALA B 393 79.52 -87.77 -63.58
CA ALA B 393 78.11 -87.33 -63.48
C ALA B 393 77.41 -88.13 -62.37
N SER B 394 76.64 -87.45 -61.52
CA SER B 394 75.77 -88.06 -60.50
C SER B 394 74.45 -87.30 -60.46
N VAL B 395 73.38 -87.90 -59.92
CA VAL B 395 72.08 -87.18 -59.85
C VAL B 395 71.46 -87.41 -58.47
N ILE B 396 71.03 -86.33 -57.85
CA ILE B 396 70.52 -86.32 -56.45
C ILE B 396 69.04 -86.02 -56.49
N PHE B 397 68.22 -86.87 -55.87
CA PHE B 397 66.76 -86.63 -55.85
C PHE B 397 66.19 -87.03 -54.50
N SER B 398 65.04 -86.46 -54.18
CA SER B 398 64.31 -86.76 -52.92
C SER B 398 63.45 -88.00 -53.15
N ASN B 399 63.70 -89.05 -52.38
CA ASN B 399 62.91 -90.31 -52.44
C ASN B 399 61.50 -90.01 -51.91
N GLY B 400 61.33 -88.89 -51.20
CA GLY B 400 60.05 -88.56 -50.55
C GLY B 400 60.17 -88.63 -49.05
N ARG B 401 61.18 -89.33 -48.52
CA ARG B 401 61.45 -89.37 -47.06
C ARG B 401 62.92 -89.04 -46.83
N ASP B 402 63.81 -89.51 -47.71
CA ASP B 402 65.27 -89.30 -47.53
C ASP B 402 65.91 -88.92 -48.87
N LEU B 403 67.03 -88.21 -48.79
CA LEU B 403 67.79 -87.75 -49.97
C LEU B 403 68.62 -88.93 -50.50
N LEU B 404 68.61 -89.11 -51.82
CA LEU B 404 69.37 -90.21 -52.48
C LEU B 404 70.39 -89.61 -53.45
N VAL B 405 71.21 -90.50 -54.03
CA VAL B 405 72.13 -90.14 -55.14
C VAL B 405 72.35 -91.40 -55.99
N GLY B 406 72.52 -91.20 -57.30
CA GLY B 406 72.73 -92.31 -58.24
C GLY B 406 73.64 -91.94 -59.39
N ASP B 407 74.02 -92.96 -60.16
CA ASP B 407 74.74 -92.81 -61.44
C ASP B 407 73.74 -92.49 -62.58
N LEU B 408 74.22 -91.91 -63.69
CA LEU B 408 73.34 -91.47 -64.80
C LEU B 408 72.64 -92.64 -65.55
N HIS B 409 72.70 -93.89 -65.09
CA HIS B 409 71.98 -95.01 -65.76
C HIS B 409 71.03 -95.74 -64.81
N GLY B 410 71.15 -95.52 -63.49
CA GLY B 410 70.24 -96.15 -62.50
C GLY B 410 70.70 -97.54 -62.12
N ARG B 411 72.00 -97.75 -61.92
CA ARG B 411 72.53 -99.09 -61.57
C ARG B 411 72.60 -99.22 -60.05
N ASN B 412 73.09 -98.18 -59.36
CA ASN B 412 73.32 -98.27 -57.89
C ASN B 412 72.87 -96.96 -57.25
N PHE B 413 72.01 -97.05 -56.23
CA PHE B 413 71.49 -95.85 -55.52
C PHE B 413 71.99 -95.90 -54.08
N ARG B 414 72.51 -94.77 -53.61
CA ARG B 414 73.15 -94.63 -52.28
C ARG B 414 72.32 -93.62 -51.47
N ILE B 415 71.98 -93.95 -50.23
CA ILE B 415 71.26 -92.99 -49.36
C ILE B 415 72.30 -92.03 -48.79
N LEU B 416 72.30 -90.77 -49.26
CA LEU B 416 73.27 -89.76 -48.80
C LEU B 416 72.90 -89.27 -47.40
N ALA B 417 71.61 -89.05 -47.15
CA ALA B 417 71.14 -88.51 -45.86
C ALA B 417 69.72 -89.02 -45.62
N GLU B 418 69.44 -89.49 -44.40
CA GLU B 418 68.08 -89.91 -44.01
C GLU B 418 67.49 -88.84 -43.09
N SER B 419 66.24 -88.43 -43.36
CA SER B 419 65.56 -87.40 -42.55
C SER B 419 65.16 -88.01 -41.20
N LYS B 420 65.58 -87.37 -40.11
CA LYS B 420 65.27 -87.84 -38.75
C LYS B 420 64.05 -87.08 -38.20
N ASN B 421 63.52 -87.53 -37.06
CA ASN B 421 62.37 -86.86 -36.38
C ASN B 421 61.19 -86.76 -37.36
N ARG B 422 60.96 -87.84 -38.15
CA ARG B 422 59.80 -87.93 -39.06
C ARG B 422 59.82 -86.77 -40.06
N GLY B 423 61.02 -86.39 -40.55
CA GLY B 423 61.15 -85.32 -41.56
C GLY B 423 60.92 -85.84 -42.98
N MET B 424 61.11 -84.96 -43.96
CA MET B 424 60.98 -85.35 -45.39
C MET B 424 61.75 -84.34 -46.25
N VAL B 425 62.66 -84.86 -47.08
CA VAL B 425 63.47 -83.99 -47.95
C VAL B 425 62.60 -83.54 -49.12
N MET B 426 62.43 -82.23 -49.27
CA MET B 426 61.54 -81.70 -50.34
C MET B 426 62.39 -81.08 -51.45
N GLY B 427 63.20 -80.05 -51.15
CA GLY B 427 64.02 -79.36 -52.17
C GLY B 427 65.47 -79.80 -52.11
N VAL B 428 66.15 -79.90 -53.24
CA VAL B 428 67.60 -80.23 -53.24
C VAL B 428 68.33 -79.28 -54.16
N ASP B 429 69.56 -78.93 -53.77
CA ASP B 429 70.46 -78.17 -54.66
C ASP B 429 71.89 -78.40 -54.17
N PHE B 430 72.86 -78.11 -55.03
CA PHE B 430 74.27 -78.43 -54.73
C PHE B 430 75.16 -77.26 -55.11
N HIS B 431 76.33 -77.19 -54.47
CA HIS B 431 77.41 -76.24 -54.84
C HIS B 431 78.65 -77.08 -55.12
N TYR B 432 79.00 -77.20 -56.40
CA TYR B 432 80.03 -78.17 -56.86
C TYR B 432 81.40 -77.81 -56.26
N GLN B 433 81.80 -76.53 -56.33
CA GLN B 433 83.14 -76.10 -55.87
C GLN B 433 83.34 -76.40 -54.39
N LYS B 434 82.33 -76.15 -53.54
CA LYS B 434 82.43 -76.38 -52.09
C LYS B 434 82.11 -77.85 -51.77
N HIS B 435 81.77 -78.67 -52.78
CA HIS B 435 81.40 -80.10 -52.56
C HIS B 435 80.26 -80.20 -51.55
N ARG B 436 79.24 -79.36 -51.73
CA ARG B 436 78.14 -79.22 -50.74
C ARG B 436 76.81 -79.61 -51.38
N VAL B 437 75.93 -80.25 -50.60
CA VAL B 437 74.55 -80.56 -51.04
C VAL B 437 73.59 -80.00 -50.00
N PHE B 438 72.59 -79.24 -50.44
CA PHE B 438 71.62 -78.57 -49.55
C PHE B 438 70.26 -79.23 -49.74
N TRP B 439 69.45 -79.25 -48.68
CA TRP B 439 68.05 -79.69 -48.81
C TRP B 439 67.19 -79.07 -47.71
N THR B 440 65.88 -79.05 -47.95
CA THR B 440 64.91 -78.42 -47.03
C THR B 440 63.99 -79.50 -46.47
N ASP B 441 63.51 -79.30 -45.24
CA ASP B 441 62.69 -80.30 -44.55
C ASP B 441 61.46 -79.59 -44.01
N PRO B 442 60.36 -79.50 -44.78
CA PRO B 442 59.20 -78.71 -44.37
C PRO B 442 58.45 -79.32 -43.18
N MET B 443 58.57 -80.63 -42.97
CA MET B 443 57.91 -81.27 -41.79
C MET B 443 58.73 -80.97 -40.53
N GLN B 444 60.05 -80.82 -40.64
CA GLN B 444 60.87 -80.39 -39.49
C GLN B 444 60.99 -78.86 -39.48
N GLU B 445 60.53 -78.19 -40.54
CA GLU B 445 60.64 -76.71 -40.70
C GLU B 445 62.11 -76.30 -40.56
N LYS B 446 63.01 -77.07 -41.18
CA LYS B 446 64.45 -76.77 -41.18
C LYS B 446 65.02 -76.97 -42.58
N VAL B 447 66.21 -76.40 -42.82
CA VAL B 447 67.01 -76.70 -44.03
C VAL B 447 68.38 -77.20 -43.56
N PHE B 448 69.05 -77.98 -44.39
CA PHE B 448 70.31 -78.65 -44.01
C PHE B 448 71.36 -78.45 -45.11
N SER B 449 72.54 -79.01 -44.88
CA SER B 449 73.68 -78.97 -45.82
C SER B 449 74.67 -80.07 -45.44
N THR B 450 75.14 -80.82 -46.44
CA THR B 450 76.17 -81.86 -46.22
C THR B 450 77.16 -81.85 -47.37
N ASP B 451 78.15 -82.74 -47.26
CA ASP B 451 79.02 -83.09 -48.40
C ASP B 451 78.42 -84.30 -49.13
N ILE B 452 78.93 -84.56 -50.34
CA ILE B 452 78.50 -85.70 -51.18
C ILE B 452 78.94 -87.01 -50.49
N ASN B 453 79.95 -86.93 -49.62
CA ASN B 453 80.46 -88.10 -48.86
C ASN B 453 79.43 -88.52 -47.80
N GLY B 454 78.50 -87.64 -47.42
CA GLY B 454 77.48 -87.93 -46.38
C GLY B 454 77.99 -87.56 -45.00
N LEU B 455 79.02 -86.69 -44.92
CA LEU B 455 79.59 -86.26 -43.62
C LEU B 455 79.35 -84.75 -43.46
N ASN B 456 79.58 -84.24 -42.24
CA ASN B 456 79.61 -82.78 -41.96
C ASN B 456 78.23 -82.19 -42.25
N THR B 457 77.22 -82.61 -41.50
CA THR B 457 75.85 -82.04 -41.64
C THR B 457 75.68 -80.84 -40.72
N GLN B 458 75.21 -79.71 -41.26
CA GLN B 458 74.91 -78.52 -40.44
C GLN B 458 73.46 -78.10 -40.66
N GLU B 459 72.79 -77.70 -39.58
CA GLU B 459 71.41 -77.16 -39.66
C GLU B 459 71.53 -75.67 -39.94
N ILE B 460 71.22 -75.25 -41.17
CA ILE B 460 71.48 -73.86 -41.62
C ILE B 460 70.45 -72.92 -40.99
N LEU B 461 69.16 -73.13 -41.27
CA LEU B 461 68.09 -72.21 -40.83
C LEU B 461 67.03 -73.00 -40.06
N ASN B 462 66.50 -72.42 -38.99
CA ASN B 462 65.36 -73.04 -38.26
C ASN B 462 64.39 -71.97 -37.77
N VAL B 463 64.58 -70.69 -38.15
CA VAL B 463 63.67 -69.61 -37.71
C VAL B 463 62.89 -69.12 -38.92
N SER B 464 61.56 -69.04 -38.79
CA SER B 464 60.63 -68.45 -39.78
C SER B 464 60.57 -69.31 -41.05
N VAL B 465 61.39 -70.37 -41.13
CA VAL B 465 61.35 -71.29 -42.29
C VAL B 465 60.39 -72.44 -41.95
N ASP B 466 59.09 -72.24 -42.17
CA ASP B 466 58.07 -73.19 -41.66
C ASP B 466 57.57 -74.10 -42.77
N THR B 467 57.74 -73.72 -44.04
CA THR B 467 57.38 -74.58 -45.20
C THR B 467 58.26 -74.16 -46.38
N PRO B 468 59.55 -74.52 -46.37
CA PRO B 468 60.39 -74.27 -47.53
C PRO B 468 60.07 -75.23 -48.69
N GLU B 469 59.70 -74.67 -49.85
CA GLU B 469 59.24 -75.49 -50.99
C GLU B 469 60.45 -75.91 -51.83
N ASN B 470 61.22 -74.95 -52.35
CA ASN B 470 62.31 -75.27 -53.30
C ASN B 470 63.54 -74.47 -52.92
N LEU B 471 64.63 -74.64 -53.68
CA LEU B 471 65.93 -74.05 -53.31
C LEU B 471 66.76 -73.78 -54.55
N ALA B 472 67.74 -72.89 -54.43
CA ALA B 472 68.66 -72.54 -55.53
C ALA B 472 69.89 -71.85 -54.94
N VAL B 473 71.07 -72.21 -55.45
CA VAL B 473 72.35 -71.67 -54.93
C VAL B 473 72.94 -70.74 -55.98
N ASP B 474 73.62 -69.70 -55.52
CA ASP B 474 74.34 -68.76 -56.40
C ASP B 474 75.83 -69.11 -56.31
N TRP B 475 76.29 -70.03 -57.16
CA TRP B 475 77.67 -70.58 -57.05
C TRP B 475 78.71 -69.49 -57.34
N ILE B 476 78.31 -68.38 -57.98
CA ILE B 476 79.25 -67.27 -58.27
C ILE B 476 79.44 -66.40 -57.02
N ASN B 477 78.37 -66.11 -56.30
CA ASN B 477 78.44 -65.21 -55.11
C ASN B 477 78.38 -66.03 -53.82
N ASN B 478 78.30 -67.38 -53.92
CA ASN B 478 78.26 -68.28 -52.75
C ASN B 478 77.05 -67.90 -51.87
N LYS B 479 75.86 -67.84 -52.47
CA LYS B 479 74.62 -67.49 -51.74
C LYS B 479 73.54 -68.52 -52.03
N LEU B 480 72.56 -68.59 -51.14
CA LEU B 480 71.48 -69.60 -51.20
C LEU B 480 70.14 -68.86 -51.29
N TYR B 481 69.41 -69.12 -52.38
CA TYR B 481 68.06 -68.54 -52.59
C TYR B 481 67.01 -69.57 -52.13
N LEU B 482 66.09 -69.12 -51.29
CA LEU B 482 65.11 -70.04 -50.64
C LEU B 482 63.69 -69.54 -50.94
N VAL B 483 62.74 -70.48 -51.00
CA VAL B 483 61.30 -70.15 -51.18
C VAL B 483 60.55 -70.60 -49.93
N GLU B 484 59.75 -69.69 -49.36
CA GLU B 484 58.92 -69.97 -48.16
C GLU B 484 57.45 -69.75 -48.53
N THR B 485 56.56 -70.61 -48.02
CA THR B 485 55.13 -70.53 -48.40
C THR B 485 54.18 -70.57 -47.19
N LYS B 486 54.66 -70.36 -45.97
CA LYS B 486 53.72 -69.99 -44.89
C LYS B 486 53.43 -68.50 -45.03
N VAL B 487 54.48 -67.70 -45.19
CA VAL B 487 54.37 -66.32 -45.69
C VAL B 487 55.15 -66.27 -47.00
N ASN B 488 54.43 -66.07 -48.09
CA ASN B 488 54.99 -66.19 -49.46
C ASN B 488 56.10 -65.15 -49.62
N ARG B 489 57.35 -65.61 -49.72
CA ARG B 489 58.50 -64.71 -49.96
C ARG B 489 59.65 -65.53 -50.56
N ILE B 490 60.60 -64.83 -51.15
CA ILE B 490 61.83 -65.46 -51.70
C ILE B 490 63.01 -64.79 -50.99
N ASP B 491 63.82 -65.58 -50.27
CA ASP B 491 64.88 -65.02 -49.41
C ASP B 491 66.26 -65.40 -49.97
N VAL B 492 67.28 -64.62 -49.65
CA VAL B 492 68.67 -65.01 -49.96
C VAL B 492 69.45 -65.12 -48.65
N VAL B 493 70.38 -66.06 -48.56
CA VAL B 493 71.18 -66.25 -47.33
C VAL B 493 72.51 -66.89 -47.73
N ASN B 494 73.56 -66.61 -46.94
CA ASN B 494 74.90 -67.20 -47.17
C ASN B 494 74.84 -68.71 -46.93
N LEU B 495 75.85 -69.42 -47.42
CA LEU B 495 75.92 -70.89 -47.30
C LEU B 495 75.96 -71.31 -45.83
N GLU B 496 76.40 -70.41 -44.91
CA GLU B 496 76.48 -70.73 -43.46
C GLU B 496 75.20 -70.27 -42.74
N GLY B 497 74.28 -69.58 -43.44
CA GLY B 497 72.95 -69.25 -42.91
C GLY B 497 72.90 -67.92 -42.19
N ASN B 498 73.84 -67.01 -42.48
CA ASN B 498 73.85 -65.68 -41.80
C ASN B 498 73.38 -64.61 -42.80
N GLN B 499 73.10 -63.41 -42.29
CA GLN B 499 72.75 -62.20 -43.08
C GLN B 499 71.69 -62.48 -44.15
N ARG B 500 70.56 -63.03 -43.72
CA ARG B 500 69.44 -63.36 -44.63
C ARG B 500 68.57 -62.11 -44.88
N VAL B 501 68.29 -61.83 -46.16
CA VAL B 501 67.38 -60.70 -46.57
C VAL B 501 66.30 -61.21 -47.52
N THR B 502 65.08 -60.69 -47.41
CA THR B 502 63.98 -60.99 -48.36
C THR B 502 64.17 -60.17 -49.62
N LEU B 503 64.01 -60.79 -50.79
CA LEU B 503 64.19 -60.10 -52.10
C LEU B 503 62.83 -59.82 -52.74
N ILE B 504 61.94 -60.81 -52.79
CA ILE B 504 60.60 -60.66 -53.41
C ILE B 504 59.54 -61.13 -52.41
N THR B 505 58.55 -60.28 -52.13
CA THR B 505 57.44 -60.69 -51.24
C THR B 505 56.10 -60.16 -51.77
N GLU B 506 56.10 -59.42 -52.90
CA GLU B 506 54.85 -58.83 -53.43
C GLU B 506 54.15 -59.83 -54.35
N ASN B 507 52.88 -60.11 -54.06
CA ASN B 507 51.92 -60.75 -55.00
C ASN B 507 52.36 -62.18 -55.35
N LEU B 508 53.17 -62.87 -54.52
CA LEU B 508 53.61 -64.23 -54.93
C LEU B 508 52.44 -65.22 -54.87
N GLY B 509 51.69 -65.23 -53.76
CA GLY B 509 50.51 -66.10 -53.61
C GLY B 509 50.88 -67.56 -53.38
N HIS B 510 51.54 -68.23 -54.32
CA HIS B 510 51.86 -69.68 -54.18
C HIS B 510 53.14 -70.00 -54.95
N PRO B 511 54.30 -69.47 -54.54
CA PRO B 511 55.54 -69.73 -55.25
C PRO B 511 56.02 -71.17 -55.02
N ARG B 512 56.41 -71.85 -56.10
CA ARG B 512 56.78 -73.28 -56.00
C ARG B 512 58.17 -73.53 -56.58
N GLY B 513 58.50 -72.95 -57.75
CA GLY B 513 59.75 -73.24 -58.45
C GLY B 513 60.72 -72.07 -58.40
N ILE B 514 62.02 -72.37 -58.56
CA ILE B 514 63.05 -71.29 -58.61
C ILE B 514 64.28 -71.82 -59.34
N ALA B 515 64.98 -70.93 -60.06
CA ALA B 515 66.21 -71.27 -60.79
C ALA B 515 67.04 -70.01 -60.99
N LEU B 516 68.35 -70.17 -61.20
CA LEU B 516 69.28 -69.02 -61.29
C LEU B 516 70.21 -69.21 -62.49
N ASP B 517 70.65 -68.09 -63.05
CA ASP B 517 71.74 -68.04 -64.04
C ASP B 517 72.69 -66.93 -63.60
N PRO B 518 73.58 -67.16 -62.63
CA PRO B 518 74.48 -66.10 -62.17
C PRO B 518 75.41 -65.54 -63.26
N THR B 519 75.71 -66.31 -64.31
CA THR B 519 76.57 -65.83 -65.40
C THR B 519 75.92 -64.62 -66.08
N VAL B 520 74.61 -64.68 -66.31
CA VAL B 520 73.86 -63.56 -66.93
C VAL B 520 73.32 -62.64 -65.84
N GLY B 521 72.82 -63.22 -64.73
CA GLY B 521 72.28 -62.46 -63.59
C GLY B 521 70.75 -62.43 -63.56
N TYR B 522 70.07 -63.46 -64.10
CA TYR B 522 68.60 -63.57 -63.98
C TYR B 522 68.20 -64.52 -62.86
N LEU B 523 67.01 -64.28 -62.32
CA LEU B 523 66.35 -65.17 -61.34
C LEU B 523 64.99 -65.57 -61.93
N PHE B 524 64.75 -66.87 -62.11
CA PHE B 524 63.47 -67.36 -62.63
C PHE B 524 62.72 -68.07 -61.51
N PHE B 525 61.44 -67.78 -61.37
CA PHE B 525 60.59 -68.47 -60.37
C PHE B 525 59.16 -68.52 -60.91
N SER B 526 58.37 -69.47 -60.39
CA SER B 526 56.99 -69.69 -60.87
C SER B 526 56.05 -69.82 -59.68
N ASP B 527 54.80 -69.44 -59.87
CA ASP B 527 53.74 -69.59 -58.84
C ASP B 527 52.46 -70.03 -59.53
N TRP B 528 51.65 -70.83 -58.82
CA TRP B 528 50.42 -71.43 -59.39
C TRP B 528 49.22 -70.62 -58.93
N GLY B 529 49.39 -69.30 -58.84
CA GLY B 529 48.31 -68.38 -58.42
C GLY B 529 48.87 -67.29 -57.53
N SER B 530 48.65 -66.02 -57.89
CA SER B 530 49.14 -64.87 -57.10
C SER B 530 48.04 -64.46 -56.11
N LEU B 531 48.20 -63.29 -55.46
CA LEU B 531 47.08 -62.69 -54.68
C LEU B 531 45.95 -62.39 -55.66
N SER B 532 46.29 -61.91 -56.87
CA SER B 532 45.35 -61.83 -58.00
C SER B 532 45.09 -63.25 -58.54
N GLY B 533 44.19 -63.36 -59.52
CA GLY B 533 43.67 -64.64 -60.01
C GLY B 533 44.64 -65.35 -60.94
N GLN B 534 45.65 -64.63 -61.47
CA GLN B 534 46.41 -65.14 -62.64
C GLN B 534 47.63 -65.93 -62.16
N PRO B 535 47.72 -67.24 -62.46
CA PRO B 535 48.99 -67.95 -62.36
C PRO B 535 49.96 -67.49 -63.44
N LYS B 536 51.25 -67.57 -63.16
CA LYS B 536 52.27 -67.10 -64.13
C LYS B 536 53.64 -67.71 -63.81
N VAL B 537 54.56 -67.50 -64.73
CA VAL B 537 56.00 -67.80 -64.52
C VAL B 537 56.75 -66.49 -64.71
N GLU B 538 57.51 -66.09 -63.70
CA GLU B 538 58.12 -64.75 -63.67
C GLU B 538 59.62 -64.83 -63.93
N ARG B 539 60.20 -63.76 -64.48
CA ARG B 539 61.66 -63.58 -64.57
C ARG B 539 61.98 -62.27 -63.86
N ALA B 540 63.14 -62.21 -63.21
CA ALA B 540 63.60 -60.98 -62.57
C ALA B 540 65.11 -61.02 -62.45
N PHE B 541 65.72 -59.86 -62.21
CA PHE B 541 67.16 -59.79 -61.88
C PHE B 541 67.41 -60.57 -60.60
N MET B 542 68.67 -60.96 -60.37
CA MET B 542 69.00 -61.92 -59.28
C MET B 542 68.95 -61.22 -57.92
N ASP B 543 68.38 -60.00 -57.85
CA ASP B 543 68.09 -59.34 -56.55
C ASP B 543 66.62 -58.89 -56.47
N GLY B 544 65.76 -59.36 -57.39
CA GLY B 544 64.36 -58.88 -57.49
C GLY B 544 64.24 -57.81 -58.55
N SER B 545 64.00 -56.55 -58.16
CA SER B 545 64.03 -55.38 -59.09
C SER B 545 63.03 -55.52 -60.26
N ASN B 546 63.52 -55.72 -61.49
CA ASN B 546 62.71 -55.64 -62.72
C ASN B 546 61.95 -56.96 -62.96
N ARG B 547 60.94 -57.27 -62.14
CA ARG B 547 60.08 -58.46 -62.35
C ARG B 547 59.36 -58.34 -63.69
N LYS B 548 59.21 -59.46 -64.38
CA LYS B 548 58.44 -59.51 -65.65
C LYS B 548 57.73 -60.85 -65.75
N ASP B 549 56.50 -60.83 -66.22
CA ASP B 549 55.74 -62.08 -66.49
C ASP B 549 56.30 -62.71 -67.76
N LEU B 550 57.01 -63.83 -67.62
CA LEU B 550 57.65 -64.49 -68.78
C LEU B 550 56.60 -65.27 -69.56
N VAL B 551 55.81 -66.11 -68.89
CA VAL B 551 54.77 -66.93 -69.55
C VAL B 551 53.46 -66.76 -68.80
N THR B 552 52.38 -66.42 -69.51
CA THR B 552 51.09 -66.05 -68.86
C THR B 552 49.92 -66.84 -69.43
N THR B 553 50.03 -67.39 -70.64
CA THR B 553 48.90 -68.05 -71.34
C THR B 553 49.01 -69.57 -71.20
N LYS B 554 47.89 -70.22 -70.88
CA LYS B 554 47.79 -71.69 -70.76
C LYS B 554 48.85 -72.18 -69.76
N VAL B 555 48.86 -71.61 -68.55
CA VAL B 555 49.94 -71.88 -67.58
C VAL B 555 49.53 -72.95 -66.57
N GLY B 556 48.37 -72.80 -65.91
CA GLY B 556 47.90 -73.80 -64.94
C GLY B 556 48.68 -73.70 -63.64
N TRP B 557 49.44 -74.74 -63.29
CA TRP B 557 50.18 -74.84 -62.01
C TRP B 557 51.65 -75.10 -62.32
N PRO B 558 52.45 -74.06 -62.62
CA PRO B 558 53.87 -74.28 -62.84
C PRO B 558 54.58 -74.75 -61.55
N ALA B 559 55.14 -75.97 -61.55
CA ALA B 559 55.57 -76.63 -60.31
C ALA B 559 57.11 -76.68 -60.16
N GLY B 560 57.88 -76.29 -61.18
CA GLY B 560 59.35 -76.43 -61.08
C GLY B 560 60.08 -75.89 -62.28
N ILE B 561 61.22 -75.22 -62.07
CA ILE B 561 61.95 -74.56 -63.18
C ILE B 561 63.39 -75.03 -63.17
N THR B 562 63.93 -75.27 -64.37
CA THR B 562 65.37 -75.51 -64.57
C THR B 562 65.82 -74.73 -65.80
N LEU B 563 67.12 -74.48 -65.91
CA LEU B 563 67.67 -73.67 -67.02
C LEU B 563 68.69 -74.50 -67.81
N ASP B 564 68.67 -74.34 -69.13
CA ASP B 564 69.78 -74.83 -69.99
C ASP B 564 70.77 -73.68 -70.12
N LEU B 565 71.90 -73.77 -69.42
CA LEU B 565 72.81 -72.61 -69.25
C LEU B 565 73.58 -72.29 -70.52
N VAL B 566 73.68 -73.21 -71.49
CA VAL B 566 74.43 -72.93 -72.75
C VAL B 566 73.47 -72.57 -73.88
N SER B 567 72.25 -73.12 -73.89
CA SER B 567 71.24 -72.81 -74.94
C SER B 567 70.40 -71.60 -74.54
N LYS B 568 70.54 -71.12 -73.29
CA LYS B 568 69.80 -69.94 -72.76
C LYS B 568 68.30 -70.18 -72.92
N ARG B 569 67.80 -71.26 -72.30
CA ARG B 569 66.35 -71.55 -72.29
C ARG B 569 65.94 -72.00 -70.89
N VAL B 570 64.66 -71.82 -70.58
CA VAL B 570 64.12 -72.24 -69.27
C VAL B 570 63.17 -73.41 -69.53
N TYR B 571 63.11 -74.34 -68.57
CA TYR B 571 62.23 -75.52 -68.67
C TYR B 571 61.38 -75.55 -67.40
N TRP B 572 60.05 -75.61 -67.58
CA TRP B 572 59.15 -75.71 -66.41
C TRP B 572 58.08 -76.76 -66.70
N VAL B 573 57.46 -77.28 -65.64
CA VAL B 573 56.42 -78.33 -65.76
C VAL B 573 55.12 -77.75 -65.17
N ASP B 574 54.01 -78.44 -65.42
CA ASP B 574 52.70 -78.03 -64.89
C ASP B 574 52.00 -79.29 -64.35
N SER B 575 51.26 -79.13 -63.26
CA SER B 575 50.57 -80.25 -62.57
C SER B 575 49.10 -80.32 -62.96
N ARG B 576 48.54 -79.29 -63.61
CA ARG B 576 47.10 -79.29 -63.99
C ARG B 576 46.93 -79.57 -65.48
N TYR B 577 47.59 -78.79 -66.35
CA TYR B 577 47.53 -79.04 -67.81
C TYR B 577 48.49 -80.16 -68.20
N ASP B 578 49.41 -80.56 -67.30
CA ASP B 578 50.23 -81.79 -67.45
C ASP B 578 51.07 -81.69 -68.72
N TYR B 579 52.02 -80.75 -68.75
CA TYR B 579 52.95 -80.63 -69.88
C TYR B 579 54.31 -80.18 -69.36
N ILE B 580 55.35 -80.38 -70.18
CA ILE B 580 56.70 -79.85 -69.91
C ILE B 580 57.05 -78.95 -71.07
N GLU B 581 57.30 -77.67 -70.79
CA GLU B 581 57.51 -76.67 -71.87
C GLU B 581 58.86 -75.99 -71.71
N THR B 582 59.29 -75.32 -72.77
CA THR B 582 60.57 -74.58 -72.76
C THR B 582 60.42 -73.29 -73.54
N VAL B 583 60.96 -72.22 -72.98
CA VAL B 583 60.99 -70.90 -73.66
C VAL B 583 62.40 -70.34 -73.47
N THR B 584 62.78 -69.39 -74.31
CA THR B 584 64.10 -68.74 -74.17
C THR B 584 64.06 -67.79 -72.97
N TYR B 585 65.17 -67.13 -72.68
CA TYR B 585 65.26 -66.21 -71.52
C TYR B 585 64.27 -65.06 -71.68
N ASP B 586 63.86 -64.74 -72.91
CA ASP B 586 62.87 -63.65 -73.15
C ASP B 586 61.47 -64.24 -73.33
N GLY B 587 61.31 -65.57 -73.23
CA GLY B 587 59.99 -66.22 -73.32
C GLY B 587 59.41 -66.20 -74.73
N ILE B 588 60.28 -66.13 -75.75
CA ILE B 588 59.85 -65.98 -77.16
C ILE B 588 59.38 -67.31 -77.74
N GLN B 589 60.28 -68.29 -77.84
CA GLN B 589 60.01 -69.55 -78.57
C GLN B 589 59.46 -70.58 -77.60
N ARG B 590 58.13 -70.78 -77.59
CA ARG B 590 57.50 -71.72 -76.64
C ARG B 590 57.29 -73.05 -77.35
N LYS B 591 57.93 -74.10 -76.85
CA LYS B 591 57.87 -75.45 -77.48
C LYS B 591 57.57 -76.49 -76.41
N THR B 592 56.62 -77.38 -76.69
CA THR B 592 56.28 -78.50 -75.78
C THR B 592 57.27 -79.64 -76.01
N VAL B 593 57.73 -80.27 -74.92
CA VAL B 593 58.62 -81.45 -75.01
C VAL B 593 57.87 -82.69 -74.52
N ALA B 594 56.76 -82.52 -73.79
CA ALA B 594 55.89 -83.65 -73.40
C ALA B 594 54.50 -83.11 -73.10
N ARG B 595 53.46 -83.86 -73.50
CA ARG B 595 52.06 -83.41 -73.32
C ARG B 595 51.20 -84.65 -73.11
N GLY B 596 50.18 -84.51 -72.27
CA GLY B 596 49.18 -85.57 -72.06
C GLY B 596 49.25 -86.14 -70.65
N GLY B 597 48.09 -86.61 -70.17
CA GLY B 597 47.94 -87.17 -68.82
C GLY B 597 48.53 -88.57 -68.71
N SER B 598 48.89 -89.20 -69.84
CA SER B 598 49.45 -90.57 -69.85
C SER B 598 50.98 -90.50 -69.72
N LEU B 599 51.59 -89.38 -70.08
CA LEU B 599 53.07 -89.24 -70.06
C LEU B 599 53.53 -88.52 -68.80
N VAL B 600 52.96 -87.34 -68.50
CA VAL B 600 53.43 -86.51 -67.36
C VAL B 600 52.21 -86.15 -66.50
N PRO B 601 51.61 -87.12 -65.77
CA PRO B 601 50.35 -86.87 -65.07
C PRO B 601 50.43 -85.78 -63.99
N HIS B 602 51.58 -85.68 -63.29
CA HIS B 602 51.69 -84.71 -62.17
C HIS B 602 53.17 -84.46 -61.86
N PRO B 603 53.92 -83.77 -62.74
CA PRO B 603 55.30 -83.45 -62.46
C PRO B 603 55.43 -82.44 -61.32
N PHE B 604 56.52 -82.56 -60.54
CA PHE B 604 56.83 -81.56 -59.49
C PHE B 604 58.18 -80.89 -59.79
N GLY B 605 59.25 -81.69 -59.89
CA GLY B 605 60.62 -81.17 -60.02
C GLY B 605 61.18 -81.40 -61.42
N ILE B 606 62.26 -80.71 -61.78
CA ILE B 606 62.86 -80.87 -63.12
C ILE B 606 64.29 -80.35 -63.07
N SER B 607 65.16 -81.06 -63.79
CA SER B 607 66.56 -80.64 -64.00
C SER B 607 67.11 -81.38 -65.21
N LEU B 608 67.95 -80.69 -65.98
CA LEU B 608 68.43 -81.21 -67.28
C LEU B 608 69.95 -81.38 -67.23
N PHE B 609 70.45 -82.25 -68.12
CA PHE B 609 71.89 -82.43 -68.31
C PHE B 609 72.10 -83.06 -69.69
N GLU B 610 73.00 -82.45 -70.48
CA GLU B 610 73.31 -82.90 -71.87
C GLU B 610 72.01 -83.01 -72.68
N GLU B 611 71.63 -84.24 -73.06
CA GLU B 611 70.49 -84.45 -73.97
C GLU B 611 69.25 -84.85 -73.18
N HIS B 612 69.33 -84.94 -71.85
CA HIS B 612 68.22 -85.48 -71.04
C HIS B 612 67.68 -84.42 -70.08
N VAL B 613 66.40 -84.55 -69.75
CA VAL B 613 65.75 -83.75 -68.68
C VAL B 613 65.22 -84.75 -67.66
N PHE B 614 65.59 -84.56 -66.39
CA PHE B 614 65.11 -85.43 -65.30
C PHE B 614 64.00 -84.69 -64.56
N PHE B 615 62.80 -85.28 -64.54
CA PHE B 615 61.66 -84.67 -63.85
C PHE B 615 61.01 -85.74 -62.97
N THR B 616 60.45 -85.29 -61.85
CA THR B 616 59.73 -86.17 -60.89
C THR B 616 58.24 -86.15 -61.19
N ASP B 617 57.49 -86.99 -60.46
CA ASP B 617 56.04 -87.15 -60.74
C ASP B 617 55.39 -87.73 -59.49
N TRP B 618 54.31 -87.10 -59.03
CA TRP B 618 53.57 -87.56 -57.83
C TRP B 618 52.60 -88.68 -58.19
N THR B 619 52.30 -88.88 -59.47
CA THR B 619 51.29 -89.87 -59.90
C THR B 619 51.94 -91.20 -60.28
N LYS B 620 52.95 -91.19 -61.16
CA LYS B 620 53.71 -92.42 -61.52
C LYS B 620 54.67 -92.78 -60.39
N MET B 621 54.85 -91.88 -59.41
CA MET B 621 55.63 -92.14 -58.17
C MET B 621 57.09 -92.47 -58.53
N ALA B 622 57.68 -91.78 -59.51
CA ALA B 622 59.05 -92.10 -59.94
C ALA B 622 59.74 -90.85 -60.48
N VAL B 623 61.07 -90.88 -60.45
CA VAL B 623 61.90 -89.92 -61.19
C VAL B 623 61.96 -90.40 -62.63
N MET B 624 61.66 -89.50 -63.57
CA MET B 624 61.57 -89.87 -65.00
C MET B 624 62.71 -89.21 -65.79
N LYS B 625 63.23 -89.95 -66.77
CA LYS B 625 64.25 -89.44 -67.70
C LYS B 625 63.59 -89.21 -69.06
N ALA B 626 63.73 -88.01 -69.60
CA ALA B 626 63.15 -87.66 -70.92
C ALA B 626 64.15 -86.84 -71.72
N SER B 627 64.00 -86.91 -73.05
CA SER B 627 64.79 -86.08 -73.98
C SER B 627 64.39 -84.62 -73.83
N LYS B 628 65.32 -83.70 -74.10
CA LYS B 628 65.07 -82.25 -73.89
C LYS B 628 64.37 -81.63 -75.11
N PHE B 629 64.23 -82.35 -76.23
CA PHE B 629 63.70 -81.74 -77.47
C PHE B 629 62.27 -82.19 -77.74
N THR B 630 62.04 -83.51 -77.86
CA THR B 630 60.68 -84.03 -78.06
C THR B 630 60.64 -85.47 -77.55
N GLU B 631 59.68 -85.76 -76.69
CA GLU B 631 59.62 -87.05 -75.98
C GLU B 631 58.20 -87.57 -76.03
N THR B 632 58.05 -88.87 -76.28
CA THR B 632 56.71 -89.51 -76.45
C THR B 632 56.55 -90.68 -75.50
N ASN B 633 57.58 -91.03 -74.71
CA ASN B 633 57.44 -92.16 -73.74
C ASN B 633 58.42 -91.97 -72.58
N PRO B 634 57.93 -91.78 -71.35
CA PRO B 634 58.82 -91.63 -70.20
C PRO B 634 59.47 -92.96 -69.80
N GLN B 635 60.71 -92.87 -69.35
CA GLN B 635 61.45 -94.05 -68.81
C GLN B 635 61.58 -93.89 -67.29
N VAL B 636 61.18 -94.93 -66.55
CA VAL B 636 61.25 -94.89 -65.08
C VAL B 636 62.72 -95.01 -64.67
N TYR B 637 63.30 -93.90 -64.24
CA TYR B 637 64.70 -93.88 -63.74
C TYR B 637 64.75 -94.63 -62.42
N HIS B 638 63.99 -94.14 -61.42
CA HIS B 638 63.91 -94.82 -60.10
C HIS B 638 62.48 -94.67 -59.58
N GLN B 639 61.82 -95.80 -59.31
CA GLN B 639 60.41 -95.79 -58.85
C GLN B 639 60.41 -95.87 -57.33
N SER B 640 59.81 -94.87 -56.69
CA SER B 640 59.67 -94.82 -55.21
C SER B 640 58.29 -95.33 -54.78
N SER B 641 58.14 -95.59 -53.48
CA SER B 641 56.84 -95.95 -52.87
C SER B 641 56.16 -94.69 -52.30
N LEU B 642 56.84 -93.54 -52.34
CA LEU B 642 56.30 -92.27 -51.81
C LEU B 642 56.50 -91.18 -52.85
N ARG B 643 55.78 -90.06 -52.68
CA ARG B 643 55.81 -88.95 -53.66
C ARG B 643 57.23 -88.40 -53.74
N PRO B 644 57.89 -88.45 -54.90
CA PRO B 644 59.20 -87.86 -55.05
C PRO B 644 59.14 -86.33 -55.11
N HIS B 645 60.31 -85.70 -55.09
CA HIS B 645 60.39 -84.22 -55.02
C HIS B 645 61.57 -83.74 -55.85
N GLY B 646 61.97 -82.48 -55.65
CA GLY B 646 63.01 -81.78 -56.43
C GLY B 646 64.18 -82.67 -56.80
N VAL B 647 64.66 -82.56 -58.05
CA VAL B 647 65.84 -83.31 -58.55
C VAL B 647 66.84 -82.31 -59.13
N THR B 648 68.12 -82.61 -58.97
CA THR B 648 69.19 -81.86 -59.69
C THR B 648 70.27 -82.83 -60.13
N VAL B 649 71.04 -82.47 -61.17
CA VAL B 649 72.15 -83.32 -61.64
C VAL B 649 73.44 -82.71 -61.15
N TYR B 650 74.15 -83.48 -60.33
CA TYR B 650 75.41 -83.07 -59.67
C TYR B 650 76.54 -83.19 -60.70
N HIS B 651 76.99 -82.07 -61.26
CA HIS B 651 78.10 -82.08 -62.24
C HIS B 651 78.79 -80.72 -62.28
N ALA B 652 80.05 -80.67 -62.71
CA ALA B 652 80.80 -79.42 -62.87
C ALA B 652 80.17 -78.55 -63.96
N LEU B 653 79.81 -79.12 -65.11
CA LEU B 653 79.26 -78.34 -66.26
C LEU B 653 77.94 -77.65 -65.88
N ARG B 654 77.24 -78.16 -64.86
CA ARG B 654 75.93 -77.60 -64.45
C ARG B 654 76.14 -76.23 -63.79
N GLN B 655 77.37 -75.91 -63.38
CA GLN B 655 77.67 -74.60 -62.73
C GLN B 655 78.90 -74.01 -63.41
N PRO B 656 78.76 -73.41 -64.60
CA PRO B 656 79.90 -72.85 -65.31
C PRO B 656 80.56 -71.71 -64.53
N ASN B 657 81.86 -71.52 -64.80
CA ASN B 657 82.66 -70.46 -64.14
C ASN B 657 82.27 -69.09 -64.69
N ALA B 658 82.41 -68.08 -63.83
CA ALA B 658 82.25 -66.66 -64.21
C ALA B 658 82.90 -65.78 -63.14
N THR B 659 83.19 -64.53 -63.48
CA THR B 659 83.76 -63.56 -62.53
C THR B 659 82.71 -63.17 -61.50
N ASN B 660 83.16 -62.87 -60.27
CA ASN B 660 82.25 -62.44 -59.18
C ASN B 660 82.40 -60.94 -58.99
N PRO B 661 81.41 -60.11 -59.35
CA PRO B 661 81.48 -58.66 -59.12
C PRO B 661 81.55 -58.23 -57.65
N CYS B 662 80.87 -58.94 -56.74
CA CYS B 662 80.99 -58.69 -55.28
C CYS B 662 82.32 -59.25 -54.74
N GLY B 663 83.18 -59.84 -55.58
CA GLY B 663 84.28 -60.75 -55.17
C GLY B 663 85.42 -60.11 -54.40
N SER B 664 85.38 -58.79 -54.15
CA SER B 664 86.28 -58.13 -53.17
C SER B 664 85.55 -56.95 -52.53
N ASN B 665 86.03 -56.50 -51.36
CA ASN B 665 85.46 -55.34 -50.62
C ASN B 665 83.98 -55.57 -50.27
N ASN B 666 83.45 -56.79 -50.38
CA ASN B 666 81.98 -57.05 -50.37
C ASN B 666 81.23 -56.05 -51.28
N GLY B 667 81.82 -55.69 -52.43
CA GLY B 667 81.26 -54.71 -53.38
C GLY B 667 81.24 -53.27 -52.87
N GLY B 668 81.89 -52.97 -51.73
CA GLY B 668 81.72 -51.68 -51.03
C GLY B 668 80.43 -51.62 -50.23
N CYS B 669 79.57 -52.64 -50.30
CA CYS B 669 78.33 -52.71 -49.49
C CYS B 669 78.69 -52.91 -48.02
N ALA B 670 78.00 -52.19 -47.13
CA ALA B 670 78.30 -52.20 -45.68
C ALA B 670 77.98 -53.55 -45.03
N GLN B 671 77.02 -54.32 -45.57
CA GLN B 671 76.56 -55.58 -44.91
C GLN B 671 76.50 -56.73 -45.91
N VAL B 672 75.56 -56.71 -46.86
CA VAL B 672 75.31 -57.87 -47.77
C VAL B 672 75.23 -57.37 -49.21
N CYS B 673 75.96 -58.06 -50.09
CA CYS B 673 76.11 -57.70 -51.52
C CYS B 673 75.45 -58.79 -52.35
N VAL B 674 74.49 -58.42 -53.20
CA VAL B 674 73.68 -59.41 -53.97
C VAL B 674 73.86 -59.07 -55.44
N LEU B 675 74.10 -60.07 -56.29
CA LEU B 675 74.31 -59.77 -57.73
C LEU B 675 72.98 -59.40 -58.38
N SER B 676 73.07 -58.58 -59.41
CA SER B 676 71.93 -58.22 -60.26
C SER B 676 72.17 -58.79 -61.66
N HIS B 677 71.37 -58.39 -62.65
CA HIS B 677 71.73 -58.60 -64.06
C HIS B 677 73.09 -57.94 -64.33
N ARG B 678 73.92 -58.53 -65.20
CA ARG B 678 75.32 -58.07 -65.44
C ARG B 678 75.40 -56.57 -65.76
N THR B 679 74.35 -56.03 -66.39
CA THR B 679 74.31 -54.63 -66.86
C THR B 679 73.86 -53.64 -65.79
N ASP B 680 73.23 -54.11 -64.71
CA ASP B 680 72.53 -53.23 -63.75
C ASP B 680 73.53 -52.44 -62.88
N ASN B 681 73.02 -51.37 -62.23
CA ASN B 681 73.83 -50.46 -61.35
C ASN B 681 74.97 -49.86 -62.19
N GLY B 682 74.63 -49.34 -63.38
CA GLY B 682 75.60 -48.68 -64.29
C GLY B 682 76.75 -49.60 -64.69
N GLY B 683 76.47 -50.90 -64.90
CA GLY B 683 77.48 -51.88 -65.34
C GLY B 683 78.32 -52.44 -64.20
N LEU B 684 77.97 -52.18 -62.93
CA LEU B 684 78.64 -52.86 -61.79
C LEU B 684 78.09 -54.29 -61.64
N GLY B 685 76.79 -54.52 -61.92
CA GLY B 685 76.22 -55.89 -61.88
C GLY B 685 75.95 -56.42 -60.48
N TYR B 686 76.00 -55.58 -59.45
CA TYR B 686 75.60 -55.98 -58.08
C TYR B 686 74.92 -54.78 -57.41
N ARG B 687 74.09 -55.07 -56.40
CA ARG B 687 73.44 -54.01 -55.58
C ARG B 687 73.50 -54.40 -54.10
N CYS B 688 73.65 -53.39 -53.25
CA CYS B 688 73.68 -53.61 -51.79
C CYS B 688 72.26 -53.84 -51.25
N LYS B 689 72.19 -54.63 -50.17
CA LYS B 689 70.99 -54.78 -49.32
C LYS B 689 71.45 -54.63 -47.87
N CYS B 690 70.51 -54.49 -46.93
CA CYS B 690 70.88 -54.42 -45.50
C CYS B 690 70.07 -55.48 -44.72
N GLU B 691 70.71 -56.07 -43.72
CA GLU B 691 70.12 -57.13 -42.86
C GLU B 691 68.93 -56.54 -42.09
N PHE B 692 68.05 -57.37 -41.52
CA PHE B 692 66.69 -56.88 -41.19
C PHE B 692 66.63 -55.74 -40.16
N GLY B 693 67.57 -55.61 -39.20
CA GLY B 693 67.56 -54.50 -38.24
C GLY B 693 67.73 -53.13 -38.91
N PHE B 694 68.03 -53.09 -40.21
CA PHE B 694 68.65 -51.92 -40.87
C PHE B 694 67.99 -51.67 -42.23
N GLU B 695 68.32 -50.54 -42.83
CA GLU B 695 67.91 -50.17 -44.20
C GLU B 695 69.02 -49.34 -44.85
N LEU B 696 68.98 -49.21 -46.17
CA LEU B 696 70.03 -48.44 -46.90
C LEU B 696 69.97 -46.96 -46.53
N ASP B 697 71.16 -46.37 -46.46
CA ASP B 697 71.37 -44.91 -46.34
C ASP B 697 71.06 -44.22 -47.68
N ASP B 698 71.21 -42.89 -47.73
CA ASP B 698 71.17 -42.10 -48.97
C ASP B 698 72.35 -42.51 -49.88
N ASP B 699 73.51 -42.73 -49.27
CA ASP B 699 74.65 -43.43 -49.91
C ASP B 699 74.27 -44.92 -50.05
N GLU B 700 74.05 -45.39 -51.29
CA GLU B 700 73.63 -46.80 -51.54
C GLU B 700 74.70 -47.79 -51.06
N HIS B 701 75.95 -47.37 -50.78
CA HIS B 701 76.97 -48.29 -50.22
C HIS B 701 76.72 -48.62 -48.74
N ARG B 702 75.86 -47.88 -48.03
CA ARG B 702 75.90 -47.82 -46.55
C ARG B 702 74.53 -48.13 -45.92
N CYS B 703 74.54 -48.65 -44.68
CA CYS B 703 73.31 -49.10 -43.97
C CYS B 703 73.13 -48.31 -42.66
N VAL B 704 71.87 -48.15 -42.21
CA VAL B 704 71.54 -47.48 -40.91
C VAL B 704 70.38 -48.22 -40.25
N ALA B 705 70.23 -48.12 -38.92
CA ALA B 705 69.16 -48.83 -38.18
C ALA B 705 67.77 -48.33 -38.60
N VAL B 706 66.78 -49.22 -38.67
CA VAL B 706 65.42 -48.84 -39.17
C VAL B 706 64.71 -47.97 -38.13
N LYS B 707 64.20 -46.82 -38.57
CA LYS B 707 63.49 -45.86 -37.67
C LYS B 707 62.07 -46.36 -37.44
N ASN B 708 61.31 -46.61 -38.51
CA ASN B 708 59.85 -46.84 -38.36
C ASN B 708 59.31 -47.78 -39.44
N PHE B 709 58.22 -48.48 -39.12
CA PHE B 709 57.48 -49.33 -40.08
C PHE B 709 56.12 -49.72 -39.50
N LEU B 710 55.20 -50.13 -40.37
CA LEU B 710 53.88 -50.64 -39.94
C LEU B 710 54.05 -52.08 -39.49
N LEU B 711 53.66 -52.36 -38.25
CA LEU B 711 53.74 -53.71 -37.67
C LEU B 711 52.31 -54.23 -37.56
N PHE B 712 52.00 -55.37 -38.17
CA PHE B 712 50.63 -55.93 -38.13
C PHE B 712 50.69 -57.42 -37.83
N SER B 713 49.55 -57.96 -37.40
CA SER B 713 49.45 -59.37 -36.93
C SER B 713 48.31 -60.07 -37.65
N SER B 714 48.44 -61.38 -37.83
CA SER B 714 47.38 -62.24 -38.41
C SER B 714 47.47 -63.63 -37.79
N LYS B 715 46.56 -64.52 -38.20
CA LYS B 715 46.52 -65.88 -37.63
C LYS B 715 47.75 -66.67 -38.06
N THR B 716 48.40 -66.29 -39.16
CA THR B 716 49.56 -67.07 -39.67
C THR B 716 50.87 -66.45 -39.20
N ALA B 717 50.99 -65.12 -39.20
CA ALA B 717 52.31 -64.52 -38.94
C ALA B 717 52.19 -63.10 -38.41
N VAL B 718 53.25 -62.66 -37.74
CA VAL B 718 53.41 -61.24 -37.30
C VAL B 718 54.50 -60.62 -38.18
N ARG B 719 54.21 -59.49 -38.85
CA ARG B 719 55.11 -58.95 -39.90
C ARG B 719 55.36 -57.46 -39.72
N GLY B 720 56.47 -56.97 -40.28
CA GLY B 720 56.82 -55.53 -40.27
C GLY B 720 57.07 -55.06 -41.69
N ILE B 721 56.31 -54.06 -42.16
CA ILE B 721 56.37 -53.62 -43.59
C ILE B 721 56.56 -52.10 -43.62
N PRO B 722 57.39 -51.55 -44.53
CA PRO B 722 57.57 -50.11 -44.62
C PRO B 722 56.27 -49.36 -44.91
N PHE B 723 56.19 -48.13 -44.41
CA PHE B 723 55.05 -47.24 -44.72
C PHE B 723 55.04 -46.88 -46.20
N THR B 724 56.24 -46.65 -46.79
CA THR B 724 56.36 -46.35 -48.23
C THR B 724 55.89 -47.58 -49.03
N LEU B 725 54.83 -47.39 -49.83
CA LEU B 725 54.16 -48.54 -50.50
C LEU B 725 55.08 -49.12 -51.58
N SER B 726 55.97 -48.30 -52.17
CA SER B 726 56.86 -48.75 -53.27
C SER B 726 57.80 -49.85 -52.75
N THR B 727 58.34 -49.69 -51.53
CA THR B 727 59.24 -50.69 -50.92
C THR B 727 58.37 -51.71 -50.18
N GLN B 728 57.80 -52.65 -50.94
CA GLN B 728 56.80 -53.60 -50.39
C GLN B 728 57.47 -54.73 -49.60
N GLU B 729 58.81 -54.82 -49.62
CA GLU B 729 59.55 -55.93 -48.96
C GLU B 729 59.54 -55.72 -47.43
N ASP B 730 59.44 -56.82 -46.66
CA ASP B 730 59.36 -56.77 -45.18
C ASP B 730 60.67 -56.28 -44.56
N VAL B 731 60.61 -55.81 -43.29
CA VAL B 731 61.77 -55.23 -42.55
C VAL B 731 61.92 -55.86 -41.15
N MET B 732 61.35 -57.04 -40.93
CA MET B 732 61.71 -57.93 -39.80
C MET B 732 61.49 -59.37 -40.28
N VAL B 733 62.19 -60.36 -39.72
CA VAL B 733 61.88 -61.76 -40.14
C VAL B 733 60.51 -62.13 -39.56
N PRO B 734 59.52 -62.53 -40.40
CA PRO B 734 58.17 -62.79 -39.92
C PRO B 734 58.13 -63.84 -38.81
N VAL B 735 57.18 -63.69 -37.89
CA VAL B 735 57.08 -64.60 -36.72
C VAL B 735 56.01 -65.64 -37.01
N THR B 736 56.40 -66.92 -37.01
CA THR B 736 55.47 -68.03 -37.36
C THR B 736 55.67 -69.18 -36.38
N GLY B 737 54.62 -69.98 -36.21
CA GLY B 737 54.65 -71.18 -35.34
C GLY B 737 53.87 -72.30 -35.99
N SER B 738 54.08 -73.55 -35.53
CA SER B 738 53.36 -74.72 -36.10
C SER B 738 51.87 -74.64 -35.74
N PRO B 739 51.47 -74.44 -34.46
CA PRO B 739 50.18 -73.82 -34.19
C PRO B 739 50.36 -72.32 -33.95
N SER B 740 49.49 -71.51 -34.52
CA SER B 740 49.61 -70.04 -34.39
C SER B 740 48.26 -69.37 -34.56
N PHE B 741 47.97 -68.42 -33.68
CA PHE B 741 46.92 -67.41 -33.88
C PHE B 741 47.36 -66.16 -33.13
N PHE B 742 48.05 -65.26 -33.84
CA PHE B 742 48.62 -64.06 -33.18
C PHE B 742 47.57 -62.95 -33.13
N VAL B 743 47.36 -62.39 -31.95
CA VAL B 743 46.23 -61.45 -31.76
C VAL B 743 46.75 -60.10 -31.35
N GLY B 744 47.43 -59.99 -30.20
CA GLY B 744 47.81 -58.68 -29.66
C GLY B 744 49.31 -58.51 -29.71
N ILE B 745 49.78 -57.34 -30.16
CA ILE B 745 51.23 -57.13 -30.39
C ILE B 745 51.61 -55.72 -29.95
N ASP B 746 52.86 -55.55 -29.51
CA ASP B 746 53.45 -54.20 -29.28
C ASP B 746 54.98 -54.38 -29.31
N PHE B 747 55.75 -53.30 -29.32
CA PHE B 747 57.21 -53.35 -29.58
C PHE B 747 57.97 -52.76 -28.40
N ASP B 748 59.30 -52.78 -28.51
CA ASP B 748 60.22 -52.21 -27.51
C ASP B 748 61.43 -51.65 -28.26
N ALA B 749 61.42 -50.34 -28.56
CA ALA B 749 62.42 -49.72 -29.45
C ALA B 749 63.82 -49.75 -28.82
N GLN B 750 63.92 -49.71 -27.49
CA GLN B 750 65.25 -49.57 -26.82
C GLN B 750 66.06 -50.87 -26.95
N HIS B 751 65.46 -51.98 -27.37
CA HIS B 751 66.21 -53.25 -27.57
C HIS B 751 65.88 -53.88 -28.91
N SER B 752 65.19 -53.13 -29.81
CA SER B 752 64.78 -53.65 -31.14
C SER B 752 64.00 -54.94 -30.95
N THR B 753 63.12 -54.97 -29.94
CA THR B 753 62.37 -56.19 -29.57
C THR B 753 60.88 -55.94 -29.75
N VAL B 754 60.13 -56.94 -30.23
CA VAL B 754 58.65 -56.94 -30.29
C VAL B 754 58.09 -57.93 -29.27
N PHE B 755 56.83 -57.73 -28.89
CA PHE B 755 56.04 -58.68 -28.09
C PHE B 755 54.82 -59.10 -28.89
N TYR B 756 54.32 -60.30 -28.65
CA TYR B 756 53.06 -60.75 -29.29
C TYR B 756 52.43 -61.85 -28.46
N SER B 757 51.10 -61.93 -28.50
CA SER B 757 50.36 -63.03 -27.82
C SER B 757 49.95 -64.04 -28.87
N ASP B 758 50.15 -65.32 -28.59
CA ASP B 758 49.62 -66.39 -29.46
C ASP B 758 48.44 -67.03 -28.75
N LEU B 759 47.25 -66.92 -29.35
CA LEU B 759 45.99 -67.41 -28.75
C LEU B 759 45.89 -68.93 -28.80
N SER B 760 46.79 -69.66 -29.47
CA SER B 760 46.80 -71.14 -29.43
C SER B 760 47.70 -71.64 -28.30
N LYS B 761 48.89 -71.06 -28.16
CA LYS B 761 49.80 -71.42 -27.06
C LYS B 761 49.27 -70.86 -25.73
N ASP B 762 48.50 -69.75 -25.77
CA ASP B 762 48.20 -68.90 -24.59
C ASP B 762 49.52 -68.49 -23.92
N ILE B 763 50.40 -67.85 -24.70
CA ILE B 763 51.75 -67.42 -24.23
C ILE B 763 51.97 -66.02 -24.77
N ILE B 764 52.82 -65.24 -24.11
CA ILE B 764 53.32 -63.95 -24.65
C ILE B 764 54.81 -64.12 -24.90
N TYR B 765 55.31 -63.76 -26.08
CA TYR B 765 56.73 -63.95 -26.43
C TYR B 765 57.41 -62.59 -26.62
N LYS B 766 58.75 -62.56 -26.53
CA LYS B 766 59.53 -61.37 -26.90
C LYS B 766 60.57 -61.80 -27.94
N GLN B 767 60.76 -60.99 -28.97
CA GLN B 767 61.60 -61.39 -30.12
C GLN B 767 62.17 -60.14 -30.77
N LYS B 768 63.44 -60.22 -31.15
CA LYS B 768 64.13 -59.09 -31.80
C LYS B 768 63.65 -58.96 -33.26
N ILE B 769 63.98 -57.84 -33.89
CA ILE B 769 63.67 -57.58 -35.31
C ILE B 769 64.50 -58.51 -36.21
N ASP B 770 65.73 -58.85 -35.81
CA ASP B 770 66.60 -59.79 -36.55
C ASP B 770 66.12 -61.25 -36.40
N GLY B 771 65.23 -61.57 -35.46
CA GLY B 771 64.67 -62.93 -35.28
C GLY B 771 65.43 -63.74 -34.24
N THR B 772 66.33 -63.13 -33.47
CA THR B 772 67.11 -63.88 -32.46
C THR B 772 66.59 -63.57 -31.07
N GLY B 773 66.59 -64.57 -30.19
CA GLY B 773 66.25 -64.41 -28.76
C GLY B 773 64.74 -64.45 -28.53
N LYS B 774 64.08 -65.53 -28.98
CA LYS B 774 62.66 -65.74 -28.65
C LYS B 774 62.57 -66.28 -27.22
N GLU B 775 62.00 -65.49 -26.31
CA GLU B 775 61.87 -65.90 -24.89
C GLU B 775 60.45 -65.60 -24.43
N VAL B 776 59.89 -66.47 -23.60
CA VAL B 776 58.49 -66.26 -23.13
C VAL B 776 58.52 -65.15 -22.07
N ILE B 777 57.62 -64.17 -22.19
CA ILE B 777 57.40 -63.16 -21.13
C ILE B 777 56.60 -63.80 -20.01
N THR B 778 55.56 -64.54 -20.38
CA THR B 778 54.57 -65.08 -19.43
C THR B 778 53.81 -66.20 -20.10
N ALA B 779 53.40 -67.20 -19.31
CA ALA B 779 52.59 -68.33 -19.80
C ALA B 779 51.65 -68.87 -18.71
N ASN B 780 51.89 -68.52 -17.44
CA ASN B 780 51.02 -68.85 -16.29
C ASN B 780 49.70 -68.07 -16.40
N ARG B 781 48.54 -68.72 -16.20
CA ARG B 781 47.18 -68.11 -16.13
C ARG B 781 46.96 -67.04 -17.20
N LEU B 782 46.76 -67.50 -18.44
CA LEU B 782 46.20 -66.70 -19.56
C LEU B 782 45.07 -67.51 -20.19
N GLU B 783 44.00 -66.84 -20.64
CA GLU B 783 42.79 -67.53 -21.17
C GLU B 783 42.42 -66.99 -22.55
N SER B 784 42.58 -65.69 -22.82
CA SER B 784 42.54 -65.14 -24.19
C SER B 784 43.12 -63.73 -24.21
N VAL B 785 44.42 -63.61 -24.53
CA VAL B 785 45.11 -62.30 -24.43
C VAL B 785 44.79 -61.47 -25.66
N GLU B 786 43.67 -60.71 -25.62
CA GLU B 786 43.14 -60.00 -26.81
C GLU B 786 43.95 -58.75 -27.20
N CYS B 787 44.84 -58.22 -26.36
CA CYS B 787 45.65 -57.04 -26.72
C CYS B 787 46.84 -56.88 -25.78
N LEU B 788 47.96 -56.28 -26.24
CA LEU B 788 49.11 -55.91 -25.37
C LEU B 788 49.36 -54.41 -25.52
N THR B 789 49.98 -53.78 -24.52
CA THR B 789 50.68 -52.51 -24.78
C THR B 789 51.80 -52.25 -23.77
N PHE B 790 52.76 -51.41 -24.16
CA PHE B 790 54.00 -51.22 -23.40
C PHE B 790 54.15 -49.77 -22.90
N ASP B 791 54.34 -49.61 -21.58
CA ASP B 791 54.78 -48.37 -20.93
C ASP B 791 56.30 -48.39 -20.96
N TRP B 792 56.89 -47.85 -22.01
CA TRP B 792 58.33 -48.02 -22.30
C TRP B 792 59.20 -47.31 -21.26
N ILE B 793 58.70 -46.22 -20.68
CA ILE B 793 59.45 -45.39 -19.70
C ILE B 793 59.60 -46.19 -18.41
N SER B 794 58.50 -46.77 -17.92
CA SER B 794 58.48 -47.55 -16.66
C SER B 794 58.87 -49.03 -16.89
N ARG B 795 58.98 -49.48 -18.16
CA ARG B 795 59.23 -50.91 -18.52
C ARG B 795 58.09 -51.80 -18.01
N ASN B 796 56.83 -51.43 -18.25
CA ASN B 796 55.68 -52.31 -17.88
C ASN B 796 54.94 -52.76 -19.14
N LEU B 797 54.58 -54.04 -19.21
CA LEU B 797 53.70 -54.59 -20.26
C LEU B 797 52.30 -54.76 -19.67
N TYR B 798 51.28 -54.26 -20.35
CA TYR B 798 49.87 -54.38 -19.94
C TYR B 798 49.13 -55.28 -20.92
N TRP B 799 48.20 -56.09 -20.43
CA TRP B 799 47.37 -56.90 -21.34
C TRP B 799 45.97 -57.13 -20.81
N THR B 800 45.06 -57.41 -21.72
CA THR B 800 43.62 -57.61 -21.45
C THR B 800 43.31 -59.08 -21.67
N ASP B 801 42.55 -59.70 -20.77
CA ASP B 801 42.19 -61.12 -20.94
C ASP B 801 40.66 -61.27 -21.03
N GLY B 802 40.17 -61.86 -22.12
CA GLY B 802 38.72 -61.98 -22.36
C GLY B 802 38.03 -63.06 -21.55
N GLY B 803 38.79 -64.02 -20.99
CA GLY B 803 38.26 -65.19 -20.25
C GLY B 803 38.35 -65.01 -18.74
N LEU B 804 39.43 -64.40 -18.26
CA LEU B 804 39.53 -63.92 -16.86
C LEU B 804 38.70 -62.65 -16.68
N LYS B 805 38.52 -61.87 -17.76
CA LYS B 805 37.75 -60.60 -17.82
C LYS B 805 38.45 -59.52 -16.98
N SER B 806 39.75 -59.32 -17.22
CA SER B 806 40.58 -58.43 -16.38
C SER B 806 41.67 -57.76 -17.20
N VAL B 807 42.28 -56.70 -16.65
CA VAL B 807 43.56 -56.16 -17.17
C VAL B 807 44.66 -56.60 -16.22
N THR B 808 45.71 -57.22 -16.75
CA THR B 808 46.92 -57.53 -15.98
C THR B 808 48.02 -56.56 -16.38
N VAL B 809 48.90 -56.23 -15.45
CA VAL B 809 50.15 -55.51 -15.79
C VAL B 809 51.29 -56.36 -15.25
N LEU B 810 52.42 -56.29 -15.93
CA LEU B 810 53.64 -57.03 -15.51
C LEU B 810 54.84 -56.12 -15.80
N ARG B 811 55.93 -56.28 -15.06
CA ARG B 811 57.16 -55.49 -15.28
C ARG B 811 58.24 -56.42 -15.82
N LEU B 812 59.13 -55.89 -16.64
CA LEU B 812 60.11 -56.76 -17.36
C LEU B 812 61.39 -56.92 -16.53
N ALA B 813 61.71 -55.98 -15.62
CA ALA B 813 62.93 -56.06 -14.80
C ALA B 813 62.84 -57.29 -13.88
N ASP B 814 61.68 -57.54 -13.27
CA ASP B 814 61.40 -58.80 -12.55
C ASP B 814 59.94 -59.15 -12.85
N LYS B 815 59.56 -60.43 -12.83
CA LYS B 815 58.26 -60.88 -13.37
C LYS B 815 57.13 -60.63 -12.35
N SER B 816 57.12 -59.46 -11.72
CA SER B 816 56.02 -58.99 -10.86
C SER B 816 54.76 -58.77 -11.72
N ARG B 817 53.62 -59.34 -11.33
CA ARG B 817 52.32 -59.08 -12.03
C ARG B 817 51.16 -58.97 -11.03
N ARG B 818 50.16 -58.14 -11.37
CA ARG B 818 48.91 -57.95 -10.62
C ARG B 818 47.77 -57.70 -11.61
N GLN B 819 46.57 -58.26 -11.37
CA GLN B 819 45.37 -57.80 -12.10
C GLN B 819 44.96 -56.44 -11.55
N ILE B 820 45.21 -55.38 -12.32
CA ILE B 820 44.91 -54.01 -11.81
C ILE B 820 43.43 -53.68 -11.99
N ILE B 821 42.75 -54.19 -13.03
CA ILE B 821 41.28 -54.02 -13.22
C ILE B 821 40.69 -55.42 -13.30
N SER B 822 39.54 -55.68 -12.68
CA SER B 822 39.20 -57.06 -12.27
C SER B 822 37.89 -57.59 -12.85
N ASN B 823 36.91 -56.74 -13.17
CA ASN B 823 35.54 -57.22 -13.48
C ASN B 823 34.99 -56.48 -14.69
N LEU B 824 35.54 -56.79 -15.85
CA LEU B 824 35.04 -56.27 -17.15
C LEU B 824 34.11 -57.32 -17.78
N ASN B 825 33.59 -57.07 -18.98
CA ASN B 825 32.71 -58.05 -19.67
C ASN B 825 33.36 -58.62 -20.92
N ASN B 826 33.50 -57.84 -21.99
CA ASN B 826 34.24 -58.23 -23.21
C ASN B 826 35.30 -57.17 -23.49
N PRO B 827 36.31 -57.01 -22.62
CA PRO B 827 37.31 -55.97 -22.84
C PRO B 827 38.19 -56.38 -24.02
N ARG B 828 38.56 -55.39 -24.84
CA ARG B 828 39.43 -55.59 -26.02
C ARG B 828 40.65 -54.67 -25.95
N SER B 829 40.77 -53.67 -26.83
CA SER B 829 42.03 -52.89 -26.95
C SER B 829 42.39 -52.26 -25.61
N ILE B 830 43.69 -52.17 -25.35
CA ILE B 830 44.23 -51.30 -24.28
C ILE B 830 45.34 -50.45 -24.89
N VAL B 831 45.46 -49.23 -24.41
CA VAL B 831 46.59 -48.33 -24.79
C VAL B 831 47.00 -47.57 -23.54
N VAL B 832 48.28 -47.23 -23.43
CA VAL B 832 48.82 -46.52 -22.25
C VAL B 832 49.57 -45.28 -22.73
N HIS B 833 49.36 -44.15 -22.04
CA HIS B 833 50.07 -42.89 -22.31
C HIS B 833 51.06 -42.68 -21.16
N PRO B 834 52.33 -43.10 -21.31
CA PRO B 834 53.28 -43.03 -20.21
C PRO B 834 53.49 -41.63 -19.62
N THR B 835 53.58 -40.59 -20.47
CA THR B 835 53.83 -39.22 -19.97
C THR B 835 52.60 -38.68 -19.24
N ALA B 836 51.40 -38.85 -19.82
CA ALA B 836 50.14 -38.35 -19.23
C ALA B 836 49.73 -39.22 -18.04
N GLY B 837 50.20 -40.47 -17.94
CA GLY B 837 49.87 -41.36 -16.81
C GLY B 837 48.51 -42.02 -16.95
N TYR B 838 47.84 -41.90 -18.10
CA TYR B 838 46.50 -42.49 -18.32
C TYR B 838 46.63 -43.80 -19.10
N MET B 839 45.64 -44.68 -18.94
CA MET B 839 45.49 -45.88 -19.77
C MET B 839 44.03 -45.96 -20.22
N PHE B 840 43.79 -46.46 -21.45
CA PHE B 840 42.44 -46.49 -22.04
C PHE B 840 42.14 -47.87 -22.56
N LEU B 841 40.93 -48.36 -22.28
CA LEU B 841 40.53 -49.70 -22.77
C LEU B 841 39.04 -49.70 -23.07
N SER B 842 38.64 -50.58 -23.97
CA SER B 842 37.28 -50.59 -24.53
C SER B 842 36.59 -51.89 -24.14
N ASP B 843 35.33 -51.78 -23.69
CA ASP B 843 34.48 -52.95 -23.43
C ASP B 843 33.32 -52.88 -24.42
N TRP B 844 33.09 -53.99 -25.14
CA TRP B 844 32.07 -54.03 -26.21
C TRP B 844 30.79 -54.74 -25.77
N PHE B 845 30.60 -55.03 -24.48
CA PHE B 845 29.31 -55.57 -24.01
C PHE B 845 28.19 -54.56 -24.32
N ARG B 846 26.94 -55.02 -24.23
CA ARG B 846 25.77 -54.26 -24.74
C ARG B 846 25.82 -52.80 -24.29
N PRO B 847 26.05 -52.41 -23.01
CA PRO B 847 26.22 -50.99 -22.65
C PRO B 847 27.68 -50.57 -22.90
N ALA B 848 28.11 -50.63 -24.17
CA ALA B 848 29.53 -50.54 -24.57
C ALA B 848 30.15 -49.20 -24.15
N LYS B 849 31.41 -49.23 -23.73
CA LYS B 849 32.05 -48.00 -23.19
C LYS B 849 33.57 -48.04 -23.38
N ILE B 850 34.17 -46.86 -23.26
CA ILE B 850 35.64 -46.71 -23.21
C ILE B 850 35.95 -46.13 -21.84
N MET B 851 36.76 -46.82 -21.04
CA MET B 851 37.12 -46.30 -19.69
C MET B 851 38.52 -45.68 -19.72
N ARG B 852 38.78 -44.81 -18.74
CA ARG B 852 40.11 -44.22 -18.51
C ARG B 852 40.47 -44.41 -17.05
N ALA B 853 41.74 -44.72 -16.79
CA ALA B 853 42.23 -44.94 -15.42
C ALA B 853 43.70 -44.54 -15.34
N TRP B 854 44.15 -44.23 -14.14
CA TRP B 854 45.59 -43.98 -13.88
C TRP B 854 46.38 -45.23 -14.26
N SER B 855 47.65 -45.08 -14.63
CA SER B 855 48.46 -46.23 -15.09
C SER B 855 48.58 -47.29 -14.00
N ASP B 856 48.34 -46.89 -12.74
CA ASP B 856 48.19 -47.76 -11.55
C ASP B 856 47.01 -48.73 -11.71
N GLY B 857 45.83 -48.22 -12.09
CA GLY B 857 44.60 -49.02 -12.17
C GLY B 857 43.52 -48.45 -11.27
N SER B 858 43.72 -47.26 -10.68
CA SER B 858 42.67 -46.59 -9.87
C SER B 858 41.94 -45.55 -10.73
N HIS B 859 40.88 -44.97 -10.17
CA HIS B 859 40.08 -43.91 -10.83
C HIS B 859 39.52 -44.41 -12.17
N LEU B 860 39.18 -45.71 -12.27
CA LEU B 860 38.61 -46.27 -13.52
C LEU B 860 37.22 -45.67 -13.73
N MET B 861 37.07 -44.79 -14.72
CA MET B 861 35.80 -44.07 -15.01
C MET B 861 35.46 -44.23 -16.50
N PRO B 862 34.18 -44.23 -16.91
CA PRO B 862 33.84 -44.08 -18.33
C PRO B 862 34.19 -42.68 -18.85
N ILE B 863 34.79 -42.61 -20.03
CA ILE B 863 34.99 -41.32 -20.75
C ILE B 863 34.08 -41.23 -21.98
N VAL B 864 33.65 -42.37 -22.55
CA VAL B 864 32.66 -42.38 -23.65
C VAL B 864 31.76 -43.59 -23.43
N ASN B 865 30.44 -43.37 -23.29
CA ASN B 865 29.49 -44.48 -23.02
C ASN B 865 28.15 -44.26 -23.75
N THR B 866 28.13 -43.36 -24.75
CA THR B 866 26.93 -43.02 -25.54
C THR B 866 27.23 -43.24 -27.02
N SER B 867 26.26 -43.74 -27.78
CA SER B 867 26.34 -44.01 -29.24
C SER B 867 27.65 -44.72 -29.59
N LEU B 868 27.91 -45.83 -28.89
CA LEU B 868 29.02 -46.77 -29.19
C LEU B 868 28.45 -48.16 -29.44
N GLY B 869 29.01 -48.84 -30.43
CA GLY B 869 28.78 -50.26 -30.69
C GLY B 869 30.07 -50.94 -31.09
N TRP B 870 30.51 -51.92 -30.29
CA TRP B 870 31.70 -52.75 -30.62
C TRP B 870 32.92 -51.83 -30.85
N PRO B 871 33.41 -51.11 -29.83
CA PRO B 871 34.65 -50.33 -29.96
C PRO B 871 35.91 -51.22 -29.99
N ASN B 872 36.22 -51.75 -31.17
CA ASN B 872 37.35 -52.69 -31.35
C ASN B 872 38.71 -52.02 -31.16
N GLY B 873 39.03 -50.95 -31.88
CA GLY B 873 40.40 -50.44 -31.96
C GLY B 873 40.58 -49.20 -31.11
N LEU B 874 41.75 -49.05 -30.48
CA LEU B 874 42.16 -47.77 -29.83
C LEU B 874 43.52 -47.34 -30.37
N ALA B 875 43.75 -46.02 -30.41
CA ALA B 875 45.08 -45.48 -30.71
C ALA B 875 45.20 -44.10 -30.09
N ILE B 876 46.44 -43.62 -29.92
CA ILE B 876 46.66 -42.22 -29.48
C ILE B 876 47.45 -41.51 -30.57
N ASP B 877 47.09 -40.26 -30.84
CA ASP B 877 47.79 -39.38 -31.79
C ASP B 877 48.80 -38.55 -31.00
N TRP B 878 50.03 -39.05 -30.90
CA TRP B 878 51.09 -38.44 -30.06
C TRP B 878 51.39 -36.99 -30.46
N SER B 879 51.04 -36.61 -31.69
CA SER B 879 51.24 -35.23 -32.20
C SER B 879 50.29 -34.23 -31.54
N ALA B 880 49.14 -34.66 -30.99
CA ALA B 880 48.13 -33.73 -30.43
C ALA B 880 47.47 -34.29 -29.17
N SER B 881 47.92 -35.45 -28.65
CA SER B 881 47.36 -36.07 -27.42
C SER B 881 45.85 -36.27 -27.59
N ARG B 882 45.44 -36.82 -28.74
CA ARG B 882 44.02 -37.13 -29.02
C ARG B 882 43.85 -38.64 -29.13
N LEU B 883 42.84 -39.19 -28.45
CA LEU B 883 42.50 -40.63 -28.49
C LEU B 883 41.65 -40.91 -29.74
N TYR B 884 41.92 -41.98 -30.49
CA TYR B 884 41.11 -42.35 -31.68
C TYR B 884 40.55 -43.75 -31.43
N TRP B 885 39.31 -44.01 -31.88
CA TRP B 885 38.73 -45.37 -31.77
C TRP B 885 37.86 -45.73 -32.95
N VAL B 886 37.50 -47.02 -33.09
CA VAL B 886 36.65 -47.49 -34.21
C VAL B 886 35.55 -48.43 -33.70
N ASP B 887 34.36 -48.26 -34.28
CA ASP B 887 33.18 -49.11 -33.98
C ASP B 887 32.94 -50.10 -35.11
N ALA B 888 32.53 -51.32 -34.77
CA ALA B 888 32.12 -52.29 -35.80
C ALA B 888 30.59 -52.42 -35.91
N PHE B 889 29.79 -51.70 -35.09
CA PHE B 889 28.31 -51.71 -35.26
C PHE B 889 27.89 -50.55 -36.18
N PHE B 890 28.46 -49.36 -35.95
CA PHE B 890 28.16 -48.16 -36.77
C PHE B 890 29.19 -47.97 -37.89
N ASP B 891 30.25 -48.82 -37.90
CA ASP B 891 31.30 -48.85 -38.96
C ASP B 891 31.94 -47.46 -39.08
N LYS B 892 32.26 -46.81 -37.94
CA LYS B 892 32.73 -45.41 -37.93
C LYS B 892 34.05 -45.27 -37.17
N ILE B 893 34.80 -44.23 -37.51
CA ILE B 893 36.02 -43.84 -36.76
C ILE B 893 35.72 -42.52 -36.05
N GLU B 894 36.10 -42.41 -34.78
CA GLU B 894 35.97 -41.15 -34.01
C GLU B 894 37.29 -40.81 -33.34
N HIS B 895 37.41 -39.58 -32.86
CA HIS B 895 38.61 -39.14 -32.11
C HIS B 895 38.17 -38.05 -31.12
N SER B 896 38.76 -38.08 -29.93
CA SER B 896 38.40 -37.21 -28.78
C SER B 896 39.67 -36.87 -28.00
N THR B 897 39.59 -35.89 -27.11
CA THR B 897 40.69 -35.58 -26.16
C THR B 897 40.77 -36.72 -25.13
N LEU B 898 41.77 -36.66 -24.25
CA LEU B 898 42.00 -37.74 -23.25
C LEU B 898 40.88 -37.70 -22.20
N ASP B 899 40.07 -36.63 -22.18
CA ASP B 899 39.00 -36.48 -21.15
C ASP B 899 37.66 -36.93 -21.73
N GLY B 900 37.60 -37.34 -23.02
CA GLY B 900 36.34 -37.67 -23.70
C GLY B 900 35.59 -36.44 -24.21
N LEU B 901 36.18 -35.24 -24.10
CA LEU B 901 35.53 -34.00 -24.59
C LEU B 901 35.92 -33.75 -26.05
N ASP B 902 35.16 -32.89 -26.72
CA ASP B 902 35.37 -32.54 -28.15
C ASP B 902 35.36 -33.84 -28.99
N ARG B 903 34.23 -34.56 -28.95
CA ARG B 903 34.08 -35.81 -29.72
C ARG B 903 33.75 -35.45 -31.17
N LYS B 904 34.52 -35.98 -32.14
CA LYS B 904 34.30 -35.69 -33.57
C LYS B 904 34.38 -37.00 -34.36
N ARG B 905 33.56 -37.13 -35.40
CA ARG B 905 33.54 -38.36 -36.23
C ARG B 905 34.27 -38.07 -37.56
N LEU B 906 35.07 -39.04 -38.01
CA LEU B 906 35.72 -38.94 -39.34
C LEU B 906 34.69 -39.21 -40.44
N GLY B 907 35.06 -38.86 -41.68
CA GLY B 907 34.23 -39.03 -42.88
C GLY B 907 33.89 -40.49 -43.13
N HIS B 908 32.87 -40.72 -43.98
CA HIS B 908 32.47 -42.10 -44.37
C HIS B 908 33.63 -42.73 -45.14
N VAL B 909 34.01 -43.95 -44.75
CA VAL B 909 35.07 -44.71 -45.44
C VAL B 909 34.40 -45.87 -46.19
N ASP B 910 34.50 -45.86 -47.52
CA ASP B 910 33.85 -46.87 -48.38
C ASP B 910 34.42 -48.26 -48.07
N GLN B 911 33.56 -49.28 -48.10
CA GLN B 911 33.94 -50.70 -47.87
C GLN B 911 34.54 -50.89 -46.48
N MET B 912 34.36 -49.96 -45.52
CA MET B 912 34.66 -50.29 -44.11
C MET B 912 33.40 -50.92 -43.52
N THR B 913 33.50 -52.09 -42.92
CA THR B 913 32.30 -52.87 -42.53
C THR B 913 32.52 -53.64 -41.24
N HIS B 914 33.76 -53.87 -40.83
CA HIS B 914 34.04 -54.48 -39.52
C HIS B 914 35.47 -54.12 -39.14
N PRO B 915 35.76 -52.84 -38.83
CA PRO B 915 37.11 -52.44 -38.48
C PRO B 915 37.51 -53.10 -37.16
N PHE B 916 38.82 -53.40 -37.03
CA PHE B 916 39.33 -54.03 -35.82
C PHE B 916 40.57 -53.29 -35.34
N GLY B 917 41.74 -53.56 -35.95
CA GLY B 917 42.98 -52.86 -35.59
C GLY B 917 42.91 -51.41 -36.01
N LEU B 918 43.51 -50.54 -35.21
CA LEU B 918 43.62 -49.10 -35.53
C LEU B 918 44.99 -48.64 -35.08
N THR B 919 45.66 -47.80 -35.88
CA THR B 919 46.87 -47.09 -35.41
C THR B 919 46.97 -45.76 -36.14
N VAL B 920 47.77 -44.84 -35.60
CA VAL B 920 47.87 -43.46 -36.14
C VAL B 920 49.35 -43.14 -36.30
N PHE B 921 49.73 -42.61 -37.47
CA PHE B 921 51.15 -42.28 -37.76
C PHE B 921 51.28 -41.08 -38.68
N LYS B 922 52.23 -40.16 -38.40
CA LYS B 922 52.43 -38.89 -39.15
C LYS B 922 51.07 -38.19 -39.41
N ASP B 923 50.56 -38.22 -40.65
CA ASP B 923 49.27 -37.55 -40.99
C ASP B 923 48.25 -38.56 -41.53
N ASN B 924 48.37 -39.83 -41.13
CA ASN B 924 47.50 -40.92 -41.60
C ASN B 924 47.04 -41.84 -40.46
N VAL B 925 45.93 -42.54 -40.73
CA VAL B 925 45.33 -43.56 -39.82
C VAL B 925 45.32 -44.88 -40.59
N PHE B 926 45.93 -45.93 -40.03
CA PHE B 926 46.02 -47.26 -40.66
C PHE B 926 45.05 -48.20 -39.95
N ILE B 927 44.19 -48.86 -40.72
CA ILE B 927 43.04 -49.60 -40.15
C ILE B 927 43.01 -51.00 -40.76
N THR B 928 42.71 -51.97 -39.90
CA THR B 928 42.45 -53.35 -40.31
C THR B 928 40.95 -53.56 -40.41
N ASP B 929 40.46 -54.27 -41.43
CA ASP B 929 39.01 -54.58 -41.52
C ASP B 929 38.84 -56.09 -41.70
N TRP B 930 37.91 -56.71 -40.97
CA TRP B 930 37.70 -58.16 -41.04
C TRP B 930 36.91 -58.60 -42.28
N ARG B 931 35.94 -57.82 -42.76
CA ARG B 931 35.18 -58.20 -43.98
C ARG B 931 36.10 -58.22 -45.19
N LEU B 932 36.92 -57.18 -45.36
CA LEU B 932 37.90 -57.13 -46.47
C LEU B 932 39.04 -58.11 -46.20
N GLY B 933 39.43 -58.26 -44.93
CA GLY B 933 40.67 -58.97 -44.57
C GLY B 933 41.85 -58.24 -45.18
N ALA B 934 41.89 -56.91 -45.02
CA ALA B 934 42.92 -56.06 -45.65
C ALA B 934 43.27 -54.90 -44.73
N ILE B 935 44.40 -54.24 -45.03
CA ILE B 935 44.83 -53.02 -44.30
C ILE B 935 44.65 -51.83 -45.23
N ILE B 936 43.89 -50.83 -44.78
CA ILE B 936 43.61 -49.61 -45.58
C ILE B 936 44.20 -48.41 -44.84
N ARG B 937 44.49 -47.34 -45.60
CA ARG B 937 45.06 -46.10 -45.03
C ARG B 937 44.15 -44.93 -45.40
N VAL B 938 43.83 -44.09 -44.41
CA VAL B 938 42.96 -42.90 -44.61
C VAL B 938 43.65 -41.71 -43.95
N ARG B 939 43.25 -40.50 -44.37
CA ARG B 939 43.84 -39.25 -43.82
C ARG B 939 43.40 -39.09 -42.36
N LYS B 940 44.27 -38.50 -41.55
CA LYS B 940 44.01 -38.28 -40.10
C LYS B 940 43.07 -37.08 -39.87
N SER B 941 42.94 -36.17 -40.85
CA SER B 941 42.20 -34.90 -40.67
C SER B 941 40.76 -35.00 -41.17
N ASP B 942 40.41 -36.02 -41.97
CA ASP B 942 39.03 -36.21 -42.45
C ASP B 942 38.83 -37.68 -42.83
N GLY B 943 37.77 -38.00 -43.59
CA GLY B 943 37.55 -39.34 -44.14
C GLY B 943 38.75 -39.79 -44.95
N GLY B 944 39.31 -38.90 -45.79
CA GLY B 944 40.53 -39.16 -46.56
C GLY B 944 40.32 -40.09 -47.73
N ASP B 945 41.39 -40.29 -48.51
CA ASP B 945 41.39 -41.17 -49.70
C ASP B 945 41.76 -42.58 -49.23
N MET B 946 40.81 -43.53 -49.30
CA MET B 946 41.06 -44.92 -48.88
C MET B 946 42.05 -45.56 -49.87
N THR B 947 43.32 -45.67 -49.47
CA THR B 947 44.36 -46.36 -50.27
C THR B 947 44.67 -47.68 -49.58
N VAL B 948 44.58 -48.79 -50.32
CA VAL B 948 44.79 -50.13 -49.74
C VAL B 948 46.29 -50.38 -49.64
N ILE B 949 46.75 -50.80 -48.47
CA ILE B 949 48.19 -51.12 -48.24
C ILE B 949 48.40 -52.60 -48.53
N ARG B 950 47.54 -53.46 -47.97
CA ARG B 950 47.65 -54.92 -48.19
C ARG B 950 46.26 -55.50 -48.40
N ARG B 951 46.19 -56.71 -48.93
CA ARG B 951 44.90 -57.40 -49.17
C ARG B 951 45.13 -58.90 -49.13
N GLY B 952 44.09 -59.66 -48.80
CA GLY B 952 44.14 -61.13 -48.75
C GLY B 952 45.18 -61.61 -47.75
N ILE B 953 45.17 -61.06 -46.53
CA ILE B 953 46.19 -61.39 -45.51
C ILE B 953 45.47 -62.24 -44.46
N SER B 954 44.44 -62.98 -44.89
CA SER B 954 43.73 -63.96 -44.03
C SER B 954 43.14 -63.24 -42.81
N SER B 955 43.00 -63.97 -41.70
CA SER B 955 42.39 -63.44 -40.45
C SER B 955 43.37 -62.44 -39.81
N VAL B 956 43.48 -61.24 -40.39
CA VAL B 956 44.32 -60.13 -39.88
C VAL B 956 43.68 -59.51 -38.62
N MET B 957 44.53 -59.12 -37.66
CA MET B 957 44.09 -58.69 -36.31
C MET B 957 44.61 -57.27 -36.02
N HIS B 958 45.64 -57.10 -35.18
CA HIS B 958 46.10 -55.76 -34.77
C HIS B 958 47.08 -55.15 -35.77
N VAL B 959 47.25 -53.83 -35.63
CA VAL B 959 48.29 -53.06 -36.36
C VAL B 959 48.85 -52.01 -35.39
N LYS B 960 50.11 -51.60 -35.59
CA LYS B 960 50.85 -50.67 -34.73
C LYS B 960 51.84 -49.89 -35.60
N ALA B 961 52.17 -48.66 -35.25
CA ALA B 961 53.37 -48.03 -35.83
C ALA B 961 54.57 -48.41 -34.95
N TYR B 962 55.51 -49.19 -35.46
CA TYR B 962 56.84 -49.26 -34.84
C TYR B 962 57.52 -47.91 -35.13
N ASP B 963 58.02 -47.24 -34.10
CA ASP B 963 58.80 -45.99 -34.29
C ASP B 963 59.83 -45.88 -33.18
N ALA B 964 61.10 -45.84 -33.58
CA ALA B 964 62.26 -45.86 -32.69
C ALA B 964 62.41 -44.55 -31.88
N ASP B 965 61.73 -43.45 -32.25
CA ASP B 965 61.85 -42.17 -31.50
C ASP B 965 60.48 -41.63 -31.08
N LEU B 966 59.42 -42.40 -31.29
CA LEU B 966 58.18 -42.29 -30.48
C LEU B 966 58.48 -42.71 -29.04
N GLN B 967 59.16 -43.85 -28.84
CA GLN B 967 59.43 -44.39 -27.49
C GLN B 967 60.62 -43.64 -26.90
N THR B 968 60.43 -42.35 -26.63
CA THR B 968 61.49 -41.47 -26.09
C THR B 968 60.84 -40.44 -25.19
N GLY B 969 61.48 -40.22 -24.03
CA GLY B 969 61.01 -39.25 -23.02
C GLY B 969 61.36 -39.74 -21.64
N SER B 970 60.86 -39.02 -20.62
CA SER B 970 61.11 -39.33 -19.20
C SER B 970 59.94 -38.84 -18.33
N ASN B 971 59.77 -39.53 -17.19
CA ASN B 971 58.87 -39.11 -16.10
C ASN B 971 59.53 -39.55 -14.79
N TYR B 972 58.93 -39.30 -13.63
CA TYR B 972 59.62 -39.57 -12.34
C TYR B 972 59.84 -41.07 -12.13
N CYS B 973 59.25 -41.96 -12.94
CA CYS B 973 59.53 -43.41 -12.88
C CYS B 973 60.81 -43.80 -13.63
N SER B 974 61.39 -42.93 -14.45
CA SER B 974 62.74 -43.14 -15.03
C SER B 974 63.44 -41.80 -15.13
N GLN B 975 63.86 -41.32 -13.95
CA GLN B 975 64.58 -40.05 -13.76
C GLN B 975 66.02 -40.40 -13.38
N THR B 976 67.02 -39.88 -14.09
CA THR B 976 68.44 -40.20 -13.78
C THR B 976 68.82 -39.67 -12.39
N THR B 977 69.89 -40.24 -11.80
CA THR B 977 70.40 -40.01 -10.42
C THR B 977 69.65 -40.81 -9.35
N HIS B 978 68.49 -41.42 -9.64
CA HIS B 978 67.88 -42.37 -8.65
C HIS B 978 67.06 -43.46 -9.36
N ALA B 979 67.06 -44.66 -8.79
CA ALA B 979 66.52 -45.85 -9.49
C ALA B 979 64.99 -45.84 -9.47
N ASN B 980 64.34 -45.93 -10.66
CA ASN B 980 62.99 -46.52 -10.81
C ASN B 980 61.97 -45.88 -9.85
N GLY B 981 61.96 -44.53 -9.79
CA GLY B 981 60.98 -43.81 -8.95
C GLY B 981 61.05 -44.14 -7.46
N ASP B 982 62.20 -44.63 -6.97
CA ASP B 982 62.47 -45.00 -5.55
C ASP B 982 61.52 -46.09 -5.03
N CYS B 983 60.69 -46.70 -5.86
CA CYS B 983 59.76 -47.76 -5.39
C CYS B 983 60.48 -49.12 -5.34
N SER B 984 60.12 -49.95 -4.36
CA SER B 984 60.27 -51.41 -4.51
C SER B 984 59.26 -51.87 -5.58
N HIS B 985 59.64 -52.83 -6.45
CA HIS B 985 58.70 -53.38 -7.48
C HIS B 985 58.15 -52.27 -8.41
N PHE B 986 56.84 -52.22 -8.68
CA PHE B 986 56.32 -51.35 -9.77
C PHE B 986 56.43 -49.87 -9.41
N CYS B 987 56.57 -49.01 -10.43
CA CYS B 987 56.08 -47.63 -10.26
C CYS B 987 55.33 -47.18 -11.52
N PHE B 988 54.21 -46.50 -11.30
CA PHE B 988 53.25 -46.14 -12.36
C PHE B 988 53.21 -44.63 -12.49
N PRO B 989 53.25 -44.06 -13.71
CA PRO B 989 53.04 -42.64 -13.89
C PRO B 989 51.56 -42.31 -13.69
N VAL B 990 51.31 -41.12 -13.13
CA VAL B 990 49.97 -40.62 -12.74
C VAL B 990 49.84 -39.19 -13.24
N PRO B 991 48.63 -38.75 -13.67
CA PRO B 991 48.43 -37.44 -14.29
C PRO B 991 48.97 -36.29 -13.44
N ASN B 992 49.41 -35.22 -14.12
CA ASN B 992 50.05 -34.03 -13.50
C ASN B 992 51.44 -34.40 -12.97
N PHE B 993 52.16 -35.28 -13.70
CA PHE B 993 53.61 -35.52 -13.54
C PHE B 993 53.92 -35.99 -12.10
N GLN B 994 53.40 -37.16 -11.72
CA GLN B 994 53.69 -37.76 -10.40
C GLN B 994 53.85 -39.27 -10.55
N ARG B 995 54.48 -39.93 -9.56
CA ARG B 995 54.72 -41.40 -9.61
C ARG B 995 54.00 -42.06 -8.44
N VAL B 996 53.43 -43.25 -8.67
CA VAL B 996 52.77 -44.02 -7.57
C VAL B 996 53.29 -45.45 -7.64
N CYS B 997 53.78 -45.97 -6.52
CA CYS B 997 54.38 -47.32 -6.46
C CYS B 997 53.29 -48.41 -6.42
N GLY B 998 53.68 -49.67 -6.62
CA GLY B 998 52.74 -50.79 -6.44
C GLY B 998 53.47 -52.11 -6.26
N CYS B 999 52.79 -53.11 -5.71
CA CYS B 999 53.45 -54.40 -5.37
C CYS B 999 52.69 -55.57 -5.99
N PRO B 1000 53.36 -56.64 -6.47
CA PRO B 1000 52.72 -57.79 -7.09
C PRO B 1000 51.73 -58.52 -6.16
N TYR B 1001 50.99 -59.47 -6.73
CA TYR B 1001 50.06 -60.30 -5.95
C TYR B 1001 50.82 -60.95 -4.78
N GLY B 1002 50.22 -60.91 -3.58
CA GLY B 1002 50.82 -61.43 -2.34
C GLY B 1002 51.64 -60.38 -1.62
N MET B 1003 51.64 -59.12 -2.06
CA MET B 1003 52.44 -58.05 -1.42
C MET B 1003 51.66 -56.73 -1.35
N LYS B 1004 52.00 -55.92 -0.35
CA LYS B 1004 51.34 -54.62 -0.06
C LYS B 1004 52.42 -53.56 0.15
N LEU B 1005 52.05 -52.28 0.03
CA LEU B 1005 53.00 -51.20 0.36
C LEU B 1005 53.23 -51.14 1.88
N GLN B 1006 54.47 -50.80 2.22
CA GLN B 1006 54.95 -50.48 3.58
C GLN B 1006 54.32 -49.17 4.05
N ARG B 1007 54.43 -48.91 5.37
CA ARG B 1007 54.06 -47.62 6.04
C ARG B 1007 54.59 -46.41 5.28
N ASP B 1008 55.78 -46.52 4.65
CA ASP B 1008 56.45 -45.40 3.92
C ASP B 1008 55.82 -45.10 2.56
N GLN B 1009 54.86 -45.91 2.07
CA GLN B 1009 54.19 -45.76 0.75
C GLN B 1009 55.17 -45.94 -0.43
N MET B 1010 56.31 -46.63 -0.25
CA MET B 1010 57.29 -46.82 -1.36
C MET B 1010 57.82 -48.25 -1.43
N THR B 1011 58.09 -48.90 -0.29
CA THR B 1011 58.66 -50.26 -0.28
C THR B 1011 57.56 -51.33 -0.14
N CYS B 1012 57.89 -52.60 -0.42
CA CYS B 1012 56.88 -53.69 -0.45
C CYS B 1012 57.09 -54.67 0.71
N GLU B 1013 55.97 -55.20 1.23
CA GLU B 1013 55.95 -56.10 2.40
C GLU B 1013 55.06 -57.30 2.05
N GLY B 1014 55.41 -58.51 2.51
CA GLY B 1014 54.57 -59.71 2.32
C GLY B 1014 53.17 -59.52 2.88
N ASP B 1015 52.14 -59.95 2.16
CA ASP B 1015 50.72 -59.77 2.57
C ASP B 1015 50.00 -61.12 2.70
N PRO B 1016 50.59 -62.17 3.31
CA PRO B 1016 50.10 -63.54 3.14
C PRO B 1016 48.72 -63.82 3.77
N ALA B 1017 48.27 -62.96 4.70
CA ALA B 1017 46.95 -63.07 5.33
C ALA B 1017 45.84 -62.69 4.33
N ARG B 1018 46.07 -61.69 3.46
CA ARG B 1018 45.04 -61.14 2.55
C ARG B 1018 45.18 -61.75 1.15
N GLU B 1019 46.42 -61.95 0.70
CA GLU B 1019 46.72 -62.49 -0.65
C GLU B 1019 47.65 -63.69 -0.48
N PRO B 1020 47.14 -64.87 -0.08
CA PRO B 1020 47.99 -66.01 0.22
C PRO B 1020 48.68 -66.55 -1.04
N PRO B 1021 49.83 -67.25 -0.89
CA PRO B 1021 50.50 -67.87 -2.03
C PRO B 1021 49.63 -68.94 -2.72
N THR B 1022 49.88 -69.12 -4.02
CA THR B 1022 49.12 -70.04 -4.90
C THR B 1022 50.07 -70.88 -5.76
N GLN B 1023 49.61 -72.06 -6.18
CA GLN B 1023 50.42 -72.98 -7.02
C GLN B 1023 50.51 -72.44 -8.46
N GLN B 1024 51.48 -72.95 -9.22
CA GLN B 1024 51.60 -72.60 -10.66
C GLN B 1024 50.27 -72.90 -11.35
N CYS B 1025 49.66 -74.07 -11.08
CA CYS B 1025 48.19 -74.24 -11.24
C CYS B 1025 47.70 -75.44 -10.43
N GLY B 1026 46.36 -75.59 -10.30
CA GLY B 1026 45.72 -76.52 -9.34
C GLY B 1026 45.81 -77.99 -9.73
N SER B 1027 45.02 -78.84 -9.05
CA SER B 1027 45.04 -80.30 -9.27
C SER B 1027 44.39 -80.63 -10.63
N LEU B 1028 44.47 -81.91 -11.03
CA LEU B 1028 43.95 -82.39 -12.33
C LEU B 1028 44.67 -81.65 -13.46
N SER B 1029 45.94 -81.27 -13.24
CA SER B 1029 46.73 -80.52 -14.25
C SER B 1029 48.20 -80.64 -13.88
N PHE B 1030 49.03 -81.11 -14.81
CA PHE B 1030 50.49 -81.22 -14.59
C PHE B 1030 51.13 -79.84 -14.74
N PRO B 1031 51.77 -79.27 -13.70
CA PRO B 1031 52.46 -77.99 -13.85
C PRO B 1031 53.74 -78.17 -14.66
N CYS B 1032 53.76 -77.59 -15.87
CA CYS B 1032 54.95 -77.64 -16.75
C CYS B 1032 56.10 -76.86 -16.10
N ASN B 1033 57.33 -77.02 -16.59
CA ASN B 1033 58.49 -76.27 -16.05
C ASN B 1033 58.46 -74.82 -16.57
N ASN B 1034 58.20 -74.65 -17.87
CA ASN B 1034 57.64 -73.40 -18.41
C ASN B 1034 56.37 -73.01 -17.62
N GLY B 1035 56.02 -71.73 -17.55
CA GLY B 1035 54.91 -71.25 -16.67
C GLY B 1035 53.54 -71.86 -16.97
N LYS B 1036 53.30 -72.40 -18.19
CA LYS B 1036 52.00 -72.98 -18.59
C LYS B 1036 51.69 -74.22 -17.75
N CYS B 1037 50.47 -74.72 -17.81
CA CYS B 1037 50.20 -76.10 -17.32
C CYS B 1037 49.10 -76.77 -18.14
N VAL B 1038 49.13 -78.11 -18.24
CA VAL B 1038 48.16 -78.87 -19.07
C VAL B 1038 47.52 -79.97 -18.22
N PRO B 1039 46.35 -80.49 -18.61
CA PRO B 1039 45.73 -81.61 -17.90
C PRO B 1039 46.68 -82.80 -17.76
N SER B 1040 46.57 -83.51 -16.63
CA SER B 1040 47.44 -84.66 -16.28
C SER B 1040 47.32 -85.76 -17.34
N PHE B 1041 46.21 -85.82 -18.07
CA PHE B 1041 46.01 -86.81 -19.15
C PHE B 1041 47.00 -86.55 -20.29
N PHE B 1042 47.53 -85.32 -20.40
CA PHE B 1042 48.46 -84.96 -21.48
C PHE B 1042 49.91 -85.29 -21.14
N ARG B 1043 50.24 -85.63 -19.88
CA ARG B 1043 51.64 -85.98 -19.54
C ARG B 1043 52.00 -87.32 -20.19
N CYS B 1044 53.23 -87.43 -20.70
CA CYS B 1044 53.75 -88.65 -21.37
C CYS B 1044 52.72 -89.22 -22.36
N ASP B 1045 52.39 -88.47 -23.41
CA ASP B 1045 51.51 -89.00 -24.48
C ASP B 1045 52.15 -88.78 -25.87
N GLY B 1046 53.38 -88.27 -25.93
CA GLY B 1046 54.15 -88.21 -27.19
C GLY B 1046 53.99 -86.89 -27.92
N VAL B 1047 53.01 -86.05 -27.55
CA VAL B 1047 52.81 -84.73 -28.21
C VAL B 1047 53.32 -83.64 -27.26
N ASP B 1048 54.07 -82.69 -27.80
CA ASP B 1048 54.66 -81.59 -27.03
C ASP B 1048 53.56 -80.57 -26.72
N ASP B 1049 52.99 -80.63 -25.52
CA ASP B 1049 51.83 -79.77 -25.16
C ASP B 1049 52.28 -78.53 -24.40
N CYS B 1050 53.23 -78.66 -23.47
CA CYS B 1050 53.70 -77.52 -22.64
C CYS B 1050 54.51 -76.54 -23.50
N HIS B 1051 54.87 -76.93 -24.73
CA HIS B 1051 55.67 -76.09 -25.67
C HIS B 1051 57.06 -75.83 -25.08
N ASP B 1052 57.49 -76.68 -24.13
CA ASP B 1052 58.91 -76.68 -23.68
C ASP B 1052 59.37 -78.12 -23.44
N ASN B 1053 58.54 -79.12 -23.80
CA ASN B 1053 58.87 -80.56 -23.74
C ASN B 1053 58.90 -81.04 -22.28
N SER B 1054 58.33 -80.30 -21.33
CA SER B 1054 58.32 -80.72 -19.90
C SER B 1054 57.37 -81.91 -19.72
N ASP B 1055 56.25 -81.93 -20.43
CA ASP B 1055 55.22 -82.99 -20.23
C ASP B 1055 55.71 -84.32 -20.80
N GLU B 1056 56.80 -84.32 -21.58
CA GLU B 1056 57.36 -85.58 -22.15
C GLU B 1056 58.73 -85.88 -21.55
N HIS B 1057 59.14 -85.23 -20.47
CA HIS B 1057 60.51 -85.38 -19.94
C HIS B 1057 60.59 -86.60 -19.04
N GLN B 1058 61.51 -87.52 -19.35
CA GLN B 1058 61.79 -88.76 -18.56
C GLN B 1058 60.50 -89.60 -18.38
N CYS B 1059 59.83 -89.93 -19.48
CA CYS B 1059 58.64 -90.84 -19.47
C CYS B 1059 59.05 -92.32 -19.40
N GLY B 1060 58.05 -93.21 -19.18
CA GLY B 1060 58.19 -94.67 -19.41
C GLY B 1060 58.79 -95.45 -18.24
N VAL B 1061 59.40 -94.77 -17.25
CA VAL B 1061 59.92 -95.46 -16.03
C VAL B 1061 58.78 -95.95 -15.12
N PHE B 1062 59.12 -96.80 -14.14
CA PHE B 1062 58.16 -97.55 -13.28
C PHE B 1062 57.08 -96.68 -12.63
N ASN B 1063 57.38 -95.40 -12.34
CA ASN B 1063 56.46 -94.49 -11.61
C ASN B 1063 55.78 -93.46 -12.54
N ASN B 1064 56.14 -93.43 -13.82
CA ASN B 1064 55.71 -92.39 -14.80
C ASN B 1064 55.30 -93.08 -16.10
N THR B 1065 54.27 -93.93 -16.04
CA THR B 1065 53.80 -94.70 -17.22
C THR B 1065 53.29 -93.75 -18.32
N CYS B 1066 53.27 -94.23 -19.55
CA CYS B 1066 52.71 -93.42 -20.66
C CYS B 1066 51.18 -93.50 -20.64
N SER B 1067 50.53 -92.38 -20.98
CA SER B 1067 49.06 -92.25 -21.04
C SER B 1067 48.48 -93.32 -21.97
N PRO B 1068 47.29 -93.92 -21.72
CA PRO B 1068 46.78 -94.97 -22.59
C PRO B 1068 46.58 -94.55 -24.06
N SER B 1069 46.47 -93.23 -24.31
CA SER B 1069 46.31 -92.68 -25.67
C SER B 1069 47.63 -92.73 -26.44
N ALA B 1070 48.71 -93.31 -25.88
CA ALA B 1070 50.03 -93.34 -26.55
C ALA B 1070 50.57 -94.76 -26.56
N PHE B 1071 51.47 -95.04 -27.50
CA PHE B 1071 52.11 -96.37 -27.63
C PHE B 1071 53.48 -96.33 -26.94
N ALA B 1072 53.69 -97.28 -26.03
CA ALA B 1072 54.93 -97.35 -25.23
C ALA B 1072 55.90 -98.32 -25.90
N CYS B 1073 57.12 -97.86 -26.19
CA CYS B 1073 58.19 -98.74 -26.69
C CYS B 1073 58.48 -99.80 -25.64
N VAL B 1074 58.77 -101.03 -26.07
CA VAL B 1074 58.92 -102.20 -25.16
C VAL B 1074 60.05 -101.95 -24.16
N ARG B 1075 61.10 -101.21 -24.55
CA ARG B 1075 62.26 -100.98 -23.67
C ARG B 1075 62.69 -99.51 -23.76
N GLY B 1076 63.56 -99.10 -22.82
CA GLY B 1076 64.37 -97.87 -22.94
C GLY B 1076 63.67 -96.61 -22.44
N GLY B 1077 62.45 -96.74 -21.88
CA GLY B 1077 61.71 -95.60 -21.30
C GLY B 1077 61.41 -94.52 -22.33
N GLN B 1078 60.88 -94.92 -23.50
CA GLN B 1078 60.46 -93.95 -24.53
C GLN B 1078 59.08 -94.37 -25.02
N CYS B 1079 58.25 -93.40 -25.43
CA CYS B 1079 56.89 -93.72 -25.90
C CYS B 1079 56.34 -92.57 -26.75
N ILE B 1080 55.47 -92.92 -27.68
CA ILE B 1080 55.10 -92.09 -28.85
C ILE B 1080 53.58 -92.06 -28.98
N PRO B 1081 53.01 -91.09 -29.72
CA PRO B 1081 51.57 -91.04 -29.93
C PRO B 1081 51.02 -92.32 -30.57
N GLY B 1082 49.77 -92.66 -30.21
CA GLY B 1082 49.09 -93.88 -30.67
C GLY B 1082 48.97 -93.93 -32.18
N GLN B 1083 48.74 -92.76 -32.82
CA GLN B 1083 48.52 -92.70 -34.28
C GLN B 1083 49.80 -93.07 -35.03
N TRP B 1084 50.96 -93.06 -34.36
CA TRP B 1084 52.23 -93.48 -35.00
C TRP B 1084 52.44 -94.99 -34.92
N HIS B 1085 51.61 -95.71 -34.15
CA HIS B 1085 51.81 -97.18 -33.98
C HIS B 1085 51.39 -97.89 -35.26
N CYS B 1086 52.35 -98.57 -35.90
CA CYS B 1086 52.11 -99.37 -37.15
C CYS B 1086 51.59 -98.42 -38.25
N ASP B 1087 52.39 -97.39 -38.57
CA ASP B 1087 52.05 -96.46 -39.68
C ASP B 1087 53.15 -96.54 -40.75
N ARG B 1088 53.89 -97.65 -40.82
CA ARG B 1088 54.94 -97.89 -41.86
C ARG B 1088 56.01 -96.80 -41.79
N GLN B 1089 56.38 -96.37 -40.58
CA GLN B 1089 57.48 -95.40 -40.36
C GLN B 1089 58.01 -95.61 -38.94
N ASN B 1090 59.27 -96.05 -38.80
CA ASN B 1090 59.84 -96.45 -37.49
C ASN B 1090 60.03 -95.19 -36.64
N ASP B 1091 59.52 -95.20 -35.41
CA ASP B 1091 59.69 -94.06 -34.47
C ASP B 1091 60.39 -94.54 -33.20
N CYS B 1092 59.88 -95.62 -32.58
CA CYS B 1092 60.50 -96.21 -31.37
C CYS B 1092 61.96 -96.53 -31.65
N LEU B 1093 62.86 -96.20 -30.72
CA LEU B 1093 64.31 -96.43 -30.91
C LEU B 1093 64.57 -97.94 -31.06
N ASP B 1094 63.87 -98.76 -30.28
CA ASP B 1094 64.06 -100.24 -30.30
C ASP B 1094 63.39 -100.84 -31.54
N GLY B 1095 62.56 -100.07 -32.27
CA GLY B 1095 61.90 -100.56 -33.49
C GLY B 1095 60.63 -101.35 -33.18
N SER B 1096 60.15 -101.37 -31.93
CA SER B 1096 58.91 -102.10 -31.58
C SER B 1096 57.70 -101.37 -32.17
N ASP B 1097 57.89 -100.13 -32.64
CA ASP B 1097 56.81 -99.29 -33.23
C ASP B 1097 56.17 -100.00 -34.44
N GLU B 1098 56.98 -100.66 -35.28
CA GLU B 1098 56.46 -101.25 -36.55
C GLU B 1098 56.55 -102.77 -36.55
N GLN B 1099 56.59 -103.43 -35.38
CA GLN B 1099 56.75 -104.90 -35.33
C GLN B 1099 55.38 -105.58 -35.17
N ASN B 1100 55.28 -106.83 -35.67
CA ASN B 1100 54.13 -107.74 -35.49
C ASN B 1100 52.79 -107.05 -35.80
N CYS B 1101 52.78 -106.05 -36.70
CA CYS B 1101 51.54 -105.28 -37.00
C CYS B 1101 50.54 -106.19 -37.71
N PRO B 1102 49.24 -106.10 -37.38
CA PRO B 1102 48.20 -106.78 -38.16
C PRO B 1102 48.07 -106.16 -39.57
N THR B 1103 48.95 -106.58 -40.49
CA THR B 1103 49.07 -105.96 -41.83
C THR B 1103 47.80 -106.19 -42.67
N HIS B 1104 47.19 -107.38 -42.54
CA HIS B 1104 46.06 -107.78 -43.43
C HIS B 1104 44.83 -106.97 -43.06
N ALA B 1105 43.92 -106.84 -44.04
CA ALA B 1105 42.58 -106.22 -43.83
C ALA B 1105 41.51 -107.30 -43.91
N THR B 1106 40.45 -107.17 -43.10
CA THR B 1106 39.36 -108.16 -43.01
C THR B 1106 38.63 -108.23 -44.35
N SER B 1107 37.68 -109.17 -44.46
CA SER B 1107 36.86 -109.37 -45.68
C SER B 1107 35.83 -108.23 -45.78
N SER B 1108 36.32 -107.00 -46.00
CA SER B 1108 35.44 -105.81 -46.14
C SER B 1108 35.78 -105.08 -47.43
N THR B 1109 34.78 -104.46 -48.07
CA THR B 1109 34.98 -103.69 -49.31
C THR B 1109 34.45 -102.27 -49.13
N CYS B 1110 34.84 -101.37 -50.02
CA CYS B 1110 34.21 -100.02 -50.11
C CYS B 1110 32.84 -100.17 -50.78
N PRO B 1111 31.90 -99.22 -50.60
CA PRO B 1111 30.61 -99.30 -51.27
C PRO B 1111 30.72 -99.48 -52.79
N SER B 1112 29.76 -100.21 -53.36
CA SER B 1112 29.78 -100.65 -54.78
C SER B 1112 29.91 -99.44 -55.72
N THR B 1113 29.41 -98.27 -55.31
CA THR B 1113 29.44 -97.05 -56.16
C THR B 1113 30.87 -96.51 -56.24
N SER B 1114 31.73 -96.85 -55.28
CA SER B 1114 33.09 -96.26 -55.17
C SER B 1114 34.11 -97.21 -55.82
N PHE B 1115 35.39 -96.84 -55.73
CA PHE B 1115 36.54 -97.59 -56.28
C PHE B 1115 37.44 -98.03 -55.12
N THR B 1116 37.96 -99.26 -55.19
CA THR B 1116 38.88 -99.79 -54.14
C THR B 1116 40.31 -99.69 -54.64
N CYS B 1117 41.15 -98.94 -53.91
CA CYS B 1117 42.59 -98.82 -54.24
C CYS B 1117 43.33 -100.09 -53.79
N ASP B 1118 44.63 -100.16 -54.09
CA ASP B 1118 45.48 -101.32 -53.69
C ASP B 1118 45.56 -101.36 -52.16
N ASN B 1119 45.73 -100.20 -51.52
CA ASN B 1119 45.87 -100.10 -50.04
C ASN B 1119 44.49 -99.92 -49.39
N HIS B 1120 43.41 -100.33 -50.09
CA HIS B 1120 42.02 -100.39 -49.54
C HIS B 1120 41.48 -98.99 -49.24
N VAL B 1121 41.97 -97.97 -49.94
CA VAL B 1121 41.39 -96.60 -49.78
C VAL B 1121 40.15 -96.53 -50.66
N CYS B 1122 39.10 -95.88 -50.16
CA CYS B 1122 37.81 -95.77 -50.89
C CYS B 1122 37.70 -94.37 -51.51
N ILE B 1123 37.54 -94.30 -52.84
CA ILE B 1123 37.35 -93.00 -53.53
C ILE B 1123 36.20 -93.12 -54.53
N PRO B 1124 35.52 -92.02 -54.86
CA PRO B 1124 34.51 -92.02 -55.92
C PRO B 1124 35.15 -92.44 -57.26
N LYS B 1125 34.39 -93.21 -58.07
CA LYS B 1125 34.91 -93.75 -59.36
C LYS B 1125 35.25 -92.60 -60.31
N ASP B 1126 34.54 -91.48 -60.20
CA ASP B 1126 34.80 -90.29 -61.06
C ASP B 1126 36.20 -89.72 -60.82
N TRP B 1127 36.92 -90.10 -59.75
CA TRP B 1127 38.31 -89.61 -59.51
C TRP B 1127 39.35 -90.49 -60.21
N VAL B 1128 38.98 -91.66 -60.74
CA VAL B 1128 39.95 -92.57 -61.41
C VAL B 1128 40.46 -91.90 -62.69
N CYS B 1129 41.74 -92.07 -63.00
CA CYS B 1129 42.35 -91.61 -64.27
C CYS B 1129 42.25 -90.08 -64.49
N ASP B 1130 42.08 -89.25 -63.45
CA ASP B 1130 41.99 -87.78 -63.63
C ASP B 1130 43.37 -87.13 -63.56
N THR B 1131 44.44 -87.94 -63.56
CA THR B 1131 45.86 -87.52 -63.46
C THR B 1131 46.16 -86.89 -62.10
N ASP B 1132 45.29 -87.09 -61.09
CA ASP B 1132 45.60 -86.66 -59.72
C ASP B 1132 45.60 -87.89 -58.81
N ASN B 1133 46.67 -88.07 -58.04
CA ASN B 1133 46.83 -89.24 -57.15
C ASN B 1133 45.91 -89.08 -55.95
N ASP B 1134 44.78 -89.79 -55.94
CA ASP B 1134 43.82 -89.73 -54.82
C ASP B 1134 44.10 -90.86 -53.82
N CYS B 1135 44.48 -92.05 -54.31
CA CYS B 1135 44.73 -93.23 -53.44
C CYS B 1135 46.00 -93.03 -52.61
N SER B 1136 46.84 -92.03 -52.95
CA SER B 1136 48.16 -91.78 -52.32
C SER B 1136 49.12 -92.94 -52.63
N ASP B 1137 48.67 -93.91 -53.45
CA ASP B 1137 49.49 -95.06 -53.85
C ASP B 1137 49.66 -95.06 -55.38
N GLY B 1138 48.73 -94.44 -56.12
CA GLY B 1138 48.76 -94.43 -57.59
C GLY B 1138 48.04 -95.61 -58.21
N SER B 1139 47.24 -96.34 -57.42
CA SER B 1139 46.44 -97.47 -57.95
C SER B 1139 45.27 -96.94 -58.79
N ASP B 1140 44.82 -95.69 -58.58
CA ASP B 1140 43.67 -95.15 -59.35
C ASP B 1140 44.16 -94.50 -60.64
N GLU B 1141 45.47 -94.48 -60.90
CA GLU B 1141 46.00 -93.88 -62.15
C GLU B 1141 46.76 -94.91 -62.99
N LYS B 1142 46.87 -96.16 -62.54
CA LYS B 1142 47.62 -97.17 -63.33
C LYS B 1142 46.75 -97.62 -64.49
N ASN B 1143 47.39 -98.15 -65.55
CA ASN B 1143 46.69 -98.63 -66.78
C ASN B 1143 45.82 -97.50 -67.35
N CYS B 1144 46.31 -96.25 -67.28
CA CYS B 1144 45.59 -95.08 -67.84
C CYS B 1144 46.10 -94.80 -69.26
N GLN B 1145 45.74 -95.67 -70.22
CA GLN B 1145 46.12 -95.49 -71.63
C GLN B 1145 45.35 -94.31 -72.26
N ALA B 1146 45.94 -93.72 -73.31
CA ALA B 1146 45.36 -92.56 -74.04
C ALA B 1146 44.29 -93.02 -75.03
N SER B 1147 43.40 -93.97 -74.62
CA SER B 1147 42.49 -94.72 -75.53
C SER B 1147 41.20 -93.96 -75.85
N GLY B 1148 41.11 -92.64 -75.59
CA GLY B 1148 39.97 -91.82 -76.03
C GLY B 1148 38.66 -92.14 -75.30
N THR B 1149 38.74 -92.71 -74.08
CA THR B 1149 37.55 -93.21 -73.34
C THR B 1149 37.62 -92.76 -71.88
N CYS B 1150 36.54 -92.97 -71.11
CA CYS B 1150 36.42 -92.53 -69.70
C CYS B 1150 35.38 -93.35 -68.95
N GLN B 1151 35.20 -93.09 -67.64
CA GLN B 1151 34.07 -93.66 -66.85
C GLN B 1151 32.72 -93.20 -67.44
N PRO B 1152 31.60 -93.93 -67.19
CA PRO B 1152 30.27 -93.57 -67.72
C PRO B 1152 29.64 -92.22 -67.33
N THR B 1153 30.37 -91.31 -66.65
CA THR B 1153 29.84 -89.93 -66.39
C THR B 1153 30.97 -88.89 -66.35
N GLN B 1154 32.22 -89.27 -66.67
CA GLN B 1154 33.35 -88.31 -66.72
C GLN B 1154 33.27 -87.44 -67.98
N PHE B 1155 33.82 -86.22 -67.88
CA PHE B 1155 33.96 -85.30 -69.03
C PHE B 1155 35.41 -85.34 -69.50
N ARG B 1156 35.62 -85.60 -70.80
CA ARG B 1156 36.98 -85.81 -71.36
C ARG B 1156 37.46 -84.56 -72.08
N CYS B 1157 38.55 -83.96 -71.58
CA CYS B 1157 39.23 -82.85 -72.29
C CYS B 1157 39.86 -83.42 -73.57
N PRO B 1158 40.03 -82.60 -74.63
CA PRO B 1158 40.75 -83.06 -75.82
C PRO B 1158 42.23 -83.33 -75.51
N ASP B 1159 42.61 -84.62 -75.48
CA ASP B 1159 44.01 -85.08 -75.46
C ASP B 1159 44.63 -84.77 -74.09
N HIS B 1160 43.82 -84.47 -73.07
CA HIS B 1160 44.41 -84.10 -71.77
C HIS B 1160 44.07 -85.15 -70.73
N ARG B 1161 42.78 -85.32 -70.39
CA ARG B 1161 42.38 -86.21 -69.28
C ARG B 1161 40.85 -86.29 -69.19
N CYS B 1162 40.37 -87.12 -68.27
CA CYS B 1162 38.93 -87.35 -68.02
C CYS B 1162 38.55 -86.72 -66.70
N ILE B 1163 37.77 -85.63 -66.73
CA ILE B 1163 37.41 -84.90 -65.49
C ILE B 1163 36.12 -85.47 -64.92
N SER B 1164 36.01 -85.42 -63.58
CA SER B 1164 34.73 -85.71 -62.87
C SER B 1164 33.69 -84.67 -63.28
N PRO B 1165 32.40 -85.04 -63.43
CA PRO B 1165 31.38 -84.08 -63.84
C PRO B 1165 31.15 -82.93 -62.85
N LEU B 1166 31.76 -82.97 -61.66
CA LEU B 1166 31.57 -81.89 -60.66
C LEU B 1166 32.42 -80.68 -61.05
N TYR B 1167 33.44 -80.85 -61.90
CA TYR B 1167 34.42 -79.78 -62.19
C TYR B 1167 34.16 -79.12 -63.55
N VAL B 1168 33.02 -79.42 -64.19
CA VAL B 1168 32.66 -78.77 -65.48
C VAL B 1168 31.63 -77.69 -65.19
N CYS B 1169 31.81 -76.50 -65.79
CA CYS B 1169 30.99 -75.29 -65.54
C CYS B 1169 31.09 -74.93 -64.05
N ASP B 1170 32.31 -74.60 -63.61
CA ASP B 1170 32.56 -74.10 -62.24
C ASP B 1170 33.27 -72.73 -62.28
N GLY B 1171 33.56 -72.19 -63.47
CA GLY B 1171 34.25 -70.89 -63.61
C GLY B 1171 35.77 -71.03 -63.60
N ASP B 1172 36.33 -72.25 -63.51
CA ASP B 1172 37.79 -72.44 -63.55
C ASP B 1172 38.14 -73.48 -64.61
N LYS B 1173 39.12 -73.16 -65.46
CA LYS B 1173 39.48 -74.01 -66.61
C LYS B 1173 40.27 -75.21 -66.08
N ASP B 1174 39.60 -76.36 -65.93
CA ASP B 1174 40.27 -77.60 -65.47
C ASP B 1174 40.90 -78.35 -66.64
N CYS B 1175 40.53 -78.02 -67.89
CA CYS B 1175 41.19 -78.62 -69.08
C CYS B 1175 42.30 -77.70 -69.59
N ALA B 1176 43.17 -78.23 -70.45
CA ALA B 1176 44.30 -77.47 -71.03
C ALA B 1176 43.80 -76.31 -71.90
N ASP B 1177 42.53 -76.32 -72.35
CA ASP B 1177 42.04 -75.32 -73.32
C ASP B 1177 40.78 -74.63 -72.79
N GLY B 1178 40.34 -74.96 -71.57
CA GLY B 1178 39.12 -74.37 -70.98
C GLY B 1178 37.86 -74.94 -71.59
N SER B 1179 37.92 -76.10 -72.26
CA SER B 1179 36.74 -76.75 -72.88
C SER B 1179 35.74 -77.18 -71.80
N ASP B 1180 36.15 -77.28 -70.53
CA ASP B 1180 35.21 -77.66 -69.44
C ASP B 1180 34.42 -76.44 -68.98
N GLU B 1181 34.76 -75.23 -69.42
CA GLU B 1181 34.05 -73.99 -69.00
C GLU B 1181 33.41 -73.27 -70.19
N ALA B 1182 33.76 -73.62 -71.43
CA ALA B 1182 33.27 -72.91 -72.64
C ALA B 1182 31.76 -73.13 -72.79
N GLY B 1183 31.01 -72.01 -72.95
CA GLY B 1183 29.58 -72.02 -73.34
C GLY B 1183 28.69 -72.74 -72.35
N CYS B 1184 28.78 -72.40 -71.05
CA CYS B 1184 27.82 -72.92 -70.04
C CYS B 1184 27.09 -71.76 -69.37
N VAL B 1185 25.86 -72.02 -68.89
CA VAL B 1185 24.97 -70.97 -68.34
C VAL B 1185 25.32 -70.75 -66.87
N LEU B 1186 25.24 -69.48 -66.43
CA LEU B 1186 25.48 -69.12 -65.01
C LEU B 1186 24.15 -69.27 -64.25
N ASN B 1187 23.84 -70.51 -63.81
CA ASN B 1187 22.53 -70.81 -63.19
C ASN B 1187 22.66 -70.67 -61.67
N CYS B 1188 22.52 -69.43 -61.19
CA CYS B 1188 22.54 -69.13 -59.73
C CYS B 1188 21.37 -69.85 -59.06
N THR B 1189 21.65 -70.51 -57.94
CA THR B 1189 20.76 -71.56 -57.37
C THR B 1189 19.73 -70.94 -56.43
N SER B 1190 19.06 -69.86 -56.85
CA SER B 1190 17.84 -69.33 -56.18
C SER B 1190 18.16 -68.77 -54.79
N ALA B 1191 19.40 -68.93 -54.30
CA ALA B 1191 19.85 -68.34 -53.01
C ALA B 1191 21.07 -67.45 -53.26
N GLN B 1192 21.38 -67.12 -54.52
CA GLN B 1192 22.58 -66.33 -54.86
C GLN B 1192 22.17 -65.10 -55.66
N PHE B 1193 22.89 -63.99 -55.49
CA PHE B 1193 22.68 -62.78 -56.32
C PHE B 1193 23.59 -62.88 -57.55
N LYS B 1194 23.02 -62.57 -58.71
CA LYS B 1194 23.75 -62.61 -60.00
C LYS B 1194 24.23 -61.21 -60.33
N CYS B 1195 25.52 -61.05 -60.61
CA CYS B 1195 26.08 -59.75 -61.05
C CYS B 1195 25.41 -59.35 -62.37
N ALA B 1196 25.17 -58.05 -62.56
CA ALA B 1196 24.40 -57.54 -63.71
C ALA B 1196 25.03 -58.01 -65.03
N ASP B 1197 26.37 -58.06 -65.11
CA ASP B 1197 27.09 -58.42 -66.35
C ASP B 1197 27.13 -59.93 -66.55
N GLY B 1198 26.62 -60.72 -65.57
CA GLY B 1198 26.62 -62.20 -65.67
C GLY B 1198 28.03 -62.77 -65.59
N SER B 1199 28.91 -62.16 -64.78
CA SER B 1199 30.30 -62.66 -64.60
C SER B 1199 30.34 -63.79 -63.58
N SER B 1200 29.51 -63.73 -62.52
CA SER B 1200 29.51 -64.73 -61.45
C SER B 1200 28.24 -64.57 -60.60
N CYS B 1201 27.95 -65.60 -59.79
CA CYS B 1201 26.91 -65.52 -58.72
C CYS B 1201 27.62 -65.37 -57.37
N ILE B 1202 27.03 -64.58 -56.47
CA ILE B 1202 27.56 -64.39 -55.10
C ILE B 1202 26.46 -64.80 -54.11
N ASN B 1203 26.88 -65.12 -52.88
CA ASN B 1203 25.93 -65.53 -51.81
C ASN B 1203 25.04 -64.33 -51.47
N SER B 1204 23.77 -64.61 -51.16
CA SER B 1204 22.75 -63.55 -50.90
C SER B 1204 23.15 -62.72 -49.68
N ARG B 1205 23.97 -63.27 -48.78
CA ARG B 1205 24.41 -62.52 -47.58
C ARG B 1205 25.25 -61.32 -48.00
N TYR B 1206 26.07 -61.46 -49.04
CA TYR B 1206 26.97 -60.37 -49.49
C TYR B 1206 26.19 -59.29 -50.24
N ARG B 1207 24.90 -59.51 -50.53
CA ARG B 1207 24.09 -58.52 -51.27
C ARG B 1207 23.92 -57.25 -50.43
N CYS B 1208 24.45 -56.13 -50.93
CA CYS B 1208 24.22 -54.79 -50.34
C CYS B 1208 24.74 -54.69 -48.90
N ASP B 1209 25.82 -55.39 -48.55
CA ASP B 1209 26.37 -55.31 -47.17
C ASP B 1209 27.40 -54.18 -47.09
N GLY B 1210 27.79 -53.58 -48.23
CA GLY B 1210 28.72 -52.44 -48.25
C GLY B 1210 30.06 -52.77 -48.87
N VAL B 1211 30.27 -54.00 -49.34
CA VAL B 1211 31.54 -54.40 -49.99
C VAL B 1211 31.24 -54.86 -51.42
N TYR B 1212 32.03 -54.40 -52.39
CA TYR B 1212 31.84 -54.76 -53.82
C TYR B 1212 32.24 -56.22 -54.01
N ASP B 1213 31.25 -57.12 -54.07
CA ASP B 1213 31.51 -58.56 -54.28
C ASP B 1213 31.44 -58.92 -55.77
N CYS B 1214 30.98 -58.01 -56.63
CA CYS B 1214 30.88 -58.27 -58.09
C CYS B 1214 31.87 -57.39 -58.84
N ARG B 1215 32.38 -57.88 -59.97
CA ARG B 1215 33.35 -57.14 -60.81
C ARG B 1215 32.70 -55.86 -61.35
N ASP B 1216 31.38 -55.88 -61.61
CA ASP B 1216 30.67 -54.73 -62.21
C ASP B 1216 30.10 -53.82 -61.11
N ASN B 1217 30.34 -54.16 -59.83
CA ASN B 1217 29.84 -53.39 -58.66
C ASN B 1217 28.31 -53.39 -58.66
N SER B 1218 27.67 -54.33 -59.36
CA SER B 1218 26.19 -54.44 -59.38
C SER B 1218 25.69 -54.96 -58.03
N ASP B 1219 26.58 -55.50 -57.19
CA ASP B 1219 26.19 -56.02 -55.85
C ASP B 1219 25.70 -54.86 -54.98
N GLU B 1220 26.42 -53.73 -55.02
CA GLU B 1220 26.10 -52.55 -54.18
C GLU B 1220 25.29 -51.52 -54.98
N ALA B 1221 24.46 -51.96 -55.94
CA ALA B 1221 23.64 -51.06 -56.78
C ALA B 1221 22.16 -51.32 -56.48
N GLY B 1222 21.40 -50.23 -56.24
CA GLY B 1222 19.95 -50.28 -55.97
C GLY B 1222 19.64 -50.69 -54.55
N CYS B 1223 20.62 -50.59 -53.64
CA CYS B 1223 20.45 -50.98 -52.22
C CYS B 1223 19.51 -50.00 -51.53
N PRO B 1224 18.73 -50.45 -50.52
CA PRO B 1224 17.92 -49.55 -49.72
C PRO B 1224 18.84 -48.54 -48.99
N THR B 1225 18.41 -47.28 -48.94
CA THR B 1225 19.22 -46.18 -48.35
C THR B 1225 18.35 -45.40 -47.37
N ARG B 1226 19.02 -44.61 -46.53
CA ARG B 1226 18.34 -43.82 -45.49
C ARG B 1226 17.67 -42.62 -46.17
N PRO B 1227 16.40 -42.31 -45.86
CA PRO B 1227 15.79 -41.06 -46.33
C PRO B 1227 16.62 -39.85 -45.90
N PRO B 1228 16.67 -38.78 -46.71
CA PRO B 1228 17.49 -37.60 -46.40
C PRO B 1228 17.24 -37.04 -44.99
N GLY B 1229 18.28 -37.08 -44.13
CA GLY B 1229 18.23 -36.55 -42.77
C GLY B 1229 17.44 -37.43 -41.80
N MET B 1230 16.61 -38.35 -42.30
CA MET B 1230 15.78 -39.20 -41.42
C MET B 1230 16.55 -40.49 -41.11
N CYS B 1231 15.89 -41.49 -40.51
CA CYS B 1231 16.51 -42.80 -40.21
C CYS B 1231 15.71 -43.89 -40.93
N HIS B 1232 16.24 -45.12 -40.99
CA HIS B 1232 15.48 -46.28 -41.52
C HIS B 1232 14.33 -46.56 -40.55
N LEU B 1233 13.45 -47.51 -40.92
CA LEU B 1233 12.24 -47.83 -40.09
C LEU B 1233 12.66 -48.23 -38.68
N ASP B 1234 13.43 -49.32 -38.53
CA ASP B 1234 13.78 -49.87 -37.20
C ASP B 1234 15.04 -49.16 -36.67
N GLU B 1235 15.06 -47.82 -36.69
CA GLU B 1235 16.25 -47.05 -36.26
C GLU B 1235 15.80 -45.77 -35.57
N PHE B 1236 15.50 -45.83 -34.27
CA PHE B 1236 15.20 -44.61 -33.49
C PHE B 1236 16.22 -43.53 -33.84
N GLN B 1237 15.77 -42.27 -33.84
CA GLN B 1237 16.65 -41.13 -34.19
C GLN B 1237 16.95 -40.32 -32.92
N CYS B 1238 18.23 -40.04 -32.68
CA CYS B 1238 18.67 -39.19 -31.55
C CYS B 1238 18.33 -37.73 -31.89
N GLN B 1239 17.43 -37.12 -31.10
CA GLN B 1239 17.00 -35.73 -31.35
C GLN B 1239 18.17 -34.78 -31.11
N GLY B 1240 19.18 -35.19 -30.32
CA GLY B 1240 20.35 -34.35 -29.98
C GLY B 1240 21.21 -34.01 -31.20
N ASP B 1241 21.49 -34.99 -32.07
CA ASP B 1241 22.48 -34.79 -33.16
C ASP B 1241 22.02 -35.41 -34.48
N GLY B 1242 20.86 -36.08 -34.53
CA GLY B 1242 20.32 -36.64 -35.78
C GLY B 1242 20.94 -37.98 -36.14
N THR B 1243 21.64 -38.63 -35.21
CA THR B 1243 22.17 -40.00 -35.44
C THR B 1243 21.05 -41.02 -35.29
N CYS B 1244 21.27 -42.21 -35.84
CA CYS B 1244 20.26 -43.31 -35.77
C CYS B 1244 20.78 -44.43 -34.87
N ILE B 1245 19.89 -44.95 -34.02
CA ILE B 1245 20.19 -46.11 -33.15
C ILE B 1245 19.07 -47.13 -33.35
N PRO B 1246 19.35 -48.44 -33.26
CA PRO B 1246 18.32 -49.46 -33.48
C PRO B 1246 17.11 -49.31 -32.55
N ASN B 1247 15.93 -49.73 -33.04
CA ASN B 1247 14.68 -49.61 -32.24
C ASN B 1247 14.86 -50.34 -30.90
N THR B 1248 15.47 -51.53 -30.93
CA THR B 1248 15.64 -52.35 -29.72
C THR B 1248 16.44 -51.57 -28.67
N TRP B 1249 17.18 -50.54 -29.07
CA TRP B 1249 17.91 -49.66 -28.11
C TRP B 1249 17.01 -48.59 -27.50
N GLU B 1250 15.81 -48.37 -28.07
CA GLU B 1250 14.91 -47.32 -27.54
C GLU B 1250 14.30 -47.80 -26.23
N CYS B 1251 14.38 -46.95 -25.19
CA CYS B 1251 13.80 -47.24 -23.85
C CYS B 1251 14.34 -48.58 -23.31
N ASP B 1252 15.64 -48.80 -23.42
CA ASP B 1252 16.30 -50.03 -22.89
C ASP B 1252 16.88 -49.76 -21.50
N GLY B 1253 16.77 -48.53 -20.97
CA GLY B 1253 17.31 -48.16 -19.66
C GLY B 1253 18.70 -47.56 -19.75
N HIS B 1254 19.34 -47.55 -20.93
CA HIS B 1254 20.69 -46.96 -21.08
C HIS B 1254 20.61 -45.81 -22.08
N PRO B 1255 21.01 -44.58 -21.72
CA PRO B 1255 20.94 -43.45 -22.65
C PRO B 1255 21.98 -43.59 -23.76
N ASP B 1256 21.58 -44.12 -24.90
CA ASP B 1256 22.48 -44.23 -26.07
C ASP B 1256 22.73 -42.85 -26.70
N CYS B 1257 21.72 -41.98 -26.79
CA CYS B 1257 21.87 -40.67 -27.48
C CYS B 1257 22.66 -39.68 -26.63
N ILE B 1258 23.24 -38.66 -27.27
CA ILE B 1258 24.06 -37.62 -26.59
C ILE B 1258 23.30 -36.93 -25.43
N HIS B 1259 21.95 -36.80 -25.51
CA HIS B 1259 21.18 -36.11 -24.44
C HIS B 1259 20.10 -37.02 -23.85
N GLY B 1260 20.21 -38.34 -24.08
CA GLY B 1260 19.30 -39.33 -23.49
C GLY B 1260 17.90 -39.25 -24.07
N SER B 1261 17.76 -38.83 -25.34
CA SER B 1261 16.46 -38.72 -26.03
C SER B 1261 15.83 -40.12 -26.16
N ASP B 1262 16.67 -41.16 -26.23
CA ASP B 1262 16.17 -42.55 -26.40
C ASP B 1262 15.59 -43.08 -25.07
N GLU B 1263 15.81 -42.37 -23.95
CA GLU B 1263 15.26 -42.78 -22.65
C GLU B 1263 14.25 -41.76 -22.15
N HIS B 1264 13.35 -41.32 -23.05
CA HIS B 1264 12.29 -40.33 -22.70
C HIS B 1264 11.36 -40.92 -21.63
N THR B 1265 10.54 -40.05 -21.04
CA THR B 1265 9.62 -40.40 -19.93
C THR B 1265 8.48 -41.29 -20.44
N GLY B 1266 8.30 -41.42 -21.77
CA GLY B 1266 7.15 -42.12 -22.37
C GLY B 1266 7.24 -43.63 -22.27
N CYS B 1267 8.09 -44.20 -21.40
CA CYS B 1267 8.22 -45.68 -21.26
C CYS B 1267 8.49 -46.03 -19.79
N VAL B 1268 7.82 -47.09 -19.31
CA VAL B 1268 7.84 -47.47 -17.87
C VAL B 1268 9.06 -48.34 -17.55
N PRO B 1269 9.67 -48.19 -16.36
CA PRO B 1269 10.86 -48.95 -15.98
C PRO B 1269 10.52 -50.43 -15.71
N LYS B 1270 11.56 -51.29 -15.82
CA LYS B 1270 11.42 -52.75 -15.70
C LYS B 1270 11.28 -53.16 -14.21
N THR B 1271 10.59 -54.29 -13.99
CA THR B 1271 10.37 -54.90 -12.65
C THR B 1271 10.51 -56.42 -12.74
N CYS B 1272 10.58 -57.12 -11.60
CA CYS B 1272 10.78 -58.58 -11.57
C CYS B 1272 10.03 -59.25 -10.40
N SER B 1273 9.73 -60.56 -10.52
CA SER B 1273 8.94 -61.32 -9.52
C SER B 1273 9.73 -61.51 -8.21
N PRO B 1274 9.07 -61.61 -7.03
CA PRO B 1274 9.74 -61.48 -5.72
C PRO B 1274 10.84 -62.50 -5.35
N THR B 1275 10.89 -63.68 -5.99
CA THR B 1275 12.00 -64.66 -5.83
C THR B 1275 13.26 -64.24 -6.64
N HIS B 1276 13.21 -63.11 -7.34
CA HIS B 1276 14.31 -62.63 -8.22
C HIS B 1276 14.56 -61.12 -7.99
N PHE B 1277 15.72 -60.65 -8.44
CA PHE B 1277 16.17 -59.24 -8.35
C PHE B 1277 16.81 -58.82 -9.67
N LEU B 1278 16.51 -57.60 -10.13
CA LEU B 1278 17.13 -57.02 -11.35
C LEU B 1278 18.02 -55.84 -10.98
N CYS B 1279 19.24 -55.84 -11.53
CA CYS B 1279 20.25 -54.78 -11.30
C CYS B 1279 19.96 -53.50 -12.10
N ASP B 1280 20.89 -52.53 -12.06
CA ASP B 1280 20.71 -51.22 -12.73
C ASP B 1280 20.44 -51.39 -14.23
N ASN B 1281 21.10 -52.35 -14.91
CA ASN B 1281 20.80 -52.59 -16.35
C ASN B 1281 20.81 -54.07 -16.69
N GLY B 1282 21.42 -54.94 -15.88
CA GLY B 1282 21.46 -56.39 -16.15
C GLY B 1282 20.07 -57.03 -16.13
N ASN B 1283 19.92 -58.18 -16.81
CA ASN B 1283 18.69 -59.00 -16.72
C ASN B 1283 18.42 -59.41 -15.26
N CYS B 1284 17.15 -59.61 -14.92
CA CYS B 1284 16.75 -60.14 -13.59
C CYS B 1284 17.34 -61.53 -13.34
N ILE B 1285 17.70 -61.82 -12.08
CA ILE B 1285 18.24 -63.15 -11.67
C ILE B 1285 17.75 -63.52 -10.26
N TYR B 1286 17.83 -64.81 -9.90
CA TYR B 1286 17.35 -65.32 -8.58
C TYR B 1286 17.96 -64.55 -7.40
N LYS B 1287 17.14 -64.24 -6.39
CA LYS B 1287 17.62 -63.63 -5.12
C LYS B 1287 18.67 -64.51 -4.44
N ALA B 1288 18.72 -65.81 -4.78
CA ALA B 1288 19.59 -66.80 -4.10
C ALA B 1288 21.07 -66.52 -4.33
N TRP B 1289 21.46 -65.97 -5.51
CA TRP B 1289 22.89 -65.73 -5.82
C TRP B 1289 23.23 -64.25 -5.63
N ILE B 1290 22.49 -63.48 -4.83
CA ILE B 1290 22.96 -62.11 -4.48
C ILE B 1290 24.14 -62.26 -3.50
N CYS B 1291 25.11 -61.35 -3.58
CA CYS B 1291 26.31 -61.34 -2.71
C CYS B 1291 27.15 -62.63 -2.87
N ASP B 1292 26.93 -63.47 -3.90
CA ASP B 1292 27.53 -64.82 -3.93
C ASP B 1292 28.98 -64.76 -4.39
N GLY B 1293 29.40 -63.69 -5.12
CA GLY B 1293 30.75 -63.57 -5.67
C GLY B 1293 30.83 -63.92 -7.14
N ASP B 1294 29.70 -64.11 -7.82
CA ASP B 1294 29.65 -64.30 -9.30
C ASP B 1294 28.92 -63.12 -9.93
N ASN B 1295 29.49 -62.50 -10.98
CA ASN B 1295 28.90 -61.26 -11.56
C ASN B 1295 27.65 -61.61 -12.37
N ASP B 1296 26.58 -62.03 -11.70
CA ASP B 1296 25.31 -62.48 -12.33
C ASP B 1296 24.71 -61.31 -13.13
N CYS B 1297 24.76 -60.10 -12.56
CA CYS B 1297 24.14 -58.90 -13.17
C CYS B 1297 25.02 -58.36 -14.30
N ARG B 1298 26.29 -58.77 -14.40
CA ARG B 1298 27.33 -58.09 -15.23
C ARG B 1298 27.63 -56.68 -14.69
N ASP B 1299 26.84 -56.18 -13.72
CA ASP B 1299 26.93 -54.78 -13.23
C ASP B 1299 27.51 -54.72 -11.82
N MET B 1300 27.90 -55.88 -11.26
CA MET B 1300 28.64 -56.03 -9.97
C MET B 1300 27.86 -55.38 -8.80
N SER B 1301 26.64 -54.89 -9.01
CA SER B 1301 25.84 -54.22 -7.95
C SER B 1301 25.27 -55.26 -6.98
N ASP B 1302 25.15 -56.53 -7.40
CA ASP B 1302 24.64 -57.60 -6.49
C ASP B 1302 25.71 -57.99 -5.47
N GLU B 1303 26.98 -57.60 -5.74
CA GLU B 1303 28.18 -57.82 -4.88
C GLU B 1303 28.62 -56.52 -4.19
N LYS B 1304 28.53 -55.34 -4.85
CA LYS B 1304 28.96 -54.03 -4.29
C LYS B 1304 28.22 -53.68 -3.00
N ASP B 1305 26.97 -54.16 -2.84
CA ASP B 1305 26.17 -53.92 -1.62
C ASP B 1305 26.61 -54.75 -0.41
N CYS B 1306 27.43 -55.82 -0.56
CA CYS B 1306 27.45 -56.89 0.47
C CYS B 1306 28.68 -57.82 0.41
N PRO B 1307 29.73 -57.57 1.21
CA PRO B 1307 30.76 -58.58 1.53
C PRO B 1307 30.35 -59.72 2.49
N THR B 1308 29.04 -59.86 2.76
CA THR B 1308 28.47 -60.72 3.85
C THR B 1308 28.73 -62.21 3.62
N GLN B 1309 29.27 -62.87 4.66
CA GLN B 1309 29.60 -64.32 4.65
C GLN B 1309 29.51 -64.87 6.08
N PRO B 1310 29.32 -66.20 6.29
CA PRO B 1310 29.22 -66.78 7.63
C PRO B 1310 30.53 -66.66 8.43
N PHE B 1311 31.69 -66.64 7.74
CA PHE B 1311 33.04 -66.32 8.29
C PHE B 1311 33.43 -67.28 9.45
N HIS B 1312 32.95 -68.54 9.41
CA HIS B 1312 33.16 -69.55 10.48
C HIS B 1312 33.37 -70.94 9.88
N CYS B 1313 33.98 -71.84 10.67
CA CYS B 1313 34.37 -73.22 10.27
C CYS B 1313 33.15 -74.11 9.95
N PRO B 1314 33.31 -75.15 9.10
CA PRO B 1314 32.23 -76.12 8.83
C PRO B 1314 31.99 -77.07 10.02
N SER B 1315 30.90 -77.85 10.00
CA SER B 1315 30.44 -78.75 11.09
C SER B 1315 31.56 -79.62 11.68
N THR B 1316 32.47 -80.14 10.84
CA THR B 1316 33.60 -81.01 11.24
C THR B 1316 34.64 -80.28 12.11
N GLN B 1317 34.67 -78.94 12.07
CA GLN B 1317 35.74 -78.10 12.69
C GLN B 1317 35.15 -77.19 13.77
N TRP B 1318 35.76 -77.17 14.97
CA TRP B 1318 35.21 -76.46 16.16
C TRP B 1318 36.28 -75.62 16.86
N GLN B 1319 35.94 -74.40 17.26
CA GLN B 1319 36.86 -73.48 18.00
C GLN B 1319 36.81 -73.76 19.51
N CYS B 1320 37.99 -73.88 20.15
CA CYS B 1320 38.10 -73.72 21.62
C CYS B 1320 37.66 -72.29 21.97
N PRO B 1321 36.59 -72.05 22.78
CA PRO B 1321 36.17 -70.69 23.14
C PRO B 1321 37.28 -69.93 23.91
N GLY B 1322 37.27 -68.59 23.78
CA GLY B 1322 38.39 -67.72 24.18
C GLY B 1322 39.51 -67.74 23.14
N TYR B 1323 39.32 -68.45 22.02
CA TYR B 1323 40.28 -68.46 20.89
C TYR B 1323 39.51 -68.67 19.58
N SER B 1324 40.21 -68.48 18.44
CA SER B 1324 39.59 -68.47 17.07
C SER B 1324 40.06 -69.68 16.24
N THR B 1325 41.06 -70.44 16.70
CA THR B 1325 41.60 -71.62 15.96
C THR B 1325 40.61 -72.80 16.05
N CYS B 1326 40.22 -73.35 14.90
CA CYS B 1326 39.35 -74.55 14.84
C CYS B 1326 40.20 -75.84 14.93
N ILE B 1327 39.63 -76.89 15.53
CA ILE B 1327 40.19 -78.28 15.54
C ILE B 1327 39.10 -79.25 15.05
N ASN B 1328 39.50 -80.31 14.33
CA ASN B 1328 38.53 -81.25 13.69
C ASN B 1328 37.89 -82.21 14.71
N LEU B 1329 36.84 -82.94 14.29
CA LEU B 1329 36.02 -83.81 15.17
C LEU B 1329 36.83 -84.92 15.88
N SER B 1330 37.96 -85.37 15.32
CA SER B 1330 38.85 -86.36 15.97
C SER B 1330 39.75 -85.70 17.01
N ALA B 1331 40.02 -84.38 16.89
CA ALA B 1331 40.94 -83.66 17.82
C ALA B 1331 40.22 -83.37 19.15
N LEU B 1332 38.89 -83.50 19.21
CA LEU B 1332 38.12 -83.22 20.44
C LEU B 1332 38.52 -84.23 21.52
N CYS B 1333 39.05 -83.75 22.65
CA CYS B 1333 39.51 -84.58 23.80
C CYS B 1333 40.51 -85.63 23.33
N ASP B 1334 41.44 -85.26 22.45
CA ASP B 1334 42.41 -86.21 21.85
C ASP B 1334 43.47 -86.60 22.87
N GLY B 1335 43.58 -85.88 24.00
CA GLY B 1335 44.63 -86.17 25.00
C GLY B 1335 44.80 -85.07 26.03
N VAL B 1336 46.01 -84.50 26.14
CA VAL B 1336 46.31 -83.43 27.13
C VAL B 1336 45.46 -82.19 26.75
N PHE B 1337 45.22 -81.34 27.74
CA PHE B 1337 44.43 -80.09 27.56
C PHE B 1337 45.25 -79.13 26.70
N ASP B 1338 45.27 -79.36 25.39
CA ASP B 1338 46.16 -78.64 24.43
C ASP B 1338 45.74 -77.17 24.33
N CYS B 1339 44.44 -76.88 24.17
CA CYS B 1339 43.98 -75.47 24.12
C CYS B 1339 44.33 -74.80 25.46
N PRO B 1340 45.00 -73.63 25.47
CA PRO B 1340 45.41 -72.96 26.71
C PRO B 1340 44.28 -72.65 27.70
N ASN B 1341 43.03 -72.52 27.22
CA ASN B 1341 41.86 -72.25 28.08
C ASN B 1341 41.32 -73.55 28.70
N GLY B 1342 41.86 -74.73 28.29
CA GLY B 1342 41.46 -76.03 28.84
C GLY B 1342 40.17 -76.57 28.24
N THR B 1343 39.56 -75.87 27.26
CA THR B 1343 38.26 -76.28 26.67
C THR B 1343 38.45 -77.30 25.53
N ASP B 1344 39.70 -77.68 25.24
CA ASP B 1344 40.00 -78.86 24.38
C ASP B 1344 39.45 -80.14 25.01
N GLU B 1345 39.51 -80.24 26.36
CA GLU B 1345 38.99 -81.43 27.09
C GLU B 1345 37.95 -80.99 28.13
N SER B 1346 37.11 -81.94 28.55
CA SER B 1346 36.07 -81.71 29.58
C SER B 1346 36.13 -82.86 30.60
N PRO B 1347 35.71 -82.65 31.86
CA PRO B 1347 35.81 -83.70 32.89
C PRO B 1347 35.02 -84.96 32.53
N LEU B 1348 33.88 -84.80 31.83
CA LEU B 1348 32.96 -85.92 31.52
C LEU B 1348 33.21 -86.45 30.10
N CYS B 1349 34.24 -85.95 29.40
CA CYS B 1349 34.43 -86.21 27.95
C CYS B 1349 34.53 -87.72 27.67
N ASN B 1350 33.52 -88.28 26.99
CA ASN B 1350 33.47 -89.69 26.58
C ASN B 1350 33.69 -90.61 27.81
N GLN B 1351 32.99 -90.34 28.90
CA GLN B 1351 33.02 -91.21 30.11
C GLN B 1351 32.51 -92.60 29.72
N ASP B 1352 31.46 -92.66 28.91
CA ASP B 1352 30.97 -93.95 28.35
C ASP B 1352 30.44 -93.70 26.93
N SER B 1353 30.28 -94.78 26.15
CA SER B 1353 29.92 -94.69 24.71
C SER B 1353 28.41 -94.52 24.54
N CYS B 1354 27.63 -94.52 25.64
CA CYS B 1354 26.13 -94.51 25.58
C CYS B 1354 25.67 -95.76 24.83
N SER B 1355 26.44 -96.86 24.92
CA SER B 1355 26.07 -98.16 24.31
C SER B 1355 26.24 -99.32 25.30
N HIS B 1356 27.06 -99.16 26.36
CA HIS B 1356 27.30 -100.25 27.34
C HIS B 1356 26.14 -100.24 28.35
N PHE B 1357 25.05 -100.93 28.00
CA PHE B 1357 23.83 -101.04 28.86
C PHE B 1357 23.32 -99.63 29.17
N ASN B 1358 22.87 -98.94 28.11
CA ASN B 1358 22.37 -97.54 28.17
C ASN B 1358 23.51 -96.63 28.65
N GLY B 1359 24.77 -97.02 28.40
CA GLY B 1359 25.95 -96.21 28.71
C GLY B 1359 26.14 -95.97 30.20
N GLY B 1360 25.44 -96.73 31.07
CA GLY B 1360 25.56 -96.59 32.54
C GLY B 1360 24.60 -95.60 33.15
N CYS B 1361 23.98 -94.72 32.34
CA CYS B 1361 22.92 -93.79 32.76
C CYS B 1361 21.68 -94.57 33.18
N THR B 1362 21.09 -94.26 34.34
CA THR B 1362 19.94 -95.07 34.89
C THR B 1362 18.65 -94.90 34.06
N HIS B 1363 18.54 -93.84 33.24
CA HIS B 1363 17.28 -93.49 32.53
C HIS B 1363 17.52 -93.33 31.02
N GLN B 1364 18.31 -92.32 30.60
CA GLN B 1364 18.47 -91.99 29.17
C GLN B 1364 19.81 -91.28 28.92
N CYS B 1365 20.75 -91.93 28.22
CA CYS B 1365 22.00 -91.28 27.77
C CYS B 1365 21.86 -90.66 26.36
N MET B 1366 22.60 -89.58 26.11
CA MET B 1366 22.80 -88.98 24.76
C MET B 1366 24.24 -88.43 24.68
N GLN B 1367 24.98 -88.75 23.60
CA GLN B 1367 26.39 -88.27 23.43
C GLN B 1367 26.40 -86.96 22.65
N GLY B 1368 27.03 -85.93 23.24
CA GLY B 1368 27.24 -84.63 22.60
C GLY B 1368 28.64 -84.52 22.04
N PRO B 1369 29.16 -83.29 21.78
CA PRO B 1369 30.56 -83.09 21.36
C PRO B 1369 31.57 -83.55 22.41
N PHE B 1370 31.11 -83.67 23.67
CA PHE B 1370 31.94 -84.04 24.85
C PHE B 1370 31.45 -85.37 25.46
N GLY B 1371 31.08 -86.35 24.62
CA GLY B 1371 30.71 -87.71 25.08
C GLY B 1371 29.30 -87.76 25.67
N ALA B 1372 28.99 -88.81 26.44
CA ALA B 1372 27.60 -89.12 26.87
C ALA B 1372 27.15 -88.15 27.97
N THR B 1373 25.84 -87.85 28.01
CA THR B 1373 25.19 -87.01 29.06
C THR B 1373 23.92 -87.74 29.50
N CYS B 1374 23.60 -87.71 30.79
CA CYS B 1374 22.49 -88.50 31.36
C CYS B 1374 21.30 -87.56 31.62
N LEU B 1375 20.14 -87.89 31.03
CA LEU B 1375 18.90 -87.08 31.11
C LEU B 1375 17.95 -87.72 32.13
N CYS B 1376 17.38 -86.88 33.02
CA CYS B 1376 16.38 -87.30 34.02
C CYS B 1376 14.99 -86.80 33.59
N PRO B 1377 13.94 -87.65 33.50
CA PRO B 1377 12.59 -87.20 33.20
C PRO B 1377 12.10 -86.17 34.24
N LEU B 1378 11.27 -85.22 33.77
CA LEU B 1378 10.88 -84.04 34.58
C LEU B 1378 10.26 -84.48 35.91
N GLY B 1379 10.92 -84.09 37.02
CA GLY B 1379 10.56 -84.53 38.38
C GLY B 1379 11.64 -85.38 39.05
N TYR B 1380 12.57 -85.96 38.28
CA TYR B 1380 13.83 -86.55 38.81
C TYR B 1380 14.95 -85.51 38.76
N GLN B 1381 16.06 -85.78 39.47
CA GLN B 1381 17.27 -84.91 39.51
C GLN B 1381 18.52 -85.79 39.36
N LEU B 1382 19.57 -85.28 38.70
CA LEU B 1382 20.89 -85.96 38.66
C LEU B 1382 21.45 -86.07 40.09
N ALA B 1383 21.86 -87.29 40.47
CA ALA B 1383 22.58 -87.56 41.73
C ALA B 1383 23.98 -86.94 41.71
N ASN B 1384 24.72 -87.07 42.82
CA ASN B 1384 26.13 -86.61 42.91
C ASN B 1384 26.96 -87.37 41.84
N ASP B 1385 26.79 -88.71 41.76
CA ASP B 1385 27.38 -89.51 40.65
C ASP B 1385 26.52 -89.26 39.42
N THR B 1386 27.14 -88.78 38.33
CA THR B 1386 26.44 -88.20 37.14
C THR B 1386 25.58 -89.26 36.44
N LYS B 1387 25.78 -90.54 36.77
CA LYS B 1387 25.18 -91.69 36.04
C LYS B 1387 23.75 -91.96 36.54
N THR B 1388 23.39 -91.47 37.73
CA THR B 1388 22.09 -91.80 38.38
C THR B 1388 21.13 -90.59 38.36
N CYS B 1389 19.87 -90.85 37.99
CA CYS B 1389 18.73 -89.94 38.23
C CYS B 1389 17.94 -90.44 39.44
N GLU B 1390 17.59 -89.55 40.38
CA GLU B 1390 16.92 -89.91 41.66
C GLU B 1390 15.70 -89.02 41.91
N ASP B 1391 14.77 -89.49 42.74
CA ASP B 1391 13.57 -88.70 43.12
C ASP B 1391 13.96 -87.50 43.99
N ILE B 1392 13.40 -86.31 43.70
CA ILE B 1392 13.39 -85.22 44.71
C ILE B 1392 12.15 -85.34 45.60
N ASN B 1393 12.34 -85.09 46.88
CA ASN B 1393 11.21 -84.97 47.83
C ASN B 1393 10.65 -83.55 47.68
N GLU B 1394 9.69 -83.39 46.76
CA GLU B 1394 9.12 -82.06 46.40
C GLU B 1394 8.44 -81.45 47.64
N CYS B 1395 7.91 -82.29 48.54
CA CYS B 1395 7.28 -81.87 49.80
C CYS B 1395 8.29 -81.35 50.84
N ASP B 1396 9.60 -81.52 50.61
CA ASP B 1396 10.65 -81.01 51.55
C ASP B 1396 10.91 -79.53 51.29
N ILE B 1397 10.57 -79.00 50.09
CA ILE B 1397 10.66 -77.54 49.81
C ILE B 1397 9.50 -76.85 50.54
N PRO B 1398 9.73 -75.94 51.51
CA PRO B 1398 8.65 -75.41 52.34
C PRO B 1398 7.59 -74.65 51.53
N GLY B 1399 6.32 -75.05 51.73
CA GLY B 1399 5.17 -74.41 51.08
C GLY B 1399 4.99 -74.76 49.62
N PHE B 1400 5.75 -75.70 49.05
CA PHE B 1400 5.62 -76.14 47.65
C PHE B 1400 4.17 -76.55 47.36
N CYS B 1401 3.59 -77.30 48.30
CA CYS B 1401 2.20 -77.79 48.27
C CYS B 1401 1.49 -77.17 49.50
N SER B 1402 0.41 -76.39 49.32
CA SER B 1402 -0.07 -75.46 50.37
C SER B 1402 -0.56 -76.18 51.64
N GLN B 1403 -0.96 -77.46 51.59
CA GLN B 1403 -1.53 -78.13 52.81
C GLN B 1403 -0.92 -79.52 53.02
N HIS B 1404 -1.51 -80.59 52.47
CA HIS B 1404 -1.05 -81.98 52.74
C HIS B 1404 -0.31 -82.51 51.51
N CYS B 1405 0.91 -83.00 51.69
CA CYS B 1405 1.82 -83.34 50.56
C CYS B 1405 2.39 -84.76 50.74
N VAL B 1406 2.30 -85.59 49.69
CA VAL B 1406 2.84 -86.98 49.70
C VAL B 1406 3.93 -87.08 48.63
N ASN B 1407 5.13 -87.48 49.04
CA ASN B 1407 6.25 -87.75 48.12
C ASN B 1407 6.01 -89.07 47.36
N MET B 1408 6.36 -89.10 46.06
CA MET B 1408 6.31 -90.33 45.23
C MET B 1408 7.58 -90.39 44.38
N ARG B 1409 7.92 -91.54 43.79
CA ARG B 1409 9.14 -91.62 42.93
C ARG B 1409 8.93 -90.76 41.68
N GLY B 1410 9.75 -89.70 41.55
CA GLY B 1410 9.70 -88.71 40.46
C GLY B 1410 8.50 -87.77 40.52
N SER B 1411 7.72 -87.75 41.61
CA SER B 1411 6.42 -87.06 41.63
C SER B 1411 5.95 -86.73 43.05
N PHE B 1412 4.88 -85.94 43.14
CA PHE B 1412 4.23 -85.48 44.39
C PHE B 1412 2.71 -85.62 44.26
N ARG B 1413 2.01 -85.66 45.39
CA ARG B 1413 0.52 -85.66 45.42
C ARG B 1413 0.05 -84.69 46.51
N CYS B 1414 -0.99 -83.90 46.22
CA CYS B 1414 -1.45 -82.83 47.14
C CYS B 1414 -2.95 -82.96 47.46
N ALA B 1415 -3.31 -82.53 48.67
CA ALA B 1415 -4.70 -82.50 49.16
C ALA B 1415 -4.90 -81.32 50.12
N CYS B 1416 -6.15 -80.99 50.40
CA CYS B 1416 -6.52 -79.89 51.33
C CYS B 1416 -7.55 -80.42 52.36
N ASP B 1417 -7.70 -79.73 53.50
CA ASP B 1417 -8.86 -79.94 54.41
C ASP B 1417 -10.18 -79.60 53.70
N PRO B 1418 -11.35 -80.12 54.17
CA PRO B 1418 -12.65 -79.86 53.54
C PRO B 1418 -13.08 -78.38 53.45
N GLU B 1419 -12.49 -77.49 54.26
CA GLU B 1419 -12.76 -76.03 54.15
C GLU B 1419 -12.13 -75.44 52.88
N TYR B 1420 -11.39 -76.23 52.11
CA TYR B 1420 -10.62 -75.75 50.94
C TYR B 1420 -10.82 -76.66 49.72
N THR B 1421 -10.49 -76.13 48.54
CA THR B 1421 -10.51 -76.85 47.25
C THR B 1421 -9.15 -76.68 46.57
N LEU B 1422 -8.53 -77.79 46.13
CA LEU B 1422 -7.28 -77.73 45.34
C LEU B 1422 -7.61 -77.08 43.98
N GLU B 1423 -6.68 -76.24 43.48
CA GLU B 1423 -6.86 -75.48 42.22
C GLU B 1423 -6.49 -76.35 41.02
N SER B 1424 -6.51 -75.75 39.82
CA SER B 1424 -6.17 -76.43 38.55
C SER B 1424 -4.73 -76.97 38.65
N ASP B 1425 -3.79 -76.13 39.09
CA ASP B 1425 -2.43 -76.61 39.44
C ASP B 1425 -2.57 -77.49 40.68
N GLY B 1426 -1.87 -78.64 40.71
CA GLY B 1426 -2.00 -79.62 41.80
C GLY B 1426 -1.31 -79.19 43.09
N ARG B 1427 -1.28 -77.89 43.40
CA ARG B 1427 -0.43 -77.33 44.49
C ARG B 1427 -1.20 -76.30 45.32
N THR B 1428 -1.86 -75.33 44.68
CA THR B 1428 -2.57 -74.25 45.41
C THR B 1428 -3.90 -74.78 45.96
N CYS B 1429 -4.21 -74.50 47.25
CA CYS B 1429 -5.55 -74.76 47.84
C CYS B 1429 -6.27 -73.41 48.04
N LYS B 1430 -7.58 -73.32 47.77
CA LYS B 1430 -8.35 -72.07 47.98
C LYS B 1430 -9.55 -72.32 48.91
N VAL B 1431 -9.94 -71.32 49.73
CA VAL B 1431 -11.09 -71.49 50.66
C VAL B 1431 -12.36 -71.81 49.88
N THR B 1432 -13.13 -72.80 50.35
CA THR B 1432 -14.27 -73.38 49.59
C THR B 1432 -15.50 -72.48 49.74
N GLY B 1433 -15.78 -71.98 50.96
CA GLY B 1433 -16.91 -71.05 51.19
C GLY B 1433 -16.45 -69.63 50.96
N SER B 1434 -17.10 -68.90 50.04
CA SER B 1434 -16.62 -67.58 49.57
C SER B 1434 -16.56 -66.57 50.72
N GLU B 1435 -17.74 -66.23 51.28
CA GLU B 1435 -17.91 -65.07 52.20
C GLU B 1435 -17.21 -63.84 51.59
N ASN B 1436 -16.67 -62.96 52.43
CA ASN B 1436 -15.55 -62.08 52.03
C ASN B 1436 -14.51 -62.20 53.14
N PRO B 1437 -13.22 -62.51 52.87
CA PRO B 1437 -12.23 -62.60 53.94
C PRO B 1437 -11.96 -61.20 54.49
N LEU B 1438 -12.17 -61.05 55.80
CA LEU B 1438 -12.36 -59.72 56.42
C LEU B 1438 -11.24 -59.51 57.45
N LEU B 1439 -10.37 -58.51 57.25
CA LEU B 1439 -9.19 -58.34 58.12
C LEU B 1439 -9.47 -57.21 59.11
N VAL B 1440 -9.31 -57.43 60.41
CA VAL B 1440 -9.65 -56.41 61.44
C VAL B 1440 -8.40 -56.07 62.24
N VAL B 1441 -8.17 -54.77 62.48
CA VAL B 1441 -6.92 -54.22 63.07
C VAL B 1441 -7.28 -53.24 64.18
N ALA B 1442 -6.56 -53.31 65.29
CA ALA B 1442 -6.76 -52.40 66.44
C ALA B 1442 -5.77 -51.25 66.38
N SER B 1443 -6.21 -50.09 65.84
CA SER B 1443 -5.57 -48.77 66.07
C SER B 1443 -6.16 -48.17 67.35
N ARG B 1444 -5.39 -47.34 68.07
CA ARG B 1444 -5.73 -46.90 69.45
C ARG B 1444 -7.22 -46.55 69.62
N ASP B 1445 -7.72 -45.53 68.91
CA ASP B 1445 -9.11 -45.03 69.10
C ASP B 1445 -10.08 -45.57 68.03
N LYS B 1446 -9.71 -46.57 67.20
CA LYS B 1446 -10.61 -47.15 66.17
C LYS B 1446 -10.25 -48.61 65.85
N ILE B 1447 -11.25 -49.51 65.96
CA ILE B 1447 -11.13 -50.83 65.30
C ILE B 1447 -11.37 -50.62 63.81
N ILE B 1448 -10.36 -50.84 62.98
CA ILE B 1448 -10.46 -50.62 61.51
C ILE B 1448 -10.60 -51.97 60.83
N VAL B 1449 -11.54 -52.06 59.89
CA VAL B 1449 -11.84 -53.30 59.12
C VAL B 1449 -11.45 -53.08 57.67
N ASP B 1450 -10.69 -54.01 57.09
CA ASP B 1450 -10.44 -54.07 55.63
C ASP B 1450 -11.23 -55.23 55.02
N ASN B 1451 -11.98 -54.94 53.97
CA ASN B 1451 -12.78 -55.97 53.27
C ASN B 1451 -11.98 -56.48 52.07
N ILE B 1452 -11.17 -57.53 52.28
CA ILE B 1452 -10.14 -57.98 51.30
C ILE B 1452 -10.83 -58.63 50.09
N THR B 1453 -10.83 -57.98 48.92
CA THR B 1453 -11.39 -58.61 47.69
C THR B 1453 -10.72 -58.05 46.42
N ALA B 1454 -10.40 -58.93 45.45
CA ALA B 1454 -9.83 -58.55 44.13
C ALA B 1454 -8.66 -57.57 44.27
N HIS B 1455 -7.64 -57.89 45.11
CA HIS B 1455 -6.42 -57.07 45.34
C HIS B 1455 -6.78 -55.63 45.72
N THR B 1456 -7.95 -55.44 46.35
CA THR B 1456 -8.51 -54.13 46.73
C THR B 1456 -8.91 -54.16 48.20
N HIS B 1457 -8.58 -53.09 48.94
CA HIS B 1457 -8.92 -53.00 50.39
C HIS B 1457 -9.86 -51.80 50.60
N ASN B 1458 -11.05 -52.07 51.16
CA ASN B 1458 -12.00 -51.02 51.57
C ASN B 1458 -11.98 -50.91 53.10
N LEU B 1459 -11.70 -49.70 53.62
CA LEU B 1459 -11.45 -49.46 55.06
C LEU B 1459 -12.66 -48.78 55.71
N TYR B 1460 -13.10 -49.30 56.87
CA TYR B 1460 -14.14 -48.63 57.69
C TYR B 1460 -13.99 -48.95 59.19
N SER B 1461 -14.52 -48.07 60.03
CA SER B 1461 -14.52 -48.25 61.51
C SER B 1461 -15.63 -49.22 61.93
N LEU B 1462 -15.32 -50.25 62.75
CA LEU B 1462 -16.34 -51.23 63.19
C LEU B 1462 -17.23 -50.65 64.30
N VAL B 1463 -16.66 -49.83 65.20
CA VAL B 1463 -17.35 -49.48 66.48
C VAL B 1463 -17.29 -47.96 66.70
N GLN B 1464 -18.40 -47.40 67.19
CA GLN B 1464 -18.60 -45.93 67.30
C GLN B 1464 -17.72 -45.33 68.41
N ASP B 1465 -17.45 -46.07 69.49
CA ASP B 1465 -16.88 -45.46 70.73
C ASP B 1465 -15.93 -46.45 71.41
N VAL B 1466 -14.61 -46.22 71.25
CA VAL B 1466 -13.52 -46.99 71.93
C VAL B 1466 -12.42 -46.01 72.31
N SER B 1467 -11.61 -46.33 73.33
CA SER B 1467 -10.60 -45.41 73.91
C SER B 1467 -9.17 -45.86 73.57
N PHE B 1468 -8.87 -47.16 73.69
CA PHE B 1468 -7.51 -47.72 73.45
C PHE B 1468 -7.64 -49.25 73.31
N VAL B 1469 -7.97 -49.76 72.13
CA VAL B 1469 -8.07 -51.24 71.93
C VAL B 1469 -6.66 -51.86 71.76
N VAL B 1470 -6.39 -53.03 72.34
CA VAL B 1470 -5.03 -53.67 72.28
C VAL B 1470 -5.16 -55.09 71.75
N ALA B 1471 -6.32 -55.75 71.93
CA ALA B 1471 -6.48 -57.17 71.54
C ALA B 1471 -7.75 -57.34 70.70
N LEU B 1472 -7.76 -58.36 69.83
CA LEU B 1472 -8.92 -58.65 68.95
C LEU B 1472 -9.08 -60.16 68.81
N ASP B 1473 -10.33 -60.59 68.69
CA ASP B 1473 -10.65 -61.96 68.23
C ASP B 1473 -12.12 -61.97 67.78
N PHE B 1474 -12.53 -63.06 67.13
CA PHE B 1474 -13.93 -63.17 66.67
C PHE B 1474 -14.43 -64.60 66.92
N ASP B 1475 -15.75 -64.72 67.07
CA ASP B 1475 -16.42 -66.02 67.23
C ASP B 1475 -17.18 -66.33 65.95
N SER B 1476 -16.89 -67.47 65.32
CA SER B 1476 -17.54 -67.86 64.05
C SER B 1476 -19.01 -68.23 64.30
N VAL B 1477 -19.32 -68.85 65.44
CA VAL B 1477 -20.68 -69.37 65.71
C VAL B 1477 -21.68 -68.22 65.81
N THR B 1478 -21.32 -67.14 66.49
CA THR B 1478 -22.25 -66.00 66.71
C THR B 1478 -21.91 -64.83 65.78
N GLY B 1479 -20.74 -64.87 65.11
CA GLY B 1479 -20.30 -63.79 64.21
C GLY B 1479 -20.06 -62.49 64.97
N ARG B 1480 -19.51 -62.57 66.19
CA ARG B 1480 -19.22 -61.38 67.03
C ARG B 1480 -17.71 -61.18 67.12
N VAL B 1481 -17.26 -59.92 67.09
CA VAL B 1481 -15.84 -59.55 67.28
C VAL B 1481 -15.63 -59.23 68.76
N PHE B 1482 -14.62 -59.84 69.39
CA PHE B 1482 -14.25 -59.59 70.80
C PHE B 1482 -13.00 -58.72 70.84
N TRP B 1483 -13.01 -57.67 71.66
CA TRP B 1483 -11.84 -56.79 71.84
C TRP B 1483 -11.75 -56.31 73.28
N SER B 1484 -10.56 -55.89 73.68
CA SER B 1484 -10.30 -55.37 75.06
C SER B 1484 -9.87 -53.90 74.94
N ASP B 1485 -10.32 -53.07 75.88
CA ASP B 1485 -9.91 -51.65 75.89
C ASP B 1485 -9.00 -51.44 77.10
N LEU B 1486 -7.80 -50.92 76.85
CA LEU B 1486 -6.76 -50.75 77.90
C LEU B 1486 -7.17 -49.63 78.85
N LEU B 1487 -7.70 -48.52 78.32
CA LEU B 1487 -8.05 -47.35 79.18
C LEU B 1487 -9.33 -47.66 79.99
N GLN B 1488 -10.34 -48.24 79.35
CA GLN B 1488 -11.63 -48.52 80.02
C GLN B 1488 -11.50 -49.72 80.94
N GLY B 1489 -10.54 -50.63 80.67
CA GLY B 1489 -10.33 -51.85 81.48
C GLY B 1489 -11.51 -52.81 81.35
N LYS B 1490 -12.03 -52.96 80.14
CA LYS B 1490 -13.18 -53.87 79.88
C LYS B 1490 -12.94 -54.65 78.60
N THR B 1491 -13.67 -55.76 78.45
CA THR B 1491 -13.70 -56.55 77.20
C THR B 1491 -15.10 -56.46 76.61
N TRP B 1492 -15.19 -56.11 75.31
CA TRP B 1492 -16.47 -55.88 74.62
C TRP B 1492 -16.66 -56.91 73.50
N SER B 1493 -17.92 -57.14 73.13
CA SER B 1493 -18.27 -58.01 71.98
C SER B 1493 -19.36 -57.31 71.16
N VAL B 1494 -19.23 -57.29 69.84
CA VAL B 1494 -20.20 -56.63 68.92
C VAL B 1494 -20.38 -57.51 67.67
N PHE B 1495 -21.53 -57.46 66.98
CA PHE B 1495 -21.66 -58.13 65.67
C PHE B 1495 -20.76 -57.46 64.62
N GLN B 1496 -20.37 -58.20 63.56
CA GLN B 1496 -19.47 -57.69 62.49
C GLN B 1496 -20.05 -56.48 61.74
N ASN B 1497 -21.33 -56.14 61.94
CA ASN B 1497 -21.96 -54.95 61.32
C ASN B 1497 -22.04 -53.76 62.30
N GLY B 1498 -21.41 -53.85 63.50
CA GLY B 1498 -21.26 -52.74 64.46
C GLY B 1498 -22.46 -52.58 65.39
N THR B 1499 -23.44 -53.49 65.39
CA THR B 1499 -24.67 -53.35 66.20
C THR B 1499 -24.59 -54.26 67.43
N ASP B 1500 -25.36 -53.90 68.48
CA ASP B 1500 -25.55 -54.72 69.69
C ASP B 1500 -24.21 -54.97 70.41
N LYS B 1501 -23.47 -53.89 70.74
CA LYS B 1501 -22.22 -54.05 71.53
C LYS B 1501 -22.62 -54.39 72.98
N ARG B 1502 -21.94 -55.38 73.55
CA ARG B 1502 -22.15 -55.84 74.95
C ARG B 1502 -20.80 -55.87 75.67
N VAL B 1503 -20.86 -55.84 77.00
CA VAL B 1503 -19.62 -55.99 77.81
C VAL B 1503 -19.50 -57.46 78.18
N VAL B 1504 -18.26 -57.97 78.14
CA VAL B 1504 -17.97 -59.38 78.52
C VAL B 1504 -17.34 -59.39 79.91
N HIS B 1505 -16.29 -58.59 80.11
CA HIS B 1505 -15.67 -58.43 81.44
C HIS B 1505 -15.67 -56.94 81.76
N ASP B 1506 -16.36 -56.56 82.83
CA ASP B 1506 -16.47 -55.13 83.24
C ASP B 1506 -15.51 -54.84 84.39
N SER B 1507 -14.81 -55.86 84.91
CA SER B 1507 -13.84 -55.70 86.02
C SER B 1507 -12.85 -56.87 86.01
N GLY B 1508 -11.72 -56.69 86.71
CA GLY B 1508 -10.70 -57.73 86.90
C GLY B 1508 -9.65 -57.74 85.80
N LEU B 1509 -9.76 -56.85 84.80
CA LEU B 1509 -8.76 -56.78 83.71
C LEU B 1509 -7.86 -55.57 83.96
N SER B 1510 -6.55 -55.76 83.86
CA SER B 1510 -5.57 -54.67 84.09
C SER B 1510 -4.86 -54.33 82.78
N VAL B 1511 -4.10 -55.27 82.21
CA VAL B 1511 -3.48 -55.09 80.87
C VAL B 1511 -3.66 -56.39 80.09
N THR B 1512 -4.68 -56.44 79.23
CA THR B 1512 -4.95 -57.66 78.44
C THR B 1512 -4.05 -57.63 77.19
N GLU B 1513 -2.96 -58.40 77.20
CA GLU B 1513 -1.99 -58.39 76.08
C GLU B 1513 -2.63 -59.03 74.83
N MET B 1514 -3.32 -60.16 75.01
CA MET B 1514 -3.95 -60.87 73.88
C MET B 1514 -5.22 -61.57 74.36
N ILE B 1515 -6.11 -61.85 73.42
CA ILE B 1515 -7.39 -62.56 73.72
C ILE B 1515 -7.59 -63.64 72.67
N ALA B 1516 -8.18 -64.76 73.05
CA ALA B 1516 -8.39 -65.89 72.13
C ALA B 1516 -9.65 -66.64 72.55
N VAL B 1517 -10.60 -66.74 71.61
CA VAL B 1517 -11.90 -67.43 71.88
C VAL B 1517 -11.75 -68.90 71.51
N ASP B 1518 -12.41 -69.76 72.28
CA ASP B 1518 -12.48 -71.21 72.01
C ASP B 1518 -13.86 -71.47 71.39
N TRP B 1519 -13.91 -71.66 70.07
CA TRP B 1519 -15.22 -71.74 69.37
C TRP B 1519 -15.85 -73.13 69.56
N ILE B 1520 -15.10 -74.13 70.03
CA ILE B 1520 -15.67 -75.49 70.23
C ILE B 1520 -16.20 -75.61 71.65
N GLY B 1521 -15.37 -75.29 72.66
CA GLY B 1521 -15.78 -75.40 74.07
C GLY B 1521 -16.57 -74.19 74.55
N ARG B 1522 -16.70 -73.14 73.71
CA ARG B 1522 -17.42 -71.88 74.06
C ARG B 1522 -16.75 -71.21 75.27
N ASN B 1523 -15.41 -71.17 75.27
CA ASN B 1523 -14.64 -70.50 76.35
C ASN B 1523 -13.90 -69.29 75.79
N LEU B 1524 -13.27 -68.51 76.68
CA LEU B 1524 -12.57 -67.27 76.31
C LEU B 1524 -11.30 -67.19 77.14
N TYR B 1525 -10.15 -67.20 76.46
CA TYR B 1525 -8.82 -67.15 77.11
C TYR B 1525 -8.18 -65.79 76.86
N TRP B 1526 -7.39 -65.31 77.82
CA TRP B 1526 -6.64 -64.05 77.64
C TRP B 1526 -5.40 -64.07 78.53
N THR B 1527 -4.42 -63.24 78.18
CA THR B 1527 -3.15 -63.09 78.95
C THR B 1527 -3.10 -61.69 79.53
N ASP B 1528 -2.75 -61.58 80.81
CA ASP B 1528 -2.69 -60.27 81.49
C ASP B 1528 -1.25 -60.00 81.90
N TYR B 1529 -0.67 -58.90 81.40
CA TYR B 1529 0.74 -58.56 81.66
C TYR B 1529 0.91 -58.10 83.11
N ALA B 1530 -0.01 -57.26 83.62
CA ALA B 1530 0.07 -56.71 84.99
C ALA B 1530 -0.13 -57.83 86.01
N LEU B 1531 -1.13 -58.70 85.81
CA LEU B 1531 -1.44 -59.78 86.78
C LEU B 1531 -0.48 -60.95 86.57
N GLU B 1532 0.20 -61.02 85.41
CA GLU B 1532 1.17 -62.10 85.10
C GLU B 1532 0.49 -63.46 85.22
N THR B 1533 -0.72 -63.58 84.65
CA THR B 1533 -1.49 -64.84 84.67
C THR B 1533 -2.13 -65.05 83.31
N ILE B 1534 -2.56 -66.29 83.06
CA ILE B 1534 -3.37 -66.65 81.87
C ILE B 1534 -4.72 -67.17 82.39
N GLU B 1535 -5.79 -66.51 81.97
CA GLU B 1535 -7.11 -66.69 82.60
C GLU B 1535 -8.10 -67.20 81.56
N VAL B 1536 -9.10 -67.94 82.03
CA VAL B 1536 -10.13 -68.53 81.13
C VAL B 1536 -11.49 -68.31 81.78
N SER B 1537 -12.51 -68.14 80.93
CA SER B 1537 -13.90 -67.92 81.39
C SER B 1537 -14.85 -68.34 80.27
N LYS B 1538 -16.14 -68.43 80.58
CA LYS B 1538 -17.18 -68.72 79.57
C LYS B 1538 -17.23 -67.56 78.58
N ILE B 1539 -17.75 -67.82 77.38
CA ILE B 1539 -17.73 -66.82 76.28
C ILE B 1539 -18.65 -65.64 76.64
N ASP B 1540 -19.56 -65.80 77.63
CA ASP B 1540 -20.39 -64.67 78.11
C ASP B 1540 -19.70 -63.94 79.26
N GLY B 1541 -18.50 -64.38 79.65
CA GLY B 1541 -17.69 -63.68 80.68
C GLY B 1541 -17.95 -64.18 82.08
N SER B 1542 -18.68 -65.29 82.25
CA SER B 1542 -19.02 -65.82 83.60
C SER B 1542 -17.98 -66.83 84.05
N HIS B 1543 -17.83 -66.97 85.38
CA HIS B 1543 -17.09 -68.10 86.00
C HIS B 1543 -15.61 -68.08 85.59
N ARG B 1544 -14.97 -66.90 85.67
CA ARG B 1544 -13.55 -66.77 85.28
C ARG B 1544 -12.67 -67.43 86.35
N THR B 1545 -11.53 -67.94 85.92
CA THR B 1545 -10.52 -68.50 86.85
C THR B 1545 -9.13 -68.21 86.29
N VAL B 1546 -8.12 -68.35 87.16
CA VAL B 1546 -6.71 -68.22 86.73
C VAL B 1546 -6.22 -69.60 86.32
N LEU B 1547 -5.93 -69.77 85.02
CA LEU B 1547 -5.63 -71.11 84.47
C LEU B 1547 -4.16 -71.44 84.70
N ILE B 1548 -3.25 -70.57 84.26
CA ILE B 1548 -1.80 -70.76 84.49
C ILE B 1548 -1.25 -69.53 85.20
N SER B 1549 -0.77 -69.72 86.43
CA SER B 1549 -0.22 -68.61 87.25
C SER B 1549 1.18 -68.93 87.74
N LYS B 1550 1.72 -70.11 87.38
CA LYS B 1550 3.03 -70.54 87.88
C LYS B 1550 4.08 -70.24 86.81
N ASN B 1551 5.18 -69.61 87.24
CA ASN B 1551 6.44 -69.61 86.48
C ASN B 1551 6.27 -68.77 85.21
N VAL B 1552 5.33 -67.81 85.24
CA VAL B 1552 4.97 -66.93 84.11
C VAL B 1552 5.26 -65.49 84.54
N THR B 1553 5.95 -64.72 83.69
CA THR B 1553 6.37 -63.35 84.05
C THR B 1553 5.67 -62.32 83.16
N LYS B 1554 5.83 -62.41 81.83
CA LYS B 1554 5.27 -61.40 80.90
C LYS B 1554 4.60 -62.10 79.73
N PRO B 1555 3.40 -62.68 79.94
CA PRO B 1555 2.71 -63.37 78.86
C PRO B 1555 2.11 -62.38 77.85
N ARG B 1556 2.53 -62.51 76.59
CA ARG B 1556 2.02 -61.61 75.52
C ARG B 1556 1.14 -62.39 74.55
N GLY B 1557 1.72 -63.38 73.85
CA GLY B 1557 1.03 -64.09 72.76
C GLY B 1557 0.09 -65.15 73.32
N LEU B 1558 -0.87 -65.60 72.49
CA LEU B 1558 -1.81 -66.67 72.86
C LEU B 1558 -2.48 -67.20 71.60
N ALA B 1559 -2.49 -68.52 71.46
CA ALA B 1559 -3.19 -69.22 70.36
C ALA B 1559 -3.58 -70.61 70.85
N LEU B 1560 -4.64 -71.17 70.28
CA LEU B 1560 -5.14 -72.48 70.76
C LEU B 1560 -5.79 -73.23 69.61
N ASP B 1561 -5.81 -74.56 69.73
CA ASP B 1561 -6.35 -75.47 68.69
C ASP B 1561 -7.44 -76.32 69.33
N PRO B 1562 -8.72 -75.93 69.25
CA PRO B 1562 -9.79 -76.67 69.89
C PRO B 1562 -10.19 -78.00 69.22
N ARG B 1563 -9.54 -78.36 68.11
CA ARG B 1563 -9.90 -79.61 67.38
C ARG B 1563 -9.66 -80.82 68.28
N MET B 1564 -10.40 -81.90 68.02
CA MET B 1564 -10.39 -83.13 68.84
C MET B 1564 -8.97 -83.69 68.96
N GLY B 1565 -8.23 -83.78 67.83
CA GLY B 1565 -6.87 -84.35 67.81
C GLY B 1565 -5.87 -83.57 68.64
N ASP B 1566 -6.11 -82.29 68.95
CA ASP B 1566 -5.05 -81.43 69.54
C ASP B 1566 -5.44 -81.00 70.94
N ASN B 1567 -6.52 -80.21 71.06
CA ASN B 1567 -6.96 -79.58 72.34
C ASN B 1567 -5.73 -79.01 73.05
N VAL B 1568 -5.02 -78.10 72.38
CA VAL B 1568 -3.73 -77.59 72.90
C VAL B 1568 -3.73 -76.07 72.78
N MET B 1569 -3.04 -75.39 73.69
CA MET B 1569 -2.90 -73.91 73.66
C MET B 1569 -1.42 -73.54 73.67
N PHE B 1570 -1.10 -72.37 73.12
CA PHE B 1570 0.28 -71.84 73.09
C PHE B 1570 0.26 -70.41 73.64
N TRP B 1571 1.29 -70.05 74.40
CA TRP B 1571 1.49 -68.65 74.82
C TRP B 1571 2.99 -68.32 74.76
N SER B 1572 3.27 -67.02 74.67
CA SER B 1572 4.66 -66.50 74.56
C SER B 1572 4.93 -65.62 75.78
N ASP B 1573 6.10 -65.83 76.39
CA ASP B 1573 6.49 -65.07 77.60
C ASP B 1573 7.86 -64.44 77.30
N TRP B 1574 7.97 -63.12 77.50
CA TRP B 1574 9.25 -62.40 77.26
C TRP B 1574 9.85 -61.95 78.59
N GLY B 1575 9.79 -62.81 79.62
CA GLY B 1575 10.41 -62.53 80.92
C GLY B 1575 11.91 -62.69 80.87
N HIS B 1576 12.53 -62.97 82.01
CA HIS B 1576 14.01 -63.02 82.13
C HIS B 1576 14.55 -64.20 81.32
N HIS B 1577 13.73 -65.24 81.12
CA HIS B 1577 14.10 -66.37 80.25
C HIS B 1577 12.99 -66.53 79.22
N PRO B 1578 13.07 -65.86 78.05
CA PRO B 1578 12.00 -65.87 77.08
C PRO B 1578 11.72 -67.32 76.63
N ARG B 1579 10.45 -67.62 76.39
CA ARG B 1579 10.05 -68.98 75.96
C ARG B 1579 8.69 -68.92 75.30
N ILE B 1580 8.43 -69.91 74.45
CA ILE B 1580 7.07 -70.19 73.91
C ILE B 1580 6.67 -71.55 74.46
N GLU B 1581 5.54 -71.58 75.16
CA GLU B 1581 5.11 -72.79 75.89
C GLU B 1581 3.81 -73.33 75.28
N ARG B 1582 3.63 -74.64 75.37
CA ARG B 1582 2.33 -75.26 75.00
C ARG B 1582 1.79 -75.98 76.23
N ALA B 1583 0.46 -76.13 76.27
CA ALA B 1583 -0.22 -76.86 77.36
C ALA B 1583 -1.57 -77.34 76.84
N SER B 1584 -2.10 -78.38 77.51
CA SER B 1584 -3.49 -78.81 77.31
C SER B 1584 -4.42 -77.65 77.68
N MET B 1585 -5.57 -77.54 77.02
CA MET B 1585 -6.43 -76.34 77.20
C MET B 1585 -6.97 -76.26 78.63
N ASP B 1586 -6.84 -77.33 79.43
CA ASP B 1586 -7.16 -77.27 80.88
C ASP B 1586 -5.89 -76.97 81.69
N GLY B 1587 -4.75 -76.77 81.01
CA GLY B 1587 -3.50 -76.28 81.64
C GLY B 1587 -2.72 -77.38 82.35
N THR B 1588 -2.93 -78.65 82.01
CA THR B 1588 -2.26 -79.77 82.72
C THR B 1588 -0.87 -80.01 82.09
N MET B 1589 -0.85 -80.43 80.82
CA MET B 1589 0.39 -80.97 80.19
C MET B 1589 1.21 -79.81 79.63
N ARG B 1590 1.90 -79.08 80.51
CA ARG B 1590 2.67 -77.89 80.09
C ARG B 1590 4.09 -78.33 79.70
N THR B 1591 4.53 -77.90 78.52
CA THR B 1591 5.93 -78.11 78.06
C THR B 1591 6.44 -76.83 77.40
N VAL B 1592 7.76 -76.70 77.33
CA VAL B 1592 8.38 -75.56 76.61
C VAL B 1592 8.84 -76.03 75.23
N ILE B 1593 8.40 -75.33 74.19
CA ILE B 1593 8.62 -75.79 72.80
C ILE B 1593 9.67 -74.90 72.11
N VAL B 1594 9.79 -73.62 72.49
CA VAL B 1594 10.82 -72.73 71.89
C VAL B 1594 11.49 -71.95 73.01
N GLN B 1595 12.80 -72.17 73.20
CA GLN B 1595 13.56 -71.36 74.20
C GLN B 1595 14.97 -71.05 73.69
N GLU B 1596 15.23 -71.21 72.39
CA GLU B 1596 16.55 -70.87 71.82
C GLU B 1596 16.32 -69.86 70.71
N LYS B 1597 17.23 -68.87 70.60
CA LYS B 1597 17.13 -67.78 69.60
C LYS B 1597 15.77 -67.09 69.75
N ILE B 1598 15.53 -66.53 70.94
CA ILE B 1598 14.35 -65.64 71.19
C ILE B 1598 14.75 -64.64 72.27
N TYR B 1599 14.33 -63.39 72.07
CA TYR B 1599 14.62 -62.32 73.05
C TYR B 1599 13.31 -61.66 73.44
N TRP B 1600 12.47 -61.34 72.46
CA TRP B 1600 11.18 -60.64 72.69
C TRP B 1600 10.07 -61.36 71.92
N PRO B 1601 9.63 -62.55 72.36
CA PRO B 1601 8.54 -63.23 71.67
C PRO B 1601 7.27 -62.37 71.73
N CYS B 1602 6.74 -62.00 70.57
CA CYS B 1602 5.64 -61.02 70.47
C CYS B 1602 4.65 -61.49 69.40
N GLY B 1603 3.58 -62.17 69.83
CA GLY B 1603 2.50 -62.55 68.92
C GLY B 1603 2.62 -64.00 68.47
N LEU B 1604 1.48 -64.65 68.28
CA LEU B 1604 1.41 -66.08 67.90
C LEU B 1604 0.22 -66.29 66.98
N SER B 1605 0.30 -67.31 66.14
CA SER B 1605 -0.81 -67.69 65.23
C SER B 1605 -0.60 -69.13 64.79
N ILE B 1606 -1.72 -69.81 64.49
CA ILE B 1606 -1.70 -71.25 64.18
C ILE B 1606 -2.18 -71.47 62.74
N ASP B 1607 -1.44 -72.30 62.01
CA ASP B 1607 -1.86 -72.75 60.67
C ASP B 1607 -2.58 -74.08 60.86
N TYR B 1608 -3.91 -74.04 60.92
CA TYR B 1608 -4.71 -75.23 61.30
C TYR B 1608 -4.53 -76.39 60.32
N PRO B 1609 -4.58 -76.23 58.99
CA PRO B 1609 -4.54 -77.38 58.08
C PRO B 1609 -3.34 -78.32 58.25
N ASN B 1610 -2.15 -77.75 58.38
CA ASN B 1610 -0.86 -78.50 58.40
C ASN B 1610 -0.25 -78.48 59.82
N ARG B 1611 -0.95 -77.92 60.81
CA ARG B 1611 -0.59 -77.88 62.25
C ARG B 1611 0.78 -77.22 62.46
N LEU B 1612 0.92 -75.94 62.08
CA LEU B 1612 2.15 -75.17 62.30
C LEU B 1612 1.83 -73.97 63.18
N ILE B 1613 2.74 -73.65 64.09
CA ILE B 1613 2.57 -72.47 64.99
C ILE B 1613 3.53 -71.39 64.50
N TYR B 1614 2.97 -70.25 64.11
CA TYR B 1614 3.77 -69.09 63.65
C TYR B 1614 4.03 -68.17 64.85
N PHE B 1615 5.27 -67.71 65.00
CA PHE B 1615 5.60 -66.73 66.06
C PHE B 1615 6.53 -65.68 65.50
N MET B 1616 6.78 -64.65 66.31
CA MET B 1616 7.53 -63.45 65.88
C MET B 1616 8.39 -62.96 67.04
N ASP B 1617 9.43 -62.19 66.70
CA ASP B 1617 10.35 -61.63 67.71
C ASP B 1617 10.63 -60.19 67.34
N ALA B 1618 10.45 -59.26 68.28
CA ALA B 1618 10.58 -57.81 68.04
C ALA B 1618 12.03 -57.34 68.26
N TYR B 1619 12.86 -58.16 68.92
CA TYR B 1619 14.28 -57.80 69.19
C TYR B 1619 15.18 -58.40 68.13
N LEU B 1620 15.01 -59.70 67.82
CA LEU B 1620 15.82 -60.37 66.77
C LEU B 1620 15.20 -60.09 65.39
N ASP B 1621 13.97 -59.56 65.34
CA ASP B 1621 13.33 -59.07 64.09
C ASP B 1621 13.21 -60.20 63.07
N TYR B 1622 12.39 -61.20 63.39
CA TYR B 1622 12.09 -62.29 62.42
C TYR B 1622 10.65 -62.74 62.56
N ILE B 1623 10.21 -63.51 61.56
CA ILE B 1623 8.93 -64.28 61.62
C ILE B 1623 9.28 -65.73 61.33
N GLU B 1624 8.85 -66.63 62.21
CA GLU B 1624 9.23 -68.05 62.11
C GLU B 1624 8.00 -68.92 62.36
N PHE B 1625 8.07 -70.18 61.94
CA PHE B 1625 7.00 -71.16 62.25
C PHE B 1625 7.64 -72.47 62.64
N CYS B 1626 6.87 -73.26 63.39
CA CYS B 1626 7.33 -74.56 63.95
C CYS B 1626 6.12 -75.51 63.97
N ASP B 1627 6.39 -76.79 64.16
CA ASP B 1627 5.31 -77.76 64.43
C ASP B 1627 4.95 -77.69 65.92
N TYR B 1628 3.95 -78.46 66.34
CA TYR B 1628 3.43 -78.40 67.73
C TYR B 1628 4.49 -78.86 68.73
N ASP B 1629 5.53 -79.56 68.30
CA ASP B 1629 6.64 -79.95 69.19
C ASP B 1629 7.80 -78.94 69.09
N GLY B 1630 7.71 -77.97 68.17
CA GLY B 1630 8.78 -76.97 67.98
C GLY B 1630 10.04 -77.58 67.37
N HIS B 1631 9.88 -78.56 66.48
CA HIS B 1631 11.04 -79.27 65.88
C HIS B 1631 11.40 -78.66 64.52
N ASN B 1632 10.45 -78.66 63.57
CA ASN B 1632 10.72 -78.21 62.18
C ASN B 1632 10.68 -76.69 62.13
N ARG B 1633 11.76 -76.05 62.58
CA ARG B 1633 11.80 -74.57 62.71
C ARG B 1633 12.32 -73.96 61.42
N ARG B 1634 11.55 -73.02 60.85
CA ARG B 1634 11.92 -72.35 59.58
C ARG B 1634 11.79 -70.84 59.76
N GLN B 1635 12.45 -70.09 58.89
CA GLN B 1635 12.36 -68.61 58.92
C GLN B 1635 11.54 -68.16 57.71
N VAL B 1636 10.47 -67.40 57.97
CA VAL B 1636 9.69 -66.77 56.88
C VAL B 1636 10.41 -65.48 56.49
N ILE B 1637 10.51 -64.53 57.42
CA ILE B 1637 11.25 -63.26 57.19
C ILE B 1637 12.31 -63.17 58.28
N ALA B 1638 13.59 -63.06 57.88
CA ALA B 1638 14.71 -62.94 58.83
C ALA B 1638 15.88 -62.24 58.13
N SER B 1639 16.76 -61.61 58.92
CA SER B 1639 17.89 -60.81 58.40
C SER B 1639 17.35 -59.77 57.42
N ASP B 1640 16.22 -59.13 57.77
CA ASP B 1640 15.47 -58.25 56.84
C ASP B 1640 15.06 -56.97 57.56
N LEU B 1641 15.22 -55.81 56.90
CA LEU B 1641 14.97 -54.49 57.55
C LEU B 1641 13.51 -54.06 57.41
N VAL B 1642 12.60 -54.90 56.88
CA VAL B 1642 11.15 -54.55 56.83
C VAL B 1642 10.52 -54.69 58.22
N LEU B 1643 11.08 -55.51 59.10
CA LEU B 1643 10.56 -55.66 60.48
C LEU B 1643 11.30 -54.67 61.39
N HIS B 1644 10.56 -53.82 62.09
CA HIS B 1644 11.15 -52.84 63.02
C HIS B 1644 10.77 -53.22 64.46
N HIS B 1645 9.47 -53.31 64.74
CA HIS B 1645 8.98 -53.77 66.07
C HIS B 1645 7.62 -54.44 65.87
N PRO B 1646 7.59 -55.63 65.25
CA PRO B 1646 6.31 -56.27 64.95
C PRO B 1646 5.63 -56.77 66.23
N HIS B 1647 4.30 -56.70 66.26
CA HIS B 1647 3.53 -56.98 67.50
C HIS B 1647 2.67 -58.24 67.36
N ALA B 1648 1.74 -58.26 66.40
CA ALA B 1648 0.77 -59.36 66.29
C ALA B 1648 0.67 -59.81 64.84
N LEU B 1649 0.28 -61.08 64.63
CA LEU B 1649 0.11 -61.61 63.25
C LEU B 1649 -1.12 -62.52 63.20
N THR B 1650 -1.56 -62.74 61.96
CA THR B 1650 -2.66 -63.66 61.64
C THR B 1650 -2.39 -64.22 60.25
N LEU B 1651 -3.02 -65.35 59.94
CA LEU B 1651 -2.76 -66.10 58.68
C LEU B 1651 -4.02 -66.10 57.81
N PHE B 1652 -3.83 -66.51 56.55
CA PHE B 1652 -4.92 -66.88 55.62
C PHE B 1652 -4.33 -67.87 54.62
N GLU B 1653 -5.01 -68.09 53.49
CA GLU B 1653 -4.52 -69.00 52.42
C GLU B 1653 -3.21 -68.46 51.82
N ASP B 1654 -2.08 -69.09 52.18
CA ASP B 1654 -0.71 -68.76 51.74
C ASP B 1654 -0.28 -67.31 52.03
N PHE B 1655 -0.95 -66.56 52.91
CA PHE B 1655 -0.57 -65.17 53.23
C PHE B 1655 -0.51 -64.98 54.75
N VAL B 1656 0.42 -64.11 55.17
CA VAL B 1656 0.59 -63.76 56.61
C VAL B 1656 0.49 -62.26 56.72
N TYR B 1657 -0.32 -61.76 57.65
CA TYR B 1657 -0.49 -60.33 57.91
C TYR B 1657 0.02 -60.03 59.31
N TRP B 1658 0.76 -58.93 59.48
CA TRP B 1658 1.28 -58.54 60.81
C TRP B 1658 1.29 -57.03 60.94
N THR B 1659 1.39 -56.55 62.18
CA THR B 1659 1.36 -55.11 62.51
C THR B 1659 2.72 -54.72 63.07
N ASP B 1660 3.20 -53.53 62.71
CA ASP B 1660 4.46 -52.99 63.24
C ASP B 1660 4.13 -51.80 64.14
N ARG B 1661 4.63 -51.81 65.37
CA ARG B 1661 4.48 -50.65 66.27
C ARG B 1661 5.58 -49.60 65.98
N GLY B 1662 6.62 -49.99 65.23
CA GLY B 1662 7.75 -49.10 64.88
C GLY B 1662 7.43 -48.21 63.70
N THR B 1663 7.00 -48.81 62.58
CA THR B 1663 6.67 -48.06 61.35
C THR B 1663 5.19 -47.72 61.29
N ARG B 1664 4.35 -48.23 62.23
CA ARG B 1664 2.92 -47.89 62.35
C ARG B 1664 2.21 -48.24 61.03
N GLN B 1665 2.43 -49.46 60.52
CA GLN B 1665 1.71 -49.91 59.30
C GLN B 1665 1.50 -51.43 59.38
N VAL B 1666 0.46 -51.88 58.71
CA VAL B 1666 0.07 -53.31 58.66
C VAL B 1666 0.62 -53.88 57.36
N MET B 1667 1.26 -55.04 57.44
CA MET B 1667 2.01 -55.59 56.28
C MET B 1667 1.41 -56.94 55.87
N GLN B 1668 1.72 -57.35 54.63
CA GLN B 1668 1.30 -58.66 54.05
C GLN B 1668 2.53 -59.30 53.44
N ALA B 1669 2.68 -60.62 53.55
CA ALA B 1669 3.79 -61.36 52.91
C ALA B 1669 3.37 -62.81 52.70
N ASN B 1670 4.12 -63.51 51.83
CA ASN B 1670 3.90 -64.95 51.60
C ASN B 1670 4.28 -65.69 52.89
N LYS B 1671 3.38 -66.55 53.40
CA LYS B 1671 3.57 -67.19 54.72
C LYS B 1671 4.63 -68.30 54.69
N TRP B 1672 5.15 -68.69 53.54
CA TRP B 1672 6.13 -69.79 53.43
C TRP B 1672 7.55 -69.29 53.20
N HIS B 1673 7.75 -68.17 52.47
CA HIS B 1673 9.14 -67.68 52.22
C HIS B 1673 9.23 -66.17 52.33
N GLY B 1674 8.15 -65.46 52.69
CA GLY B 1674 8.22 -64.00 52.98
C GLY B 1674 8.34 -63.16 51.72
N GLY B 1675 8.10 -63.72 50.53
CA GLY B 1675 8.11 -62.96 49.27
C GLY B 1675 6.81 -62.19 49.07
N ASN B 1676 6.76 -61.38 48.01
CA ASN B 1676 5.51 -60.71 47.56
C ASN B 1676 4.98 -59.86 48.72
N GLN B 1677 5.87 -59.04 49.30
CA GLN B 1677 5.49 -58.14 50.42
C GLN B 1677 4.79 -56.90 49.88
N SER B 1678 3.86 -56.36 50.68
CA SER B 1678 3.18 -55.08 50.36
C SER B 1678 2.54 -54.52 51.63
N VAL B 1679 2.37 -53.21 51.67
CA VAL B 1679 1.74 -52.55 52.85
C VAL B 1679 0.22 -52.60 52.65
N VAL B 1680 -0.50 -53.20 53.60
CA VAL B 1680 -1.99 -53.26 53.57
C VAL B 1680 -2.55 -51.91 54.02
N MET B 1681 -2.05 -51.34 55.12
CA MET B 1681 -2.66 -50.14 55.72
C MET B 1681 -1.56 -49.31 56.41
N TYR B 1682 -1.61 -47.98 56.28
CA TYR B 1682 -0.87 -47.07 57.18
C TYR B 1682 -1.82 -46.59 58.26
N SER B 1683 -1.38 -46.54 59.53
CA SER B 1683 -2.23 -46.08 60.65
C SER B 1683 -1.55 -44.93 61.39
N VAL B 1684 -2.33 -43.94 61.85
CA VAL B 1684 -1.76 -42.78 62.60
C VAL B 1684 -1.18 -43.28 63.92
N HIS B 1685 -1.94 -44.13 64.63
CA HIS B 1685 -1.53 -44.68 65.94
C HIS B 1685 -0.91 -46.07 65.74
N GLN B 1686 -0.25 -46.59 66.79
CA GLN B 1686 0.42 -47.91 66.72
C GLN B 1686 -0.65 -49.00 66.59
N PRO B 1687 -0.61 -49.83 65.53
CA PRO B 1687 -1.57 -50.94 65.41
C PRO B 1687 -1.10 -52.14 66.24
N LEU B 1688 -1.90 -52.53 67.23
CA LEU B 1688 -1.48 -53.64 68.13
C LEU B 1688 -2.13 -54.96 67.69
N GLY B 1689 -3.47 -55.03 67.69
CA GLY B 1689 -4.20 -56.29 67.44
C GLY B 1689 -4.49 -56.50 65.95
N ILE B 1690 -4.55 -57.76 65.51
CA ILE B 1690 -4.98 -58.07 64.12
C ILE B 1690 -5.54 -59.49 64.09
N THR B 1691 -6.64 -59.69 63.35
CA THR B 1691 -7.19 -61.04 63.04
C THR B 1691 -7.81 -61.06 61.64
N ALA B 1692 -7.69 -62.19 60.94
CA ALA B 1692 -8.46 -62.47 59.72
C ALA B 1692 -9.75 -63.19 60.11
N ILE B 1693 -10.89 -62.60 59.76
CA ILE B 1693 -12.23 -63.18 59.99
C ILE B 1693 -12.65 -63.92 58.73
N HIS B 1694 -12.73 -65.26 58.84
CA HIS B 1694 -13.25 -66.14 57.77
C HIS B 1694 -13.52 -67.51 58.38
N PRO B 1695 -14.58 -68.25 57.99
CA PRO B 1695 -14.83 -69.59 58.55
C PRO B 1695 -13.67 -70.57 58.45
N SER B 1696 -12.82 -70.46 57.42
CA SER B 1696 -11.61 -71.31 57.26
C SER B 1696 -10.65 -71.16 58.45
N ARG B 1697 -10.55 -69.96 59.05
CA ARG B 1697 -9.70 -69.70 60.23
C ARG B 1697 -10.26 -70.41 61.46
N GLN B 1698 -11.50 -70.91 61.40
CA GLN B 1698 -12.24 -71.40 62.58
C GLN B 1698 -12.81 -72.77 62.25
N PRO B 1699 -11.96 -73.80 62.04
CA PRO B 1699 -12.46 -75.08 61.55
C PRO B 1699 -13.43 -75.73 62.55
N PRO B 1700 -14.49 -76.42 62.08
CA PRO B 1700 -15.38 -77.14 62.97
C PRO B 1700 -14.79 -78.48 63.42
N SER B 1701 -15.38 -79.02 64.49
CA SER B 1701 -15.01 -80.33 65.08
C SER B 1701 -16.10 -80.78 66.03
N ARG B 1702 -15.97 -82.01 66.53
CA ARG B 1702 -16.86 -82.54 67.59
C ARG B 1702 -16.57 -81.80 68.88
N ASN B 1703 -17.63 -81.58 69.67
CA ASN B 1703 -17.52 -80.88 70.97
C ASN B 1703 -17.67 -81.91 72.08
N PRO B 1704 -16.59 -82.47 72.64
CA PRO B 1704 -16.75 -83.41 73.75
C PRO B 1704 -17.31 -82.74 75.01
N CYS B 1705 -17.06 -81.43 75.16
CA CYS B 1705 -17.55 -80.65 76.32
C CYS B 1705 -19.07 -80.54 76.26
N ALA B 1706 -19.68 -80.65 75.07
CA ALA B 1706 -21.14 -80.54 74.90
C ALA B 1706 -21.86 -81.64 75.68
N SER B 1707 -21.23 -82.81 75.85
CA SER B 1707 -21.86 -83.94 76.57
C SER B 1707 -21.50 -83.90 78.06
N ALA B 1708 -20.60 -82.99 78.47
CA ALA B 1708 -20.10 -82.95 79.87
C ALA B 1708 -21.22 -82.50 80.81
N SER B 1709 -21.20 -83.05 82.03
CA SER B 1709 -22.16 -82.68 83.11
C SER B 1709 -21.51 -81.71 84.09
N CYS B 1710 -20.33 -81.15 83.75
CA CYS B 1710 -19.56 -80.28 84.68
C CYS B 1710 -20.39 -79.05 85.01
N SER B 1711 -20.48 -78.72 86.30
CA SER B 1711 -21.01 -77.41 86.74
C SER B 1711 -19.96 -76.32 86.46
N HIS B 1712 -20.44 -75.09 86.25
CA HIS B 1712 -19.55 -73.92 85.99
C HIS B 1712 -18.74 -74.18 84.72
N LEU B 1713 -17.41 -74.34 84.85
CA LEU B 1713 -16.52 -74.42 83.68
C LEU B 1713 -16.34 -75.87 83.26
N CYS B 1714 -16.38 -76.10 81.95
CA CYS B 1714 -15.98 -77.38 81.33
C CYS B 1714 -14.91 -77.06 80.28
N LEU B 1715 -13.66 -77.41 80.58
CA LEU B 1715 -12.52 -77.03 79.71
C LEU B 1715 -12.07 -78.25 78.91
N LEU B 1716 -11.79 -78.03 77.62
CA LEU B 1716 -11.25 -79.10 76.74
C LEU B 1716 -9.85 -79.48 77.22
N SER B 1717 -9.47 -80.73 76.98
CA SER B 1717 -8.15 -81.24 77.38
C SER B 1717 -7.63 -82.20 76.31
N ALA B 1718 -6.31 -82.46 76.35
CA ALA B 1718 -5.65 -83.32 75.36
C ALA B 1718 -5.66 -84.78 75.83
N GLN B 1719 -6.20 -85.06 77.03
CA GLN B 1719 -6.22 -86.45 77.56
C GLN B 1719 -7.17 -87.29 76.70
N ALA B 1720 -6.70 -88.47 76.29
CA ALA B 1720 -7.37 -89.29 75.25
C ALA B 1720 -8.77 -89.76 75.70
N PRO B 1721 -8.98 -90.35 76.89
CA PRO B 1721 -10.29 -90.92 77.24
C PRO B 1721 -11.49 -89.99 77.03
N ARG B 1722 -11.39 -88.71 77.43
CA ARG B 1722 -12.59 -87.83 77.52
C ARG B 1722 -12.38 -86.52 76.75
N HIS B 1723 -11.16 -85.98 76.78
CA HIS B 1723 -10.82 -84.71 76.08
C HIS B 1723 -11.58 -83.52 76.68
N TYR B 1724 -12.07 -83.64 77.92
CA TYR B 1724 -12.62 -82.49 78.67
C TYR B 1724 -12.29 -82.68 80.14
N SER B 1725 -12.27 -81.58 80.87
CA SER B 1725 -11.95 -81.57 82.31
C SER B 1725 -12.78 -80.46 82.96
N CYS B 1726 -13.47 -80.79 84.06
CA CYS B 1726 -14.29 -79.80 84.79
C CYS B 1726 -13.38 -78.91 85.64
N ALA B 1727 -13.65 -77.61 85.60
CA ALA B 1727 -12.94 -76.61 86.42
C ALA B 1727 -13.97 -75.64 86.98
N CYS B 1728 -13.59 -74.88 88.01
CA CYS B 1728 -14.53 -73.90 88.60
C CYS B 1728 -13.79 -72.62 88.98
N PRO B 1729 -14.50 -71.48 89.12
CA PRO B 1729 -13.85 -70.18 89.16
C PRO B 1729 -12.98 -70.00 90.41
N SER B 1730 -12.38 -68.81 90.52
CA SER B 1730 -11.61 -68.39 91.69
C SER B 1730 -12.51 -68.43 92.93
N GLY B 1731 -12.02 -69.08 94.01
CA GLY B 1731 -12.70 -69.14 95.31
C GLY B 1731 -13.72 -70.27 95.36
N TRP B 1732 -13.55 -71.29 94.52
CA TRP B 1732 -14.41 -72.50 94.54
C TRP B 1732 -13.54 -73.73 94.79
N ASN B 1733 -14.20 -74.80 95.21
CA ASN B 1733 -13.57 -76.05 95.69
C ASN B 1733 -13.94 -77.13 94.68
N LEU B 1734 -12.97 -77.96 94.26
CA LEU B 1734 -13.29 -79.09 93.35
C LEU B 1734 -13.67 -80.29 94.22
N SER B 1735 -14.92 -80.73 94.12
CA SER B 1735 -15.41 -81.89 94.90
C SER B 1735 -14.78 -83.17 94.35
N ASP B 1736 -14.88 -84.25 95.14
CA ASP B 1736 -14.32 -85.57 94.75
C ASP B 1736 -15.08 -86.14 93.54
N ASP B 1737 -16.30 -85.64 93.28
CA ASP B 1737 -17.10 -86.06 92.11
C ASP B 1737 -16.39 -85.64 90.82
N SER B 1738 -15.49 -84.65 90.90
CA SER B 1738 -14.70 -84.12 89.76
C SER B 1738 -15.62 -83.48 88.72
N VAL B 1739 -16.91 -83.26 89.05
CA VAL B 1739 -17.84 -82.59 88.11
C VAL B 1739 -18.59 -81.47 88.83
N ASN B 1740 -18.69 -81.54 90.17
CA ASN B 1740 -19.42 -80.51 90.94
C ASN B 1740 -18.42 -79.69 91.75
N CYS B 1741 -18.67 -78.38 91.85
CA CYS B 1741 -17.81 -77.48 92.64
C CYS B 1741 -18.65 -76.77 93.72
N VAL B 1742 -18.03 -76.53 94.87
CA VAL B 1742 -18.70 -75.86 96.00
C VAL B 1742 -17.90 -74.60 96.34
N ARG B 1743 -18.61 -73.53 96.71
CA ARG B 1743 -17.94 -72.23 97.00
C ARG B 1743 -17.03 -72.41 98.22
N GLY B 1744 -15.80 -71.94 98.11
CA GLY B 1744 -14.80 -72.00 99.19
C GLY B 1744 -15.04 -70.93 100.21
N ASP B 1745 -15.47 -71.32 101.42
CA ASP B 1745 -15.80 -70.34 102.49
C ASP B 1745 -14.58 -70.09 103.38
N GLN B 1746 -13.41 -70.63 103.02
CA GLN B 1746 -12.19 -70.40 103.84
C GLN B 1746 -11.81 -68.92 103.76
N PRO B 1747 -11.19 -68.36 104.81
CA PRO B 1747 -10.77 -66.96 104.78
C PRO B 1747 -9.60 -66.71 103.81
N PHE B 1748 -9.42 -65.45 103.43
CA PHE B 1748 -8.26 -65.01 102.65
C PHE B 1748 -7.94 -63.56 103.00
N LEU B 1749 -6.73 -63.13 102.63
CA LEU B 1749 -6.18 -61.79 102.97
C LEU B 1749 -6.33 -60.88 101.76
N MET B 1750 -7.02 -59.76 101.92
CA MET B 1750 -7.16 -58.76 100.84
C MET B 1750 -5.98 -57.80 100.95
N SER B 1751 -5.01 -57.90 100.04
CA SER B 1751 -3.85 -57.00 99.93
C SER B 1751 -4.22 -55.87 98.96
N VAL B 1752 -4.66 -54.72 99.48
CA VAL B 1752 -4.90 -53.53 98.62
C VAL B 1752 -3.54 -52.89 98.33
N ARG B 1753 -3.35 -52.44 97.09
CA ARG B 1753 -2.08 -51.82 96.63
C ARG B 1753 -2.46 -50.50 95.97
N ASP B 1754 -1.48 -49.74 95.48
CA ASP B 1754 -1.72 -48.33 95.11
C ASP B 1754 -2.69 -48.26 93.93
N ASN B 1755 -2.80 -49.33 93.14
CA ASN B 1755 -3.62 -49.29 91.90
C ASN B 1755 -4.45 -50.56 91.74
N ILE B 1756 -4.42 -51.51 92.68
CA ILE B 1756 -5.12 -52.80 92.52
C ILE B 1756 -5.29 -53.45 93.90
N ILE B 1757 -6.38 -54.21 94.05
CA ILE B 1757 -6.65 -54.97 95.30
C ILE B 1757 -6.62 -56.45 94.95
N PHE B 1758 -5.80 -57.22 95.66
CA PHE B 1758 -5.64 -58.67 95.42
C PHE B 1758 -6.17 -59.42 96.63
N GLY B 1759 -6.73 -60.60 96.38
CA GLY B 1759 -7.08 -61.56 97.44
C GLY B 1759 -6.09 -62.70 97.45
N ILE B 1760 -5.20 -62.74 98.44
CA ILE B 1760 -4.13 -63.76 98.51
C ILE B 1760 -4.46 -64.76 99.64
N SER B 1761 -4.12 -66.04 99.43
CA SER B 1761 -4.47 -67.12 100.38
C SER B 1761 -3.68 -66.92 101.68
N LEU B 1762 -4.28 -67.31 102.81
CA LEU B 1762 -3.59 -67.24 104.13
C LEU B 1762 -2.45 -68.26 104.18
N ASP B 1763 -2.45 -69.29 103.30
CA ASP B 1763 -1.35 -70.28 103.29
C ASP B 1763 -0.16 -69.66 102.55
N PRO B 1764 0.99 -69.42 103.19
CA PRO B 1764 2.12 -68.80 102.51
C PRO B 1764 2.71 -69.67 101.38
N GLU B 1765 2.38 -70.97 101.31
CA GLU B 1765 2.91 -71.85 100.24
C GLU B 1765 2.17 -71.60 98.93
N VAL B 1766 0.93 -71.07 98.99
CA VAL B 1766 0.13 -70.83 97.77
C VAL B 1766 0.48 -69.44 97.26
N LYS B 1767 1.10 -69.36 96.07
CA LYS B 1767 1.53 -68.07 95.49
C LYS B 1767 0.66 -67.65 94.30
N SER B 1768 -0.65 -67.91 94.33
CA SER B 1768 -1.50 -67.75 93.12
C SER B 1768 -2.11 -66.34 93.03
N ASN B 1769 -2.46 -65.74 94.18
CA ASN B 1769 -3.15 -64.43 94.23
C ASN B 1769 -4.51 -64.53 93.51
N ASP B 1770 -5.23 -65.65 93.64
CA ASP B 1770 -6.55 -65.80 92.95
C ASP B 1770 -7.63 -66.22 93.95
N ALA B 1771 -7.60 -65.75 95.19
CA ALA B 1771 -8.69 -66.04 96.16
C ALA B 1771 -9.96 -65.32 95.71
N MET B 1772 -9.83 -64.22 94.95
CA MET B 1772 -11.00 -63.50 94.39
C MET B 1772 -10.56 -62.81 93.10
N VAL B 1773 -11.53 -62.34 92.32
CA VAL B 1773 -11.23 -61.59 91.07
C VAL B 1773 -10.61 -60.26 91.47
N PRO B 1774 -9.39 -59.94 90.98
CA PRO B 1774 -8.72 -58.70 91.35
C PRO B 1774 -9.55 -57.45 91.04
N ILE B 1775 -9.50 -56.47 91.94
CA ILE B 1775 -10.21 -55.19 91.76
C ILE B 1775 -9.23 -54.20 91.15
N SER B 1776 -9.22 -54.13 89.82
CA SER B 1776 -8.29 -53.24 89.08
C SER B 1776 -8.85 -51.81 88.99
N GLY B 1777 -8.05 -50.88 88.44
CA GLY B 1777 -8.48 -49.48 88.21
C GLY B 1777 -8.77 -48.73 89.50
N ILE B 1778 -7.90 -48.88 90.50
CA ILE B 1778 -7.99 -48.06 91.73
C ILE B 1778 -7.12 -46.83 91.53
N GLN B 1779 -7.60 -45.67 92.00
CA GLN B 1779 -6.85 -44.41 91.81
C GLN B 1779 -5.71 -44.33 92.83
N HIS B 1780 -6.05 -44.21 94.12
CA HIS B 1780 -5.04 -44.12 95.20
C HIS B 1780 -5.53 -44.99 96.34
N GLY B 1781 -5.25 -46.29 96.26
CA GLY B 1781 -5.71 -47.28 97.25
C GLY B 1781 -5.05 -47.04 98.59
N TYR B 1782 -5.84 -47.06 99.66
CA TYR B 1782 -5.27 -47.05 101.02
C TYR B 1782 -5.74 -48.28 101.79
N ASP B 1783 -7.05 -48.54 101.80
CA ASP B 1783 -7.58 -49.71 102.55
C ASP B 1783 -8.94 -50.10 101.98
N VAL B 1784 -9.38 -51.30 102.34
CA VAL B 1784 -10.62 -51.91 101.81
C VAL B 1784 -11.51 -52.27 102.98
N GLU B 1785 -12.73 -52.71 102.65
CA GLU B 1785 -13.71 -53.15 103.64
C GLU B 1785 -14.73 -54.04 102.93
N PHE B 1786 -15.24 -55.05 103.65
CA PHE B 1786 -16.05 -56.10 102.99
C PHE B 1786 -17.33 -56.34 103.78
N ASP B 1787 -18.33 -56.86 103.06
CA ASP B 1787 -19.62 -57.27 103.63
C ASP B 1787 -19.92 -58.68 103.13
N ASP B 1788 -19.63 -59.69 103.94
CA ASP B 1788 -19.76 -61.10 103.51
C ASP B 1788 -21.25 -61.48 103.39
N SER B 1789 -22.17 -60.68 103.92
CA SER B 1789 -23.62 -60.94 103.78
C SER B 1789 -23.99 -60.95 102.29
N GLU B 1790 -23.43 -60.03 101.51
CA GLU B 1790 -23.71 -59.94 100.05
C GLU B 1790 -22.42 -60.11 99.26
N GLN B 1791 -21.32 -60.51 99.92
CA GLN B 1791 -20.00 -60.78 99.27
C GLN B 1791 -19.54 -59.53 98.51
N PHE B 1792 -19.66 -58.35 99.14
CA PHE B 1792 -19.23 -57.08 98.51
C PHE B 1792 -17.91 -56.62 99.11
N ILE B 1793 -17.10 -55.95 98.29
CA ILE B 1793 -15.83 -55.33 98.73
C ILE B 1793 -15.93 -53.83 98.49
N TYR B 1794 -15.66 -53.03 99.53
CA TYR B 1794 -15.85 -51.57 99.49
C TYR B 1794 -14.49 -50.87 99.54
N TRP B 1795 -14.36 -49.79 98.76
CA TRP B 1795 -13.17 -48.92 98.81
C TRP B 1795 -13.60 -47.52 98.36
N VAL B 1796 -12.83 -46.51 98.76
CA VAL B 1796 -13.19 -45.10 98.44
C VAL B 1796 -12.50 -44.68 97.13
N GLU B 1797 -12.97 -43.57 96.55
CA GLU B 1797 -12.36 -42.97 95.35
C GLU B 1797 -12.07 -41.50 95.61
N ASN B 1798 -11.13 -40.94 94.84
CA ASN B 1798 -10.60 -39.58 95.10
C ASN B 1798 -11.71 -38.53 95.00
N PRO B 1799 -12.60 -38.53 94.00
CA PRO B 1799 -13.62 -37.49 93.88
C PRO B 1799 -14.59 -37.39 95.06
N GLY B 1800 -14.45 -38.27 96.08
CA GLY B 1800 -15.34 -38.31 97.25
C GLY B 1800 -16.50 -39.27 97.04
N GLU B 1801 -16.18 -40.51 96.61
CA GLU B 1801 -17.19 -41.54 96.36
C GLU B 1801 -16.75 -42.84 97.03
N ILE B 1802 -17.71 -43.75 97.25
CA ILE B 1802 -17.41 -45.11 97.75
C ILE B 1802 -17.89 -46.10 96.68
N HIS B 1803 -16.99 -46.99 96.26
CA HIS B 1803 -17.30 -47.99 95.20
C HIS B 1803 -17.43 -49.36 95.85
N ARG B 1804 -18.08 -50.28 95.15
CA ARG B 1804 -18.23 -51.66 95.67
C ARG B 1804 -18.30 -52.62 94.49
N VAL B 1805 -17.97 -53.88 94.76
CA VAL B 1805 -18.01 -54.94 93.73
C VAL B 1805 -18.09 -56.28 94.45
N LYS B 1806 -18.76 -57.25 93.82
CA LYS B 1806 -18.84 -58.62 94.37
C LYS B 1806 -17.49 -59.29 94.15
N THR B 1807 -17.25 -60.38 94.88
CA THR B 1807 -15.96 -61.10 94.85
C THR B 1807 -15.70 -61.66 93.46
N ASP B 1808 -16.72 -61.77 92.59
CA ASP B 1808 -16.54 -62.33 91.23
C ASP B 1808 -16.68 -61.24 90.18
N GLY B 1809 -16.79 -59.96 90.58
CA GLY B 1809 -16.79 -58.81 89.65
C GLY B 1809 -18.11 -58.64 88.92
N SER B 1810 -19.23 -58.94 89.60
CA SER B 1810 -20.57 -58.92 88.96
C SER B 1810 -21.19 -57.51 88.99
N ASN B 1811 -21.09 -56.83 90.14
CA ASN B 1811 -21.84 -55.58 90.39
C ASN B 1811 -20.87 -54.45 90.74
N ARG B 1812 -19.86 -54.21 89.90
CA ARG B 1812 -18.93 -53.08 90.12
C ARG B 1812 -19.65 -51.78 89.77
N THR B 1813 -19.94 -50.95 90.78
CA THR B 1813 -20.63 -49.66 90.59
C THR B 1813 -20.15 -48.70 91.67
N VAL B 1814 -20.49 -47.41 91.50
CA VAL B 1814 -20.45 -46.44 92.62
C VAL B 1814 -21.59 -46.77 93.57
N PHE B 1815 -21.43 -46.45 94.85
CA PHE B 1815 -22.44 -46.83 95.86
C PHE B 1815 -23.10 -45.59 96.44
N ALA B 1816 -22.30 -44.60 96.86
CA ALA B 1816 -22.81 -43.38 97.49
C ALA B 1816 -21.73 -42.31 97.46
N PRO B 1817 -22.08 -41.01 97.49
CA PRO B 1817 -21.08 -39.97 97.72
C PRO B 1817 -20.74 -39.86 99.20
N LEU B 1818 -19.45 -39.71 99.52
CA LEU B 1818 -18.97 -39.68 100.92
C LEU B 1818 -18.99 -38.27 101.49
N SER B 1819 -18.25 -37.34 100.88
CA SER B 1819 -18.12 -35.95 101.41
C SER B 1819 -17.91 -35.00 100.25
N LEU B 1820 -18.53 -33.81 100.33
CA LEU B 1820 -18.48 -32.81 99.24
C LEU B 1820 -17.21 -31.97 99.37
N LEU B 1821 -16.48 -32.07 100.49
CA LEU B 1821 -15.34 -31.16 100.75
C LEU B 1821 -14.09 -31.97 101.14
N GLY B 1822 -13.77 -33.00 100.34
CA GLY B 1822 -12.52 -33.75 100.51
C GLY B 1822 -12.73 -35.26 100.42
N SER B 1823 -11.64 -35.98 100.15
CA SER B 1823 -11.68 -37.45 99.98
C SER B 1823 -11.51 -38.15 101.34
N SER B 1824 -12.14 -39.31 101.48
CA SER B 1824 -12.03 -40.12 102.72
C SER B 1824 -10.77 -40.97 102.68
N LEU B 1825 -10.23 -41.30 103.84
CA LEU B 1825 -8.98 -42.10 103.94
C LEU B 1825 -9.29 -43.44 104.61
N GLY B 1826 -9.81 -43.41 105.85
CA GLY B 1826 -10.10 -44.63 106.64
C GLY B 1826 -11.41 -45.27 106.22
N LEU B 1827 -11.58 -46.55 106.58
CA LEU B 1827 -12.84 -47.27 106.29
C LEU B 1827 -13.04 -48.34 107.35
N ALA B 1828 -14.30 -48.52 107.78
CA ALA B 1828 -14.68 -49.54 108.78
C ALA B 1828 -16.17 -49.80 108.65
N LEU B 1829 -16.58 -51.06 108.70
CA LEU B 1829 -17.98 -51.45 108.44
C LEU B 1829 -18.55 -52.11 109.69
N ASP B 1830 -19.80 -51.74 110.00
CA ASP B 1830 -20.59 -52.42 111.04
C ASP B 1830 -21.47 -53.44 110.30
N TRP B 1831 -21.25 -54.73 110.54
CA TRP B 1831 -21.99 -55.80 109.85
C TRP B 1831 -23.26 -56.17 110.63
N VAL B 1832 -23.58 -55.46 111.71
CA VAL B 1832 -24.83 -55.74 112.47
C VAL B 1832 -25.84 -54.64 112.22
N SER B 1833 -25.44 -53.38 112.38
CA SER B 1833 -26.32 -52.22 112.10
C SER B 1833 -26.33 -51.92 110.60
N ARG B 1834 -25.40 -52.51 109.84
CA ARG B 1834 -25.24 -52.24 108.39
C ARG B 1834 -24.96 -50.75 108.17
N ASN B 1835 -23.98 -50.21 108.92
CA ASN B 1835 -23.47 -48.85 108.70
C ASN B 1835 -21.98 -48.94 108.38
N ILE B 1836 -21.49 -47.97 107.60
CA ILE B 1836 -20.04 -47.90 107.28
C ILE B 1836 -19.50 -46.56 107.78
N TYR B 1837 -18.42 -46.62 108.56
CA TYR B 1837 -17.78 -45.42 109.12
C TYR B 1837 -16.52 -45.13 108.32
N TYR B 1838 -16.24 -43.85 108.10
CA TYR B 1838 -15.04 -43.43 107.35
C TYR B 1838 -14.51 -42.13 107.94
N THR B 1839 -13.23 -41.87 107.67
CA THR B 1839 -12.53 -40.67 108.17
C THR B 1839 -12.25 -39.76 106.99
N THR B 1840 -12.36 -38.45 107.21
CA THR B 1840 -12.15 -37.43 106.15
C THR B 1840 -11.07 -36.47 106.64
N PRO B 1841 -9.78 -36.78 106.46
CA PRO B 1841 -8.73 -35.91 107.00
C PRO B 1841 -8.76 -34.50 106.40
N ALA B 1842 -9.30 -34.36 105.17
CA ALA B 1842 -9.48 -33.06 104.50
C ALA B 1842 -10.48 -32.20 105.29
N SER B 1843 -11.45 -32.84 105.98
CA SER B 1843 -12.52 -32.13 106.71
C SER B 1843 -12.38 -32.37 108.21
N ARG B 1844 -11.35 -33.12 108.65
CA ARG B 1844 -11.03 -33.34 110.08
C ARG B 1844 -12.24 -33.96 110.80
N SER B 1845 -12.95 -34.89 110.16
CA SER B 1845 -14.19 -35.45 110.73
C SER B 1845 -14.21 -36.98 110.60
N ILE B 1846 -14.98 -37.62 111.47
CA ILE B 1846 -15.33 -39.05 111.35
C ILE B 1846 -16.81 -39.12 111.01
N GLU B 1847 -17.15 -39.83 109.94
CA GLU B 1847 -18.54 -39.81 109.43
C GLU B 1847 -19.09 -41.24 109.31
N VAL B 1848 -20.42 -41.34 109.14
CA VAL B 1848 -21.10 -42.65 109.01
C VAL B 1848 -21.97 -42.60 107.74
N LEU B 1849 -22.27 -43.77 107.20
CA LEU B 1849 -23.13 -43.91 106.01
C LEU B 1849 -23.95 -45.19 106.17
N THR B 1850 -25.17 -45.16 105.63
CA THR B 1850 -26.16 -46.24 105.85
C THR B 1850 -26.18 -47.14 104.60
N LEU B 1851 -26.17 -48.46 104.80
CA LEU B 1851 -26.19 -49.41 103.66
C LEU B 1851 -27.63 -49.83 103.36
N LYS B 1852 -28.49 -49.92 104.37
CA LYS B 1852 -29.86 -50.49 104.19
C LYS B 1852 -30.72 -49.52 103.37
N GLY B 1853 -31.61 -50.08 102.54
CA GLY B 1853 -32.59 -49.31 101.78
C GLY B 1853 -31.99 -48.69 100.52
N ASP B 1854 -32.83 -48.02 99.74
CA ASP B 1854 -32.45 -47.46 98.42
C ASP B 1854 -32.06 -45.99 98.59
N THR B 1855 -32.25 -45.40 99.78
CA THR B 1855 -31.86 -43.99 100.04
C THR B 1855 -30.68 -43.98 101.01
N ARG B 1856 -29.62 -43.25 100.64
CA ARG B 1856 -28.40 -43.18 101.46
C ARG B 1856 -28.55 -42.06 102.48
N TYR B 1857 -28.14 -42.33 103.72
CA TYR B 1857 -28.15 -41.30 104.79
C TYR B 1857 -26.76 -41.23 105.41
N GLY B 1858 -26.22 -40.01 105.48
CA GLY B 1858 -24.85 -39.76 105.95
C GLY B 1858 -24.85 -38.71 107.05
N LYS B 1859 -23.96 -38.88 108.03
CA LYS B 1859 -23.86 -37.95 109.18
C LYS B 1859 -22.39 -37.80 109.55
N THR B 1860 -22.03 -36.64 110.11
CA THR B 1860 -20.70 -36.44 110.71
C THR B 1860 -20.81 -36.68 112.21
N LEU B 1861 -20.00 -37.60 112.74
CA LEU B 1861 -20.08 -37.98 114.18
C LEU B 1861 -19.20 -37.04 115.02
N ILE B 1862 -17.92 -36.97 114.68
CA ILE B 1862 -16.95 -36.20 115.51
C ILE B 1862 -16.23 -35.21 114.59
N ALA B 1863 -16.02 -33.98 115.08
CA ALA B 1863 -15.33 -32.94 114.30
C ALA B 1863 -14.15 -32.41 115.13
N ASN B 1864 -13.52 -31.35 114.62
CA ASN B 1864 -12.32 -30.78 115.27
C ASN B 1864 -12.74 -29.53 116.05
N ASP B 1865 -13.14 -29.72 117.30
CA ASP B 1865 -13.30 -28.58 118.23
C ASP B 1865 -11.92 -28.28 118.82
N GLY B 1866 -11.84 -27.27 119.70
CA GLY B 1866 -10.58 -26.87 120.33
C GLY B 1866 -10.05 -27.93 121.28
N THR B 1867 -10.94 -28.78 121.83
CA THR B 1867 -10.58 -29.71 122.91
C THR B 1867 -9.69 -30.84 122.39
N PRO B 1868 -8.81 -31.40 123.24
CA PRO B 1868 -8.03 -32.59 122.85
C PRO B 1868 -8.90 -33.83 122.55
N LEU B 1869 -10.13 -33.88 123.07
CA LEU B 1869 -11.00 -35.06 122.90
C LEU B 1869 -11.51 -35.15 121.46
N GLY B 1870 -11.45 -34.03 120.70
CA GLY B 1870 -11.96 -33.99 119.32
C GLY B 1870 -11.06 -34.76 118.36
N VAL B 1871 -11.39 -34.63 117.08
CA VAL B 1871 -10.63 -35.33 116.01
C VAL B 1871 -9.63 -34.35 115.40
N GLY B 1872 -8.35 -34.70 115.46
CA GLY B 1872 -7.26 -33.85 114.93
C GLY B 1872 -7.01 -34.15 113.47
N PHE B 1873 -6.69 -35.42 113.17
CA PHE B 1873 -6.31 -35.86 111.80
C PHE B 1873 -6.46 -37.38 111.77
N PRO B 1874 -7.67 -37.89 111.49
CA PRO B 1874 -7.93 -39.31 111.65
C PRO B 1874 -7.27 -40.12 110.53
N VAL B 1875 -6.58 -41.20 110.90
CA VAL B 1875 -5.90 -42.05 109.91
C VAL B 1875 -6.66 -43.36 109.78
N GLY B 1876 -6.71 -44.12 110.88
CA GLY B 1876 -7.36 -45.45 110.90
C GLY B 1876 -8.60 -45.45 111.76
N ILE B 1877 -9.46 -46.45 111.56
CA ILE B 1877 -10.73 -46.57 112.33
C ILE B 1877 -11.11 -48.05 112.38
N ALA B 1878 -11.49 -48.51 113.58
CA ALA B 1878 -11.92 -49.91 113.80
C ALA B 1878 -13.15 -49.87 114.71
N VAL B 1879 -14.19 -50.63 114.34
CA VAL B 1879 -15.48 -50.57 115.06
C VAL B 1879 -15.74 -51.92 115.73
N ASP B 1880 -16.36 -51.86 116.90
CA ASP B 1880 -16.84 -53.06 117.62
C ASP B 1880 -18.37 -52.99 117.66
N PRO B 1881 -19.09 -53.70 116.76
CA PRO B 1881 -20.54 -53.59 116.72
C PRO B 1881 -21.21 -53.90 118.06
N ALA B 1882 -20.86 -55.03 118.68
CA ALA B 1882 -21.25 -55.30 120.07
C ALA B 1882 -20.50 -54.33 120.98
N ARG B 1883 -21.11 -53.99 122.13
CA ARG B 1883 -20.49 -53.12 123.15
C ARG B 1883 -20.45 -51.68 122.63
N GLY B 1884 -20.86 -51.45 121.36
CA GLY B 1884 -21.13 -50.10 120.83
C GLY B 1884 -19.94 -49.16 120.98
N LYS B 1885 -18.75 -49.58 120.55
CA LYS B 1885 -17.52 -48.77 120.69
C LYS B 1885 -16.84 -48.60 119.34
N LEU B 1886 -16.22 -47.42 119.16
CA LEU B 1886 -15.51 -47.04 117.92
C LEU B 1886 -14.15 -46.50 118.29
N TYR B 1887 -13.09 -47.01 117.63
CA TYR B 1887 -11.69 -46.64 117.94
C TYR B 1887 -11.04 -46.06 116.69
N TRP B 1888 -10.21 -45.03 116.87
CA TRP B 1888 -9.50 -44.40 115.74
C TRP B 1888 -8.14 -43.91 116.20
N SER B 1889 -7.21 -43.83 115.25
CA SER B 1889 -5.83 -43.33 115.49
C SER B 1889 -5.72 -41.92 114.92
N ASP B 1890 -5.20 -41.00 115.73
CA ASP B 1890 -5.20 -39.56 115.39
C ASP B 1890 -3.75 -39.08 115.31
N HIS B 1891 -3.40 -38.36 114.25
CA HIS B 1891 -2.05 -37.77 114.10
C HIS B 1891 -1.90 -36.52 114.98
N GLY B 1892 -3.01 -35.94 115.47
CA GLY B 1892 -2.99 -34.69 116.24
C GLY B 1892 -2.83 -33.48 115.34
N THR B 1893 -2.76 -32.29 115.95
CA THR B 1893 -2.62 -31.03 115.20
C THR B 1893 -1.62 -30.12 115.92
N ASP B 1894 -1.27 -29.00 115.29
CA ASP B 1894 -0.48 -27.94 115.95
C ASP B 1894 -1.45 -27.14 116.82
N SER B 1895 -2.23 -27.85 117.64
CA SER B 1895 -3.30 -27.29 118.48
C SER B 1895 -3.46 -28.16 119.72
N GLY B 1896 -4.61 -28.07 120.41
CA GLY B 1896 -4.84 -28.86 121.64
C GLY B 1896 -4.76 -30.36 121.39
N VAL B 1897 -5.09 -30.82 120.17
CA VAL B 1897 -5.26 -32.27 119.91
C VAL B 1897 -3.88 -32.91 119.76
N PRO B 1898 -3.49 -33.86 120.62
CA PRO B 1898 -2.23 -34.57 120.46
C PRO B 1898 -2.38 -35.83 119.60
N ALA B 1899 -1.24 -36.42 119.23
CA ALA B 1899 -1.23 -37.73 118.55
C ALA B 1899 -1.67 -38.79 119.56
N LYS B 1900 -2.71 -39.56 119.23
CA LYS B 1900 -3.33 -40.42 120.26
C LYS B 1900 -4.06 -41.60 119.61
N ILE B 1901 -4.37 -42.59 120.45
CA ILE B 1901 -5.36 -43.63 120.13
C ILE B 1901 -6.61 -43.30 120.94
N ALA B 1902 -7.71 -42.99 120.26
CA ALA B 1902 -8.94 -42.49 120.93
C ALA B 1902 -10.09 -43.47 120.70
N SER B 1903 -11.07 -43.42 121.60
CA SER B 1903 -12.27 -44.29 121.53
C SER B 1903 -13.52 -43.43 121.74
N ALA B 1904 -14.64 -43.91 121.21
CA ALA B 1904 -15.95 -43.24 121.35
C ALA B 1904 -17.05 -44.23 121.05
N ASN B 1905 -18.24 -43.94 121.56
CA ASN B 1905 -19.45 -44.73 121.22
C ASN B 1905 -19.78 -44.46 119.75
N MET B 1906 -20.37 -45.43 119.07
CA MET B 1906 -20.60 -45.31 117.62
C MET B 1906 -21.68 -44.26 117.33
N ASP B 1907 -22.34 -43.71 118.36
CA ASP B 1907 -23.17 -42.50 118.18
C ASP B 1907 -22.35 -41.23 118.39
N GLY B 1908 -21.06 -41.36 118.78
CA GLY B 1908 -20.11 -40.24 118.82
C GLY B 1908 -20.21 -39.39 120.09
N THR B 1909 -20.76 -39.90 121.18
CA THR B 1909 -20.92 -39.08 122.42
C THR B 1909 -19.68 -39.13 123.28
N SER B 1910 -19.28 -40.32 123.77
CA SER B 1910 -18.29 -40.43 124.87
C SER B 1910 -16.87 -40.48 124.31
N LEU B 1911 -16.34 -39.30 123.96
CA LEU B 1911 -14.95 -39.19 123.45
C LEU B 1911 -13.98 -39.50 124.59
N LYS B 1912 -12.94 -40.27 124.30
CA LYS B 1912 -11.94 -40.67 125.32
C LYS B 1912 -10.57 -40.82 124.66
N ILE B 1913 -9.51 -40.48 125.39
CA ILE B 1913 -8.12 -40.70 124.91
C ILE B 1913 -7.57 -41.93 125.63
N LEU B 1914 -7.24 -42.97 124.88
CA LEU B 1914 -6.76 -44.25 125.46
C LEU B 1914 -5.25 -44.21 125.64
N PHE B 1915 -4.48 -44.02 124.56
CA PHE B 1915 -3.01 -44.05 124.60
C PHE B 1915 -2.48 -42.75 124.00
N THR B 1916 -1.42 -42.22 124.60
CA THR B 1916 -0.70 -41.06 124.03
C THR B 1916 0.76 -41.17 124.43
N GLY B 1917 1.62 -40.46 123.70
CA GLY B 1917 3.07 -40.41 123.98
C GLY B 1917 3.84 -40.34 122.67
N ASN B 1918 4.89 -41.15 122.55
CA ASN B 1918 5.74 -41.16 121.34
C ASN B 1918 4.99 -41.90 120.22
N LEU B 1919 3.94 -41.28 119.66
CA LEU B 1919 3.15 -41.87 118.56
C LEU B 1919 3.29 -41.03 117.29
N GLN B 1920 4.47 -40.43 117.06
CA GLN B 1920 4.68 -39.62 115.84
C GLN B 1920 4.61 -40.54 114.61
N HIS B 1921 3.95 -40.06 113.55
CA HIS B 1921 3.68 -40.85 112.31
C HIS B 1921 2.97 -42.16 112.68
N LEU B 1922 1.76 -42.03 113.23
CA LEU B 1922 0.89 -43.18 113.51
C LEU B 1922 0.40 -43.80 112.21
N GLU B 1923 0.03 -45.07 112.29
CA GLU B 1923 -0.57 -45.78 111.13
C GLU B 1923 -1.92 -46.34 111.55
N VAL B 1924 -2.52 -47.16 110.68
CA VAL B 1924 -3.89 -47.66 110.86
C VAL B 1924 -3.96 -48.41 112.20
N VAL B 1925 -5.15 -48.40 112.81
CA VAL B 1925 -5.39 -49.08 114.11
C VAL B 1925 -6.29 -50.28 113.83
N THR B 1926 -6.03 -51.38 114.54
CA THR B 1926 -6.74 -52.66 114.31
C THR B 1926 -7.26 -53.17 115.64
N LEU B 1927 -8.49 -53.70 115.65
CA LEU B 1927 -9.10 -54.24 116.89
C LEU B 1927 -9.21 -55.76 116.79
N ASP B 1928 -8.78 -56.49 117.82
CA ASP B 1928 -9.05 -57.94 117.92
C ASP B 1928 -10.28 -58.11 118.80
N ILE B 1929 -11.47 -58.29 118.20
CA ILE B 1929 -12.76 -58.29 118.94
C ILE B 1929 -12.78 -59.44 119.95
N GLN B 1930 -12.28 -60.62 119.56
CA GLN B 1930 -12.34 -61.83 120.43
C GLN B 1930 -11.53 -61.62 121.71
N GLU B 1931 -10.50 -60.78 121.67
CA GLU B 1931 -9.58 -60.54 122.81
C GLU B 1931 -9.71 -59.12 123.37
N GLN B 1932 -10.48 -58.23 122.72
CA GLN B 1932 -10.60 -56.79 123.11
C GLN B 1932 -9.22 -56.16 123.24
N LYS B 1933 -8.40 -56.32 122.20
CA LYS B 1933 -7.03 -55.77 122.16
C LYS B 1933 -6.88 -54.88 120.93
N LEU B 1934 -6.33 -53.68 121.12
CA LEU B 1934 -6.05 -52.73 119.99
C LEU B 1934 -4.63 -52.98 119.48
N TYR B 1935 -4.41 -52.96 118.18
CA TYR B 1935 -3.08 -53.13 117.57
C TYR B 1935 -2.88 -51.94 116.66
N TRP B 1936 -1.66 -51.39 116.63
CA TRP B 1936 -1.34 -50.26 115.73
C TRP B 1936 0.16 -50.29 115.45
N ALA B 1937 0.59 -49.52 114.46
CA ALA B 1937 1.99 -49.41 114.05
C ALA B 1937 2.46 -47.96 114.18
N VAL B 1938 3.70 -47.78 114.61
CA VAL B 1938 4.31 -46.44 114.73
C VAL B 1938 5.52 -46.40 113.79
N THR B 1939 5.48 -45.53 112.78
CA THR B 1939 6.54 -45.47 111.75
C THR B 1939 7.78 -44.77 112.32
N SER B 1940 7.59 -43.76 113.19
CA SER B 1940 8.73 -42.96 113.71
C SER B 1940 9.70 -43.85 114.49
N ARG B 1941 9.19 -44.89 115.17
CA ARG B 1941 10.05 -45.87 115.89
C ARG B 1941 10.16 -47.19 115.14
N GLY B 1942 9.31 -47.43 114.12
CA GLY B 1942 9.34 -48.67 113.35
C GLY B 1942 8.90 -49.86 114.19
N VAL B 1943 7.84 -49.69 114.99
CA VAL B 1943 7.35 -50.77 115.86
C VAL B 1943 5.85 -50.95 115.64
N ILE B 1944 5.37 -52.14 116.03
CA ILE B 1944 3.91 -52.40 116.12
C ILE B 1944 3.60 -52.62 117.61
N GLU B 1945 2.66 -51.83 118.14
CA GLU B 1945 2.32 -51.90 119.58
C GLU B 1945 0.90 -52.44 119.73
N ARG B 1946 0.58 -52.95 120.92
CA ARG B 1946 -0.81 -53.36 121.22
C ARG B 1946 -1.15 -52.88 122.62
N GLY B 1947 -2.45 -52.81 122.91
CA GLY B 1947 -2.93 -52.40 124.23
C GLY B 1947 -4.39 -52.74 124.42
N ASN B 1948 -4.83 -52.77 125.67
CA ASN B 1948 -6.23 -53.06 126.00
C ASN B 1948 -7.11 -51.88 125.59
N VAL B 1949 -8.38 -52.16 125.35
CA VAL B 1949 -9.37 -51.12 124.93
C VAL B 1949 -9.57 -50.13 126.07
N ASP B 1950 -9.30 -50.51 127.32
CA ASP B 1950 -9.50 -49.60 128.47
C ASP B 1950 -8.30 -48.67 128.65
N GLY B 1951 -7.22 -48.88 127.87
CA GLY B 1951 -6.05 -47.98 127.90
C GLY B 1951 -5.11 -48.28 129.03
N THR B 1952 -5.13 -49.51 129.59
CA THR B 1952 -4.26 -49.85 130.74
C THR B 1952 -2.88 -50.35 130.26
N GLU B 1953 -2.85 -51.45 129.50
CA GLU B 1953 -1.57 -52.11 129.15
C GLU B 1953 -1.07 -51.59 127.80
N ARG B 1954 0.25 -51.57 127.63
CA ARG B 1954 0.86 -51.25 126.31
C ARG B 1954 2.25 -51.88 126.25
N MET B 1955 2.56 -52.53 125.13
CA MET B 1955 3.88 -53.15 124.93
C MET B 1955 4.23 -53.15 123.44
N ILE B 1956 5.52 -53.14 123.14
CA ILE B 1956 6.02 -53.22 121.74
C ILE B 1956 6.03 -54.70 121.34
N LEU B 1957 5.40 -55.03 120.22
CA LEU B 1957 5.23 -56.44 119.79
C LEU B 1957 6.27 -56.80 118.72
N VAL B 1958 6.48 -55.91 117.73
CA VAL B 1958 7.40 -56.19 116.59
C VAL B 1958 8.38 -55.01 116.49
N HIS B 1959 9.66 -55.31 116.23
CA HIS B 1959 10.73 -54.29 116.19
C HIS B 1959 11.31 -54.19 114.79
N HIS B 1960 12.06 -53.09 114.55
CA HIS B 1960 12.94 -52.92 113.37
C HIS B 1960 12.13 -53.02 112.07
N LEU B 1961 10.90 -52.49 112.04
CA LEU B 1961 10.18 -52.36 110.76
C LEU B 1961 10.56 -51.03 110.10
N ALA B 1962 10.39 -50.93 108.78
CA ALA B 1962 10.82 -49.76 108.00
C ALA B 1962 9.66 -48.77 107.86
N HIS B 1963 8.56 -49.20 107.24
CA HIS B 1963 7.37 -48.34 107.08
C HIS B 1963 6.12 -49.21 107.06
N PRO B 1964 5.63 -49.65 108.23
CA PRO B 1964 4.43 -50.46 108.30
C PRO B 1964 3.24 -49.65 107.77
N TRP B 1965 2.40 -50.29 106.96
CA TRP B 1965 1.27 -49.56 106.34
C TRP B 1965 -0.05 -50.21 106.76
N GLY B 1966 -0.14 -51.54 106.59
CA GLY B 1966 -1.34 -52.32 106.96
C GLY B 1966 -1.03 -53.31 108.06
N LEU B 1967 -2.04 -53.64 108.86
CA LEU B 1967 -1.94 -54.75 109.83
C LEU B 1967 -3.36 -55.21 110.18
N VAL B 1968 -3.49 -56.52 110.45
CA VAL B 1968 -4.81 -57.12 110.72
C VAL B 1968 -4.56 -58.36 111.59
N VAL B 1969 -5.47 -58.61 112.55
CA VAL B 1969 -5.36 -59.80 113.43
C VAL B 1969 -6.45 -60.79 113.02
N TYR B 1970 -6.07 -62.04 112.78
CA TYR B 1970 -7.05 -63.11 112.46
C TYR B 1970 -6.56 -64.44 113.04
N GLY B 1971 -7.42 -65.08 113.85
CA GLY B 1971 -7.04 -66.28 114.61
C GLY B 1971 -5.84 -66.02 115.48
N SER B 1972 -4.82 -66.90 115.40
CA SER B 1972 -3.61 -66.84 116.25
C SER B 1972 -2.62 -65.76 115.76
N PHE B 1973 -2.88 -65.10 114.62
CA PHE B 1973 -1.80 -64.40 113.89
C PHE B 1973 -2.09 -62.91 113.68
N LEU B 1974 -1.00 -62.15 113.60
CA LEU B 1974 -0.98 -60.76 113.10
C LEU B 1974 -0.31 -60.78 111.73
N TYR B 1975 -0.99 -60.25 110.72
CA TYR B 1975 -0.41 -60.07 109.37
C TYR B 1975 -0.10 -58.58 109.22
N TYR B 1976 1.05 -58.22 108.64
CA TYR B 1976 1.35 -56.80 108.37
C TYR B 1976 2.06 -56.63 107.03
N SER B 1977 1.82 -55.49 106.38
CA SER B 1977 2.47 -55.11 105.10
C SER B 1977 3.47 -54.00 105.39
N ASP B 1978 4.72 -54.19 104.97
CA ASP B 1978 5.74 -53.12 105.09
C ASP B 1978 6.01 -52.58 103.68
N GLU B 1979 5.78 -51.28 103.52
CA GLU B 1979 5.81 -50.62 102.20
C GLU B 1979 7.26 -50.44 101.74
N GLN B 1980 8.22 -50.42 102.68
CA GLN B 1980 9.64 -50.13 102.35
C GLN B 1980 10.43 -51.43 102.20
N TYR B 1981 10.04 -52.51 102.87
CA TYR B 1981 10.61 -53.86 102.67
C TYR B 1981 9.92 -54.61 101.51
N GLU B 1982 8.85 -54.08 100.92
CA GLU B 1982 8.10 -54.72 99.79
C GLU B 1982 7.53 -56.09 100.21
N VAL B 1983 7.12 -56.26 101.48
CA VAL B 1983 6.87 -57.62 102.04
C VAL B 1983 5.54 -57.68 102.80
N ILE B 1984 4.84 -58.82 102.71
CA ILE B 1984 3.71 -59.16 103.61
C ILE B 1984 4.18 -60.28 104.55
N GLU B 1985 4.05 -60.09 105.86
CA GLU B 1985 4.58 -61.06 106.84
C GLU B 1985 3.49 -61.47 107.83
N ARG B 1986 3.56 -62.73 108.30
CA ARG B 1986 2.66 -63.29 109.33
C ARG B 1986 3.49 -63.56 110.58
N VAL B 1987 2.92 -63.25 111.75
CA VAL B 1987 3.62 -63.30 113.06
C VAL B 1987 2.62 -63.79 114.12
N ASP B 1988 3.10 -64.45 115.17
CA ASP B 1988 2.22 -64.89 116.28
C ASP B 1988 1.72 -63.69 117.09
N LYS B 1989 0.41 -63.47 117.18
CA LYS B 1989 -0.18 -62.20 117.68
C LYS B 1989 0.08 -61.97 119.17
N SER B 1990 0.47 -63.01 119.92
CA SER B 1990 0.65 -62.96 121.39
C SER B 1990 2.03 -62.42 121.78
N SER B 1991 3.02 -62.48 120.88
CA SER B 1991 4.44 -62.29 121.25
C SER B 1991 5.28 -61.60 120.18
N GLY B 1992 4.84 -61.59 118.91
CA GLY B 1992 5.65 -61.06 117.80
C GLY B 1992 6.65 -62.06 117.24
N ASN B 1993 6.71 -63.28 117.80
CA ASN B 1993 7.65 -64.34 117.36
C ASN B 1993 7.19 -65.03 116.07
N ASN B 1994 8.05 -65.90 115.52
CA ASN B 1994 7.72 -66.92 114.48
C ASN B 1994 7.28 -66.27 113.15
N LYS B 1995 8.03 -65.25 112.73
CA LYS B 1995 7.80 -64.52 111.47
C LYS B 1995 7.86 -65.43 110.24
N VAL B 1996 6.90 -65.24 109.34
CA VAL B 1996 6.77 -65.97 108.04
C VAL B 1996 6.50 -64.94 106.95
N VAL B 1997 6.96 -65.19 105.71
CA VAL B 1997 6.76 -64.23 104.59
C VAL B 1997 5.71 -64.80 103.65
N LEU B 1998 4.61 -64.07 103.43
CA LEU B 1998 3.55 -64.49 102.48
C LEU B 1998 3.93 -64.09 101.05
N ARG B 1999 4.36 -62.85 100.85
CA ARG B 1999 4.72 -62.22 99.55
C ARG B 1999 5.93 -61.32 99.79
N ASP B 2000 6.77 -61.16 98.76
CA ASP B 2000 7.94 -60.26 98.82
C ASP B 2000 8.20 -59.67 97.42
N ASN B 2001 9.02 -58.62 97.36
CA ASN B 2001 9.29 -57.85 96.11
C ASN B 2001 7.97 -57.37 95.49
N VAL B 2002 6.95 -57.09 96.30
CA VAL B 2002 5.67 -56.50 95.81
C VAL B 2002 5.70 -54.99 96.09
N PRO B 2003 5.80 -54.13 95.06
CA PRO B 2003 5.82 -52.70 95.29
C PRO B 2003 4.43 -52.14 95.62
N TYR B 2004 4.42 -50.90 96.12
CA TYR B 2004 3.19 -50.13 96.43
C TYR B 2004 2.29 -50.92 97.38
N LEU B 2005 2.87 -51.59 98.40
CA LEU B 2005 2.02 -52.28 99.41
C LEU B 2005 1.27 -51.22 100.22
N ARG B 2006 -0.01 -51.50 100.46
CA ARG B 2006 -0.92 -50.67 101.28
C ARG B 2006 -1.59 -51.56 102.32
N GLY B 2007 -2.65 -51.04 102.96
CA GLY B 2007 -3.36 -51.70 104.07
C GLY B 2007 -3.74 -53.14 103.78
N LEU B 2008 -4.17 -53.84 104.83
CA LEU B 2008 -4.55 -55.27 104.77
C LEU B 2008 -5.89 -55.45 105.48
N ARG B 2009 -6.60 -56.50 105.08
CA ARG B 2009 -7.84 -56.91 105.79
C ARG B 2009 -8.15 -58.35 105.41
N VAL B 2010 -8.66 -59.11 106.37
CA VAL B 2010 -8.92 -60.56 106.14
C VAL B 2010 -10.41 -60.75 105.88
N TYR B 2011 -10.74 -61.24 104.68
CA TYR B 2011 -12.13 -61.56 104.33
C TYR B 2011 -12.48 -62.89 105.01
N HIS B 2012 -13.57 -62.88 105.76
CA HIS B 2012 -14.09 -64.11 106.38
C HIS B 2012 -15.57 -63.91 106.66
N ARG B 2013 -16.26 -65.04 106.87
CA ARG B 2013 -17.70 -65.03 107.21
C ARG B 2013 -17.85 -64.70 108.69
N ARG B 2014 -18.51 -63.58 108.97
CA ARG B 2014 -18.86 -63.21 110.37
C ARG B 2014 -20.38 -63.02 110.44
N ASN B 2015 -21.03 -63.76 111.34
CA ASN B 2015 -22.51 -63.72 111.45
C ASN B 2015 -22.89 -62.51 112.31
N ALA B 2016 -23.95 -61.79 111.89
CA ALA B 2016 -24.53 -60.69 112.69
C ALA B 2016 -25.23 -61.29 113.92
N ALA B 2017 -25.74 -62.52 113.81
CA ALA B 2017 -26.52 -63.18 114.88
C ALA B 2017 -25.66 -63.35 116.15
N ASP B 2018 -24.41 -63.78 115.99
CA ASP B 2018 -23.53 -64.07 117.15
C ASP B 2018 -23.10 -62.76 117.82
N SER B 2019 -23.24 -61.62 117.13
CA SER B 2019 -22.75 -60.32 117.64
C SER B 2019 -23.84 -59.25 117.52
N SER B 2020 -25.09 -59.59 117.89
CA SER B 2020 -26.24 -58.66 117.74
C SER B 2020 -26.06 -57.47 118.68
N ASN B 2021 -26.71 -56.35 118.32
CA ASN B 2021 -26.70 -55.13 119.16
C ASN B 2021 -28.10 -54.52 119.16
N GLY B 2022 -28.20 -53.29 119.65
CA GLY B 2022 -29.48 -52.56 119.71
C GLY B 2022 -30.10 -52.39 118.34
N CYS B 2023 -29.28 -52.02 117.35
CA CYS B 2023 -29.77 -51.68 115.99
C CYS B 2023 -30.22 -52.93 115.24
N SER B 2024 -29.91 -54.13 115.73
CA SER B 2024 -30.36 -55.40 115.10
C SER B 2024 -31.60 -55.95 115.82
N ASN B 2025 -31.67 -55.78 117.14
CA ASN B 2025 -32.84 -56.29 117.91
C ASN B 2025 -34.06 -55.41 117.61
N ASN B 2026 -33.85 -54.14 117.23
CA ASN B 2026 -34.96 -53.20 116.98
C ASN B 2026 -34.83 -52.62 115.57
N PRO B 2027 -35.00 -53.41 114.49
CA PRO B 2027 -34.89 -52.87 113.15
C PRO B 2027 -36.07 -51.94 112.83
N ASN B 2028 -35.82 -50.98 111.93
CA ASN B 2028 -36.85 -50.03 111.42
C ASN B 2028 -37.44 -49.20 112.58
N ALA B 2029 -36.69 -49.04 113.68
CA ALA B 2029 -37.12 -48.15 114.79
C ALA B 2029 -36.84 -46.69 114.39
N CYS B 2030 -35.62 -46.41 113.89
CA CYS B 2030 -35.23 -45.02 113.53
C CYS B 2030 -35.62 -44.73 112.08
N GLN B 2031 -36.02 -43.49 111.81
CA GLN B 2031 -36.47 -43.08 110.46
C GLN B 2031 -35.30 -43.18 109.46
N GLN B 2032 -34.11 -42.73 109.85
CA GLN B 2032 -33.00 -42.61 108.86
C GLN B 2032 -31.82 -43.48 109.26
N ILE B 2033 -31.23 -43.24 110.43
CA ILE B 2033 -29.94 -43.90 110.82
C ILE B 2033 -30.09 -44.45 112.23
N CYS B 2034 -29.55 -45.65 112.46
CA CYS B 2034 -29.48 -46.26 113.81
C CYS B 2034 -28.00 -46.42 114.19
N LEU B 2035 -27.63 -46.02 115.40
CA LEU B 2035 -26.24 -46.14 115.87
C LEU B 2035 -26.23 -46.86 117.22
N PRO B 2036 -25.57 -48.02 117.36
CA PRO B 2036 -25.54 -48.72 118.64
C PRO B 2036 -24.66 -48.00 119.66
N VAL B 2037 -24.96 -48.25 120.93
CA VAL B 2037 -24.24 -47.63 122.08
C VAL B 2037 -23.97 -48.74 123.10
N PRO B 2038 -23.04 -48.55 124.05
CA PRO B 2038 -22.77 -49.60 125.03
C PRO B 2038 -24.01 -49.97 125.87
N GLY B 2039 -24.10 -51.27 126.22
CA GLY B 2039 -25.14 -51.82 127.08
C GLY B 2039 -26.33 -52.35 126.29
N GLY B 2040 -26.14 -52.57 124.97
CA GLY B 2040 -27.15 -53.22 124.10
C GLY B 2040 -28.24 -52.25 123.66
N MET B 2041 -28.12 -50.95 123.99
CA MET B 2041 -29.13 -49.94 123.61
C MET B 2041 -28.82 -49.47 122.18
N PHE B 2042 -29.60 -48.51 121.68
CA PHE B 2042 -29.36 -47.91 120.35
C PHE B 2042 -29.74 -46.44 120.41
N SER B 2043 -29.18 -45.65 119.49
CA SER B 2043 -29.38 -44.19 119.42
C SER B 2043 -29.82 -43.84 118.00
N CYS B 2044 -31.02 -43.27 117.85
CA CYS B 2044 -31.49 -42.83 116.51
C CYS B 2044 -30.71 -41.57 116.10
N ALA B 2045 -30.44 -41.44 114.80
CA ALA B 2045 -29.72 -40.28 114.25
C ALA B 2045 -30.34 -39.90 112.90
N CYS B 2046 -30.07 -38.67 112.47
CA CYS B 2046 -30.63 -38.13 111.20
C CYS B 2046 -29.47 -37.77 110.27
N ALA B 2047 -29.78 -37.73 108.97
CA ALA B 2047 -28.78 -37.43 107.92
C ALA B 2047 -28.29 -36.00 108.11
N SER B 2048 -27.26 -35.62 107.35
CA SER B 2048 -26.69 -34.26 107.33
C SER B 2048 -27.79 -33.25 106.99
N GLY B 2049 -27.94 -32.22 107.84
CA GLY B 2049 -28.90 -31.11 107.64
C GLY B 2049 -30.23 -31.35 108.32
N PHE B 2050 -30.40 -32.41 109.11
CA PHE B 2050 -31.64 -32.66 109.86
C PHE B 2050 -31.31 -32.81 111.34
N LYS B 2051 -32.27 -32.46 112.19
CA LYS B 2051 -32.15 -32.60 113.66
C LYS B 2051 -33.16 -33.63 114.15
N LEU B 2052 -32.78 -34.43 115.14
CA LEU B 2052 -33.67 -35.48 115.68
C LEU B 2052 -34.80 -34.81 116.45
N SER B 2053 -36.04 -35.22 116.17
CA SER B 2053 -37.24 -34.71 116.87
C SER B 2053 -37.24 -35.20 118.32
N PRO B 2054 -37.94 -34.51 119.24
CA PRO B 2054 -37.97 -34.95 120.64
C PRO B 2054 -38.54 -36.36 120.85
N ASP B 2055 -39.36 -36.86 119.90
CA ASP B 2055 -39.97 -38.20 119.99
C ASP B 2055 -38.88 -39.27 119.92
N GLY B 2056 -37.67 -38.94 119.42
CA GLY B 2056 -36.52 -39.87 119.39
C GLY B 2056 -36.54 -40.80 118.20
N ARG B 2057 -37.47 -40.64 117.25
CA ARG B 2057 -37.51 -41.54 116.07
C ARG B 2057 -37.51 -40.73 114.77
N SER B 2058 -38.20 -39.59 114.72
CA SER B 2058 -38.41 -38.83 113.47
C SER B 2058 -37.29 -37.79 113.29
N CYS B 2059 -37.25 -37.19 112.09
CA CYS B 2059 -36.21 -36.18 111.75
C CYS B 2059 -36.91 -34.92 111.22
N SER B 2060 -36.41 -33.76 111.63
CA SER B 2060 -36.86 -32.45 111.12
C SER B 2060 -35.63 -31.61 110.76
N PRO B 2061 -35.71 -30.72 109.76
CA PRO B 2061 -34.57 -29.89 109.40
C PRO B 2061 -34.18 -28.93 110.54
N TYR B 2062 -32.86 -28.65 110.63
CA TYR B 2062 -32.32 -27.69 111.63
C TYR B 2062 -32.99 -26.32 111.45
N ASN B 2063 -33.57 -25.80 112.53
CA ASN B 2063 -34.23 -24.48 112.50
C ASN B 2063 -33.33 -23.43 113.15
N SER B 2064 -32.26 -23.83 113.86
CA SER B 2064 -31.32 -22.88 114.49
C SER B 2064 -29.89 -23.37 114.29
N PHE B 2065 -29.11 -22.69 113.45
CA PHE B 2065 -27.69 -23.01 113.24
C PHE B 2065 -26.97 -21.77 112.74
N MET B 2066 -25.64 -21.82 112.76
CA MET B 2066 -24.79 -20.71 112.28
C MET B 2066 -24.24 -21.08 110.89
N VAL B 2067 -24.25 -20.11 109.98
CA VAL B 2067 -23.79 -20.35 108.58
C VAL B 2067 -22.40 -19.76 108.43
N VAL B 2068 -21.40 -20.64 108.41
CA VAL B 2068 -19.99 -20.22 108.28
C VAL B 2068 -19.63 -20.24 106.79
N SER B 2069 -19.04 -19.16 106.32
CA SER B 2069 -18.70 -18.97 104.90
C SER B 2069 -17.18 -19.10 104.73
N MET B 2070 -16.76 -19.96 103.81
CA MET B 2070 -15.33 -20.11 103.47
C MET B 2070 -15.19 -19.95 101.97
N LEU B 2071 -13.97 -19.75 101.48
CA LEU B 2071 -13.74 -19.62 100.03
C LEU B 2071 -14.14 -20.92 99.33
N PRO B 2072 -13.74 -22.12 99.76
CA PRO B 2072 -14.12 -23.34 99.05
C PRO B 2072 -15.60 -23.75 99.22
N ALA B 2073 -16.22 -23.48 100.38
CA ALA B 2073 -17.56 -24.02 100.64
C ALA B 2073 -18.30 -23.15 101.67
N VAL B 2074 -19.62 -23.38 101.73
CA VAL B 2074 -20.50 -22.76 102.76
C VAL B 2074 -21.02 -23.89 103.65
N ARG B 2075 -20.76 -23.78 104.95
CA ARG B 2075 -21.05 -24.87 105.91
C ARG B 2075 -21.82 -24.32 107.10
N GLY B 2076 -22.67 -25.17 107.68
CA GLY B 2076 -23.52 -24.83 108.83
C GLY B 2076 -23.13 -25.64 110.05
N PHE B 2077 -23.09 -25.01 111.22
CA PHE B 2077 -22.81 -25.70 112.50
C PHE B 2077 -23.94 -25.39 113.48
N SER B 2078 -24.23 -26.35 114.37
CA SER B 2078 -25.25 -26.15 115.42
C SER B 2078 -24.73 -25.14 116.45
N LEU B 2079 -25.67 -24.45 117.11
CA LEU B 2079 -25.31 -23.48 118.16
C LEU B 2079 -24.81 -24.21 119.41
N GLU B 2080 -25.28 -25.44 119.70
CA GLU B 2080 -24.81 -26.19 120.89
C GLU B 2080 -23.46 -26.82 120.54
N LEU B 2081 -22.44 -26.56 121.36
CA LEU B 2081 -21.05 -26.99 121.08
C LEU B 2081 -20.92 -28.52 121.18
N SER B 2082 -21.86 -29.19 121.85
CA SER B 2082 -21.81 -30.66 122.06
C SER B 2082 -22.16 -31.41 120.77
N ASP B 2083 -22.76 -30.73 119.78
CA ASP B 2083 -23.28 -31.39 118.57
C ASP B 2083 -22.30 -31.10 117.43
N HIS B 2084 -21.69 -32.16 116.88
CA HIS B 2084 -20.69 -32.03 115.78
C HIS B 2084 -21.35 -32.25 114.42
N SER B 2085 -22.66 -32.51 114.37
CA SER B 2085 -23.37 -32.82 113.11
C SER B 2085 -23.36 -31.61 112.19
N GLU B 2086 -23.30 -31.87 110.88
CA GLU B 2086 -23.34 -30.81 109.85
C GLU B 2086 -24.76 -30.28 109.74
N ALA B 2087 -25.01 -29.05 110.20
CA ALA B 2087 -26.39 -28.50 110.34
C ALA B 2087 -26.96 -28.10 108.98
N MET B 2088 -26.15 -28.05 107.91
CA MET B 2088 -26.68 -27.84 106.55
C MET B 2088 -25.90 -28.76 105.61
N VAL B 2089 -26.55 -29.14 104.50
CA VAL B 2089 -25.86 -29.87 103.40
C VAL B 2089 -24.82 -28.92 102.83
N PRO B 2090 -23.51 -29.22 102.91
CA PRO B 2090 -22.48 -28.27 102.48
C PRO B 2090 -22.61 -27.88 101.01
N VAL B 2091 -22.39 -26.60 100.73
CA VAL B 2091 -22.36 -26.07 99.35
C VAL B 2091 -20.90 -26.06 98.95
N ALA B 2092 -20.48 -26.93 98.02
CA ALA B 2092 -19.07 -26.97 97.59
C ALA B 2092 -19.01 -27.45 96.14
N GLY B 2093 -17.80 -27.86 95.71
CA GLY B 2093 -17.56 -28.46 94.39
C GLY B 2093 -17.12 -27.41 93.36
N GLN B 2094 -17.43 -27.67 92.08
CA GLN B 2094 -16.91 -26.85 90.97
C GLN B 2094 -17.54 -25.46 91.03
N GLY B 2095 -16.68 -24.43 90.93
CA GLY B 2095 -17.10 -23.02 90.73
C GLY B 2095 -17.37 -22.28 92.03
N ARG B 2096 -17.19 -22.89 93.22
CA ARG B 2096 -17.41 -22.16 94.49
C ARG B 2096 -16.12 -21.41 94.87
N ASN B 2097 -16.22 -20.08 94.91
CA ASN B 2097 -15.24 -19.16 95.53
C ASN B 2097 -16.08 -18.05 96.16
N VAL B 2098 -16.46 -18.23 97.41
CA VAL B 2098 -17.57 -17.45 98.01
C VAL B 2098 -16.96 -16.42 98.96
N LEU B 2099 -17.54 -15.22 98.98
CA LEU B 2099 -17.01 -14.11 99.79
C LEU B 2099 -17.87 -13.96 101.03
N HIS B 2100 -19.19 -13.81 100.87
CA HIS B 2100 -20.10 -13.59 102.02
C HIS B 2100 -21.34 -14.46 101.81
N ALA B 2101 -22.06 -14.70 102.90
CA ALA B 2101 -23.33 -15.43 102.87
C ALA B 2101 -24.38 -14.67 103.69
N ASP B 2102 -25.65 -14.87 103.34
CA ASP B 2102 -26.77 -14.30 104.11
C ASP B 2102 -27.93 -15.28 104.08
N VAL B 2103 -28.83 -15.17 105.06
CA VAL B 2103 -29.87 -16.20 105.28
C VAL B 2103 -31.25 -15.57 105.11
N ASP B 2104 -32.20 -16.42 104.74
CA ASP B 2104 -33.64 -16.10 104.68
C ASP B 2104 -34.35 -17.16 105.51
N VAL B 2105 -34.54 -16.88 106.80
CA VAL B 2105 -34.94 -17.94 107.76
C VAL B 2105 -36.39 -18.35 107.46
N ALA B 2106 -37.26 -17.36 107.22
CA ALA B 2106 -38.71 -17.57 106.99
C ALA B 2106 -38.94 -18.54 105.84
N ASN B 2107 -38.27 -18.36 104.70
CA ASN B 2107 -38.52 -19.15 103.48
C ASN B 2107 -37.60 -20.36 103.43
N GLY B 2108 -36.52 -20.39 104.23
CA GLY B 2108 -35.56 -21.50 104.20
C GLY B 2108 -34.65 -21.40 102.99
N PHE B 2109 -34.00 -20.26 102.78
CA PHE B 2109 -32.96 -20.11 101.75
C PHE B 2109 -31.70 -19.52 102.37
N ILE B 2110 -30.58 -19.80 101.73
CA ILE B 2110 -29.27 -19.22 102.12
C ILE B 2110 -28.64 -18.64 100.87
N TYR B 2111 -28.35 -17.34 100.91
CA TYR B 2111 -27.78 -16.61 99.76
C TYR B 2111 -26.27 -16.47 99.95
N TRP B 2112 -25.52 -16.51 98.86
CA TRP B 2112 -24.08 -16.24 98.91
C TRP B 2112 -23.66 -15.63 97.58
N CYS B 2113 -22.49 -15.01 97.56
CA CYS B 2113 -21.95 -14.32 96.37
C CYS B 2113 -20.62 -14.97 95.99
N ASP B 2114 -20.53 -15.50 94.78
CA ASP B 2114 -19.27 -16.11 94.28
C ASP B 2114 -18.47 -15.05 93.55
N PHE B 2115 -17.15 -15.21 93.57
CA PHE B 2115 -16.24 -14.23 92.93
C PHE B 2115 -15.13 -14.99 92.20
N SER B 2116 -14.78 -14.46 91.04
CA SER B 2116 -13.63 -14.96 90.25
C SER B 2116 -13.01 -13.79 89.49
N SER B 2117 -11.70 -13.63 89.63
CA SER B 2117 -10.96 -12.47 89.06
C SER B 2117 -10.74 -12.68 87.57
N SER B 2118 -10.78 -13.92 87.06
CA SER B 2118 -10.44 -14.22 85.65
C SER B 2118 -11.69 -14.62 84.88
N VAL B 2119 -12.33 -15.71 85.30
CA VAL B 2119 -13.40 -16.33 84.46
C VAL B 2119 -14.74 -15.69 84.84
N ARG B 2120 -15.51 -15.29 83.82
CA ARG B 2120 -16.88 -14.76 84.00
C ARG B 2120 -17.85 -15.90 84.31
N SER B 2121 -19.11 -15.54 84.60
CA SER B 2121 -20.19 -16.52 84.87
C SER B 2121 -19.93 -17.20 86.22
N SER B 2122 -18.80 -16.90 86.86
CA SER B 2122 -18.50 -17.40 88.23
C SER B 2122 -18.94 -16.34 89.23
N ASN B 2123 -18.89 -15.06 88.83
CA ASN B 2123 -19.36 -13.97 89.70
C ASN B 2123 -20.89 -14.01 89.74
N GLY B 2124 -21.49 -13.82 90.91
CA GLY B 2124 -22.95 -13.69 91.01
C GLY B 2124 -23.46 -14.04 92.38
N ILE B 2125 -24.73 -13.71 92.64
CA ILE B 2125 -25.43 -14.09 93.89
C ILE B 2125 -26.31 -15.31 93.58
N ARG B 2126 -26.30 -16.29 94.48
CA ARG B 2126 -27.02 -17.58 94.27
C ARG B 2126 -27.73 -17.96 95.56
N ARG B 2127 -28.75 -18.82 95.45
CA ARG B 2127 -29.53 -19.30 96.61
C ARG B 2127 -29.66 -20.81 96.56
N ILE B 2128 -29.70 -21.44 97.73
CA ILE B 2128 -29.99 -22.89 97.87
C ILE B 2128 -30.78 -23.09 99.16
N LYS B 2129 -31.52 -24.19 99.29
CA LYS B 2129 -32.12 -24.54 100.60
C LYS B 2129 -31.06 -25.19 101.49
N PRO B 2130 -31.14 -25.10 102.83
CA PRO B 2130 -30.17 -25.76 103.71
C PRO B 2130 -30.13 -27.30 103.60
N ASP B 2131 -31.08 -27.94 102.90
CA ASP B 2131 -31.05 -29.39 102.61
C ASP B 2131 -30.51 -29.69 101.19
N GLY B 2132 -30.02 -28.68 100.44
CA GLY B 2132 -29.45 -28.86 99.11
C GLY B 2132 -30.47 -28.81 97.98
N SER B 2133 -31.77 -28.67 98.27
CA SER B 2133 -32.83 -28.53 97.24
C SER B 2133 -32.74 -27.15 96.56
N ASN B 2134 -33.33 -27.07 95.34
CA ASN B 2134 -33.65 -25.84 94.58
C ASN B 2134 -32.53 -24.79 94.65
N PHE B 2135 -31.35 -25.18 94.16
CA PHE B 2135 -30.29 -24.22 93.80
C PHE B 2135 -30.78 -23.34 92.64
N THR B 2136 -30.67 -22.01 92.77
CA THR B 2136 -30.90 -21.10 91.63
C THR B 2136 -29.87 -19.97 91.65
N ASN B 2137 -29.55 -19.45 90.46
CA ASN B 2137 -28.93 -18.11 90.36
C ASN B 2137 -29.94 -17.07 90.87
N VAL B 2138 -29.44 -15.91 91.30
CA VAL B 2138 -30.29 -14.78 91.77
C VAL B 2138 -29.85 -13.52 91.03
N VAL B 2139 -28.54 -13.22 91.01
CA VAL B 2139 -28.02 -12.05 90.25
C VAL B 2139 -26.83 -12.54 89.43
N THR B 2140 -26.89 -12.34 88.11
CA THR B 2140 -25.78 -12.80 87.22
C THR B 2140 -25.36 -11.67 86.29
N TYR B 2141 -26.32 -10.93 85.74
CA TYR B 2141 -26.03 -9.86 84.76
C TYR B 2141 -25.50 -8.62 85.48
N GLY B 2142 -24.51 -7.96 84.86
CA GLY B 2142 -24.02 -6.62 85.25
C GLY B 2142 -23.20 -6.64 86.54
N ILE B 2143 -22.50 -7.74 86.80
CA ILE B 2143 -21.57 -7.78 87.95
C ILE B 2143 -20.31 -7.02 87.56
N GLY B 2144 -19.79 -6.22 88.51
CA GLY B 2144 -18.56 -5.43 88.31
C GLY B 2144 -17.33 -6.32 88.17
N ALA B 2145 -16.20 -5.70 87.81
CA ALA B 2145 -14.91 -6.41 87.66
C ALA B 2145 -14.48 -7.02 89.00
N ASN B 2146 -14.75 -6.33 90.11
CA ASN B 2146 -14.34 -6.80 91.46
C ASN B 2146 -15.44 -7.65 92.09
N GLY B 2147 -16.56 -7.88 91.39
CA GLY B 2147 -17.57 -8.84 91.84
C GLY B 2147 -18.40 -8.29 92.99
N ILE B 2148 -19.45 -9.03 93.34
CA ILE B 2148 -20.33 -8.69 94.48
C ILE B 2148 -19.49 -8.81 95.74
N ARG B 2149 -19.45 -7.76 96.54
CA ARG B 2149 -18.53 -7.69 97.69
C ARG B 2149 -19.31 -7.70 99.01
N GLY B 2150 -20.66 -7.72 98.97
CA GLY B 2150 -21.47 -7.74 100.20
C GLY B 2150 -22.90 -8.11 99.92
N VAL B 2151 -23.54 -8.92 100.77
CA VAL B 2151 -24.96 -9.31 100.57
C VAL B 2151 -25.71 -9.05 101.87
N ALA B 2152 -26.86 -8.37 101.76
CA ALA B 2152 -27.75 -8.12 102.91
C ALA B 2152 -29.19 -8.36 102.45
N LEU B 2153 -29.97 -9.07 103.26
CA LEU B 2153 -31.35 -9.43 102.89
C LEU B 2153 -32.32 -8.79 103.89
N ASP B 2154 -33.31 -8.09 103.36
CA ASP B 2154 -34.41 -7.52 104.18
C ASP B 2154 -35.51 -8.57 104.27
N TRP B 2155 -35.56 -9.29 105.39
CA TRP B 2155 -36.51 -10.43 105.53
C TRP B 2155 -37.94 -9.92 105.60
N ALA B 2156 -38.17 -8.64 105.91
CA ALA B 2156 -39.53 -8.07 105.99
C ALA B 2156 -40.05 -7.76 104.57
N ALA B 2157 -39.37 -6.84 103.86
CA ALA B 2157 -39.85 -6.33 102.56
C ALA B 2157 -39.50 -7.29 101.42
N GLY B 2158 -38.61 -8.27 101.68
CA GLY B 2158 -38.17 -9.22 100.64
C GLY B 2158 -37.21 -8.56 99.66
N ASN B 2159 -36.52 -7.50 100.10
CA ASN B 2159 -35.49 -6.83 99.26
C ASN B 2159 -34.13 -7.42 99.59
N LEU B 2160 -33.29 -7.57 98.55
CA LEU B 2160 -31.90 -8.06 98.73
C LEU B 2160 -30.94 -6.95 98.31
N TYR B 2161 -30.23 -6.38 99.28
CA TYR B 2161 -29.26 -5.30 99.01
C TYR B 2161 -27.88 -5.93 98.79
N PHE B 2162 -27.14 -5.43 97.81
CA PHE B 2162 -25.77 -5.90 97.56
C PHE B 2162 -24.93 -4.75 97.01
N THR B 2163 -23.62 -4.89 97.15
CA THR B 2163 -22.66 -3.87 96.64
C THR B 2163 -21.78 -4.53 95.60
N ASN B 2164 -21.82 -4.05 94.36
CA ASN B 2164 -20.93 -4.57 93.29
C ASN B 2164 -19.86 -3.52 93.03
N ALA B 2165 -18.60 -3.94 93.00
CA ALA B 2165 -17.45 -3.03 92.86
C ALA B 2165 -16.90 -3.13 91.45
N PHE B 2166 -16.82 -2.00 90.76
CA PHE B 2166 -16.06 -1.87 89.50
C PHE B 2166 -14.63 -1.45 89.84
N VAL B 2167 -13.82 -1.24 88.80
CA VAL B 2167 -12.38 -0.93 88.99
C VAL B 2167 -12.25 0.40 89.75
N TYR B 2168 -13.05 1.41 89.39
CA TYR B 2168 -12.94 2.74 90.03
C TYR B 2168 -14.29 3.19 90.59
N GLU B 2169 -15.32 2.34 90.56
CA GLU B 2169 -16.65 2.73 91.10
C GLU B 2169 -17.21 1.57 91.90
N THR B 2170 -18.29 1.83 92.64
CA THR B 2170 -19.03 0.79 93.38
C THR B 2170 -20.47 1.27 93.58
N LEU B 2171 -21.42 0.36 93.42
CA LEU B 2171 -22.86 0.68 93.53
C LEU B 2171 -23.47 -0.06 94.72
N ILE B 2172 -24.44 0.56 95.36
CA ILE B 2172 -25.36 -0.16 96.28
C ILE B 2172 -26.66 -0.41 95.51
N GLU B 2173 -27.05 -1.67 95.40
CA GLU B 2173 -28.12 -2.08 94.46
C GLU B 2173 -29.14 -2.93 95.21
N VAL B 2174 -30.40 -2.86 94.79
CA VAL B 2174 -31.49 -3.62 95.42
C VAL B 2174 -32.12 -4.53 94.38
N LEU B 2175 -32.47 -5.74 94.80
CA LEU B 2175 -33.22 -6.68 93.94
C LEU B 2175 -34.41 -7.19 94.76
N ARG B 2176 -35.61 -7.02 94.21
CA ARG B 2176 -36.82 -7.60 94.83
C ARG B 2176 -36.81 -9.09 94.50
N ILE B 2177 -36.88 -9.92 95.54
CA ILE B 2177 -36.68 -11.38 95.36
C ILE B 2177 -37.87 -11.93 94.57
N ASN B 2178 -37.61 -12.95 93.73
CA ASN B 2178 -38.62 -13.66 92.92
C ASN B 2178 -39.22 -12.72 91.88
N THR B 2179 -38.51 -11.63 91.54
CA THR B 2179 -39.01 -10.65 90.56
C THR B 2179 -37.83 -10.02 89.84
N THR B 2180 -38.08 -9.42 88.68
CA THR B 2180 -37.01 -8.83 87.84
C THR B 2180 -36.71 -7.38 88.24
N TYR B 2181 -37.39 -6.85 89.27
CA TYR B 2181 -37.20 -5.44 89.69
C TYR B 2181 -35.83 -5.29 90.35
N ARG B 2182 -34.93 -4.54 89.70
CA ARG B 2182 -33.57 -4.29 90.21
C ARG B 2182 -33.22 -2.84 89.88
N ARG B 2183 -32.74 -2.08 90.87
CA ARG B 2183 -32.37 -0.68 90.62
C ARG B 2183 -31.18 -0.31 91.48
N VAL B 2184 -30.47 0.75 91.07
CA VAL B 2184 -29.27 1.23 91.79
C VAL B 2184 -29.69 2.37 92.72
N LEU B 2185 -29.22 2.32 93.97
CA LEU B 2185 -29.54 3.37 94.96
C LEU B 2185 -28.42 4.42 95.02
N LEU B 2186 -27.16 3.98 94.97
CA LEU B 2186 -26.02 4.91 95.21
C LEU B 2186 -24.88 4.53 94.28
N LYS B 2187 -24.23 5.54 93.70
CA LYS B 2187 -22.99 5.33 92.91
C LYS B 2187 -21.91 6.24 93.47
N VAL B 2188 -20.79 5.67 93.87
CA VAL B 2188 -19.71 6.43 94.53
C VAL B 2188 -18.38 6.05 93.90
N SER B 2189 -17.39 6.95 94.01
CA SER B 2189 -16.03 6.70 93.50
C SER B 2189 -15.03 6.80 94.65
N VAL B 2190 -15.16 7.84 95.49
CA VAL B 2190 -14.21 8.07 96.61
C VAL B 2190 -14.48 7.02 97.70
N ASP B 2191 -15.76 6.75 98.00
CA ASP B 2191 -16.12 5.72 99.00
C ASP B 2191 -16.13 4.35 98.32
N MET B 2192 -15.80 3.30 99.08
CA MET B 2192 -16.00 1.92 98.59
C MET B 2192 -16.74 1.11 99.66
N PRO B 2193 -18.07 1.18 99.73
CA PRO B 2193 -18.85 0.30 100.58
C PRO B 2193 -18.60 -1.16 100.21
N ARG B 2194 -18.25 -2.00 101.19
CA ARG B 2194 -17.90 -3.40 100.88
C ARG B 2194 -18.87 -4.36 101.56
N HIS B 2195 -18.99 -4.32 102.88
CA HIS B 2195 -19.92 -5.24 103.57
C HIS B 2195 -21.13 -4.43 104.06
N ILE B 2196 -22.32 -4.87 103.64
CA ILE B 2196 -23.58 -4.13 103.93
C ILE B 2196 -24.49 -5.01 104.77
N ILE B 2197 -25.14 -4.40 105.76
CA ILE B 2197 -26.16 -5.08 106.59
C ILE B 2197 -27.41 -4.20 106.61
N VAL B 2198 -28.57 -4.81 106.84
CA VAL B 2198 -29.86 -4.08 106.81
C VAL B 2198 -30.59 -4.39 108.11
N ASP B 2199 -31.29 -3.38 108.65
CA ASP B 2199 -32.07 -3.56 109.90
C ASP B 2199 -33.50 -3.13 109.66
N PRO B 2200 -34.43 -4.06 109.34
CA PRO B 2200 -35.82 -3.69 109.11
C PRO B 2200 -36.52 -3.13 110.36
N LYS B 2201 -36.00 -3.41 111.57
CA LYS B 2201 -36.66 -2.93 112.80
C LYS B 2201 -36.43 -1.42 112.95
N HIS B 2202 -35.18 -0.98 113.02
CA HIS B 2202 -34.87 0.46 113.11
C HIS B 2202 -34.95 1.12 111.74
N ARG B 2203 -35.10 0.32 110.67
CA ARG B 2203 -35.25 0.84 109.28
C ARG B 2203 -34.00 1.64 108.91
N TYR B 2204 -32.82 1.02 109.02
CA TYR B 2204 -31.53 1.63 108.67
C TYR B 2204 -30.71 0.67 107.84
N LEU B 2205 -29.75 1.22 107.09
CA LEU B 2205 -28.83 0.43 106.23
C LEU B 2205 -27.41 0.82 106.64
N PHE B 2206 -26.64 -0.14 107.14
CA PHE B 2206 -25.24 0.11 107.55
C PHE B 2206 -24.29 -0.61 106.59
N TRP B 2207 -23.11 -0.05 106.39
CA TRP B 2207 -22.07 -0.75 105.62
C TRP B 2207 -20.69 -0.31 106.10
N ALA B 2208 -19.69 -1.14 105.82
CA ALA B 2208 -18.28 -0.87 106.15
C ALA B 2208 -17.55 -0.41 104.88
N ASP B 2209 -16.56 0.44 105.07
CA ASP B 2209 -15.73 0.99 103.98
C ASP B 2209 -14.27 0.87 104.42
N TYR B 2210 -13.42 0.27 103.59
CA TYR B 2210 -12.01 0.04 103.99
C TYR B 2210 -11.04 0.56 102.95
N GLY B 2211 -11.47 1.51 102.10
CA GLY B 2211 -10.57 2.15 101.12
C GLY B 2211 -9.85 3.32 101.74
N GLN B 2212 -9.59 4.37 100.94
CA GLN B 2212 -9.09 5.63 101.49
C GLN B 2212 -10.20 6.20 102.36
N LYS B 2213 -9.84 6.75 103.53
CA LYS B 2213 -10.85 7.30 104.49
C LYS B 2213 -11.79 6.16 104.91
N PRO B 2214 -11.31 5.14 105.66
CA PRO B 2214 -12.19 4.08 106.11
C PRO B 2214 -13.21 4.61 107.12
N LYS B 2215 -14.41 4.01 107.11
CA LYS B 2215 -15.50 4.43 108.00
C LYS B 2215 -16.62 3.38 108.00
N ILE B 2216 -17.58 3.58 108.91
CA ILE B 2216 -18.84 2.81 108.91
C ILE B 2216 -19.97 3.83 108.73
N GLU B 2217 -20.79 3.64 107.69
CA GLU B 2217 -21.86 4.60 107.37
C GLU B 2217 -23.23 4.01 107.71
N ARG B 2218 -24.17 4.90 108.05
CA ARG B 2218 -25.58 4.55 108.30
C ARG B 2218 -26.44 5.38 107.35
N SER B 2219 -27.52 4.79 106.86
CA SER B 2219 -28.36 5.43 105.84
C SER B 2219 -29.77 4.85 105.86
N PHE B 2220 -30.71 5.54 105.21
CA PHE B 2220 -32.08 5.02 105.06
C PHE B 2220 -32.06 3.83 104.10
N LEU B 2221 -33.21 3.16 103.95
CA LEU B 2221 -33.34 1.98 103.07
C LEU B 2221 -33.18 2.40 101.60
N ASP B 2222 -33.27 3.70 101.28
CA ASP B 2222 -33.13 4.15 99.88
C ASP B 2222 -31.78 4.86 99.69
N CYS B 2223 -30.89 4.82 100.68
CA CYS B 2223 -29.54 5.47 100.64
C CYS B 2223 -29.66 6.98 100.41
N THR B 2224 -30.43 7.70 101.23
CA THR B 2224 -30.65 9.15 101.01
C THR B 2224 -30.20 10.00 102.20
N ASN B 2225 -29.98 9.42 103.38
CA ASN B 2225 -29.58 10.22 104.57
C ASN B 2225 -28.28 9.67 105.13
N ARG B 2226 -27.24 9.55 104.27
CA ARG B 2226 -25.94 8.96 104.67
C ARG B 2226 -25.34 9.77 105.83
N THR B 2227 -25.00 9.07 106.91
CA THR B 2227 -24.24 9.65 108.03
C THR B 2227 -23.15 8.66 108.43
N VAL B 2228 -22.08 9.17 109.04
CA VAL B 2228 -20.94 8.31 109.44
C VAL B 2228 -21.06 8.02 110.93
N LEU B 2229 -20.89 6.76 111.31
CA LEU B 2229 -20.94 6.37 112.74
C LEU B 2229 -19.52 6.40 113.31
N VAL B 2230 -18.59 5.72 112.63
CA VAL B 2230 -17.17 5.68 113.06
C VAL B 2230 -16.32 6.15 111.88
N SER B 2231 -15.41 7.10 112.12
CA SER B 2231 -14.47 7.58 111.08
C SER B 2231 -13.08 7.80 111.65
N GLU B 2232 -12.87 7.53 112.95
CA GLU B 2232 -11.57 7.77 113.62
C GLU B 2232 -11.16 6.48 114.30
N GLY B 2233 -9.86 6.14 114.24
CA GLY B 2233 -9.34 4.87 114.77
C GLY B 2233 -10.01 3.68 114.13
N ILE B 2234 -10.20 3.72 112.81
CA ILE B 2234 -10.70 2.55 112.05
C ILE B 2234 -9.91 2.45 110.76
N VAL B 2235 -9.33 1.27 110.53
CA VAL B 2235 -8.67 0.93 109.24
C VAL B 2235 -9.05 -0.50 108.90
N THR B 2236 -9.54 -0.69 107.67
CA THR B 2236 -9.92 -2.03 107.15
C THR B 2236 -10.97 -2.68 108.06
N PRO B 2237 -12.21 -2.14 108.17
CA PRO B 2237 -13.29 -2.90 108.80
C PRO B 2237 -13.79 -4.01 107.87
N ARG B 2238 -13.42 -5.26 108.17
CA ARG B 2238 -13.71 -6.38 107.26
C ARG B 2238 -15.22 -6.67 107.22
N GLY B 2239 -15.87 -6.68 108.39
CA GLY B 2239 -17.30 -7.06 108.48
C GLY B 2239 -17.97 -6.37 109.65
N LEU B 2240 -19.30 -6.29 109.61
CA LEU B 2240 -20.07 -5.74 110.75
C LEU B 2240 -21.35 -6.56 110.95
N ALA B 2241 -21.88 -6.53 112.16
CA ALA B 2241 -23.08 -7.28 112.55
C ALA B 2241 -23.91 -6.46 113.54
N MET B 2242 -25.18 -6.85 113.74
CA MET B 2242 -26.10 -6.08 114.60
C MET B 2242 -26.84 -7.06 115.51
N ASP B 2243 -27.03 -6.66 116.77
CA ASP B 2243 -27.96 -7.34 117.70
C ASP B 2243 -29.20 -6.47 117.79
N HIS B 2244 -30.34 -7.00 117.33
CA HIS B 2244 -31.59 -6.20 117.17
C HIS B 2244 -32.14 -5.79 118.55
N ASP B 2245 -32.00 -6.68 119.54
CA ASP B 2245 -32.64 -6.47 120.88
C ASP B 2245 -31.94 -5.33 121.63
N THR B 2246 -30.68 -5.01 121.30
CA THR B 2246 -29.91 -3.97 122.04
C THR B 2246 -29.55 -2.79 121.13
N GLY B 2247 -29.58 -2.96 119.81
CA GLY B 2247 -29.31 -1.89 118.84
C GLY B 2247 -27.87 -1.40 118.88
N TYR B 2248 -26.90 -2.33 118.90
CA TYR B 2248 -25.47 -2.00 118.76
C TYR B 2248 -24.94 -2.56 117.45
N ILE B 2249 -23.96 -1.87 116.87
CA ILE B 2249 -23.27 -2.34 115.66
C ILE B 2249 -21.90 -2.87 116.06
N TYR B 2250 -21.63 -4.13 115.74
CA TYR B 2250 -20.34 -4.77 116.04
C TYR B 2250 -19.51 -4.88 114.76
N TRP B 2251 -18.21 -4.60 114.84
CA TRP B 2251 -17.33 -4.68 113.64
C TRP B 2251 -15.96 -5.17 114.08
N VAL B 2252 -15.17 -5.60 113.08
CA VAL B 2252 -13.85 -6.23 113.32
C VAL B 2252 -12.82 -5.49 112.46
N ASP B 2253 -11.64 -5.28 113.03
CA ASP B 2253 -10.52 -4.63 112.32
C ASP B 2253 -9.33 -5.58 112.34
N ASP B 2254 -8.98 -6.14 111.18
CA ASP B 2254 -7.79 -7.03 111.10
C ASP B 2254 -6.53 -6.16 111.16
N SER B 2255 -6.61 -4.91 110.68
CA SER B 2255 -5.46 -3.98 110.65
C SER B 2255 -5.21 -3.38 112.03
N LEU B 2256 -6.19 -3.43 112.93
CA LEU B 2256 -6.03 -2.94 114.32
C LEU B 2256 -6.12 -4.08 115.34
N ASP B 2257 -6.42 -5.31 114.89
CA ASP B 2257 -6.64 -6.46 115.79
C ASP B 2257 -7.73 -6.09 116.80
N LEU B 2258 -8.80 -5.46 116.31
CA LEU B 2258 -9.81 -4.85 117.19
C LEU B 2258 -11.20 -5.41 116.88
N ILE B 2259 -11.94 -5.76 117.94
CA ILE B 2259 -13.40 -5.99 117.86
C ILE B 2259 -14.06 -4.94 118.74
N ALA B 2260 -14.96 -4.15 118.16
CA ALA B 2260 -15.59 -3.02 118.86
C ALA B 2260 -17.09 -2.99 118.55
N ARG B 2261 -17.81 -2.16 119.30
CA ARG B 2261 -19.27 -1.99 119.10
C ARG B 2261 -19.64 -0.53 119.32
N ILE B 2262 -20.75 -0.13 118.72
CA ILE B 2262 -21.25 1.27 118.83
C ILE B 2262 -22.77 1.25 118.68
N HIS B 2263 -23.43 2.21 119.32
CA HIS B 2263 -24.91 2.31 119.23
C HIS B 2263 -25.27 2.91 117.86
N LEU B 2264 -26.52 2.68 117.45
CA LEU B 2264 -27.03 3.16 116.14
C LEU B 2264 -26.97 4.69 116.12
N ASP B 2265 -27.36 5.33 117.24
CA ASP B 2265 -27.51 6.81 117.28
C ASP B 2265 -26.14 7.49 117.35
N GLY B 2266 -25.05 6.70 117.48
CA GLY B 2266 -23.68 7.25 117.53
C GLY B 2266 -23.20 7.42 118.95
N GLY B 2267 -22.03 8.06 119.13
CA GLY B 2267 -21.40 8.27 120.43
C GLY B 2267 -19.97 7.78 120.41
N GLU B 2268 -19.56 7.02 121.43
CA GLU B 2268 -18.17 6.54 121.56
C GLU B 2268 -18.11 5.06 121.18
N SER B 2269 -16.99 4.66 120.58
CA SER B 2269 -16.73 3.25 120.22
C SER B 2269 -16.30 2.50 121.48
N GLN B 2270 -16.96 1.37 121.77
CA GLN B 2270 -16.56 0.52 122.91
C GLN B 2270 -15.70 -0.63 122.40
N VAL B 2271 -14.53 -0.83 122.99
CA VAL B 2271 -13.64 -1.95 122.60
C VAL B 2271 -14.12 -3.22 123.29
N VAL B 2272 -14.59 -4.17 122.50
CA VAL B 2272 -15.06 -5.47 123.06
C VAL B 2272 -13.83 -6.33 123.31
N ARG B 2273 -12.99 -6.55 122.29
CA ARG B 2273 -11.76 -7.37 122.43
C ARG B 2273 -10.68 -6.79 121.52
N TYR B 2274 -9.43 -6.82 121.98
CA TYR B 2274 -8.28 -6.34 121.20
C TYR B 2274 -7.02 -7.02 121.73
N GLY B 2275 -5.92 -6.88 120.98
CA GLY B 2275 -4.60 -7.38 121.37
C GLY B 2275 -3.98 -8.27 120.32
N SER B 2276 -2.83 -8.87 120.66
CA SER B 2276 -2.03 -9.70 119.73
C SER B 2276 -2.81 -10.96 119.35
N ARG B 2277 -3.62 -11.49 120.29
CA ARG B 2277 -4.28 -12.81 120.12
C ARG B 2277 -5.51 -12.69 119.21
N TYR B 2278 -5.71 -11.54 118.56
CA TYR B 2278 -6.82 -11.37 117.57
C TYR B 2278 -6.23 -10.86 116.26
N PRO B 2279 -5.44 -11.66 115.53
CA PRO B 2279 -4.68 -11.16 114.39
C PRO B 2279 -5.57 -10.67 113.24
N THR B 2280 -6.47 -11.52 112.76
CA THR B 2280 -7.24 -11.23 111.53
C THR B 2280 -8.69 -11.64 111.71
N PRO B 2281 -9.52 -10.93 112.50
CA PRO B 2281 -10.95 -11.16 112.46
C PRO B 2281 -11.56 -10.68 111.12
N TYR B 2282 -12.27 -11.57 110.43
CA TYR B 2282 -12.77 -11.31 109.06
C TYR B 2282 -14.29 -11.22 109.01
N GLY B 2283 -15.01 -11.82 109.97
CA GLY B 2283 -16.48 -11.79 109.96
C GLY B 2283 -17.02 -11.97 111.35
N ILE B 2284 -18.16 -11.34 111.67
CA ILE B 2284 -18.70 -11.38 113.05
C ILE B 2284 -20.23 -11.52 113.00
N THR B 2285 -20.80 -12.05 114.07
CA THR B 2285 -22.26 -12.12 114.24
C THR B 2285 -22.56 -12.09 115.74
N VAL B 2286 -23.81 -11.77 116.08
CA VAL B 2286 -24.24 -11.67 117.49
C VAL B 2286 -25.42 -12.62 117.68
N PHE B 2287 -25.37 -13.43 118.75
CA PHE B 2287 -26.47 -14.37 119.06
C PHE B 2287 -26.64 -14.41 120.58
N GLY B 2288 -27.78 -13.89 121.06
CA GLY B 2288 -28.08 -13.78 122.51
C GLY B 2288 -27.02 -12.97 123.22
N GLU B 2289 -26.32 -13.56 124.19
CA GLU B 2289 -25.36 -12.83 125.05
C GLU B 2289 -23.94 -13.00 124.52
N SER B 2290 -23.73 -13.69 123.39
CA SER B 2290 -22.37 -14.01 122.91
C SER B 2290 -22.19 -13.54 121.47
N ILE B 2291 -20.96 -13.13 121.13
CA ILE B 2291 -20.57 -12.81 119.74
C ILE B 2291 -19.85 -14.02 119.17
N ILE B 2292 -20.06 -14.27 117.87
CA ILE B 2292 -19.35 -15.36 117.16
C ILE B 2292 -18.60 -14.72 116.00
N TRP B 2293 -17.31 -15.02 115.88
CA TRP B 2293 -16.51 -14.47 114.78
C TRP B 2293 -15.52 -15.51 114.29
N VAL B 2294 -14.98 -15.28 113.09
CA VAL B 2294 -14.00 -16.19 112.46
C VAL B 2294 -12.68 -15.45 112.34
N ASP B 2295 -11.58 -16.21 112.43
CA ASP B 2295 -10.22 -15.63 112.33
C ASP B 2295 -9.49 -16.34 111.19
N ARG B 2296 -8.97 -15.55 110.24
CA ARG B 2296 -8.34 -16.12 109.03
C ARG B 2296 -7.01 -16.77 109.42
N ASN B 2297 -6.17 -16.05 110.19
CA ASN B 2297 -4.82 -16.55 110.53
C ASN B 2297 -4.91 -17.82 111.37
N LEU B 2298 -5.78 -17.81 112.39
CA LEU B 2298 -5.82 -18.91 113.39
C LEU B 2298 -6.66 -20.08 112.88
N LYS B 2299 -7.41 -19.91 111.78
CA LYS B 2299 -8.26 -20.98 111.20
C LYS B 2299 -9.22 -21.50 112.26
N LYS B 2300 -9.86 -20.58 113.00
CA LYS B 2300 -10.80 -20.98 114.07
C LYS B 2300 -12.06 -20.15 114.01
N VAL B 2301 -13.15 -20.72 114.53
CA VAL B 2301 -14.43 -19.99 114.71
C VAL B 2301 -14.65 -19.87 116.22
N PHE B 2302 -14.67 -18.63 116.72
CA PHE B 2302 -14.66 -18.36 118.17
C PHE B 2302 -16.05 -17.95 118.65
N GLN B 2303 -16.26 -18.08 119.96
CA GLN B 2303 -17.47 -17.56 120.65
C GLN B 2303 -17.03 -16.92 121.95
N ALA B 2304 -17.51 -15.70 122.21
CA ALA B 2304 -17.12 -14.94 123.42
C ALA B 2304 -18.26 -14.01 123.81
N SER B 2305 -18.20 -13.51 125.05
CA SER B 2305 -19.26 -12.62 125.59
C SER B 2305 -19.28 -11.31 124.80
N LYS B 2306 -20.47 -10.83 124.48
CA LYS B 2306 -20.65 -9.58 123.70
C LYS B 2306 -20.29 -8.36 124.56
N GLN B 2307 -20.37 -8.47 125.89
CA GLN B 2307 -20.19 -7.27 126.76
C GLN B 2307 -18.71 -6.89 126.78
N PRO B 2308 -18.37 -5.61 126.53
CA PRO B 2308 -16.97 -5.19 126.58
C PRO B 2308 -16.44 -5.27 128.02
N GLY B 2309 -15.12 -5.48 128.14
CA GLY B 2309 -14.42 -5.58 129.43
C GLY B 2309 -14.48 -6.99 130.02
N ASN B 2310 -15.09 -7.94 129.30
CA ASN B 2310 -15.00 -9.37 129.69
C ASN B 2310 -13.58 -9.86 129.43
N THR B 2311 -13.07 -10.72 130.32
CA THR B 2311 -11.68 -11.23 130.20
C THR B 2311 -11.66 -12.76 130.10
N ASP B 2312 -12.82 -13.39 129.88
CA ASP B 2312 -12.86 -14.86 129.70
C ASP B 2312 -12.25 -15.20 128.34
N PRO B 2313 -11.40 -16.24 128.25
CA PRO B 2313 -10.83 -16.63 126.96
C PRO B 2313 -11.94 -17.18 126.05
N PRO B 2314 -11.92 -16.87 124.74
CA PRO B 2314 -12.95 -17.35 123.84
C PRO B 2314 -12.93 -18.88 123.71
N VAL B 2315 -14.12 -19.46 123.55
CA VAL B 2315 -14.25 -20.91 123.29
C VAL B 2315 -14.20 -21.12 121.77
N VAL B 2316 -13.56 -22.21 121.35
CA VAL B 2316 -13.40 -22.50 119.90
C VAL B 2316 -14.52 -23.44 119.48
N ILE B 2317 -15.35 -22.99 118.53
CA ILE B 2317 -16.44 -23.84 117.99
C ILE B 2317 -15.81 -24.93 117.13
N ARG B 2318 -15.01 -24.54 116.12
CA ARG B 2318 -14.30 -25.51 115.27
C ARG B 2318 -12.93 -24.94 114.93
N ASP B 2319 -12.01 -25.82 114.57
CA ASP B 2319 -10.59 -25.44 114.37
C ASP B 2319 -10.10 -26.00 113.04
N LYS B 2320 -9.01 -25.39 112.53
CA LYS B 2320 -8.31 -25.83 111.30
C LYS B 2320 -9.30 -25.76 110.13
N ILE B 2321 -10.06 -24.66 110.02
CA ILE B 2321 -10.88 -24.40 108.82
C ILE B 2321 -10.13 -23.41 107.94
N ASN B 2322 -9.84 -23.82 106.71
CA ASN B 2322 -9.02 -23.01 105.79
C ASN B 2322 -9.88 -21.95 105.10
N LEU B 2323 -9.32 -20.73 104.99
CA LEU B 2323 -9.89 -19.61 104.20
C LEU B 2323 -11.25 -19.22 104.76
N LEU B 2324 -11.31 -18.88 106.05
CA LEU B 2324 -12.58 -18.41 106.65
C LEU B 2324 -12.88 -17.00 106.16
N ARG B 2325 -14.15 -16.70 105.91
CA ARG B 2325 -14.52 -15.34 105.42
C ARG B 2325 -15.63 -14.71 106.25
N ASP B 2326 -16.63 -15.48 106.68
CA ASP B 2326 -17.81 -14.85 107.31
C ASP B 2326 -18.55 -15.88 108.15
N VAL B 2327 -19.46 -15.37 108.98
CA VAL B 2327 -20.31 -16.22 109.85
C VAL B 2327 -21.62 -15.47 110.10
N THR B 2328 -22.74 -16.19 109.98
CA THR B 2328 -24.08 -15.60 110.10
C THR B 2328 -24.95 -16.56 110.90
N ILE B 2329 -26.00 -16.03 111.55
CA ILE B 2329 -26.91 -16.87 112.34
C ILE B 2329 -28.17 -17.15 111.53
N PHE B 2330 -28.55 -18.41 111.46
CA PHE B 2330 -29.80 -18.85 110.80
C PHE B 2330 -30.78 -19.22 111.92
N ASP B 2331 -31.60 -18.27 112.35
CA ASP B 2331 -32.55 -18.49 113.46
C ASP B 2331 -33.74 -17.56 113.27
N GLU B 2332 -34.94 -18.01 113.69
CA GLU B 2332 -36.15 -17.16 113.65
C GLU B 2332 -35.98 -16.00 114.63
N HIS B 2333 -35.26 -16.23 115.74
CA HIS B 2333 -35.05 -15.18 116.76
C HIS B 2333 -34.20 -14.05 116.18
N ALA B 2334 -33.35 -14.35 115.18
CA ALA B 2334 -32.45 -13.35 114.59
C ALA B 2334 -33.15 -12.61 113.44
N GLN B 2335 -34.31 -13.10 112.98
CA GLN B 2335 -35.09 -12.44 111.91
C GLN B 2335 -36.55 -12.40 112.32
N PRO B 2336 -36.95 -11.54 113.27
CA PRO B 2336 -38.34 -11.49 113.72
C PRO B 2336 -39.28 -11.06 112.57
N LEU B 2337 -40.51 -11.58 112.60
CA LEU B 2337 -41.50 -11.31 111.54
C LEU B 2337 -42.77 -10.65 112.06
N SER B 2338 -43.09 -10.80 113.36
CA SER B 2338 -44.35 -10.23 113.92
C SER B 2338 -44.28 -8.70 113.83
N PRO B 2339 -45.39 -8.01 113.51
CA PRO B 2339 -45.36 -6.55 113.39
C PRO B 2339 -44.93 -5.86 114.69
N ALA B 2340 -45.28 -6.44 115.85
CA ALA B 2340 -44.91 -5.89 117.17
C ALA B 2340 -43.39 -5.91 117.33
N GLU B 2341 -42.75 -7.01 116.94
CA GLU B 2341 -41.28 -7.18 117.10
C GLU B 2341 -40.54 -6.36 116.05
N LEU B 2342 -41.20 -5.97 114.95
CA LEU B 2342 -40.56 -5.16 113.88
C LEU B 2342 -40.98 -3.70 113.99
N ASN B 2343 -41.55 -3.28 115.13
CA ASN B 2343 -41.94 -1.86 115.36
C ASN B 2343 -42.94 -1.44 114.27
N ASN B 2344 -43.94 -2.29 114.00
CA ASN B 2344 -45.04 -2.00 113.04
C ASN B 2344 -44.45 -1.61 111.68
N ASN B 2345 -43.44 -2.35 111.22
CA ASN B 2345 -42.77 -2.05 109.94
C ASN B 2345 -43.80 -2.18 108.81
N PRO B 2346 -43.96 -1.18 107.93
CA PRO B 2346 -44.75 -1.36 106.72
C PRO B 2346 -44.10 -2.38 105.78
N CYS B 2347 -44.72 -2.62 104.61
CA CYS B 2347 -44.19 -3.54 103.57
C CYS B 2347 -44.29 -4.98 104.07
N LEU B 2348 -44.79 -5.19 105.30
CA LEU B 2348 -45.04 -6.57 105.80
C LEU B 2348 -46.27 -7.15 105.11
N GLN B 2349 -47.26 -6.32 104.78
CA GLN B 2349 -48.52 -6.80 104.14
C GLN B 2349 -48.58 -6.23 102.73
N SER B 2350 -48.67 -7.11 101.72
CA SER B 2350 -48.91 -6.74 100.30
C SER B 2350 -47.83 -5.77 99.81
N ASN B 2351 -46.61 -5.88 100.36
CA ASN B 2351 -45.48 -5.00 99.99
C ASN B 2351 -45.85 -3.53 100.22
N GLY B 2352 -46.72 -3.27 101.20
CA GLY B 2352 -47.21 -1.90 101.50
C GLY B 2352 -47.94 -1.26 100.32
N GLY B 2353 -48.40 -2.06 99.33
CA GLY B 2353 -49.16 -1.55 98.18
C GLY B 2353 -48.26 -0.99 97.10
N CYS B 2354 -46.94 -0.91 97.32
CA CYS B 2354 -46.00 -0.37 96.29
C CYS B 2354 -45.91 -1.36 95.12
N SER B 2355 -45.86 -0.83 93.90
CA SER B 2355 -45.77 -1.63 92.66
C SER B 2355 -44.40 -2.29 92.55
N HIS B 2356 -43.30 -1.55 92.81
CA HIS B 2356 -41.94 -2.08 92.52
C HIS B 2356 -41.18 -2.31 93.81
N PHE B 2357 -40.97 -1.25 94.60
CA PHE B 2357 -40.13 -1.33 95.81
C PHE B 2357 -40.83 -0.62 96.96
N CYS B 2358 -40.67 -1.19 98.17
CA CYS B 2358 -41.28 -0.65 99.39
C CYS B 2358 -40.17 -0.32 100.38
N PHE B 2359 -39.86 0.96 100.55
CA PHE B 2359 -38.80 1.41 101.48
C PHE B 2359 -39.47 2.07 102.68
N ALA B 2360 -39.29 1.50 103.88
CA ALA B 2360 -39.80 2.11 105.12
C ALA B 2360 -38.86 3.22 105.57
N LEU B 2361 -39.38 4.16 106.36
CA LEU B 2361 -38.55 5.27 106.89
C LEU B 2361 -38.59 5.23 108.42
N PRO B 2362 -37.53 5.71 109.10
CA PRO B 2362 -37.32 5.39 110.51
C PRO B 2362 -38.52 5.63 111.45
N GLU B 2363 -39.22 6.77 111.30
CA GLU B 2363 -40.31 7.13 112.24
C GLU B 2363 -41.62 7.37 111.49
N LEU B 2364 -41.67 7.21 110.17
CA LEU B 2364 -42.92 7.52 109.45
C LEU B 2364 -43.79 6.27 109.34
N PRO B 2365 -45.12 6.39 109.41
CA PRO B 2365 -46.00 5.24 109.32
C PRO B 2365 -46.33 4.81 107.88
N THR B 2366 -45.92 5.60 106.88
CA THR B 2366 -46.26 5.31 105.47
C THR B 2366 -44.97 5.05 104.69
N PRO B 2367 -44.90 3.99 103.89
CA PRO B 2367 -43.67 3.66 103.18
C PRO B 2367 -43.45 4.56 101.96
N ARG B 2368 -42.17 4.82 101.65
CA ARG B 2368 -41.78 5.55 100.43
C ARG B 2368 -41.60 4.54 99.31
N CYS B 2369 -42.59 4.42 98.43
CA CYS B 2369 -42.53 3.44 97.31
C CYS B 2369 -41.41 3.84 96.35
N GLY B 2370 -40.68 2.83 95.86
CA GLY B 2370 -39.58 3.03 94.91
C GLY B 2370 -39.95 2.49 93.54
N CYS B 2371 -39.32 3.03 92.49
CA CYS B 2371 -39.66 2.67 91.10
C CYS B 2371 -38.44 2.05 90.43
N ALA B 2372 -38.56 0.79 90.00
CA ALA B 2372 -37.47 0.10 89.27
C ALA B 2372 -37.29 0.74 87.89
N PHE B 2373 -38.38 1.06 87.20
CA PHE B 2373 -38.33 1.71 85.87
C PHE B 2373 -39.49 2.68 85.75
N GLY B 2374 -39.24 3.83 85.13
CA GLY B 2374 -40.23 4.91 85.02
C GLY B 2374 -40.33 5.74 86.28
N THR B 2375 -41.43 6.51 86.40
CA THR B 2375 -41.59 7.51 87.47
C THR B 2375 -42.83 7.17 88.29
N LEU B 2376 -42.80 7.57 89.57
CA LEU B 2376 -43.92 7.29 90.50
C LEU B 2376 -45.05 8.27 90.16
N GLY B 2377 -46.28 7.75 89.99
CA GLY B 2377 -47.44 8.56 89.61
C GLY B 2377 -47.98 9.37 90.79
N ASN B 2378 -49.02 10.17 90.53
CA ASN B 2378 -49.69 10.97 91.58
C ASN B 2378 -50.29 10.05 92.64
N ASP B 2379 -50.65 8.82 92.25
CA ASP B 2379 -51.24 7.81 93.17
C ASP B 2379 -50.25 7.50 94.29
N GLY B 2380 -48.94 7.58 94.02
CA GLY B 2380 -47.90 7.41 95.05
C GLY B 2380 -47.52 5.95 95.26
N LYS B 2381 -48.16 5.01 94.55
CA LYS B 2381 -47.80 3.58 94.70
C LYS B 2381 -47.78 2.88 93.34
N SER B 2382 -47.83 3.62 92.23
CA SER B 2382 -47.84 3.01 90.89
C SER B 2382 -46.77 3.67 90.02
N CYS B 2383 -46.27 2.93 89.03
CA CYS B 2383 -45.16 3.40 88.16
C CYS B 2383 -45.64 3.46 86.70
N ALA B 2384 -45.21 4.50 85.99
CA ALA B 2384 -45.52 4.68 84.56
C ALA B 2384 -44.27 5.23 83.86
N THR B 2385 -44.33 5.34 82.53
CA THR B 2385 -43.21 5.87 81.73
C THR B 2385 -42.90 7.29 82.20
N SER B 2386 -41.65 7.71 81.96
CA SER B 2386 -41.08 8.98 82.49
C SER B 2386 -41.94 10.18 82.07
N GLN B 2387 -42.50 10.17 80.85
CA GLN B 2387 -43.25 11.34 80.30
C GLN B 2387 -42.35 12.58 80.33
N GLU B 2388 -41.03 12.39 80.19
CA GLU B 2388 -40.06 13.51 80.19
C GLU B 2388 -38.97 13.19 79.17
N ASP B 2389 -37.97 14.06 79.07
CA ASP B 2389 -36.85 13.87 78.13
C ASP B 2389 -35.79 12.97 78.76
N PHE B 2390 -35.21 12.06 77.94
CA PHE B 2390 -34.14 11.15 78.39
C PHE B 2390 -33.33 10.66 77.18
N LEU B 2391 -32.19 10.02 77.45
CA LEU B 2391 -31.39 9.32 76.42
C LEU B 2391 -31.96 7.92 76.18
N ILE B 2392 -31.72 7.44 74.96
CA ILE B 2392 -31.85 6.01 74.61
C ILE B 2392 -30.55 5.59 73.93
N TYR B 2393 -30.10 4.36 74.20
CA TYR B 2393 -28.90 3.82 73.53
C TYR B 2393 -29.14 2.34 73.21
N SER B 2394 -28.47 1.86 72.17
CA SER B 2394 -28.54 0.43 71.81
C SER B 2394 -27.36 -0.33 72.46
N LEU B 2395 -27.64 -1.59 72.83
CA LEU B 2395 -26.67 -2.53 73.41
C LEU B 2395 -26.95 -3.90 72.78
N ASN B 2396 -26.07 -4.90 72.93
CA ASN B 2396 -26.34 -6.27 72.42
C ASN B 2396 -27.77 -6.71 72.78
N ASN B 2397 -28.52 -7.23 71.79
CA ASN B 2397 -29.93 -7.69 71.96
C ASN B 2397 -30.91 -6.65 72.54
N SER B 2398 -30.59 -5.36 72.67
CA SER B 2398 -31.48 -4.50 73.50
C SER B 2398 -31.43 -3.01 73.19
N LEU B 2399 -32.54 -2.32 73.46
CA LEU B 2399 -32.57 -0.84 73.53
C LEU B 2399 -32.78 -0.45 74.99
N ARG B 2400 -31.95 0.47 75.48
CA ARG B 2400 -31.87 0.81 76.92
C ARG B 2400 -32.00 2.33 77.06
N SER B 2401 -32.37 2.78 78.25
CA SER B 2401 -32.69 4.20 78.47
C SER B 2401 -31.92 4.75 79.67
N LEU B 2402 -31.65 6.06 79.66
CA LEU B 2402 -30.85 6.70 80.73
C LEU B 2402 -31.29 8.15 80.91
N HIS B 2403 -31.37 8.63 82.16
CA HIS B 2403 -31.78 10.03 82.43
C HIS B 2403 -30.61 10.95 82.14
N PHE B 2404 -30.91 12.23 81.88
CA PHE B 2404 -29.87 13.27 81.68
C PHE B 2404 -29.15 13.56 82.99
N ASP B 2405 -29.89 13.53 84.11
CA ASP B 2405 -29.31 13.87 85.43
C ASP B 2405 -28.34 12.75 85.82
N PRO B 2406 -27.04 13.03 86.05
CA PRO B 2406 -26.12 11.99 86.50
C PRO B 2406 -26.49 11.40 87.87
N ARG B 2407 -27.21 12.15 88.69
CA ARG B 2407 -27.53 11.74 90.08
C ARG B 2407 -28.88 11.03 90.15
N ASP B 2408 -29.56 10.84 89.01
CA ASP B 2408 -30.83 10.07 88.97
C ASP B 2408 -30.52 8.72 88.34
N HIS B 2409 -30.68 7.63 89.12
CA HIS B 2409 -30.29 6.28 88.66
C HIS B 2409 -31.52 5.50 88.20
N SER B 2410 -32.73 6.08 88.26
CA SER B 2410 -33.97 5.36 87.86
C SER B 2410 -33.99 5.18 86.35
N LEU B 2411 -34.47 4.03 85.87
CA LEU B 2411 -34.58 3.83 84.41
C LEU B 2411 -35.85 4.52 83.90
N PRO B 2412 -35.76 5.36 82.86
CA PRO B 2412 -36.96 5.96 82.28
C PRO B 2412 -37.97 4.91 81.76
N PHE B 2413 -37.47 3.82 81.15
CA PHE B 2413 -38.32 2.67 80.76
C PHE B 2413 -37.53 1.37 80.90
N GLN B 2414 -38.25 0.25 81.13
CA GLN B 2414 -37.62 -1.08 81.26
C GLN B 2414 -37.01 -1.51 79.92
N VAL B 2415 -35.79 -2.07 79.97
CA VAL B 2415 -35.03 -2.51 78.77
C VAL B 2415 -35.93 -3.24 77.75
N ILE B 2416 -35.91 -2.76 76.51
CA ILE B 2416 -36.59 -3.42 75.37
C ILE B 2416 -35.65 -4.49 74.83
N SER B 2417 -36.16 -5.72 74.69
CA SER B 2417 -35.40 -6.86 74.12
C SER B 2417 -35.72 -7.03 72.64
N VAL B 2418 -34.70 -7.27 71.82
CA VAL B 2418 -34.81 -7.38 70.34
C VAL B 2418 -34.01 -8.59 69.85
N ALA B 2419 -34.29 -9.06 68.64
CA ALA B 2419 -33.48 -10.13 67.99
C ALA B 2419 -32.24 -9.51 67.31
N GLY B 2420 -31.08 -10.19 67.39
CA GLY B 2420 -29.81 -9.68 66.80
C GLY B 2420 -29.29 -8.42 67.48
N THR B 2421 -28.11 -7.95 67.06
CA THR B 2421 -27.49 -6.72 67.63
C THR B 2421 -28.24 -5.48 67.12
N ALA B 2422 -28.60 -4.54 68.00
CA ALA B 2422 -29.21 -3.25 67.60
C ALA B 2422 -28.09 -2.22 67.35
N ILE B 2423 -27.99 -1.67 66.14
CA ILE B 2423 -26.78 -0.88 65.72
C ILE B 2423 -27.03 0.63 65.79
N ALA B 2424 -28.26 1.10 65.50
CA ALA B 2424 -28.55 2.55 65.45
C ALA B 2424 -30.02 2.78 65.79
N LEU B 2425 -30.38 3.97 66.29
CA LEU B 2425 -31.79 4.26 66.63
C LEU B 2425 -32.12 5.75 66.53
N ASP B 2426 -33.39 6.07 66.26
CA ASP B 2426 -33.93 7.45 66.30
C ASP B 2426 -35.40 7.42 66.72
N TYR B 2427 -35.89 8.50 67.34
CA TYR B 2427 -37.21 8.50 68.01
C TYR B 2427 -38.24 9.27 67.19
N ASP B 2428 -39.47 8.73 67.12
CA ASP B 2428 -40.61 9.37 66.42
C ASP B 2428 -41.57 9.89 67.49
N ARG B 2429 -41.70 11.22 67.59
CA ARG B 2429 -42.55 11.84 68.64
C ARG B 2429 -44.01 11.43 68.42
N ARG B 2430 -44.53 11.63 67.21
CA ARG B 2430 -46.00 11.67 66.98
C ARG B 2430 -46.64 10.34 67.38
N ASN B 2431 -46.01 9.22 67.01
CA ASN B 2431 -46.54 7.87 67.34
C ASN B 2431 -45.87 7.34 68.62
N ASN B 2432 -44.90 8.07 69.20
CA ASN B 2432 -44.20 7.65 70.44
C ASN B 2432 -43.58 6.27 70.21
N ARG B 2433 -42.72 6.17 69.19
CA ARG B 2433 -42.04 4.89 68.87
C ARG B 2433 -40.57 5.18 68.55
N ILE B 2434 -39.73 4.14 68.63
CA ILE B 2434 -38.29 4.24 68.29
C ILE B 2434 -38.06 3.44 67.01
N PHE B 2435 -37.51 4.07 65.98
CA PHE B 2435 -37.05 3.36 64.76
C PHE B 2435 -35.59 2.95 64.96
N PHE B 2436 -35.29 1.67 64.88
CA PHE B 2436 -33.93 1.18 65.13
C PHE B 2436 -33.57 0.13 64.10
N THR B 2437 -32.27 -0.06 63.92
CA THR B 2437 -31.74 -1.01 62.92
C THR B 2437 -31.16 -2.21 63.65
N GLN B 2438 -31.06 -3.34 62.94
CA GLN B 2438 -30.54 -4.60 63.50
C GLN B 2438 -29.48 -5.16 62.56
N LYS B 2439 -28.59 -6.00 63.12
CA LYS B 2439 -27.59 -6.73 62.33
C LYS B 2439 -27.71 -8.21 62.64
N LEU B 2440 -27.95 -9.02 61.60
CA LEU B 2440 -28.00 -10.50 61.72
C LEU B 2440 -26.97 -11.09 60.78
N ASN B 2441 -26.38 -12.25 61.16
CA ASN B 2441 -25.35 -12.95 60.36
C ASN B 2441 -24.22 -11.96 60.02
N SER B 2442 -23.49 -12.19 58.92
CA SER B 2442 -22.41 -11.26 58.49
C SER B 2442 -23.04 -10.09 57.73
N LEU B 2443 -24.09 -10.33 56.92
CA LEU B 2443 -24.57 -9.32 55.94
C LEU B 2443 -26.07 -9.02 56.12
N ARG B 2444 -26.81 -9.78 56.93
CA ARG B 2444 -28.29 -9.65 56.93
C ARG B 2444 -28.70 -8.53 57.90
N GLY B 2445 -28.80 -7.30 57.40
CA GLY B 2445 -29.31 -6.16 58.18
C GLY B 2445 -30.83 -6.19 58.29
N GLN B 2446 -31.40 -5.36 59.15
CA GLN B 2446 -32.87 -5.29 59.34
C GLN B 2446 -33.21 -3.97 60.01
N ILE B 2447 -34.41 -3.44 59.71
CA ILE B 2447 -34.92 -2.20 60.35
C ILE B 2447 -36.27 -2.52 60.97
N SER B 2448 -36.48 -2.07 62.21
CA SER B 2448 -37.73 -2.35 62.95
C SER B 2448 -38.12 -1.10 63.74
N TYR B 2449 -39.32 -1.12 64.33
CA TYR B 2449 -39.76 -0.06 65.25
C TYR B 2449 -40.51 -0.72 66.41
N VAL B 2450 -40.51 -0.02 67.55
CA VAL B 2450 -41.14 -0.49 68.80
C VAL B 2450 -41.81 0.71 69.47
N SER B 2451 -43.01 0.50 70.04
CA SER B 2451 -43.78 1.60 70.66
C SER B 2451 -43.35 1.75 72.12
N LEU B 2452 -43.35 2.99 72.61
CA LEU B 2452 -43.03 3.28 74.03
C LEU B 2452 -44.30 3.40 74.87
N TYR B 2453 -45.49 3.07 74.33
CA TYR B 2453 -46.74 3.10 75.12
C TYR B 2453 -46.83 1.84 76.00
N SER B 2454 -47.86 1.78 76.85
CA SER B 2454 -48.02 0.71 77.87
C SER B 2454 -48.12 -0.67 77.23
N GLY B 2455 -48.58 -0.74 75.97
CA GLY B 2455 -48.69 -2.01 75.23
C GLY B 2455 -47.34 -2.72 75.15
N SER B 2456 -46.31 -1.99 74.70
CA SER B 2456 -44.91 -2.48 74.61
C SER B 2456 -44.86 -3.83 73.89
N SER B 2457 -45.54 -3.94 72.74
CA SER B 2457 -45.56 -5.19 71.93
C SER B 2457 -44.16 -5.47 71.41
N SER B 2458 -43.98 -6.66 70.82
CA SER B 2458 -42.73 -7.03 70.13
C SER B 2458 -42.43 -6.01 69.03
N PRO B 2459 -41.16 -5.66 68.78
CA PRO B 2459 -40.79 -4.74 67.71
C PRO B 2459 -41.33 -5.18 66.35
N THR B 2460 -41.95 -4.24 65.63
CA THR B 2460 -42.57 -4.52 64.31
C THR B 2460 -41.52 -4.30 63.22
N VAL B 2461 -41.32 -5.32 62.37
CA VAL B 2461 -40.24 -5.27 61.35
C VAL B 2461 -40.72 -4.42 60.17
N LEU B 2462 -39.83 -3.61 59.60
CA LEU B 2462 -40.14 -2.82 58.38
C LEU B 2462 -39.52 -3.46 57.14
N LEU B 2463 -38.24 -3.87 57.21
CA LEU B 2463 -37.61 -4.61 56.08
C LEU B 2463 -36.81 -5.79 56.62
N SER B 2464 -36.44 -6.69 55.70
CA SER B 2464 -35.47 -7.77 55.96
C SER B 2464 -34.66 -8.03 54.70
N ASN B 2465 -33.56 -8.80 54.83
CA ASN B 2465 -32.66 -9.20 53.72
C ASN B 2465 -31.88 -7.98 53.20
N ILE B 2466 -31.99 -6.82 53.84
CA ILE B 2466 -31.15 -5.66 53.43
C ILE B 2466 -29.77 -5.83 54.07
N GLY B 2467 -28.78 -5.12 53.52
CA GLY B 2467 -27.39 -5.18 54.02
C GLY B 2467 -27.24 -4.59 55.42
N VAL B 2468 -26.02 -4.62 55.95
CA VAL B 2468 -25.72 -4.07 57.30
C VAL B 2468 -25.92 -2.56 57.23
N THR B 2469 -26.67 -2.04 58.21
CA THR B 2469 -27.02 -0.60 58.25
C THR B 2469 -26.34 0.04 59.46
N ASP B 2470 -25.66 1.16 59.24
CA ASP B 2470 -24.76 1.76 60.24
C ASP B 2470 -25.35 3.06 60.81
N GLY B 2471 -26.50 3.53 60.30
CA GLY B 2471 -27.16 4.72 60.85
C GLY B 2471 -28.59 4.84 60.36
N ILE B 2472 -29.37 5.69 61.04
CA ILE B 2472 -30.80 5.92 60.70
C ILE B 2472 -31.20 7.29 61.25
N ALA B 2473 -32.02 8.01 60.48
CA ALA B 2473 -32.57 9.31 60.89
C ALA B 2473 -34.03 9.38 60.45
N PHE B 2474 -34.85 10.14 61.20
CA PHE B 2474 -36.29 10.27 60.91
C PHE B 2474 -36.61 11.72 60.55
N ASP B 2475 -37.37 11.90 59.47
CA ASP B 2475 -37.83 13.24 59.04
C ASP B 2475 -39.20 13.47 59.68
N TRP B 2476 -39.26 14.32 60.70
CA TRP B 2476 -40.53 14.54 61.44
C TRP B 2476 -41.50 15.38 60.58
N ILE B 2477 -40.97 16.18 59.65
CA ILE B 2477 -41.84 17.04 58.80
C ILE B 2477 -42.40 16.23 57.63
N ASN B 2478 -41.55 15.48 56.93
CA ASN B 2478 -41.95 14.81 55.68
C ASN B 2478 -42.30 13.34 55.95
N ARG B 2479 -42.12 12.86 57.20
CA ARG B 2479 -42.57 11.51 57.61
C ARG B 2479 -41.96 10.42 56.73
N ARG B 2480 -40.65 10.58 56.40
CA ARG B 2480 -39.82 9.58 55.67
C ARG B 2480 -38.64 9.18 56.54
N ILE B 2481 -38.18 7.94 56.40
CA ILE B 2481 -36.99 7.46 57.17
C ILE B 2481 -35.78 7.40 56.23
N TYR B 2482 -34.66 7.96 56.68
CA TYR B 2482 -33.37 7.93 55.97
C TYR B 2482 -32.43 6.98 56.71
N TYR B 2483 -31.78 6.06 56.00
CA TYR B 2483 -30.82 5.11 56.61
C TYR B 2483 -29.70 4.81 55.61
N SER B 2484 -28.56 4.43 56.17
CA SER B 2484 -27.31 4.10 55.44
C SER B 2484 -27.13 2.59 55.43
N ASP B 2485 -26.90 2.03 54.24
CA ASP B 2485 -26.45 0.64 54.08
C ASP B 2485 -24.95 0.68 53.80
N PHE B 2486 -24.16 0.10 54.70
CA PHE B 2486 -22.69 0.08 54.59
C PHE B 2486 -22.24 -1.02 53.62
N SER B 2487 -22.77 -2.24 53.76
CA SER B 2487 -22.34 -3.41 52.95
C SER B 2487 -22.70 -3.18 51.47
N ASN B 2488 -23.55 -2.19 51.18
CA ASN B 2488 -24.07 -1.95 49.82
C ASN B 2488 -23.73 -0.54 49.32
N GLN B 2489 -22.95 0.23 50.10
CA GLN B 2489 -22.40 1.56 49.73
C GLN B 2489 -23.48 2.56 49.29
N THR B 2490 -24.68 2.49 49.87
CA THR B 2490 -25.81 3.40 49.49
C THR B 2490 -26.41 4.07 50.72
N ILE B 2491 -26.79 5.33 50.58
CA ILE B 2491 -27.74 5.97 51.51
C ILE B 2491 -29.10 6.01 50.81
N ASN B 2492 -30.14 5.55 51.48
CA ASN B 2492 -31.49 5.42 50.87
C ASN B 2492 -32.57 5.85 51.86
N SER B 2493 -33.74 6.16 51.31
CA SER B 2493 -34.89 6.74 52.03
C SER B 2493 -36.10 5.79 51.86
N MET B 2494 -37.01 5.84 52.84
CA MET B 2494 -38.23 5.00 52.88
C MET B 2494 -39.32 5.80 53.59
N ALA B 2495 -40.58 5.42 53.37
CA ALA B 2495 -41.72 6.00 54.10
C ALA B 2495 -41.84 5.31 55.46
N GLU B 2496 -42.48 5.97 56.42
CA GLU B 2496 -42.57 5.44 57.81
C GLU B 2496 -43.32 4.11 57.81
N ASP B 2497 -44.07 3.80 56.74
CA ASP B 2497 -44.81 2.52 56.62
C ASP B 2497 -44.00 1.50 55.81
N GLY B 2498 -42.75 1.82 55.46
CA GLY B 2498 -41.98 1.07 54.44
C GLY B 2498 -42.32 1.61 53.07
N SER B 2499 -43.20 0.93 52.32
CA SER B 2499 -43.83 1.46 51.08
C SER B 2499 -42.73 1.94 50.11
N ASN B 2500 -42.85 3.14 49.57
CA ASN B 2500 -41.94 3.67 48.53
C ASN B 2500 -40.52 3.81 49.10
N ARG B 2501 -39.52 3.34 48.35
CA ARG B 2501 -38.10 3.43 48.74
C ARG B 2501 -37.30 4.02 47.58
N ALA B 2502 -36.26 4.84 47.89
CA ALA B 2502 -35.43 5.53 46.86
C ALA B 2502 -33.97 5.70 47.31
N VAL B 2503 -33.01 5.59 46.38
CA VAL B 2503 -31.57 5.89 46.69
C VAL B 2503 -31.37 7.41 46.72
N ILE B 2504 -30.66 7.90 47.74
CA ILE B 2504 -30.35 9.34 47.92
C ILE B 2504 -28.93 9.63 47.42
N ALA B 2505 -27.96 8.74 47.71
CA ALA B 2505 -26.55 8.89 47.24
C ALA B 2505 -25.81 7.55 47.31
N ARG B 2506 -24.69 7.44 46.60
CA ARG B 2506 -23.69 6.36 46.78
C ARG B 2506 -22.49 6.90 47.56
N VAL B 2507 -22.01 6.11 48.53
CA VAL B 2507 -20.98 6.56 49.52
C VAL B 2507 -20.01 5.41 49.81
N SER B 2508 -18.70 5.70 49.93
CA SER B 2508 -17.64 4.66 50.04
C SER B 2508 -17.83 3.82 51.31
N LYS B 2509 -17.92 4.47 52.49
CA LYS B 2509 -18.23 3.82 53.79
C LYS B 2509 -19.13 4.76 54.59
N PRO B 2510 -20.46 4.76 54.38
CA PRO B 2510 -21.35 5.64 55.13
C PRO B 2510 -21.55 5.14 56.58
N ARG B 2511 -21.64 6.09 57.53
CA ARG B 2511 -22.11 5.77 58.90
C ARG B 2511 -23.32 6.64 59.23
N ALA B 2512 -23.18 7.66 60.09
CA ALA B 2512 -24.31 8.45 60.63
C ALA B 2512 -24.93 9.38 59.57
N ILE B 2513 -26.25 9.60 59.70
CA ILE B 2513 -27.03 10.58 58.89
C ILE B 2513 -27.73 11.52 59.86
N VAL B 2514 -27.86 12.79 59.47
CA VAL B 2514 -28.68 13.77 60.22
C VAL B 2514 -29.42 14.64 59.20
N LEU B 2515 -30.64 15.07 59.58
CA LEU B 2515 -31.54 15.80 58.64
C LEU B 2515 -31.86 17.18 59.19
N ASP B 2516 -32.10 18.12 58.29
CA ASP B 2516 -32.55 19.50 58.64
C ASP B 2516 -33.70 19.85 57.71
N PRO B 2517 -34.90 19.27 57.90
CA PRO B 2517 -35.98 19.39 56.93
C PRO B 2517 -36.45 20.84 56.72
N CYS B 2518 -36.43 21.67 57.77
CA CYS B 2518 -36.95 23.05 57.70
C CYS B 2518 -36.04 23.93 56.83
N ARG B 2519 -34.82 23.46 56.51
CA ARG B 2519 -33.95 24.18 55.54
C ARG B 2519 -33.64 23.29 54.34
N GLY B 2520 -34.22 22.08 54.28
CA GLY B 2520 -34.18 21.23 53.07
C GLY B 2520 -32.84 20.54 52.88
N TYR B 2521 -31.95 20.54 53.88
CA TYR B 2521 -30.60 19.95 53.74
C TYR B 2521 -30.48 18.69 54.58
N MET B 2522 -29.58 17.81 54.16
CA MET B 2522 -29.35 16.50 54.81
C MET B 2522 -27.84 16.30 54.85
N TYR B 2523 -27.31 15.86 55.99
CA TYR B 2523 -25.85 15.65 56.15
C TYR B 2523 -25.60 14.18 56.48
N TRP B 2524 -24.42 13.69 56.10
CA TRP B 2524 -23.95 12.33 56.47
C TRP B 2524 -22.44 12.28 56.46
N THR B 2525 -21.92 11.20 57.03
CA THR B 2525 -20.46 11.00 57.20
C THR B 2525 -20.01 9.77 56.40
N ASP B 2526 -18.80 9.89 55.86
CA ASP B 2526 -18.12 8.85 55.07
C ASP B 2526 -16.75 8.59 55.71
N TRP B 2527 -16.42 7.32 55.99
CA TRP B 2527 -15.10 6.96 56.57
C TRP B 2527 -14.31 6.09 55.58
N GLY B 2528 -14.57 6.25 54.27
CA GLY B 2528 -13.92 5.48 53.20
C GLY B 2528 -12.47 5.87 52.92
N THR B 2529 -12.01 5.62 51.68
CA THR B 2529 -10.61 5.83 51.23
C THR B 2529 -10.19 7.28 51.47
N ASN B 2530 -11.11 8.23 51.26
CA ASN B 2530 -11.05 9.59 51.84
C ASN B 2530 -12.23 9.77 52.79
N ALA B 2531 -11.97 10.19 54.03
CA ALA B 2531 -13.03 10.43 55.03
C ALA B 2531 -13.49 11.89 54.94
N LYS B 2532 -14.81 12.10 54.93
CA LYS B 2532 -15.39 13.43 54.67
C LYS B 2532 -16.83 13.48 55.18
N ILE B 2533 -17.32 14.70 55.42
CA ILE B 2533 -18.75 14.92 55.79
C ILE B 2533 -19.40 15.64 54.60
N GLU B 2534 -20.49 15.06 54.10
CA GLU B 2534 -21.15 15.50 52.85
C GLU B 2534 -22.52 16.09 53.17
N ARG B 2535 -22.93 17.09 52.39
CA ARG B 2535 -24.27 17.70 52.50
C ARG B 2535 -24.99 17.59 51.15
N ALA B 2536 -26.29 17.27 51.17
CA ALA B 2536 -27.12 17.33 49.95
C ALA B 2536 -28.50 17.89 50.31
N THR B 2537 -29.32 18.18 49.30
CA THR B 2537 -30.77 18.39 49.57
C THR B 2537 -31.36 17.06 50.06
N LEU B 2538 -32.53 17.11 50.70
CA LEU B 2538 -33.24 15.87 51.11
C LEU B 2538 -33.70 15.04 49.90
N GLY B 2539 -33.70 15.61 48.69
CA GLY B 2539 -33.88 14.87 47.42
C GLY B 2539 -32.62 14.19 46.92
N GLY B 2540 -31.45 14.45 47.53
CA GLY B 2540 -30.14 13.90 47.14
C GLY B 2540 -29.42 14.69 46.04
N ASN B 2541 -29.80 15.96 45.80
CA ASN B 2541 -29.23 16.76 44.71
C ASN B 2541 -28.23 17.78 45.28
N PHE B 2542 -27.36 18.30 44.40
CA PHE B 2542 -26.30 19.28 44.76
C PHE B 2542 -25.50 18.76 45.97
N ARG B 2543 -24.86 17.59 45.81
CA ARG B 2543 -24.05 16.99 46.90
C ARG B 2543 -22.72 17.74 47.02
N VAL B 2544 -22.37 18.23 48.21
CA VAL B 2544 -21.11 18.96 48.45
C VAL B 2544 -20.47 18.46 49.74
N PRO B 2545 -19.12 18.42 49.83
CA PRO B 2545 -18.46 18.06 51.08
C PRO B 2545 -18.28 19.28 52.00
N ILE B 2546 -18.69 19.14 53.26
CA ILE B 2546 -18.61 20.27 54.22
C ILE B 2546 -17.22 20.31 54.84
N VAL B 2547 -16.75 19.18 55.40
CA VAL B 2547 -15.36 19.08 55.90
C VAL B 2547 -14.72 17.82 55.30
N ASN B 2548 -13.56 18.00 54.64
CA ASN B 2548 -12.88 16.88 53.94
C ASN B 2548 -11.37 17.00 54.16
N THR B 2549 -10.96 17.36 55.38
CA THR B 2549 -9.54 17.36 55.79
C THR B 2549 -9.45 16.91 57.25
N SER B 2550 -8.32 16.29 57.63
CA SER B 2550 -8.02 15.89 59.04
C SER B 2550 -9.03 14.85 59.54
N LEU B 2551 -9.82 14.22 58.65
CA LEU B 2551 -10.79 13.19 59.09
C LEU B 2551 -10.29 11.81 58.66
N VAL B 2552 -10.42 10.84 59.57
CA VAL B 2552 -10.08 9.43 59.24
C VAL B 2552 -11.31 8.54 59.50
N TRP B 2553 -11.87 8.55 60.71
CA TRP B 2553 -13.04 7.71 61.06
C TRP B 2553 -14.12 8.58 61.70
N PRO B 2554 -14.74 9.52 60.96
CA PRO B 2554 -15.80 10.34 61.53
C PRO B 2554 -17.07 9.51 61.78
N ASN B 2555 -17.13 8.81 62.90
CA ASN B 2555 -18.25 7.86 63.17
C ASN B 2555 -19.55 8.62 63.47
N GLY B 2556 -19.49 9.66 64.31
CA GLY B 2556 -20.69 10.26 64.93
C GLY B 2556 -21.02 11.63 64.35
N LEU B 2557 -22.31 11.97 64.28
CA LEU B 2557 -22.82 13.27 63.76
C LEU B 2557 -24.01 13.71 64.59
N ALA B 2558 -24.05 14.99 64.94
CA ALA B 2558 -25.18 15.58 65.68
C ALA B 2558 -25.38 17.02 65.21
N LEU B 2559 -26.64 17.42 65.03
CA LEU B 2559 -27.00 18.79 64.61
C LEU B 2559 -27.82 19.44 65.72
N ASP B 2560 -27.45 20.67 66.09
CA ASP B 2560 -28.15 21.40 67.17
C ASP B 2560 -28.95 22.55 66.54
N LEU B 2561 -30.28 22.43 66.56
CA LEU B 2561 -31.15 23.48 65.97
C LEU B 2561 -31.17 24.72 66.87
N GLU B 2562 -30.91 24.54 68.18
CA GLU B 2562 -30.98 25.66 69.16
C GLU B 2562 -29.83 26.64 68.95
N THR B 2563 -28.73 26.22 68.29
CA THR B 2563 -27.57 27.13 68.08
C THR B 2563 -27.06 27.06 66.64
N ASP B 2564 -27.62 26.19 65.79
CA ASP B 2564 -27.24 26.09 64.35
C ASP B 2564 -25.75 25.74 64.23
N LEU B 2565 -25.32 24.67 64.89
CA LEU B 2565 -23.93 24.17 64.78
C LEU B 2565 -23.96 22.68 64.47
N LEU B 2566 -22.92 22.20 63.79
CA LEU B 2566 -22.77 20.77 63.43
C LEU B 2566 -21.64 20.18 64.27
N TYR B 2567 -21.89 19.03 64.91
CA TYR B 2567 -20.90 18.34 65.76
C TYR B 2567 -20.56 16.99 65.14
N TRP B 2568 -19.29 16.59 65.21
CA TRP B 2568 -18.91 15.23 64.77
C TRP B 2568 -17.78 14.67 65.63
N ALA B 2569 -17.71 13.35 65.70
CA ALA B 2569 -16.74 12.63 66.54
C ALA B 2569 -15.91 11.71 65.65
N ASP B 2570 -14.60 11.94 65.59
CA ASP B 2570 -13.68 11.07 64.82
C ASP B 2570 -13.00 10.10 65.79
N ALA B 2571 -13.18 8.81 65.52
CA ALA B 2571 -12.69 7.71 66.37
C ALA B 2571 -11.19 7.49 66.19
N SER B 2572 -10.61 7.75 65.01
CA SER B 2572 -9.16 7.56 64.80
C SER B 2572 -8.38 8.72 65.44
N LEU B 2573 -8.80 9.96 65.16
CA LEU B 2573 -8.18 11.17 65.77
C LEU B 2573 -8.48 11.24 67.26
N GLN B 2574 -9.56 10.57 67.70
CA GLN B 2574 -10.09 10.62 69.09
C GLN B 2574 -10.40 12.07 69.48
N LYS B 2575 -11.22 12.75 68.67
CA LYS B 2575 -11.64 14.14 68.98
C LYS B 2575 -13.12 14.30 68.64
N ILE B 2576 -13.81 15.14 69.43
CA ILE B 2576 -15.13 15.69 69.04
C ILE B 2576 -14.93 17.14 68.64
N GLU B 2577 -15.48 17.52 67.49
CA GLU B 2577 -15.32 18.88 66.92
C GLU B 2577 -16.70 19.47 66.61
N ARG B 2578 -16.73 20.79 66.46
CA ARG B 2578 -17.95 21.57 66.12
C ARG B 2578 -17.63 22.52 64.98
N SER B 2579 -18.63 22.86 64.17
CA SER B 2579 -18.50 23.90 63.12
C SER B 2579 -19.87 24.52 62.82
N THR B 2580 -19.86 25.65 62.11
CA THR B 2580 -21.10 26.19 61.52
C THR B 2580 -21.57 25.23 60.42
N LEU B 2581 -22.84 25.35 60.01
CA LEU B 2581 -23.41 24.47 58.97
C LEU B 2581 -22.64 24.64 57.65
N THR B 2582 -21.94 25.76 57.47
CA THR B 2582 -21.07 25.98 56.29
C THR B 2582 -19.71 25.31 56.49
N GLY B 2583 -19.40 24.88 57.73
CA GLY B 2583 -18.10 24.23 58.04
C GLY B 2583 -16.99 25.24 58.20
N THR B 2584 -17.28 26.50 58.51
CA THR B 2584 -16.23 27.56 58.61
C THR B 2584 -15.54 27.51 59.97
N ASN B 2585 -16.28 27.69 61.08
CA ASN B 2585 -15.67 27.93 62.42
C ASN B 2585 -15.35 26.58 63.10
N ARG B 2586 -14.48 25.77 62.48
CA ARG B 2586 -14.10 24.44 62.99
C ARG B 2586 -13.31 24.60 64.29
N GLU B 2587 -13.75 23.91 65.34
CA GLU B 2587 -13.13 23.95 66.68
C GLU B 2587 -13.19 22.56 67.31
N VAL B 2588 -12.18 22.18 68.08
CA VAL B 2588 -12.29 20.96 68.93
C VAL B 2588 -13.10 21.35 70.19
N VAL B 2589 -14.02 20.46 70.61
CA VAL B 2589 -14.80 20.65 71.85
C VAL B 2589 -14.35 19.62 72.90
N VAL B 2590 -13.98 18.41 72.49
CA VAL B 2590 -13.36 17.40 73.41
C VAL B 2590 -12.15 16.81 72.68
N SER B 2591 -10.95 17.06 73.19
CA SER B 2591 -9.74 16.32 72.77
C SER B 2591 -9.67 14.99 73.54
N THR B 2592 -9.04 13.96 72.94
CA THR B 2592 -9.03 12.56 73.45
C THR B 2592 -10.44 12.11 73.87
N ALA B 2593 -11.30 11.87 72.88
CA ALA B 2593 -12.69 11.40 73.08
C ALA B 2593 -12.78 9.88 73.22
N PHE B 2594 -11.64 9.14 73.09
CA PHE B 2594 -11.58 7.67 72.86
C PHE B 2594 -12.35 7.29 71.58
N HIS B 2595 -12.75 6.01 71.48
CA HIS B 2595 -13.29 5.41 70.22
C HIS B 2595 -14.78 5.75 70.11
N SER B 2596 -15.07 6.99 69.73
CA SER B 2596 -16.45 7.51 69.61
C SER B 2596 -17.24 6.69 68.58
N PHE B 2597 -18.55 6.52 68.83
CA PHE B 2597 -19.43 5.95 67.78
C PHE B 2597 -20.75 6.72 67.74
N GLY B 2598 -21.61 6.59 68.76
CA GLY B 2598 -22.84 7.39 68.83
C GLY B 2598 -22.52 8.81 69.28
N LEU B 2599 -23.23 9.81 68.74
CA LEU B 2599 -23.16 11.20 69.27
C LEU B 2599 -24.59 11.75 69.28
N THR B 2600 -24.92 12.55 70.31
CA THR B 2600 -26.17 13.34 70.34
C THR B 2600 -25.92 14.61 71.16
N VAL B 2601 -26.80 15.60 71.02
CA VAL B 2601 -26.70 16.87 71.78
C VAL B 2601 -28.08 17.22 72.32
N TYR B 2602 -28.13 17.63 73.58
CA TYR B 2602 -29.38 18.09 74.23
C TYR B 2602 -29.00 19.03 75.36
N GLY B 2603 -29.80 20.11 75.50
CA GLY B 2603 -29.50 21.19 76.47
C GLY B 2603 -28.10 21.73 76.25
N GLN B 2604 -27.27 21.73 77.31
CA GLN B 2604 -25.93 22.35 77.24
C GLN B 2604 -24.86 21.29 76.99
N TYR B 2605 -25.21 20.01 76.89
CA TYR B 2605 -24.21 18.92 76.88
C TYR B 2605 -24.31 18.10 75.61
N ILE B 2606 -23.18 17.49 75.22
CA ILE B 2606 -23.06 16.51 74.11
C ILE B 2606 -22.83 15.13 74.74
N TYR B 2607 -23.57 14.11 74.29
CA TYR B 2607 -23.49 12.75 74.87
C TYR B 2607 -22.91 11.83 73.81
N TRP B 2608 -21.89 11.03 74.13
CA TRP B 2608 -21.34 10.09 73.13
C TRP B 2608 -21.09 8.70 73.73
N THR B 2609 -21.17 7.69 72.86
CA THR B 2609 -20.84 6.31 73.27
C THR B 2609 -19.40 6.02 72.83
N ASP B 2610 -18.66 5.35 73.70
CA ASP B 2610 -17.26 4.96 73.43
C ASP B 2610 -17.18 3.44 73.36
N LEU B 2611 -16.67 2.89 72.25
CA LEU B 2611 -16.56 1.42 72.08
C LEU B 2611 -15.30 0.87 72.78
N TYR B 2612 -14.32 1.72 73.10
CA TYR B 2612 -13.07 1.30 73.78
C TYR B 2612 -13.31 1.10 75.28
N THR B 2613 -13.87 2.10 75.98
CA THR B 2613 -14.13 1.99 77.45
C THR B 2613 -15.51 1.39 77.75
N ARG B 2614 -16.41 1.25 76.76
CA ARG B 2614 -17.79 0.72 76.93
C ARG B 2614 -18.56 1.60 77.94
N LYS B 2615 -18.44 2.92 77.78
CA LYS B 2615 -19.18 3.89 78.62
C LYS B 2615 -19.84 4.93 77.73
N ILE B 2616 -20.82 5.62 78.30
CA ILE B 2616 -21.38 6.86 77.70
C ILE B 2616 -20.81 8.01 78.52
N TYR B 2617 -20.13 8.95 77.88
CA TYR B 2617 -19.67 10.19 78.54
C TYR B 2617 -20.57 11.36 78.14
N ARG B 2618 -20.42 12.48 78.87
CA ARG B 2618 -21.06 13.76 78.51
C ARG B 2618 -20.04 14.88 78.73
N ALA B 2619 -20.19 15.98 78.01
CA ALA B 2619 -19.33 17.16 78.17
C ALA B 2619 -20.12 18.39 77.76
N ASN B 2620 -19.71 19.57 78.25
CA ASN B 2620 -20.35 20.83 77.84
C ASN B 2620 -20.17 21.06 76.33
N LYS B 2621 -21.25 21.37 75.59
CA LYS B 2621 -21.27 21.49 74.11
C LYS B 2621 -20.43 22.68 73.59
N TYR B 2622 -20.06 23.65 74.43
CA TYR B 2622 -19.27 24.83 73.99
C TYR B 2622 -17.77 24.58 74.13
N ASP B 2623 -17.32 23.88 75.17
CA ASP B 2623 -15.89 23.89 75.58
C ASP B 2623 -15.46 22.58 76.27
N GLY B 2624 -16.34 21.59 76.36
CA GLY B 2624 -16.02 20.25 76.91
C GLY B 2624 -15.60 20.28 78.36
N SER B 2625 -16.11 21.20 79.20
CA SER B 2625 -15.58 21.38 80.57
C SER B 2625 -16.05 20.23 81.47
N ASP B 2626 -17.36 20.14 81.71
CA ASP B 2626 -17.92 19.23 82.73
C ASP B 2626 -17.97 17.82 82.14
N LEU B 2627 -16.81 17.14 82.06
CA LEU B 2627 -16.80 15.77 81.49
C LEU B 2627 -16.99 14.74 82.60
N VAL B 2628 -18.09 13.97 82.53
CA VAL B 2628 -18.31 12.85 83.47
C VAL B 2628 -18.74 11.63 82.66
N ALA B 2629 -18.69 10.45 83.28
CA ALA B 2629 -19.18 9.21 82.64
C ALA B 2629 -20.61 8.95 83.13
N MET B 2630 -21.55 8.88 82.19
CA MET B 2630 -22.98 8.70 82.55
C MET B 2630 -23.23 7.28 83.07
N THR B 2631 -22.54 6.27 82.49
CA THR B 2631 -22.74 4.83 82.80
C THR B 2631 -21.46 4.24 83.40
N THR B 2632 -21.59 3.12 84.12
CA THR B 2632 -20.44 2.28 84.52
C THR B 2632 -19.92 1.57 83.27
N ARG B 2633 -18.84 0.80 83.41
CA ARG B 2633 -18.35 -0.01 82.26
C ARG B 2633 -19.41 -1.05 81.91
N LEU B 2634 -20.10 -0.86 80.79
CA LEU B 2634 -21.20 -1.75 80.34
C LEU B 2634 -20.64 -3.13 79.97
N PRO B 2635 -21.44 -4.22 80.10
CA PRO B 2635 -20.96 -5.57 79.81
C PRO B 2635 -20.65 -5.87 78.34
N THR B 2636 -21.00 -4.95 77.42
CA THR B 2636 -20.79 -5.07 75.95
C THR B 2636 -20.88 -3.68 75.33
N GLN B 2637 -20.59 -3.53 74.03
CA GLN B 2637 -20.31 -2.19 73.43
C GLN B 2637 -21.60 -1.37 73.20
N PRO B 2638 -21.73 -0.14 73.76
CA PRO B 2638 -22.87 0.73 73.53
C PRO B 2638 -22.84 1.29 72.10
N SER B 2639 -23.72 0.75 71.24
CA SER B 2639 -23.53 0.78 69.77
C SER B 2639 -24.14 2.03 69.11
N GLY B 2640 -25.05 2.77 69.75
CA GLY B 2640 -25.65 3.98 69.15
C GLY B 2640 -26.47 4.74 70.17
N ILE B 2641 -26.76 6.03 69.93
CA ILE B 2641 -27.43 6.88 70.98
C ILE B 2641 -28.38 7.89 70.34
N SER B 2642 -29.43 8.25 71.06
CA SER B 2642 -30.41 9.28 70.64
C SER B 2642 -31.07 9.89 71.88
N THR B 2643 -31.60 11.10 71.75
CA THR B 2643 -32.57 11.64 72.73
C THR B 2643 -33.97 11.06 72.50
N VAL B 2644 -34.83 11.27 73.49
CA VAL B 2644 -36.31 11.17 73.38
C VAL B 2644 -36.87 12.51 73.87
N VAL B 2645 -37.65 13.21 73.05
CA VAL B 2645 -38.10 14.60 73.33
C VAL B 2645 -39.63 14.62 73.32
N LYS B 2646 -40.25 15.18 74.38
CA LYS B 2646 -41.72 15.23 74.49
C LYS B 2646 -42.28 16.49 73.84
N THR B 2647 -41.42 17.44 73.47
CA THR B 2647 -41.87 18.70 72.82
C THR B 2647 -41.58 18.62 71.32
N GLN B 2648 -42.47 19.21 70.52
CA GLN B 2648 -42.33 19.23 69.05
C GLN B 2648 -41.07 20.03 68.68
N ARG B 2649 -40.30 19.53 67.71
CA ARG B 2649 -39.16 20.28 67.15
C ARG B 2649 -39.67 21.30 66.14
N GLN B 2650 -38.77 21.90 65.35
CA GLN B 2650 -39.14 22.87 64.29
C GLN B 2650 -40.30 22.28 63.47
N GLN B 2651 -41.39 23.05 63.32
CA GLN B 2651 -42.64 22.55 62.71
C GLN B 2651 -43.00 23.39 61.49
N CYS B 2652 -42.04 23.58 60.58
CA CYS B 2652 -42.26 24.29 59.31
C CYS B 2652 -43.25 23.51 58.44
N SER B 2653 -43.99 24.24 57.60
CA SER B 2653 -45.03 23.68 56.71
C SER B 2653 -44.39 22.83 55.61
N ASN B 2654 -44.82 21.57 55.48
CA ASN B 2654 -44.30 20.66 54.43
C ASN B 2654 -44.94 21.03 53.10
N PRO B 2655 -44.16 21.41 52.07
CA PRO B 2655 -44.73 21.69 50.75
C PRO B 2655 -45.14 20.44 49.96
N CYS B 2656 -44.82 19.25 50.48
CA CYS B 2656 -44.95 17.98 49.71
C CYS B 2656 -46.35 17.39 49.85
N ASP B 2657 -47.15 17.82 50.84
CA ASP B 2657 -48.51 17.23 51.03
C ASP B 2657 -49.45 17.69 49.91
N GLN B 2658 -49.30 18.93 49.43
CA GLN B 2658 -50.20 19.54 48.43
C GLN B 2658 -50.02 18.84 47.08
N PHE B 2659 -50.97 17.97 46.71
CA PHE B 2659 -50.96 17.25 45.41
C PHE B 2659 -49.65 16.47 45.26
N ASN B 2660 -49.17 15.89 46.36
CA ASN B 2660 -47.87 15.16 46.39
C ASN B 2660 -46.74 16.05 45.90
N GLY B 2661 -46.86 17.38 46.10
CA GLY B 2661 -45.87 18.38 45.65
C GLY B 2661 -45.66 18.34 44.14
N GLY B 2662 -46.65 17.81 43.40
CA GLY B 2662 -46.61 17.75 41.93
C GLY B 2662 -45.82 16.56 41.40
N CYS B 2663 -45.07 15.84 42.23
CA CYS B 2663 -44.26 14.68 41.78
C CYS B 2663 -45.17 13.47 41.56
N SER B 2664 -44.71 12.52 40.73
CA SER B 2664 -45.50 11.34 40.27
C SER B 2664 -45.51 10.22 41.32
N HIS B 2665 -44.47 10.14 42.17
CA HIS B 2665 -44.33 9.03 43.17
C HIS B 2665 -43.85 9.59 44.49
N ILE B 2666 -42.55 9.90 44.58
CA ILE B 2666 -41.86 10.27 45.84
C ILE B 2666 -41.45 11.74 45.75
N CYS B 2667 -41.61 12.50 46.83
CA CYS B 2667 -41.12 13.89 46.89
C CYS B 2667 -40.58 14.17 48.28
N ALA B 2668 -39.57 15.04 48.34
CA ALA B 2668 -38.92 15.48 49.61
C ALA B 2668 -38.80 17.00 49.60
N PRO B 2669 -38.85 17.67 50.77
CA PRO B 2669 -38.59 19.09 50.84
C PRO B 2669 -37.18 19.46 50.32
N GLY B 2670 -36.97 20.75 50.06
CA GLY B 2670 -35.70 21.23 49.49
C GLY B 2670 -35.39 22.65 49.90
N PRO B 2671 -34.20 23.17 49.57
CA PRO B 2671 -33.85 24.56 49.83
C PRO B 2671 -34.81 25.56 49.18
N ASN B 2672 -35.33 25.22 47.98
CA ASN B 2672 -36.18 26.14 47.20
C ASN B 2672 -37.62 25.61 47.15
N GLY B 2673 -37.80 24.37 46.68
CA GLY B 2673 -39.13 23.76 46.52
C GLY B 2673 -39.05 22.25 46.60
N ALA B 2674 -40.22 21.58 46.61
CA ALA B 2674 -40.33 20.11 46.70
C ALA B 2674 -39.53 19.47 45.55
N GLU B 2675 -38.70 18.48 45.88
CA GLU B 2675 -37.84 17.77 44.92
C GLU B 2675 -38.37 16.35 44.74
N CYS B 2676 -38.45 15.89 43.50
CA CYS B 2676 -39.01 14.55 43.20
C CYS B 2676 -37.90 13.48 43.21
N GLN B 2677 -38.26 12.25 43.60
CA GLN B 2677 -37.39 11.06 43.47
C GLN B 2677 -38.16 9.93 42.76
N CYS B 2678 -37.43 9.01 42.11
CA CYS B 2678 -38.04 7.84 41.43
C CYS B 2678 -37.61 6.55 42.14
N PRO B 2679 -38.48 5.51 42.19
CA PRO B 2679 -38.13 4.25 42.86
C PRO B 2679 -36.88 3.58 42.29
N HIS B 2680 -36.27 2.70 43.10
CA HIS B 2680 -35.03 1.97 42.74
C HIS B 2680 -35.35 0.64 42.03
N GLU B 2681 -36.63 0.36 41.75
CA GLU B 2681 -37.06 -0.94 41.18
C GLU B 2681 -36.64 -1.08 39.71
N GLY B 2682 -36.07 -0.01 39.11
CA GLY B 2682 -35.67 -0.05 37.68
C GLY B 2682 -34.88 1.17 37.28
N ASN B 2683 -34.81 1.42 35.96
CA ASN B 2683 -34.07 2.57 35.37
C ASN B 2683 -35.05 3.71 35.11
N TRP B 2684 -34.74 4.92 35.59
CA TRP B 2684 -35.68 6.05 35.59
C TRP B 2684 -34.96 7.36 35.28
N TYR B 2685 -35.69 8.34 34.73
CA TYR B 2685 -35.17 9.72 34.61
C TYR B 2685 -36.27 10.74 34.93
N LEU B 2686 -35.83 11.90 35.44
CA LEU B 2686 -36.73 12.97 35.95
C LEU B 2686 -37.18 13.83 34.76
N ALA B 2687 -38.31 13.43 34.14
CA ALA B 2687 -38.94 14.13 33.02
C ALA B 2687 -39.65 15.42 33.46
N ASN B 2688 -40.11 16.19 32.46
CA ASN B 2688 -41.12 17.27 32.58
C ASN B 2688 -40.69 18.34 33.59
N ASP B 2689 -39.64 19.09 33.24
CA ASP B 2689 -39.05 20.10 34.15
C ASP B 2689 -38.73 19.40 35.48
N ASN B 2690 -37.98 18.28 35.39
CA ASN B 2690 -37.47 17.48 36.53
C ASN B 2690 -38.55 17.25 37.61
N LYS B 2691 -39.84 17.08 37.23
CA LYS B 2691 -40.94 16.92 38.23
C LYS B 2691 -41.59 15.55 38.16
N TYR B 2692 -41.02 14.58 37.42
CA TYR B 2692 -41.83 13.42 36.99
C TYR B 2692 -40.99 12.19 36.68
N CYS B 2693 -41.49 10.98 36.93
CA CYS B 2693 -40.69 9.74 36.74
C CYS B 2693 -41.09 9.02 35.45
N VAL B 2694 -40.11 8.77 34.57
CA VAL B 2694 -40.33 8.01 33.31
C VAL B 2694 -39.27 6.93 33.18
N VAL B 2695 -39.66 5.74 32.70
CA VAL B 2695 -38.74 4.59 32.56
C VAL B 2695 -37.67 4.93 31.50
N ASP B 2696 -36.41 4.74 31.88
CA ASP B 2696 -35.25 5.24 31.10
C ASP B 2696 -34.87 4.25 29.99
N THR B 2697 -35.66 4.21 28.91
CA THR B 2697 -35.35 3.40 27.69
C THR B 2697 -34.36 4.15 26.78
N GLY B 2698 -33.65 5.17 27.30
CA GLY B 2698 -32.62 5.93 26.57
C GLY B 2698 -33.18 7.02 25.66
N THR B 2699 -34.30 6.77 24.96
CA THR B 2699 -34.96 7.78 24.09
C THR B 2699 -35.56 8.92 24.95
N ARG B 2700 -35.67 10.13 24.35
CA ARG B 2700 -36.17 11.37 25.02
C ARG B 2700 -37.23 12.05 24.13
N CYS B 2701 -38.16 12.75 24.78
CA CYS B 2701 -39.08 13.69 24.08
C CYS B 2701 -38.31 14.93 23.57
N ASN B 2702 -38.98 15.72 22.73
CA ASN B 2702 -38.41 16.98 22.18
C ASN B 2702 -38.58 18.10 23.21
N GLN B 2703 -38.16 19.32 22.86
CA GLN B 2703 -38.20 20.48 23.79
C GLN B 2703 -39.66 20.84 24.11
N LEU B 2704 -40.56 20.80 23.10
CA LEU B 2704 -41.93 21.37 23.25
C LEU B 2704 -42.93 20.27 23.58
N GLN B 2705 -42.48 19.03 23.82
CA GLN B 2705 -43.41 17.89 24.05
C GLN B 2705 -43.45 17.57 25.55
N PHE B 2706 -44.64 17.29 26.06
CA PHE B 2706 -44.84 16.77 27.44
C PHE B 2706 -44.45 15.29 27.46
N THR B 2707 -44.01 14.75 28.61
CA THR B 2707 -43.71 13.30 28.73
C THR B 2707 -44.76 12.62 29.62
N CYS B 2708 -45.27 11.47 29.19
CA CYS B 2708 -46.18 10.66 30.03
C CYS B 2708 -45.39 9.61 30.82
N LEU B 2709 -45.98 9.01 31.87
CA LEU B 2709 -45.30 7.93 32.66
C LEU B 2709 -44.93 6.75 31.73
N ASN B 2710 -45.77 6.48 30.72
CA ASN B 2710 -45.60 5.35 29.78
C ASN B 2710 -44.90 5.75 28.48
N GLY B 2711 -44.38 6.99 28.34
CA GLY B 2711 -43.81 7.50 27.08
C GLY B 2711 -44.88 8.06 26.13
N HIS B 2712 -44.73 7.83 24.81
CA HIS B 2712 -45.62 8.39 23.74
C HIS B 2712 -45.84 9.88 23.98
N CYS B 2713 -44.77 10.68 23.82
CA CYS B 2713 -44.77 12.14 24.09
C CYS B 2713 -45.97 12.81 23.41
N ILE B 2714 -46.48 13.88 24.03
CA ILE B 2714 -47.65 14.64 23.49
C ILE B 2714 -47.29 16.13 23.49
N ASN B 2715 -47.80 16.88 22.51
CA ASN B 2715 -47.44 18.31 22.34
C ASN B 2715 -48.06 19.12 23.48
N GLN B 2716 -47.32 20.12 23.96
CA GLN B 2716 -47.65 20.91 25.19
C GLN B 2716 -49.06 21.49 25.11
N ASP B 2717 -49.60 21.79 23.91
CA ASP B 2717 -50.94 22.39 23.77
C ASP B 2717 -52.02 21.36 24.11
N TRP B 2718 -51.68 20.06 24.18
CA TRP B 2718 -52.63 19.00 24.60
C TRP B 2718 -52.64 18.82 26.12
N LYS B 2719 -51.78 19.54 26.85
CA LYS B 2719 -51.64 19.33 28.31
C LYS B 2719 -52.83 19.96 29.04
N CYS B 2720 -53.53 19.16 29.84
CA CYS B 2720 -54.64 19.62 30.73
C CYS B 2720 -55.75 20.31 29.93
N ASP B 2721 -56.55 19.54 29.18
CA ASP B 2721 -57.64 20.15 28.36
C ASP B 2721 -58.90 19.27 28.28
N ASN B 2722 -59.09 18.31 29.24
CA ASN B 2722 -60.07 17.20 29.22
C ASN B 2722 -59.75 16.05 28.25
N ASP B 2723 -58.73 16.13 27.38
CA ASP B 2723 -58.49 15.01 26.42
C ASP B 2723 -57.39 14.13 26.98
N ASN B 2724 -57.70 12.85 27.20
CA ASN B 2724 -56.68 11.86 27.60
C ASN B 2724 -55.86 11.55 26.34
N ASP B 2725 -54.55 11.80 26.41
CA ASP B 2725 -53.66 11.62 25.23
C ASP B 2725 -52.51 10.68 25.58
N CYS B 2726 -52.15 10.58 26.86
CA CYS B 2726 -51.06 9.68 27.32
C CYS B 2726 -51.58 8.26 27.54
N GLY B 2727 -52.93 8.09 27.61
CA GLY B 2727 -53.54 6.79 27.94
C GLY B 2727 -53.68 6.61 29.44
N ASP B 2728 -52.63 6.95 30.22
CA ASP B 2728 -52.69 6.83 31.70
C ASP B 2728 -53.24 8.10 32.34
N GLY B 2729 -53.46 9.17 31.54
CA GLY B 2729 -53.94 10.48 32.04
C GLY B 2729 -52.84 11.30 32.70
N SER B 2730 -51.56 11.04 32.38
CA SER B 2730 -50.43 11.88 32.85
C SER B 2730 -50.59 13.32 32.34
N ASP B 2731 -51.09 13.50 31.11
CA ASP B 2731 -51.32 14.87 30.56
C ASP B 2731 -52.54 15.51 31.23
N GLU B 2732 -53.35 14.74 31.97
CA GLU B 2732 -54.54 15.30 32.66
C GLU B 2732 -54.61 14.86 34.12
N LEU B 2733 -53.50 14.40 34.72
CA LEU B 2733 -53.51 13.98 36.16
C LEU B 2733 -53.74 15.21 37.02
N PRO B 2734 -54.55 15.13 38.10
CA PRO B 2734 -54.79 16.27 38.97
C PRO B 2734 -53.51 16.90 39.54
N THR B 2735 -52.47 16.09 39.78
CA THR B 2735 -51.16 16.58 40.28
C THR B 2735 -50.50 17.47 39.22
N VAL B 2736 -50.55 17.05 37.94
CA VAL B 2736 -49.89 17.78 36.83
C VAL B 2736 -50.66 19.09 36.61
N CYS B 2737 -51.99 19.02 36.55
CA CYS B 2737 -52.87 20.19 36.26
C CYS B 2737 -53.08 21.04 37.52
N ALA B 2738 -52.33 20.81 38.60
CA ALA B 2738 -52.52 21.60 39.85
C ALA B 2738 -51.77 22.93 39.74
N PHE B 2739 -50.53 22.91 39.27
CA PHE B 2739 -49.68 24.13 39.21
C PHE B 2739 -49.74 24.72 37.79
N HIS B 2740 -50.08 23.88 36.80
CA HIS B 2740 -50.05 24.30 35.37
C HIS B 2740 -51.01 25.48 35.18
N THR B 2741 -50.55 26.47 34.43
CA THR B 2741 -51.37 27.65 34.07
C THR B 2741 -51.53 27.72 32.56
N CYS B 2742 -52.69 28.21 32.12
CA CYS B 2742 -53.02 28.28 30.67
C CYS B 2742 -52.06 29.23 29.96
N ARG B 2743 -51.69 28.86 28.74
CA ARG B 2743 -50.97 29.78 27.82
C ARG B 2743 -51.82 31.04 27.64
N SER B 2744 -51.16 32.16 27.39
CA SER B 2744 -51.82 33.49 27.28
C SER B 2744 -52.92 33.48 26.22
N THR B 2745 -52.85 32.60 25.22
CA THR B 2745 -53.76 32.63 24.06
C THR B 2745 -54.93 31.67 24.24
N ALA B 2746 -54.99 30.94 25.37
CA ALA B 2746 -56.04 29.90 25.57
C ALA B 2746 -57.02 30.34 26.66
N PHE B 2747 -58.29 30.01 26.46
CA PHE B 2747 -59.38 30.31 27.42
C PHE B 2747 -59.21 29.42 28.65
N THR B 2748 -59.27 30.01 29.83
CA THR B 2748 -59.18 29.24 31.09
C THR B 2748 -60.58 28.97 31.62
N CYS B 2749 -60.92 27.70 31.80
CA CYS B 2749 -62.21 27.30 32.42
C CYS B 2749 -62.17 27.61 33.92
N GLY B 2750 -63.35 27.68 34.56
CA GLY B 2750 -63.49 27.70 36.02
C GLY B 2750 -62.88 26.46 36.66
N ASN B 2751 -62.84 25.34 35.91
CA ASN B 2751 -62.28 24.05 36.36
C ASN B 2751 -60.75 24.15 36.44
N GLY B 2752 -60.13 24.91 35.54
CA GLY B 2752 -58.66 25.09 35.51
C GLY B 2752 -58.03 24.47 34.27
N ARG B 2753 -58.84 23.93 33.35
CA ARG B 2753 -58.29 23.41 32.06
C ARG B 2753 -58.01 24.59 31.11
N CYS B 2754 -57.37 24.28 29.99
CA CYS B 2754 -56.92 25.31 29.01
C CYS B 2754 -57.38 24.89 27.62
N VAL B 2755 -58.59 25.31 27.24
CA VAL B 2755 -59.14 25.00 25.89
C VAL B 2755 -58.64 26.04 24.88
N PRO B 2756 -58.41 25.67 23.60
CA PRO B 2756 -58.14 26.63 22.54
C PRO B 2756 -59.27 27.67 22.45
N TYR B 2757 -58.94 28.94 22.18
CA TYR B 2757 -59.94 30.02 22.34
C TYR B 2757 -61.17 29.81 21.43
N HIS B 2758 -60.98 29.28 20.22
CA HIS B 2758 -62.11 29.09 19.27
C HIS B 2758 -63.18 28.11 19.76
N TYR B 2759 -62.91 27.30 20.78
CA TYR B 2759 -63.93 26.41 21.39
C TYR B 2759 -64.99 27.19 22.19
N ARG B 2760 -64.70 28.43 22.61
CA ARG B 2760 -65.59 29.27 23.45
C ARG B 2760 -66.84 29.70 22.65
N CYS B 2761 -68.03 29.53 23.23
CA CYS B 2761 -69.35 29.78 22.59
C CYS B 2761 -69.45 29.12 21.19
N ASP B 2762 -69.22 27.80 21.09
CA ASP B 2762 -69.47 27.05 19.82
C ASP B 2762 -70.60 26.04 20.03
N TYR B 2763 -71.58 26.38 20.88
CA TYR B 2763 -72.72 25.54 21.33
C TYR B 2763 -72.27 24.34 22.19
N TYR B 2764 -71.10 23.72 21.93
CA TYR B 2764 -70.80 22.36 22.41
C TYR B 2764 -69.81 22.37 23.58
N ASN B 2765 -70.25 21.78 24.70
CA ASN B 2765 -69.49 21.73 25.97
C ASN B 2765 -68.24 20.84 25.81
N ASP B 2766 -67.12 21.49 25.50
CA ASP B 2766 -65.77 20.87 25.35
C ASP B 2766 -64.93 21.12 26.62
N CYS B 2767 -65.29 22.13 27.41
CA CYS B 2767 -64.70 22.46 28.72
C CYS B 2767 -65.09 21.43 29.79
N GLY B 2768 -66.14 20.62 29.57
CA GLY B 2768 -66.70 19.70 30.58
C GLY B 2768 -67.58 20.40 31.60
N ASP B 2769 -67.06 21.47 32.22
CA ASP B 2769 -67.77 22.30 33.21
C ASP B 2769 -68.81 23.24 32.55
N ASN B 2770 -68.96 23.19 31.22
CA ASN B 2770 -69.77 24.18 30.44
C ASN B 2770 -69.30 25.62 30.68
N SER B 2771 -68.12 25.85 31.30
CA SER B 2771 -67.65 27.20 31.69
C SER B 2771 -67.30 28.04 30.47
N ASP B 2772 -67.01 27.41 29.32
CA ASP B 2772 -66.77 28.16 28.05
C ASP B 2772 -68.08 28.48 27.30
N GLU B 2773 -69.22 27.84 27.68
CA GLU B 2773 -70.54 28.17 27.08
C GLU B 2773 -71.41 28.99 28.06
N ALA B 2774 -70.95 29.18 29.30
CA ALA B 2774 -71.60 30.10 30.26
C ALA B 2774 -71.54 31.55 29.74
N GLY B 2775 -72.66 32.29 29.87
CA GLY B 2775 -72.75 33.71 29.48
C GLY B 2775 -72.89 33.95 27.98
N CYS B 2776 -72.79 32.91 27.13
CA CYS B 2776 -72.88 33.07 25.66
C CYS B 2776 -74.29 33.55 25.26
N LEU B 2777 -74.38 34.71 24.58
CA LEU B 2777 -75.67 35.24 24.09
C LEU B 2777 -75.86 34.84 22.63
N PHE B 2778 -76.42 33.64 22.40
CA PHE B 2778 -76.71 33.13 21.04
C PHE B 2778 -77.87 33.90 20.40
N ARG B 2779 -77.83 34.06 19.06
CA ARG B 2779 -78.95 34.62 18.26
C ARG B 2779 -80.18 33.72 18.37
N ASN B 2780 -81.39 34.29 18.48
CA ASN B 2780 -82.62 33.45 18.55
C ASN B 2780 -82.95 32.96 17.14
N CYS B 2781 -82.94 31.64 16.94
CA CYS B 2781 -83.29 31.01 15.65
C CYS B 2781 -84.77 31.31 15.34
N ASN B 2782 -85.10 31.46 14.05
CA ASN B 2782 -86.50 31.68 13.64
C ASN B 2782 -87.28 30.37 13.81
N SER B 2783 -87.90 30.19 14.99
CA SER B 2783 -88.62 28.95 15.37
C SER B 2783 -89.76 28.66 14.41
N THR B 2784 -90.26 29.67 13.69
CA THR B 2784 -91.35 29.50 12.69
C THR B 2784 -90.84 28.67 11.51
N THR B 2785 -89.52 28.62 11.28
CA THR B 2785 -88.95 27.82 10.16
C THR B 2785 -87.75 27.00 10.60
N GLU B 2786 -87.01 27.41 11.64
CA GLU B 2786 -85.84 26.65 12.15
C GLU B 2786 -86.22 25.95 13.45
N PHE B 2787 -85.31 25.11 13.96
CA PHE B 2787 -85.45 24.43 15.27
C PHE B 2787 -84.33 24.92 16.20
N THR B 2788 -84.72 25.39 17.39
CA THR B 2788 -83.76 25.85 18.43
C THR B 2788 -83.44 24.65 19.32
N CYS B 2789 -82.25 24.06 19.15
CA CYS B 2789 -81.79 22.86 19.90
C CYS B 2789 -81.66 23.14 21.40
N SER B 2790 -81.58 22.10 22.24
CA SER B 2790 -81.43 22.23 23.72
C SER B 2790 -80.09 22.89 24.10
N ASN B 2791 -79.05 22.82 23.25
CA ASN B 2791 -77.73 23.47 23.49
C ASN B 2791 -77.70 24.90 22.91
N GLY B 2792 -78.81 25.41 22.34
CA GLY B 2792 -78.86 26.76 21.73
C GLY B 2792 -78.49 26.76 20.25
N ARG B 2793 -78.05 25.63 19.67
CA ARG B 2793 -77.74 25.53 18.22
C ARG B 2793 -78.98 25.87 17.39
N CYS B 2794 -78.77 26.62 16.31
CA CYS B 2794 -79.83 26.90 15.30
C CYS B 2794 -79.71 25.92 14.13
N ILE B 2795 -80.82 25.26 13.79
CA ILE B 2795 -80.88 24.31 12.65
C ILE B 2795 -82.25 24.44 12.00
N PRO B 2796 -82.36 24.35 10.66
CA PRO B 2796 -83.68 24.34 10.02
C PRO B 2796 -84.58 23.21 10.54
N LEU B 2797 -85.88 23.49 10.64
CA LEU B 2797 -86.91 22.49 11.01
C LEU B 2797 -86.89 21.33 10.01
N SER B 2798 -86.51 21.59 8.75
CA SER B 2798 -86.43 20.55 7.70
C SER B 2798 -85.38 19.51 8.08
N TYR B 2799 -84.39 19.90 8.91
CA TYR B 2799 -83.29 18.99 9.30
C TYR B 2799 -83.64 18.18 10.55
N VAL B 2800 -84.82 18.40 11.14
CA VAL B 2800 -85.24 17.60 12.32
C VAL B 2800 -85.48 16.16 11.88
N CYS B 2801 -84.78 15.22 12.52
CA CYS B 2801 -84.82 13.77 12.19
C CYS B 2801 -84.73 13.54 10.66
N ASN B 2802 -83.83 14.27 10.01
CA ASN B 2802 -83.61 14.19 8.54
C ASN B 2802 -82.84 12.92 8.17
N GLY B 2803 -82.18 12.25 9.13
CA GLY B 2803 -81.34 11.07 8.87
C GLY B 2803 -80.08 11.06 9.73
N ILE B 2804 -79.64 12.22 10.24
CA ILE B 2804 -78.36 12.36 10.99
C ILE B 2804 -78.49 13.42 12.09
N ASN B 2805 -77.73 13.28 13.18
CA ASN B 2805 -77.73 14.31 14.26
C ASN B 2805 -77.10 15.61 13.74
N ASN B 2806 -77.86 16.71 13.83
CA ASN B 2806 -77.41 18.07 13.49
C ASN B 2806 -77.20 18.89 14.77
N CYS B 2807 -78.13 18.84 15.72
CA CYS B 2807 -78.03 19.60 16.99
C CYS B 2807 -76.81 19.18 17.81
N HIS B 2808 -76.53 17.87 17.88
CA HIS B 2808 -75.51 17.26 18.79
C HIS B 2808 -75.74 17.66 20.25
N ASP B 2809 -76.95 18.09 20.60
CA ASP B 2809 -77.26 18.65 21.95
C ASP B 2809 -77.22 17.53 22.99
N ASN B 2810 -76.99 17.92 24.26
CA ASN B 2810 -77.04 16.98 25.41
C ASN B 2810 -78.38 16.21 25.43
N ASP B 2811 -79.46 16.86 25.01
CA ASP B 2811 -80.83 16.28 24.90
C ASP B 2811 -80.95 15.28 23.74
N THR B 2812 -80.12 15.41 22.70
CA THR B 2812 -80.05 14.55 21.47
C THR B 2812 -81.36 14.54 20.65
N SER B 2813 -82.34 15.41 20.90
CA SER B 2813 -83.74 15.21 20.46
C SER B 2813 -84.02 15.66 19.02
N ASP B 2814 -82.99 16.06 18.23
CA ASP B 2814 -83.15 16.21 16.77
C ASP B 2814 -83.39 14.84 16.12
N GLU B 2815 -82.39 13.94 16.17
CA GLU B 2815 -82.39 12.76 15.26
C GLU B 2815 -83.17 11.59 15.86
N LYS B 2816 -84.45 11.82 16.17
CA LYS B 2816 -85.40 10.76 16.58
C LYS B 2816 -85.76 9.84 15.41
N ASN B 2817 -85.31 10.14 14.17
CA ASN B 2817 -85.64 9.44 12.90
C ASN B 2817 -87.16 9.16 12.79
N CYS B 2818 -87.96 10.21 12.53
CA CYS B 2818 -89.42 10.24 12.79
C CYS B 2818 -90.16 9.28 11.85
N PRO B 2819 -90.03 9.35 10.51
CA PRO B 2819 -91.01 8.67 9.63
C PRO B 2819 -91.03 7.13 9.71
N PRO B 2820 -89.90 6.38 9.63
CA PRO B 2820 -89.94 4.92 9.73
C PRO B 2820 -89.83 4.44 11.19
N HIS B 2821 -90.40 3.24 11.48
CA HIS B 2821 -90.36 2.63 12.83
C HIS B 2821 -89.19 1.63 13.00
N THR B 2822 -88.42 1.32 11.94
CA THR B 2822 -87.35 0.29 11.97
C THR B 2822 -86.29 0.55 10.87
N CYS B 2823 -85.20 -0.22 10.88
CA CYS B 2823 -84.13 -0.18 9.84
C CYS B 2823 -83.94 -1.58 9.22
N PRO B 2824 -83.86 -1.73 7.87
CA PRO B 2824 -83.63 -3.03 7.21
C PRO B 2824 -82.17 -3.51 7.28
N PRO B 2825 -81.87 -4.74 6.78
CA PRO B 2825 -80.50 -5.29 6.73
C PRO B 2825 -79.48 -4.46 5.94
N ASP B 2826 -78.20 -4.91 5.99
CA ASP B 2826 -76.97 -4.19 5.53
C ASP B 2826 -76.66 -2.98 6.44
N PHE B 2827 -77.38 -2.85 7.56
CA PHE B 2827 -77.13 -1.86 8.65
C PHE B 2827 -77.61 -2.49 9.96
N THR B 2828 -77.05 -2.07 11.11
CA THR B 2828 -77.71 -2.31 12.42
C THR B 2828 -78.75 -1.23 12.68
N LYS B 2829 -79.89 -1.63 13.27
CA LYS B 2829 -80.81 -0.69 13.95
C LYS B 2829 -80.08 -0.09 15.16
N CYS B 2830 -79.90 1.23 15.19
CA CYS B 2830 -79.52 1.92 16.45
C CYS B 2830 -80.61 1.65 17.51
N GLN B 2831 -80.26 1.80 18.80
CA GLN B 2831 -80.97 1.13 19.91
C GLN B 2831 -82.29 1.84 20.26
N THR B 2832 -82.20 3.09 20.74
CA THR B 2832 -83.35 3.89 21.28
C THR B 2832 -83.89 4.82 20.20
N THR B 2833 -83.06 5.16 19.21
CA THR B 2833 -83.46 5.86 17.97
C THR B 2833 -83.05 4.96 16.79
N ASN B 2834 -83.91 4.84 15.76
CA ASN B 2834 -83.81 3.73 14.77
C ASN B 2834 -82.96 4.10 13.54
N ILE B 2835 -81.88 4.89 13.70
CA ILE B 2835 -80.99 5.25 12.56
C ILE B 2835 -80.35 3.96 12.00
N CYS B 2836 -80.26 3.86 10.68
CA CYS B 2836 -79.42 2.84 9.99
C CYS B 2836 -77.93 3.21 10.11
N VAL B 2837 -77.20 2.53 11.00
CA VAL B 2837 -75.71 2.69 11.13
C VAL B 2837 -75.08 1.30 10.97
N PRO B 2838 -74.02 1.12 10.14
CA PRO B 2838 -73.27 -0.14 10.10
C PRO B 2838 -72.58 -0.44 11.43
N ARG B 2839 -72.65 -1.68 11.91
CA ARG B 2839 -71.92 -2.05 13.15
C ARG B 2839 -70.44 -1.67 13.02
N ALA B 2840 -69.89 -1.71 11.80
CA ALA B 2840 -68.49 -1.34 11.50
C ALA B 2840 -68.00 -0.10 12.27
N PHE B 2841 -68.86 0.64 12.99
CA PHE B 2841 -68.47 1.80 13.83
C PHE B 2841 -68.74 1.58 15.33
N LEU B 2842 -69.07 0.34 15.71
CA LEU B 2842 -69.35 0.00 17.13
C LEU B 2842 -68.10 0.24 17.98
N CYS B 2843 -68.24 0.93 19.14
CA CYS B 2843 -67.10 1.16 20.09
C CYS B 2843 -65.98 1.96 19.42
N ASP B 2844 -66.20 2.55 18.25
CA ASP B 2844 -65.07 3.16 17.48
C ASP B 2844 -64.56 4.47 18.11
N GLY B 2845 -65.31 5.12 19.00
CA GLY B 2845 -64.83 6.26 19.80
C GLY B 2845 -65.67 7.52 19.66
N ASP B 2846 -66.76 7.47 18.86
CA ASP B 2846 -67.73 8.58 18.79
C ASP B 2846 -69.13 8.01 18.49
N ASN B 2847 -70.17 8.67 19.02
CA ASN B 2847 -71.55 8.15 19.06
C ASN B 2847 -72.22 8.32 17.67
N ASP B 2848 -71.96 7.38 16.76
CA ASP B 2848 -72.51 7.38 15.37
C ASP B 2848 -74.03 7.50 15.35
N CYS B 2849 -74.70 6.80 16.26
CA CYS B 2849 -76.19 6.81 16.37
C CYS B 2849 -76.67 8.11 17.00
N GLY B 2850 -75.86 8.76 17.85
CA GLY B 2850 -76.33 9.74 18.86
C GLY B 2850 -77.17 9.06 19.92
N ASP B 2851 -76.94 7.75 20.18
CA ASP B 2851 -77.87 6.90 20.98
C ASP B 2851 -77.16 5.76 21.72
N GLY B 2852 -75.87 5.54 21.45
CA GLY B 2852 -75.11 4.54 22.20
C GLY B 2852 -75.25 3.13 21.65
N SER B 2853 -76.03 2.94 20.57
CA SER B 2853 -76.08 1.59 19.96
C SER B 2853 -74.69 1.23 19.44
N ASP B 2854 -73.97 2.21 18.88
CA ASP B 2854 -72.59 1.99 18.39
C ASP B 2854 -71.64 2.01 19.59
N GLU B 2855 -72.16 2.21 20.81
CA GLU B 2855 -71.34 2.18 22.04
C GLU B 2855 -72.05 1.29 23.05
N ASN B 2856 -73.04 0.49 22.60
CA ASN B 2856 -73.86 -0.34 23.52
C ASN B 2856 -72.98 -1.37 24.25
N PRO B 2857 -73.15 -1.56 25.58
CA PRO B 2857 -72.43 -2.61 26.30
C PRO B 2857 -73.05 -3.95 25.88
N ILE B 2858 -74.26 -3.90 25.30
CA ILE B 2858 -74.96 -5.13 24.83
C ILE B 2858 -74.05 -5.87 23.86
N TYR B 2859 -73.31 -5.11 23.01
CA TYR B 2859 -72.35 -5.76 22.08
C TYR B 2859 -70.96 -5.18 22.29
N CYS B 2860 -69.95 -5.69 21.55
CA CYS B 2860 -68.52 -5.27 21.70
C CYS B 2860 -68.05 -5.37 23.16
N ALA B 2861 -68.77 -4.77 24.14
CA ALA B 2861 -68.38 -4.92 25.56
C ALA B 2861 -68.65 -6.34 26.05
N SER B 2862 -69.74 -6.98 25.59
CA SER B 2862 -70.15 -8.34 26.04
C SER B 2862 -69.25 -9.41 25.40
N HIS B 2863 -69.46 -9.73 24.09
CA HIS B 2863 -68.65 -10.74 23.35
C HIS B 2863 -68.33 -10.21 21.94
N THR B 2864 -67.33 -10.86 21.30
CA THR B 2864 -66.56 -10.29 20.15
C THR B 2864 -67.35 -10.32 18.84
N CYS B 2865 -68.23 -9.32 18.64
CA CYS B 2865 -68.90 -8.97 17.36
C CYS B 2865 -69.82 -10.10 16.84
N ARG B 2866 -70.41 -9.90 15.65
CA ARG B 2866 -71.21 -10.95 14.95
C ARG B 2866 -70.27 -11.93 14.23
N SER B 2867 -70.78 -13.11 13.82
CA SER B 2867 -70.00 -14.19 13.16
C SER B 2867 -69.23 -13.70 11.91
N ASN B 2868 -69.69 -12.64 11.26
CA ASN B 2868 -69.10 -12.07 10.02
C ASN B 2868 -68.05 -10.97 10.31
N GLU B 2869 -67.61 -10.79 11.58
CA GLU B 2869 -66.78 -9.65 12.01
C GLU B 2869 -65.60 -10.07 12.91
N PHE B 2870 -64.70 -9.10 13.16
CA PHE B 2870 -63.53 -9.21 14.06
C PHE B 2870 -63.40 -7.88 14.83
N GLN B 2871 -62.72 -7.88 15.99
CA GLN B 2871 -62.51 -6.64 16.79
C GLN B 2871 -61.06 -6.13 16.74
N CYS B 2872 -60.90 -4.90 16.25
CA CYS B 2872 -59.66 -4.08 16.35
C CYS B 2872 -59.24 -3.89 17.82
N LEU B 2873 -57.93 -3.78 18.07
CA LEU B 2873 -57.36 -3.43 19.40
C LEU B 2873 -57.26 -1.90 19.58
N SER B 2874 -57.04 -1.13 18.50
CA SER B 2874 -56.89 0.35 18.57
C SER B 2874 -57.43 1.00 17.29
N PRO B 2875 -58.59 1.72 17.36
CA PRO B 2875 -59.47 1.78 18.52
C PRO B 2875 -60.13 0.40 18.81
N GLN B 2876 -60.68 0.22 20.01
CA GLN B 2876 -61.51 -0.97 20.32
C GLN B 2876 -62.76 -0.91 19.43
N ARG B 2877 -62.87 -1.79 18.40
CA ARG B 2877 -63.87 -1.57 17.33
C ARG B 2877 -64.20 -2.86 16.59
N CYS B 2878 -65.48 -3.22 16.50
CA CYS B 2878 -65.92 -4.30 15.58
C CYS B 2878 -65.82 -3.81 14.12
N ILE B 2879 -65.22 -4.64 13.26
CA ILE B 2879 -65.04 -4.36 11.80
C ILE B 2879 -65.37 -5.64 11.01
N PRO B 2880 -65.69 -5.54 9.70
CA PRO B 2880 -65.97 -6.71 8.88
C PRO B 2880 -64.81 -7.72 8.77
N SER B 2881 -65.17 -9.01 8.63
CA SER B 2881 -64.20 -10.11 8.37
C SER B 2881 -63.48 -9.89 7.03
N TYR B 2882 -64.03 -9.11 6.10
CA TYR B 2882 -63.35 -8.73 4.83
C TYR B 2882 -62.48 -7.46 4.97
N TRP B 2883 -62.39 -6.85 6.16
CA TRP B 2883 -61.32 -5.88 6.51
C TRP B 2883 -60.22 -6.63 7.27
N PHE B 2884 -60.60 -7.37 8.31
CA PHE B 2884 -59.67 -8.24 9.05
C PHE B 2884 -58.90 -9.16 8.08
N CYS B 2885 -57.58 -9.06 8.12
CA CYS B 2885 -56.63 -9.87 7.31
C CYS B 2885 -56.93 -9.78 5.80
N ASP B 2886 -57.13 -8.57 5.25
CA ASP B 2886 -57.56 -8.37 3.84
C ASP B 2886 -56.41 -7.91 2.93
N GLY B 2887 -55.20 -7.70 3.47
CA GLY B 2887 -54.03 -7.15 2.73
C GLY B 2887 -53.81 -5.65 2.93
N GLU B 2888 -54.65 -4.97 3.72
CA GLU B 2888 -54.58 -3.50 3.98
C GLU B 2888 -54.74 -3.23 5.48
N ALA B 2889 -54.41 -2.01 5.95
CA ALA B 2889 -54.61 -1.62 7.37
C ALA B 2889 -55.94 -0.87 7.53
N ASP B 2890 -56.82 -1.36 8.42
CA ASP B 2890 -58.24 -0.90 8.54
C ASP B 2890 -58.58 -0.33 9.93
N CYS B 2891 -57.97 -0.87 11.00
CA CYS B 2891 -57.90 -0.19 12.32
C CYS B 2891 -56.92 0.99 12.25
N ALA B 2892 -56.88 1.85 13.28
CA ALA B 2892 -55.93 2.99 13.35
C ALA B 2892 -54.49 2.47 13.43
N ASP B 2893 -54.22 1.45 14.27
CA ASP B 2893 -52.85 0.91 14.50
C ASP B 2893 -52.64 -0.43 13.77
N GLY B 2894 -53.46 -0.73 12.74
CA GLY B 2894 -53.26 -1.89 11.84
C GLY B 2894 -53.52 -3.24 12.50
N SER B 2895 -54.16 -3.29 13.68
CA SER B 2895 -54.44 -4.54 14.44
C SER B 2895 -55.40 -5.50 13.71
N ASP B 2896 -56.03 -5.06 12.61
CA ASP B 2896 -56.84 -5.92 11.70
C ASP B 2896 -55.93 -6.76 10.79
N GLU B 2897 -54.65 -6.39 10.66
CA GLU B 2897 -53.70 -7.02 9.71
C GLU B 2897 -52.45 -7.56 10.43
N PRO B 2898 -52.53 -8.30 11.56
CA PRO B 2898 -51.39 -8.52 12.47
C PRO B 2898 -50.45 -9.67 12.05
N ASP B 2899 -49.89 -9.58 10.82
CA ASP B 2899 -48.87 -10.49 10.23
C ASP B 2899 -49.37 -11.91 9.95
N THR B 2900 -49.98 -12.62 10.92
CA THR B 2900 -50.65 -13.93 10.69
C THR B 2900 -52.02 -13.68 10.04
N CYS B 2901 -52.09 -13.82 8.70
CA CYS B 2901 -53.31 -13.51 7.90
C CYS B 2901 -53.38 -14.46 6.70
N GLY B 2902 -54.24 -15.51 6.79
CA GLY B 2902 -54.41 -16.56 5.76
C GLY B 2902 -53.11 -17.27 5.41
N HIS B 2903 -53.02 -17.80 4.16
CA HIS B 2903 -51.75 -18.37 3.65
C HIS B 2903 -50.70 -17.26 3.49
N SER B 2904 -51.14 -16.08 3.00
CA SER B 2904 -50.29 -15.08 2.33
C SER B 2904 -51.16 -13.90 1.86
N VAL B 2905 -50.56 -12.82 1.34
CA VAL B 2905 -51.34 -11.73 0.68
C VAL B 2905 -52.03 -12.27 -0.59
N ASN B 2906 -51.39 -13.18 -1.34
CA ASN B 2906 -52.02 -13.91 -2.48
C ASN B 2906 -52.83 -15.11 -1.97
N THR B 2907 -53.40 -15.13 -0.75
CA THR B 2907 -54.34 -16.22 -0.33
C THR B 2907 -55.61 -16.15 -1.19
N CYS B 2908 -56.06 -14.92 -1.53
CA CYS B 2908 -57.24 -14.66 -2.41
C CYS B 2908 -58.44 -15.48 -1.90
N ARG B 2909 -59.17 -16.18 -2.79
CA ARG B 2909 -60.38 -16.99 -2.50
C ARG B 2909 -60.41 -18.17 -3.47
N ALA B 2910 -61.29 -19.18 -3.24
CA ALA B 2910 -61.52 -20.31 -4.17
C ALA B 2910 -61.97 -19.78 -5.54
N SER B 2911 -62.56 -18.57 -5.58
CA SER B 2911 -63.07 -17.96 -6.84
C SER B 2911 -62.07 -16.96 -7.41
N GLN B 2912 -60.91 -16.75 -6.76
CA GLN B 2912 -59.93 -15.71 -7.17
C GLN B 2912 -58.58 -16.37 -7.46
N PHE B 2913 -57.94 -15.93 -8.55
CA PHE B 2913 -56.63 -16.46 -8.97
C PHE B 2913 -55.52 -15.78 -8.17
N GLN B 2914 -54.41 -16.51 -7.95
CA GLN B 2914 -53.31 -16.12 -7.02
C GLN B 2914 -52.07 -15.69 -7.81
N CYS B 2915 -51.53 -14.49 -7.50
CA CYS B 2915 -50.45 -13.84 -8.30
C CYS B 2915 -49.15 -13.74 -7.50
N ASP B 2916 -47.98 -13.91 -8.14
CA ASP B 2916 -46.65 -13.99 -7.47
C ASP B 2916 -46.29 -12.67 -6.76
N ASN B 2917 -46.89 -11.55 -7.20
CA ASN B 2917 -46.66 -10.18 -6.67
C ASN B 2917 -47.49 -9.92 -5.41
N GLY B 2918 -48.43 -10.83 -5.05
CA GLY B 2918 -49.33 -10.66 -3.90
C GLY B 2918 -50.70 -10.12 -4.30
N ARG B 2919 -50.94 -9.88 -5.61
CA ARG B 2919 -52.24 -9.39 -6.11
C ARG B 2919 -53.20 -10.57 -6.29
N CYS B 2920 -54.50 -10.32 -6.11
CA CYS B 2920 -55.59 -11.31 -6.29
C CYS B 2920 -56.56 -10.82 -7.37
N ILE B 2921 -56.91 -11.69 -8.32
CA ILE B 2921 -57.78 -11.33 -9.48
C ILE B 2921 -58.88 -12.38 -9.64
N SER B 2922 -59.91 -12.03 -10.40
CA SER B 2922 -61.00 -12.97 -10.74
C SER B 2922 -60.45 -14.10 -11.60
N GLY B 2923 -60.92 -15.33 -11.34
CA GLY B 2923 -60.52 -16.55 -12.09
C GLY B 2923 -61.03 -16.56 -13.53
N ASN B 2924 -61.95 -15.67 -13.90
CA ASN B 2924 -62.52 -15.64 -15.27
C ASN B 2924 -61.47 -15.19 -16.28
N TRP B 2925 -60.53 -14.31 -15.87
CA TRP B 2925 -59.58 -13.68 -16.82
C TRP B 2925 -58.27 -14.47 -16.90
N VAL B 2926 -58.20 -15.65 -16.29
CA VAL B 2926 -56.92 -16.42 -16.28
C VAL B 2926 -56.67 -16.94 -17.70
N CYS B 2927 -55.46 -16.71 -18.21
CA CYS B 2927 -55.04 -17.14 -19.57
C CYS B 2927 -56.06 -16.65 -20.62
N ASP B 2928 -56.50 -15.39 -20.50
CA ASP B 2928 -57.44 -14.80 -21.50
C ASP B 2928 -56.66 -14.16 -22.64
N GLY B 2929 -55.31 -14.16 -22.58
CA GLY B 2929 -54.45 -13.60 -23.63
C GLY B 2929 -53.79 -12.29 -23.21
N ASP B 2930 -54.21 -11.70 -22.08
CA ASP B 2930 -53.63 -10.44 -21.59
C ASP B 2930 -53.38 -10.54 -20.09
N ASN B 2931 -52.35 -9.85 -19.60
CA ASN B 2931 -51.93 -9.88 -18.18
C ASN B 2931 -53.00 -9.23 -17.30
N ASP B 2932 -53.58 -10.01 -16.39
CA ASP B 2932 -54.56 -9.51 -15.39
C ASP B 2932 -53.95 -9.51 -13.98
N CYS B 2933 -53.07 -10.47 -13.68
CA CYS B 2933 -52.43 -10.58 -12.34
C CYS B 2933 -51.53 -9.36 -12.07
N GLY B 2934 -51.02 -8.70 -13.11
CA GLY B 2934 -50.07 -7.58 -12.96
C GLY B 2934 -48.63 -8.06 -12.94
N ASP B 2935 -48.40 -9.39 -12.97
CA ASP B 2935 -47.03 -9.93 -12.99
C ASP B 2935 -46.96 -11.11 -13.97
N MET B 2936 -47.97 -11.26 -14.87
CA MET B 2936 -47.95 -12.29 -15.93
C MET B 2936 -48.14 -13.68 -15.32
N SER B 2937 -48.32 -13.80 -14.00
CA SER B 2937 -48.49 -15.09 -13.30
C SER B 2937 -49.73 -15.83 -13.82
N ASP B 2938 -50.70 -15.11 -14.39
CA ASP B 2938 -51.91 -15.74 -14.98
C ASP B 2938 -51.74 -15.90 -16.50
N GLU B 2939 -50.60 -15.50 -17.06
CA GLU B 2939 -50.39 -15.51 -18.54
C GLU B 2939 -49.09 -16.22 -18.89
N ASP B 2940 -48.86 -17.41 -18.32
CA ASP B 2940 -47.62 -18.18 -18.62
C ASP B 2940 -47.95 -19.67 -18.76
N GLN B 2941 -47.10 -20.38 -19.49
CA GLN B 2941 -47.12 -21.87 -19.52
C GLN B 2941 -46.36 -22.41 -18.30
N ARG B 2942 -45.71 -21.55 -17.50
CA ARG B 2942 -44.90 -21.99 -16.34
C ARG B 2942 -45.82 -22.64 -15.30
N HIS B 2943 -46.91 -21.94 -14.91
CA HIS B 2943 -47.92 -22.55 -14.00
C HIS B 2943 -48.92 -23.36 -14.83
N HIS B 2944 -49.73 -22.67 -15.64
CA HIS B 2944 -50.60 -23.30 -16.67
C HIS B 2944 -51.23 -22.21 -17.54
N CYS B 2945 -50.92 -22.22 -18.84
CA CYS B 2945 -51.78 -21.55 -19.85
C CYS B 2945 -51.82 -22.36 -21.16
N GLU B 2946 -51.44 -23.65 -21.16
CA GLU B 2946 -51.26 -24.42 -22.42
C GLU B 2946 -52.63 -24.67 -23.06
N LEU B 2947 -53.70 -24.72 -22.25
CA LEU B 2947 -55.05 -25.09 -22.74
C LEU B 2947 -56.00 -23.91 -22.50
N GLN B 2948 -55.59 -22.73 -22.96
CA GLN B 2948 -56.34 -21.47 -22.69
C GLN B 2948 -57.52 -21.33 -23.66
N ASN B 2949 -57.99 -22.45 -24.22
CA ASN B 2949 -59.21 -22.48 -25.07
C ASN B 2949 -60.28 -21.60 -24.44
N CYS B 2950 -60.78 -20.62 -25.19
CA CYS B 2950 -61.66 -19.55 -24.66
C CYS B 2950 -63.13 -19.98 -24.68
N SER B 2951 -64.03 -19.03 -24.40
CA SER B 2951 -65.46 -19.34 -24.10
C SER B 2951 -66.29 -19.36 -25.39
N SER B 2952 -66.88 -20.53 -25.69
CA SER B 2952 -68.03 -20.67 -26.62
C SER B 2952 -67.63 -20.23 -28.04
N THR B 2953 -68.34 -19.26 -28.63
CA THR B 2953 -68.37 -19.03 -30.09
C THR B 2953 -67.25 -18.08 -30.55
N GLN B 2954 -66.27 -17.77 -29.68
CA GLN B 2954 -65.20 -16.83 -30.06
C GLN B 2954 -64.46 -17.33 -31.30
N PHE B 2955 -64.25 -16.44 -32.28
CA PHE B 2955 -63.47 -16.76 -33.50
C PHE B 2955 -62.00 -16.94 -33.09
N THR B 2956 -61.42 -18.06 -33.54
CA THR B 2956 -60.01 -18.43 -33.20
C THR B 2956 -59.12 -18.02 -34.39
N CYS B 2957 -58.53 -16.84 -34.31
CA CYS B 2957 -57.58 -16.34 -35.34
C CYS B 2957 -56.21 -16.95 -35.05
N VAL B 2958 -55.94 -18.12 -35.64
CA VAL B 2958 -54.69 -18.89 -35.36
C VAL B 2958 -53.46 -18.11 -35.85
N ASN B 2959 -53.65 -17.05 -36.65
CA ASN B 2959 -52.54 -16.21 -37.12
C ASN B 2959 -51.93 -15.42 -35.95
N SER B 2960 -52.71 -15.22 -34.87
CA SER B 2960 -52.25 -14.44 -33.69
C SER B 2960 -51.19 -15.25 -32.93
N ARG B 2961 -50.29 -14.51 -32.26
CA ARG B 2961 -49.16 -15.11 -31.50
C ARG B 2961 -49.16 -14.54 -30.09
N PRO B 2962 -48.50 -15.20 -29.12
CA PRO B 2962 -48.59 -14.83 -27.70
C PRO B 2962 -48.56 -13.33 -27.39
N PRO B 2963 -47.81 -12.47 -28.13
CA PRO B 2963 -48.03 -11.03 -28.04
C PRO B 2963 -49.48 -10.58 -28.26
N ASN B 2964 -50.35 -11.46 -28.77
CA ASN B 2964 -51.80 -11.14 -28.90
C ASN B 2964 -52.61 -12.43 -28.71
N ARG B 2965 -53.91 -12.29 -28.43
CA ARG B 2965 -54.78 -13.47 -28.20
C ARG B 2965 -55.38 -13.95 -29.53
N ARG B 2966 -55.33 -15.27 -29.75
CA ARG B 2966 -55.93 -15.88 -30.97
C ARG B 2966 -57.46 -15.79 -30.90
N CYS B 2967 -58.07 -16.17 -29.77
CA CYS B 2967 -59.55 -16.14 -29.64
C CYS B 2967 -60.00 -14.69 -29.52
N ILE B 2968 -61.03 -14.33 -30.28
CA ILE B 2968 -61.61 -12.95 -30.21
C ILE B 2968 -63.11 -13.08 -30.07
N PRO B 2969 -63.76 -12.32 -29.17
CA PRO B 2969 -65.21 -12.35 -29.07
C PRO B 2969 -65.89 -11.94 -30.38
N GLN B 2970 -67.01 -12.61 -30.69
CA GLN B 2970 -67.82 -12.26 -31.89
C GLN B 2970 -68.57 -10.94 -31.64
N TYR B 2971 -68.46 -10.35 -30.44
CA TYR B 2971 -69.08 -9.05 -30.13
C TYR B 2971 -68.51 -7.97 -31.05
N TRP B 2972 -67.20 -8.03 -31.34
CA TRP B 2972 -66.55 -7.03 -32.23
C TRP B 2972 -65.94 -7.73 -33.45
N VAL B 2973 -66.36 -8.95 -33.79
CA VAL B 2973 -65.94 -9.55 -35.09
C VAL B 2973 -66.62 -8.73 -36.20
N CYS B 2974 -65.87 -8.48 -37.28
CA CYS B 2974 -66.33 -7.69 -38.46
C CYS B 2974 -66.76 -6.27 -38.06
N ASP B 2975 -66.22 -5.73 -36.96
CA ASP B 2975 -66.66 -4.41 -36.44
C ASP B 2975 -65.87 -3.28 -37.11
N GLY B 2976 -64.89 -3.58 -37.98
CA GLY B 2976 -64.02 -2.57 -38.60
C GLY B 2976 -62.76 -2.32 -37.78
N ASP B 2977 -62.51 -3.09 -36.72
CA ASP B 2977 -61.28 -2.96 -35.90
C ASP B 2977 -60.43 -4.21 -36.06
N ALA B 2978 -59.12 -4.04 -36.15
CA ALA B 2978 -58.17 -5.16 -36.34
C ALA B 2978 -57.96 -5.86 -35.00
N ASP B 2979 -58.88 -6.76 -34.63
CA ASP B 2979 -58.78 -7.51 -33.35
C ASP B 2979 -57.61 -8.50 -33.45
N CYS B 2980 -57.53 -9.26 -34.55
CA CYS B 2980 -56.46 -10.28 -34.73
C CYS B 2980 -55.16 -9.56 -35.13
N SER B 2981 -54.04 -10.26 -34.98
CA SER B 2981 -52.69 -9.73 -35.30
C SER B 2981 -52.62 -9.31 -36.78
N ASP B 2982 -53.37 -9.98 -37.66
CA ASP B 2982 -53.39 -9.60 -39.10
C ASP B 2982 -54.83 -9.35 -39.55
N ALA B 2983 -55.73 -9.07 -38.60
CA ALA B 2983 -57.11 -8.61 -38.86
C ALA B 2983 -57.87 -9.60 -39.74
N LEU B 2984 -57.68 -10.92 -39.55
CA LEU B 2984 -58.46 -11.93 -40.30
C LEU B 2984 -59.91 -11.94 -39.79
N ASP B 2985 -60.17 -11.38 -38.60
CA ASP B 2985 -61.53 -11.31 -38.04
C ASP B 2985 -62.38 -10.33 -38.86
N GLU B 2986 -61.76 -9.52 -39.73
CA GLU B 2986 -62.49 -8.52 -40.55
C GLU B 2986 -62.77 -9.06 -41.96
N LEU B 2987 -62.48 -10.33 -42.25
CA LEU B 2987 -62.78 -10.88 -43.61
C LEU B 2987 -63.43 -12.26 -43.51
N GLN B 2988 -63.30 -12.95 -42.37
CA GLN B 2988 -63.70 -14.38 -42.27
C GLN B 2988 -65.21 -14.53 -42.43
N ASN B 2989 -66.03 -13.61 -41.89
CA ASN B 2989 -67.50 -13.71 -42.01
C ASN B 2989 -68.13 -12.32 -42.21
N CYS B 2990 -67.41 -11.41 -42.87
CA CYS B 2990 -67.73 -9.96 -42.83
C CYS B 2990 -68.10 -9.46 -44.23
N THR B 2991 -69.00 -8.49 -44.28
CA THR B 2991 -69.40 -7.86 -45.57
C THR B 2991 -68.21 -7.07 -46.11
N MET B 2992 -68.07 -7.06 -47.44
CA MET B 2992 -66.93 -6.38 -48.12
C MET B 2992 -67.00 -4.88 -47.88
N ARG B 2993 -65.86 -4.19 -48.04
CA ARG B 2993 -65.77 -2.73 -47.86
C ARG B 2993 -65.53 -2.06 -49.21
N THR B 2994 -66.26 -0.98 -49.50
CA THR B 2994 -66.12 -0.21 -50.75
C THR B 2994 -64.83 0.62 -50.70
N CYS B 2995 -64.40 1.02 -49.49
CA CYS B 2995 -63.18 1.83 -49.27
C CYS B 2995 -63.32 3.19 -49.97
N SER B 2996 -62.31 4.04 -49.86
CA SER B 2996 -62.34 5.42 -50.40
C SER B 2996 -61.04 5.72 -51.15
N ALA B 2997 -61.12 6.66 -52.11
CA ALA B 2997 -59.94 7.15 -52.85
C ALA B 2997 -59.01 7.94 -51.93
N GLY B 2998 -59.57 8.55 -50.85
CA GLY B 2998 -58.80 9.37 -49.90
C GLY B 2998 -58.15 8.53 -48.81
N GLU B 2999 -58.36 7.21 -48.81
CA GLU B 2999 -57.78 6.30 -47.79
C GLU B 2999 -56.78 5.37 -48.45
N PHE B 3000 -55.92 4.76 -47.64
CA PHE B 3000 -54.89 3.81 -48.13
C PHE B 3000 -55.61 2.47 -48.37
N SER B 3001 -55.61 2.00 -49.62
CA SER B 3001 -56.20 0.69 -49.97
C SER B 3001 -55.14 -0.39 -49.82
N CYS B 3002 -55.30 -1.27 -48.84
CA CYS B 3002 -54.37 -2.43 -48.64
C CYS B 3002 -54.55 -3.37 -49.84
N ALA B 3003 -53.44 -3.84 -50.41
CA ALA B 3003 -53.43 -4.79 -51.54
C ALA B 3003 -54.23 -6.06 -51.22
N ASN B 3004 -54.31 -6.43 -49.93
CA ASN B 3004 -54.99 -7.68 -49.50
C ASN B 3004 -56.51 -7.50 -49.58
N GLY B 3005 -57.02 -6.30 -49.29
CA GLY B 3005 -58.48 -6.04 -49.36
C GLY B 3005 -58.95 -5.13 -48.24
N ARG B 3006 -58.13 -4.92 -47.20
CA ARG B 3006 -58.48 -4.01 -46.09
C ARG B 3006 -58.40 -2.55 -46.56
N CYS B 3007 -59.05 -1.67 -45.79
CA CYS B 3007 -59.06 -0.22 -46.08
C CYS B 3007 -58.72 0.55 -44.80
N VAL B 3008 -57.72 1.42 -44.87
CA VAL B 3008 -57.33 2.29 -43.73
C VAL B 3008 -56.90 3.65 -44.28
N ARG B 3009 -56.75 4.62 -43.40
CA ARG B 3009 -56.31 5.99 -43.78
C ARG B 3009 -54.78 6.01 -43.85
N GLN B 3010 -54.22 7.09 -44.42
CA GLN B 3010 -52.76 7.23 -44.66
C GLN B 3010 -52.01 7.38 -43.34
N SER B 3011 -52.71 7.67 -42.23
CA SER B 3011 -52.08 7.76 -40.89
C SER B 3011 -51.56 6.39 -40.46
N PHE B 3012 -52.08 5.31 -41.06
CA PHE B 3012 -51.73 3.92 -40.64
C PHE B 3012 -50.65 3.32 -41.53
N ARG B 3013 -49.76 4.15 -42.08
CA ARG B 3013 -48.65 3.64 -42.93
C ARG B 3013 -47.32 4.15 -42.37
N CYS B 3014 -46.28 3.32 -42.49
CA CYS B 3014 -44.90 3.64 -42.05
C CYS B 3014 -44.90 3.94 -40.55
N ASP B 3015 -45.42 3.02 -39.73
CA ASP B 3015 -45.55 3.25 -38.28
C ASP B 3015 -45.22 1.99 -37.47
N ARG B 3016 -44.60 0.96 -38.09
CA ARG B 3016 -44.21 -0.30 -37.39
C ARG B 3016 -45.43 -1.08 -36.90
N ARG B 3017 -46.64 -0.75 -37.36
CA ARG B 3017 -47.87 -1.46 -36.94
C ARG B 3017 -48.52 -2.09 -38.15
N ASN B 3018 -48.87 -3.37 -38.04
CA ASN B 3018 -49.52 -4.14 -39.13
C ASN B 3018 -51.02 -3.83 -39.10
N ASP B 3019 -51.40 -2.69 -39.68
CA ASP B 3019 -52.83 -2.28 -39.74
C ASP B 3019 -53.56 -3.07 -40.83
N CYS B 3020 -52.87 -3.39 -41.93
CA CYS B 3020 -53.52 -3.98 -43.12
C CYS B 3020 -53.56 -5.51 -43.02
N GLY B 3021 -52.85 -6.10 -42.05
CA GLY B 3021 -52.77 -7.57 -41.93
C GLY B 3021 -51.64 -8.14 -42.77
N ASP B 3022 -51.62 -7.80 -44.08
CA ASP B 3022 -50.59 -8.30 -45.02
C ASP B 3022 -49.35 -7.39 -44.95
N TYR B 3023 -49.25 -6.52 -43.93
CA TYR B 3023 -48.12 -5.56 -43.76
C TYR B 3023 -47.99 -4.63 -44.97
N SER B 3024 -49.05 -4.50 -45.78
CA SER B 3024 -49.02 -3.69 -47.01
C SER B 3024 -48.70 -2.23 -46.66
N ASP B 3025 -49.11 -1.78 -45.47
CA ASP B 3025 -48.86 -0.39 -45.03
C ASP B 3025 -47.37 -0.20 -44.72
N GLU B 3026 -46.77 -1.14 -43.95
CA GLU B 3026 -45.36 -0.99 -43.52
C GLU B 3026 -44.40 -1.44 -44.61
N ARG B 3027 -44.84 -2.21 -45.60
CA ARG B 3027 -43.95 -2.70 -46.68
C ARG B 3027 -43.58 -1.53 -47.60
N GLY B 3028 -42.28 -1.44 -47.94
CA GLY B 3028 -41.75 -0.47 -48.89
C GLY B 3028 -41.53 0.90 -48.26
N CYS B 3029 -41.80 1.06 -46.95
CA CYS B 3029 -41.61 2.35 -46.25
C CYS B 3029 -40.11 2.65 -46.10
N SER B 3030 -39.80 3.92 -45.76
CA SER B 3030 -38.42 4.39 -45.55
C SER B 3030 -38.36 5.17 -44.24
N TYR B 3031 -38.74 4.50 -43.14
CA TYR B 3031 -38.88 5.13 -41.79
C TYR B 3031 -37.75 6.14 -41.58
N PRO B 3032 -38.07 7.43 -41.32
CA PRO B 3032 -37.05 8.38 -40.90
C PRO B 3032 -36.42 7.96 -39.58
N PRO B 3033 -35.18 8.41 -39.28
CA PRO B 3033 -34.47 7.94 -38.09
C PRO B 3033 -35.18 8.35 -36.79
N CYS B 3034 -34.75 7.72 -35.68
CA CYS B 3034 -35.32 7.98 -34.34
C CYS B 3034 -34.96 9.41 -33.89
N HIS B 3035 -35.65 9.88 -32.85
CA HIS B 3035 -35.52 11.27 -32.34
C HIS B 3035 -34.20 11.40 -31.56
N ALA B 3036 -33.96 12.60 -31.02
CA ALA B 3036 -32.69 12.95 -30.34
C ALA B 3036 -32.56 12.07 -29.09
N ASN B 3037 -33.58 12.05 -28.23
CA ASN B 3037 -33.53 11.28 -26.97
C ASN B 3037 -33.78 9.80 -27.27
N GLN B 3038 -34.48 9.52 -28.39
CA GLN B 3038 -34.98 8.16 -28.68
C GLN B 3038 -33.81 7.21 -28.96
N PHE B 3039 -33.90 6.00 -28.41
CA PHE B 3039 -32.89 4.96 -28.66
C PHE B 3039 -33.25 4.21 -29.94
N THR B 3040 -32.23 3.76 -30.65
CA THR B 3040 -32.41 3.00 -31.92
C THR B 3040 -31.98 1.56 -31.66
N CYS B 3041 -32.73 0.60 -32.21
CA CYS B 3041 -32.42 -0.84 -32.10
C CYS B 3041 -31.73 -1.32 -33.38
N GLN B 3042 -31.14 -2.51 -33.38
CA GLN B 3042 -30.48 -3.06 -34.59
C GLN B 3042 -31.51 -3.21 -35.72
N ASN B 3043 -32.74 -3.63 -35.41
CA ASN B 3043 -33.76 -3.83 -36.46
C ASN B 3043 -34.40 -2.49 -36.86
N GLY B 3044 -33.82 -1.36 -36.43
CA GLY B 3044 -34.30 -0.02 -36.82
C GLY B 3044 -35.46 0.48 -35.99
N ARG B 3045 -35.96 -0.31 -35.04
CA ARG B 3045 -37.08 0.11 -34.17
C ARG B 3045 -36.63 1.26 -33.26
N CYS B 3046 -37.54 2.20 -33.01
CA CYS B 3046 -37.30 3.35 -32.10
C CYS B 3046 -38.03 3.09 -30.78
N ILE B 3047 -37.29 3.16 -29.67
CA ILE B 3047 -37.88 2.93 -28.33
C ILE B 3047 -37.44 4.06 -27.39
N PRO B 3048 -38.25 4.42 -26.40
CA PRO B 3048 -37.87 5.45 -25.43
C PRO B 3048 -36.59 5.06 -24.67
N ARG B 3049 -35.77 6.06 -24.34
CA ARG B 3049 -34.46 5.83 -23.68
C ARG B 3049 -34.68 5.15 -22.32
N PHE B 3050 -35.77 5.52 -21.62
CA PHE B 3050 -36.11 4.97 -20.29
C PHE B 3050 -36.22 3.44 -20.34
N PHE B 3051 -36.53 2.87 -21.51
CA PHE B 3051 -36.84 1.43 -21.64
C PHE B 3051 -35.56 0.62 -21.92
N VAL B 3052 -34.38 1.15 -21.61
CA VAL B 3052 -33.12 0.36 -21.78
C VAL B 3052 -32.83 -0.37 -20.46
N CYS B 3053 -32.42 -1.64 -20.56
CA CYS B 3053 -31.92 -2.44 -19.40
C CYS B 3053 -33.01 -2.51 -18.31
N ASP B 3054 -34.14 -3.14 -18.66
CA ASP B 3054 -35.25 -3.35 -17.70
C ASP B 3054 -35.78 -4.79 -17.80
N GLU B 3055 -34.96 -5.72 -18.31
CA GLU B 3055 -35.30 -7.17 -18.41
C GLU B 3055 -36.52 -7.39 -19.32
N ASP B 3056 -36.93 -6.40 -20.12
CA ASP B 3056 -38.01 -6.57 -21.11
C ASP B 3056 -37.45 -6.33 -22.51
N ASN B 3057 -37.67 -7.29 -23.41
CA ASN B 3057 -37.16 -7.20 -24.81
C ASN B 3057 -38.03 -6.20 -25.57
N ASP B 3058 -37.84 -4.91 -25.28
CA ASP B 3058 -38.66 -3.83 -25.87
C ASP B 3058 -38.26 -3.57 -27.32
N CYS B 3059 -36.98 -3.80 -27.66
CA CYS B 3059 -36.49 -3.60 -29.05
C CYS B 3059 -37.01 -4.72 -29.96
N GLY B 3060 -37.47 -5.84 -29.38
CA GLY B 3060 -37.89 -7.04 -30.15
C GLY B 3060 -36.70 -7.94 -30.46
N ASP B 3061 -35.57 -7.36 -30.88
CA ASP B 3061 -34.34 -8.14 -31.14
C ASP B 3061 -33.44 -8.17 -29.91
N GLY B 3062 -33.82 -7.45 -28.84
CA GLY B 3062 -33.06 -7.39 -27.59
C GLY B 3062 -31.92 -6.38 -27.64
N SER B 3063 -32.01 -5.37 -28.52
CA SER B 3063 -30.98 -4.31 -28.61
C SER B 3063 -30.91 -3.54 -27.29
N ASP B 3064 -32.08 -3.22 -26.70
CA ASP B 3064 -32.12 -2.38 -25.47
C ASP B 3064 -31.61 -3.19 -24.27
N GLU B 3065 -31.43 -4.51 -24.41
CA GLU B 3065 -30.93 -5.36 -23.30
C GLU B 3065 -29.53 -5.89 -23.61
N GLN B 3066 -28.76 -5.26 -24.53
CA GLN B 3066 -27.41 -5.76 -24.88
C GLN B 3066 -26.46 -5.61 -23.69
N GLU B 3067 -25.69 -6.67 -23.39
CA GLU B 3067 -24.75 -6.68 -22.24
C GLU B 3067 -23.85 -5.44 -22.23
N HIS B 3068 -23.21 -5.12 -23.36
CA HIS B 3068 -22.19 -4.05 -23.45
C HIS B 3068 -22.74 -2.71 -22.92
N LEU B 3069 -24.02 -2.38 -23.18
CA LEU B 3069 -24.55 -1.04 -22.78
C LEU B 3069 -25.40 -1.16 -21.51
N CYS B 3070 -25.64 -2.39 -21.01
CA CYS B 3070 -26.54 -2.58 -19.84
C CYS B 3070 -25.75 -2.94 -18.59
N HIS B 3071 -24.77 -3.85 -18.70
CA HIS B 3071 -23.97 -4.27 -17.52
C HIS B 3071 -23.21 -3.06 -16.97
N THR B 3072 -23.31 -2.84 -15.66
CA THR B 3072 -22.55 -1.77 -14.96
C THR B 3072 -21.36 -2.42 -14.26
N PRO B 3073 -20.12 -2.21 -14.72
CA PRO B 3073 -18.96 -2.78 -14.02
C PRO B 3073 -18.83 -2.21 -12.60
N GLU B 3074 -18.73 -3.11 -11.61
CA GLU B 3074 -18.43 -2.72 -10.20
C GLU B 3074 -17.17 -1.84 -10.13
N PRO B 3075 -17.06 -0.89 -9.18
CA PRO B 3075 -15.85 -0.07 -9.02
C PRO B 3075 -14.59 -0.92 -8.79
N THR B 3076 -13.46 -0.46 -9.33
CA THR B 3076 -12.17 -1.21 -9.29
C THR B 3076 -11.64 -1.35 -7.86
N CYS B 3077 -12.01 -0.41 -6.96
CA CYS B 3077 -11.55 -0.41 -5.55
C CYS B 3077 -10.03 -0.57 -5.50
N PRO B 3078 -9.24 0.41 -6.00
CA PRO B 3078 -7.78 0.27 -6.15
C PRO B 3078 -7.03 0.43 -4.81
N LEU B 3079 -5.71 0.64 -4.87
CA LEU B 3079 -4.98 1.15 -3.67
C LEU B 3079 -5.68 2.42 -3.17
N HIS B 3080 -5.65 2.62 -1.84
CA HIS B 3080 -6.49 3.58 -1.06
C HIS B 3080 -7.96 3.11 -0.90
N GLN B 3081 -8.45 2.04 -1.54
CA GLN B 3081 -9.87 1.61 -1.40
C GLN B 3081 -10.01 0.09 -1.16
N PHE B 3082 -10.20 -0.31 0.11
CA PHE B 3082 -10.39 -1.72 0.53
C PHE B 3082 -11.79 -2.26 0.16
N ARG B 3083 -11.84 -3.27 -0.72
CA ARG B 3083 -13.08 -4.02 -1.00
C ARG B 3083 -13.41 -4.94 0.20
N CYS B 3084 -14.19 -4.41 1.15
CA CYS B 3084 -14.91 -5.23 2.15
C CYS B 3084 -16.01 -6.07 1.48
N ASP B 3085 -16.43 -7.16 2.13
CA ASP B 3085 -17.36 -8.18 1.57
C ASP B 3085 -18.74 -7.60 1.21
N ASN B 3086 -19.14 -6.47 1.81
CA ASN B 3086 -20.45 -5.80 1.55
C ASN B 3086 -20.49 -5.16 0.15
N GLY B 3087 -19.35 -5.02 -0.56
CA GLY B 3087 -19.25 -4.35 -1.87
C GLY B 3087 -19.01 -2.85 -1.77
N HIS B 3088 -19.46 -2.20 -0.69
CA HIS B 3088 -19.20 -0.75 -0.44
C HIS B 3088 -17.74 -0.55 -0.03
N CYS B 3089 -16.81 -0.50 -0.99
CA CYS B 3089 -15.36 -0.48 -0.68
C CYS B 3089 -14.95 0.84 0.01
N ILE B 3090 -14.18 0.74 1.10
CA ILE B 3090 -13.89 1.87 2.04
C ILE B 3090 -12.44 2.34 1.93
N GLU B 3091 -12.10 3.51 2.50
CA GLU B 3091 -10.72 4.02 2.44
C GLU B 3091 -9.77 3.08 3.23
N MET B 3092 -8.59 2.75 2.66
CA MET B 3092 -7.66 1.73 3.23
C MET B 3092 -7.03 2.15 4.56
N GLY B 3093 -7.15 3.42 5.01
CA GLY B 3093 -6.84 3.81 6.39
C GLY B 3093 -7.79 3.18 7.42
N ARG B 3094 -8.96 2.64 7.02
CA ARG B 3094 -10.04 2.22 7.95
C ARG B 3094 -10.01 0.70 8.24
N VAL B 3095 -9.09 -0.06 7.65
CA VAL B 3095 -9.13 -1.56 7.76
C VAL B 3095 -9.06 -2.00 9.22
N CYS B 3096 -10.06 -2.81 9.63
CA CYS B 3096 -10.30 -3.31 11.01
C CYS B 3096 -10.08 -2.23 12.08
N ASN B 3097 -10.69 -1.06 11.88
CA ASN B 3097 -10.68 0.12 12.80
C ASN B 3097 -11.73 -0.05 13.90
N HIS B 3098 -12.44 -1.20 13.95
CA HIS B 3098 -13.45 -1.54 14.97
C HIS B 3098 -14.69 -0.63 14.86
N VAL B 3099 -14.76 0.20 13.81
CA VAL B 3099 -15.99 0.96 13.49
C VAL B 3099 -16.66 0.29 12.30
N ASP B 3100 -17.94 -0.08 12.45
CA ASP B 3100 -18.68 -0.86 11.43
C ASP B 3100 -18.87 -0.02 10.16
N ASP B 3101 -17.94 -0.12 9.22
CA ASP B 3101 -18.02 0.64 7.95
C ASP B 3101 -18.87 -0.12 6.93
N CYS B 3102 -18.92 -1.46 7.03
CA CYS B 3102 -19.52 -2.32 5.98
C CYS B 3102 -20.60 -3.21 6.60
N SER B 3103 -21.80 -2.64 6.84
CA SER B 3103 -22.99 -3.42 7.30
C SER B 3103 -22.63 -4.14 8.61
N ASP B 3104 -22.79 -5.48 8.66
CA ASP B 3104 -22.47 -6.28 9.86
C ASP B 3104 -20.94 -6.45 9.96
N ASN B 3105 -20.24 -5.36 10.33
CA ASN B 3105 -18.77 -5.33 10.58
C ASN B 3105 -18.01 -6.23 9.59
N SER B 3106 -18.32 -6.19 8.29
CA SER B 3106 -17.65 -7.03 7.25
C SER B 3106 -16.14 -6.70 7.12
N ASP B 3107 -15.72 -5.49 7.50
CA ASP B 3107 -14.31 -5.05 7.52
C ASP B 3107 -13.56 -5.63 8.73
N GLU B 3108 -14.25 -6.00 9.82
CA GLU B 3108 -13.60 -6.24 11.13
C GLU B 3108 -13.73 -7.71 11.57
N LYS B 3109 -13.82 -8.62 10.58
CA LYS B 3109 -13.88 -10.09 10.81
C LYS B 3109 -12.52 -10.73 10.46
N GLY B 3110 -12.03 -11.60 11.35
CA GLY B 3110 -10.81 -12.42 11.13
C GLY B 3110 -9.54 -11.58 11.04
N CYS B 3111 -9.49 -10.44 11.75
CA CYS B 3111 -8.44 -9.40 11.58
C CYS B 3111 -7.03 -9.85 11.97
N GLY B 3112 -6.86 -11.03 12.62
CA GLY B 3112 -5.52 -11.59 12.91
C GLY B 3112 -4.77 -12.11 11.69
N ILE B 3113 -5.26 -11.81 10.47
CA ILE B 3113 -4.75 -12.30 9.15
C ILE B 3113 -4.89 -13.83 9.02
N ASN B 3114 -4.24 -14.59 9.90
CA ASN B 3114 -4.00 -16.04 9.73
C ASN B 3114 -5.30 -16.83 9.58
N GLU B 3115 -5.40 -17.50 8.43
CA GLU B 3115 -6.61 -18.25 7.97
C GLU B 3115 -6.19 -19.44 7.08
N CYS B 3116 -4.97 -19.43 6.54
CA CYS B 3116 -4.35 -20.57 5.81
C CYS B 3116 -3.94 -21.72 6.76
N LEU B 3117 -3.85 -21.47 8.09
CA LEU B 3117 -3.03 -22.33 9.00
C LEU B 3117 -3.84 -23.53 9.55
N ASP B 3118 -4.59 -24.23 8.67
CA ASP B 3118 -5.43 -25.40 9.05
C ASP B 3118 -5.69 -26.29 7.83
N SER B 3119 -6.22 -27.50 8.06
CA SER B 3119 -6.32 -28.57 7.03
C SER B 3119 -7.67 -28.54 6.28
N SER B 3120 -8.79 -28.84 6.97
CA SER B 3120 -10.12 -28.96 6.34
C SER B 3120 -10.75 -27.57 6.09
N ILE B 3121 -10.49 -26.63 7.01
CA ILE B 3121 -10.76 -25.18 6.79
C ILE B 3121 -9.73 -24.67 5.77
N SER B 3122 -10.14 -23.70 4.94
CA SER B 3122 -9.37 -23.12 3.80
C SER B 3122 -9.06 -24.14 2.70
N ARG B 3123 -8.42 -25.30 3.00
CA ARG B 3123 -8.21 -26.49 2.11
C ARG B 3123 -7.60 -26.16 0.74
N CYS B 3124 -6.69 -25.19 0.69
CA CYS B 3124 -5.84 -24.95 -0.51
C CYS B 3124 -4.89 -26.14 -0.68
N ASP B 3125 -4.91 -26.81 -1.84
CA ASP B 3125 -4.18 -28.10 -2.01
C ASP B 3125 -2.70 -27.92 -2.38
N HIS B 3126 -2.23 -26.68 -2.71
CA HIS B 3126 -0.81 -26.44 -3.04
C HIS B 3126 -0.18 -25.42 -2.08
N ASN B 3127 -0.58 -24.14 -2.18
CA ASN B 3127 -0.11 -23.05 -1.30
C ASN B 3127 -1.23 -22.06 -1.02
N CYS B 3128 -1.06 -21.25 0.03
CA CYS B 3128 -2.11 -20.34 0.53
C CYS B 3128 -1.49 -19.04 1.06
N THR B 3129 -2.19 -17.92 0.86
CA THR B 3129 -1.78 -16.60 1.41
C THR B 3129 -2.99 -15.95 2.09
N ASP B 3130 -2.80 -15.28 3.24
CA ASP B 3130 -3.93 -14.62 3.93
C ASP B 3130 -3.81 -13.08 3.88
N THR B 3131 -4.95 -12.49 3.52
CA THR B 3131 -5.27 -11.04 3.58
C THR B 3131 -5.43 -10.60 5.05
N ILE B 3132 -5.70 -9.30 5.26
CA ILE B 3132 -6.12 -8.72 6.56
C ILE B 3132 -7.21 -9.56 7.26
N THR B 3133 -8.10 -10.22 6.52
CA THR B 3133 -9.34 -10.85 7.06
C THR B 3133 -9.37 -12.37 6.89
N SER B 3134 -8.77 -12.90 5.81
CA SER B 3134 -9.08 -14.25 5.32
C SER B 3134 -8.00 -14.78 4.35
N PHE B 3135 -8.05 -16.09 4.09
CA PHE B 3135 -7.17 -16.80 3.15
C PHE B 3135 -7.53 -16.50 1.68
N TYR B 3136 -6.59 -16.85 0.78
CA TYR B 3136 -6.89 -17.22 -0.62
C TYR B 3136 -5.89 -18.29 -1.06
N CYS B 3137 -6.31 -19.14 -2.01
CA CYS B 3137 -5.48 -20.25 -2.51
C CYS B 3137 -4.59 -19.83 -3.69
N SER B 3138 -3.51 -20.60 -3.91
CA SER B 3138 -2.54 -20.40 -5.00
C SER B 3138 -1.95 -21.75 -5.41
N CYS B 3139 -1.50 -21.87 -6.68
CA CYS B 3139 -0.87 -23.11 -7.18
C CYS B 3139 0.61 -22.88 -7.49
N LEU B 3140 1.37 -23.99 -7.52
CA LEU B 3140 2.74 -24.03 -8.09
C LEU B 3140 2.70 -23.66 -9.59
N PRO B 3141 3.82 -23.23 -10.20
CA PRO B 3141 3.88 -22.93 -11.62
C PRO B 3141 3.39 -24.10 -12.49
N GLY B 3142 2.66 -23.77 -13.56
CA GLY B 3142 2.12 -24.77 -14.50
C GLY B 3142 0.84 -25.44 -14.00
N TYR B 3143 0.28 -25.00 -12.87
CA TYR B 3143 -1.06 -25.44 -12.43
C TYR B 3143 -2.03 -24.24 -12.41
N LYS B 3144 -3.30 -24.54 -12.67
CA LYS B 3144 -4.42 -23.57 -12.73
C LYS B 3144 -5.25 -23.68 -11.45
N LEU B 3145 -5.61 -22.55 -10.82
CA LEU B 3145 -6.68 -22.49 -9.79
C LEU B 3145 -7.98 -22.89 -10.48
N MET B 3146 -8.66 -23.94 -10.02
CA MET B 3146 -9.94 -24.32 -10.66
C MET B 3146 -11.11 -23.55 -10.03
N SER B 3147 -12.31 -23.65 -10.61
CA SER B 3147 -13.48 -22.79 -10.31
C SER B 3147 -13.99 -23.00 -8.88
N ASP B 3148 -13.63 -24.11 -8.20
CA ASP B 3148 -13.99 -24.31 -6.76
C ASP B 3148 -13.18 -23.40 -5.84
N LYS B 3149 -12.14 -22.72 -6.35
CA LYS B 3149 -11.22 -21.79 -5.62
C LYS B 3149 -10.41 -22.49 -4.51
N ARG B 3150 -10.59 -23.79 -4.25
CA ARG B 3150 -9.79 -24.56 -3.26
C ARG B 3150 -8.57 -25.23 -3.94
N SER B 3151 -8.69 -25.60 -5.22
CA SER B 3151 -7.90 -26.72 -5.76
C SER B 3151 -7.19 -26.38 -7.07
N CYS B 3152 -6.14 -27.15 -7.38
CA CYS B 3152 -5.23 -26.94 -8.52
C CYS B 3152 -5.31 -28.09 -9.53
N VAL B 3153 -5.11 -27.78 -10.80
CA VAL B 3153 -5.15 -28.78 -11.91
C VAL B 3153 -3.99 -28.51 -12.89
N ASP B 3154 -3.40 -29.57 -13.48
CA ASP B 3154 -2.36 -29.41 -14.52
C ASP B 3154 -2.98 -28.83 -15.79
N ILE B 3155 -2.44 -27.71 -16.29
CA ILE B 3155 -2.79 -27.29 -17.66
C ILE B 3155 -2.10 -28.22 -18.66
N ASP B 3156 -2.78 -28.48 -19.78
CA ASP B 3156 -2.16 -29.10 -20.98
C ASP B 3156 -1.45 -27.99 -21.76
N GLU B 3157 -0.21 -27.71 -21.38
CA GLU B 3157 0.54 -26.55 -21.93
C GLU B 3157 0.72 -26.74 -23.44
N CYS B 3158 0.73 -27.99 -23.93
CA CYS B 3158 0.84 -28.28 -25.39
C CYS B 3158 -0.41 -27.81 -26.12
N LYS B 3159 -1.61 -28.03 -25.56
CA LYS B 3159 -2.88 -27.64 -26.21
C LYS B 3159 -3.18 -26.17 -25.95
N GLU B 3160 -2.97 -25.72 -24.70
CA GLU B 3160 -3.31 -24.33 -24.24
C GLU B 3160 -2.34 -23.30 -24.83
N SER B 3161 -1.04 -23.61 -24.89
CA SER B 3161 -0.01 -22.65 -25.38
C SER B 3161 1.00 -23.37 -26.28
N PRO B 3162 0.67 -23.70 -27.54
CA PRO B 3162 1.61 -24.40 -28.40
C PRO B 3162 2.88 -23.60 -28.71
N GLN B 3163 2.86 -22.28 -28.52
CA GLN B 3163 4.02 -21.41 -28.86
C GLN B 3163 5.19 -21.66 -27.90
N LEU B 3164 5.00 -22.48 -26.85
CA LEU B 3164 6.08 -22.82 -25.90
C LEU B 3164 7.03 -23.85 -26.51
N CYS B 3165 6.63 -24.55 -27.58
CA CYS B 3165 7.52 -25.51 -28.27
C CYS B 3165 7.56 -25.19 -29.77
N SER B 3166 8.76 -25.23 -30.36
CA SER B 3166 8.93 -24.99 -31.81
C SER B 3166 8.19 -26.07 -32.60
N GLN B 3167 8.01 -27.28 -32.05
CA GLN B 3167 7.42 -28.41 -32.81
C GLN B 3167 6.57 -29.26 -31.88
N LYS B 3168 6.36 -30.54 -32.26
CA LYS B 3168 5.56 -31.50 -31.46
C LYS B 3168 5.88 -31.34 -29.98
N CYS B 3169 4.80 -31.27 -29.17
CA CYS B 3169 4.89 -31.02 -27.71
C CYS B 3169 4.34 -32.23 -26.96
N GLU B 3170 4.89 -32.50 -25.76
CA GLU B 3170 4.44 -33.65 -24.94
C GLU B 3170 4.08 -33.14 -23.54
N ASN B 3171 2.84 -33.42 -23.10
CA ASN B 3171 2.35 -32.92 -21.81
C ASN B 3171 2.99 -33.72 -20.68
N VAL B 3172 3.20 -33.05 -19.55
CA VAL B 3172 3.61 -33.71 -18.29
C VAL B 3172 2.72 -33.16 -17.17
N VAL B 3173 2.40 -33.96 -16.16
CA VAL B 3173 1.68 -33.39 -14.97
C VAL B 3173 2.63 -32.38 -14.30
N GLY B 3174 2.24 -31.10 -14.36
CA GLY B 3174 2.99 -29.99 -13.76
C GLY B 3174 3.94 -29.29 -14.71
N SER B 3175 4.19 -29.81 -15.93
CA SER B 3175 5.11 -29.12 -16.88
C SER B 3175 4.90 -29.72 -18.27
N TYR B 3176 5.79 -29.38 -19.20
CA TYR B 3176 5.73 -29.88 -20.59
C TYR B 3176 7.16 -30.11 -21.07
N ILE B 3177 7.30 -30.90 -22.13
CA ILE B 3177 8.63 -31.16 -22.74
C ILE B 3177 8.47 -31.00 -24.26
N CYS B 3178 9.41 -30.28 -24.89
CA CYS B 3178 9.34 -30.02 -26.35
C CYS B 3178 10.18 -31.08 -27.06
N LYS B 3179 9.53 -31.87 -27.92
CA LYS B 3179 10.23 -32.81 -28.82
C LYS B 3179 10.43 -32.16 -30.18
N CYS B 3180 11.20 -32.82 -31.07
CA CYS B 3180 11.30 -32.38 -32.48
C CYS B 3180 10.83 -33.54 -33.37
N ALA B 3181 10.14 -33.20 -34.46
CA ALA B 3181 9.67 -34.18 -35.45
C ALA B 3181 10.88 -34.84 -36.12
N PRO B 3182 10.71 -36.07 -36.68
CA PRO B 3182 11.77 -36.72 -37.43
C PRO B 3182 12.39 -35.80 -38.48
N GLY B 3183 13.73 -35.79 -38.55
CA GLY B 3183 14.50 -34.99 -39.52
C GLY B 3183 14.91 -33.64 -38.94
N TYR B 3184 14.52 -33.30 -37.72
CA TYR B 3184 14.96 -32.05 -37.06
C TYR B 3184 15.76 -32.40 -35.80
N ILE B 3185 16.78 -31.59 -35.52
CA ILE B 3185 17.60 -31.74 -34.29
C ILE B 3185 17.19 -30.66 -33.29
N ARG B 3186 17.11 -31.03 -32.02
CA ARG B 3186 16.72 -30.12 -30.92
C ARG B 3186 17.94 -29.26 -30.56
N GLU B 3187 17.79 -27.93 -30.60
CA GLU B 3187 18.89 -26.99 -30.28
C GLU B 3187 19.28 -27.11 -28.81
N PRO B 3188 20.51 -26.71 -28.43
CA PRO B 3188 20.90 -26.70 -27.01
C PRO B 3188 19.99 -25.87 -26.09
N ASP B 3189 19.27 -24.86 -26.63
CA ASP B 3189 18.36 -24.01 -25.82
C ASP B 3189 17.18 -24.84 -25.32
N GLY B 3190 16.95 -26.02 -25.89
CA GLY B 3190 15.89 -26.94 -25.42
C GLY B 3190 14.54 -26.63 -26.04
N LYS B 3191 14.42 -25.60 -26.90
CA LYS B 3191 13.10 -25.24 -27.47
C LYS B 3191 13.15 -25.33 -29.01
N SER B 3192 14.12 -24.64 -29.63
CA SER B 3192 14.14 -24.49 -31.11
C SER B 3192 14.56 -25.82 -31.76
N CYS B 3193 13.82 -26.23 -32.80
CA CYS B 3193 14.23 -27.39 -33.64
C CYS B 3193 14.82 -26.85 -34.94
N ARG B 3194 15.86 -27.50 -35.46
CA ARG B 3194 16.54 -27.07 -36.70
C ARG B 3194 16.51 -28.22 -37.71
N GLN B 3195 16.23 -27.90 -38.97
CA GLN B 3195 16.14 -28.91 -40.05
C GLN B 3195 17.54 -29.49 -40.26
N ASN B 3196 17.61 -30.80 -40.52
CA ASN B 3196 18.90 -31.52 -40.53
C ASN B 3196 19.41 -31.75 -41.96
N SER B 3197 18.51 -32.15 -42.87
CA SER B 3197 18.89 -32.49 -44.27
C SER B 3197 19.60 -31.31 -44.92
N ASN B 3198 20.70 -31.59 -45.61
CA ASN B 3198 21.56 -30.55 -46.23
C ASN B 3198 20.81 -29.88 -47.39
N ILE B 3199 19.67 -30.47 -47.83
CA ILE B 3199 18.84 -29.85 -48.89
C ILE B 3199 18.24 -28.56 -48.31
N GLU B 3200 18.70 -27.39 -48.75
CA GLU B 3200 18.15 -26.16 -48.14
C GLU B 3200 16.84 -25.80 -48.86
N PRO B 3201 15.86 -25.27 -48.13
CA PRO B 3201 14.57 -24.96 -48.74
C PRO B 3201 14.61 -23.70 -49.59
N TYR B 3202 13.58 -23.55 -50.42
CA TYR B 3202 13.32 -22.31 -51.18
C TYR B 3202 11.81 -22.18 -51.40
N LEU B 3203 11.35 -20.93 -51.64
CA LEU B 3203 9.92 -20.60 -51.84
C LEU B 3203 9.60 -20.63 -53.31
N ILE B 3204 8.67 -21.49 -53.70
CA ILE B 3204 8.09 -21.43 -55.07
C ILE B 3204 6.78 -20.68 -54.97
N PHE B 3205 6.66 -19.58 -55.72
CA PHE B 3205 5.43 -18.78 -55.69
C PHE B 3205 5.10 -18.32 -57.10
N SER B 3206 3.82 -18.07 -57.35
CA SER B 3206 3.33 -17.83 -58.72
C SER B 3206 2.79 -16.39 -58.85
N ASN B 3207 3.11 -15.70 -59.95
CA ASN B 3207 2.49 -14.39 -60.25
C ASN B 3207 1.69 -14.51 -61.54
N ARG B 3208 1.00 -13.44 -61.89
CA ARG B 3208 0.52 -13.24 -63.27
C ARG B 3208 1.72 -13.29 -64.21
N TYR B 3209 1.66 -14.19 -65.20
CA TYR B 3209 2.73 -14.37 -66.22
C TYR B 3209 3.96 -15.10 -65.67
N TYR B 3210 4.10 -15.37 -64.36
CA TYR B 3210 5.37 -15.92 -63.85
C TYR B 3210 5.16 -16.94 -62.75
N ILE B 3211 6.10 -17.89 -62.68
CA ILE B 3211 6.32 -18.75 -61.49
C ILE B 3211 7.77 -18.52 -61.07
N ARG B 3212 7.98 -18.18 -59.79
CA ARG B 3212 9.28 -17.68 -59.31
C ARG B 3212 9.81 -18.53 -58.18
N ASN B 3213 11.14 -18.61 -58.11
CA ASN B 3213 11.87 -19.45 -57.14
C ASN B 3213 12.66 -18.49 -56.26
N LEU B 3214 12.20 -18.24 -55.03
CA LEU B 3214 12.79 -17.22 -54.12
C LEU B 3214 13.46 -17.94 -52.95
N THR B 3215 14.71 -17.60 -52.59
CA THR B 3215 15.34 -18.23 -51.40
C THR B 3215 14.78 -17.58 -50.13
N THR B 3216 14.64 -18.36 -49.06
CA THR B 3216 13.91 -17.98 -47.82
C THR B 3216 14.56 -16.86 -47.00
N ASP B 3217 15.65 -16.23 -47.47
CA ASP B 3217 16.23 -15.04 -46.79
C ASP B 3217 16.17 -13.81 -47.70
N GLY B 3218 15.67 -13.94 -48.93
CA GLY B 3218 15.56 -12.84 -49.91
C GLY B 3218 16.82 -12.61 -50.72
N SER B 3219 17.91 -13.36 -50.48
CA SER B 3219 19.22 -13.14 -51.15
C SER B 3219 19.18 -13.58 -52.61
N SER B 3220 18.41 -14.63 -52.94
CA SER B 3220 18.33 -15.18 -54.31
C SER B 3220 16.89 -15.04 -54.80
N TYR B 3221 16.71 -14.71 -56.09
CA TYR B 3221 15.37 -14.45 -56.64
C TYR B 3221 15.44 -14.69 -58.13
N SER B 3222 14.85 -15.79 -58.57
CA SER B 3222 15.06 -16.33 -59.93
C SER B 3222 13.72 -16.58 -60.59
N LEU B 3223 13.75 -17.12 -61.82
CA LEU B 3223 12.54 -17.32 -62.65
C LEU B 3223 12.46 -18.80 -63.00
N ILE B 3224 11.33 -19.44 -62.68
CA ILE B 3224 11.14 -20.88 -63.04
C ILE B 3224 10.50 -20.92 -64.42
N LEU B 3225 9.42 -20.15 -64.60
CA LEU B 3225 8.69 -20.17 -65.88
C LEU B 3225 8.10 -18.79 -66.15
N GLN B 3226 7.92 -18.47 -67.43
CA GLN B 3226 7.35 -17.15 -67.81
C GLN B 3226 6.51 -17.31 -69.08
N GLY B 3227 5.61 -16.35 -69.30
CA GLY B 3227 4.69 -16.35 -70.45
C GLY B 3227 3.46 -17.21 -70.18
N LEU B 3228 3.15 -17.50 -68.91
CA LEU B 3228 1.86 -18.18 -68.61
C LEU B 3228 0.72 -17.16 -68.65
N GLY B 3229 -0.51 -17.66 -68.76
CA GLY B 3229 -1.71 -16.80 -68.79
C GLY B 3229 -1.92 -16.11 -67.46
N ASN B 3230 -2.33 -16.88 -66.44
CA ASN B 3230 -2.58 -16.36 -65.08
C ASN B 3230 -2.51 -17.53 -64.10
N VAL B 3231 -1.39 -17.63 -63.37
CA VAL B 3231 -1.14 -18.80 -62.50
C VAL B 3231 -1.67 -18.48 -61.10
N VAL B 3232 -2.87 -18.95 -60.79
CA VAL B 3232 -3.51 -18.58 -59.50
C VAL B 3232 -3.29 -19.68 -58.48
N ALA B 3233 -2.93 -20.89 -58.89
CA ALA B 3233 -2.71 -22.01 -57.95
C ALA B 3233 -1.46 -22.77 -58.38
N LEU B 3234 -0.83 -23.49 -57.44
CA LEU B 3234 0.47 -24.16 -57.74
C LEU B 3234 0.74 -25.17 -56.63
N ASP B 3235 1.39 -26.28 -57.02
CA ASP B 3235 1.84 -27.29 -56.04
C ASP B 3235 2.87 -28.20 -56.68
N PHE B 3236 3.60 -28.95 -55.86
CA PHE B 3236 4.75 -29.74 -56.31
C PHE B 3236 4.53 -31.20 -55.92
N ASP B 3237 5.41 -32.07 -56.43
CA ASP B 3237 5.38 -33.50 -56.10
C ASP B 3237 6.81 -33.92 -55.77
N ARG B 3238 7.04 -34.40 -54.54
CA ARG B 3238 8.40 -34.78 -54.09
C ARG B 3238 8.86 -36.05 -54.80
N VAL B 3239 7.93 -36.99 -55.04
CA VAL B 3239 8.30 -38.36 -55.52
C VAL B 3239 8.86 -38.27 -56.94
N GLU B 3240 8.20 -37.50 -57.82
CA GLU B 3240 8.58 -37.47 -59.26
C GLU B 3240 9.25 -36.14 -59.61
N LYS B 3241 9.54 -35.29 -58.63
CA LYS B 3241 10.16 -33.95 -58.86
C LYS B 3241 9.32 -33.14 -59.85
N ARG B 3242 7.98 -33.29 -59.80
CA ARG B 3242 7.11 -32.60 -60.76
C ARG B 3242 6.58 -31.31 -60.13
N LEU B 3243 5.90 -30.52 -60.95
CA LEU B 3243 5.25 -29.25 -60.53
C LEU B 3243 3.92 -29.14 -61.26
N TYR B 3244 2.88 -28.73 -60.54
CA TYR B 3244 1.52 -28.58 -61.11
C TYR B 3244 1.04 -27.15 -60.81
N TRP B 3245 0.11 -26.67 -61.62
CA TRP B 3245 -0.45 -25.31 -61.44
C TRP B 3245 -1.75 -25.18 -62.22
N ILE B 3246 -2.46 -24.07 -61.99
CA ILE B 3246 -3.71 -23.77 -62.70
C ILE B 3246 -3.47 -22.48 -63.47
N ASP B 3247 -3.71 -22.52 -64.77
CA ASP B 3247 -3.63 -21.31 -65.62
C ASP B 3247 -5.07 -20.83 -65.83
N ALA B 3248 -5.56 -19.95 -64.94
CA ALA B 3248 -6.98 -19.57 -64.91
C ALA B 3248 -7.40 -18.87 -66.21
N GLU B 3249 -6.45 -18.19 -66.88
CA GLU B 3249 -6.74 -17.51 -68.16
C GLU B 3249 -7.16 -18.55 -69.22
N LYS B 3250 -6.49 -19.70 -69.26
CA LYS B 3250 -6.80 -20.76 -70.25
C LYS B 3250 -7.68 -21.84 -69.64
N GLN B 3251 -7.89 -21.81 -68.31
CA GLN B 3251 -8.73 -22.80 -67.58
C GLN B 3251 -8.19 -24.21 -67.80
N ILE B 3252 -6.88 -24.39 -67.59
CA ILE B 3252 -6.24 -25.72 -67.69
C ILE B 3252 -5.34 -25.95 -66.48
N ILE B 3253 -4.93 -27.20 -66.30
CA ILE B 3253 -3.94 -27.58 -65.26
C ILE B 3253 -2.77 -28.23 -65.99
N GLU B 3254 -1.58 -27.67 -65.83
CA GLU B 3254 -0.38 -28.18 -66.53
C GLU B 3254 0.50 -28.95 -65.55
N ARG B 3255 1.57 -29.56 -66.07
CA ARG B 3255 2.59 -30.17 -65.20
C ARG B 3255 3.90 -30.24 -65.96
N MET B 3256 4.99 -30.16 -65.20
CA MET B 3256 6.34 -30.28 -65.80
C MET B 3256 7.32 -30.68 -64.70
N PHE B 3257 8.43 -31.27 -65.11
CA PHE B 3257 9.51 -31.61 -64.17
C PHE B 3257 10.11 -30.32 -63.62
N LEU B 3258 10.84 -30.43 -62.52
CA LEU B 3258 11.48 -29.23 -61.91
C LEU B 3258 12.69 -28.76 -62.72
N ASN B 3259 13.16 -29.53 -63.69
CA ASN B 3259 14.33 -29.10 -64.49
C ASN B 3259 13.84 -28.52 -65.82
N LYS B 3260 12.60 -27.97 -65.85
CA LYS B 3260 12.05 -27.20 -66.99
C LYS B 3260 11.80 -28.12 -68.20
N THR B 3261 11.82 -29.44 -68.02
CA THR B 3261 11.66 -30.37 -69.16
C THR B 3261 10.26 -31.00 -69.12
N ASN B 3262 9.79 -31.43 -70.30
CA ASN B 3262 8.57 -32.26 -70.44
C ASN B 3262 7.35 -31.52 -69.89
N ARG B 3263 7.03 -30.36 -70.48
CA ARG B 3263 5.79 -29.64 -70.14
C ARG B 3263 4.60 -30.35 -70.78
N GLU B 3264 3.63 -30.73 -69.95
CA GLU B 3264 2.43 -31.48 -70.39
C GLU B 3264 1.19 -30.84 -69.77
N THR B 3265 0.03 -31.09 -70.38
CA THR B 3265 -1.25 -30.59 -69.85
C THR B 3265 -2.09 -31.81 -69.48
N ILE B 3266 -2.41 -31.97 -68.20
CA ILE B 3266 -3.09 -33.23 -67.75
C ILE B 3266 -4.62 -33.07 -67.82
N ILE B 3267 -5.16 -31.95 -67.34
CA ILE B 3267 -6.64 -31.75 -67.35
C ILE B 3267 -6.94 -30.45 -68.09
N ASN B 3268 -7.82 -30.50 -69.10
CA ASN B 3268 -8.10 -29.33 -69.97
C ASN B 3268 -9.59 -29.25 -70.32
N HIS B 3269 -10.44 -30.03 -69.65
CA HIS B 3269 -11.86 -30.13 -70.06
C HIS B 3269 -12.71 -29.88 -68.82
N ARG B 3270 -13.89 -29.28 -69.04
CA ARG B 3270 -14.90 -28.93 -67.99
C ARG B 3270 -14.34 -28.05 -66.86
N LEU B 3271 -13.13 -27.50 -66.97
CA LEU B 3271 -12.62 -26.55 -65.95
C LEU B 3271 -13.32 -25.21 -66.15
N ARG B 3272 -14.32 -24.91 -65.30
CA ARG B 3272 -15.04 -23.62 -65.38
C ARG B 3272 -14.29 -22.59 -64.51
N ARG B 3273 -14.13 -22.84 -63.20
CA ARG B 3273 -13.39 -21.92 -62.32
C ARG B 3273 -12.75 -22.76 -61.21
N ALA B 3274 -11.50 -23.18 -61.43
CA ALA B 3274 -10.71 -23.90 -60.40
C ALA B 3274 -9.87 -22.87 -59.66
N GLU B 3275 -10.11 -22.72 -58.35
CA GLU B 3275 -9.45 -21.65 -57.57
C GLU B 3275 -8.18 -22.17 -56.90
N SER B 3276 -8.10 -23.45 -56.56
CA SER B 3276 -6.92 -23.98 -55.83
C SER B 3276 -6.73 -25.45 -56.17
N LEU B 3277 -5.52 -25.97 -55.92
CA LEU B 3277 -5.28 -27.43 -56.05
C LEU B 3277 -4.20 -27.86 -55.06
N ALA B 3278 -4.19 -29.16 -54.76
CA ALA B 3278 -3.19 -29.78 -53.88
C ALA B 3278 -2.84 -31.15 -54.46
N VAL B 3279 -1.59 -31.58 -54.26
CA VAL B 3279 -1.09 -32.85 -54.81
C VAL B 3279 -0.99 -33.85 -53.67
N ASP B 3280 -1.62 -35.02 -53.83
CA ASP B 3280 -1.57 -36.09 -52.80
C ASP B 3280 -0.38 -36.99 -53.12
N TRP B 3281 0.75 -36.75 -52.45
CA TRP B 3281 2.00 -37.50 -52.75
C TRP B 3281 1.90 -38.95 -52.27
N VAL B 3282 0.89 -39.29 -51.47
CA VAL B 3282 0.82 -40.61 -50.79
C VAL B 3282 0.10 -41.61 -51.68
N SER B 3283 -1.14 -41.30 -52.11
CA SER B 3283 -1.92 -42.22 -52.97
C SER B 3283 -1.87 -41.77 -54.44
N ARG B 3284 -1.02 -40.78 -54.78
CA ARG B 3284 -0.82 -40.29 -56.18
C ARG B 3284 -2.17 -39.84 -56.76
N LYS B 3285 -2.77 -38.82 -56.15
CA LYS B 3285 -4.01 -38.21 -56.67
C LYS B 3285 -3.86 -36.69 -56.69
N LEU B 3286 -4.72 -36.03 -57.45
CA LEU B 3286 -4.71 -34.56 -57.56
C LEU B 3286 -6.07 -34.05 -57.14
N TYR B 3287 -6.11 -33.05 -56.25
CA TYR B 3287 -7.37 -32.44 -55.77
C TYR B 3287 -7.43 -31.00 -56.25
N TRP B 3288 -8.63 -30.51 -56.59
CA TRP B 3288 -8.82 -29.08 -56.92
C TRP B 3288 -10.28 -28.69 -56.71
N LEU B 3289 -10.47 -27.46 -56.25
CA LEU B 3289 -11.81 -26.91 -55.95
C LEU B 3289 -12.38 -26.24 -57.20
N ASP B 3290 -13.68 -26.35 -57.39
CA ASP B 3290 -14.39 -25.64 -58.48
C ASP B 3290 -15.32 -24.60 -57.85
N ALA B 3291 -15.15 -23.32 -58.22
CA ALA B 3291 -15.92 -22.22 -57.61
C ALA B 3291 -17.21 -21.94 -58.42
N ILE B 3292 -17.36 -22.54 -59.61
CA ILE B 3292 -18.60 -22.39 -60.42
C ILE B 3292 -19.47 -23.63 -60.26
N LEU B 3293 -18.91 -24.83 -60.42
CA LEU B 3293 -19.66 -26.07 -60.14
C LEU B 3293 -19.83 -26.26 -58.63
N ASP B 3294 -19.11 -25.49 -57.79
CA ASP B 3294 -19.28 -25.48 -56.32
C ASP B 3294 -19.08 -26.90 -55.78
N CYS B 3295 -17.94 -27.52 -56.07
CA CYS B 3295 -17.67 -28.93 -55.73
C CYS B 3295 -16.20 -29.13 -55.39
N LEU B 3296 -15.82 -30.37 -55.05
CA LEU B 3296 -14.43 -30.78 -54.79
C LEU B 3296 -14.17 -32.00 -55.68
N PHE B 3297 -13.03 -31.98 -56.38
CA PHE B 3297 -12.70 -33.04 -57.36
C PHE B 3297 -11.46 -33.81 -56.91
N VAL B 3298 -11.36 -35.04 -57.42
CA VAL B 3298 -10.19 -35.92 -57.18
C VAL B 3298 -9.89 -36.60 -58.50
N SER B 3299 -8.60 -36.76 -58.81
CA SER B 3299 -8.16 -37.29 -60.11
C SER B 3299 -6.84 -38.04 -59.94
N ASP B 3300 -6.56 -38.91 -60.91
CA ASP B 3300 -5.22 -39.52 -61.02
C ASP B 3300 -4.24 -38.45 -61.49
N LEU B 3301 -2.97 -38.58 -61.11
CA LEU B 3301 -1.95 -37.54 -61.39
C LEU B 3301 -1.81 -37.35 -62.91
N GLU B 3302 -2.06 -38.38 -63.72
CA GLU B 3302 -1.89 -38.26 -65.19
C GLU B 3302 -3.13 -37.63 -65.83
N GLY B 3303 -4.27 -37.59 -65.13
CA GLY B 3303 -5.47 -36.86 -65.59
C GLY B 3303 -6.68 -37.75 -65.78
N ARG B 3304 -6.52 -39.09 -65.83
CA ARG B 3304 -7.66 -40.01 -66.03
C ARG B 3304 -8.51 -40.11 -64.76
N HIS B 3305 -9.74 -40.59 -64.91
CA HIS B 3305 -10.64 -40.93 -63.77
C HIS B 3305 -10.86 -39.73 -62.84
N ARG B 3306 -11.55 -38.69 -63.32
CA ARG B 3306 -12.01 -37.56 -62.47
C ARG B 3306 -13.24 -38.01 -61.69
N LYS B 3307 -13.37 -37.55 -60.44
CA LYS B 3307 -14.55 -37.89 -59.61
C LYS B 3307 -14.84 -36.74 -58.64
N MET B 3308 -16.12 -36.57 -58.31
CA MET B 3308 -16.57 -35.59 -57.29
C MET B 3308 -16.62 -36.25 -55.92
N ILE B 3309 -16.12 -35.57 -54.89
CA ILE B 3309 -16.18 -36.14 -53.50
C ILE B 3309 -16.86 -35.18 -52.54
N ALA B 3310 -17.26 -33.98 -52.97
CA ALA B 3310 -17.97 -33.03 -52.10
C ALA B 3310 -18.77 -32.08 -52.98
N GLN B 3311 -19.93 -31.64 -52.46
CA GLN B 3311 -20.84 -30.74 -53.20
C GLN B 3311 -21.85 -30.17 -52.20
N HIS B 3312 -22.79 -29.37 -52.71
CA HIS B 3312 -23.95 -28.86 -51.93
C HIS B 3312 -23.46 -28.13 -50.68
N CYS B 3313 -23.71 -28.73 -49.50
CA CYS B 3313 -23.46 -28.10 -48.18
C CYS B 3313 -22.81 -29.08 -47.21
N VAL B 3314 -22.33 -28.55 -46.08
CA VAL B 3314 -21.43 -29.31 -45.16
C VAL B 3314 -22.19 -29.72 -43.90
N ASP B 3315 -22.82 -28.75 -43.21
CA ASP B 3315 -23.48 -28.95 -41.91
C ASP B 3315 -24.85 -29.65 -42.05
N ALA B 3316 -25.37 -30.17 -40.93
CA ALA B 3316 -26.70 -30.83 -40.87
C ALA B 3316 -27.86 -29.88 -41.21
N ASN B 3317 -27.68 -28.55 -41.06
CA ASN B 3317 -28.75 -27.55 -41.28
C ASN B 3317 -28.67 -26.96 -42.70
N ASN B 3318 -27.64 -27.31 -43.48
CA ASN B 3318 -27.36 -26.70 -44.79
C ASN B 3318 -27.22 -25.17 -44.67
N THR B 3319 -26.61 -24.67 -43.58
CA THR B 3319 -26.29 -23.22 -43.46
C THR B 3319 -24.94 -22.89 -44.10
N PHE B 3320 -24.00 -23.84 -44.15
CA PHE B 3320 -22.65 -23.66 -44.74
C PHE B 3320 -22.53 -24.48 -46.03
N CYS B 3321 -22.34 -23.77 -47.15
CA CYS B 3321 -22.47 -24.34 -48.51
C CYS B 3321 -21.39 -23.77 -49.43
N PHE B 3322 -21.10 -24.45 -50.54
CA PHE B 3322 -19.97 -24.17 -51.44
C PHE B 3322 -20.22 -22.91 -52.26
N GLU B 3323 -20.26 -21.73 -51.64
CA GLU B 3323 -20.53 -20.48 -52.39
C GLU B 3323 -19.27 -20.09 -53.17
N HIS B 3324 -18.16 -19.81 -52.47
CA HIS B 3324 -16.89 -19.40 -53.12
C HIS B 3324 -15.76 -20.22 -52.51
N PRO B 3325 -15.54 -21.47 -52.97
CA PRO B 3325 -14.39 -22.23 -52.53
C PRO B 3325 -13.09 -21.51 -52.93
N ARG B 3326 -12.08 -21.58 -52.05
CA ARG B 3326 -10.73 -21.03 -52.34
C ARG B 3326 -9.77 -21.51 -51.26
N GLY B 3327 -8.62 -22.04 -51.69
CA GLY B 3327 -7.59 -22.56 -50.80
C GLY B 3327 -7.90 -23.97 -50.34
N ILE B 3328 -6.93 -24.87 -50.51
CA ILE B 3328 -7.10 -26.30 -50.12
C ILE B 3328 -5.77 -26.80 -49.56
N VAL B 3329 -5.85 -27.68 -48.57
CA VAL B 3329 -4.63 -28.32 -48.01
C VAL B 3329 -4.97 -29.77 -47.69
N LEU B 3330 -4.00 -30.66 -47.88
CA LEU B 3330 -4.20 -32.10 -47.62
C LEU B 3330 -3.46 -32.47 -46.34
N HIS B 3331 -4.03 -33.41 -45.59
CA HIS B 3331 -3.35 -34.03 -44.42
C HIS B 3331 -3.45 -35.53 -44.61
N PRO B 3332 -2.73 -36.12 -45.59
CA PRO B 3332 -2.93 -37.52 -45.92
C PRO B 3332 -2.56 -38.46 -44.78
N GLN B 3333 -1.80 -37.98 -43.79
CA GLN B 3333 -1.42 -38.81 -42.62
C GLN B 3333 -2.70 -39.28 -41.93
N ARG B 3334 -3.73 -38.43 -41.83
CA ARG B 3334 -5.01 -38.82 -41.18
C ARG B 3334 -6.15 -38.78 -42.20
N GLY B 3335 -5.85 -38.67 -43.50
CA GLY B 3335 -6.85 -38.83 -44.57
C GLY B 3335 -7.93 -37.75 -44.52
N HIS B 3336 -7.53 -36.48 -44.42
CA HIS B 3336 -8.50 -35.36 -44.42
C HIS B 3336 -8.12 -34.33 -45.47
N VAL B 3337 -9.13 -33.60 -45.96
CA VAL B 3337 -8.94 -32.51 -46.93
C VAL B 3337 -9.58 -31.26 -46.33
N TYR B 3338 -8.78 -30.23 -46.10
CA TYR B 3338 -9.28 -28.95 -45.54
C TYR B 3338 -9.35 -27.93 -46.67
N TRP B 3339 -10.51 -27.30 -46.83
CA TRP B 3339 -10.66 -26.19 -47.80
C TRP B 3339 -11.35 -25.02 -47.12
N ALA B 3340 -11.04 -23.81 -47.58
CA ALA B 3340 -11.62 -22.57 -47.03
C ALA B 3340 -12.69 -22.05 -47.99
N ASP B 3341 -13.66 -21.33 -47.43
CA ASP B 3341 -14.76 -20.76 -48.22
C ASP B 3341 -14.92 -19.30 -47.80
N TRP B 3342 -14.98 -18.40 -48.78
CA TRP B 3342 -15.13 -16.95 -48.51
C TRP B 3342 -16.49 -16.46 -49.04
N GLY B 3343 -17.51 -17.32 -48.94
CA GLY B 3343 -18.90 -16.92 -49.22
C GLY B 3343 -19.44 -16.00 -48.14
N VAL B 3344 -20.73 -15.64 -48.23
CA VAL B 3344 -21.36 -14.80 -47.19
C VAL B 3344 -21.37 -15.58 -45.87
N HIS B 3345 -21.60 -16.90 -45.92
CA HIS B 3345 -21.44 -17.80 -44.75
C HIS B 3345 -20.04 -18.41 -44.85
N ALA B 3346 -18.99 -17.59 -44.70
CA ALA B 3346 -17.59 -18.04 -44.82
C ALA B 3346 -17.29 -19.04 -43.70
N TYR B 3347 -16.47 -20.03 -44.02
CA TYR B 3347 -16.07 -21.06 -43.03
C TYR B 3347 -14.83 -21.79 -43.53
N ILE B 3348 -14.39 -22.79 -42.76
CA ILE B 3348 -13.35 -23.75 -43.18
C ILE B 3348 -13.93 -25.15 -43.04
N GLY B 3349 -13.92 -25.91 -44.15
CA GLY B 3349 -14.57 -27.23 -44.22
C GLY B 3349 -13.56 -28.37 -44.17
N ARG B 3350 -13.98 -29.52 -43.65
CA ARG B 3350 -13.15 -30.75 -43.67
C ARG B 3350 -13.97 -31.87 -44.26
N ILE B 3351 -13.29 -32.78 -44.97
CA ILE B 3351 -13.94 -34.00 -45.51
C ILE B 3351 -12.88 -35.08 -45.64
N GLY B 3352 -13.31 -36.32 -45.48
CA GLY B 3352 -12.42 -37.48 -45.66
C GLY B 3352 -12.02 -37.58 -47.12
N MET B 3353 -10.88 -38.20 -47.41
CA MET B 3353 -10.32 -38.21 -48.78
C MET B 3353 -11.15 -39.09 -49.70
N ASP B 3354 -12.16 -39.81 -49.19
CA ASP B 3354 -13.10 -40.56 -50.07
C ASP B 3354 -14.51 -39.96 -50.02
N GLY B 3355 -14.68 -38.78 -49.40
CA GLY B 3355 -15.96 -38.06 -49.38
C GLY B 3355 -16.80 -38.35 -48.15
N THR B 3356 -16.38 -39.27 -47.27
CA THR B 3356 -17.13 -39.53 -46.01
C THR B 3356 -16.68 -38.56 -44.94
N ASN B 3357 -17.57 -38.28 -43.98
CA ASN B 3357 -17.27 -37.35 -42.85
C ASN B 3357 -16.98 -35.93 -43.39
N LYS B 3358 -17.98 -35.27 -43.98
CA LYS B 3358 -17.87 -33.79 -44.11
C LYS B 3358 -18.40 -33.15 -42.84
N SER B 3359 -17.71 -32.09 -42.39
CA SER B 3359 -18.11 -31.31 -41.20
C SER B 3359 -17.52 -29.91 -41.26
N VAL B 3360 -18.09 -28.96 -40.51
CA VAL B 3360 -17.54 -27.59 -40.47
C VAL B 3360 -16.48 -27.54 -39.36
N ILE B 3361 -15.35 -26.90 -39.65
CA ILE B 3361 -14.23 -26.76 -38.68
C ILE B 3361 -14.35 -25.41 -37.99
N ILE B 3362 -14.26 -24.31 -38.76
CA ILE B 3362 -14.24 -22.94 -38.17
C ILE B 3362 -15.26 -22.10 -38.93
N SER B 3363 -16.15 -21.41 -38.21
CA SER B 3363 -17.23 -20.63 -38.86
C SER B 3363 -17.52 -19.34 -38.08
N THR B 3364 -16.60 -18.91 -37.20
CA THR B 3364 -16.80 -17.69 -36.38
C THR B 3364 -15.59 -16.77 -36.49
N LYS B 3365 -15.80 -15.45 -36.31
CA LYS B 3365 -14.73 -14.41 -36.37
C LYS B 3365 -13.93 -14.60 -37.67
N ILE B 3366 -14.65 -14.72 -38.77
CA ILE B 3366 -14.06 -15.10 -40.08
C ILE B 3366 -14.91 -14.45 -41.18
N GLU B 3367 -14.26 -13.93 -42.22
CA GLU B 3367 -14.98 -13.34 -43.37
C GLU B 3367 -14.33 -13.79 -44.66
N TRP B 3368 -13.03 -13.58 -44.85
CA TRP B 3368 -12.35 -13.84 -46.16
C TRP B 3368 -11.17 -14.76 -45.95
N PRO B 3369 -11.38 -16.04 -45.59
CA PRO B 3369 -10.25 -16.95 -45.43
C PRO B 3369 -9.65 -17.37 -46.79
N ASN B 3370 -8.83 -16.49 -47.37
CA ASN B 3370 -8.18 -16.77 -48.67
C ASN B 3370 -7.19 -17.92 -48.52
N ALA B 3371 -6.31 -17.86 -47.51
CA ALA B 3371 -5.20 -18.82 -47.39
C ALA B 3371 -5.59 -19.96 -46.45
N ILE B 3372 -4.88 -21.08 -46.57
CA ILE B 3372 -5.02 -22.20 -45.63
C ILE B 3372 -3.82 -23.11 -45.82
N THR B 3373 -3.34 -23.72 -44.73
CA THR B 3373 -2.27 -24.74 -44.81
C THR B 3373 -2.09 -25.35 -43.43
N ILE B 3374 -1.36 -26.48 -43.38
CA ILE B 3374 -1.13 -27.21 -42.12
C ILE B 3374 0.36 -27.29 -41.87
N ASP B 3375 0.77 -27.14 -40.62
CA ASP B 3375 2.12 -27.50 -40.19
C ASP B 3375 2.12 -29.00 -39.86
N TYR B 3376 2.96 -29.78 -40.55
CA TYR B 3376 2.97 -31.25 -40.41
C TYR B 3376 3.80 -31.70 -39.21
N THR B 3377 4.52 -30.80 -38.54
CA THR B 3377 5.36 -31.18 -37.38
C THR B 3377 4.50 -31.22 -36.12
N ASN B 3378 3.89 -30.09 -35.73
CA ASN B 3378 3.10 -29.99 -34.49
C ASN B 3378 1.63 -30.30 -34.77
N ASP B 3379 1.25 -30.50 -36.05
CA ASP B 3379 -0.16 -30.81 -36.45
C ASP B 3379 -1.07 -29.65 -36.02
N LEU B 3380 -0.80 -28.47 -36.58
CA LEU B 3380 -1.63 -27.27 -36.33
C LEU B 3380 -2.11 -26.71 -37.66
N LEU B 3381 -3.43 -26.50 -37.77
CA LEU B 3381 -4.02 -25.90 -38.98
C LEU B 3381 -3.73 -24.39 -38.95
N TYR B 3382 -3.46 -23.82 -40.12
CA TYR B 3382 -3.14 -22.38 -40.25
C TYR B 3382 -4.01 -21.80 -41.35
N TRP B 3383 -4.45 -20.55 -41.17
CA TRP B 3383 -5.21 -19.84 -42.21
C TRP B 3383 -5.13 -18.34 -41.95
N ALA B 3384 -5.50 -17.55 -42.94
CA ALA B 3384 -5.45 -16.09 -42.83
C ALA B 3384 -6.74 -15.52 -43.39
N ASP B 3385 -7.09 -14.30 -42.96
CA ASP B 3385 -8.33 -13.63 -43.41
C ASP B 3385 -7.94 -12.34 -44.12
N ALA B 3386 -8.51 -12.11 -45.30
CA ALA B 3386 -8.20 -10.93 -46.14
C ALA B 3386 -8.92 -9.69 -45.61
N HIS B 3387 -10.08 -9.87 -44.96
CA HIS B 3387 -10.91 -8.74 -44.48
C HIS B 3387 -10.49 -8.34 -43.07
N LEU B 3388 -10.64 -9.25 -42.09
CA LEU B 3388 -10.23 -8.97 -40.70
C LEU B 3388 -8.72 -8.76 -40.63
N GLY B 3389 -7.94 -9.31 -41.58
CA GLY B 3389 -6.50 -9.04 -41.68
C GLY B 3389 -5.72 -9.72 -40.57
N TYR B 3390 -6.07 -10.96 -40.23
CA TYR B 3390 -5.33 -11.71 -39.19
C TYR B 3390 -4.67 -12.95 -39.79
N ILE B 3391 -3.74 -13.53 -39.04
CA ILE B 3391 -3.28 -14.93 -39.27
C ILE B 3391 -3.54 -15.69 -37.98
N GLU B 3392 -4.33 -16.75 -38.08
CA GLU B 3392 -4.74 -17.55 -36.92
C GLU B 3392 -4.39 -19.01 -37.18
N PHE B 3393 -4.11 -19.74 -36.10
CA PHE B 3393 -3.87 -21.19 -36.18
C PHE B 3393 -4.64 -21.87 -35.07
N SER B 3394 -4.95 -23.14 -35.29
CA SER B 3394 -5.77 -23.91 -34.33
C SER B 3394 -5.49 -25.40 -34.50
N ASP B 3395 -5.97 -26.19 -33.53
CA ASP B 3395 -5.91 -27.66 -33.61
C ASP B 3395 -6.73 -28.11 -34.83
N LEU B 3396 -6.44 -29.33 -35.31
CA LEU B 3396 -7.07 -29.86 -36.54
C LEU B 3396 -8.59 -29.99 -36.37
N GLU B 3397 -9.09 -29.92 -35.13
CA GLU B 3397 -10.55 -30.04 -34.86
C GLU B 3397 -11.20 -28.65 -34.76
N GLY B 3398 -10.42 -27.56 -34.97
CA GLY B 3398 -10.96 -26.19 -34.92
C GLY B 3398 -11.18 -25.73 -33.48
N HIS B 3399 -10.27 -26.15 -32.58
CA HIS B 3399 -10.34 -25.73 -31.16
C HIS B 3399 -9.01 -25.08 -30.77
N HIS B 3400 -9.04 -24.27 -29.70
CA HIS B 3400 -7.86 -23.58 -29.13
C HIS B 3400 -7.22 -22.68 -30.20
N ARG B 3401 -8.01 -21.76 -30.76
CA ARG B 3401 -7.50 -20.81 -31.78
C ARG B 3401 -6.53 -19.83 -31.12
N HIS B 3402 -5.49 -19.45 -31.85
CA HIS B 3402 -4.52 -18.43 -31.38
C HIS B 3402 -4.21 -17.52 -32.55
N THR B 3403 -3.98 -16.24 -32.25
CA THR B 3403 -3.78 -15.20 -33.28
C THR B 3403 -2.29 -14.83 -33.34
N VAL B 3404 -1.73 -14.87 -34.54
CA VAL B 3404 -0.31 -14.48 -34.76
C VAL B 3404 -0.30 -12.97 -35.01
N TYR B 3405 -0.93 -12.54 -36.11
CA TYR B 3405 -1.08 -11.11 -36.41
C TYR B 3405 -2.53 -10.73 -36.17
N ASP B 3406 -2.74 -9.60 -35.47
CA ASP B 3406 -4.08 -9.17 -35.04
C ASP B 3406 -4.44 -7.89 -35.79
N GLY B 3407 -5.05 -8.03 -36.97
CA GLY B 3407 -5.54 -6.90 -37.77
C GLY B 3407 -4.43 -6.07 -38.38
N SER B 3408 -3.20 -6.58 -38.43
CA SER B 3408 -2.05 -5.82 -38.97
C SER B 3408 -1.85 -6.14 -40.46
N LEU B 3409 -2.63 -7.07 -41.03
CA LEU B 3409 -2.32 -7.49 -42.41
C LEU B 3409 -3.29 -6.85 -43.39
N PRO B 3410 -2.79 -6.24 -44.47
CA PRO B 3410 -3.67 -5.70 -45.50
C PRO B 3410 -4.55 -6.79 -46.16
N HIS B 3411 -3.93 -7.82 -46.76
CA HIS B 3411 -4.67 -8.79 -47.58
C HIS B 3411 -3.81 -10.03 -47.86
N PRO B 3412 -3.70 -10.98 -46.93
CA PRO B 3412 -3.07 -12.26 -47.25
C PRO B 3412 -3.92 -13.08 -48.22
N PHE B 3413 -3.28 -13.86 -49.08
CA PHE B 3413 -4.00 -14.77 -50.01
C PHE B 3413 -3.48 -16.20 -49.89
N ALA B 3414 -2.18 -16.40 -49.69
CA ALA B 3414 -1.61 -17.75 -49.51
C ALA B 3414 -0.52 -17.70 -48.45
N LEU B 3415 -0.30 -18.81 -47.76
CA LEU B 3415 0.80 -18.86 -46.77
C LEU B 3415 1.35 -20.28 -46.67
N THR B 3416 2.61 -20.38 -46.27
CA THR B 3416 3.26 -21.68 -45.99
C THR B 3416 4.22 -21.54 -44.82
N ILE B 3417 4.40 -22.62 -44.08
CA ILE B 3417 5.30 -22.64 -42.89
C ILE B 3417 6.41 -23.65 -43.13
N PHE B 3418 7.65 -23.23 -42.84
CA PHE B 3418 8.79 -24.15 -42.72
C PHE B 3418 9.55 -23.82 -41.44
N GLU B 3419 10.03 -24.87 -40.75
CA GLU B 3419 10.71 -24.73 -39.43
C GLU B 3419 9.82 -23.91 -38.50
N ASP B 3420 10.25 -22.67 -38.16
CA ASP B 3420 9.50 -21.80 -37.23
C ASP B 3420 9.04 -20.52 -37.93
N THR B 3421 9.13 -20.46 -39.26
CA THR B 3421 8.81 -19.23 -40.02
C THR B 3421 7.59 -19.45 -40.88
N VAL B 3422 6.75 -18.42 -41.01
CA VAL B 3422 5.55 -18.45 -41.89
C VAL B 3422 5.77 -17.42 -43.00
N PHE B 3423 5.54 -17.83 -44.24
CA PHE B 3423 5.70 -16.97 -45.43
C PHE B 3423 4.30 -16.75 -46.02
N TRP B 3424 3.91 -15.51 -46.31
CA TRP B 3424 2.57 -15.26 -46.88
C TRP B 3424 2.67 -14.23 -48.01
N THR B 3425 1.65 -14.22 -48.86
CA THR B 3425 1.59 -13.33 -50.03
C THR B 3425 0.52 -12.28 -49.80
N ASP B 3426 0.90 -11.01 -49.94
CA ASP B 3426 -0.01 -9.88 -49.62
C ASP B 3426 -0.41 -9.22 -50.94
N TRP B 3427 -1.72 -9.14 -51.22
CA TRP B 3427 -2.22 -8.55 -52.48
C TRP B 3427 -2.07 -7.02 -52.47
N ASN B 3428 -2.49 -6.38 -51.37
CA ASN B 3428 -2.59 -4.90 -51.33
C ASN B 3428 -1.21 -4.25 -51.48
N THR B 3429 -0.19 -4.72 -50.75
CA THR B 3429 1.18 -4.17 -50.92
C THR B 3429 1.89 -4.80 -52.11
N ARG B 3430 1.34 -5.87 -52.70
CA ARG B 3430 1.97 -6.68 -53.76
C ARG B 3430 3.35 -7.14 -53.25
N THR B 3431 3.36 -7.97 -52.21
CA THR B 3431 4.62 -8.41 -51.56
C THR B 3431 4.57 -9.89 -51.22
N VAL B 3432 5.75 -10.49 -51.11
CA VAL B 3432 5.96 -11.75 -50.36
C VAL B 3432 6.69 -11.34 -49.09
N GLU B 3433 6.26 -11.83 -47.94
CA GLU B 3433 6.93 -11.43 -46.67
C GLU B 3433 6.80 -12.53 -45.65
N LYS B 3434 7.62 -12.46 -44.60
CA LYS B 3434 7.72 -13.57 -43.63
C LYS B 3434 7.81 -13.02 -42.22
N GLY B 3435 7.52 -13.89 -41.25
CA GLY B 3435 7.71 -13.59 -39.82
C GLY B 3435 7.68 -14.87 -39.02
N ASN B 3436 7.86 -14.76 -37.70
CA ASN B 3436 7.80 -15.95 -36.84
C ASN B 3436 6.38 -16.52 -36.92
N LYS B 3437 6.27 -17.85 -36.82
CA LYS B 3437 4.98 -18.54 -37.05
C LYS B 3437 4.12 -18.54 -35.77
N TYR B 3438 4.63 -18.08 -34.63
CA TYR B 3438 3.86 -18.13 -33.36
C TYR B 3438 3.45 -16.76 -32.86
N ASP B 3439 4.28 -15.72 -33.04
CA ASP B 3439 3.96 -14.38 -32.49
C ASP B 3439 4.09 -13.29 -33.56
N GLY B 3440 4.67 -13.59 -34.73
CA GLY B 3440 4.80 -12.61 -35.82
C GLY B 3440 6.00 -11.70 -35.65
N SER B 3441 6.90 -11.96 -34.71
CA SER B 3441 8.12 -11.12 -34.53
C SER B 3441 9.06 -11.33 -35.71
N GLY B 3442 9.89 -10.31 -35.98
CA GLY B 3442 10.92 -10.37 -37.04
C GLY B 3442 10.32 -10.30 -38.44
N ARG B 3443 9.25 -9.50 -38.62
CA ARG B 3443 8.60 -9.35 -39.94
C ARG B 3443 9.58 -8.71 -40.94
N VAL B 3444 9.71 -9.31 -42.13
CA VAL B 3444 10.60 -8.84 -43.23
C VAL B 3444 9.88 -8.95 -44.56
N VAL B 3445 9.86 -7.87 -45.35
CA VAL B 3445 9.38 -7.95 -46.75
C VAL B 3445 10.51 -8.52 -47.62
N LEU B 3446 10.28 -9.72 -48.17
CA LEU B 3446 11.30 -10.41 -49.01
C LEU B 3446 11.36 -9.79 -50.41
N VAL B 3447 10.22 -9.48 -51.05
CA VAL B 3447 10.27 -8.90 -52.43
C VAL B 3447 9.06 -8.02 -52.77
N ASN B 3448 9.32 -6.98 -53.59
CA ASN B 3448 8.28 -6.08 -54.15
C ASN B 3448 7.86 -6.56 -55.55
N THR B 3449 7.00 -7.56 -55.63
CA THR B 3449 6.46 -8.04 -56.92
C THR B 3449 5.67 -6.92 -57.62
N THR B 3450 5.82 -6.77 -58.95
CA THR B 3450 4.98 -5.80 -59.71
C THR B 3450 3.53 -6.29 -59.84
N HIS B 3451 3.34 -7.60 -60.03
CA HIS B 3451 1.97 -8.17 -60.13
C HIS B 3451 1.63 -8.90 -58.83
N LYS B 3452 0.33 -9.14 -58.58
CA LYS B 3452 -0.14 -9.86 -57.38
C LYS B 3452 0.55 -11.22 -57.26
N PRO B 3453 1.24 -11.55 -56.14
CA PRO B 3453 1.69 -12.91 -55.92
C PRO B 3453 0.47 -13.72 -55.43
N PHE B 3454 0.08 -14.77 -56.16
CA PHE B 3454 -1.14 -15.53 -55.78
C PHE B 3454 -0.77 -16.66 -54.84
N ASP B 3455 -0.06 -17.68 -55.32
CA ASP B 3455 0.11 -18.91 -54.50
C ASP B 3455 1.59 -19.10 -54.18
N ILE B 3456 1.88 -19.70 -53.03
CA ILE B 3456 3.27 -19.83 -52.54
C ILE B 3456 3.42 -21.20 -51.90
N HIS B 3457 4.62 -21.78 -52.02
CA HIS B 3457 4.91 -23.10 -51.41
C HIS B 3457 6.38 -23.14 -51.05
N VAL B 3458 6.69 -23.95 -50.04
CA VAL B 3458 8.11 -24.19 -49.66
C VAL B 3458 8.49 -25.57 -50.21
N TYR B 3459 9.41 -25.60 -51.16
CA TYR B 3459 9.82 -26.87 -51.79
C TYR B 3459 10.94 -27.47 -50.94
N HIS B 3460 10.60 -28.53 -50.20
CA HIS B 3460 11.58 -29.24 -49.35
C HIS B 3460 11.00 -30.62 -49.08
N PRO B 3461 11.82 -31.67 -49.02
CA PRO B 3461 11.32 -33.01 -48.78
C PRO B 3461 10.46 -33.14 -47.51
N TYR B 3462 10.73 -32.33 -46.47
CA TYR B 3462 10.01 -32.45 -45.18
C TYR B 3462 8.59 -31.89 -45.28
N ARG B 3463 8.30 -31.05 -46.29
CA ARG B 3463 6.94 -30.46 -46.41
C ARG B 3463 5.96 -31.49 -46.98
N GLN B 3464 6.46 -32.65 -47.44
CA GLN B 3464 5.60 -33.77 -47.85
C GLN B 3464 6.11 -35.00 -47.11
N PRO B 3465 5.72 -35.19 -45.83
CA PRO B 3465 6.29 -36.28 -45.03
C PRO B 3465 5.96 -37.65 -45.65
N ILE B 3466 6.87 -38.60 -45.47
CA ILE B 3466 6.75 -39.94 -46.10
C ILE B 3466 5.94 -40.85 -45.16
N MET B 3467 5.09 -41.72 -45.73
CA MET B 3467 4.51 -42.88 -45.00
C MET B 3467 3.98 -43.90 -45.99
N SER B 3468 3.75 -45.13 -45.51
CA SER B 3468 3.37 -46.31 -46.32
C SER B 3468 2.03 -46.06 -47.03
N ASN B 3469 2.00 -46.23 -48.36
CA ASN B 3469 0.82 -45.98 -49.20
C ASN B 3469 -0.29 -46.99 -48.86
N PRO B 3470 -1.45 -46.58 -48.30
CA PRO B 3470 -2.50 -47.52 -47.90
C PRO B 3470 -3.10 -48.35 -49.05
N CYS B 3471 -3.03 -47.87 -50.30
CA CYS B 3471 -3.48 -48.64 -51.47
C CYS B 3471 -2.52 -49.79 -51.82
N GLY B 3472 -1.29 -49.82 -51.28
CA GLY B 3472 -0.26 -50.80 -51.67
C GLY B 3472 0.08 -50.78 -53.15
N THR B 3473 0.72 -51.85 -53.64
CA THR B 3473 1.30 -51.89 -55.01
C THR B 3473 0.23 -52.22 -56.06
N ASN B 3474 -0.91 -52.83 -55.65
CA ASN B 3474 -1.94 -53.32 -56.59
C ASN B 3474 -3.10 -52.34 -56.74
N ASN B 3475 -2.94 -51.04 -56.40
CA ASN B 3475 -4.03 -50.02 -56.47
C ASN B 3475 -5.25 -50.47 -55.64
N GLY B 3476 -5.02 -51.09 -54.47
CA GLY B 3476 -6.09 -51.64 -53.61
C GLY B 3476 -6.90 -52.73 -54.28
N GLY B 3477 -6.43 -53.26 -55.43
CA GLY B 3477 -7.23 -54.15 -56.30
C GLY B 3477 -8.34 -53.43 -57.05
N CYS B 3478 -8.54 -52.13 -56.82
CA CYS B 3478 -9.64 -51.37 -57.48
C CYS B 3478 -9.35 -51.28 -58.99
N SER B 3479 -10.40 -51.42 -59.80
CA SER B 3479 -10.37 -51.14 -61.26
C SER B 3479 -10.19 -49.64 -61.52
N HIS B 3480 -10.60 -48.81 -60.55
CA HIS B 3480 -10.64 -47.33 -60.67
C HIS B 3480 -9.92 -46.70 -59.47
N LEU B 3481 -10.53 -45.69 -58.84
CA LEU B 3481 -9.83 -44.88 -57.81
C LEU B 3481 -9.75 -45.64 -56.48
N CYS B 3482 -8.53 -45.94 -56.04
CA CYS B 3482 -8.31 -46.36 -54.63
C CYS B 3482 -8.11 -45.08 -53.82
N LEU B 3483 -9.15 -44.60 -53.13
CA LEU B 3483 -9.02 -43.39 -52.28
C LEU B 3483 -8.66 -43.77 -50.85
N ILE B 3484 -7.95 -42.88 -50.16
CA ILE B 3484 -7.62 -43.08 -48.72
C ILE B 3484 -8.90 -42.89 -47.91
N LYS B 3485 -9.19 -43.81 -47.00
CA LYS B 3485 -10.43 -43.73 -46.20
C LYS B 3485 -10.26 -42.70 -45.09
N ALA B 3486 -11.37 -42.13 -44.60
CA ALA B 3486 -11.34 -41.21 -43.46
C ALA B 3486 -10.62 -41.90 -42.29
N GLY B 3487 -9.70 -41.19 -41.64
CA GLY B 3487 -8.87 -41.77 -40.57
C GLY B 3487 -7.50 -42.16 -41.07
N GLY B 3488 -7.30 -42.32 -42.39
CA GLY B 3488 -5.96 -42.50 -43.00
C GLY B 3488 -5.49 -43.94 -43.07
N ARG B 3489 -6.06 -44.88 -42.26
CA ARG B 3489 -5.56 -46.29 -42.24
C ARG B 3489 -6.12 -47.10 -43.41
N GLY B 3490 -7.44 -47.02 -43.68
CA GLY B 3490 -8.10 -47.88 -44.67
C GLY B 3490 -8.08 -47.28 -46.08
N PHE B 3491 -8.73 -47.96 -47.04
CA PHE B 3491 -8.96 -47.39 -48.39
C PHE B 3491 -10.37 -47.71 -48.89
N THR B 3492 -10.79 -47.04 -49.97
CA THR B 3492 -12.18 -47.04 -50.48
C THR B 3492 -12.13 -47.03 -52.00
N CYS B 3493 -12.58 -48.10 -52.68
CA CYS B 3493 -12.67 -48.04 -54.16
C CYS B 3493 -13.79 -47.07 -54.58
N ALA B 3494 -13.62 -46.40 -55.71
CA ALA B 3494 -14.69 -45.60 -56.32
C ALA B 3494 -14.50 -45.48 -57.84
N CYS B 3495 -15.62 -45.26 -58.55
CA CYS B 3495 -15.65 -45.12 -60.02
C CYS B 3495 -15.55 -43.63 -60.40
N PRO B 3496 -15.21 -43.27 -61.65
CA PRO B 3496 -15.24 -41.87 -62.08
C PRO B 3496 -16.64 -41.22 -61.98
N ASP B 3497 -16.72 -39.96 -62.41
CA ASP B 3497 -17.96 -39.15 -62.39
C ASP B 3497 -19.07 -39.80 -63.24
N ASP B 3498 -18.81 -40.13 -64.53
CA ASP B 3498 -19.86 -40.61 -65.47
C ASP B 3498 -20.00 -42.14 -65.42
N PHE B 3499 -19.92 -42.72 -64.22
CA PHE B 3499 -20.07 -44.18 -64.02
C PHE B 3499 -21.08 -44.44 -62.90
N GLN B 3500 -21.65 -45.64 -62.89
CA GLN B 3500 -22.46 -46.12 -61.77
C GLN B 3500 -21.66 -47.12 -60.95
N THR B 3501 -21.46 -46.82 -59.66
CA THR B 3501 -20.90 -47.79 -58.69
C THR B 3501 -21.98 -48.82 -58.38
N VAL B 3502 -21.69 -50.11 -58.58
CA VAL B 3502 -22.60 -51.17 -58.08
C VAL B 3502 -21.80 -52.13 -57.21
N GLN B 3503 -22.32 -52.44 -56.03
CA GLN B 3503 -21.56 -53.25 -55.05
C GLN B 3503 -21.90 -54.72 -55.24
N LEU B 3504 -20.89 -55.57 -55.44
CA LEU B 3504 -21.09 -57.03 -55.50
C LEU B 3504 -21.10 -57.59 -54.07
N ARG B 3505 -21.05 -58.92 -53.93
CA ARG B 3505 -21.11 -59.59 -52.61
C ARG B 3505 -19.95 -59.14 -51.72
N ASP B 3506 -18.74 -58.97 -52.25
CA ASP B 3506 -17.60 -58.58 -51.38
C ASP B 3506 -16.65 -57.60 -52.08
N ARG B 3507 -16.93 -57.17 -53.32
CA ARG B 3507 -16.02 -56.22 -54.01
C ARG B 3507 -16.85 -55.31 -54.92
N THR B 3508 -16.23 -54.25 -55.46
CA THR B 3508 -16.96 -53.22 -56.25
C THR B 3508 -16.97 -53.58 -57.73
N LEU B 3509 -18.02 -53.13 -58.46
CA LEU B 3509 -18.03 -53.05 -59.93
C LEU B 3509 -18.36 -51.62 -60.37
N CYS B 3510 -17.79 -51.18 -61.49
CA CYS B 3510 -18.12 -49.87 -62.08
C CYS B 3510 -18.74 -50.10 -63.47
N MET B 3511 -19.94 -49.55 -63.68
CA MET B 3511 -20.61 -49.61 -65.00
C MET B 3511 -20.52 -48.23 -65.66
N PRO B 3512 -20.08 -48.12 -66.92
CA PRO B 3512 -20.12 -46.84 -67.61
C PRO B 3512 -21.58 -46.45 -67.89
N MET B 3513 -21.94 -45.21 -67.53
CA MET B 3513 -23.29 -44.67 -67.84
C MET B 3513 -23.16 -43.50 -68.82
N CYS B 3514 -22.44 -43.75 -69.92
CA CYS B 3514 -22.06 -42.72 -70.92
C CYS B 3514 -23.32 -42.29 -71.69
N SER B 3515 -23.76 -41.04 -71.49
CA SER B 3515 -25.04 -40.50 -72.02
C SER B 3515 -24.96 -40.24 -73.53
N SER B 3516 -26.11 -40.15 -74.24
CA SER B 3516 -26.16 -40.16 -75.73
C SER B 3516 -25.39 -39.00 -76.40
N THR B 3517 -25.04 -37.93 -75.67
CA THR B 3517 -24.16 -36.85 -76.19
C THR B 3517 -22.67 -37.18 -76.01
N GLN B 3518 -22.32 -38.42 -75.68
CA GLN B 3518 -20.93 -38.81 -75.30
C GLN B 3518 -20.54 -40.14 -75.97
N PHE B 3519 -19.23 -40.36 -76.07
CA PHE B 3519 -18.65 -41.60 -76.64
C PHE B 3519 -17.87 -42.35 -75.55
N LEU B 3520 -18.14 -43.66 -75.42
CA LEU B 3520 -17.41 -44.51 -74.45
C LEU B 3520 -16.25 -45.20 -75.16
N CYS B 3521 -15.02 -45.00 -74.67
CA CYS B 3521 -13.81 -45.61 -75.29
C CYS B 3521 -13.92 -47.15 -75.27
N GLY B 3522 -13.24 -47.81 -76.21
CA GLY B 3522 -13.32 -49.28 -76.42
C GLY B 3522 -13.06 -50.07 -75.15
N ASN B 3523 -12.10 -49.64 -74.32
CA ASN B 3523 -11.72 -50.38 -73.09
C ASN B 3523 -12.61 -49.98 -71.92
N ASN B 3524 -13.64 -49.12 -72.14
CA ASN B 3524 -14.46 -48.53 -71.06
C ASN B 3524 -13.59 -47.75 -70.07
N GLU B 3525 -12.45 -47.18 -70.51
CA GLU B 3525 -11.52 -46.50 -69.58
C GLU B 3525 -12.10 -45.14 -69.15
N LYS B 3526 -12.85 -44.49 -70.06
CA LYS B 3526 -13.48 -43.18 -69.78
C LYS B 3526 -14.56 -42.90 -70.80
N CYS B 3527 -15.41 -41.92 -70.48
CA CYS B 3527 -16.49 -41.44 -71.37
C CYS B 3527 -16.14 -39.99 -71.76
N ILE B 3528 -16.10 -39.69 -73.06
CA ILE B 3528 -15.65 -38.37 -73.58
C ILE B 3528 -16.79 -37.73 -74.37
N PRO B 3529 -16.85 -36.39 -74.51
CA PRO B 3529 -17.92 -35.76 -75.27
C PRO B 3529 -17.96 -36.29 -76.72
N ILE B 3530 -19.15 -36.43 -77.30
CA ILE B 3530 -19.26 -37.05 -78.66
C ILE B 3530 -18.50 -36.21 -79.70
N TRP B 3531 -18.34 -34.90 -79.50
CA TRP B 3531 -17.58 -34.06 -80.45
C TRP B 3531 -16.06 -34.31 -80.35
N TRP B 3532 -15.59 -35.15 -79.41
CA TRP B 3532 -14.20 -35.68 -79.41
C TRP B 3532 -14.08 -37.00 -80.18
N LYS B 3533 -15.19 -37.65 -80.57
CA LYS B 3533 -15.08 -38.76 -81.54
C LYS B 3533 -14.76 -38.15 -82.90
N CYS B 3534 -13.79 -38.72 -83.60
CA CYS B 3534 -13.38 -38.32 -84.97
C CYS B 3534 -12.99 -36.84 -85.05
N ASP B 3535 -12.28 -36.32 -84.04
CA ASP B 3535 -11.72 -34.95 -84.11
C ASP B 3535 -10.30 -34.98 -84.70
N GLY B 3536 -9.72 -36.18 -84.87
CA GLY B 3536 -8.36 -36.33 -85.44
C GLY B 3536 -7.29 -36.49 -84.38
N GLN B 3537 -7.55 -36.08 -83.12
CA GLN B 3537 -6.55 -36.18 -82.02
C GLN B 3537 -6.96 -37.35 -81.12
N LYS B 3538 -6.03 -38.28 -80.91
CA LYS B 3538 -6.29 -39.49 -80.09
C LYS B 3538 -6.51 -39.09 -78.62
N ASP B 3539 -7.71 -39.32 -78.10
CA ASP B 3539 -8.11 -38.99 -76.71
C ASP B 3539 -8.16 -40.24 -75.84
N CYS B 3540 -8.78 -41.32 -76.34
CA CYS B 3540 -8.82 -42.60 -75.61
C CYS B 3540 -7.44 -43.24 -75.66
N SER B 3541 -6.97 -43.83 -74.56
CA SER B 3541 -5.67 -44.54 -74.54
C SER B 3541 -5.68 -45.72 -75.53
N ASP B 3542 -6.85 -46.27 -75.88
CA ASP B 3542 -6.94 -47.41 -76.82
C ASP B 3542 -7.13 -46.93 -78.26
N GLY B 3543 -7.29 -45.62 -78.47
CA GLY B 3543 -7.45 -45.03 -79.82
C GLY B 3543 -8.84 -45.25 -80.40
N SER B 3544 -9.80 -45.75 -79.62
CA SER B 3544 -11.17 -46.03 -80.12
C SER B 3544 -11.90 -44.76 -80.50
N ASP B 3545 -11.54 -43.59 -79.96
CA ASP B 3545 -12.22 -42.33 -80.33
C ASP B 3545 -11.95 -42.00 -81.80
N GLU B 3546 -10.93 -42.61 -82.42
CA GLU B 3546 -10.65 -42.37 -83.87
C GLU B 3546 -10.82 -43.68 -84.63
N PRO B 3547 -12.04 -44.03 -85.08
CA PRO B 3547 -12.23 -45.26 -85.85
C PRO B 3547 -11.69 -45.15 -87.28
N ASP B 3548 -11.77 -46.26 -88.02
CA ASP B 3548 -11.15 -46.36 -89.37
C ASP B 3548 -12.02 -45.65 -90.42
N LEU B 3549 -13.35 -45.52 -90.18
CA LEU B 3549 -14.32 -45.05 -91.21
C LEU B 3549 -14.60 -43.54 -91.04
N CYS B 3550 -13.60 -42.77 -90.61
CA CYS B 3550 -13.81 -41.38 -90.15
C CYS B 3550 -14.01 -40.43 -91.35
N PRO B 3551 -15.05 -39.56 -91.38
CA PRO B 3551 -15.19 -38.53 -92.41
C PRO B 3551 -14.03 -37.52 -92.41
N HIS B 3552 -13.95 -36.72 -93.48
CA HIS B 3552 -13.08 -35.54 -93.48
C HIS B 3552 -13.53 -34.58 -92.38
N ARG B 3553 -12.60 -34.11 -91.53
CA ARG B 3553 -12.92 -33.04 -90.56
C ARG B 3553 -12.82 -31.68 -91.26
N PHE B 3554 -13.99 -31.09 -91.49
CA PHE B 3554 -14.14 -29.67 -91.85
C PHE B 3554 -13.92 -28.79 -90.62
N CYS B 3555 -14.43 -29.21 -89.45
CA CYS B 3555 -14.50 -28.38 -88.23
C CYS B 3555 -13.24 -28.52 -87.36
N ARG B 3556 -12.85 -27.39 -86.74
CA ARG B 3556 -11.66 -27.27 -85.86
C ARG B 3556 -11.82 -28.09 -84.58
N LEU B 3557 -10.73 -28.20 -83.81
CA LEU B 3557 -10.73 -28.84 -82.47
C LEU B 3557 -11.73 -28.13 -81.55
N GLY B 3558 -12.53 -28.92 -80.81
CA GLY B 3558 -13.52 -28.40 -79.86
C GLY B 3558 -14.76 -27.86 -80.54
N GLN B 3559 -15.00 -28.22 -81.80
CA GLN B 3559 -16.29 -27.95 -82.50
C GLN B 3559 -16.98 -29.26 -82.83
N PHE B 3560 -18.31 -29.23 -82.76
CA PHE B 3560 -19.16 -30.33 -83.28
C PHE B 3560 -19.24 -30.22 -84.80
N GLN B 3561 -19.17 -31.36 -85.48
CA GLN B 3561 -19.40 -31.39 -86.95
C GLN B 3561 -20.78 -31.99 -87.19
N CYS B 3562 -21.65 -31.18 -87.81
CA CYS B 3562 -22.99 -31.59 -88.27
C CYS B 3562 -22.84 -32.72 -89.30
N ARG B 3563 -23.88 -33.53 -89.52
CA ARG B 3563 -23.77 -34.75 -90.36
C ARG B 3563 -23.26 -34.42 -91.78
N ASP B 3564 -23.47 -33.18 -92.27
CA ASP B 3564 -22.97 -32.75 -93.59
C ASP B 3564 -22.12 -31.48 -93.49
N GLY B 3565 -20.81 -31.63 -93.21
CA GLY B 3565 -19.77 -30.60 -93.43
C GLY B 3565 -20.04 -29.22 -92.85
N ASN B 3566 -20.83 -29.10 -91.78
CA ASN B 3566 -21.13 -27.81 -91.13
C ASN B 3566 -20.71 -27.88 -89.66
N CYS B 3567 -20.45 -26.73 -89.05
CA CYS B 3567 -19.77 -26.66 -87.74
C CYS B 3567 -20.56 -25.82 -86.75
N THR B 3568 -20.54 -26.22 -85.48
CA THR B 3568 -21.13 -25.39 -84.41
C THR B 3568 -20.40 -25.67 -83.10
N SER B 3569 -20.44 -24.70 -82.17
CA SER B 3569 -19.88 -24.88 -80.81
C SER B 3569 -20.72 -25.95 -80.08
N PRO B 3570 -20.12 -26.76 -79.20
CA PRO B 3570 -20.85 -27.83 -78.53
C PRO B 3570 -22.13 -27.40 -77.82
N GLN B 3571 -22.23 -26.12 -77.42
CA GLN B 3571 -23.39 -25.61 -76.66
C GLN B 3571 -24.68 -25.74 -77.49
N ALA B 3572 -24.55 -25.88 -78.81
CA ALA B 3572 -25.69 -26.06 -79.73
C ALA B 3572 -26.48 -27.33 -79.41
N LEU B 3573 -25.81 -28.43 -79.08
CA LEU B 3573 -26.47 -29.76 -79.09
C LEU B 3573 -27.71 -29.77 -78.18
N CYS B 3574 -28.87 -30.05 -78.76
CA CYS B 3574 -30.15 -30.28 -78.03
C CYS B 3574 -30.60 -29.03 -77.24
N ASN B 3575 -30.22 -27.81 -77.64
CA ASN B 3575 -30.64 -26.57 -76.94
C ASN B 3575 -32.04 -26.11 -77.41
N ALA B 3576 -32.83 -26.98 -78.05
CA ALA B 3576 -34.20 -26.72 -78.56
C ALA B 3576 -34.17 -25.64 -79.66
N ARG B 3577 -33.05 -25.49 -80.35
CA ARG B 3577 -32.95 -24.55 -81.50
C ARG B 3577 -32.27 -25.28 -82.66
N GLN B 3578 -32.82 -25.10 -83.86
CA GLN B 3578 -32.23 -25.70 -85.09
C GLN B 3578 -30.94 -24.96 -85.42
N ASP B 3579 -29.79 -25.46 -84.95
CA ASP B 3579 -28.49 -24.77 -85.10
C ASP B 3579 -27.71 -25.22 -86.36
N CYS B 3580 -27.55 -26.53 -86.57
CA CYS B 3580 -26.99 -27.06 -87.83
C CYS B 3580 -28.02 -26.81 -88.96
N ALA B 3581 -27.55 -26.39 -90.13
CA ALA B 3581 -28.41 -26.21 -91.33
C ALA B 3581 -29.12 -27.54 -91.67
N ASP B 3582 -28.42 -28.68 -91.55
CA ASP B 3582 -29.03 -30.02 -91.66
C ASP B 3582 -30.03 -30.30 -90.51
N GLY B 3583 -29.63 -29.98 -89.27
CA GLY B 3583 -30.45 -30.19 -88.05
C GLY B 3583 -29.98 -31.39 -87.24
N SER B 3584 -28.80 -31.95 -87.53
CA SER B 3584 -28.25 -33.09 -86.75
C SER B 3584 -28.02 -32.70 -85.28
N ASP B 3585 -27.88 -31.43 -84.92
CA ASP B 3585 -27.69 -31.02 -83.50
C ASP B 3585 -28.99 -31.14 -82.69
N GLU B 3586 -30.13 -31.36 -83.35
CA GLU B 3586 -31.45 -31.59 -82.68
C GLU B 3586 -31.98 -32.99 -83.00
N ASP B 3587 -31.14 -33.86 -83.57
CA ASP B 3587 -31.48 -35.26 -83.92
C ASP B 3587 -31.91 -36.05 -82.67
N ARG B 3588 -33.04 -36.76 -82.76
CA ARG B 3588 -33.61 -37.55 -81.64
C ARG B 3588 -32.58 -38.53 -81.03
N VAL B 3589 -31.86 -39.32 -81.83
CA VAL B 3589 -30.98 -40.38 -81.27
C VAL B 3589 -29.84 -39.74 -80.47
N LEU B 3590 -29.42 -38.53 -80.85
CA LEU B 3590 -28.38 -37.75 -80.15
C LEU B 3590 -28.93 -37.22 -78.81
N CYS B 3591 -30.16 -36.70 -78.79
CA CYS B 3591 -30.73 -36.02 -77.59
C CYS B 3591 -31.43 -36.97 -76.60
N GLU B 3592 -31.87 -38.18 -77.01
CA GLU B 3592 -32.76 -39.06 -76.21
C GLU B 3592 -32.22 -39.40 -74.82
N HIS B 3593 -30.90 -39.33 -74.58
CA HIS B 3593 -30.32 -39.57 -73.24
C HIS B 3593 -29.33 -38.46 -72.88
N HIS B 3594 -29.56 -37.23 -73.35
CA HIS B 3594 -28.73 -36.04 -73.03
C HIS B 3594 -28.73 -35.76 -71.52
N ARG B 3595 -27.63 -35.20 -71.01
CA ARG B 3595 -27.38 -35.07 -69.55
C ARG B 3595 -26.70 -33.73 -69.28
N CYS B 3596 -26.96 -33.14 -68.11
CA CYS B 3596 -26.53 -31.76 -67.78
C CYS B 3596 -25.87 -31.72 -66.38
N GLU B 3597 -24.97 -30.75 -66.14
CA GLU B 3597 -24.19 -30.65 -64.88
C GLU B 3597 -25.09 -30.41 -63.66
N SER B 3598 -24.51 -30.66 -62.48
CA SER B 3598 -25.08 -30.40 -61.13
C SER B 3598 -25.62 -28.96 -60.95
N ASN B 3599 -25.15 -27.98 -61.75
CA ASN B 3599 -25.54 -26.56 -61.57
C ASN B 3599 -26.62 -26.14 -62.59
N GLU B 3600 -27.06 -27.06 -63.46
CA GLU B 3600 -28.11 -26.78 -64.47
C GLU B 3600 -29.21 -27.85 -64.40
N TRP B 3601 -30.43 -27.45 -64.77
CA TRP B 3601 -31.64 -28.29 -64.64
C TRP B 3601 -32.23 -28.55 -66.03
N GLN B 3602 -32.78 -29.75 -66.24
CA GLN B 3602 -33.18 -30.19 -67.60
C GLN B 3602 -34.69 -29.99 -67.80
N CYS B 3603 -35.00 -29.26 -68.87
CA CYS B 3603 -36.37 -28.97 -69.35
C CYS B 3603 -37.01 -30.26 -69.92
N ALA B 3604 -38.32 -30.23 -70.16
CA ALA B 3604 -39.09 -31.33 -70.78
C ALA B 3604 -38.47 -31.73 -72.12
N ASN B 3605 -38.08 -30.74 -72.94
CA ASN B 3605 -37.52 -30.99 -74.29
C ASN B 3605 -36.01 -31.29 -74.21
N LYS B 3606 -35.45 -31.58 -73.02
CA LYS B 3606 -34.05 -32.03 -72.84
C LYS B 3606 -33.00 -30.94 -73.13
N ARG B 3607 -33.39 -29.72 -73.51
CA ARG B 3607 -32.59 -28.49 -73.28
C ARG B 3607 -32.33 -28.36 -71.78
N CYS B 3608 -31.27 -27.66 -71.37
CA CYS B 3608 -31.09 -27.39 -69.93
C CYS B 3608 -30.54 -25.97 -69.67
N ILE B 3609 -30.90 -25.46 -68.51
CA ILE B 3609 -30.72 -24.03 -68.12
C ILE B 3609 -30.00 -23.96 -66.77
N PRO B 3610 -29.32 -22.83 -66.47
CA PRO B 3610 -28.90 -22.50 -65.11
C PRO B 3610 -30.03 -22.75 -64.11
N GLN B 3611 -29.74 -23.56 -63.08
CA GLN B 3611 -30.76 -24.15 -62.18
C GLN B 3611 -31.63 -23.05 -61.55
N SER B 3612 -31.05 -21.87 -61.32
CA SER B 3612 -31.75 -20.75 -60.63
C SER B 3612 -32.87 -20.19 -61.51
N TRP B 3613 -32.78 -20.35 -62.84
CA TRP B 3613 -33.74 -19.71 -63.79
C TRP B 3613 -35.11 -20.37 -63.74
N GLN B 3614 -35.25 -21.58 -63.19
CA GLN B 3614 -36.58 -22.24 -63.15
C GLN B 3614 -37.46 -21.52 -62.12
N CYS B 3615 -38.73 -21.31 -62.49
CA CYS B 3615 -39.74 -20.63 -61.65
C CYS B 3615 -39.31 -19.19 -61.33
N ASP B 3616 -38.67 -18.48 -62.27
CA ASP B 3616 -38.33 -17.05 -62.07
C ASP B 3616 -39.30 -16.16 -62.87
N SER B 3617 -40.50 -16.67 -63.21
CA SER B 3617 -41.55 -15.91 -63.95
C SER B 3617 -41.08 -15.56 -65.37
N VAL B 3618 -40.15 -16.33 -65.92
CA VAL B 3618 -39.70 -16.16 -67.32
C VAL B 3618 -39.68 -17.54 -67.97
N ASN B 3619 -40.36 -17.67 -69.12
CA ASN B 3619 -40.32 -18.91 -69.91
C ASN B 3619 -38.92 -19.04 -70.52
N ASP B 3620 -38.10 -19.93 -69.97
CA ASP B 3620 -36.68 -20.07 -70.41
C ASP B 3620 -36.50 -21.32 -71.28
N CYS B 3621 -37.30 -22.37 -71.08
CA CYS B 3621 -37.15 -23.64 -71.83
C CYS B 3621 -37.80 -23.53 -73.21
N LEU B 3622 -38.51 -22.42 -73.51
CA LEU B 3622 -39.26 -22.20 -74.79
C LEU B 3622 -40.40 -23.21 -74.91
N ASP B 3623 -40.57 -24.10 -73.92
CA ASP B 3623 -41.73 -25.02 -73.87
C ASP B 3623 -42.47 -24.80 -72.55
N ASN B 3624 -42.12 -23.72 -71.84
CA ASN B 3624 -42.80 -23.30 -70.59
C ASN B 3624 -42.64 -24.38 -69.51
N SER B 3625 -41.69 -25.32 -69.69
CA SER B 3625 -41.48 -26.42 -68.73
C SER B 3625 -40.93 -25.85 -67.41
N ASP B 3626 -39.99 -24.90 -67.49
CA ASP B 3626 -39.42 -24.27 -66.27
C ASP B 3626 -40.45 -23.34 -65.64
N GLU B 3627 -41.54 -23.00 -66.35
CA GLU B 3627 -42.59 -22.11 -65.80
C GLU B 3627 -43.89 -22.90 -65.58
N ASP B 3628 -43.84 -24.23 -65.56
CA ASP B 3628 -45.02 -25.06 -65.26
C ASP B 3628 -45.45 -24.80 -63.82
N THR B 3629 -46.74 -24.53 -63.60
CA THR B 3629 -47.27 -24.23 -62.25
C THR B 3629 -47.13 -25.45 -61.35
N SER B 3630 -47.46 -26.65 -61.86
CA SER B 3630 -47.42 -27.89 -61.06
C SER B 3630 -45.97 -28.14 -60.62
N HIS B 3631 -45.02 -27.99 -61.56
CA HIS B 3631 -43.59 -28.23 -61.24
C HIS B 3631 -43.14 -27.26 -60.14
N CYS B 3632 -43.44 -25.97 -60.28
CA CYS B 3632 -43.02 -24.95 -59.29
C CYS B 3632 -43.70 -25.25 -57.94
N ALA B 3633 -44.91 -25.79 -57.95
CA ALA B 3633 -45.63 -26.11 -56.71
C ALA B 3633 -44.97 -27.31 -56.02
N SER B 3634 -44.41 -28.25 -56.81
CA SER B 3634 -44.00 -29.57 -56.29
C SER B 3634 -42.48 -29.64 -56.06
N ARG B 3635 -41.71 -28.65 -56.54
CA ARG B 3635 -40.23 -28.77 -56.63
C ARG B 3635 -39.55 -28.51 -55.28
N THR B 3636 -38.22 -28.42 -55.29
CA THR B 3636 -37.43 -28.25 -54.04
C THR B 3636 -36.27 -27.30 -54.31
N CYS B 3637 -36.07 -26.35 -53.40
CA CYS B 3637 -34.93 -25.40 -53.47
C CYS B 3637 -33.68 -26.11 -52.94
N ARG B 3638 -32.60 -26.02 -53.72
CA ARG B 3638 -31.39 -26.84 -53.52
C ARG B 3638 -30.79 -26.55 -52.14
N PRO B 3639 -30.04 -27.49 -51.54
CA PRO B 3639 -29.44 -27.29 -50.23
C PRO B 3639 -28.76 -25.92 -50.10
N GLY B 3640 -29.09 -25.22 -49.01
CA GLY B 3640 -28.62 -23.85 -48.74
C GLY B 3640 -29.47 -22.75 -49.38
N GLN B 3641 -30.62 -23.08 -49.97
CA GLN B 3641 -31.51 -22.05 -50.58
C GLN B 3641 -32.91 -22.12 -49.97
N PHE B 3642 -33.50 -20.95 -49.69
CA PHE B 3642 -34.86 -20.82 -49.14
C PHE B 3642 -35.87 -20.99 -50.26
N LYS B 3643 -37.07 -21.51 -49.93
CA LYS B 3643 -38.12 -21.74 -50.96
C LYS B 3643 -39.23 -20.71 -50.79
N CYS B 3644 -39.60 -20.04 -51.88
CA CYS B 3644 -40.67 -19.01 -51.88
C CYS B 3644 -42.03 -19.69 -52.07
N ASN B 3645 -43.10 -18.98 -51.71
CA ASN B 3645 -44.48 -19.43 -52.03
C ASN B 3645 -44.68 -19.37 -53.55
N ASN B 3646 -43.93 -18.49 -54.23
CA ASN B 3646 -43.95 -18.39 -55.71
C ASN B 3646 -43.37 -19.65 -56.34
N GLY B 3647 -42.58 -20.44 -55.58
CA GLY B 3647 -41.86 -21.62 -56.10
C GLY B 3647 -40.44 -21.27 -56.51
N ARG B 3648 -40.08 -19.98 -56.50
CA ARG B 3648 -38.70 -19.55 -56.85
C ARG B 3648 -37.74 -19.97 -55.74
N CYS B 3649 -36.45 -19.99 -56.08
CA CYS B 3649 -35.38 -20.31 -55.10
C CYS B 3649 -34.40 -19.15 -55.02
N ILE B 3650 -34.00 -18.78 -53.80
CA ILE B 3650 -33.02 -17.68 -53.60
C ILE B 3650 -31.96 -18.14 -52.61
N PRO B 3651 -30.74 -17.58 -52.68
CA PRO B 3651 -29.74 -17.82 -51.64
C PRO B 3651 -30.27 -17.43 -50.25
N GLN B 3652 -29.85 -18.20 -49.24
CA GLN B 3652 -30.25 -17.98 -47.83
C GLN B 3652 -29.89 -16.56 -47.38
N SER B 3653 -28.88 -15.94 -48.00
CA SER B 3653 -28.42 -14.58 -47.63
C SER B 3653 -29.50 -13.55 -47.96
N TRP B 3654 -30.47 -13.88 -48.83
CA TRP B 3654 -31.47 -12.89 -49.29
C TRP B 3654 -32.71 -12.93 -48.39
N LYS B 3655 -32.80 -13.89 -47.47
CA LYS B 3655 -33.88 -13.90 -46.48
C LYS B 3655 -33.61 -12.80 -45.45
N CYS B 3656 -34.63 -12.01 -45.13
CA CYS B 3656 -34.54 -10.91 -44.13
C CYS B 3656 -33.42 -9.94 -44.50
N ASP B 3657 -33.38 -9.53 -45.77
CA ASP B 3657 -32.46 -8.47 -46.23
C ASP B 3657 -33.26 -7.25 -46.70
N VAL B 3658 -34.52 -7.10 -46.24
CA VAL B 3658 -35.40 -5.96 -46.57
C VAL B 3658 -35.86 -6.04 -48.02
N ASP B 3659 -34.91 -6.14 -48.96
CA ASP B 3659 -35.23 -6.15 -50.41
C ASP B 3659 -35.98 -7.45 -50.74
N ASN B 3660 -37.10 -7.32 -51.47
CA ASN B 3660 -37.87 -8.49 -51.93
C ASN B 3660 -37.05 -9.23 -53.01
N ASP B 3661 -37.12 -10.56 -53.00
CA ASP B 3661 -36.47 -11.39 -54.04
C ASP B 3661 -37.43 -12.45 -54.59
N CYS B 3662 -38.52 -12.78 -53.90
CA CYS B 3662 -39.39 -13.90 -54.30
C CYS B 3662 -40.59 -13.43 -55.13
N GLY B 3663 -40.64 -12.13 -55.50
CA GLY B 3663 -41.83 -11.54 -56.13
C GLY B 3663 -42.91 -11.31 -55.08
N ASP B 3664 -43.50 -12.38 -54.55
CA ASP B 3664 -44.32 -12.30 -53.32
C ASP B 3664 -43.36 -12.10 -52.14
N TYR B 3665 -43.85 -11.54 -51.05
CA TYR B 3665 -42.97 -11.07 -49.95
C TYR B 3665 -42.77 -12.15 -48.89
N SER B 3666 -42.80 -13.44 -49.26
CA SER B 3666 -42.53 -14.53 -48.28
C SER B 3666 -41.05 -14.51 -47.87
N ASP B 3667 -40.18 -13.88 -48.67
CA ASP B 3667 -38.73 -13.83 -48.35
C ASP B 3667 -38.45 -12.72 -47.32
N GLU B 3668 -39.42 -11.84 -47.03
CA GLU B 3668 -39.21 -10.78 -46.02
C GLU B 3668 -40.36 -10.77 -45.02
N PRO B 3669 -40.60 -11.83 -44.22
CA PRO B 3669 -41.65 -11.78 -43.20
C PRO B 3669 -41.21 -10.92 -42.01
N ILE B 3670 -41.75 -9.70 -41.91
CA ILE B 3670 -41.30 -8.69 -40.92
C ILE B 3670 -41.53 -9.22 -39.50
N ASP B 3671 -42.54 -10.08 -39.29
CA ASP B 3671 -42.74 -10.72 -37.98
C ASP B 3671 -41.50 -11.54 -37.59
N GLU B 3672 -40.89 -12.25 -38.55
CA GLU B 3672 -39.67 -13.06 -38.29
C GLU B 3672 -38.42 -12.23 -38.56
N CYS B 3673 -38.52 -11.19 -39.40
CA CYS B 3673 -37.34 -10.46 -39.91
C CYS B 3673 -36.84 -9.44 -38.89
N THR B 3674 -37.47 -9.35 -37.71
CA THR B 3674 -37.07 -8.36 -36.68
C THR B 3674 -36.81 -9.05 -35.35
N THR B 3675 -36.85 -10.38 -35.28
CA THR B 3675 -36.59 -11.09 -34.00
C THR B 3675 -35.09 -11.08 -33.71
N ALA B 3676 -34.72 -11.64 -32.56
CA ALA B 3676 -33.32 -11.67 -32.10
C ALA B 3676 -32.51 -12.68 -32.93
N ALA B 3677 -33.18 -13.58 -33.68
CA ALA B 3677 -32.47 -14.64 -34.45
C ALA B 3677 -31.69 -14.03 -35.63
N TYR B 3678 -31.95 -12.74 -35.96
CA TYR B 3678 -31.33 -12.04 -37.12
C TYR B 3678 -30.62 -10.76 -36.69
N ASN B 3679 -30.03 -10.73 -35.48
CA ASN B 3679 -29.03 -9.69 -35.12
C ASN B 3679 -27.81 -9.79 -36.06
N CYS B 3680 -27.12 -8.69 -36.27
CA CYS B 3680 -25.87 -8.66 -37.08
C CYS B 3680 -24.74 -9.41 -36.33
N ASP B 3681 -23.84 -10.06 -37.08
CA ASP B 3681 -22.54 -10.50 -36.50
C ASP B 3681 -21.68 -9.25 -36.26
N ASN B 3682 -21.41 -8.88 -35.00
CA ASN B 3682 -20.76 -7.57 -34.72
C ASN B 3682 -19.35 -7.48 -35.31
N HIS B 3683 -18.64 -8.61 -35.51
CA HIS B 3683 -17.31 -8.58 -36.16
C HIS B 3683 -17.41 -8.14 -37.62
N THR B 3684 -18.20 -8.86 -38.42
CA THR B 3684 -18.06 -8.78 -39.90
C THR B 3684 -19.19 -7.98 -40.55
N GLU B 3685 -20.26 -7.65 -39.81
CA GLU B 3685 -21.44 -6.96 -40.38
C GLU B 3685 -21.62 -5.59 -39.72
N PHE B 3686 -22.12 -4.64 -40.49
CA PHE B 3686 -22.52 -3.29 -40.06
C PHE B 3686 -24.04 -3.23 -40.13
N SER B 3687 -24.70 -2.86 -39.03
CA SER B 3687 -26.17 -2.67 -39.01
C SER B 3687 -26.53 -1.37 -39.72
N CYS B 3688 -27.55 -1.39 -40.58
CA CYS B 3688 -28.17 -0.13 -41.04
C CYS B 3688 -28.83 0.58 -39.84
N LYS B 3689 -28.94 1.91 -39.89
CA LYS B 3689 -29.51 2.72 -38.78
C LYS B 3689 -31.04 2.57 -38.77
N THR B 3690 -31.66 2.63 -39.95
CA THR B 3690 -33.14 2.69 -40.06
C THR B 3690 -33.69 1.33 -40.49
N ASN B 3691 -33.15 0.73 -41.56
CA ASN B 3691 -33.68 -0.57 -42.05
C ASN B 3691 -33.10 -1.68 -41.18
N TYR B 3692 -33.69 -2.88 -41.24
CA TYR B 3692 -33.31 -3.99 -40.34
C TYR B 3692 -32.26 -4.90 -40.97
N ARG B 3693 -31.75 -4.61 -42.19
CA ARG B 3693 -30.73 -5.48 -42.83
C ARG B 3693 -29.35 -5.21 -42.22
N CYS B 3694 -28.51 -6.24 -42.25
CA CYS B 3694 -27.07 -6.15 -41.93
C CYS B 3694 -26.26 -6.27 -43.22
N ILE B 3695 -25.27 -5.40 -43.44
CA ILE B 3695 -24.39 -5.46 -44.65
C ILE B 3695 -22.94 -5.58 -44.22
N PRO B 3696 -22.07 -6.27 -45.00
CA PRO B 3696 -20.71 -6.57 -44.56
C PRO B 3696 -19.87 -5.31 -44.37
N GLN B 3697 -18.97 -5.35 -43.37
CA GLN B 3697 -18.16 -4.19 -42.96
C GLN B 3697 -17.40 -3.54 -44.12
N TRP B 3698 -16.92 -4.34 -45.09
CA TRP B 3698 -16.17 -3.79 -46.25
C TRP B 3698 -17.08 -3.01 -47.21
N ALA B 3699 -18.41 -3.17 -47.14
CA ALA B 3699 -19.33 -2.39 -47.99
C ALA B 3699 -19.47 -0.95 -47.45
N VAL B 3700 -18.99 -0.69 -46.23
CA VAL B 3700 -19.11 0.67 -45.65
C VAL B 3700 -18.07 1.56 -46.35
N CYS B 3701 -18.51 2.75 -46.78
CA CYS B 3701 -17.64 3.75 -47.43
C CYS B 3701 -17.00 3.13 -48.67
N ASN B 3702 -17.83 2.78 -49.66
CA ASN B 3702 -17.35 2.28 -50.96
C ASN B 3702 -17.91 3.11 -52.11
N GLY B 3703 -18.73 4.14 -51.85
CA GLY B 3703 -19.42 4.92 -52.89
C GLY B 3703 -20.63 4.20 -53.46
N PHE B 3704 -21.30 3.36 -52.67
CA PHE B 3704 -22.54 2.67 -53.11
C PHE B 3704 -23.46 2.49 -51.91
N ASP B 3705 -24.76 2.71 -52.13
CA ASP B 3705 -25.76 2.66 -51.04
C ASP B 3705 -26.19 1.20 -50.85
N ASP B 3706 -25.47 0.47 -50.00
CA ASP B 3706 -25.79 -0.95 -49.71
C ASP B 3706 -26.94 -1.03 -48.71
N CYS B 3707 -26.97 -0.12 -47.72
CA CYS B 3707 -28.00 -0.14 -46.65
C CYS B 3707 -29.34 0.42 -47.14
N ARG B 3708 -29.42 0.91 -48.38
CA ARG B 3708 -30.66 1.46 -49.00
C ARG B 3708 -31.03 2.79 -48.34
N ASP B 3709 -30.25 3.29 -47.37
CA ASP B 3709 -30.58 4.59 -46.74
C ASP B 3709 -29.30 5.40 -46.51
N ASN B 3710 -28.21 5.09 -47.23
CA ASN B 3710 -26.92 5.83 -47.16
C ASN B 3710 -26.32 5.77 -45.75
N SER B 3711 -26.73 4.80 -44.92
CA SER B 3711 -26.11 4.59 -43.60
C SER B 3711 -24.62 4.24 -43.78
N ASP B 3712 -24.32 3.41 -44.77
CA ASP B 3712 -22.95 2.89 -44.98
C ASP B 3712 -22.07 4.00 -45.59
N GLU B 3713 -22.67 5.01 -46.22
CA GLU B 3713 -21.88 6.06 -46.93
C GLU B 3713 -21.88 7.37 -46.15
N GLN B 3714 -22.64 7.48 -45.05
CA GLN B 3714 -22.71 8.75 -44.29
C GLN B 3714 -21.51 8.85 -43.34
N GLY B 3715 -21.01 10.09 -43.18
CA GLY B 3715 -19.89 10.39 -42.26
C GLY B 3715 -18.64 9.61 -42.63
N CYS B 3716 -18.26 9.64 -43.92
CA CYS B 3716 -17.15 8.80 -44.43
C CYS B 3716 -15.80 9.30 -43.93
N GLU B 3717 -15.69 10.57 -43.52
CA GLU B 3717 -14.38 11.14 -43.10
C GLU B 3717 -13.96 10.58 -41.74
N SER B 3718 -14.87 9.93 -41.00
CA SER B 3718 -14.55 9.34 -39.68
C SER B 3718 -13.75 8.05 -39.84
N VAL B 3719 -13.88 7.36 -40.99
CA VAL B 3719 -13.19 6.05 -41.18
C VAL B 3719 -11.73 6.31 -41.54
N PRO B 3720 -10.76 5.84 -40.74
CA PRO B 3720 -9.36 5.92 -41.12
C PRO B 3720 -8.97 4.75 -42.03
N CYS B 3721 -8.32 5.04 -43.16
CA CYS B 3721 -7.85 4.00 -44.10
C CYS B 3721 -6.74 3.19 -43.46
N HIS B 3722 -6.54 1.97 -43.96
CA HIS B 3722 -5.51 1.06 -43.41
C HIS B 3722 -4.14 1.71 -43.56
N PRO B 3723 -3.27 1.65 -42.54
CA PRO B 3723 -1.99 2.37 -42.59
C PRO B 3723 -0.98 1.79 -43.60
N SER B 3724 -1.06 0.49 -43.91
CA SER B 3724 0.04 -0.24 -44.58
C SER B 3724 -0.22 -0.38 -46.08
N GLY B 3725 -1.43 -0.83 -46.46
CA GLY B 3725 -1.71 -1.26 -47.85
C GLY B 3725 -2.87 -0.50 -48.47
N ASP B 3726 -3.24 0.67 -47.93
CA ASP B 3726 -4.43 1.40 -48.42
C ASP B 3726 -4.04 2.79 -48.88
N PHE B 3727 -4.80 3.30 -49.85
CA PHE B 3727 -4.63 4.67 -50.39
C PHE B 3727 -5.97 5.38 -50.23
N ARG B 3728 -5.92 6.63 -49.76
CA ARG B 3728 -7.14 7.41 -49.49
C ARG B 3728 -7.41 8.33 -50.69
N CYS B 3729 -8.62 8.26 -51.23
CA CYS B 3729 -9.02 9.09 -52.39
C CYS B 3729 -9.41 10.49 -51.92
N ALA B 3730 -9.70 11.39 -52.87
CA ALA B 3730 -10.16 12.77 -52.58
C ALA B 3730 -11.50 12.72 -51.83
N ASN B 3731 -12.40 11.80 -52.22
CA ASN B 3731 -13.74 11.67 -51.59
C ASN B 3731 -13.64 10.84 -50.29
N HIS B 3732 -12.41 10.64 -49.76
CA HIS B 3732 -12.17 9.98 -48.46
C HIS B 3732 -12.56 8.50 -48.47
N HIS B 3733 -12.56 7.86 -49.64
CA HIS B 3733 -12.77 6.38 -49.70
C HIS B 3733 -11.40 5.71 -49.66
N CYS B 3734 -11.38 4.49 -49.11
CA CYS B 3734 -10.15 3.66 -49.04
C CYS B 3734 -10.16 2.65 -50.18
N ILE B 3735 -9.05 2.58 -50.90
CA ILE B 3735 -8.90 1.59 -52.01
C ILE B 3735 -7.61 0.81 -51.77
N PRO B 3736 -7.52 -0.45 -52.23
CA PRO B 3736 -6.27 -1.18 -52.19
C PRO B 3736 -5.17 -0.43 -52.94
N LEU B 3737 -3.95 -0.46 -52.40
CA LEU B 3737 -2.81 0.25 -53.01
C LEU B 3737 -2.51 -0.34 -54.39
N ARG B 3738 -2.91 -1.59 -54.64
CA ARG B 3738 -2.65 -2.25 -55.93
C ARG B 3738 -3.49 -1.61 -57.05
N TRP B 3739 -4.55 -0.87 -56.71
CA TRP B 3739 -5.40 -0.20 -57.73
C TRP B 3739 -4.92 1.22 -58.02
N LYS B 3740 -3.98 1.76 -57.24
CA LYS B 3740 -3.40 3.08 -57.54
C LYS B 3740 -2.54 2.98 -58.80
N CYS B 3741 -2.76 3.91 -59.74
CA CYS B 3741 -2.00 3.99 -61.01
C CYS B 3741 -2.17 2.72 -61.87
N ASP B 3742 -3.22 1.94 -61.63
CA ASP B 3742 -3.44 0.69 -62.39
C ASP B 3742 -3.95 1.02 -63.80
N GLY B 3743 -4.51 2.23 -63.99
CA GLY B 3743 -4.95 2.69 -65.32
C GLY B 3743 -6.45 2.92 -65.38
N THR B 3744 -7.19 2.67 -64.30
CA THR B 3744 -8.65 2.91 -64.29
C THR B 3744 -9.05 3.71 -63.06
N ASP B 3745 -10.07 4.56 -63.21
CA ASP B 3745 -10.70 5.29 -62.09
C ASP B 3745 -11.37 4.25 -61.18
N ASP B 3746 -10.95 4.20 -59.91
CA ASP B 3746 -11.43 3.14 -58.98
C ASP B 3746 -12.14 3.72 -57.76
N CYS B 3747 -12.33 5.04 -57.63
CA CYS B 3747 -13.12 5.58 -56.50
C CYS B 3747 -14.03 6.73 -56.94
N GLY B 3748 -14.21 6.96 -58.25
CA GLY B 3748 -15.23 7.88 -58.78
C GLY B 3748 -14.78 9.33 -58.80
N ASP B 3749 -13.50 9.64 -58.53
CA ASP B 3749 -13.02 11.03 -58.60
C ASP B 3749 -11.63 11.11 -59.21
N ASN B 3750 -11.12 10.02 -59.82
CA ASN B 3750 -9.80 10.02 -60.53
C ASN B 3750 -8.67 10.34 -59.55
N SER B 3751 -8.94 10.34 -58.23
CA SER B 3751 -7.91 10.65 -57.22
C SER B 3751 -6.82 9.56 -57.23
N ASP B 3752 -7.18 8.31 -57.49
CA ASP B 3752 -6.20 7.20 -57.50
C ASP B 3752 -5.23 7.34 -58.68
N GLU B 3753 -5.58 8.11 -59.72
CA GLU B 3753 -4.76 8.19 -60.95
C GLU B 3753 -4.16 9.59 -61.14
N GLU B 3754 -4.44 10.53 -60.23
CA GLU B 3754 -3.88 11.90 -60.33
C GLU B 3754 -2.37 11.84 -60.10
N ASN B 3755 -1.61 12.55 -60.97
CA ASN B 3755 -0.13 12.68 -60.83
C ASN B 3755 0.48 11.28 -60.83
N CYS B 3756 0.20 10.51 -61.89
CA CYS B 3756 0.59 9.09 -61.98
C CYS B 3756 1.84 8.93 -62.85
N VAL B 3757 2.87 8.27 -62.31
CA VAL B 3757 4.09 7.93 -63.09
C VAL B 3757 3.90 6.53 -63.69
N PRO B 3758 4.22 6.30 -64.97
CA PRO B 3758 4.12 4.96 -65.54
C PRO B 3758 5.08 3.97 -64.85
N ARG B 3759 4.64 2.71 -64.71
CA ARG B 3759 5.47 1.62 -64.13
C ARG B 3759 6.47 1.12 -65.19
N GLU B 3760 7.61 0.59 -64.71
CA GLU B 3760 8.48 -0.22 -65.60
C GLU B 3760 7.84 -1.59 -65.84
N CYS B 3761 8.01 -2.13 -67.05
CA CYS B 3761 7.40 -3.42 -67.44
C CYS B 3761 8.25 -4.60 -66.90
N SER B 3762 7.60 -5.74 -66.64
CA SER B 3762 8.23 -6.98 -66.12
C SER B 3762 9.05 -7.70 -67.21
N GLU B 3763 9.60 -8.87 -66.89
CA GLU B 3763 10.53 -9.63 -67.79
C GLU B 3763 9.81 -10.11 -69.06
N SER B 3764 8.48 -10.29 -69.03
CA SER B 3764 7.72 -10.86 -70.16
C SER B 3764 6.72 -9.83 -70.67
N GLU B 3765 7.07 -8.55 -70.67
CA GLU B 3765 6.17 -7.48 -71.15
C GLU B 3765 6.92 -6.55 -72.11
N PHE B 3766 6.23 -6.08 -73.14
CA PHE B 3766 6.76 -5.11 -74.11
C PHE B 3766 6.13 -3.75 -73.83
N ARG B 3767 6.96 -2.70 -73.81
CA ARG B 3767 6.53 -1.36 -73.37
C ARG B 3767 6.17 -0.52 -74.59
N CYS B 3768 4.90 -0.09 -74.66
CA CYS B 3768 4.38 0.72 -75.78
C CYS B 3768 5.05 2.11 -75.79
N ALA B 3769 4.91 2.85 -76.89
CA ALA B 3769 5.48 4.21 -77.06
C ALA B 3769 4.97 5.19 -75.99
N ASP B 3770 3.83 4.90 -75.33
CA ASP B 3770 3.24 5.74 -74.25
C ASP B 3770 3.31 5.03 -72.90
N GLN B 3771 4.22 4.05 -72.76
CA GLN B 3771 4.63 3.43 -71.48
C GLN B 3771 3.49 2.72 -70.74
N GLN B 3772 2.47 2.21 -71.46
CA GLN B 3772 1.72 1.04 -70.92
C GLN B 3772 2.50 -0.24 -71.27
N CYS B 3773 2.16 -1.33 -70.59
CA CYS B 3773 2.79 -2.66 -70.83
C CYS B 3773 1.74 -3.61 -71.42
N ILE B 3774 2.14 -4.45 -72.38
CA ILE B 3774 1.32 -5.63 -72.78
C ILE B 3774 2.22 -6.87 -72.83
N PRO B 3775 1.66 -8.10 -72.75
CA PRO B 3775 2.47 -9.32 -72.76
C PRO B 3775 3.29 -9.45 -74.05
N SER B 3776 4.43 -10.14 -73.97
CA SER B 3776 5.27 -10.44 -75.15
C SER B 3776 4.45 -11.20 -76.19
N ARG B 3777 3.57 -12.11 -75.73
CA ARG B 3777 2.61 -12.87 -76.57
C ARG B 3777 1.81 -11.98 -77.53
N TRP B 3778 1.61 -10.69 -77.21
CA TRP B 3778 0.73 -9.81 -77.99
C TRP B 3778 1.49 -9.00 -79.04
N VAL B 3779 2.82 -9.09 -79.06
CA VAL B 3779 3.65 -8.42 -80.10
C VAL B 3779 3.53 -9.19 -81.41
N CYS B 3780 3.36 -8.48 -82.53
CA CYS B 3780 3.37 -9.05 -83.91
C CYS B 3780 2.35 -10.19 -84.09
N ASP B 3781 1.14 -10.10 -83.54
CA ASP B 3781 0.14 -11.21 -83.55
C ASP B 3781 -1.00 -10.94 -84.55
N GLN B 3782 -0.95 -9.81 -85.29
CA GLN B 3782 -1.99 -9.34 -86.26
C GLN B 3782 -3.19 -8.66 -85.57
N GLU B 3783 -3.08 -8.17 -84.33
CA GLU B 3783 -4.12 -7.29 -83.75
C GLU B 3783 -3.45 -6.11 -83.03
N ASN B 3784 -4.11 -4.95 -83.05
CA ASN B 3784 -3.60 -3.72 -82.39
C ASN B 3784 -3.98 -3.75 -80.91
N ASP B 3785 -3.01 -3.85 -80.00
CA ASP B 3785 -3.32 -3.99 -78.56
C ASP B 3785 -2.66 -2.88 -77.72
N CYS B 3786 -1.53 -2.32 -78.13
CA CYS B 3786 -0.86 -1.24 -77.38
C CYS B 3786 -1.68 0.06 -77.40
N GLY B 3787 -2.66 0.19 -78.29
CA GLY B 3787 -3.02 1.54 -78.78
C GLY B 3787 -1.85 2.07 -79.60
N ASP B 3788 -2.02 3.27 -80.19
CA ASP B 3788 -1.25 3.63 -81.41
C ASP B 3788 -1.38 2.42 -82.36
N ASN B 3789 -0.28 1.75 -82.67
CA ASN B 3789 -0.33 0.32 -83.09
C ASN B 3789 0.96 -0.37 -82.62
N SER B 3790 1.47 0.05 -81.45
CA SER B 3790 2.91 -0.12 -81.10
C SER B 3790 3.32 -1.61 -80.97
N ASP B 3791 2.42 -2.51 -80.56
CA ASP B 3791 2.73 -3.95 -80.43
C ASP B 3791 3.06 -4.58 -81.79
N GLU B 3792 2.48 -4.06 -82.87
CA GLU B 3792 2.67 -4.65 -84.22
C GLU B 3792 3.79 -3.94 -84.97
N ARG B 3793 4.56 -3.06 -84.31
CA ARG B 3793 5.64 -2.28 -84.97
C ARG B 3793 6.86 -3.17 -85.25
N ASP B 3794 7.43 -3.00 -86.44
CA ASP B 3794 8.83 -3.40 -86.78
C ASP B 3794 8.96 -4.94 -86.73
N CYS B 3795 7.92 -5.65 -87.16
CA CYS B 3795 7.83 -7.12 -87.04
C CYS B 3795 8.59 -7.81 -88.18
N GLU B 3796 9.92 -7.67 -88.20
CA GLU B 3796 10.78 -8.36 -89.19
C GLU B 3796 12.01 -8.97 -88.50
N MET B 3797 12.79 -8.17 -87.77
CA MET B 3797 14.00 -8.63 -87.05
C MET B 3797 13.58 -9.57 -85.90
N LYS B 3798 12.45 -9.26 -85.26
CA LYS B 3798 11.88 -10.11 -84.18
C LYS B 3798 11.52 -11.48 -84.77
N THR B 3799 11.89 -12.57 -84.07
CA THR B 3799 11.38 -13.92 -84.41
C THR B 3799 10.14 -14.25 -83.58
N CYS B 3800 9.47 -15.38 -83.85
CA CYS B 3800 8.34 -15.82 -82.99
C CYS B 3800 8.85 -16.74 -81.87
N HIS B 3801 8.06 -16.87 -80.78
CA HIS B 3801 8.34 -17.91 -79.76
C HIS B 3801 8.12 -19.29 -80.37
N PRO B 3802 8.75 -20.37 -79.86
CA PRO B 3802 8.96 -21.61 -80.61
C PRO B 3802 7.71 -22.32 -81.13
N GLU B 3803 6.55 -22.09 -80.50
CA GLU B 3803 5.28 -22.76 -80.86
C GLU B 3803 4.53 -22.03 -81.99
N HIS B 3804 5.08 -20.95 -82.57
CA HIS B 3804 4.38 -20.13 -83.58
C HIS B 3804 5.00 -20.26 -84.98
N PHE B 3805 4.16 -20.37 -86.02
CA PHE B 3805 4.57 -20.13 -87.41
C PHE B 3805 4.71 -18.62 -87.66
N GLN B 3806 5.91 -18.16 -88.04
CA GLN B 3806 6.07 -16.81 -88.61
C GLN B 3806 5.44 -16.76 -90.00
N CYS B 3807 4.50 -15.83 -90.23
CA CYS B 3807 4.00 -15.49 -91.58
C CYS B 3807 5.15 -14.83 -92.38
N THR B 3808 5.15 -14.93 -93.71
CA THR B 3808 6.18 -14.27 -94.57
C THR B 3808 6.09 -12.75 -94.40
N SER B 3809 4.96 -12.23 -93.93
CA SER B 3809 4.78 -10.77 -93.66
C SER B 3809 5.34 -10.40 -92.28
N GLY B 3810 5.90 -11.38 -91.52
CA GLY B 3810 6.68 -11.12 -90.29
C GLY B 3810 5.86 -11.20 -89.01
N HIS B 3811 4.52 -11.14 -89.11
CA HIS B 3811 3.64 -11.46 -87.96
C HIS B 3811 3.71 -12.96 -87.64
N CYS B 3812 3.10 -13.35 -86.51
CA CYS B 3812 3.11 -14.75 -86.01
C CYS B 3812 1.69 -15.31 -85.87
N VAL B 3813 1.52 -16.62 -86.08
CA VAL B 3813 0.31 -17.37 -85.61
C VAL B 3813 0.75 -18.70 -85.00
N PRO B 3814 -0.01 -19.31 -84.06
CA PRO B 3814 0.32 -20.63 -83.52
C PRO B 3814 0.51 -21.67 -84.63
N LYS B 3815 1.52 -22.56 -84.50
CA LYS B 3815 1.88 -23.54 -85.56
C LYS B 3815 0.71 -24.48 -85.84
N ALA B 3816 -0.22 -24.66 -84.88
CA ALA B 3816 -1.44 -25.46 -85.07
C ALA B 3816 -2.29 -24.90 -86.22
N LEU B 3817 -2.11 -23.61 -86.57
CA LEU B 3817 -2.98 -22.93 -87.57
C LEU B 3817 -2.26 -22.85 -88.92
N ALA B 3818 -1.51 -23.90 -89.28
CA ALA B 3818 -0.90 -24.01 -90.63
C ALA B 3818 -1.36 -25.32 -91.27
N CYS B 3819 -1.57 -25.29 -92.59
CA CYS B 3819 -2.01 -26.47 -93.39
C CYS B 3819 -3.32 -27.00 -92.82
N ASP B 3820 -4.37 -26.16 -92.88
CA ASP B 3820 -5.69 -26.53 -92.33
C ASP B 3820 -6.80 -26.18 -93.31
N GLY B 3821 -6.49 -25.50 -94.43
CA GLY B 3821 -7.46 -25.09 -95.45
C GLY B 3821 -7.91 -23.64 -95.28
N ARG B 3822 -7.54 -22.93 -94.20
CA ARG B 3822 -8.06 -21.56 -93.98
C ARG B 3822 -6.92 -20.59 -93.66
N ALA B 3823 -6.88 -19.44 -94.35
CA ALA B 3823 -5.87 -18.39 -94.14
C ALA B 3823 -6.00 -17.83 -92.71
N ASP B 3824 -4.97 -18.04 -91.89
CA ASP B 3824 -4.85 -17.46 -90.53
C ASP B 3824 -3.95 -16.21 -90.54
N CYS B 3825 -2.90 -16.20 -91.38
CA CYS B 3825 -2.15 -14.95 -91.64
C CYS B 3825 -3.06 -14.01 -92.44
N LEU B 3826 -2.73 -12.72 -92.45
CA LEU B 3826 -3.50 -11.74 -93.28
C LEU B 3826 -2.99 -11.73 -94.72
N ASP B 3827 -2.18 -12.72 -95.14
CA ASP B 3827 -1.82 -12.87 -96.58
C ASP B 3827 -1.82 -14.36 -96.96
N ALA B 3828 -2.52 -15.21 -96.19
CA ALA B 3828 -2.66 -16.67 -96.41
C ALA B 3828 -1.30 -17.37 -96.50
N SER B 3829 -0.22 -16.77 -95.99
CA SER B 3829 1.14 -17.38 -96.07
C SER B 3829 1.19 -18.68 -95.26
N ASP B 3830 0.29 -18.85 -94.30
CA ASP B 3830 0.25 -20.09 -93.47
C ASP B 3830 -0.18 -21.29 -94.33
N GLU B 3831 -0.97 -21.07 -95.38
CA GLU B 3831 -1.47 -22.16 -96.26
C GLU B 3831 -0.67 -22.21 -97.56
N SER B 3832 -0.05 -21.07 -97.97
CA SER B 3832 0.55 -20.89 -99.32
C SER B 3832 1.62 -21.95 -99.61
N ALA B 3833 2.44 -22.31 -98.60
CA ALA B 3833 3.57 -23.24 -98.82
C ALA B 3833 3.18 -24.67 -98.45
N CYS B 3834 1.93 -24.95 -98.04
CA CYS B 3834 1.50 -26.30 -97.59
C CYS B 3834 1.42 -27.27 -98.78
N PRO B 3835 2.06 -28.45 -98.72
CA PRO B 3835 1.89 -29.51 -99.73
C PRO B 3835 0.45 -30.05 -99.90
N THR B 3836 0.24 -30.84 -100.96
CA THR B 3836 -1.09 -31.36 -101.35
C THR B 3836 -1.69 -32.22 -100.24
N ARG B 3837 -2.97 -31.97 -99.90
CA ARG B 3837 -3.66 -32.71 -98.80
C ARG B 3837 -4.22 -34.06 -99.29
N PHE B 3838 -4.39 -34.27 -100.61
CA PHE B 3838 -4.89 -35.55 -101.18
C PHE B 3838 -4.05 -36.00 -102.38
N PRO B 3839 -4.02 -37.30 -102.73
CA PRO B 3839 -3.20 -37.81 -103.84
C PRO B 3839 -3.56 -37.25 -105.22
N ASN B 3840 -4.80 -36.78 -105.41
CA ASN B 3840 -5.27 -36.16 -106.67
C ASN B 3840 -4.94 -34.66 -106.71
N GLY B 3841 -4.16 -34.12 -105.75
CA GLY B 3841 -3.54 -32.78 -105.84
C GLY B 3841 -4.42 -31.64 -105.34
N THR B 3842 -5.75 -31.83 -105.23
CA THR B 3842 -6.66 -30.86 -104.58
C THR B 3842 -6.55 -30.94 -103.06
N TYR B 3843 -7.14 -29.96 -102.38
CA TYR B 3843 -6.85 -29.65 -100.95
C TYR B 3843 -8.07 -29.80 -100.04
N CYS B 3844 -9.31 -29.77 -100.56
CA CYS B 3844 -10.51 -30.07 -99.75
C CYS B 3844 -11.55 -30.84 -100.59
N PRO B 3845 -12.51 -31.56 -99.96
CA PRO B 3845 -13.44 -32.45 -100.68
C PRO B 3845 -14.34 -31.77 -101.71
N ALA B 3846 -15.07 -32.60 -102.45
CA ALA B 3846 -16.14 -32.19 -103.41
C ALA B 3846 -17.17 -31.27 -102.74
N ALA B 3847 -17.30 -31.33 -101.41
CA ALA B 3847 -18.18 -30.44 -100.61
C ALA B 3847 -17.78 -28.95 -100.72
N MET B 3848 -16.58 -28.61 -101.22
CA MET B 3848 -16.01 -27.26 -101.04
C MET B 3848 -15.32 -26.74 -102.31
N PHE B 3849 -15.11 -25.42 -102.33
CA PHE B 3849 -14.44 -24.65 -103.42
C PHE B 3849 -13.02 -24.31 -102.97
N GLU B 3850 -12.07 -24.15 -103.91
CA GLU B 3850 -10.62 -24.01 -103.59
C GLU B 3850 -9.97 -22.79 -104.30
N CYS B 3851 -9.43 -21.84 -103.52
CA CYS B 3851 -8.75 -20.61 -104.00
C CYS B 3851 -7.35 -20.97 -104.50
N LYS B 3852 -6.72 -20.08 -105.29
CA LYS B 3852 -5.45 -20.35 -106.01
C LYS B 3852 -4.31 -20.70 -105.04
N ASN B 3853 -4.27 -20.10 -103.83
CA ASN B 3853 -3.24 -20.42 -102.79
C ASN B 3853 -3.68 -21.61 -101.92
N HIS B 3854 -4.48 -22.52 -102.50
CA HIS B 3854 -4.86 -23.86 -101.97
C HIS B 3854 -5.79 -23.80 -100.75
N VAL B 3855 -6.19 -22.62 -100.26
CA VAL B 3855 -7.19 -22.55 -99.15
C VAL B 3855 -8.56 -22.94 -99.70
N CYS B 3856 -9.34 -23.65 -98.89
CA CYS B 3856 -10.68 -24.12 -99.30
C CYS B 3856 -11.76 -23.36 -98.51
N ILE B 3857 -12.88 -23.08 -99.19
CA ILE B 3857 -14.01 -22.26 -98.63
C ILE B 3857 -15.34 -22.92 -98.99
N GLN B 3858 -16.41 -22.57 -98.26
CA GLN B 3858 -17.76 -23.13 -98.54
C GLN B 3858 -18.35 -22.48 -99.81
N SER B 3859 -19.15 -23.26 -100.54
CA SER B 3859 -19.88 -22.85 -101.77
C SER B 3859 -20.62 -21.52 -101.58
N PHE B 3860 -21.29 -21.31 -100.43
CA PHE B 3860 -22.25 -20.19 -100.26
C PHE B 3860 -21.56 -18.81 -100.17
N TRP B 3861 -20.25 -18.72 -99.98
CA TRP B 3861 -19.55 -17.40 -99.89
C TRP B 3861 -19.09 -16.90 -101.28
N ILE B 3862 -19.07 -17.77 -102.30
CA ILE B 3862 -18.67 -17.34 -103.67
C ILE B 3862 -19.70 -16.30 -104.16
N CYS B 3863 -19.21 -15.17 -104.70
CA CYS B 3863 -20.03 -14.06 -105.28
C CYS B 3863 -20.91 -13.44 -104.18
N ASP B 3864 -20.28 -12.86 -103.15
CA ASP B 3864 -21.04 -12.15 -102.08
C ASP B 3864 -20.46 -10.77 -101.82
N GLY B 3865 -19.52 -10.29 -102.65
CA GLY B 3865 -18.82 -9.01 -102.42
C GLY B 3865 -17.70 -9.17 -101.39
N GLU B 3866 -17.83 -10.14 -100.46
CA GLU B 3866 -16.78 -10.40 -99.45
C GLU B 3866 -15.62 -11.15 -100.13
N ASN B 3867 -14.41 -10.60 -100.02
CA ASN B 3867 -13.18 -11.28 -100.50
C ASN B 3867 -12.87 -12.43 -99.52
N ASP B 3868 -13.48 -13.60 -99.76
CA ASP B 3868 -13.45 -14.79 -98.87
C ASP B 3868 -12.02 -15.24 -98.55
N CYS B 3869 -11.16 -15.29 -99.58
CA CYS B 3869 -9.75 -15.72 -99.46
C CYS B 3869 -8.90 -14.70 -100.24
N VAL B 3870 -7.77 -14.24 -99.65
CA VAL B 3870 -6.89 -13.25 -100.32
C VAL B 3870 -6.44 -13.84 -101.66
N ASP B 3871 -6.20 -12.98 -102.67
CA ASP B 3871 -6.01 -13.43 -104.07
C ASP B 3871 -7.30 -14.17 -104.44
N GLY B 3872 -8.44 -13.50 -104.21
CA GLY B 3872 -9.78 -14.11 -104.29
C GLY B 3872 -10.12 -14.70 -105.66
N SER B 3873 -10.22 -16.03 -105.73
CA SER B 3873 -10.85 -16.74 -106.88
C SER B 3873 -12.38 -16.70 -106.73
N ASP B 3874 -12.91 -16.34 -105.56
CA ASP B 3874 -14.37 -16.33 -105.26
C ASP B 3874 -15.04 -15.12 -105.92
N GLU B 3875 -14.28 -14.07 -106.26
CA GLU B 3875 -14.81 -12.89 -106.99
C GLU B 3875 -14.51 -12.98 -108.49
N GLU B 3876 -14.08 -14.15 -108.98
CA GLU B 3876 -13.85 -14.37 -110.43
C GLU B 3876 -15.21 -14.36 -111.16
N ILE B 3877 -15.42 -13.38 -112.04
CA ILE B 3877 -16.71 -13.20 -112.74
C ILE B 3877 -16.94 -14.37 -113.70
N HIS B 3878 -15.88 -14.96 -114.27
CA HIS B 3878 -16.03 -15.96 -115.37
C HIS B 3878 -16.73 -17.22 -114.82
N LEU B 3879 -16.24 -17.72 -113.67
CA LEU B 3879 -16.83 -18.95 -113.07
C LEU B 3879 -18.16 -18.59 -112.40
N CYS B 3880 -18.39 -17.31 -112.10
CA CYS B 3880 -19.56 -16.90 -111.27
C CYS B 3880 -20.72 -16.50 -112.18
N PHE B 3881 -20.54 -16.50 -113.51
CA PHE B 3881 -21.59 -16.10 -114.46
C PHE B 3881 -22.80 -17.03 -114.32
N ASN B 3882 -22.56 -18.31 -114.05
CA ASN B 3882 -23.62 -19.35 -114.11
C ASN B 3882 -24.15 -19.70 -112.71
N ILE B 3883 -23.67 -19.01 -111.65
CA ILE B 3883 -24.19 -19.26 -110.27
C ILE B 3883 -25.58 -18.62 -110.17
N PRO B 3884 -26.43 -19.01 -109.20
CA PRO B 3884 -27.79 -18.48 -109.14
C PRO B 3884 -27.86 -17.00 -108.76
N CYS B 3885 -27.63 -16.13 -109.76
CA CYS B 3885 -27.78 -14.67 -109.63
C CYS B 3885 -29.28 -14.33 -109.73
N GLU B 3886 -30.01 -14.59 -108.65
CA GLU B 3886 -31.49 -14.49 -108.64
C GLU B 3886 -31.90 -13.18 -107.97
N SER B 3887 -32.84 -12.46 -108.60
CA SER B 3887 -33.31 -11.11 -108.16
C SER B 3887 -33.79 -11.13 -106.71
N PRO B 3888 -34.57 -12.11 -106.21
CA PRO B 3888 -35.06 -12.05 -104.83
C PRO B 3888 -33.96 -11.99 -103.76
N GLN B 3889 -32.73 -12.45 -104.07
CA GLN B 3889 -31.65 -12.50 -103.07
C GLN B 3889 -30.36 -11.88 -103.61
N ARG B 3890 -30.20 -11.80 -104.94
CA ARG B 3890 -28.98 -11.20 -105.53
C ARG B 3890 -29.37 -10.17 -106.60
N PHE B 3891 -28.73 -9.00 -106.57
CA PHE B 3891 -28.98 -7.92 -107.56
C PHE B 3891 -28.13 -8.18 -108.80
N ARG B 3892 -28.77 -8.59 -109.90
CA ARG B 3892 -28.05 -8.93 -111.15
C ARG B 3892 -27.71 -7.62 -111.87
N CYS B 3893 -26.46 -7.16 -111.77
CA CYS B 3893 -26.02 -5.88 -112.35
C CYS B 3893 -25.91 -6.03 -113.87
N ASP B 3894 -25.72 -4.89 -114.55
CA ASP B 3894 -25.68 -4.85 -116.04
C ASP B 3894 -24.48 -5.64 -116.53
N ASN B 3895 -23.35 -5.58 -115.82
CA ASN B 3895 -22.09 -6.24 -116.25
C ASN B 3895 -22.17 -7.76 -116.05
N SER B 3896 -23.37 -8.29 -115.75
CA SER B 3896 -23.66 -9.74 -115.62
C SER B 3896 -23.12 -10.26 -114.28
N ARG B 3897 -22.45 -9.42 -113.48
CA ARG B 3897 -22.08 -9.84 -112.11
C ARG B 3897 -23.25 -9.52 -111.19
N CYS B 3898 -23.48 -10.38 -110.20
CA CYS B 3898 -24.63 -10.21 -109.27
C CYS B 3898 -24.14 -9.79 -107.88
N VAL B 3899 -24.96 -9.00 -107.20
CA VAL B 3899 -24.58 -8.36 -105.92
C VAL B 3899 -25.39 -9.00 -104.80
N TYR B 3900 -24.70 -9.38 -103.72
CA TYR B 3900 -25.30 -10.12 -102.59
C TYR B 3900 -26.18 -9.18 -101.77
N GLY B 3901 -27.49 -9.50 -101.70
CA GLY B 3901 -28.45 -8.97 -100.72
C GLY B 3901 -28.46 -7.46 -100.59
N HIS B 3902 -28.22 -6.96 -99.37
CA HIS B 3902 -28.51 -5.55 -98.99
C HIS B 3902 -27.51 -4.57 -99.64
N GLN B 3903 -26.47 -5.08 -100.31
CA GLN B 3903 -25.40 -4.22 -100.87
C GLN B 3903 -25.94 -3.37 -102.03
N LEU B 3904 -27.08 -3.76 -102.60
CA LEU B 3904 -27.69 -3.03 -103.74
C LEU B 3904 -28.05 -1.61 -103.26
N CYS B 3905 -27.50 -0.58 -103.91
CA CYS B 3905 -27.89 0.83 -103.63
C CYS B 3905 -27.62 1.16 -102.15
N ASN B 3906 -26.50 0.68 -101.61
CA ASN B 3906 -26.07 0.94 -100.22
C ASN B 3906 -25.28 2.25 -100.12
N GLY B 3907 -24.87 2.83 -101.26
CA GLY B 3907 -24.07 4.06 -101.29
C GLY B 3907 -22.67 3.83 -101.81
N VAL B 3908 -22.25 2.57 -101.99
CA VAL B 3908 -20.90 2.26 -102.55
C VAL B 3908 -21.08 1.26 -103.69
N ASP B 3909 -20.41 1.48 -104.83
CA ASP B 3909 -20.57 0.61 -106.01
C ASP B 3909 -19.94 -0.75 -105.72
N ASP B 3910 -20.79 -1.77 -105.50
CA ASP B 3910 -20.32 -3.17 -105.35
C ASP B 3910 -20.37 -3.90 -106.69
N CYS B 3911 -20.86 -3.25 -107.76
CA CYS B 3911 -21.03 -3.89 -109.09
C CYS B 3911 -19.82 -3.62 -109.99
N GLY B 3912 -19.41 -2.35 -110.11
CA GLY B 3912 -18.24 -1.96 -110.91
C GLY B 3912 -18.61 -1.22 -112.18
N ASP B 3913 -19.88 -0.78 -112.33
CA ASP B 3913 -20.25 0.04 -113.51
C ASP B 3913 -21.05 1.27 -113.10
N GLY B 3914 -21.29 1.50 -111.80
CA GLY B 3914 -22.02 2.68 -111.33
C GLY B 3914 -23.51 2.44 -111.15
N SER B 3915 -24.07 1.35 -111.70
CA SER B 3915 -25.54 1.11 -111.66
C SER B 3915 -25.94 0.49 -110.32
N ASP B 3916 -24.99 0.09 -109.47
CA ASP B 3916 -25.31 -0.38 -108.10
C ASP B 3916 -25.95 0.78 -107.33
N GLU B 3917 -25.39 1.98 -107.49
CA GLU B 3917 -25.97 3.24 -106.91
C GLU B 3917 -26.84 3.91 -107.98
N LYS B 3918 -27.99 3.30 -108.26
CA LYS B 3918 -29.03 3.78 -109.22
C LYS B 3918 -30.41 3.42 -108.69
N GLU B 3919 -31.48 4.06 -109.20
CA GLU B 3919 -32.87 3.86 -108.70
C GLU B 3919 -33.38 2.45 -109.04
N GLU B 3920 -33.60 2.15 -110.33
CA GLU B 3920 -33.95 0.82 -110.91
C GLU B 3920 -34.88 -0.01 -110.00
N HIS B 3921 -34.44 -1.23 -109.60
CA HIS B 3921 -35.29 -2.21 -108.89
C HIS B 3921 -35.35 -1.91 -107.38
N CYS B 3922 -34.25 -1.34 -106.84
CA CYS B 3922 -34.08 -1.12 -105.37
C CYS B 3922 -34.99 0.01 -104.88
N ARG B 3923 -35.31 1.01 -105.74
CA ARG B 3923 -36.03 2.25 -105.31
C ARG B 3923 -37.52 2.22 -105.67
N LYS B 3924 -38.37 1.78 -104.71
CA LYS B 3924 -39.86 1.95 -104.70
C LYS B 3924 -40.52 1.35 -105.95
N PRO B 3925 -40.38 0.03 -106.23
CA PRO B 3925 -40.94 -0.57 -107.45
C PRO B 3925 -42.45 -0.85 -107.45
N THR B 3926 -43.09 -0.96 -106.27
CA THR B 3926 -44.53 -1.32 -106.14
C THR B 3926 -45.19 -0.54 -104.99
N HIS B 3927 -46.52 -0.37 -105.07
CA HIS B 3927 -47.29 0.60 -104.23
C HIS B 3927 -48.62 -0.01 -103.76
N LYS B 3928 -48.67 -1.35 -103.65
CA LYS B 3928 -49.64 -2.19 -102.87
C LYS B 3928 -51.11 -1.87 -103.18
N PRO B 3929 -51.71 -2.36 -104.29
CA PRO B 3929 -53.15 -2.24 -104.49
C PRO B 3929 -53.94 -3.15 -103.54
N CYS B 3930 -54.95 -2.60 -102.83
CA CYS B 3930 -55.81 -3.44 -101.94
C CYS B 3930 -57.28 -3.27 -102.32
N THR B 3931 -58.06 -4.34 -102.11
CA THR B 3931 -59.40 -4.51 -102.70
C THR B 3931 -60.50 -4.05 -101.74
N ASP B 3932 -61.76 -4.14 -102.21
CA ASP B 3932 -62.99 -3.90 -101.41
C ASP B 3932 -62.99 -4.78 -100.15
N THR B 3933 -62.40 -5.99 -100.19
CA THR B 3933 -62.37 -6.89 -99.00
C THR B 3933 -61.25 -6.51 -98.02
N GLU B 3934 -60.57 -5.37 -98.22
CA GLU B 3934 -59.54 -4.85 -97.28
C GLU B 3934 -59.75 -3.35 -97.03
N TYR B 3935 -59.10 -2.84 -95.98
CA TYR B 3935 -58.83 -1.40 -95.78
C TYR B 3935 -57.31 -1.21 -95.88
N LYS B 3936 -56.84 -0.45 -96.87
CA LYS B 3936 -55.45 0.06 -96.81
C LYS B 3936 -55.50 1.28 -95.89
N CYS B 3937 -55.03 1.03 -94.66
CA CYS B 3937 -55.28 1.91 -93.50
C CYS B 3937 -54.47 3.21 -93.59
N SER B 3938 -54.62 4.07 -92.57
CA SER B 3938 -54.03 5.44 -92.44
C SER B 3938 -52.54 5.51 -92.81
N ASN B 3939 -51.78 4.45 -92.47
CA ASN B 3939 -50.30 4.38 -92.64
C ASN B 3939 -49.92 3.38 -93.74
N GLY B 3940 -50.88 2.92 -94.55
CA GLY B 3940 -50.64 1.94 -95.64
C GLY B 3940 -50.77 0.49 -95.18
N ASN B 3941 -51.08 0.23 -93.90
CA ASN B 3941 -51.34 -1.14 -93.40
C ASN B 3941 -52.62 -1.71 -94.06
N CYS B 3942 -52.46 -2.63 -95.02
CA CYS B 3942 -53.60 -3.31 -95.66
C CYS B 3942 -54.09 -4.47 -94.76
N ILE B 3943 -55.37 -4.41 -94.35
CA ILE B 3943 -56.00 -5.40 -93.43
C ILE B 3943 -57.37 -5.84 -93.99
N SER B 3944 -57.70 -7.13 -93.83
CA SER B 3944 -59.01 -7.71 -94.22
C SER B 3944 -60.17 -6.95 -93.57
N GLN B 3945 -61.26 -6.76 -94.32
CA GLN B 3945 -62.47 -6.02 -93.85
C GLN B 3945 -63.04 -6.67 -92.59
N HIS B 3946 -62.91 -8.00 -92.40
CA HIS B 3946 -63.41 -8.70 -91.19
C HIS B 3946 -62.75 -8.18 -89.91
N TYR B 3947 -61.53 -7.64 -90.01
CA TYR B 3947 -60.81 -7.04 -88.86
C TYR B 3947 -61.15 -5.56 -88.68
N VAL B 3948 -61.61 -4.87 -89.74
CA VAL B 3948 -62.01 -3.45 -89.63
C VAL B 3948 -63.26 -3.39 -88.73
N CYS B 3949 -63.23 -2.55 -87.69
CA CYS B 3949 -64.39 -2.39 -86.77
C CYS B 3949 -64.71 -3.70 -86.05
N ASP B 3950 -63.69 -4.50 -85.69
CA ASP B 3950 -63.87 -5.74 -84.89
C ASP B 3950 -63.48 -5.50 -83.43
N ASN B 3951 -63.04 -4.27 -83.11
CA ASN B 3951 -62.55 -3.82 -81.78
C ASN B 3951 -61.17 -4.43 -81.42
N VAL B 3952 -60.37 -4.87 -82.41
CA VAL B 3952 -58.95 -5.26 -82.24
C VAL B 3952 -58.12 -4.54 -83.31
N ASN B 3953 -57.14 -3.77 -82.86
CA ASN B 3953 -56.25 -2.96 -83.71
C ASN B 3953 -55.30 -3.87 -84.51
N ASP B 3954 -55.31 -3.78 -85.85
CA ASP B 3954 -54.22 -4.32 -86.70
C ASP B 3954 -53.33 -3.19 -87.24
N CYS B 3955 -53.94 -2.02 -87.50
CA CYS B 3955 -53.32 -0.88 -88.22
C CYS B 3955 -52.18 -0.23 -87.41
N GLY B 3956 -52.09 -0.48 -86.08
CA GLY B 3956 -51.10 0.15 -85.19
C GLY B 3956 -51.64 1.42 -84.56
N ASP B 3957 -52.07 2.40 -85.36
CA ASP B 3957 -52.62 3.68 -84.84
C ASP B 3957 -54.13 3.57 -84.49
N LEU B 3958 -54.69 2.34 -84.39
CA LEU B 3958 -56.13 2.06 -84.18
C LEU B 3958 -57.03 2.59 -85.32
N SER B 3959 -56.52 2.99 -86.49
CA SER B 3959 -57.41 3.57 -87.55
C SER B 3959 -58.38 2.51 -88.08
N ASP B 3960 -58.07 1.21 -88.07
CA ASP B 3960 -59.08 0.17 -88.45
C ASP B 3960 -60.21 0.07 -87.41
N GLU B 3961 -60.13 0.85 -86.31
CA GLU B 3961 -61.22 0.86 -85.29
C GLU B 3961 -61.86 2.24 -85.22
N THR B 3962 -61.31 3.24 -85.93
CA THR B 3962 -61.84 4.63 -85.85
C THR B 3962 -63.33 4.60 -86.19
N GLY B 3963 -64.15 5.32 -85.40
CA GLY B 3963 -65.61 5.32 -85.61
C GLY B 3963 -66.21 3.99 -85.22
N CYS B 3964 -66.24 3.01 -86.15
CA CYS B 3964 -66.72 1.64 -85.85
C CYS B 3964 -68.16 1.69 -85.32
N ASN B 3965 -68.96 2.69 -85.73
CA ASN B 3965 -70.40 2.70 -85.34
C ASN B 3965 -71.01 1.47 -86.02
N LEU B 3966 -72.00 0.82 -85.38
CA LEU B 3966 -72.48 -0.47 -85.97
C LEU B 3966 -74.00 -0.60 -86.05
N GLY B 3967 -74.49 -1.21 -87.14
CA GLY B 3967 -75.90 -1.53 -87.34
C GLY B 3967 -76.23 -1.57 -88.82
N ASP B 3968 -76.79 -2.69 -89.33
CA ASP B 3968 -77.08 -2.85 -90.79
C ASP B 3968 -78.23 -1.93 -91.24
N ASN B 3969 -79.01 -1.38 -90.29
CA ASN B 3969 -80.02 -0.34 -90.53
C ASN B 3969 -79.38 1.00 -90.93
N ARG B 3970 -78.05 1.08 -90.99
CA ARG B 3970 -77.37 2.36 -91.29
C ARG B 3970 -76.61 2.26 -92.62
N THR B 3971 -76.64 3.32 -93.44
CA THR B 3971 -75.86 3.35 -94.70
C THR B 3971 -75.04 4.64 -94.81
N CYS B 3972 -74.02 4.61 -95.66
CA CYS B 3972 -73.23 5.82 -96.04
C CYS B 3972 -74.13 6.88 -96.71
N ALA B 3973 -75.24 6.50 -97.35
CA ALA B 3973 -76.18 7.46 -97.98
C ALA B 3973 -76.77 8.45 -96.96
N GLU B 3974 -76.83 8.10 -95.66
CA GLU B 3974 -77.31 9.03 -94.60
C GLU B 3974 -76.29 10.14 -94.32
N ASN B 3975 -75.02 9.98 -94.77
CA ASN B 3975 -73.92 10.97 -94.71
C ASN B 3975 -73.75 11.55 -93.30
N ILE B 3976 -73.28 10.69 -92.39
CA ILE B 3976 -72.81 11.08 -91.03
C ILE B 3976 -71.38 11.63 -91.17
N CYS B 3977 -70.55 11.00 -92.00
CA CYS B 3977 -69.11 11.31 -92.12
C CYS B 3977 -68.85 12.56 -92.99
N GLU B 3978 -67.88 13.39 -92.58
CA GLU B 3978 -67.57 14.68 -93.27
C GLU B 3978 -67.04 14.48 -94.70
N GLN B 3979 -66.22 13.42 -94.94
CA GLN B 3979 -65.46 13.32 -96.22
C GLN B 3979 -65.56 11.90 -96.84
N ASN B 3980 -64.56 11.02 -96.68
CA ASN B 3980 -64.56 9.71 -97.40
C ASN B 3980 -65.47 8.71 -96.68
N CYS B 3981 -66.77 8.92 -96.85
CA CYS B 3981 -67.86 8.02 -96.37
C CYS B 3981 -67.83 6.71 -97.16
N THR B 3982 -67.85 5.54 -96.47
CA THR B 3982 -67.83 4.20 -97.13
C THR B 3982 -68.81 3.24 -96.45
N GLN B 3983 -69.18 2.15 -97.16
CA GLN B 3983 -70.06 1.08 -96.64
C GLN B 3983 -69.24 -0.19 -96.37
N LEU B 3984 -69.37 -0.78 -95.16
CA LEU B 3984 -68.69 -2.03 -94.74
C LEU B 3984 -69.62 -3.26 -94.91
N SER B 3985 -69.06 -4.48 -94.89
CA SER B 3985 -69.81 -5.74 -95.08
C SER B 3985 -70.79 -5.95 -93.91
N SER B 3986 -70.34 -5.70 -92.68
CA SER B 3986 -71.13 -5.86 -91.46
C SER B 3986 -71.47 -4.48 -90.88
N GLY B 3987 -72.74 -4.30 -90.50
CA GLY B 3987 -73.16 -3.19 -89.61
C GLY B 3987 -73.10 -1.81 -90.24
N GLY B 3988 -73.20 -1.66 -91.58
CA GLY B 3988 -73.45 -0.35 -92.20
C GLY B 3988 -72.19 0.46 -92.54
N PHE B 3989 -72.24 1.78 -92.38
CA PHE B 3989 -71.16 2.70 -92.84
C PHE B 3989 -69.94 2.71 -91.89
N ILE B 3990 -68.75 2.83 -92.52
CA ILE B 3990 -67.45 3.00 -91.81
C ILE B 3990 -66.70 4.00 -92.69
N CYS B 3991 -65.93 4.96 -92.14
CA CYS B 3991 -65.37 6.05 -92.99
C CYS B 3991 -63.96 6.47 -92.56
N SER B 3992 -63.10 6.65 -93.56
CA SER B 3992 -61.68 7.08 -93.38
C SER B 3992 -61.58 8.61 -93.43
N CYS B 3993 -60.67 9.21 -92.65
CA CYS B 3993 -60.20 10.57 -93.01
C CYS B 3993 -59.39 10.49 -94.30
N ARG B 3994 -59.53 11.51 -95.17
CA ARG B 3994 -58.77 11.63 -96.43
C ARG B 3994 -57.27 11.61 -96.10
N PRO B 3995 -56.39 11.11 -96.99
CA PRO B 3995 -54.94 11.32 -96.82
C PRO B 3995 -54.61 12.81 -96.61
N GLY B 3996 -53.85 13.09 -95.53
CA GLY B 3996 -53.54 14.46 -95.07
C GLY B 3996 -54.55 14.99 -94.07
N PHE B 3997 -55.34 14.13 -93.41
CA PHE B 3997 -56.32 14.59 -92.39
C PHE B 3997 -56.34 13.58 -91.23
N LYS B 3998 -56.75 14.03 -90.04
CA LYS B 3998 -56.87 13.17 -88.83
C LYS B 3998 -58.26 13.30 -88.23
N PRO B 3999 -58.78 12.31 -87.48
CA PRO B 3999 -60.12 12.40 -86.90
C PRO B 3999 -60.20 13.51 -85.84
N SER B 4000 -61.36 14.21 -85.86
CA SER B 4000 -61.64 15.58 -85.33
C SER B 4000 -61.20 15.80 -83.87
N THR B 4001 -60.94 14.71 -83.10
CA THR B 4001 -60.48 14.67 -81.68
C THR B 4001 -61.57 15.12 -80.71
N LEU B 4002 -62.40 16.11 -81.08
CA LEU B 4002 -63.63 16.46 -80.35
C LEU B 4002 -64.76 15.47 -80.69
N ASP B 4003 -64.63 14.75 -81.82
CA ASP B 4003 -65.64 13.76 -82.29
C ASP B 4003 -64.98 12.80 -83.30
N LYS B 4004 -65.61 11.63 -83.52
CA LYS B 4004 -65.31 10.77 -84.68
C LYS B 4004 -66.13 11.21 -85.89
N ASN B 4005 -65.92 10.50 -87.03
CA ASN B 4005 -66.63 10.72 -88.33
C ASN B 4005 -66.44 12.16 -88.85
N SER B 4006 -65.45 12.87 -88.31
CA SER B 4006 -65.16 14.29 -88.61
C SER B 4006 -63.64 14.40 -88.66
N CYS B 4007 -63.05 15.32 -89.43
CA CYS B 4007 -61.58 15.35 -89.58
C CYS B 4007 -61.07 16.77 -89.75
N GLN B 4008 -59.91 17.11 -89.16
CA GLN B 4008 -59.21 18.38 -89.48
C GLN B 4008 -58.13 18.18 -90.54
N ASP B 4009 -57.87 19.24 -91.31
CA ASP B 4009 -56.61 19.38 -92.07
C ASP B 4009 -55.41 19.52 -91.13
N ILE B 4010 -54.33 18.79 -91.45
CA ILE B 4010 -53.03 18.90 -90.71
C ILE B 4010 -52.36 20.20 -91.18
N ASN B 4011 -51.99 21.07 -90.23
CA ASN B 4011 -51.19 22.25 -90.58
C ASN B 4011 -49.72 21.80 -90.62
N GLU B 4012 -49.28 21.31 -91.78
CA GLU B 4012 -47.94 20.67 -91.93
C GLU B 4012 -46.83 21.72 -91.73
N CYS B 4013 -47.15 23.02 -91.78
CA CYS B 4013 -46.12 24.09 -91.62
C CYS B 4013 -45.52 24.07 -90.21
N GLU B 4014 -46.20 23.45 -89.23
CA GLU B 4014 -45.70 23.43 -87.83
C GLU B 4014 -44.56 22.41 -87.70
N GLU B 4015 -44.45 21.45 -88.62
CA GLU B 4015 -43.38 20.42 -88.57
C GLU B 4015 -42.03 21.10 -88.86
N PHE B 4016 -41.00 20.74 -88.09
CA PHE B 4016 -39.66 21.35 -88.25
C PHE B 4016 -38.99 20.74 -89.48
N GLY B 4017 -38.49 21.61 -90.38
CA GLY B 4017 -37.74 21.21 -91.58
C GLY B 4017 -38.59 20.52 -92.63
N ILE B 4018 -39.89 20.84 -92.70
CA ILE B 4018 -40.76 20.27 -93.77
C ILE B 4018 -40.58 21.09 -95.05
N CYS B 4019 -40.38 22.41 -94.93
CA CYS B 4019 -40.09 23.28 -96.09
C CYS B 4019 -38.75 23.97 -95.87
N PRO B 4020 -38.00 24.29 -96.93
CA PRO B 4020 -36.71 24.96 -96.77
C PRO B 4020 -36.83 26.41 -96.25
N GLN B 4021 -37.74 27.21 -96.81
CA GLN B 4021 -37.72 28.67 -96.52
C GLN B 4021 -39.09 29.14 -96.02
N SER B 4022 -40.19 28.72 -96.67
CA SER B 4022 -41.54 29.15 -96.25
C SER B 4022 -42.55 28.04 -96.54
N CYS B 4023 -43.68 28.10 -95.84
CA CYS B 4023 -44.74 27.08 -95.94
C CYS B 4023 -46.10 27.76 -95.91
N ARG B 4024 -47.01 27.33 -96.81
CA ARG B 4024 -48.41 27.78 -96.81
C ARG B 4024 -49.28 26.55 -96.66
N ASN B 4025 -50.31 26.62 -95.81
CA ASN B 4025 -51.13 25.44 -95.48
C ASN B 4025 -52.32 25.30 -96.43
N SER B 4026 -52.72 24.06 -96.72
CA SER B 4026 -53.93 23.74 -97.50
C SER B 4026 -54.53 22.45 -96.96
N LYS B 4027 -55.70 22.05 -97.45
CA LYS B 4027 -56.41 20.84 -96.96
C LYS B 4027 -55.66 19.59 -97.47
N GLY B 4028 -54.74 19.06 -96.64
CA GLY B 4028 -53.90 17.90 -96.96
C GLY B 4028 -52.86 18.24 -98.00
N SER B 4029 -52.44 19.51 -98.08
CA SER B 4029 -51.42 19.95 -99.05
C SER B 4029 -50.72 21.19 -98.50
N TYR B 4030 -49.55 21.50 -99.08
CA TYR B 4030 -48.76 22.68 -98.70
C TYR B 4030 -47.82 23.03 -99.85
N GLU B 4031 -47.24 24.22 -99.78
CA GLU B 4031 -46.28 24.69 -100.81
C GLU B 4031 -45.00 25.14 -100.10
N CYS B 4032 -43.84 24.73 -100.63
CA CYS B 4032 -42.54 25.20 -100.12
C CYS B 4032 -42.10 26.42 -100.95
N PHE B 4033 -42.91 27.48 -100.89
CA PHE B 4033 -42.55 28.79 -101.49
C PHE B 4033 -41.34 29.34 -100.75
N CYS B 4034 -40.55 30.17 -101.43
CA CYS B 4034 -39.43 30.89 -100.77
C CYS B 4034 -39.50 32.39 -101.09
N VAL B 4035 -39.08 33.20 -100.12
CA VAL B 4035 -39.38 34.67 -100.08
C VAL B 4035 -38.62 35.37 -101.21
N ASP B 4036 -38.96 36.64 -101.43
CA ASP B 4036 -38.30 37.52 -102.42
C ASP B 4036 -36.77 37.43 -102.24
N GLY B 4037 -36.06 37.48 -103.39
CA GLY B 4037 -34.59 37.38 -103.41
C GLY B 4037 -34.09 35.95 -103.32
N PHE B 4038 -34.97 34.96 -103.54
CA PHE B 4038 -34.58 33.53 -103.53
C PHE B 4038 -35.26 32.83 -104.70
N LYS B 4039 -34.50 32.53 -105.75
CA LYS B 4039 -35.01 31.75 -106.91
C LYS B 4039 -35.07 30.28 -106.51
N SER B 4040 -36.22 29.63 -106.76
CA SER B 4040 -36.40 28.18 -106.48
C SER B 4040 -35.47 27.38 -107.39
N MET B 4041 -34.57 26.59 -106.81
CA MET B 4041 -33.64 25.75 -107.60
C MET B 4041 -33.77 24.31 -107.12
N SER B 4042 -34.32 23.43 -107.97
CA SER B 4042 -34.37 21.97 -107.72
C SER B 4042 -32.93 21.48 -107.52
N THR B 4043 -32.71 20.73 -106.43
CA THR B 4043 -31.35 20.26 -106.06
C THR B 4043 -31.41 18.77 -105.71
N HIS B 4044 -30.23 18.24 -105.34
CA HIS B 4044 -30.09 16.80 -105.00
C HIS B 4044 -30.55 16.60 -103.56
N TYR B 4045 -31.37 15.55 -103.31
CA TYR B 4045 -31.93 15.17 -101.99
C TYR B 4045 -32.87 16.26 -101.48
N GLY B 4046 -33.57 16.97 -102.38
CA GLY B 4046 -34.54 18.02 -102.01
C GLY B 4046 -34.29 19.31 -102.75
N GLU B 4047 -35.28 20.20 -102.73
CA GLU B 4047 -35.21 21.48 -103.48
C GLU B 4047 -34.85 22.60 -102.50
N ARG B 4048 -34.05 23.56 -102.98
CA ARG B 4048 -33.64 24.74 -102.19
C ARG B 4048 -33.82 26.00 -103.04
N CYS B 4049 -33.50 27.16 -102.47
CA CYS B 4049 -33.61 28.45 -103.18
C CYS B 4049 -32.26 29.17 -103.14
N ALA B 4050 -31.84 29.69 -104.30
CA ALA B 4050 -30.47 30.22 -104.51
C ALA B 4050 -30.31 31.57 -103.82
N ALA B 4051 -29.12 32.18 -103.99
CA ALA B 4051 -28.73 33.40 -103.26
C ALA B 4051 -29.04 34.66 -104.06
N ASP B 4052 -29.47 34.53 -105.34
CA ASP B 4052 -29.86 35.70 -106.17
C ASP B 4052 -28.76 36.76 -106.12
N GLY B 4053 -27.50 36.35 -106.29
CA GLY B 4053 -26.39 37.30 -106.31
C GLY B 4053 -25.05 36.59 -106.21
N SER B 4054 -24.00 37.35 -105.87
CA SER B 4054 -22.61 36.83 -105.80
C SER B 4054 -22.56 35.74 -104.71
N PRO B 4055 -21.92 34.59 -104.97
CA PRO B 4055 -21.77 33.56 -103.96
C PRO B 4055 -21.20 34.12 -102.63
N PRO B 4056 -21.65 33.59 -101.48
CA PRO B 4056 -21.20 34.09 -100.18
C PRO B 4056 -19.71 33.85 -99.99
N LEU B 4057 -19.06 34.85 -99.37
CA LEU B 4057 -17.71 34.70 -98.81
C LEU B 4057 -17.80 34.24 -97.36
N LEU B 4058 -16.77 33.56 -96.87
CA LEU B 4058 -16.57 33.35 -95.42
C LEU B 4058 -15.53 34.37 -94.96
N LEU B 4059 -15.73 34.95 -93.78
CA LEU B 4059 -14.66 35.69 -93.09
C LEU B 4059 -14.06 34.79 -92.00
N LEU B 4060 -12.74 34.76 -91.94
CA LEU B 4060 -11.97 33.81 -91.11
C LEU B 4060 -10.90 34.61 -90.36
N PRO B 4061 -11.16 35.08 -89.12
CA PRO B 4061 -10.18 35.83 -88.36
C PRO B 4061 -9.16 34.97 -87.59
N GLU B 4062 -7.87 35.22 -87.87
CA GLU B 4062 -6.72 34.69 -87.10
C GLU B 4062 -6.10 35.82 -86.27
N ASN B 4063 -5.27 35.49 -85.27
CA ASN B 4063 -4.70 36.51 -84.36
C ASN B 4063 -4.03 37.66 -85.13
N VAL B 4064 -3.45 37.38 -86.30
CA VAL B 4064 -2.57 38.37 -87.01
C VAL B 4064 -3.25 38.92 -88.27
N ARG B 4065 -4.32 38.27 -88.77
CA ARG B 4065 -4.92 38.68 -90.07
C ARG B 4065 -6.38 38.23 -90.16
N ILE B 4066 -7.15 38.91 -91.01
CA ILE B 4066 -8.49 38.40 -91.40
C ILE B 4066 -8.36 37.86 -92.82
N ARG B 4067 -8.95 36.70 -93.11
CA ARG B 4067 -8.87 36.11 -94.47
C ARG B 4067 -10.28 35.98 -95.03
N LYS B 4068 -10.38 36.12 -96.36
CA LYS B 4068 -11.62 35.92 -97.15
C LYS B 4068 -11.56 34.55 -97.82
N TYR B 4069 -12.72 34.00 -98.21
CA TYR B 4069 -12.76 32.77 -99.02
C TYR B 4069 -14.08 32.71 -99.79
N ASN B 4070 -14.00 32.67 -101.12
CA ASN B 4070 -15.18 32.55 -102.01
C ASN B 4070 -15.65 31.10 -101.96
N THR B 4071 -16.88 30.87 -101.51
CA THR B 4071 -17.39 29.48 -101.35
C THR B 4071 -17.55 28.80 -102.71
N SER B 4072 -17.75 29.55 -103.81
CA SER B 4072 -17.91 28.94 -105.16
C SER B 4072 -16.56 28.90 -105.88
N SER B 4073 -15.81 30.00 -105.88
CA SER B 4073 -14.49 30.07 -106.56
C SER B 4073 -13.47 29.19 -105.81
N GLU B 4074 -13.65 29.03 -104.49
CA GLU B 4074 -12.77 28.20 -103.63
C GLU B 4074 -11.34 28.71 -103.74
N LYS B 4075 -11.15 30.00 -103.43
CA LYS B 4075 -9.80 30.61 -103.39
C LYS B 4075 -9.77 31.62 -102.25
N PHE B 4076 -8.69 31.59 -101.47
CA PHE B 4076 -8.38 32.70 -100.55
C PHE B 4076 -7.96 33.92 -101.37
N SER B 4077 -8.12 35.10 -100.78
CA SER B 4077 -7.57 36.35 -101.36
C SER B 4077 -7.19 37.26 -100.19
N GLU B 4078 -6.14 38.08 -100.38
CA GLU B 4078 -5.59 38.85 -99.24
C GLU B 4078 -6.64 39.84 -98.72
N TYR B 4079 -6.67 39.99 -97.40
CA TYR B 4079 -7.37 41.09 -96.71
C TYR B 4079 -6.57 41.44 -95.46
N LEU B 4080 -7.16 42.17 -94.49
CA LEU B 4080 -6.45 42.88 -93.40
C LEU B 4080 -5.29 42.07 -92.85
N GLU B 4081 -4.11 42.69 -92.90
CA GLU B 4081 -2.81 42.00 -92.64
C GLU B 4081 -1.93 42.88 -91.74
N GLU B 4082 -0.87 42.29 -91.17
CA GLU B 4082 0.09 42.97 -90.25
C GLU B 4082 -0.65 43.49 -89.00
N GLU B 4083 -1.69 42.79 -88.54
CA GLU B 4083 -2.46 43.15 -87.32
C GLU B 4083 -1.99 42.26 -86.16
N GLU B 4084 -2.52 42.44 -84.94
CA GLU B 4084 -2.21 41.50 -83.85
C GLU B 4084 -3.36 41.41 -82.83
N HIS B 4085 -3.47 40.24 -82.19
CA HIS B 4085 -4.47 39.93 -81.13
C HIS B 4085 -5.93 40.13 -81.57
N ILE B 4086 -6.28 39.91 -82.85
CA ILE B 4086 -7.69 39.85 -83.32
C ILE B 4086 -8.50 38.83 -82.50
N GLN B 4087 -9.81 39.04 -82.35
CA GLN B 4087 -10.68 38.01 -81.69
C GLN B 4087 -12.06 37.83 -82.35
N THR B 4088 -12.73 38.88 -82.86
CA THR B 4088 -14.09 38.67 -83.40
C THR B 4088 -14.43 39.72 -84.46
N ILE B 4089 -15.47 39.42 -85.24
CA ILE B 4089 -15.78 40.07 -86.55
C ILE B 4089 -17.29 40.25 -86.69
N ASP B 4090 -17.74 41.44 -87.11
CA ASP B 4090 -19.09 41.59 -87.71
C ASP B 4090 -19.03 42.69 -88.77
N TYR B 4091 -20.07 42.84 -89.60
CA TYR B 4091 -20.00 43.79 -90.73
C TYR B 4091 -21.32 44.53 -90.95
N ASP B 4092 -21.20 45.70 -91.58
CA ASP B 4092 -22.35 46.46 -92.09
C ASP B 4092 -22.29 46.43 -93.63
N TRP B 4093 -23.35 45.94 -94.26
CA TRP B 4093 -23.38 45.84 -95.74
C TRP B 4093 -23.52 47.24 -96.34
N ASP B 4094 -22.52 47.64 -97.16
CA ASP B 4094 -22.47 48.84 -98.03
C ASP B 4094 -23.28 50.00 -97.44
N PRO B 4095 -22.89 50.61 -96.31
CA PRO B 4095 -23.64 51.72 -95.74
C PRO B 4095 -23.82 52.91 -96.69
N GLU B 4096 -22.81 53.21 -97.52
CA GLU B 4096 -22.86 54.39 -98.42
C GLU B 4096 -23.26 53.97 -99.83
N HIS B 4097 -23.54 52.67 -100.06
CA HIS B 4097 -24.00 52.14 -101.37
C HIS B 4097 -22.95 52.42 -102.46
N ILE B 4098 -21.69 52.65 -102.08
CA ILE B 4098 -20.60 52.91 -103.06
C ILE B 4098 -19.94 51.58 -103.43
N GLY B 4099 -20.56 50.47 -103.00
CA GLY B 4099 -20.09 49.11 -103.32
C GLY B 4099 -18.97 48.64 -102.40
N LEU B 4100 -18.86 49.22 -101.20
CA LEU B 4100 -17.85 48.81 -100.20
C LEU B 4100 -18.54 48.61 -98.85
N SER B 4101 -18.66 47.37 -98.36
CA SER B 4101 -19.10 47.09 -96.98
C SER B 4101 -18.00 47.45 -95.98
N VAL B 4102 -18.35 47.50 -94.69
CA VAL B 4102 -17.33 47.75 -93.64
C VAL B 4102 -17.39 46.64 -92.59
N VAL B 4103 -16.23 46.08 -92.24
CA VAL B 4103 -16.13 45.04 -91.17
C VAL B 4103 -15.54 45.70 -89.93
N TYR B 4104 -16.16 45.38 -88.80
CA TYR B 4104 -15.73 45.78 -87.45
C TYR B 4104 -14.99 44.60 -86.86
N TYR B 4105 -13.90 44.88 -86.17
CA TYR B 4105 -13.07 43.81 -85.60
C TYR B 4105 -12.52 44.23 -84.24
N THR B 4106 -12.29 43.24 -83.40
CA THR B 4106 -11.83 43.46 -82.02
C THR B 4106 -10.36 43.07 -81.87
N VAL B 4107 -9.60 43.93 -81.20
CA VAL B 4107 -8.22 43.64 -80.77
C VAL B 4107 -8.20 43.49 -79.26
N LEU B 4108 -7.69 42.36 -78.76
CA LEU B 4108 -7.55 42.12 -77.30
C LEU B 4108 -6.48 43.01 -76.70
N ALA B 4109 -6.65 43.33 -75.41
CA ALA B 4109 -5.57 43.93 -74.59
C ALA B 4109 -4.41 42.93 -74.47
N GLN B 4110 -3.19 43.44 -74.51
CA GLN B 4110 -1.97 42.60 -74.46
C GLN B 4110 -0.94 43.28 -73.56
N GLY B 4111 -0.23 42.48 -72.76
CA GLY B 4111 0.76 43.00 -71.79
C GLY B 4111 0.14 44.05 -70.90
N SER B 4112 0.51 45.33 -71.08
CA SER B 4112 0.00 46.45 -70.25
C SER B 4112 -0.69 47.49 -71.13
N GLN B 4113 -1.15 47.12 -72.33
CA GLN B 4113 -1.81 48.05 -73.27
C GLN B 4113 -3.24 47.58 -73.55
N PHE B 4114 -4.19 48.51 -73.60
CA PHE B 4114 -5.63 48.17 -73.78
C PHE B 4114 -5.92 47.71 -75.21
N GLY B 4115 -7.07 47.02 -75.35
CA GLY B 4115 -7.59 46.54 -76.64
C GLY B 4115 -8.24 47.67 -77.43
N ALA B 4116 -8.91 47.31 -78.52
CA ALA B 4116 -9.59 48.30 -79.38
C ALA B 4116 -10.74 47.65 -80.14
N ILE B 4117 -11.73 48.46 -80.50
CA ILE B 4117 -12.68 48.08 -81.57
C ILE B 4117 -12.27 48.91 -82.78
N LYS B 4118 -11.88 48.25 -83.87
CA LYS B 4118 -11.40 48.95 -85.08
C LYS B 4118 -12.28 48.54 -86.26
N ARG B 4119 -12.29 49.35 -87.32
CA ARG B 4119 -13.16 49.08 -88.49
C ARG B 4119 -12.43 49.40 -89.79
N ALA B 4120 -12.79 48.70 -90.86
CA ALA B 4120 -12.13 48.87 -92.16
C ALA B 4120 -13.06 48.44 -93.29
N TYR B 4121 -12.92 49.06 -94.48
CA TYR B 4121 -13.71 48.65 -95.66
C TYR B 4121 -13.29 47.27 -96.16
N ILE B 4122 -14.23 46.58 -96.81
CA ILE B 4122 -13.90 45.34 -97.55
C ILE B 4122 -14.64 45.37 -98.89
N PRO B 4123 -13.96 45.13 -100.02
CA PRO B 4123 -14.63 45.09 -101.32
C PRO B 4123 -15.69 44.00 -101.43
N ASN B 4124 -16.88 44.36 -101.94
CA ASN B 4124 -17.90 43.33 -102.27
C ASN B 4124 -17.50 42.61 -103.56
N PHE B 4125 -16.65 43.25 -104.38
CA PHE B 4125 -16.22 42.66 -105.66
C PHE B 4125 -14.96 41.80 -105.43
N GLU B 4126 -14.34 41.36 -106.54
CA GLU B 4126 -13.36 40.25 -106.53
C GLU B 4126 -11.96 40.75 -106.17
N SER B 4127 -11.74 42.08 -106.03
CA SER B 4127 -10.37 42.63 -105.87
C SER B 4127 -9.74 42.23 -104.52
N GLY B 4128 -8.39 42.13 -104.48
CA GLY B 4128 -7.62 41.83 -103.25
C GLY B 4128 -6.11 41.93 -103.45
N SER B 4129 -5.36 42.15 -102.34
CA SER B 4129 -3.87 42.32 -102.26
C SER B 4129 -3.41 43.64 -102.90
N ASN B 4130 -4.07 44.07 -103.96
CA ASN B 4130 -3.79 45.31 -104.72
C ASN B 4130 -4.40 46.55 -104.04
N ASN B 4131 -5.05 46.38 -102.88
CA ASN B 4131 -5.89 47.41 -102.23
C ASN B 4131 -5.43 47.55 -100.77
N PRO B 4132 -4.54 48.49 -100.42
CA PRO B 4132 -4.06 48.65 -99.04
C PRO B 4132 -5.19 49.06 -98.08
N ILE B 4133 -5.57 48.12 -97.20
CA ILE B 4133 -6.66 48.33 -96.22
C ILE B 4133 -6.10 49.16 -95.05
N ARG B 4134 -6.74 50.29 -94.74
CA ARG B 4134 -6.28 51.17 -93.63
C ARG B 4134 -7.18 50.92 -92.42
N GLU B 4135 -6.60 50.48 -91.31
CA GLU B 4135 -7.41 50.30 -90.08
C GLU B 4135 -7.59 51.67 -89.39
N VAL B 4136 -8.73 51.87 -88.73
CA VAL B 4136 -8.90 53.08 -87.86
C VAL B 4136 -9.52 52.64 -86.53
N ASP B 4137 -8.97 53.12 -85.41
CA ASP B 4137 -9.57 52.81 -84.09
C ASP B 4137 -10.77 53.73 -83.88
N LEU B 4138 -11.86 53.18 -83.32
CA LEU B 4138 -13.07 53.95 -82.92
C LEU B 4138 -12.77 54.87 -81.74
N GLY B 4139 -11.70 54.63 -80.96
CA GLY B 4139 -11.36 55.47 -79.79
C GLY B 4139 -12.12 55.04 -78.54
N LEU B 4140 -12.73 53.85 -78.55
CA LEU B 4140 -13.40 53.28 -77.37
C LEU B 4140 -12.33 52.75 -76.41
N LYS B 4141 -11.65 53.67 -75.73
CA LYS B 4141 -10.52 53.32 -74.83
C LYS B 4141 -11.04 52.57 -73.61
N TYR B 4142 -10.11 52.09 -72.77
CA TYR B 4142 -10.41 51.41 -71.49
C TYR B 4142 -11.17 50.11 -71.77
N LEU B 4143 -10.58 49.27 -72.63
CA LEU B 4143 -11.23 48.07 -73.18
C LEU B 4143 -10.27 46.87 -73.04
N MET B 4144 -10.77 45.68 -72.66
CA MET B 4144 -9.86 44.59 -72.28
C MET B 4144 -10.07 43.31 -73.10
N GLN B 4145 -11.27 42.72 -73.11
CA GLN B 4145 -11.47 41.44 -73.82
C GLN B 4145 -12.86 41.40 -74.46
N PRO B 4146 -13.05 42.02 -75.63
CA PRO B 4146 -14.35 42.05 -76.31
C PRO B 4146 -14.62 40.76 -77.10
N ASP B 4147 -14.79 39.63 -76.40
CA ASP B 4147 -15.03 38.32 -77.05
C ASP B 4147 -16.31 38.31 -77.90
N GLY B 4148 -17.25 39.24 -77.67
CA GLY B 4148 -18.50 39.30 -78.45
C GLY B 4148 -18.74 40.67 -79.04
N LEU B 4149 -19.10 40.73 -80.33
CA LEU B 4149 -19.41 42.01 -80.99
C LEU B 4149 -20.52 41.79 -82.02
N ALA B 4150 -21.45 42.74 -82.12
CA ALA B 4150 -22.52 42.69 -83.14
C ALA B 4150 -22.85 44.11 -83.56
N VAL B 4151 -23.25 44.27 -84.81
CA VAL B 4151 -23.54 45.60 -85.41
C VAL B 4151 -25.02 45.65 -85.76
N ASP B 4152 -25.74 46.59 -85.15
CA ASP B 4152 -27.16 46.82 -85.48
C ASP B 4152 -27.19 47.73 -86.73
N TRP B 4153 -27.51 47.15 -87.89
CA TRP B 4153 -27.48 47.90 -89.16
C TRP B 4153 -28.69 48.84 -89.25
N VAL B 4154 -29.75 48.57 -88.47
CA VAL B 4154 -30.96 49.42 -88.52
C VAL B 4154 -30.76 50.66 -87.65
N GLY B 4155 -30.37 50.45 -86.39
CA GLY B 4155 -30.16 51.54 -85.42
C GLY B 4155 -28.81 52.22 -85.57
N ARG B 4156 -27.92 51.69 -86.44
CA ARG B 4156 -26.57 52.25 -86.65
C ARG B 4156 -25.81 52.29 -85.32
N HIS B 4157 -25.96 51.23 -84.52
CA HIS B 4157 -25.22 51.12 -83.24
C HIS B 4157 -24.39 49.84 -83.27
N ILE B 4158 -23.34 49.81 -82.45
CA ILE B 4158 -22.45 48.65 -82.33
C ILE B 4158 -22.58 48.14 -80.89
N TYR B 4159 -22.90 46.86 -80.73
CA TYR B 4159 -23.02 46.22 -79.40
C TYR B 4159 -21.83 45.28 -79.19
N TRP B 4160 -21.12 45.45 -78.08
CA TRP B 4160 -20.02 44.54 -77.74
C TRP B 4160 -20.07 44.19 -76.25
N SER B 4161 -19.47 43.06 -75.92
CA SER B 4161 -19.51 42.51 -74.54
C SER B 4161 -18.09 42.27 -74.09
N ASP B 4162 -17.66 43.01 -73.07
CA ASP B 4162 -16.30 42.87 -72.51
C ASP B 4162 -16.34 41.81 -71.41
N ALA B 4163 -15.61 40.72 -71.58
CA ALA B 4163 -15.58 39.62 -70.58
C ALA B 4163 -14.97 40.13 -69.28
N LYS B 4164 -13.84 40.85 -69.35
CA LYS B 4164 -13.12 41.31 -68.13
C LYS B 4164 -13.93 42.39 -67.41
N SER B 4165 -14.58 43.29 -68.15
CA SER B 4165 -15.37 44.39 -67.56
C SER B 4165 -16.74 43.88 -67.07
N GLN B 4166 -17.08 42.63 -67.42
CA GLN B 4166 -18.32 41.96 -66.92
C GLN B 4166 -19.54 42.80 -67.33
N ARG B 4167 -19.55 43.35 -68.55
CA ARG B 4167 -20.70 44.16 -69.00
C ARG B 4167 -20.83 44.05 -70.52
N ILE B 4168 -22.03 44.38 -71.01
CA ILE B 4168 -22.30 44.51 -72.46
C ILE B 4168 -22.89 45.91 -72.67
N GLU B 4169 -22.30 46.65 -73.61
CA GLU B 4169 -22.60 48.09 -73.75
C GLU B 4169 -22.77 48.44 -75.23
N VAL B 4170 -23.17 49.67 -75.49
CA VAL B 4170 -23.54 50.10 -76.86
C VAL B 4170 -22.94 51.49 -77.11
N ALA B 4171 -22.63 51.74 -78.38
CA ALA B 4171 -22.16 53.07 -78.83
C ALA B 4171 -22.51 53.18 -80.31
N THR B 4172 -22.45 54.40 -80.85
CA THR B 4172 -22.74 54.60 -82.29
C THR B 4172 -21.64 53.96 -83.13
N LEU B 4173 -21.88 53.76 -84.44
CA LEU B 4173 -20.91 53.04 -85.32
C LEU B 4173 -19.56 53.73 -85.34
N ASP B 4174 -19.49 55.05 -85.11
CA ASP B 4174 -18.18 55.75 -85.14
C ASP B 4174 -17.54 55.81 -83.75
N GLY B 4175 -18.18 55.24 -82.70
CA GLY B 4175 -17.53 55.09 -81.38
C GLY B 4175 -17.82 56.26 -80.45
N ARG B 4176 -18.84 57.08 -80.74
CA ARG B 4176 -19.22 58.20 -79.84
C ARG B 4176 -20.34 57.75 -78.90
N TYR B 4177 -20.53 58.53 -77.81
CA TYR B 4177 -21.67 58.39 -76.89
C TYR B 4177 -21.71 56.97 -76.30
N ARG B 4178 -20.61 56.57 -75.66
CA ARG B 4178 -20.55 55.23 -75.02
C ARG B 4178 -21.56 55.18 -73.87
N LYS B 4179 -22.38 54.14 -73.86
CA LYS B 4179 -23.34 53.90 -72.74
C LYS B 4179 -23.27 52.43 -72.32
N TRP B 4180 -23.13 52.20 -71.02
CA TRP B 4180 -23.21 50.84 -70.46
C TRP B 4180 -24.67 50.40 -70.54
N LEU B 4181 -24.93 49.21 -71.10
CA LEU B 4181 -26.32 48.76 -71.34
C LEU B 4181 -26.74 47.78 -70.24
N ILE B 4182 -26.00 46.69 -70.06
CA ILE B 4182 -26.30 45.68 -69.01
C ILE B 4182 -25.02 45.43 -68.22
N THR B 4183 -25.08 45.55 -66.89
CA THR B 4183 -23.88 45.49 -66.02
C THR B 4183 -24.08 44.57 -64.83
N THR B 4184 -25.24 43.92 -64.70
CA THR B 4184 -25.56 43.10 -63.50
C THR B 4184 -25.72 41.64 -63.91
N GLN B 4185 -25.27 40.73 -63.03
CA GLN B 4185 -25.44 39.26 -63.20
C GLN B 4185 -24.82 38.82 -64.53
N LEU B 4186 -23.58 39.26 -64.82
CA LEU B 4186 -22.82 38.79 -66.00
C LEU B 4186 -21.48 38.24 -65.51
N ASP B 4187 -21.29 36.92 -65.62
CA ASP B 4187 -20.02 36.29 -65.19
C ASP B 4187 -18.98 36.44 -66.31
N GLN B 4188 -19.24 35.86 -67.47
CA GLN B 4188 -18.34 35.96 -68.64
C GLN B 4188 -19.19 36.05 -69.89
N PRO B 4189 -19.59 37.27 -70.30
CA PRO B 4189 -20.43 37.42 -71.48
C PRO B 4189 -19.68 36.98 -72.75
N ALA B 4190 -20.23 35.96 -73.42
CA ALA B 4190 -19.68 35.44 -74.69
C ALA B 4190 -20.32 36.19 -75.87
N ALA B 4191 -20.15 35.63 -77.07
CA ALA B 4191 -20.70 36.16 -78.34
C ALA B 4191 -22.14 36.60 -78.16
N ILE B 4192 -22.50 37.73 -78.78
CA ILE B 4192 -23.89 38.26 -78.71
C ILE B 4192 -24.49 38.31 -80.12
N ALA B 4193 -25.79 38.61 -80.21
CA ALA B 4193 -26.47 38.79 -81.50
C ALA B 4193 -27.61 39.78 -81.34
N VAL B 4194 -28.04 40.37 -82.45
CA VAL B 4194 -29.14 41.38 -82.45
C VAL B 4194 -30.11 41.05 -83.58
N ASN B 4195 -31.40 41.30 -83.33
CA ASN B 4195 -32.47 41.05 -84.32
C ASN B 4195 -33.31 42.32 -84.41
N PRO B 4196 -32.92 43.30 -85.23
CA PRO B 4196 -33.66 44.56 -85.30
C PRO B 4196 -35.12 44.41 -85.72
N LYS B 4197 -35.47 43.34 -86.46
CA LYS B 4197 -36.87 43.15 -86.91
C LYS B 4197 -37.77 43.00 -85.67
N LEU B 4198 -37.35 42.19 -84.70
CA LEU B 4198 -38.14 41.95 -83.47
C LEU B 4198 -37.71 42.92 -82.36
N GLY B 4199 -36.65 43.71 -82.58
CA GLY B 4199 -36.12 44.61 -81.54
C GLY B 4199 -35.64 43.82 -80.33
N LEU B 4200 -34.95 42.71 -80.56
CA LEU B 4200 -34.47 41.83 -79.46
C LEU B 4200 -32.98 41.57 -79.64
N MET B 4201 -32.20 41.81 -78.57
CA MET B 4201 -30.77 41.44 -78.56
C MET B 4201 -30.64 40.11 -77.83
N PHE B 4202 -29.63 39.31 -78.21
CA PHE B 4202 -29.36 38.01 -77.56
C PHE B 4202 -27.88 37.97 -77.20
N TRP B 4203 -27.56 37.31 -76.07
CA TRP B 4203 -26.16 37.13 -75.67
C TRP B 4203 -26.04 35.88 -74.80
N THR B 4204 -24.81 35.38 -74.68
CA THR B 4204 -24.52 34.13 -73.96
C THR B 4204 -23.53 34.41 -72.84
N ASP B 4205 -23.74 33.75 -71.70
CA ASP B 4205 -22.79 33.81 -70.56
C ASP B 4205 -22.19 32.42 -70.41
N GLN B 4206 -20.85 32.34 -70.38
CA GLN B 4206 -20.14 31.04 -70.30
C GLN B 4206 -19.36 30.95 -68.99
N GLY B 4207 -19.81 31.66 -67.94
CA GLY B 4207 -19.15 31.64 -66.62
C GLY B 4207 -19.53 30.41 -65.82
N LYS B 4208 -19.61 30.56 -64.50
CA LYS B 4208 -19.93 29.42 -63.60
C LYS B 4208 -21.42 29.05 -63.76
N GLN B 4209 -22.26 29.98 -64.24
CA GLN B 4209 -23.71 29.71 -64.45
C GLN B 4209 -24.02 29.96 -65.92
N PRO B 4210 -23.77 29.00 -66.82
CA PRO B 4210 -24.05 29.20 -68.23
C PRO B 4210 -25.54 29.47 -68.47
N LYS B 4211 -25.83 30.40 -69.39
CA LYS B 4211 -27.22 30.76 -69.74
C LYS B 4211 -27.22 31.54 -71.06
N ILE B 4212 -28.38 31.55 -71.70
CA ILE B 4212 -28.61 32.36 -72.92
C ILE B 4212 -29.76 33.33 -72.60
N GLU B 4213 -29.47 34.62 -72.60
CA GLU B 4213 -30.47 35.64 -72.21
C GLU B 4213 -30.75 36.55 -73.41
N SER B 4214 -31.98 37.03 -73.49
CA SER B 4214 -32.41 37.99 -74.54
C SER B 4214 -33.03 39.20 -73.85
N ALA B 4215 -32.97 40.35 -74.52
CA ALA B 4215 -33.55 41.59 -73.99
C ALA B 4215 -33.82 42.54 -75.15
N TRP B 4216 -34.49 43.65 -74.84
CA TRP B 4216 -34.69 44.73 -75.83
C TRP B 4216 -33.34 45.42 -76.07
N MET B 4217 -33.22 46.05 -77.23
CA MET B 4217 -31.99 46.82 -77.54
C MET B 4217 -31.87 47.99 -76.55
N ASN B 4218 -32.99 48.44 -75.98
CA ASN B 4218 -32.95 49.48 -74.93
C ASN B 4218 -32.26 48.94 -73.68
N GLY B 4219 -32.50 47.66 -73.36
CA GLY B 4219 -31.93 47.04 -72.15
C GLY B 4219 -33.01 46.63 -71.16
N GLU B 4220 -34.29 46.90 -71.45
CA GLU B 4220 -35.39 46.54 -70.54
C GLU B 4220 -35.82 45.08 -70.82
N HIS B 4221 -36.60 44.52 -69.87
CA HIS B 4221 -37.24 43.19 -70.05
C HIS B 4221 -36.19 42.12 -70.31
N ARG B 4222 -35.05 42.21 -69.62
CA ARG B 4222 -34.02 41.15 -69.65
C ARG B 4222 -34.66 39.85 -69.14
N SER B 4223 -34.48 38.76 -69.88
CA SER B 4223 -35.04 37.44 -69.51
C SER B 4223 -34.06 36.34 -69.89
N VAL B 4224 -34.20 35.17 -69.26
CA VAL B 4224 -33.31 34.01 -69.53
C VAL B 4224 -34.05 33.04 -70.43
N LEU B 4225 -33.44 32.70 -71.56
CA LEU B 4225 -34.06 31.81 -72.58
C LEU B 4225 -33.84 30.35 -72.18
N VAL B 4226 -32.57 29.92 -72.07
CA VAL B 4226 -32.24 28.51 -71.73
C VAL B 4226 -31.05 28.52 -70.77
N SER B 4227 -31.13 27.72 -69.70
CA SER B 4227 -30.01 27.58 -68.72
C SER B 4227 -29.81 26.13 -68.32
N GLU B 4228 -30.50 25.17 -68.97
CA GLU B 4228 -30.40 23.74 -68.61
C GLU B 4228 -29.66 23.01 -69.74
N ASN B 4229 -28.87 21.99 -69.36
CA ASN B 4229 -28.11 21.16 -70.32
C ASN B 4229 -27.21 22.09 -71.16
N LEU B 4230 -26.58 23.09 -70.53
CA LEU B 4230 -25.67 24.03 -71.22
C LEU B 4230 -24.26 23.83 -70.67
N GLY B 4231 -23.28 23.74 -71.58
CA GLY B 4231 -21.86 23.64 -71.22
C GLY B 4231 -21.18 25.00 -71.31
N TRP B 4232 -20.48 25.23 -72.43
CA TRP B 4232 -19.82 26.53 -72.72
C TRP B 4232 -20.49 27.16 -73.93
N PRO B 4233 -21.65 27.84 -73.78
CA PRO B 4233 -22.26 28.52 -74.91
C PRO B 4233 -21.41 29.73 -75.33
N ASN B 4234 -20.70 29.59 -76.45
CA ASN B 4234 -19.62 30.55 -76.83
C ASN B 4234 -19.88 31.17 -78.20
N GLY B 4235 -20.81 30.61 -78.99
CA GLY B 4235 -21.15 31.20 -80.31
C GLY B 4235 -22.64 31.14 -80.55
N LEU B 4236 -23.23 32.26 -80.97
CA LEU B 4236 -24.70 32.33 -81.16
C LEU B 4236 -25.02 32.99 -82.50
N SER B 4237 -26.08 32.53 -83.18
CA SER B 4237 -26.49 33.06 -84.49
C SER B 4237 -27.99 32.92 -84.66
N ILE B 4238 -28.63 33.88 -85.34
CA ILE B 4238 -30.11 33.87 -85.49
C ILE B 4238 -30.46 33.58 -86.95
N ASP B 4239 -31.45 32.70 -87.14
CA ASP B 4239 -31.97 32.40 -88.49
C ASP B 4239 -33.10 33.39 -88.76
N TYR B 4240 -32.78 34.52 -89.41
CA TYR B 4240 -33.76 35.61 -89.63
C TYR B 4240 -34.90 35.12 -90.55
N LEU B 4241 -34.57 34.30 -91.56
CA LEU B 4241 -35.56 33.96 -92.61
C LEU B 4241 -36.44 32.79 -92.16
N ASN B 4242 -36.18 32.17 -91.01
CA ASN B 4242 -36.98 31.02 -90.55
C ASN B 4242 -37.53 31.31 -89.14
N ASP B 4243 -38.64 32.03 -89.07
CA ASP B 4243 -39.38 32.30 -87.80
C ASP B 4243 -38.45 32.97 -86.77
N ASP B 4244 -37.38 33.62 -87.23
CA ASP B 4244 -36.38 34.28 -86.34
C ASP B 4244 -35.89 33.27 -85.29
N ARG B 4245 -35.68 32.02 -85.72
CA ARG B 4245 -35.21 30.94 -84.82
C ARG B 4245 -33.76 31.25 -84.41
N VAL B 4246 -33.40 30.82 -83.20
CA VAL B 4246 -32.05 31.08 -82.63
C VAL B 4246 -31.28 29.76 -82.55
N TYR B 4247 -30.05 29.77 -83.06
CA TYR B 4247 -29.11 28.63 -82.92
C TYR B 4247 -27.92 29.08 -82.06
N TRP B 4248 -27.28 28.13 -81.39
CA TRP B 4248 -26.06 28.44 -80.60
C TRP B 4248 -25.12 27.24 -80.62
N SER B 4249 -23.85 27.50 -80.35
CA SER B 4249 -22.79 26.46 -80.38
C SER B 4249 -22.24 26.27 -78.97
N ASP B 4250 -22.19 25.02 -78.52
CA ASP B 4250 -21.66 24.67 -77.18
C ASP B 4250 -20.35 23.91 -77.38
N SER B 4251 -19.23 24.53 -76.97
CA SER B 4251 -17.87 23.96 -77.21
C SER B 4251 -17.53 22.93 -76.12
N LYS B 4252 -18.32 22.84 -75.04
CA LYS B 4252 -18.02 21.87 -73.95
C LYS B 4252 -18.89 20.61 -74.11
N GLU B 4253 -20.21 20.79 -74.26
CA GLU B 4253 -21.13 19.64 -74.49
C GLU B 4253 -20.90 19.05 -75.90
N ASP B 4254 -20.26 19.82 -76.80
CA ASP B 4254 -19.97 19.37 -78.18
C ASP B 4254 -21.29 19.13 -78.91
N VAL B 4255 -22.10 20.18 -79.04
CA VAL B 4255 -23.43 20.09 -79.70
C VAL B 4255 -23.83 21.49 -80.17
N ILE B 4256 -24.72 21.53 -81.16
CA ILE B 4256 -25.32 22.80 -81.64
C ILE B 4256 -26.85 22.63 -81.59
N GLU B 4257 -27.51 23.55 -80.89
CA GLU B 4257 -28.97 23.42 -80.63
C GLU B 4257 -29.69 24.65 -81.19
N ALA B 4258 -31.01 24.52 -81.38
CA ALA B 4258 -31.86 25.59 -81.92
C ALA B 4258 -33.12 25.73 -81.08
N ILE B 4259 -33.48 26.96 -80.74
CA ILE B 4259 -34.67 27.26 -79.92
C ILE B 4259 -35.38 28.45 -80.56
N LYS B 4260 -36.72 28.48 -80.44
CA LYS B 4260 -37.50 29.65 -80.92
C LYS B 4260 -37.17 30.85 -80.05
N TYR B 4261 -37.34 32.05 -80.62
CA TYR B 4261 -36.85 33.31 -79.99
C TYR B 4261 -37.54 33.51 -78.63
N ASP B 4262 -38.68 32.87 -78.39
CA ASP B 4262 -39.37 32.97 -77.08
C ASP B 4262 -38.86 31.90 -76.11
N GLY B 4263 -38.21 30.83 -76.60
CA GLY B 4263 -37.53 29.83 -75.73
C GLY B 4263 -38.25 28.51 -75.66
N THR B 4264 -39.30 28.28 -76.47
CA THR B 4264 -39.99 26.97 -76.52
C THR B 4264 -39.40 26.12 -77.64
N ASP B 4265 -39.75 24.82 -77.65
CA ASP B 4265 -39.38 23.87 -78.71
C ASP B 4265 -37.85 23.80 -78.83
N ARG B 4266 -37.19 23.37 -77.77
CA ARG B 4266 -35.72 23.14 -77.80
C ARG B 4266 -35.44 21.79 -78.47
N ARG B 4267 -34.50 21.79 -79.41
CA ARG B 4267 -34.09 20.53 -80.08
C ARG B 4267 -32.63 20.65 -80.49
N LEU B 4268 -31.83 19.61 -80.21
CA LEU B 4268 -30.40 19.59 -80.66
C LEU B 4268 -30.41 19.38 -82.18
N ILE B 4269 -29.63 20.19 -82.89
CA ILE B 4269 -29.59 20.10 -84.39
C ILE B 4269 -28.55 19.05 -84.77
N ILE B 4270 -27.29 19.26 -84.38
CA ILE B 4270 -26.20 18.30 -84.69
C ILE B 4270 -25.44 18.04 -83.39
N ASN B 4271 -25.06 16.79 -83.17
CA ASN B 4271 -24.14 16.40 -82.07
C ASN B 4271 -22.82 15.96 -82.68
N GLU B 4272 -21.90 15.47 -81.83
CA GLU B 4272 -20.49 15.15 -82.21
C GLU B 4272 -19.97 16.22 -83.17
N ALA B 4273 -20.12 17.51 -82.80
CA ALA B 4273 -19.69 18.65 -83.65
C ALA B 4273 -18.21 18.96 -83.44
N MET B 4274 -17.47 18.15 -82.65
CA MET B 4274 -16.02 18.33 -82.39
C MET B 4274 -15.75 19.75 -81.90
N LYS B 4275 -16.49 20.17 -80.86
CA LYS B 4275 -16.22 21.42 -80.10
C LYS B 4275 -16.36 22.63 -81.03
N PRO B 4276 -17.57 22.97 -81.51
CA PRO B 4276 -17.74 24.16 -82.35
C PRO B 4276 -17.42 25.42 -81.55
N PHE B 4277 -16.73 26.37 -82.18
CA PHE B 4277 -16.29 27.60 -81.50
C PHE B 4277 -17.17 28.80 -81.85
N SER B 4278 -17.88 28.70 -82.96
CA SER B 4278 -18.52 29.87 -83.60
C SER B 4278 -19.48 29.26 -84.59
N LEU B 4279 -20.58 29.93 -84.91
CA LEU B 4279 -21.43 29.37 -85.99
C LEU B 4279 -22.07 30.51 -86.77
N ASP B 4280 -22.53 30.17 -87.97
CA ASP B 4280 -23.34 31.10 -88.78
C ASP B 4280 -24.27 30.28 -89.68
N ILE B 4281 -25.42 30.86 -90.00
CA ILE B 4281 -26.48 30.16 -90.76
C ILE B 4281 -26.62 30.88 -92.08
N PHE B 4282 -26.64 30.12 -93.18
CA PHE B 4282 -26.87 30.72 -94.50
C PHE B 4282 -27.50 29.69 -95.43
N GLU B 4283 -28.52 30.09 -96.21
CA GLU B 4283 -29.26 29.16 -97.09
C GLU B 4283 -29.77 28.00 -96.23
N ASP B 4284 -29.73 26.77 -96.74
CA ASP B 4284 -30.27 25.58 -96.04
C ASP B 4284 -29.16 24.84 -95.31
N LYS B 4285 -28.06 25.53 -94.97
CA LYS B 4285 -26.89 24.86 -94.37
C LYS B 4285 -26.38 25.68 -93.19
N LEU B 4286 -25.68 25.01 -92.26
CA LEU B 4286 -25.15 25.66 -91.04
C LEU B 4286 -23.62 25.52 -91.05
N TYR B 4287 -22.90 26.57 -90.68
CA TYR B 4287 -21.42 26.56 -90.68
C TYR B 4287 -20.88 26.69 -89.26
N TRP B 4288 -19.78 26.00 -88.95
CA TRP B 4288 -19.09 26.20 -87.67
C TRP B 4288 -17.60 25.88 -87.77
N VAL B 4289 -16.84 26.31 -86.77
CA VAL B 4289 -15.38 26.06 -86.69
C VAL B 4289 -15.15 24.98 -85.65
N ALA B 4290 -14.58 23.82 -86.03
CA ALA B 4290 -14.15 22.80 -85.06
C ALA B 4290 -12.85 23.29 -84.42
N LYS B 4291 -12.89 23.76 -83.17
CA LYS B 4291 -11.90 24.74 -82.65
C LYS B 4291 -10.45 24.23 -82.78
N GLU B 4292 -10.11 23.11 -82.12
CA GLU B 4292 -8.67 22.74 -81.99
C GLU B 4292 -8.14 22.15 -83.29
N LYS B 4293 -9.02 21.58 -84.12
CA LYS B 4293 -8.65 21.06 -85.46
C LYS B 4293 -8.39 22.21 -86.44
N GLY B 4294 -8.88 23.43 -86.17
CA GLY B 4294 -8.78 24.58 -87.10
C GLY B 4294 -9.61 24.36 -88.36
N GLU B 4295 -10.58 23.43 -88.37
CA GLU B 4295 -11.34 23.11 -89.60
C GLU B 4295 -12.66 23.89 -89.64
N VAL B 4296 -13.14 24.19 -90.85
CA VAL B 4296 -14.49 24.78 -91.04
C VAL B 4296 -15.42 23.69 -91.57
N TRP B 4297 -16.53 23.49 -90.88
CA TRP B 4297 -17.44 22.36 -91.12
C TRP B 4297 -18.85 22.87 -91.44
N ARG B 4298 -19.60 22.05 -92.17
CA ARG B 4298 -20.85 22.47 -92.83
C ARG B 4298 -21.83 21.30 -92.80
N GLN B 4299 -23.13 21.61 -92.72
CA GLN B 4299 -24.17 20.58 -92.52
C GLN B 4299 -25.52 21.21 -92.81
N ASN B 4300 -26.48 20.38 -93.20
CA ASN B 4300 -27.90 20.79 -93.34
C ASN B 4300 -28.33 21.44 -92.01
N LYS B 4301 -28.95 22.61 -92.08
CA LYS B 4301 -29.26 23.41 -90.87
C LYS B 4301 -30.46 22.82 -90.13
N PHE B 4302 -31.15 21.80 -90.69
CA PHE B 4302 -32.31 21.19 -90.03
C PHE B 4302 -31.94 19.86 -89.36
N GLY B 4303 -30.64 19.52 -89.30
CA GLY B 4303 -30.16 18.36 -88.52
C GLY B 4303 -30.10 17.08 -89.33
N LYS B 4304 -30.55 17.10 -90.60
CA LYS B 4304 -30.58 15.88 -91.43
C LYS B 4304 -29.23 15.67 -92.11
N GLU B 4305 -29.14 14.67 -92.99
CA GLU B 4305 -27.95 14.41 -93.83
C GLU B 4305 -26.72 14.16 -92.95
N ASN B 4306 -25.53 14.33 -93.54
CA ASN B 4306 -24.25 14.07 -92.84
C ASN B 4306 -23.33 15.28 -93.02
N LYS B 4307 -22.39 15.41 -92.09
CA LYS B 4307 -21.49 16.58 -92.02
C LYS B 4307 -20.59 16.63 -93.26
N GLU B 4308 -20.13 17.84 -93.61
CA GLU B 4308 -19.19 18.07 -94.72
C GLU B 4308 -18.07 18.99 -94.25
N LYS B 4309 -16.83 18.77 -94.70
CA LYS B 4309 -15.70 19.66 -94.34
C LYS B 4309 -15.45 20.64 -95.49
N VAL B 4310 -15.31 21.92 -95.16
CA VAL B 4310 -15.10 22.98 -96.19
C VAL B 4310 -13.61 23.20 -96.40
N LEU B 4311 -12.86 23.53 -95.34
CA LEU B 4311 -11.42 23.89 -95.47
C LEU B 4311 -10.71 23.79 -94.12
N VAL B 4312 -9.38 23.89 -94.12
CA VAL B 4312 -8.57 23.72 -92.88
C VAL B 4312 -7.63 24.90 -92.73
N VAL B 4313 -7.63 25.51 -91.54
CA VAL B 4313 -6.90 26.75 -91.23
C VAL B 4313 -6.22 26.60 -89.87
N ASN B 4314 -5.50 27.63 -89.45
CA ASN B 4314 -4.72 27.65 -88.19
C ASN B 4314 -5.61 27.30 -86.99
N PRO B 4315 -5.06 26.78 -85.87
CA PRO B 4315 -5.77 26.77 -84.60
C PRO B 4315 -6.01 28.19 -84.06
N TRP B 4316 -5.34 29.20 -84.65
CA TRP B 4316 -5.67 30.65 -84.47
C TRP B 4316 -7.03 31.03 -85.05
N LEU B 4317 -7.78 30.16 -85.74
CA LEU B 4317 -9.10 30.54 -86.28
C LEU B 4317 -10.08 30.82 -85.13
N THR B 4318 -10.77 31.97 -85.16
CA THR B 4318 -11.64 32.41 -84.04
C THR B 4318 -13.11 32.63 -84.43
N GLN B 4319 -13.48 32.47 -85.71
CA GLN B 4319 -14.88 32.68 -86.12
C GLN B 4319 -15.08 32.06 -87.51
N VAL B 4320 -16.33 31.83 -87.91
CA VAL B 4320 -16.68 31.85 -89.34
C VAL B 4320 -17.88 32.78 -89.44
N ARG B 4321 -17.94 33.63 -90.47
CA ARG B 4321 -19.13 34.49 -90.67
C ARG B 4321 -19.40 34.59 -92.16
N ILE B 4322 -20.64 34.33 -92.60
CA ILE B 4322 -20.95 34.42 -94.04
C ILE B 4322 -21.12 35.90 -94.38
N PHE B 4323 -20.27 36.39 -95.26
CA PHE B 4323 -20.35 37.77 -95.78
C PHE B 4323 -21.25 37.79 -97.01
N HIS B 4324 -22.52 38.11 -96.81
CA HIS B 4324 -23.54 38.20 -97.89
C HIS B 4324 -24.64 39.20 -97.46
N GLN B 4325 -25.38 39.75 -98.44
CA GLN B 4325 -26.38 40.79 -98.12
C GLN B 4325 -27.69 40.17 -97.66
N LEU B 4326 -28.05 38.98 -98.17
CA LEU B 4326 -29.35 38.36 -97.79
C LEU B 4326 -29.33 37.91 -96.32
N ARG B 4327 -28.11 37.78 -95.78
CA ARG B 4327 -27.80 37.39 -94.39
C ARG B 4327 -28.30 38.43 -93.39
N TYR B 4328 -28.34 39.71 -93.79
CA TYR B 4328 -28.93 40.80 -92.98
C TYR B 4328 -29.90 41.59 -93.86
N ASN B 4329 -31.21 41.45 -93.61
CA ASN B 4329 -32.27 42.07 -94.46
C ASN B 4329 -32.07 43.60 -94.45
N GLN B 4330 -31.70 44.17 -95.59
CA GLN B 4330 -31.32 45.60 -95.68
C GLN B 4330 -32.56 46.50 -95.77
N SER B 4331 -33.74 45.93 -96.04
CA SER B 4331 -34.98 46.72 -96.23
C SER B 4331 -35.76 46.83 -94.92
N VAL B 4332 -35.08 46.77 -93.76
CA VAL B 4332 -35.76 46.94 -92.46
C VAL B 4332 -35.63 48.40 -92.06
N SER B 4333 -36.74 49.14 -92.15
CA SER B 4333 -36.77 50.60 -91.89
C SER B 4333 -36.49 50.89 -90.41
N ASN B 4334 -35.66 51.90 -90.14
CA ASN B 4334 -35.41 52.34 -88.74
C ASN B 4334 -36.61 53.16 -88.28
N PRO B 4335 -37.32 52.77 -87.20
CA PRO B 4335 -38.47 53.55 -86.73
C PRO B 4335 -38.12 54.92 -86.14
N CYS B 4336 -36.83 55.22 -85.92
CA CYS B 4336 -36.41 56.47 -85.26
C CYS B 4336 -36.88 57.67 -86.09
N LYS B 4337 -37.42 58.68 -85.40
CA LYS B 4337 -37.94 59.91 -86.06
C LYS B 4337 -36.94 61.06 -85.90
N GLN B 4338 -35.66 60.75 -85.62
CA GLN B 4338 -34.57 61.76 -85.53
C GLN B 4338 -34.80 62.66 -84.30
N VAL B 4339 -35.84 62.37 -83.52
CA VAL B 4339 -36.18 63.17 -82.32
C VAL B 4339 -35.04 63.09 -81.30
N CYS B 4340 -34.48 61.89 -81.10
CA CYS B 4340 -33.47 61.63 -80.04
C CYS B 4340 -32.25 62.54 -80.25
N SER B 4341 -31.69 63.03 -79.15
CA SER B 4341 -30.53 63.95 -79.15
C SER B 4341 -29.24 63.18 -79.48
N HIS B 4342 -28.95 62.11 -78.72
CA HIS B 4342 -27.64 61.42 -78.84
C HIS B 4342 -27.84 60.00 -79.43
N LEU B 4343 -28.60 59.15 -78.73
CA LEU B 4343 -28.80 57.75 -79.18
C LEU B 4343 -30.29 57.47 -79.34
N CYS B 4344 -30.62 56.66 -80.33
CA CYS B 4344 -32.01 56.20 -80.56
C CYS B 4344 -32.00 54.69 -80.64
N LEU B 4345 -32.06 54.02 -79.49
CA LEU B 4345 -32.05 52.54 -79.44
C LEU B 4345 -33.40 52.01 -79.93
N LEU B 4346 -33.40 50.76 -80.39
CA LEU B 4346 -34.65 50.10 -80.84
C LEU B 4346 -35.31 49.35 -79.69
N ARG B 4347 -36.60 49.04 -79.88
CA ARG B 4347 -37.36 48.13 -78.99
C ARG B 4347 -38.54 47.57 -79.78
N PRO B 4348 -39.17 46.46 -79.34
CA PRO B 4348 -40.27 45.86 -80.09
C PRO B 4348 -41.39 46.84 -80.46
N GLY B 4349 -41.53 47.04 -81.79
CA GLY B 4349 -42.54 47.92 -82.39
C GLY B 4349 -42.21 49.40 -82.27
N GLY B 4350 -40.99 49.80 -81.87
CA GLY B 4350 -40.68 51.24 -81.76
C GLY B 4350 -39.24 51.50 -81.38
N TYR B 4351 -38.98 52.59 -80.65
CA TYR B 4351 -37.60 53.02 -80.31
C TYR B 4351 -37.60 53.67 -78.93
N SER B 4352 -36.44 54.17 -78.49
CA SER B 4352 -36.33 54.89 -77.21
C SER B 4352 -35.08 55.77 -77.22
N CYS B 4353 -35.07 56.77 -76.34
CA CYS B 4353 -33.99 57.77 -76.23
C CYS B 4353 -33.03 57.36 -75.10
N ALA B 4354 -31.75 57.67 -75.27
CA ALA B 4354 -30.73 57.47 -74.23
C ALA B 4354 -29.56 58.41 -74.49
N CYS B 4355 -28.73 58.59 -73.47
CA CYS B 4355 -27.53 59.46 -73.56
C CYS B 4355 -26.35 58.77 -72.90
N PRO B 4356 -25.10 59.19 -73.21
CA PRO B 4356 -23.92 58.48 -72.74
C PRO B 4356 -23.86 58.26 -71.23
N GLN B 4357 -22.98 57.33 -70.84
CA GLN B 4357 -22.79 56.99 -69.41
C GLN B 4357 -22.27 58.22 -68.67
N GLY B 4358 -22.67 58.35 -67.40
CA GLY B 4358 -22.29 59.52 -66.57
C GLY B 4358 -22.94 60.80 -67.08
N SER B 4359 -24.21 60.69 -67.51
CA SER B 4359 -25.04 61.86 -67.89
C SER B 4359 -26.51 61.50 -67.70
N ASP B 4360 -27.38 62.51 -67.61
CA ASP B 4360 -28.82 62.29 -67.40
C ASP B 4360 -29.62 63.27 -68.25
N PHE B 4361 -30.92 63.00 -68.41
CA PHE B 4361 -31.84 63.85 -69.17
C PHE B 4361 -31.95 65.21 -68.49
N VAL B 4362 -32.12 66.25 -69.32
CA VAL B 4362 -32.53 67.59 -68.80
C VAL B 4362 -33.87 67.43 -68.09
N THR B 4363 -33.98 68.00 -66.89
CA THR B 4363 -35.14 67.79 -65.99
C THR B 4363 -36.44 68.13 -66.74
N GLY B 4364 -37.38 67.19 -66.70
CA GLY B 4364 -38.72 67.36 -67.30
C GLY B 4364 -38.81 66.82 -68.72
N SER B 4365 -37.68 66.56 -69.39
CA SER B 4365 -37.67 66.05 -70.79
C SER B 4365 -37.10 64.62 -70.81
N THR B 4366 -37.60 63.79 -71.73
CA THR B 4366 -37.12 62.41 -71.94
C THR B 4366 -36.47 62.30 -73.32
N VAL B 4367 -35.93 63.41 -73.85
CA VAL B 4367 -35.24 63.37 -75.18
C VAL B 4367 -33.86 64.01 -75.07
N GLN B 4368 -33.80 65.28 -74.64
CA GLN B 4368 -32.52 66.03 -74.56
C GLN B 4368 -31.77 65.62 -73.29
N CYS B 4369 -30.45 65.39 -73.44
CA CYS B 4369 -29.55 65.10 -72.29
C CYS B 4369 -28.46 66.16 -72.22
N ASP B 4370 -27.95 66.40 -71.02
CA ASP B 4370 -27.08 67.57 -70.71
C ASP B 4370 -25.71 67.43 -71.38
N ALA B 4371 -25.27 66.21 -71.70
CA ALA B 4371 -23.91 65.97 -72.25
C ALA B 4371 -23.79 66.66 -73.61
N ALA B 4372 -22.66 67.35 -73.82
CA ALA B 4372 -22.38 68.08 -75.06
C ALA B 4372 -22.29 67.09 -76.23
N SER B 4373 -22.89 67.46 -77.36
CA SER B 4373 -22.86 66.63 -78.59
C SER B 4373 -21.44 66.62 -79.17
N GLU B 4374 -21.14 65.59 -79.95
CA GLU B 4374 -19.83 65.43 -80.63
C GLU B 4374 -20.07 65.20 -82.11
N LEU B 4375 -19.19 65.78 -82.96
CA LEU B 4375 -19.35 65.67 -84.43
C LEU B 4375 -19.08 64.22 -84.86
N PRO B 4376 -19.76 63.73 -85.89
CA PRO B 4376 -19.47 62.40 -86.42
C PRO B 4376 -18.04 62.31 -86.98
N VAL B 4377 -17.44 61.12 -86.85
CA VAL B 4377 -16.02 60.92 -87.22
C VAL B 4377 -15.96 60.64 -88.72
N THR B 4378 -14.97 61.25 -89.38
CA THR B 4378 -14.79 61.11 -90.84
C THR B 4378 -13.88 59.91 -91.11
N MET B 4379 -14.36 58.97 -91.93
CA MET B 4379 -13.59 57.77 -92.33
C MET B 4379 -12.76 58.11 -93.59
N PRO B 4380 -11.45 57.77 -93.64
CA PRO B 4380 -10.59 58.13 -94.77
C PRO B 4380 -11.06 57.46 -96.06
N PRO B 4381 -10.79 58.07 -97.24
CA PRO B 4381 -11.22 57.50 -98.51
C PRO B 4381 -10.60 56.12 -98.74
N PRO B 4382 -11.36 55.18 -99.32
CA PRO B 4382 -10.85 53.84 -99.57
C PRO B 4382 -10.21 53.65 -100.95
N CYS B 4383 -9.55 52.51 -101.13
CA CYS B 4383 -9.02 52.10 -102.46
C CYS B 4383 -10.09 51.29 -103.18
N ARG B 4384 -10.36 51.64 -104.45
CA ARG B 4384 -11.43 50.99 -105.24
C ARG B 4384 -10.93 50.74 -106.66
N CYS B 4385 -10.32 49.57 -106.89
CA CYS B 4385 -9.95 49.13 -108.26
C CYS B 4385 -10.58 47.75 -108.45
N MET B 4386 -11.67 47.69 -109.21
CA MET B 4386 -12.58 46.52 -109.19
C MET B 4386 -11.99 45.38 -110.04
N HIS B 4387 -11.84 45.58 -111.36
CA HIS B 4387 -11.46 44.45 -112.24
C HIS B 4387 -9.95 44.23 -112.23
N GLY B 4388 -9.19 45.18 -111.67
CA GLY B 4388 -7.74 45.05 -111.46
C GLY B 4388 -7.12 46.42 -111.27
N GLY B 4389 -5.77 46.48 -111.34
CA GLY B 4389 -5.00 47.71 -111.13
C GLY B 4389 -4.56 47.85 -109.69
N ASN B 4390 -3.64 48.79 -109.42
CA ASN B 4390 -3.05 48.96 -108.08
C ASN B 4390 -3.38 50.36 -107.55
N CYS B 4391 -3.73 50.43 -106.27
CA CYS B 4391 -4.02 51.71 -105.57
C CYS B 4391 -2.69 52.46 -105.37
N TYR B 4392 -2.78 53.78 -105.24
CA TYR B 4392 -1.59 54.64 -105.10
C TYR B 4392 -1.98 55.91 -104.34
N PHE B 4393 -1.05 56.40 -103.52
CA PHE B 4393 -1.25 57.61 -102.70
C PHE B 4393 -0.58 58.80 -103.37
N ASP B 4394 -1.37 59.82 -103.71
CA ASP B 4394 -0.87 61.05 -104.37
C ASP B 4394 -0.29 61.99 -103.31
N GLU B 4395 -0.07 63.27 -103.68
CA GLU B 4395 0.55 64.27 -102.77
C GLU B 4395 -0.33 64.44 -101.53
N ASN B 4396 -1.66 64.49 -101.70
CA ASN B 4396 -2.60 64.64 -100.55
C ASN B 4396 -3.18 63.28 -100.17
N GLU B 4397 -2.52 62.18 -100.58
CA GLU B 4397 -2.86 60.80 -100.15
C GLU B 4397 -4.26 60.38 -100.60
N LEU B 4398 -4.81 60.97 -101.66
CA LEU B 4398 -6.09 60.44 -102.21
C LEU B 4398 -5.76 59.16 -102.97
N PRO B 4399 -6.57 58.09 -102.84
CA PRO B 4399 -6.36 56.86 -103.61
C PRO B 4399 -6.59 57.08 -105.11
N LYS B 4400 -5.84 56.35 -105.93
CA LYS B 4400 -5.97 56.39 -107.41
C LYS B 4400 -5.47 55.06 -107.98
N CYS B 4401 -6.17 54.54 -108.99
CA CYS B 4401 -5.88 53.20 -109.56
C CYS B 4401 -5.13 53.35 -110.88
N LYS B 4402 -4.15 52.47 -111.12
CA LYS B 4402 -3.49 52.34 -112.44
C LYS B 4402 -4.19 51.21 -113.19
N CYS B 4403 -5.16 51.55 -114.03
CA CYS B 4403 -6.07 50.56 -114.67
C CYS B 4403 -5.25 49.56 -115.49
N SER B 4404 -5.70 48.30 -115.47
CA SER B 4404 -5.08 47.18 -116.20
C SER B 4404 -5.46 47.25 -117.69
N SER B 4405 -5.02 46.24 -118.46
CA SER B 4405 -5.29 46.16 -119.91
C SER B 4405 -6.79 45.94 -120.14
N GLY B 4406 -7.33 46.62 -121.16
CA GLY B 4406 -8.72 46.44 -121.62
C GLY B 4406 -9.75 46.93 -120.60
N TYR B 4407 -9.37 47.87 -119.72
CA TYR B 4407 -10.31 48.51 -118.78
C TYR B 4407 -9.89 49.95 -118.55
N SER B 4408 -10.88 50.83 -118.33
CA SER B 4408 -10.65 52.28 -118.16
C SER B 4408 -11.61 52.84 -117.11
N GLY B 4409 -11.48 54.14 -116.81
CA GLY B 4409 -12.29 54.81 -115.77
C GLY B 4409 -11.44 55.16 -114.56
N GLU B 4410 -11.99 56.00 -113.67
CA GLU B 4410 -11.28 56.42 -112.44
C GLU B 4410 -11.03 55.19 -111.57
N TYR B 4411 -11.96 54.23 -111.55
CA TYR B 4411 -11.85 53.02 -110.70
C TYR B 4411 -11.78 51.76 -111.57
N CYS B 4412 -11.52 51.90 -112.88
CA CYS B 4412 -11.36 50.74 -113.80
C CYS B 4412 -12.62 49.88 -113.78
N GLU B 4413 -13.77 50.48 -114.11
CA GLU B 4413 -15.09 49.77 -114.03
C GLU B 4413 -15.45 49.17 -115.39
N VAL B 4414 -15.35 49.97 -116.47
CA VAL B 4414 -15.80 49.55 -117.82
C VAL B 4414 -14.59 49.49 -118.74
N GLY B 4415 -14.55 48.46 -119.60
CA GLY B 4415 -13.50 48.29 -120.62
C GLY B 4415 -13.81 47.12 -121.56
N UNK C 1 10.45 -48.09 69.71
CA UNK C 1 9.34 -48.17 70.68
C UNK C 1 9.68 -49.20 71.78
N UNK C 2 9.43 -48.81 73.06
CA UNK C 2 9.62 -49.70 74.24
C UNK C 2 8.55 -50.81 74.21
N LEU C 3 8.87 -51.97 74.81
CA LEU C 3 8.07 -53.20 74.60
C LEU C 3 6.71 -53.09 75.30
N UNK C 4 6.68 -52.60 76.56
CA UNK C 4 5.46 -52.58 77.41
C UNK C 4 4.34 -51.85 76.65
N UNK C 5 3.20 -52.55 76.48
CA UNK C 5 2.03 -52.06 75.70
C UNK C 5 1.47 -50.78 76.33
N UNK C 6 1.72 -50.56 77.64
CA UNK C 6 1.22 -49.41 78.43
C UNK C 6 1.72 -48.09 77.81
N UNK D 1 2.28 -37.40 105.51
CA UNK D 1 3.60 -38.07 105.77
C UNK D 1 3.76 -39.31 104.87
N CYS D 2 2.72 -40.21 104.84
CA CYS D 2 2.64 -41.43 103.98
C CYS D 2 2.85 -41.03 102.50
N UNK D 3 2.09 -40.01 101.99
CA UNK D 3 2.12 -39.54 100.59
C UNK D 3 1.89 -40.72 99.62
N UNK E 1 -8.82 -6.99 91.20
CA UNK E 1 -9.23 -8.05 92.16
C UNK E 1 -8.82 -7.66 93.58
N GLU E 2 -9.36 -8.35 94.59
CA GLU E 2 -8.99 -8.09 96.00
C GLU E 2 -8.66 -9.41 96.70
N GLU E 3 -9.42 -10.49 96.44
CA GLU E 3 -9.16 -11.80 97.08
C GLU E 3 -9.86 -12.92 96.30
N UNK E 4 -9.06 -13.86 95.78
CA UNK E 4 -9.52 -15.09 95.10
C UNK E 4 -8.40 -16.14 95.20
N UNK E 5 -8.76 -17.37 95.63
CA UNK E 5 -7.82 -18.51 95.74
C UNK E 5 -8.62 -19.82 95.82
N UNK F 1 -10.48 -3.69 67.81
CA UNK F 1 -9.55 -3.32 66.71
C UNK F 1 -10.27 -2.51 65.62
N UNK F 2 -11.02 -3.19 64.72
CA UNK F 2 -11.66 -2.57 63.52
C UNK F 2 -12.83 -1.66 63.90
N ASN F 3 -13.12 -0.66 63.03
CA ASN F 3 -14.21 0.34 63.24
C ASN F 3 -15.56 -0.28 62.85
N UNK F 4 -16.03 -1.29 63.62
CA UNK F 4 -17.33 -1.95 63.38
C UNK F 4 -18.05 -2.21 64.72
N UNK F 5 -19.40 -2.30 64.66
CA UNK F 5 -20.27 -2.49 65.84
C UNK F 5 -19.91 -3.78 66.58
N UNK G 1 -4.38 0.01 85.63
CA UNK G 1 -3.12 -0.51 86.22
C UNK G 1 -3.11 -0.28 87.73
N UNK G 2 -2.83 -1.35 88.50
CA UNK G 2 -2.70 -1.31 89.98
C UNK G 2 -1.54 -0.37 90.35
N LEU G 3 -1.72 0.40 91.44
CA LEU G 3 -0.87 1.58 91.74
C LEU G 3 0.54 1.12 92.14
N UNK G 4 0.69 -0.02 92.85
CA UNK G 4 1.99 -0.48 93.40
C UNK G 4 3.01 -0.66 92.26
N UNK G 5 4.25 -0.17 92.46
CA UNK G 5 5.27 -0.05 91.39
C UNK G 5 5.80 -1.42 90.97
N UNK G 6 5.95 -2.36 91.95
CA UNK G 6 6.41 -3.74 91.73
C UNK G 6 5.51 -4.46 90.71
N UNK H 1 7.99 -29.06 109.22
CA UNK H 1 7.01 -28.43 108.31
C UNK H 1 7.36 -26.96 108.09
N CYS H 2 7.08 -26.08 109.09
CA CYS H 2 7.19 -24.60 108.97
C CYS H 2 6.58 -24.14 107.64
N UNK H 3 7.40 -23.54 106.75
CA UNK H 3 6.94 -23.00 105.45
C UNK H 3 5.75 -22.05 105.67
N UNK I 1 16.27 -45.78 77.70
CA UNK I 1 15.20 -46.64 78.30
C UNK I 1 15.72 -47.30 79.59
N GLU I 2 16.34 -46.51 80.49
CA GLU I 2 16.94 -47.03 81.74
C GLU I 2 16.71 -46.02 82.87
N GLU I 3 17.45 -46.15 83.98
CA GLU I 3 17.27 -45.35 85.21
C GLU I 3 17.97 -43.99 85.07
N UNK I 4 17.25 -42.92 85.46
CA UNK I 4 17.75 -41.53 85.61
C UNK I 4 16.90 -40.83 86.68
N UNK I 5 17.45 -39.73 87.23
CA UNK I 5 16.83 -38.94 88.33
C UNK I 5 15.47 -38.39 87.88
N UNK J 1 11.14 -35.71 53.51
CA UNK J 1 12.55 -35.54 53.93
C UNK J 1 13.38 -34.83 52.85
N UNK J 2 14.53 -34.26 53.26
CA UNK J 2 15.60 -33.80 52.35
C UNK J 2 16.39 -35.01 51.82
N ASN J 3 17.10 -34.83 50.69
CA ASN J 3 17.96 -35.90 50.09
C ASN J 3 19.42 -35.46 50.00
N UNK J 4 19.74 -34.20 50.37
CA UNK J 4 21.13 -33.68 50.48
C UNK J 4 21.88 -34.34 51.66
N UNK J 5 23.24 -34.34 51.59
CA UNK J 5 24.14 -35.00 52.57
C UNK J 5 23.87 -34.47 53.99
N UNK K 1 -44.89 92.47 6.42
CA UNK K 1 -46.14 92.87 5.72
C UNK K 1 -47.07 93.60 6.70
N UNK K 2 -47.50 94.82 6.33
CA UNK K 2 -48.43 95.66 7.13
C UNK K 2 -49.87 95.51 6.62
N UNK K 3 -50.10 94.69 5.57
CA UNK K 3 -51.44 94.44 4.99
C UNK K 3 -52.16 93.36 5.78
N UNK K 4 -51.54 92.82 6.86
CA UNK K 4 -52.12 91.74 7.68
C UNK K 4 -52.85 92.36 8.87
N UNK K 5 -54.07 91.87 9.13
CA UNK K 5 -54.99 92.40 10.17
C UNK K 5 -54.32 92.42 11.54
N UNK K 6 -53.97 91.22 12.07
CA UNK K 6 -53.42 91.06 13.43
C UNK K 6 -51.94 90.69 13.35
N UNK L 1 -31.06 68.33 9.40
CA UNK L 1 -31.62 67.56 10.53
C UNK L 1 -33.07 67.16 10.23
N ASN L 2 -33.64 66.27 11.06
CA ASN L 2 -34.94 65.58 10.77
C ASN L 2 -35.91 65.68 11.96
N UNK L 3 -35.53 66.33 13.08
CA UNK L 3 -36.36 66.45 14.31
C UNK L 3 -37.56 67.39 14.06
N UNK L 4 -38.73 67.07 14.65
CA UNK L 4 -39.97 67.87 14.55
C UNK L 4 -39.73 69.24 15.23
N UNK L 5 -39.89 70.34 14.46
CA UNK L 5 -39.61 71.72 14.91
C UNK L 5 -40.65 72.15 15.96
N UNK M 1 11.50 37.70 -40.03
CA UNK M 1 11.29 36.29 -39.62
C UNK M 1 9.79 36.01 -39.51
N UNK M 2 9.38 35.09 -38.60
CA UNK M 2 7.97 34.71 -38.39
C UNK M 2 7.28 35.68 -37.41
N ASN M 3 7.90 36.84 -37.10
CA ASN M 3 7.40 37.71 -36.00
C ASN M 3 7.66 39.20 -36.32
N UNK M 4 7.71 39.59 -37.60
CA UNK M 4 7.92 41.00 -38.01
C UNK M 4 6.61 41.63 -38.51
N UNK M 5 6.25 42.79 -37.92
CA UNK M 5 5.02 43.56 -38.22
C UNK M 5 5.26 44.43 -39.46
N UNK N 1 43.67 -81.11 -51.22
CA UNK N 1 43.99 -80.67 -52.59
C UNK N 1 45.22 -81.43 -53.11
N UNK N 2 45.35 -81.55 -54.45
CA UNK N 2 46.49 -82.22 -55.11
C UNK N 2 47.73 -81.33 -55.01
N UNK N 3 47.56 -79.99 -55.06
CA UNK N 3 48.66 -79.00 -55.04
C UNK N 3 49.12 -78.76 -53.59
N UNK N 4 48.56 -79.50 -52.61
CA UNK N 4 48.86 -79.35 -51.18
C UNK N 4 50.08 -80.21 -50.83
N UNK N 5 51.21 -79.53 -50.53
CA UNK N 5 52.54 -80.13 -50.21
C UNK N 5 52.43 -81.15 -49.07
N UNK N 6 52.06 -80.69 -47.86
CA UNK N 6 52.05 -81.54 -46.64
C UNK N 6 50.62 -81.94 -46.29
N UNK O 1 29.22 -61.71 -35.36
CA UNK O 1 29.52 -61.28 -33.98
C UNK O 1 30.92 -60.65 -33.91
N ASN O 2 31.32 -60.21 -32.72
CA ASN O 2 32.59 -59.49 -32.57
C ASN O 2 33.57 -60.41 -31.82
N UNK O 3 33.40 -61.74 -31.93
CA UNK O 3 34.27 -62.76 -31.27
C UNK O 3 35.56 -62.91 -32.07
N UNK O 4 36.72 -62.84 -31.37
CA UNK O 4 38.09 -62.93 -31.94
C UNK O 4 38.31 -64.29 -32.60
N UNK O 5 37.74 -65.37 -32.02
CA UNK O 5 37.86 -66.75 -32.56
C UNK O 5 36.83 -66.97 -33.67
N UNK P 1 -15.56 -8.06 -56.61
CA UNK P 1 -15.43 -7.05 -55.52
C UNK P 1 -13.95 -6.71 -55.32
N UNK P 2 -13.37 -7.17 -54.20
CA UNK P 2 -11.94 -6.93 -53.85
C UNK P 2 -11.17 -8.26 -53.79
N ASN P 3 -11.86 -9.41 -53.95
CA ASN P 3 -11.21 -10.74 -53.80
C ASN P 3 -11.09 -11.45 -55.14
N UNK P 4 -12.00 -11.18 -56.10
CA UNK P 4 -12.08 -11.91 -57.39
C UNK P 4 -10.77 -11.70 -58.18
N UNK P 5 -10.25 -12.80 -58.74
CA UNK P 5 -9.02 -12.83 -59.58
C UNK P 5 -9.24 -11.95 -60.84
C1 NAG Q . -89.56 93.77 -1.59
C2 NAG Q . -89.59 95.28 -1.32
C3 NAG Q . -90.14 95.57 0.07
C4 NAG Q . -91.46 94.85 0.30
C5 NAG Q . -91.35 93.38 -0.06
C6 NAG Q . -92.68 92.65 -0.01
C7 NAG Q . -87.81 96.34 -2.62
C8 NAG Q . -86.47 97.02 -2.57
N2 NAG Q . -88.26 95.85 -1.46
O3 NAG Q . -90.29 96.97 0.24
O4 NAG Q . -91.78 94.96 1.69
O5 NAG Q . -90.86 93.23 -1.41
O6 NAG Q . -93.53 93.06 -1.08
O7 NAG Q . -88.45 96.24 -3.66
C1 NAG Q . -93.07 95.54 1.92
C2 NAG Q . -93.22 95.82 3.41
C3 NAG Q . -94.56 96.48 3.71
C4 NAG Q . -94.78 97.70 2.84
C5 NAG Q . -94.57 97.34 1.37
C6 NAG Q . -94.64 98.56 0.48
C7 NAG Q . -93.59 93.47 4.11
C8 NAG Q . -92.89 92.31 4.75
N2 NAG Q . -93.01 94.67 4.26
O3 NAG Q . -94.64 96.82 5.09
O4 NAG Q . -96.10 98.19 3.02
O5 NAG Q . -93.26 96.75 1.18
O6 NAG Q . -94.74 98.17 -0.89
O7 NAG Q . -94.63 93.33 3.48
C1 BMA Q . -96.12 99.35 3.87
C2 BMA Q . -97.45 100.07 3.70
C3 BMA Q . -97.56 101.27 4.61
C4 BMA Q . -97.27 100.87 6.04
C5 BMA Q . -95.92 100.15 6.13
C6 BMA Q . -95.62 99.63 7.52
O2 BMA Q . -98.52 99.16 3.95
O3 BMA Q . -98.86 101.84 4.51
O4 BMA Q . -97.24 102.02 6.89
O5 BMA Q . -95.92 99.01 5.24
O6 BMA Q . -96.61 98.70 7.94
C1 NAG R . -31.42 42.69 11.99
C2 NAG R . -30.71 42.14 13.23
C3 NAG R . -30.45 40.65 13.08
C4 NAG R . -31.72 39.92 12.67
C5 NAG R . -32.37 40.59 11.47
C6 NAG R . -33.70 39.94 11.09
C7 NAG R . -29.33 43.75 14.42
C8 NAG R . -28.05 44.53 14.41
N2 NAG R . -29.46 42.83 13.46
O3 NAG R . -29.96 40.13 14.30
O4 NAG R . -31.37 38.58 12.31
O5 NAG R . -32.62 41.97 11.77
O6 NAG R . -34.12 40.35 9.79
O7 NAG R . -30.20 43.93 15.25
C1 NAG R . -31.88 37.66 13.29
C2 NAG R . -32.02 36.29 12.62
C3 NAG R . -32.49 35.25 13.64
C4 NAG R . -31.60 35.27 14.87
C5 NAG R . -31.54 36.67 15.45
C6 NAG R . -30.62 36.78 16.63
C7 NAG R . -34.24 36.29 11.56
C8 NAG R . -34.90 35.22 10.76
N2 NAG R . -32.92 36.36 11.48
O3 NAG R . -32.49 33.96 13.03
O4 NAG R . -32.14 34.37 15.85
O5 NAG R . -31.05 37.58 14.44
O6 NAG R . -30.54 38.13 17.11
O7 NAG R . -34.89 37.06 12.27
C1 NAG S . 21.82 18.15 71.77
C2 NAG S . 23.19 17.99 72.43
C3 NAG S . 24.12 19.14 72.07
C4 NAG S . 24.16 19.39 70.57
C5 NAG S . 22.74 19.51 70.01
C6 NAG S . 22.70 19.62 68.51
C7 NAG S . 23.61 16.96 74.60
C8 NAG S . 24.12 17.37 75.94
N2 NAG S . 23.03 17.92 73.88
O3 NAG S . 25.43 18.83 72.55
O4 NAG S . 24.86 20.62 70.37
O5 NAG S . 21.99 18.33 70.37
O6 NAG S . 21.36 19.48 68.01
O7 NAG S . 23.72 15.81 74.18
C1 NAG S . 25.85 20.56 69.33
C2 NAG S . 26.89 21.66 69.57
C3 NAG S . 27.94 21.65 68.45
C4 NAG S . 28.54 20.26 68.33
C5 NAG S . 27.44 19.22 68.15
C6 NAG S . 27.96 17.81 68.10
C7 NAG S . 25.52 23.62 68.90
C8 NAG S . 24.96 24.93 69.36
N2 NAG S . 26.31 22.98 69.76
O3 NAG S . 28.94 22.63 68.71
O4 NAG S . 29.43 20.23 67.21
O5 NAG S . 26.50 19.31 69.24
O6 NAG S . 28.92 17.63 67.06
O7 NAG S . 25.25 23.17 67.79
C1 NAG T . 31.87 13.17 80.12
C2 NAG T . 33.34 13.22 79.74
C3 NAG T . 34.19 13.44 80.99
C4 NAG T . 33.69 14.64 81.80
C5 NAG T . 32.20 14.56 82.08
C6 NAG T . 31.61 15.79 82.77
C7 NAG T . 34.46 11.98 77.94
C8 NAG T . 34.70 10.62 77.33
N2 NAG T . 33.70 11.99 79.05
O3 NAG T . 35.57 13.61 80.65
O4 NAG T . 34.35 14.68 83.08
O5 NAG T . 31.47 14.33 80.85
O6 NAG T . 31.91 16.97 82.03
O7 NAG T . 34.93 13.00 77.46
C1 NAG T . 35.32 15.76 83.17
C2 NAG T . 35.67 16.05 84.63
C3 NAG T . 36.79 17.09 84.72
C4 NAG T . 37.97 16.74 83.81
C5 NAG T . 37.51 16.43 82.37
C6 NAG T . 38.65 15.96 81.46
C7 NAG T . 34.15 16.09 86.59
C8 NAG T . 32.93 16.72 87.20
N2 NAG T . 34.49 16.52 85.37
O3 NAG T . 37.19 17.21 86.09
O4 NAG T . 38.90 17.82 83.73
O5 NAG T . 36.47 15.42 82.40
O6 NAG T . 39.18 14.71 81.89
O7 NAG T . 34.81 15.24 87.18
C1 BMA T . 39.90 17.83 84.77
C2 BMA T . 41.22 18.37 84.25
C3 BMA T . 42.27 18.47 85.34
C4 BMA T . 41.73 19.27 86.52
C5 BMA T . 40.39 18.68 86.98
C6 BMA T . 39.75 19.51 88.07
O2 BMA T . 41.02 19.65 83.65
O3 BMA T . 43.45 19.07 84.84
O4 BMA T . 42.66 19.24 87.60
O5 BMA T . 39.47 18.64 85.89
O6 BMA T . 38.62 18.85 88.62
C1 NAG U . 0.42 11.22 113.54
C2 NAG U . 0.72 12.51 114.30
C3 NAG U . -0.12 12.64 115.57
C4 NAG U . -1.59 12.32 115.29
C5 NAG U . -1.71 10.96 114.62
C6 NAG U . -3.14 10.59 114.29
C7 NAG U . 3.05 13.08 113.86
C8 NAG U . 4.46 13.05 114.39
N2 NAG U . 2.12 12.58 114.67
O3 NAG U . 0.01 13.95 116.09
O4 NAG U . -2.31 12.30 116.52
O5 NAG U . -0.97 10.99 113.38
O6 NAG U . -3.71 11.53 113.39
O7 NAG U . 2.78 13.53 112.76
C1 NAG U . -3.24 13.40 116.57
C2 NAG U . -4.26 13.14 117.68
C3 NAG U . -5.25 14.29 117.76
C4 NAG U . -4.52 15.62 117.89
C5 NAG U . -3.48 15.77 116.79
C6 NAG U . -2.63 17.02 116.95
C7 NAG U . -4.68 10.80 118.18
C8 NAG U . -5.71 9.71 118.13
N2 NAG U . -4.95 11.88 117.47
O3 NAG U . -6.14 14.08 118.85
O4 NAG U . -5.45 16.69 117.80
O5 NAG U . -2.58 14.64 116.81
O6 NAG U . -1.71 17.17 115.88
O7 NAG U . -3.66 10.71 118.86
C1 NAG V . -2.04 25.93 71.42
C2 NAG V . -2.99 26.87 72.18
C3 NAG V . -3.42 28.06 71.28
C4 NAG V . -2.31 28.65 70.39
C5 NAG V . -1.40 27.57 69.78
C6 NAG V . -0.15 28.14 69.12
C7 NAG V . -4.99 26.55 73.65
C8 NAG V . -6.03 25.56 74.08
N2 NAG V . -4.13 26.13 72.69
O3 NAG V . -3.96 29.09 72.11
O4 NAG V . -2.83 29.40 69.26
O5 NAG V . -0.96 26.64 70.81
O6 NAG V . 0.65 27.12 68.53
O7 NAG V . -4.93 27.67 74.11
C1 NAG V . -3.94 30.37 69.36
C2 NAG V . -3.83 31.39 68.22
C3 NAG V . -5.07 32.31 68.17
C4 NAG V . -6.36 31.50 68.19
C5 NAG V . -6.40 30.55 69.40
C6 NAG V . -7.64 29.64 69.46
C7 NAG V . -1.55 31.99 67.48
C8 NAG V . -0.39 32.92 67.65
N2 NAG V . -2.61 32.18 68.27
O3 NAG V . -5.04 33.17 67.03
O4 NAG V . -7.47 32.41 68.24
O5 NAG V . -5.21 29.71 69.37
O6 NAG V . -8.85 30.41 69.55
O7 NAG V . -1.52 31.09 66.64
C1 NAG W . 22.87 6.31 122.55
C2 NAG W . 23.58 5.97 123.86
C3 NAG W . 22.92 4.79 124.56
C4 NAG W . 21.42 5.03 124.76
C5 NAG W . 20.78 5.51 123.46
C6 NAG W . 19.38 6.04 123.70
C7 NAG W . 25.94 6.59 123.78
C8 NAG W . 27.31 6.06 124.09
N2 NAG W . 24.98 5.67 123.63
O3 NAG W . 23.57 4.60 125.81
O4 NAG W . 20.79 3.80 125.11
O5 NAG W . 21.52 6.59 122.87
O6 NAG W . 19.41 7.32 124.33
O7 NAG W . 25.72 7.78 123.68
C1 NAG W . 20.47 3.80 126.52
C2 NAG W . 19.45 2.67 126.74
C3 NAG W . 19.17 2.47 128.22
C4 NAG W . 20.48 2.30 128.98
C5 NAG W . 21.36 3.51 128.73
C6 NAG W . 22.70 3.40 129.43
C7 NAG W . 17.88 2.25 124.94
C8 NAG W . 16.85 2.89 124.07
N2 NAG W . 18.22 2.93 126.04
O3 NAG W . 18.34 1.33 128.40
O4 NAG W . 20.22 2.18 130.38
O5 NAG W . 21.62 3.63 127.32
O6 NAG W . 23.35 2.19 129.06
O7 NAG W . 18.39 1.17 124.68
C1 BMA W . 20.48 0.83 130.81
C2 BMA W . 20.65 0.84 132.32
C3 BMA W . 20.75 -0.57 132.89
C4 BMA W . 19.60 -1.43 132.40
C5 BMA W . 19.52 -1.39 130.88
C6 BMA W . 18.31 -2.12 130.37
O2 BMA W . 19.57 1.53 132.94
O3 BMA W . 20.74 -0.52 134.31
O4 BMA W . 19.79 -2.78 132.83
O5 BMA W . 19.39 -0.02 130.44
O6 BMA W . 17.15 -1.61 131.02
C1 MAN W . 22.06 -0.43 134.87
C2 MAN W . 22.07 -1.19 136.17
C3 MAN W . 21.15 -0.55 137.20
C4 MAN W . 21.44 0.94 137.33
C5 MAN W . 21.46 1.61 135.95
C6 MAN W . 21.88 3.06 136.00
O2 MAN W . 23.41 -1.25 136.68
O3 MAN W . 21.31 -1.19 138.45
O4 MAN W . 20.45 1.57 138.12
O5 MAN W . 22.42 0.93 135.11
O6 MAN W . 23.12 3.22 136.68
C1 MAN W . 15.95 -2.27 130.64
C2 MAN W . 15.52 -1.84 129.25
C3 MAN W . 15.27 -0.34 129.22
C4 MAN W . 14.32 0.09 130.33
C5 MAN W . 14.74 -0.50 131.68
C6 MAN W . 13.71 -0.29 132.76
O2 MAN W . 14.34 -2.55 128.87
O3 MAN W . 14.74 0.02 127.95
O4 MAN W . 14.29 1.51 130.43
O5 MAN W . 14.92 -1.92 131.55
O6 MAN W . 14.19 -0.74 134.01
C1 NAG X . 35.17 -2.67 102.87
C2 NAG X . 36.57 -3.25 103.12
C3 NAG X . 37.63 -2.17 102.96
C4 NAG X . 37.47 -1.43 101.64
C5 NAG X . 36.04 -0.95 101.44
C6 NAG X . 35.81 -0.36 100.07
C7 NAG X . 36.68 -5.16 104.62
C8 NAG X . 37.04 -5.63 105.99
N2 NAG X . 36.64 -3.84 104.43
O3 NAG X . 38.91 -2.77 103.05
O4 NAG X . 38.34 -0.29 101.64
O5 NAG X . 35.14 -2.06 101.59
O6 NAG X . 34.46 0.10 99.91
O7 NAG X . 36.43 -5.94 103.71
C1 NAG X . 39.33 -0.40 100.60
C2 NAG X . 40.06 0.94 100.52
C3 NAG X . 41.20 0.87 99.50
C4 NAG X . 42.09 -0.32 99.77
C5 NAG X . 41.25 -1.59 99.84
C6 NAG X . 42.06 -2.83 100.18
C7 NAG X . 38.30 2.17 99.28
C8 NAG X . 37.33 3.31 99.38
N2 NAG X . 39.19 2.07 100.28
O3 NAG X . 41.95 2.08 99.52
O4 NAG X . 43.06 -0.44 98.73
O5 NAG X . 40.24 -1.46 100.86
O6 NAG X . 43.15 -3.01 99.26
O7 NAG X . 38.27 1.38 98.34
C1 NAG Y . 47.94 -38.75 83.89
C2 NAG Y . 48.52 -39.75 84.89
C3 NAG Y . 48.50 -39.23 86.33
C4 NAG Y . 48.90 -37.77 86.42
C5 NAG Y . 48.13 -36.95 85.39
C6 NAG Y . 48.49 -35.48 85.41
C7 NAG Y . 48.26 -42.16 84.86
C8 NAG Y . 47.30 -43.30 85.00
N2 NAG Y . 47.72 -40.95 84.81
O3 NAG Y . 49.41 -40.02 87.09
O4 NAG Y . 48.58 -37.25 87.72
O5 NAG Y . 48.44 -37.43 84.08
O6 NAG Y . 47.63 -34.75 84.55
O7 NAG Y . 49.47 -42.33 84.80
C1 NAG Y . 49.75 -37.13 88.53
C2 NAG Y . 49.44 -36.19 89.70
C3 NAG Y . 50.63 -36.11 90.65
C4 NAG Y . 51.09 -37.49 91.07
C5 NAG Y . 51.31 -38.38 89.86
C6 NAG Y . 51.60 -39.82 90.25
C7 NAG Y . 47.82 -34.48 89.12
C8 NAG Y . 47.55 -33.30 88.25
N2 NAG Y . 49.08 -34.86 89.25
O3 NAG Y . 50.28 -35.35 91.80
O4 NAG Y . 52.33 -37.35 91.76
O5 NAG Y . 50.14 -38.40 89.02
O6 NAG Y . 52.88 -39.94 90.86
O7 NAG Y . 46.90 -35.08 89.70
C1 BMA Y . 52.19 -37.72 93.14
C2 BMA Y . 53.52 -38.26 93.60
C3 BMA Y . 53.49 -38.67 95.06
C4 BMA Y . 52.99 -37.51 95.91
C5 BMA Y . 51.66 -36.99 95.34
C6 BMA Y . 51.16 -35.77 96.08
O2 BMA Y . 54.53 -37.29 93.40
O3 BMA Y . 54.79 -39.06 95.48
O4 BMA Y . 52.79 -37.93 97.25
O5 BMA Y . 51.83 -36.63 93.96
O6 BMA Y . 52.21 -34.83 96.23
C1 MAN Y . 55.22 -40.28 94.83
C2 MAN Y . 55.95 -41.14 95.83
C3 MAN Y . 57.24 -40.47 96.29
C4 MAN Y . 58.08 -40.05 95.09
C5 MAN Y . 57.24 -39.26 94.10
C6 MAN Y . 57.97 -38.92 92.83
O2 MAN Y . 56.22 -42.42 95.27
O3 MAN Y . 57.98 -41.38 97.10
O4 MAN Y . 59.19 -39.26 95.51
O5 MAN Y . 56.08 -40.02 93.73
O6 MAN Y . 58.41 -40.11 92.17
C1 MAN Y . 51.97 -33.96 97.36
C2 MAN Y . 52.69 -32.66 97.10
C3 MAN Y . 54.20 -32.89 97.00
C4 MAN Y . 54.70 -33.62 98.24
C5 MAN Y . 53.86 -34.87 98.53
C6 MAN Y . 54.19 -35.49 99.86
O2 MAN Y . 52.40 -31.74 98.17
O3 MAN Y . 54.87 -31.65 96.86
O4 MAN Y . 56.05 -34.02 98.02
O5 MAN Y . 52.46 -34.52 98.58
O6 MAN Y . 53.60 -36.78 99.98
C1 NAG Z . 30.86 -31.76 62.23
C2 NAG Z . 31.04 -31.50 63.72
C3 NAG Z . 30.79 -30.03 64.05
C4 NAG Z . 31.60 -29.11 63.15
C5 NAG Z . 31.41 -29.50 61.69
C6 NAG Z . 32.32 -28.72 60.77
C7 NAG Z . 30.54 -32.83 65.69
C8 NAG Z . 29.43 -33.32 66.58
N2 NAG Z . 30.19 -32.36 64.50
O3 NAG Z . 31.13 -29.83 65.42
O4 NAG Z . 31.15 -27.75 63.26
O5 NAG Z . 31.71 -30.89 61.49
O6 NAG Z . 31.94 -28.87 59.41
O7 NAG Z . 31.71 -32.83 66.07
C1 NAG Z . 31.83 -27.04 64.33
C2 NAG Z . 31.97 -25.58 63.90
C3 NAG Z . 32.45 -24.70 65.06
C4 NAG Z . 31.62 -24.94 66.30
C5 NAG Z . 31.62 -26.43 66.65
C6 NAG Z . 30.78 -26.74 67.86
C7 NAG Z . 34.13 -25.69 62.66
C8 NAG Z . 34.83 -25.24 61.41
N2 NAG Z . 32.82 -25.42 62.72
O3 NAG Z . 32.39 -23.33 64.67
O4 NAG Z . 32.16 -24.20 67.38
O5 NAG Z . 31.08 -27.17 65.53
O6 NAG Z . 30.78 -28.14 68.14
O7 NAG Z . 34.73 -26.25 63.57
C1 NAG AA . 13.61 -44.56 28.98
C2 NAG AA . 12.84 -43.50 28.21
C3 NAG AA . 12.27 -44.06 26.91
C4 NAG AA . 13.36 -44.75 26.10
C5 NAG AA . 14.04 -45.80 26.97
C6 NAG AA . 15.18 -46.50 26.25
C7 NAG AA . 11.95 -41.76 29.66
C8 NAG AA . 10.90 -41.42 30.66
N2 NAG AA . 11.79 -42.90 28.99
O3 NAG AA . 11.69 -43.00 26.16
O4 NAG AA . 12.78 -45.41 24.98
O5 NAG AA . 14.58 -45.17 28.15
O6 NAG AA . 15.59 -47.66 26.96
O7 NAG AA . 12.92 -41.03 29.45
C1 NAG AA . 12.94 -44.63 23.78
C2 NAG AA . 12.86 -45.56 22.56
C3 NAG AA . 12.93 -44.75 21.27
C4 NAG AA . 11.88 -43.65 21.28
C5 NAG AA . 12.04 -42.79 22.52
C6 NAG AA . 10.98 -41.73 22.63
C7 NAG AA . 13.66 -47.83 22.94
C8 NAG AA . 14.85 -48.73 22.99
N2 NAG AA . 13.91 -46.56 22.58
O3 NAG AA . 12.75 -45.63 20.16
O4 NAG AA . 12.05 -42.84 20.11
O5 NAG AA . 11.94 -43.62 23.70
O6 NAG AA . 11.17 -40.91 23.78
O7 NAG AA . 12.53 -48.22 23.21
C1 NAG BA . -7.63 17.18 13.40
C2 NAG BA . -8.89 16.40 13.76
C3 NAG BA . -10.09 17.32 13.97
C4 NAG BA . -9.74 18.50 14.87
C5 NAG BA . -8.46 19.18 14.41
C6 NAG BA . -8.00 20.27 15.34
C7 NAG BA . -8.63 14.23 12.63
C8 NAG BA . -9.01 13.41 11.45
N2 NAG BA . -9.22 15.43 12.72
O3 NAG BA . -11.15 16.56 14.52
O4 NAG BA . -10.78 19.48 14.82
O5 NAG BA . -7.40 18.20 14.35
O6 NAG BA . -7.58 19.74 16.60
O7 NAG BA . -7.82 13.85 13.47
C1 NAG BA . -11.74 19.31 15.87
C2 NAG BA . -11.90 20.63 16.62
C3 NAG BA . -12.97 20.50 17.70
C4 NAG BA . -14.26 19.95 17.11
C5 NAG BA . -13.98 18.65 16.37
C6 NAG BA . -15.21 18.07 15.71
C7 NAG BA . -10.24 22.33 17.13
C8 NAG BA . -9.04 22.67 17.96
N2 NAG BA . -10.64 21.06 17.18
O3 NAG BA . -13.19 21.77 18.30
O4 NAG BA . -15.19 19.70 18.15
O5 NAG BA . -13.00 18.89 15.35
O6 NAG BA . -15.79 19.00 14.80
O7 NAG BA . -10.83 23.17 16.46
C1 BMA BA . -16.33 20.57 18.01
C2 BMA BA . -17.55 19.87 18.57
C3 BMA BA . -18.78 20.77 18.54
C4 BMA BA . -18.47 22.09 19.21
C5 BMA BA . -17.24 22.73 18.59
C6 BMA BA . -16.81 24.01 19.27
O2 BMA BA . -17.29 19.42 19.90
O3 BMA BA . -19.86 20.11 19.21
O4 BMA BA . -19.58 22.98 19.06
O5 BMA BA . -16.13 21.81 18.70
O6 BMA BA . -16.37 23.77 20.60
C1 NAG CA . -19.47 49.91 -31.19
C2 NAG CA . -19.87 51.38 -31.16
C3 NAG CA . -20.91 51.65 -30.09
C4 NAG CA . -22.07 50.67 -30.23
C5 NAG CA . -21.53 49.24 -30.21
C6 NAG CA . -22.62 48.20 -30.38
C7 NAG CA . -18.16 52.87 -32.01
C8 NAG CA . -16.91 53.66 -31.73
N2 NAG CA . -18.73 52.27 -30.97
O3 NAG CA . -21.36 53.00 -30.21
O4 NAG CA . -22.98 50.82 -29.14
O5 NAG CA . -20.60 49.08 -31.31
O6 NAG CA . -23.10 48.18 -31.72
O7 NAG CA . -18.57 52.73 -33.16
C1 NAG CA . -24.05 51.69 -29.53
C2 NAG CA . -25.36 51.26 -28.87
C3 NAG CA . -26.49 52.16 -29.33
C4 NAG CA . -26.14 53.62 -29.02
C5 NAG CA . -24.80 53.97 -29.65
C6 NAG CA . -24.33 55.35 -29.27
C7 NAG CA . -25.33 48.89 -28.34
C8 NAG CA . -25.84 47.53 -28.67
N2 NAG CA . -25.69 49.87 -29.15
O3 NAG CA . -27.71 51.81 -28.70
O4 NAG CA . -27.16 54.47 -29.55
O5 NAG CA . -23.78 53.04 -29.20
O6 NAG CA . -24.32 55.50 -27.84
O7 NAG CA . -24.60 49.09 -27.37
C1 BMA CA . -27.70 55.29 -28.51
C2 BMA CA . -28.61 56.35 -29.09
C3 BMA CA . -29.15 57.26 -28.02
C4 BMA CA . -29.84 56.43 -26.93
C5 BMA CA . -28.92 55.31 -26.44
C6 BMA CA . -29.62 54.35 -25.52
O2 BMA CA . -29.69 55.72 -29.78
O3 BMA CA . -30.05 58.21 -28.57
O4 BMA CA . -30.17 57.27 -25.82
O5 BMA CA . -28.45 54.53 -27.57
O6 BMA CA . -30.66 53.64 -26.19
C1 NAG DA . -18.50 63.60 -30.66
C2 NAG DA . -19.34 64.88 -30.74
C3 NAG DA . -18.58 66.06 -30.14
C4 NAG DA . -18.07 65.73 -28.75
C5 NAG DA . -17.31 64.41 -28.76
C6 NAG DA . -16.88 63.96 -27.39
C7 NAG DA . -20.85 64.79 -32.64
C8 NAG DA . -21.21 65.42 -33.95
N2 NAG DA . -19.69 65.15 -32.11
O3 NAG DA . -19.44 67.19 -30.09
O4 NAG DA . -17.16 66.75 -28.33
O5 NAG DA . -18.14 63.37 -29.31
O6 NAG DA . -18.01 63.73 -26.54
O7 NAG DA . -21.60 64.00 -32.08
C1 NAG DA . -17.68 67.49 -27.22
C2 NAG DA . -16.50 68.22 -26.59
C3 NAG DA . -16.93 69.18 -25.50
C4 NAG DA . -18.07 70.08 -25.99
C5 NAG DA . -19.21 69.21 -26.51
C6 NAG DA . -20.37 70.02 -27.04
C7 NAG DA . -14.26 67.55 -25.93
C8 NAG DA . -13.45 66.62 -25.09
N2 NAG DA . -15.54 67.27 -26.06
O3 NAG DA . -15.82 69.97 -25.08
O4 NAG DA . -18.54 70.89 -24.93
O5 NAG DA . -18.72 68.39 -27.59
O6 NAG DA . -19.94 70.93 -28.05
O7 NAG DA . -13.76 68.53 -26.48
C1 BMA DA . -18.06 72.25 -25.05
C2 BMA DA . -18.96 73.15 -24.22
C3 BMA DA . -18.43 74.57 -24.12
C4 BMA DA . -16.97 74.55 -23.68
C5 BMA DA . -16.16 73.69 -24.63
C6 BMA DA . -14.70 73.61 -24.27
O2 BMA DA . -19.13 72.61 -22.92
O3 BMA DA . -19.20 75.32 -23.20
O4 BMA DA . -16.44 75.87 -23.66
O5 BMA DA . -16.69 72.34 -24.61
O6 BMA DA . -14.53 73.28 -22.90
C1 MAN DA . -20.47 75.72 -23.76
C2 MAN DA . -20.87 77.06 -23.19
C3 MAN DA . -21.13 76.99 -21.69
C4 MAN DA . -22.10 75.85 -21.37
C5 MAN DA . -21.63 74.57 -22.03
C6 MAN DA . -22.59 73.42 -21.86
O2 MAN DA . -22.02 77.54 -23.88
O3 MAN DA . -21.66 78.23 -21.24
O4 MAN DA . -22.17 75.67 -19.97
O5 MAN DA . -21.49 74.79 -23.45
O6 MAN DA . -21.95 72.19 -22.19
C1 MAN DA . -13.16 72.90 -22.62
C2 MAN DA . -12.91 71.51 -23.13
C3 MAN DA . -13.76 70.49 -22.39
C4 MAN DA . -13.55 70.63 -20.88
C5 MAN DA . -13.76 72.07 -20.45
C6 MAN DA . -13.43 72.30 -18.99
O2 MAN DA . -11.53 71.21 -22.99
O3 MAN DA . -13.39 69.18 -22.81
O4 MAN DA . -14.47 69.80 -20.18
O5 MAN DA . -12.90 72.95 -21.22
O6 MAN DA . -12.18 71.70 -18.64
C1 NAG EA . 25.98 40.42 -12.80
C2 NAG EA . 25.25 39.13 -12.36
C3 NAG EA . 25.97 38.46 -11.20
C4 NAG EA . 27.47 38.31 -11.50
C5 NAG EA . 28.11 39.67 -11.77
C6 NAG EA . 29.61 39.57 -12.09
C7 NAG EA . 22.82 38.66 -12.46
C8 NAG EA . 21.48 38.98 -11.87
N2 NAG EA . 23.86 39.37 -12.01
O3 NAG EA . 25.42 37.18 -10.88
O4 NAG EA . 28.11 37.66 -10.39
O5 NAG EA . 27.41 40.30 -12.89
O6 NAG EA . 30.24 40.86 -12.07
O7 NAG EA . 22.95 37.79 -13.31
C1 NAG EA . 28.69 36.35 -10.72
C2 NAG EA . 29.62 35.83 -9.61
C3 NAG EA . 30.13 34.44 -9.98
C4 NAG EA . 28.97 33.51 -10.33
C5 NAG EA . 28.08 34.09 -11.43
C6 NAG EA . 26.83 33.25 -11.72
C7 NAG EA . 30.67 37.68 -8.33
C8 NAG EA . 31.83 38.63 -8.26
N2 NAG EA . 30.69 36.76 -9.31
O3 NAG EA . 30.93 33.89 -8.93
O4 NAG EA . 29.51 32.26 -10.75
O5 NAG EA . 27.65 35.43 -11.04
O6 NAG EA . 25.94 33.88 -12.63
O7 NAG EA . 29.75 37.73 -7.52
C1 NAG FA . 12.36 49.76 -7.95
C2 NAG FA . 11.20 49.93 -6.98
C3 NAG FA . 11.24 48.87 -5.88
C4 NAG FA . 11.41 47.48 -6.45
C5 NAG FA . 12.57 47.43 -7.45
C6 NAG FA . 12.66 46.09 -8.14
C7 NAG FA . 10.27 52.14 -6.62
C8 NAG FA . 10.68 53.59 -6.50
N2 NAG FA . 11.22 51.25 -6.38
O3 NAG FA . 10.04 48.96 -5.12
O4 NAG FA . 11.70 46.58 -5.38
O5 NAG FA . 12.39 48.44 -8.46
O6 NAG FA . 13.70 46.07 -9.11
O7 NAG FA . 9.11 51.82 -6.91
C1 NAG FA . 10.57 45.75 -5.10
C2 NAG FA . 11.02 44.71 -4.07
C3 NAG FA . 9.82 43.92 -3.51
C4 NAG FA . 8.73 44.87 -3.06
C5 NAG FA . 8.34 45.77 -4.22
C6 NAG FA . 7.25 46.76 -3.87
C7 NAG FA . 13.26 44.10 -4.82
C8 NAG FA . 14.15 43.00 -5.34
N2 NAG FA . 11.98 43.79 -4.65
O3 NAG FA . 10.26 43.09 -2.44
O4 NAG FA . 7.59 44.10 -2.64
O5 NAG FA . 9.49 46.53 -4.62
O6 NAG FA . 7.76 47.83 -3.07
O7 NAG FA . 13.71 45.21 -4.55
C1 NAG GA . 20.14 75.26 -58.63
C2 NAG GA . 19.72 76.65 -59.14
C3 NAG GA . 20.31 76.94 -60.52
C4 NAG GA . 21.80 76.57 -60.56
C5 NAG GA . 21.86 75.05 -60.33
C6 NAG GA . 23.21 74.39 -60.59
C7 NAG GA . 17.62 77.95 -59.00
C8 NAG GA . 16.12 77.89 -59.10
N2 NAG GA . 18.27 76.79 -59.16
O3 NAG GA . 20.10 78.30 -60.89
O4 NAG GA . 22.45 76.92 -61.80
O5 NAG GA . 21.47 74.85 -58.95
O6 NAG GA . 23.16 72.99 -60.32
O7 NAG GA . 18.21 79.00 -58.83
C1 NAG GA . 23.20 78.18 -61.84
C2 NAG GA . 24.21 78.19 -62.99
C3 NAG GA . 24.85 79.56 -63.16
C4 NAG GA . 23.81 80.67 -63.18
C5 NAG GA . 22.93 80.55 -61.94
C6 NAG GA . 21.85 81.61 -61.91
C7 NAG GA . 25.09 75.92 -63.21
C8 NAG GA . 26.28 75.03 -63.03
N2 NAG GA . 25.23 77.18 -62.80
O3 NAG GA . 25.61 79.56 -64.38
O4 NAG GA . 24.44 81.95 -63.15
O5 NAG GA . 22.28 79.27 -61.97
O6 NAG GA . 20.93 81.38 -60.86
O7 NAG GA . 24.05 75.51 -63.71
C1 BMA GA . 24.48 82.55 -64.46
C2 BMA GA . 23.95 83.96 -64.39
C3 BMA GA . 24.11 84.69 -65.71
C4 BMA GA . 25.56 84.61 -66.17
C5 BMA GA . 26.03 83.16 -66.22
C6 BMA GA . 27.49 83.04 -66.55
O2 BMA GA . 24.61 84.68 -63.35
O3 BMA GA . 23.74 86.06 -65.57
O4 BMA GA . 25.68 85.18 -67.47
O5 BMA GA . 25.83 82.55 -64.93
O6 BMA GA . 28.01 81.77 -66.14
C1 MAN GA . 22.31 86.21 -65.55
C2 MAN GA . 21.81 86.39 -66.96
C3 MAN GA . 22.34 87.66 -67.58
C4 MAN GA . 22.03 88.85 -66.68
C5 MAN GA . 22.51 88.59 -65.26
C6 MAN GA . 22.11 89.67 -64.29
O2 MAN GA . 20.39 86.39 -66.97
O3 MAN GA . 21.76 87.84 -68.86
O4 MAN GA . 22.66 90.03 -67.18
O5 MAN GA . 21.94 87.35 -64.77
O6 MAN GA . 20.71 89.91 -64.33
C1 MAN GA . 29.25 81.91 -65.44
C2 MAN GA . 30.04 80.63 -65.57
C3 MAN GA . 29.31 79.48 -64.90
C4 MAN GA . 29.00 79.83 -63.45
C5 MAN GA . 28.28 81.18 -63.37
C6 MAN GA . 28.08 81.65 -61.94
O2 MAN GA . 31.33 80.81 -65.01
O3 MAN GA . 30.11 78.30 -64.95
O4 MAN GA . 28.16 78.83 -62.87
O5 MAN GA . 29.06 82.19 -64.05
O6 MAN GA . 27.31 82.83 -61.89
C1 NAG HA . 6.32 89.63 -60.63
C2 NAG HA . 7.55 89.65 -61.56
C3 NAG HA . 8.70 88.83 -60.98
C4 NAG HA . 8.92 89.13 -59.51
C5 NAG HA . 7.65 88.93 -58.69
C6 NAG HA . 7.84 89.25 -57.21
C7 NAG HA . 6.67 89.90 -63.85
C8 NAG HA . 6.45 89.23 -65.17
N2 NAG HA . 7.24 89.17 -62.90
O3 NAG HA . 9.91 89.06 -61.69
O4 NAG HA . 9.93 88.24 -59.00
O5 NAG HA . 6.63 89.80 -59.24
O6 NAG HA . 6.63 89.13 -56.47
O7 NAG HA . 6.32 91.07 -63.66
C1 NAG HA . 11.00 88.93 -58.31
C2 NAG HA . 11.74 87.97 -57.36
C3 NAG HA . 12.79 88.77 -56.61
C4 NAG HA . 13.75 89.45 -57.60
C5 NAG HA . 12.99 90.30 -58.63
C6 NAG HA . 13.90 90.83 -59.73
C7 NAG HA . 10.31 86.07 -56.71
C8 NAG HA . 9.39 85.50 -55.67
N2 NAG HA . 10.85 87.27 -56.45
O3 NAG HA . 13.53 87.94 -55.72
O4 NAG HA . 14.65 90.29 -56.86
O5 NAG HA . 11.91 89.52 -59.24
O6 NAG HA . 14.57 89.76 -60.42
O7 NAG HA . 10.54 85.47 -57.76
C1 BMA HA . 16.03 89.85 -56.90
C2 BMA HA . 16.94 90.93 -56.30
C3 BMA HA . 18.38 90.46 -56.19
C4 BMA HA . 18.43 89.16 -55.41
C5 BMA HA . 17.54 88.12 -56.08
C6 BMA HA . 17.50 86.82 -55.32
O2 BMA HA . 16.45 91.30 -55.02
O3 BMA HA . 19.16 91.45 -55.53
O4 BMA HA . 19.76 88.66 -55.37
O5 BMA HA . 16.19 88.63 -56.15
O6 BMA HA . 17.11 87.05 -53.97
C1 MAN HA . 20.05 92.09 -56.46
C2 MAN HA . 21.17 92.76 -55.70
C3 MAN HA . 20.66 93.90 -54.84
C4 MAN HA . 19.85 94.88 -55.69
C5 MAN HA . 18.76 94.13 -56.46
C6 MAN HA . 18.02 95.02 -57.44
O2 MAN HA . 22.15 93.24 -56.61
O3 MAN HA . 21.76 94.58 -54.23
O4 MAN HA . 19.24 95.86 -54.85
O5 MAN HA . 19.36 93.08 -57.23
O6 MAN HA . 16.94 94.31 -58.03
C1 MAN HA . 15.87 86.37 -53.72
C2 MAN HA . 15.08 87.08 -52.65
C3 MAN HA . 15.81 87.06 -51.32
C4 MAN HA . 16.17 85.63 -50.95
C5 MAN HA . 16.94 84.98 -52.08
C6 MAN HA . 17.27 83.53 -51.80
O2 MAN HA . 13.79 86.47 -52.51
O3 MAN HA . 14.99 87.65 -50.31
O4 MAN HA . 16.96 85.61 -49.77
O5 MAN HA . 16.14 85.02 -53.29
O6 MAN HA . 18.08 83.40 -50.63
C1 NAG IA . 12.36 35.49 -106.42
C2 NAG IA . 12.26 34.70 -107.73
C3 NAG IA . 13.37 35.13 -108.67
C4 NAG IA . 13.32 36.64 -108.89
C5 NAG IA . 13.36 37.35 -107.55
C6 NAG IA . 13.16 38.84 -107.71
C7 NAG IA . 11.19 32.57 -107.26
C8 NAG IA . 11.33 31.08 -107.33
N2 NAG IA . 12.30 33.27 -107.50
O3 NAG IA . 13.24 34.43 -109.91
O4 NAG IA . 14.44 37.06 -109.66
O5 NAG IA . 12.31 36.88 -106.69
O6 NAG IA . 13.41 39.52 -106.48
O7 NAG IA . 10.13 33.12 -106.98
C1 NAG IA . 14.04 37.46 -110.97
C2 NAG IA . 15.31 37.82 -111.72
C3 NAG IA . 15.06 38.00 -113.22
C4 NAG IA . 14.24 36.86 -113.78
C5 NAG IA . 12.95 36.74 -112.98
C6 NAG IA . 12.03 35.62 -113.47
C7 NAG IA . 16.99 39.02 -110.42
C8 NAG IA . 17.13 40.16 -109.45
N2 NAG IA . 15.90 39.03 -111.18
O3 NAG IA . 16.32 38.11 -113.88
O4 NAG IA . 13.95 37.11 -115.16
O5 NAG IA . 13.28 36.44 -111.61
O6 NAG IA . 11.76 35.74 -114.87
O7 NAG IA . 17.82 38.12 -110.49
C1 NAG JA . 32.92 22.39 -102.99
C2 NAG JA . 33.68 23.69 -102.86
C3 NAG JA . 34.83 23.77 -103.88
C4 NAG JA . 35.67 22.50 -103.87
C5 NAG JA . 34.79 21.26 -103.95
C6 NAG JA . 35.58 19.99 -103.80
C7 NAG JA . 32.18 25.44 -102.04
C8 NAG JA . 31.34 26.62 -102.41
N2 NAG JA . 32.79 24.83 -103.06
O3 NAG JA . 35.63 24.91 -103.57
O4 NAG JA . 36.50 22.50 -105.02
O5 NAG JA . 33.81 21.28 -102.89
O6 NAG JA . 34.75 18.84 -103.94
O7 NAG JA . 32.30 25.06 -100.88
C1 NAG JA . 37.88 22.74 -104.69
C2 NAG JA . 38.72 22.50 -105.95
C3 NAG JA . 40.17 22.89 -105.73
C4 NAG JA . 40.28 24.29 -105.18
C5 NAG JA . 39.44 24.40 -103.91
C6 NAG JA . 39.46 25.79 -103.30
C7 NAG JA . 37.71 20.72 -107.27
C8 NAG JA . 37.63 19.24 -107.53
N2 NAG JA . 38.60 21.12 -106.37
O3 NAG JA . 40.87 22.77 -106.97
O4 NAG JA . 41.65 24.60 -104.90
O5 NAG JA . 38.07 24.07 -104.19
O6 NAG JA . 40.69 26.45 -103.58
O7 NAG JA . 36.98 21.52 -107.84
C1 BMA JA . 41.84 21.71 -106.94
C2 BMA JA . 42.83 21.89 -108.07
C3 BMA JA . 43.90 20.81 -108.05
C4 BMA JA . 44.53 20.73 -106.67
C5 BMA JA . 43.46 20.52 -105.60
C6 BMA JA . 44.02 20.51 -104.19
O2 BMA JA . 43.45 23.17 -107.95
O3 BMA JA . 44.90 21.10 -109.02
O4 BMA JA . 45.46 19.65 -106.60
O5 BMA JA . 42.49 21.60 -105.67
O6 BMA JA . 43.06 20.03 -103.27
C1 NAG KA . -59.96 78.60 48.57
C2 NAG KA . -60.37 77.42 49.46
C3 NAG KA . -61.69 76.79 48.96
C4 NAG KA . -62.79 77.83 48.71
C5 NAG KA . -62.26 79.09 47.99
C6 NAG KA . -63.28 80.24 48.07
C7 NAG KA . -58.66 76.18 50.76
C8 NAG KA . -57.65 75.07 50.73
N2 NAG KA . -59.36 76.39 49.63
O3 NAG KA . -62.13 75.81 49.89
O4 NAG KA . -63.85 77.29 47.88
O5 NAG KA . -61.01 79.57 48.54
O6 NAG KA . -63.25 80.83 49.37
O7 NAG KA . -58.84 76.87 51.77
C1 NAG KA . -64.83 76.27 48.37
C2 NAG KA . -66.04 76.24 47.42
C3 NAG KA . -67.01 75.12 47.81
C4 NAG KA . -66.28 73.78 47.90
C5 NAG KA . -65.11 73.88 48.89
C6 NAG KA . -64.27 72.58 48.96
C7 NAG KA . -67.48 78.13 48.20
C8 NAG KA . -68.09 79.44 47.83
N2 NAG KA . -66.71 77.53 47.28
O3 NAG KA . -68.12 75.03 46.92
O4 NAG KA . -67.24 72.79 48.29
O5 NAG KA . -64.23 74.98 48.53
O6 NAG KA . -63.58 72.32 47.73
O7 NAG KA . -67.66 77.62 49.31
C1 NAG LA . 85.77 -73.88 -63.10
C2 NAG LA . 86.02 -75.19 -63.89
C3 NAG LA . 86.81 -76.19 -63.04
C4 NAG LA . 87.97 -75.56 -62.26
C5 NAG LA . 87.49 -74.34 -61.48
C6 NAG LA . 88.62 -73.64 -60.72
C7 NAG LA . 84.14 -75.41 -65.47
C8 NAG LA . 82.89 -76.18 -65.82
N2 NAG LA . 84.80 -75.81 -64.37
O3 NAG LA . 87.35 -77.24 -63.84
O4 NAG LA . 88.50 -76.54 -61.35
O5 NAG LA . 86.90 -73.40 -62.40
O6 NAG LA . 88.99 -74.37 -59.54
O7 NAG LA . 84.50 -74.45 -66.14
C1 NAG LA . 89.92 -76.92 -61.49
C2 NAG LA . 90.21 -77.98 -60.42
C3 NAG LA . 91.57 -78.67 -60.62
C4 NAG LA . 91.78 -79.09 -62.08
C5 NAG LA . 91.57 -77.87 -63.00
C6 NAG LA . 91.76 -78.20 -64.48
C7 NAG LA . 89.20 -77.79 -58.19
C8 NAG LA . 89.18 -77.05 -56.88
N2 NAG LA . 90.11 -77.42 -59.09
O3 NAG LA . 91.70 -79.80 -59.76
O4 NAG LA . 93.10 -79.64 -62.24
O5 NAG LA . 90.23 -77.35 -62.81
O6 NAG LA . 90.87 -79.24 -64.89
O7 NAG LA . 88.40 -78.70 -58.43
C1 BMA LA . 93.14 -81.07 -62.54
C2 BMA LA . 94.57 -81.52 -62.80
C3 BMA LA . 94.69 -83.02 -62.99
C4 BMA LA . 94.01 -83.78 -61.84
C5 BMA LA . 92.57 -83.29 -61.61
C6 BMA LA . 91.90 -83.92 -60.39
O2 BMA LA . 95.39 -81.09 -61.72
O3 BMA LA . 96.07 -83.39 -63.08
O4 BMA LA . 94.01 -85.19 -62.13
O5 BMA LA . 92.56 -81.83 -61.45
O6 BMA LA . 92.48 -83.45 -59.15
C1 NAG MA . 28.36 -42.41 -18.59
C2 NAG MA . 27.86 -42.83 -17.20
C3 NAG MA . 27.74 -41.66 -16.23
C4 NAG MA . 28.91 -40.67 -16.31
C5 NAG MA . 29.20 -40.29 -17.76
C6 NAG MA . 30.40 -39.38 -17.92
C7 NAG MA . 26.45 -44.81 -17.50
C8 NAG MA . 25.06 -45.39 -17.40
N2 NAG MA . 26.58 -43.50 -17.27
O3 NAG MA . 27.63 -42.11 -14.87
O4 NAG MA . 28.54 -39.51 -15.56
O5 NAG MA . 29.46 -41.51 -18.51
O6 NAG MA . 30.46 -38.84 -19.25
O7 NAG MA . 27.41 -45.50 -17.79
C1 NAG MA . 29.35 -39.18 -14.40
C2 NAG MA . 28.88 -37.83 -13.81
C3 NAG MA . 29.65 -37.47 -12.55
C4 NAG MA . 29.60 -38.63 -11.55
C5 NAG MA . 30.12 -39.92 -12.19
C6 NAG MA . 30.03 -41.14 -11.27
C7 NAG MA . 30.00 -36.30 -15.41
C8 NAG MA . 29.80 -35.17 -16.39
N2 NAG MA . 28.89 -36.75 -14.79
O3 NAG MA . 29.16 -36.27 -11.94
O4 NAG MA . 30.40 -38.28 -10.42
O5 NAG MA . 29.34 -40.20 -13.40
O6 NAG MA . 30.70 -42.26 -11.83
O7 NAG MA . 31.10 -36.78 -15.19
C1 NAG NA . -17.49 -56.88 51.99
C2 NAG NA . -18.77 -56.80 52.83
C3 NAG NA . -20.01 -57.34 52.10
C4 NAG NA . -20.08 -56.97 50.61
C5 NAG NA . -18.72 -57.10 49.92
C6 NAG NA . -18.72 -56.56 48.48
C7 NAG NA . -18.44 -56.92 55.29
C8 NAG NA . -18.55 -57.82 56.48
N2 NAG NA . -18.62 -57.51 54.10
O3 NAG NA . -21.19 -56.89 52.77
O4 NAG NA . -20.99 -57.85 49.93
O5 NAG NA . -17.71 -56.39 50.66
O6 NAG NA . -19.13 -55.19 48.42
O7 NAG NA . -18.23 -55.71 55.40
C1 NAG NA . -22.37 -57.42 49.70
C2 NAG NA . -23.03 -58.32 48.64
C3 NAG NA . -24.51 -57.98 48.47
C4 NAG NA . -25.23 -57.96 49.83
C5 NAG NA . -24.53 -56.99 50.78
C6 NAG NA . -25.19 -56.99 52.18
C7 NAG NA . -21.43 -59.14 46.96
C8 NAG NA . -20.69 -58.80 45.69
N2 NAG NA . -22.35 -58.25 47.36
O3 NAG NA . -25.17 -58.90 47.58
O4 NAG NA . -26.59 -57.56 49.62
O5 NAG NA . -23.13 -57.36 50.92
O6 NAG NA . -24.45 -56.18 53.10
O7 NAG NA . -21.21 -60.17 47.59
C1 NAG OA . -26.02 -57.56 62.15
C2 NAG OA . -27.53 -57.33 61.95
C3 NAG OA . -28.33 -58.19 62.93
C4 NAG OA . -27.93 -59.65 62.78
C5 NAG OA . -26.42 -59.81 62.90
C6 NAG OA . -25.97 -61.22 62.60
C7 NAG OA . -28.19 -55.16 61.09
C8 NAG OA . -28.44 -53.72 61.40
N2 NAG OA . -27.87 -55.93 62.12
O3 NAG OA . -29.71 -58.02 62.68
O4 NAG OA . -28.55 -60.41 63.82
O5 NAG OA . -25.74 -58.94 61.97
O6 NAG OA . -26.54 -62.13 63.54
O7 NAG OA . -28.25 -55.59 59.94
C1 NAG OA . -29.62 -61.19 63.27
C2 NAG OA . -29.95 -62.32 64.26
C3 NAG OA . -31.15 -63.12 63.78
C4 NAG OA . -32.32 -62.20 63.48
C5 NAG OA . -31.89 -61.12 62.48
C6 NAG OA . -32.98 -60.12 62.19
C7 NAG OA . -28.38 -63.55 65.64
C8 NAG OA . -27.25 -64.53 65.68
N2 NAG OA . -28.80 -63.19 64.44
O3 NAG OA . -31.52 -64.08 64.77
O4 NAG OA . -33.38 -62.98 62.90
O5 NAG OA . -30.77 -60.39 63.03
O6 NAG OA . -33.21 -59.26 63.31
O7 NAG OA . -28.89 -63.11 66.68
C1 BMA OA . -34.58 -62.91 63.68
C2 BMA OA . -35.76 -63.10 62.76
C3 BMA OA . -37.07 -63.14 63.52
C4 BMA OA . -37.01 -64.17 64.62
C5 BMA OA . -35.79 -63.92 65.51
C6 BMA OA . -35.60 -64.99 66.56
O2 BMA OA . -35.60 -64.29 62.00
O3 BMA OA . -38.14 -63.43 62.62
O4 BMA OA . -38.19 -64.11 65.42
O5 BMA OA . -34.59 -63.90 64.71
O6 BMA OA . -34.55 -64.65 67.46
C1 NAG PA . 9.93 -73.15 86.84
C2 NAG PA . 9.72 -74.65 87.12
C3 NAG PA . 10.90 -75.18 87.91
C4 NAG PA . 12.19 -74.90 87.15
C5 NAG PA . 12.28 -73.44 86.72
C6 NAG PA . 13.44 -73.20 85.77
C7 NAG PA . 7.34 -75.21 87.08
C8 NAG PA . 6.17 -75.64 87.88
N2 NAG PA . 8.46 -74.92 87.77
O3 NAG PA . 10.75 -76.57 88.18
O4 NAG PA . 13.29 -75.20 88.02
O5 NAG PA . 11.09 -73.03 86.02
O6 NAG PA . 13.54 -74.20 84.76
O7 NAG PA . 7.29 -75.14 85.85
C1 NAG PA . 13.95 -76.42 87.67
C2 NAG PA . 14.88 -76.82 88.81
C3 NAG PA . 15.62 -78.11 88.46
C4 NAG PA . 14.63 -79.20 88.07
C5 NAG PA . 13.69 -78.70 86.98
C6 NAG PA . 12.62 -79.69 86.64
C7 NAG PA . 15.57 -74.87 90.10
C8 NAG PA . 16.51 -73.71 90.21
N2 NAG PA . 15.80 -75.75 89.14
O3 NAG PA . 16.42 -78.50 89.57
O4 NAG PA . 15.36 -80.33 87.60
O5 NAG PA . 13.05 -77.49 87.42
O6 NAG PA . 13.15 -80.94 86.20
O7 NAG PA . 14.62 -75.00 90.87
C1 NAG QA . 6.67 -62.68 44.13
C2 NAG QA . 7.75 -63.70 44.50
C3 NAG QA . 8.43 -64.27 43.25
C4 NAG QA . 7.42 -64.65 42.17
C5 NAG QA . 6.36 -63.57 41.95
C6 NAG QA . 5.27 -64.03 41.01
C7 NAG QA . 9.87 -63.61 45.76
C8 NAG QA . 11.04 -62.70 45.83
N2 NAG QA . 8.71 -63.06 45.38
O3 NAG QA . 9.19 -65.42 43.59
O4 NAG QA . 8.14 -64.81 40.94
O5 NAG QA . 5.74 -63.24 43.20
O6 NAG QA . 4.24 -63.05 40.90
O7 NAG QA . 9.95 -64.81 46.02
C1 NAG QA . 8.17 -66.18 40.51
C2 NAG QA . 9.22 -66.28 39.40
C3 NAG QA . 9.41 -67.73 38.95
C4 NAG QA . 9.66 -68.63 40.16
C5 NAG QA . 8.54 -68.45 41.17
C6 NAG QA . 8.73 -69.29 42.42
C7 NAG QA . 9.14 -64.13 38.23
C8 NAG QA . 8.29 -63.32 37.31
N2 NAG QA . 8.88 -65.45 38.27
O3 NAG QA . 10.49 -67.81 38.03
O4 NAG QA . 9.70 -69.99 39.73
O5 NAG QA . 8.50 -67.07 41.58
O6 NAG QA . 9.97 -69.02 43.06
O7 NAG QA . 10.01 -63.63 38.94
C1 NAG RA . -11.45 -75.74 99.67
C2 NAG RA . -12.08 -76.14 101.01
C3 NAG RA . -11.44 -75.38 102.16
C4 NAG RA . -9.93 -75.60 102.15
C5 NAG RA . -9.37 -75.27 100.78
C6 NAG RA . -7.91 -75.62 100.66
C7 NAG RA . -14.39 -76.94 101.14
C8 NAG RA . -15.77 -76.60 101.61
N2 NAG RA . -13.51 -75.94 101.10
O3 NAG RA . -12.01 -75.79 103.40
O4 NAG RA . -9.33 -74.74 103.12
O5 NAG RA . -10.06 -76.02 99.74
O6 NAG RA . -7.74 -77.05 100.72
O7 NAG RA . -14.07 -78.08 100.81
C1 NAG RA . -9.03 -75.37 104.39
C2 NAG RA . -8.10 -74.41 105.13
C3 NAG RA . -7.69 -75.00 106.48
C4 NAG RA . -8.92 -75.35 107.30
C5 NAG RA . -9.86 -76.24 106.48
C6 NAG RA . -11.16 -76.49 107.21
C7 NAG RA . -6.74 -72.87 103.82
C8 NAG RA . -5.78 -72.80 102.68
N2 NAG RA . -6.93 -74.09 104.34
O3 NAG RA . -6.86 -74.08 107.17
O4 NAG RA . -8.52 -76.03 108.49
O5 NAG RA . -10.18 -75.61 105.21
O6 NAG RA . -11.87 -75.28 107.45
O7 NAG RA . -7.33 -71.89 104.26
C1 BMA RA . -8.56 -75.21 109.67
C2 BMA RA . -8.68 -76.13 110.87
C3 BMA RA . -8.65 -75.36 112.18
C4 BMA RA . -7.47 -74.42 112.22
C5 BMA RA . -7.43 -73.54 110.98
C6 BMA RA . -6.21 -72.65 110.95
O2 BMA RA . -7.63 -77.09 110.85
O3 BMA RA . -8.57 -76.29 113.26
O4 BMA RA . -7.56 -73.59 113.38
O5 BMA RA . -7.40 -74.37 109.80
O6 BMA RA . -5.73 -72.41 109.62
C1 MAN RA . -9.81 -76.38 113.99
C2 MAN RA . -9.55 -77.01 115.33
C3 MAN RA . -9.10 -78.46 115.19
C4 MAN RA . -10.09 -79.24 114.35
C5 MAN RA . -10.35 -78.51 113.02
C6 MAN RA . -11.43 -79.16 112.19
O2 MAN RA . -10.73 -76.94 116.13
O3 MAN RA . -8.97 -79.06 116.47
O4 MAN RA . -9.58 -80.54 114.07
O5 MAN RA . -10.77 -77.16 113.28
O6 MAN RA . -12.71 -79.01 112.81
C1 MAN RA . -4.63 -71.46 109.50
C2 MAN RA . -4.31 -71.30 108.00
C3 MAN RA . -3.68 -72.57 107.41
C4 MAN RA . -2.48 -73.04 108.25
C5 MAN RA . -2.84 -73.13 109.76
C6 MAN RA . -1.62 -73.42 110.65
O2 MAN RA . -3.44 -70.20 107.78
O3 MAN RA . -3.27 -72.31 106.07
O4 MAN RA . -2.05 -74.32 107.75
O5 MAN RA . -3.45 -71.88 110.21
O6 MAN RA . -2.01 -73.58 112.01
C1 NAG SA . -25.48 -57.61 89.50
C2 NAG SA . -26.80 -57.12 90.07
C3 NAG SA . -27.99 -57.95 89.55
C4 NAG SA . -27.96 -58.05 88.04
C5 NAG SA . -26.60 -58.56 87.59
C6 NAG SA . -26.48 -58.62 86.08
C7 NAG SA . -27.33 -56.09 92.20
C8 NAG SA . -27.98 -56.41 93.51
N2 NAG SA . -26.86 -57.13 91.51
O3 NAG SA . -29.20 -57.36 90.00
O4 NAG SA . -28.98 -58.96 87.62
O5 NAG SA . -25.56 -57.69 88.08
O6 NAG SA . -26.94 -57.41 85.46
O7 NAG SA . -27.23 -54.95 91.79
C1 NAG SA . -29.98 -58.33 86.80
C2 NAG SA . -30.87 -59.45 86.25
C3 NAG SA . -32.03 -58.88 85.44
C4 NAG SA . -32.78 -57.83 86.24
C5 NAG SA . -31.80 -56.76 86.71
C6 NAG SA . -32.44 -55.70 87.57
C7 NAG SA . -29.65 -61.54 86.00
C8 NAG SA . -28.54 -62.21 85.27
N2 NAG SA . -30.11 -60.39 85.48
O3 NAG SA . -32.89 -59.95 85.05
O4 NAG SA . -33.78 -57.24 85.42
O5 NAG SA . -30.77 -57.37 87.50
O6 NAG SA . -33.09 -56.27 88.70
O7 NAG SA . -30.13 -62.00 87.03
C1 NAG TA . -40.04 -17.05 96.21
C2 NAG TA . -40.86 -16.84 97.48
C3 NAG TA . -40.76 -18.04 98.43
C4 NAG TA . -40.78 -19.38 97.68
C5 NAG TA . -39.88 -19.40 96.44
C6 NAG TA . -40.00 -20.68 95.63
C7 NAG TA . -39.41 -15.14 98.54
C8 NAG TA . -39.36 -13.78 99.18
N2 NAG TA . -40.61 -15.58 98.16
O3 NAG TA . -41.86 -17.95 99.33
O4 NAG TA . -40.31 -20.45 98.52
O5 NAG TA . -40.26 -18.30 95.58
O6 NAG TA . -39.28 -20.55 94.41
O7 NAG TA . -38.40 -15.80 98.36
C1 NAG TA . -41.35 -21.08 99.30
C2 NAG TA . -40.97 -22.55 99.60
C3 NAG TA . -42.06 -23.20 100.43
C4 NAG TA . -42.40 -22.35 101.64
C5 NAG TA . -42.71 -20.89 101.27
C6 NAG TA . -42.94 -20.02 102.50
C7 NAG TA . -39.47 -23.70 98.05
C8 NAG TA . -39.34 -24.47 96.76
N2 NAG TA . -40.70 -23.30 98.40
O3 NAG TA . -41.67 -24.51 100.87
O4 NAG TA . -43.56 -22.88 102.29
O5 NAG TA . -41.60 -20.37 100.50
O6 NAG TA . -43.08 -18.65 102.12
O7 NAG TA . -38.49 -23.43 98.74
C1 BMA TA . -43.26 -23.33 103.63
C2 BMA TA . -44.47 -23.20 104.50
C3 BMA TA . -44.19 -23.66 105.91
C4 BMA TA . -43.61 -25.08 105.90
C5 BMA TA . -42.43 -25.15 104.94
C6 BMA TA . -41.90 -26.56 104.78
O2 BMA TA . -45.53 -23.96 103.94
O3 BMA TA . -45.38 -23.64 106.70
O4 BMA TA . -43.18 -25.44 107.21
O5 BMA TA . -42.81 -24.69 103.63
O6 BMA TA . -42.96 -27.48 104.56
C1 MAN TA . -45.57 -22.36 107.32
C2 MAN TA . -46.30 -22.58 108.62
C3 MAN TA . -47.69 -23.13 108.39
C4 MAN TA . -48.46 -22.26 107.41
C5 MAN TA . -47.63 -22.00 106.15
C6 MAN TA . -48.27 -20.99 105.23
O2 MAN TA . -46.37 -21.34 109.34
O3 MAN TA . -48.39 -23.19 109.64
O4 MAN TA . -49.67 -22.91 107.03
O5 MAN TA . -46.34 -21.47 106.51
O6 MAN TA . -47.51 -20.82 104.04
C1 MAN TA . -42.56 -28.82 104.91
C2 MAN TA . -43.47 -29.80 104.23
C3 MAN TA . -44.90 -29.67 104.73
C4 MAN TA . -44.93 -29.78 106.26
C5 MAN TA . -43.92 -28.83 106.88
C6 MAN TA . -43.78 -29.02 108.38
O2 MAN TA . -42.99 -31.13 104.45
O3 MAN TA . -45.72 -30.68 104.15
O4 MAN TA . -46.24 -29.47 106.73
O5 MAN TA . -42.61 -29.04 106.31
O6 MAN TA . -42.79 -28.15 108.91
C1 NAG UA . -25.67 -11.00 72.66
C2 NAG UA . -25.82 -12.02 73.79
C3 NAG UA . -25.88 -13.47 73.27
C4 NAG UA . -26.81 -13.63 72.05
C5 NAG UA . -26.47 -12.58 70.99
C6 NAG UA . -27.39 -12.65 69.77
C7 NAG UA . -24.80 -11.00 75.80
C8 NAG UA . -23.71 -11.11 76.82
N2 NAG UA . -24.79 -11.90 74.80
O3 NAG UA . -26.26 -14.35 74.34
O4 NAG UA . -26.69 -14.94 71.47
O5 NAG UA . -26.56 -11.25 71.57
O6 NAG UA . -27.45 -11.41 69.07
O7 NAG UA . -25.66 -10.12 75.86
C1 NAG UA . -27.58 -16.02 71.98
C2 NAG UA . -27.94 -17.02 70.86
C3 NAG UA . -28.83 -18.14 71.41
C4 NAG UA . -28.16 -18.80 72.62
C5 NAG UA . -27.81 -17.75 73.69
C6 NAG UA . -27.06 -18.38 74.87
C7 NAG UA . -27.96 -16.18 68.53
C8 NAG UA . -28.72 -15.40 67.50
N2 NAG UA . -28.56 -16.36 69.71
O3 NAG UA . -29.14 -19.12 70.42
O4 NAG UA . -29.06 -19.77 73.15
O5 NAG UA . -26.99 -16.71 73.10
O6 NAG UA . -26.77 -17.40 75.88
O7 NAG UA . -26.84 -16.63 68.30
C1 NAG VA . -11.96 19.47 50.10
C2 NAG VA . -11.59 19.17 48.65
C3 NAG VA . -11.32 20.45 47.87
C4 NAG VA . -12.47 21.43 48.03
C5 NAG VA . -12.78 21.64 49.51
C6 NAG VA . -14.00 22.51 49.73
C7 NAG VA . -10.57 17.06 48.01
C8 NAG VA . -9.32 16.23 47.98
N2 NAG VA . -10.45 18.27 48.56
O3 NAG VA . -11.13 20.13 46.50
O4 NAG VA . -12.11 22.69 47.44
O5 NAG VA . -13.05 20.37 50.13
O6 NAG VA . -13.83 23.81 49.19
O7 NAG VA . -11.63 16.66 47.55
C1 NAG VA . -12.83 22.91 46.22
C2 NAG VA . -12.75 24.40 45.87
C3 NAG VA . -13.42 24.67 44.53
C4 NAG VA . -12.89 23.75 43.45
C5 NAG VA . -13.02 22.30 43.90
C6 NAG VA . -12.42 21.31 42.93
C7 NAG VA . -12.63 26.08 47.63
C8 NAG VA . -13.35 27.27 48.17
N2 NAG VA . -13.35 25.23 46.90
O3 NAG VA . -13.24 26.04 44.18
O4 NAG VA . -13.62 23.94 42.25
O5 NAG VA . -12.31 22.12 45.16
O6 NAG VA . -11.00 21.48 42.83
O7 NAG VA . -11.43 25.89 47.85
C1 NAG WA . 4.56 -23.80 -2.41
C2 NAG WA . 5.54 -23.16 -1.41
C3 NAG WA . 6.81 -24.03 -1.30
C4 NAG WA . 6.47 -25.50 -1.01
C5 NAG WA . 5.51 -26.04 -2.08
C6 NAG WA . 5.00 -27.45 -1.80
C7 NAG WA . 5.30 -20.71 -1.19
C8 NAG WA . 5.73 -19.37 -1.72
N2 NAG WA . 5.87 -21.79 -1.76
O3 NAG WA . 7.71 -23.53 -0.31
O4 NAG WA . 7.70 -26.26 -1.02
O5 NAG WA . 4.34 -25.18 -2.17
O6 NAG WA . 4.14 -27.46 -0.66
O7 NAG WA . 4.48 -20.83 -0.30
C1 NAG WA . 8.39 -26.60 0.22
C2 NAG WA . 8.25 -28.11 0.44
C3 NAG WA . 9.18 -28.57 1.56
C4 NAG WA . 10.59 -28.02 1.37
C5 NAG WA . 10.53 -26.50 1.28
C6 NAG WA . 11.88 -25.87 1.06
C7 NAG WA . 6.44 -29.75 0.73
C8 NAG WA . 5.32 -30.06 1.68
N2 NAG WA . 6.87 -28.48 0.72
O3 NAG WA . 9.24 -30.00 1.58
O4 NAG WA . 11.36 -28.40 2.50
O5 NAG WA . 9.74 -26.15 0.13
O6 NAG WA . 12.33 -26.10 -0.28
O7 NAG WA . 6.91 -30.60 -0.01
C1 BMA WA . 12.56 -29.06 2.08
C2 BMA WA . 13.53 -29.05 3.24
C3 BMA WA . 14.78 -29.84 2.95
C4 BMA WA . 14.42 -31.24 2.46
C5 BMA WA . 13.48 -31.14 1.27
C6 BMA WA . 13.01 -32.50 0.78
O2 BMA WA . 12.88 -29.55 4.41
O3 BMA WA . 15.58 -29.93 4.14
O4 BMA WA . 15.60 -31.94 2.08
O5 BMA WA . 12.29 -30.41 1.64
O6 BMA WA . 12.26 -32.37 -0.42
C1 NAG XA . 15.84 -22.41 -57.02
C2 NAG XA . 16.21 -23.65 -57.83
C3 NAG XA . 17.18 -24.51 -57.06
C4 NAG XA . 18.43 -23.69 -56.74
C5 NAG XA . 18.02 -22.41 -56.02
C6 NAG XA . 19.19 -21.47 -55.80
C7 NAG XA . 14.49 -24.32 -59.38
C8 NAG XA . 13.33 -25.22 -59.65
N2 NAG XA . 15.03 -24.41 -58.17
O3 NAG XA . 17.52 -25.64 -57.86
O4 NAG XA . 19.28 -24.46 -55.89
O5 NAG XA . 17.04 -21.67 -56.79
O6 NAG XA . 19.43 -20.63 -56.94
O7 NAG XA . 14.92 -23.54 -60.22
C1 NAG XA . 20.33 -25.09 -56.64
C2 NAG XA . 21.35 -25.67 -55.65
C3 NAG XA . 22.56 -26.20 -56.42
C4 NAG XA . 22.12 -27.25 -57.43
C5 NAG XA . 20.94 -26.75 -58.26
C6 NAG XA . 20.29 -27.89 -59.03
C7 NAG XA . 21.19 -24.72 -53.44
C8 NAG XA . 21.78 -23.76 -52.44
N2 NAG XA . 21.74 -24.71 -54.65
O3 NAG XA . 23.50 -26.73 -55.50
O4 NAG XA . 23.21 -27.53 -58.30
O5 NAG XA . 19.90 -26.18 -57.44
O6 NAG XA . 19.91 -28.94 -58.16
O7 NAG XA . 20.26 -25.46 -53.16
C1 BMA XA . 23.80 -28.81 -57.99
C2 BMA XA . 24.71 -29.22 -59.14
C3 BMA XA . 25.38 -30.56 -58.87
C4 BMA XA . 26.09 -30.53 -57.52
C5 BMA XA . 25.12 -30.09 -56.43
C6 BMA XA . 25.80 -29.94 -55.08
O2 BMA XA . 25.68 -28.20 -59.36
O3 BMA XA . 26.31 -30.85 -59.91
O4 BMA XA . 26.59 -31.83 -57.21
O5 BMA XA . 24.55 -28.80 -56.76
O6 BMA XA . 24.91 -29.42 -54.09
C1 NAG YA . 14.68 -33.93 -65.00
C2 NAG YA . 15.61 -34.77 -65.87
C3 NAG YA . 14.93 -36.07 -66.28
C4 NAG YA . 14.37 -36.78 -65.06
C5 NAG YA . 13.50 -35.83 -64.25
C6 NAG YA . 12.96 -36.45 -62.99
C7 NAG YA . 17.25 -33.64 -67.25
C8 NAG YA . 17.60 -33.22 -68.64
N2 NAG YA . 16.00 -34.03 -67.04
O3 NAG YA . 15.86 -36.91 -66.95
O4 NAG YA . 13.58 -37.87 -65.53
O5 NAG YA . 14.28 -34.68 -63.87
O6 NAG YA . 13.89 -36.36 -61.92
O7 NAG YA . 18.07 -33.63 -66.34
C1 NAG YA . 14.11 -39.10 -65.01
C2 NAG YA . 12.91 -40.03 -64.89
C3 NAG YA . 13.33 -41.47 -64.58
C4 NAG YA . 14.52 -41.91 -65.43
C5 NAG YA . 15.64 -40.87 -65.33
C6 NAG YA . 16.85 -41.24 -66.15
C7 NAG YA . 10.83 -40.05 -63.63
C8 NAG YA . 10.54 -40.28 -62.18
N2 NAG YA . 12.02 -39.51 -63.89
O3 NAG YA . 12.23 -42.33 -64.83
O4 NAG YA . 15.02 -43.16 -64.98
O5 NAG YA . 15.14 -39.63 -65.82
O6 NAG YA . 17.91 -40.31 -65.91
O7 NAG YA . 10.04 -40.37 -64.51
C1 BMA YA . 14.57 -44.19 -65.87
C2 BMA YA . 15.48 -45.39 -65.63
C3 BMA YA . 14.96 -46.64 -66.31
C4 BMA YA . 13.50 -46.87 -65.98
C5 BMA YA . 12.71 -45.64 -66.41
C6 BMA YA . 11.22 -45.78 -66.19
O2 BMA YA . 15.63 -45.62 -64.23
O3 BMA YA . 15.74 -47.76 -65.88
O4 BMA YA . 13.00 -48.01 -66.66
O5 BMA YA . 13.18 -44.51 -65.65
O6 BMA YA . 10.91 -45.88 -64.81
C1 MAN YA . 16.47 -48.31 -66.98
C2 MAN YA . 16.64 -49.78 -66.76
C3 MAN YA . 17.47 -50.05 -65.52
C4 MAN YA . 18.79 -49.31 -65.59
C5 MAN YA . 18.58 -47.83 -65.92
C6 MAN YA . 19.87 -47.11 -66.20
O2 MAN YA . 17.22 -50.39 -67.91
O3 MAN YA . 17.70 -51.45 -65.39
O4 MAN YA . 19.47 -49.42 -64.35
O5 MAN YA . 17.77 -47.72 -67.11
O6 MAN YA . 19.65 -45.71 -66.37
C1 MAN YA . 9.50 -45.76 -64.60
C2 MAN YA . 9.20 -44.65 -63.62
C3 MAN YA . 9.79 -44.95 -62.26
C4 MAN YA . 9.33 -46.31 -61.77
C5 MAN YA . 9.59 -47.38 -62.83
C6 MAN YA . 9.01 -48.73 -62.47
O2 MAN YA . 7.80 -44.44 -63.54
O3 MAN YA . 9.40 -43.93 -61.33
O4 MAN YA . 10.03 -46.67 -60.58
O5 MAN YA . 8.98 -46.98 -64.08
O6 MAN YA . 7.60 -48.66 -62.31
C1 NAG ZA . -29.56 -26.19 -36.56
C2 NAG ZA . -28.57 -25.65 -35.51
C3 NAG ZA . -29.18 -25.77 -34.11
C4 NAG ZA . -30.60 -25.20 -34.02
C5 NAG ZA . -31.50 -25.73 -35.15
C6 NAG ZA . -32.85 -25.04 -35.29
C7 NAG ZA . -26.10 -25.78 -35.56
C8 NAG ZA . -24.92 -26.70 -35.71
N2 NAG ZA . -27.31 -26.36 -35.62
O3 NAG ZA . -28.35 -25.13 -33.13
O4 NAG ZA . -31.10 -25.59 -32.73
O5 NAG ZA . -30.85 -25.58 -36.44
O6 NAG ZA . -32.72 -23.62 -35.39
O7 NAG ZA . -25.96 -24.57 -35.39
C1 NAG ZA . -32.01 -24.68 -32.03
C2 NAG ZA . -32.44 -25.32 -30.70
C3 NAG ZA . -33.37 -24.38 -29.91
C4 NAG ZA . -32.75 -22.98 -29.78
C5 NAG ZA . -32.28 -22.43 -31.14
C6 NAG ZA . -31.50 -21.11 -31.04
C7 NAG ZA . -34.03 -27.01 -31.60
C8 NAG ZA . -34.37 -28.47 -31.67
N2 NAG ZA . -32.98 -26.67 -30.84
O3 NAG ZA . -33.69 -24.90 -28.62
O4 NAG ZA . -33.76 -22.13 -29.22
O5 NAG ZA . -31.41 -23.40 -31.79
O6 NAG ZA . -32.28 -20.08 -30.41
O7 NAG ZA . -34.67 -26.18 -32.22
C1 NAG AB . -15.69 -38.18 -38.31
C2 NAG AB . -14.44 -38.57 -37.53
C3 NAG AB . -14.60 -38.33 -36.04
C4 NAG AB . -15.16 -36.94 -35.75
C5 NAG AB . -16.42 -36.70 -36.57
C6 NAG AB . -16.96 -35.31 -36.39
C7 NAG AB . -13.46 -40.34 -38.88
C8 NAG AB . -13.26 -41.81 -39.06
N2 NAG AB . -14.07 -39.95 -37.76
O3 NAG AB . -13.35 -38.53 -35.40
O4 NAG AB . -15.47 -36.85 -34.38
O5 NAG AB . -16.14 -36.88 -37.97
O6 NAG AB . -16.17 -34.37 -37.11
O7 NAG AB . -13.07 -39.52 -39.70
C1 NAG AB . -14.50 -36.11 -33.62
C2 NAG AB . -15.21 -35.55 -32.38
C3 NAG AB . -14.20 -34.92 -31.43
C4 NAG AB . -13.09 -35.91 -31.11
C5 NAG AB . -12.43 -36.35 -32.41
C6 NAG AB . -11.34 -37.37 -32.17
C7 NAG AB . -17.50 -34.93 -32.86
C8 NAG AB . -18.51 -33.86 -32.61
N2 NAG AB . -16.23 -34.59 -32.73
O3 NAG AB . -14.85 -34.49 -30.23
O4 NAG AB . -12.12 -35.29 -30.27
O5 NAG AB . -13.41 -36.96 -33.27
O6 NAG AB . -10.63 -37.65 -33.38
O7 NAG AB . -17.83 -36.08 -33.15
C1 NAG BB . -23.70 -27.18 -94.95
C2 NAG BB . -22.94 -27.74 -96.16
C3 NAG BB . -23.67 -27.42 -97.47
C4 NAG BB . -25.16 -27.70 -97.40
C5 NAG BB . -25.75 -26.98 -96.20
C6 NAG BB . -27.26 -27.18 -96.08
C7 NAG BB . -20.51 -27.88 -96.53
C8 NAG BB . -19.23 -27.09 -96.61
N2 NAG BB . -21.61 -27.17 -96.19
O3 NAG BB . -23.08 -28.12 -98.58
O4 NAG BB . -25.85 -27.23 -98.58
O5 NAG BB . -25.11 -27.46 -95.00
O6 NAG BB . -27.95 -26.19 -96.83
O7 NAG BB . -20.57 -29.07 -96.78
C1 NAG BB . -26.24 -28.23 -99.59
C2 NAG BB . -27.27 -27.62 -100.55
C3 NAG BB . -27.71 -28.68 -101.57
C4 NAG BB . -26.50 -29.19 -102.35
C5 NAG BB . -25.44 -29.72 -101.36
C6 NAG BB . -24.13 -30.11 -102.07
C7 NAG BB . -28.83 -25.76 -100.13
C8 NAG BB . -30.02 -25.27 -99.36
N2 NAG BB . -28.39 -27.01 -99.86
O3 NAG BB . -28.72 -28.17 -102.43
O4 NAG BB . -26.86 -30.24 -103.28
O5 NAG BB . -25.13 -28.74 -100.33
O6 NAG BB . -23.18 -30.61 -101.15
O7 NAG BB . -28.28 -25.08 -100.98
C1 BMA BB . -27.29 -29.88 -104.63
C2 BMA BB . -26.83 -30.96 -105.63
C3 BMA BB . -27.35 -30.67 -107.05
C4 BMA BB . -28.87 -30.52 -107.04
C5 BMA BB . -29.32 -29.46 -106.02
C6 BMA BB . -30.84 -29.45 -105.88
O2 BMA BB . -27.27 -32.22 -105.16
O3 BMA BB . -26.93 -31.72 -107.97
O4 BMA BB . -29.33 -30.14 -108.35
O5 BMA BB . -28.73 -29.74 -104.70
O6 BMA BB . -31.26 -28.52 -104.86
C1 MAN BB . -26.17 -31.24 -109.12
C2 MAN BB . -26.02 -32.33 -110.19
C3 MAN BB . -25.00 -33.40 -109.81
C4 MAN BB . -23.67 -32.77 -109.38
C5 MAN BB . -23.93 -31.78 -108.23
C6 MAN BB . -22.69 -31.07 -107.72
O2 MAN BB . -25.66 -31.77 -111.46
O3 MAN BB . -24.78 -34.28 -110.92
O4 MAN BB . -22.74 -33.78 -108.96
O5 MAN BB . -24.88 -30.75 -108.71
O6 MAN BB . -23.00 -30.32 -106.55
C1 MAN BB . -32.58 -28.82 -104.28
C2 MAN BB . -33.05 -27.65 -103.42
C3 MAN BB . -32.10 -27.42 -102.25
C4 MAN BB . -31.91 -28.70 -101.43
C5 MAN BB . -31.60 -29.92 -102.31
C6 MAN BB . -31.67 -31.24 -101.54
O2 MAN BB . -34.37 -27.88 -102.92
O3 MAN BB . -32.61 -26.37 -101.42
O4 MAN BB . -30.81 -28.51 -100.52
O5 MAN BB . -32.51 -30.02 -103.46
O6 MAN BB . -30.91 -32.25 -102.21
C1 NAG CB . -9.94 -36.22 -104.79
C2 NAG CB . -11.29 -35.73 -105.31
C3 NAG CB . -12.30 -35.63 -104.16
C4 NAG CB . -12.42 -36.97 -103.42
C5 NAG CB . -11.05 -37.45 -102.95
C6 NAG CB . -11.11 -38.87 -102.38
C7 NAG CB . -11.07 -34.38 -107.33
C8 NAG CB . -10.99 -33.00 -107.92
N2 NAG CB . -11.22 -34.47 -106.01
O3 NAG CB . -13.58 -35.22 -104.65
O4 NAG CB . -13.30 -36.82 -102.28
O5 NAG CB . -10.09 -37.44 -104.05
O6 NAG CB . -9.87 -39.25 -101.80
O7 NAG CB . -11.03 -35.38 -108.04
C1 NAG CB . -14.49 -37.68 -102.26
C2 NAG CB . -15.07 -37.76 -100.84
C3 NAG CB . -16.34 -38.62 -100.80
C4 NAG CB . -17.35 -38.13 -101.85
C5 NAG CB . -16.69 -38.10 -103.23
C6 NAG CB . -17.62 -37.57 -104.33
C7 NAG CB . -13.34 -37.47 -99.11
C8 NAG CB . -12.38 -38.17 -98.17
N2 NAG CB . -14.09 -38.26 -99.88
O3 NAG CB . -16.94 -38.63 -99.50
O4 NAG CB . -18.49 -39.00 -101.84
O5 NAG CB . -15.50 -37.27 -103.20
O6 NAG CB . -18.30 -36.37 -103.93
O7 NAG CB . -13.41 -36.25 -99.17
C1 BMA CB . -19.78 -38.43 -101.45
C2 BMA CB . -20.89 -39.46 -101.74
C3 BMA CB . -22.27 -38.98 -101.28
C4 BMA CB . -22.22 -38.55 -99.81
C5 BMA CB . -21.10 -37.52 -99.55
C6 BMA CB . -20.97 -37.12 -98.07
O2 BMA CB . -20.55 -40.69 -101.11
O3 BMA CB . -23.29 -40.00 -101.44
O4 BMA CB . -23.50 -38.02 -99.46
O5 BMA CB . -19.82 -38.07 -100.04
O6 BMA CB . -19.86 -37.73 -97.36
C1 MAN CB . -23.72 -40.32 -102.80
C2 MAN CB . -25.07 -41.06 -102.79
C3 MAN CB . -24.94 -42.48 -102.24
C4 MAN CB . -23.86 -43.26 -102.99
C5 MAN CB . -22.53 -42.49 -102.91
C6 MAN CB . -21.37 -43.15 -103.65
O2 MAN CB . -25.65 -41.12 -104.10
O3 MAN CB . -26.19 -43.15 -102.33
O4 MAN CB . -23.72 -44.57 -102.42
O5 MAN CB . -22.72 -41.14 -103.48
O6 MAN CB . -20.15 -42.44 -103.35
C1 MAN CB . -19.90 -39.18 -97.22
C2 MAN CB . -20.71 -39.60 -95.97
C3 MAN CB . -19.88 -39.62 -94.68
C4 MAN CB . -18.56 -40.35 -94.91
C5 MAN CB . -17.79 -39.62 -96.01
C6 MAN CB . -16.40 -40.15 -96.27
O2 MAN CB . -21.32 -40.88 -96.16
O3 MAN CB . -20.61 -40.23 -93.62
O4 MAN CB . -17.79 -40.40 -93.69
O5 MAN CB . -18.56 -39.76 -97.24
O6 MAN CB . -15.66 -39.27 -97.14
C1 NAG DB . -16.81 34.17 -106.37
C2 NAG DB . -16.71 35.59 -106.94
C3 NAG DB . -17.84 35.82 -107.94
C4 NAG DB . -17.81 34.75 -109.00
C5 NAG DB . -17.86 33.36 -108.36
C6 NAG DB . -17.71 32.25 -109.39
C7 NAG DB . -15.60 37.00 -105.30
C8 NAG DB . -15.71 38.26 -104.49
N2 NAG DB . -16.73 36.58 -105.89
O3 NAG DB . -17.71 37.11 -108.50
O4 NAG DB . -18.96 34.88 -109.85
O5 NAG DB . -16.79 33.21 -107.41
O6 NAG DB . -17.97 30.99 -108.79
O7 NAG DB . -14.55 36.39 -105.42
C1 NAG DB . -18.58 35.34 -111.15
C2 NAG DB . -19.88 35.54 -111.93
C3 NAG DB . -19.66 36.30 -113.23
C4 NAG DB . -18.82 37.55 -113.01
C5 NAG DB . -17.50 37.13 -112.34
C6 NAG DB . -16.56 38.29 -112.08
C7 NAG DB . -21.56 33.81 -111.58
C8 NAG DB . -21.72 32.31 -111.50
N2 NAG DB . -20.49 34.26 -112.23
O3 NAG DB . -20.93 36.65 -113.78
O4 NAG DB . -18.56 38.17 -114.26
O5 NAG DB . -17.81 36.53 -111.06
O6 NAG DB . -16.30 39.03 -113.28
O7 NAG DB . -22.37 34.57 -111.06
C1 NAG EB . -37.15 42.44 -95.21
C2 NAG EB . -37.94 41.31 -95.87
C3 NAG EB . -39.10 41.87 -96.69
C4 NAG EB . -39.92 42.89 -95.90
C5 NAG EB . -39.02 43.92 -95.25
C6 NAG EB . -39.78 44.85 -94.33
C7 NAG EB . -36.40 39.47 -96.32
C8 NAG EB . -35.51 38.83 -97.32
N2 NAG EB . -37.07 40.54 -96.74
O3 NAG EB . -39.92 40.77 -97.09
O4 NAG EB . -40.78 43.57 -96.81
O5 NAG EB . -38.02 43.26 -94.44
O6 NAG EB . -38.95 45.87 -93.81
O7 NAG EB . -36.52 39.04 -95.17
C1 NAG EB . -42.15 43.20 -96.66
C2 NAG EB . -42.98 44.15 -97.50
C3 NAG EB . -44.45 43.72 -97.55
C4 NAG EB . -44.57 42.25 -97.93
C5 NAG EB . -43.73 41.42 -96.97
C6 NAG EB . -43.77 39.94 -97.31
C7 NAG EB . -41.97 46.37 -97.50
C8 NAG EB . -41.88 47.71 -96.83
N2 NAG EB . -42.87 45.51 -97.01
O3 NAG EB . -45.15 44.55 -98.48
O4 NAG EB . -45.94 41.87 -97.85
O5 NAG EB . -42.35 41.85 -97.04
O6 NAG EB . -45.01 39.58 -97.92
O7 NAG EB . -41.25 46.06 -98.45
C1 BMA EB . -46.12 45.43 -97.85
C2 BMA EB . -46.67 46.48 -98.82
C3 BMA EB . -47.63 47.42 -98.11
C4 BMA EB . -48.75 46.64 -97.40
C5 BMA EB . -48.18 45.53 -96.50
C6 BMA EB . -49.26 44.61 -95.94
O2 BMA EB . -47.31 45.86 -99.93
O3 BMA EB . -48.18 48.33 -99.07
O4 BMA EB . -49.54 47.53 -96.59
O5 BMA EB . -47.24 44.71 -97.27
O6 BMA EB . -48.70 43.63 -95.07
C1 NAG FB . 60.68 -92.25 -11.06
C2 NAG FB . 60.95 -91.23 -9.95
C3 NAG FB . 62.17 -90.38 -10.29
C4 NAG FB . 63.38 -91.28 -10.58
C5 NAG FB . 63.04 -92.30 -11.67
C6 NAG FB . 64.17 -93.30 -11.91
C7 NAG FB . 59.14 -90.48 -8.47
C8 NAG FB . 57.88 -89.66 -8.37
N2 NAG FB . 59.80 -90.41 -9.62
O3 NAG FB . 62.45 -89.45 -9.24
O4 NAG FB . 64.54 -90.52 -11.00
O5 NAG FB . 61.84 -93.04 -11.33
O6 NAG FB . 63.88 -94.15 -13.01
O7 NAG FB . 59.53 -91.16 -7.53
C1 NAG FB . 65.46 -90.03 -9.96
C2 NAG FB . 66.91 -89.96 -10.50
C3 NAG FB . 67.85 -89.39 -9.42
C4 NAG FB . 67.30 -88.07 -8.86
C5 NAG FB . 65.86 -88.23 -8.36
C6 NAG FB . 65.25 -86.91 -7.88
C7 NAG FB . 68.31 -91.39 -11.94
C8 NAG FB . 68.51 -92.77 -12.50
N2 NAG FB . 67.37 -91.25 -11.00
O3 NAG FB . 69.18 -89.20 -9.88
O4 NAG FB . 68.14 -87.63 -7.80
O5 NAG FB . 65.04 -88.77 -9.44
O6 NAG FB . 63.87 -87.06 -7.56
O7 NAG FB . 68.99 -90.44 -12.32
C1 NAG GB . -59.23 114.63 -41.48
C2 NAG GB . -58.51 113.34 -41.83
C3 NAG GB . -58.99 112.82 -43.18
C4 NAG GB . -60.51 112.72 -43.21
C5 NAG GB . -61.11 114.07 -42.84
C6 NAG GB . -62.63 114.04 -42.76
C7 NAG GB . -56.33 113.26 -40.76
C8 NAG GB . -54.85 113.41 -40.95
N2 NAG GB . -57.08 113.50 -41.84
O3 NAG GB . -58.40 111.55 -43.45
O4 NAG GB . -60.94 112.35 -44.52
O5 NAG GB . -60.63 114.48 -41.54
O6 NAG GB . -63.20 113.58 -43.98
O7 NAG GB . -56.82 112.94 -39.69
C1 NAG HB . -70.32 77.58 20.67
C2 NAG HB . -69.78 77.21 22.05
C3 NAG HB . -70.68 76.18 22.72
C4 NAG HB . -72.11 76.72 22.77
C5 NAG HB . -72.56 77.10 21.36
C6 NAG HB . -73.93 77.74 21.33
C7 NAG HB . -67.37 77.55 22.14
C8 NAG HB . -66.01 76.93 22.03
N2 NAG HB . -68.41 76.73 21.96
O3 NAG HB . -70.20 75.89 24.02
O4 NAG HB . -72.97 75.70 23.30
O5 NAG HB . -71.64 78.07 20.80
O6 NAG HB . -73.93 78.98 22.02
O7 NAG HB . -67.53 78.73 22.41
C1 NAG IB . -21.82 42.58 88.27
C2 NAG IB . -21.40 41.80 87.01
C3 NAG IB . -21.22 40.30 87.32
C4 NAG IB . -20.40 40.08 88.60
C5 NAG IB . -21.01 40.84 89.78
C6 NAG IB . -20.22 40.70 91.09
C7 NAG IB . -22.07 41.90 84.61
C8 NAG IB . -23.11 42.38 83.64
N2 NAG IB . -22.35 42.03 85.92
O3 NAG IB . -20.61 39.59 86.23
O4 NAG IB . -20.37 38.67 88.89
O5 NAG IB . -21.06 42.26 89.44
O6 NAG IB . -20.88 41.35 92.18
O7 NAG IB . -21.01 41.40 84.23
C1 NAG JB . 45.93 -29.49 87.91
C2 NAG JB . 46.42 -28.83 86.62
C3 NAG JB . 47.46 -27.75 86.91
C4 NAG JB . 46.99 -26.83 88.03
C5 NAG JB . 46.72 -27.68 89.27
C6 NAG JB . 46.28 -26.86 90.47
C7 NAG JB . 46.27 -30.50 84.86
C8 NAG JB . 47.03 -31.34 83.88
N2 NAG JB . 47.00 -29.80 85.72
O3 NAG JB . 47.71 -27.00 85.72
O4 NAG JB . 48.00 -25.86 88.31
O5 NAG JB . 45.64 -28.59 88.97
O6 NAG JB . 44.93 -26.42 90.29
O7 NAG JB . 45.04 -30.46 84.87
C1 NAG KB . 40.89 -70.09 75.84
C2 NAG KB . 40.54 -71.31 76.69
C3 NAG KB . 40.75 -72.61 75.92
C4 NAG KB . 40.12 -72.56 74.52
C5 NAG KB . 40.61 -71.33 73.74
C6 NAG KB . 39.96 -71.18 72.35
C7 NAG KB . 42.57 -71.34 78.10
C8 NAG KB . 43.12 -71.38 79.51
N2 NAG KB . 41.23 -71.32 77.98
O3 NAG KB . 40.26 -73.74 76.65
O4 NAG KB . 40.46 -73.76 73.82
O5 NAG KB . 40.35 -70.12 74.51
O6 NAG KB . 38.53 -71.10 72.40
O7 NAG KB . 43.32 -71.34 77.14
C1 NAG LB . 30.49 -23.63 39.68
C2 NAG LB . 30.77 -22.95 41.02
C3 NAG LB . 31.73 -21.79 40.79
C4 NAG LB . 33.03 -22.30 40.16
C5 NAG LB . 32.79 -23.12 38.89
C6 NAG LB . 34.02 -23.91 38.44
C7 NAG LB . 28.65 -21.74 41.30
C8 NAG LB . 27.41 -21.59 42.13
N2 NAG LB . 29.55 -22.63 41.72
O3 NAG LB . 32.01 -21.09 42.00
O4 NAG LB . 33.87 -21.18 39.84
O5 NAG LB . 31.73 -24.10 39.12
O6 NAG LB . 35.09 -23.06 38.03
O7 NAG LB . 28.84 -21.06 40.31
C1 NAG MB . 85.01 -29.36 -19.78
C2 NAG MB . 85.30 -30.40 -20.88
C3 NAG MB . 85.88 -29.71 -22.12
C4 NAG MB . 84.97 -28.57 -22.58
C5 NAG MB . 84.65 -27.59 -21.45
C6 NAG MB . 83.56 -26.59 -21.86
C7 NAG MB . 85.71 -32.67 -20.01
C8 NAG MB . 86.73 -33.65 -19.54
N2 NAG MB . 86.17 -31.47 -20.42
O3 NAG MB . 86.09 -30.68 -23.16
O4 NAG MB . 85.60 -27.84 -23.63
O5 NAG MB . 84.20 -28.29 -20.26
O6 NAG MB . 84.03 -25.67 -22.86
O7 NAG MB . 84.51 -32.93 -20.03
C1 NAG NB . 76.80 -29.63 7.54
C2 NAG NB . 76.55 -29.95 9.02
C3 NAG NB . 77.51 -31.03 9.53
C4 NAG NB . 77.56 -32.22 8.58
C5 NAG NB . 77.89 -31.74 7.17
C6 NAG NB . 77.91 -32.86 6.15
C7 NAG NB . 75.56 -27.99 10.13
C8 NAG NB . 75.83 -26.77 10.97
N2 NAG NB . 76.61 -28.76 9.85
O3 NAG NB . 77.12 -31.41 10.84
O4 NAG NB . 78.56 -33.14 9.02
O5 NAG NB . 76.88 -30.79 6.74
O6 NAG NB . 76.67 -33.55 6.09
O7 NAG NB . 74.44 -28.26 9.72
C1 NAG OB . -14.47 31.05 -39.72
C2 NAG OB . -15.90 30.95 -39.15
C3 NAG OB . -16.40 29.50 -39.17
C4 NAG OB . -16.18 28.85 -40.54
C5 NAG OB . -14.74 29.00 -41.04
C6 NAG OB . -14.52 28.49 -42.47
C7 NAG OB . -17.07 31.99 -37.26
C8 NAG OB . -17.01 32.37 -35.80
N2 NAG OB . -15.95 31.50 -37.80
O3 NAG OB . -17.77 29.43 -38.78
O4 NAG OB . -16.51 27.45 -40.39
O5 NAG OB . -14.35 30.40 -40.99
O6 NAG OB . -15.28 29.21 -43.45
O7 NAG OB . -18.11 32.06 -37.90
C1 NAG PB . 15.14 21.76 -18.83
C2 NAG PB . 14.20 22.03 -17.66
C3 NAG PB . 13.49 20.74 -17.25
C4 NAG PB . 12.82 20.09 -18.45
C5 NAG PB . 13.82 19.92 -19.59
C6 NAG PB . 13.19 19.37 -20.85
C7 NAG PB . 16.13 22.37 -16.17
C8 NAG PB . 17.05 23.54 -16.09
N2 NAG PB . 14.86 22.64 -16.52
O3 NAG PB . 12.53 21.02 -16.23
O4 NAG PB . 12.29 18.82 -18.07
O5 NAG PB . 14.42 21.18 -19.92
O6 NAG PB . 14.18 19.07 -21.82
O7 NAG PB . 16.49 21.23 -15.93
C1 NAG QB . 57.25 53.07 -85.57
C2 NAG QB . 57.75 53.22 -87.02
C3 NAG QB . 57.04 54.39 -87.72
C4 NAG QB . 55.52 54.32 -87.50
C5 NAG QB . 55.16 54.16 -86.01
C6 NAG QB . 53.66 54.01 -85.77
C7 NAG QB . 60.06 52.32 -87.05
C8 NAG QB . 61.52 52.65 -87.08
N2 NAG QB . 59.21 53.35 -87.12
O3 NAG QB . 57.36 54.42 -89.11
O4 NAG QB . 54.95 55.54 -88.00
O5 NAG QB . 55.84 53.00 -85.46
O6 NAG QB . 53.37 53.31 -84.56
O7 NAG QB . 59.66 51.17 -86.94
C1 NAG RB . -23.49 94.48 -5.67
C2 NAG RB . -22.45 93.59 -4.97
C3 NAG RB . -21.03 94.13 -5.12
C4 NAG RB . -20.73 94.59 -6.55
C5 NAG RB . -21.75 95.66 -6.97
C6 NAG RB . -21.52 96.18 -8.39
C7 NAG RB . -23.63 92.58 -3.04
C8 NAG RB . -23.94 92.71 -1.58
N2 NAG RB . -22.79 93.48 -3.55
O3 NAG RB . -20.07 93.16 -4.70
O4 NAG RB . -19.41 95.14 -6.61
O5 NAG RB . -23.09 95.08 -6.91
O6 NAG RB . -22.38 97.28 -8.68
O7 NAG RB . -24.10 91.68 -3.71
O5 A2G SB . -80.60 81.83 -23.37
C1 A2G SB . -81.18 83.12 -23.39
C2 A2G SB . -82.46 83.19 -22.60
N2 A2G SB . -83.09 84.49 -22.71
C3 A2G SB . -82.07 82.90 -21.15
O3 A2G SB . -83.22 82.85 -20.33
C4 A2G SB . -81.25 81.61 -21.07
O4 A2G SB . -82.09 80.51 -21.40
C5 A2G SB . -80.07 81.62 -22.05
C6 A2G SB . -79.29 80.33 -22.08
O6 A2G SB . -78.15 80.45 -22.92
C7 A2G SB . -84.37 84.65 -23.07
O7 A2G SB . -85.08 83.68 -23.36
C8 A2G SB . -84.87 86.06 -23.13
O5 A2G TB . -48.00 57.80 36.68
C1 A2G TB . -49.09 57.98 37.55
C2 A2G TB . -50.40 57.78 36.85
N2 A2G TB . -51.53 58.05 37.71
C3 A2G TB . -50.46 56.36 36.29
O3 A2G TB . -51.65 56.18 35.54
C4 A2G TB . -49.21 56.09 35.45
O4 A2G TB . -49.25 56.90 34.28
C5 A2G TB . -47.95 56.41 36.26
C6 A2G TB . -46.68 56.20 35.48
O6 A2G TB . -45.53 56.65 36.18
C7 A2G TB . -52.50 58.91 37.41
O7 A2G TB . -52.50 59.55 36.36
C8 A2G TB . -53.58 59.09 38.43
O5 A2G UB . -51.32 82.67 44.96
C1 A2G UB . -51.14 83.67 45.96
C2 A2G UB . -49.70 83.87 46.37
N2 A2G UB . -49.57 84.84 47.45
C3 A2G UB . -48.88 84.18 45.09
O3 A2G UB . -47.49 84.36 45.35
C4 A2G UB . -49.07 83.07 44.05
O4 A2G UB . -48.49 81.86 44.54
C5 A2G UB . -50.55 82.90 43.74
C6 A2G UB . -50.81 81.78 42.70
O6 A2G UB . -50.15 82.10 41.48
C7 A2G UB . -49.14 86.12 47.42
O7 A2G UB . -48.54 86.60 46.46
C8 A2G UB . -49.42 86.95 48.64
O5 A2G VB . -33.39 110.72 25.13
C1 A2G VB . -33.77 111.95 24.55
C2 A2G VB . -32.80 113.09 24.77
N2 A2G VB . -33.27 114.29 24.13
C3 A2G VB . -31.47 112.63 24.17
O3 A2G VB . -30.45 113.57 24.42
C4 A2G VB . -31.11 111.24 24.68
O4 A2G VB . -30.87 111.31 26.09
C5 A2G VB . -32.23 110.24 24.43
C6 A2G VB . -31.93 108.85 24.93
O6 A2G VB . -31.73 108.83 26.33
C7 A2G VB . -33.47 115.44 24.77
O7 A2G VB . -33.33 115.52 25.99
C8 A2G VB . -33.88 116.61 23.94
O5 A2G WB . -39.99 119.56 0.70
C1 A2G WB . -39.78 119.51 -0.68
C2 A2G WB . -38.65 120.37 -1.19
N2 A2G WB . -38.53 120.42 -2.64
C3 A2G WB . -37.39 119.82 -0.53
O3 A2G WB . -36.30 120.65 -0.86
C4 A2G WB . -37.60 119.69 0.98
O4 A2G WB . -37.71 120.99 1.56
C5 A2G WB . -38.86 118.89 1.30
C6 A2G WB . -39.15 118.75 2.78
O6 A2G WB . -38.10 118.06 3.44
C7 A2G WB . -38.30 119.37 -3.44
O7 A2G WB . -38.18 118.22 -3.04
C8 A2G WB . -38.20 119.69 -4.91
O5 A2G XB . -21.28 63.79 -15.32
C1 A2G XB . -21.83 62.79 -14.52
C2 A2G XB . -21.14 61.47 -14.80
N2 A2G XB . -21.88 60.32 -14.32
C3 A2G XB . -19.77 61.64 -14.16
O3 A2G XB . -19.01 60.44 -14.22
C4 A2G XB . -19.07 62.81 -14.85
O4 A2G XB . -18.75 62.42 -16.18
C5 A2G XB . -19.93 64.09 -14.88
C6 A2G XB . -19.35 65.17 -15.79
O6 A2G XB . -18.14 65.74 -15.26
C7 A2G XB . -22.94 59.83 -14.97
O7 A2G XB . -23.43 60.40 -15.94
C8 A2G XB . -23.50 58.55 -14.43
O5 A2G YB . -6.62 51.16 23.38
C1 A2G YB . -7.97 51.39 23.01
C2 A2G YB . -8.33 52.85 22.84
N2 A2G YB . -9.73 53.02 22.53
C3 A2G YB . -7.43 53.36 21.71
O3 A2G YB . -7.57 54.77 21.48
C4 A2G YB . -5.96 53.02 21.95
O4 A2G YB . -5.46 53.84 23.00
C5 A2G YB . -5.73 51.55 22.30
C6 A2G YB . -4.26 51.27 22.69
O6 A2G YB . -4.02 49.88 22.80
C7 A2G YB . -10.41 54.17 22.66
O7 A2G YB . -9.86 55.21 23.00
C8 A2G YB . -11.88 54.11 22.35
O5 A2G ZB . 47.85 -41.15 5.11
C1 A2G ZB . 48.35 -42.44 5.41
C2 A2G ZB . 47.31 -43.53 5.29
N2 A2G ZB . 47.87 -44.85 5.52
C3 A2G ZB . 46.68 -43.46 3.88
O3 A2G ZB . 45.58 -44.37 3.71
C4 A2G ZB . 46.24 -42.03 3.54
O4 A2G ZB . 45.12 -41.74 4.38
C5 A2G ZB . 47.43 -41.08 3.72
C6 A2G ZB . 47.16 -39.62 3.25
O6 A2G ZB . 46.17 -38.94 4.02
C7 A2G ZB . 47.17 -45.92 5.90
O7 A2G ZB . 45.94 -45.92 5.89
C8 A2G ZB . 47.95 -47.13 6.31
O5 A2G AC . 31.77 53.03 -21.42
C1 A2G AC . 31.69 53.14 -22.83
C2 A2G AC . 30.64 54.15 -23.29
N2 A2G AC . 30.56 54.18 -24.75
C3 A2G AC . 31.07 55.50 -22.71
O3 A2G AC . 30.12 56.55 -22.98
C4 A2G AC . 31.30 55.40 -21.21
O4 A2G AC . 30.05 55.18 -20.57
C5 A2G AC . 32.27 54.28 -20.86
C6 A2G AC . 32.49 54.14 -19.33
O6 A2G AC . 33.70 53.41 -19.09
C7 A2G AC . 29.58 54.74 -25.48
O7 A2G AC . 28.73 55.45 -24.96
C8 A2G AC . 29.60 54.45 -26.95
O5 A2G BC . -16.71 57.73 -55.91
C1 A2G BC . -17.41 58.93 -55.86
C2 A2G BC . -18.59 58.96 -54.90
N2 A2G BC . -19.25 60.24 -54.93
C3 A2G BC . -17.99 58.70 -53.52
O3 A2G BC . -19.04 58.53 -52.58
C4 A2G BC . -17.07 57.48 -53.55
O4 A2G BC . -17.83 56.30 -53.81
C5 A2G BC . -16.01 57.60 -54.65
C6 A2G BC . -15.10 56.41 -54.74
O6 A2G BC . -15.81 55.22 -55.10
C7 A2G BC . -20.55 60.37 -55.22
O7 A2G BC . -21.22 59.43 -55.60
C8 A2G BC . -21.13 61.74 -55.04
O5 A2G CC . -3.76 85.91 -58.43
C1 A2G CC . -3.66 86.30 -59.79
C2 A2G CC . -4.45 87.57 -60.05
N2 A2G CC . -4.46 87.96 -61.45
C3 A2G CC . -3.86 88.69 -59.19
O3 A2G CC . -4.59 89.91 -59.33
C4 A2G CC . -3.80 88.26 -57.73
O4 A2G CC . -5.14 88.19 -57.23
C5 A2G CC . -3.11 86.90 -57.59
C6 A2G CC . -3.01 86.44 -56.13
O6 A2G CC . -2.03 87.24 -55.45
C7 A2G CC . -5.49 87.69 -62.25
O7 A2G CC . -6.44 87.00 -61.87
C8 A2G CC . -5.45 88.26 -63.64
CA CA DC . -46.58 56.27 -83.07
CA CA EC . -60.73 27.35 -88.95
CA CA FC . -71.42 82.08 -40.99
CA CA GC . -60.71 88.98 -26.27
CA CA HC . -57.96 127.62 -14.67
CA CA IC . -50.64 101.87 1.18
CA CA JC . -32.12 63.82 2.30
CA CA KC . -52.45 80.28 34.06
CA CA LC . -56.40 97.36 30.03
CA CA MC . -45.43 105.36 7.12
CA CA NC . -39.79 97.03 -5.52
CA CA OC . -32.23 73.59 -6.08
CA CA PC . -21.24 49.89 9.25
CA CA QC . -26.90 54.01 32.93
CA CA RC . -39.87 52.10 71.36
CA CA SC . -3.93 46.55 85.87
CA CA TC . -6.94 6.49 86.66
CA CA UC . 13.56 -56.28 95.93
CA CA VC . 53.78 -27.87 7.08
CA CA WC . 65.75 -31.87 -1.58
CA CA XC . 78.69 -17.45 -5.03
CA CA YC . 66.54 -11.22 6.48
CA CA ZC . 56.01 2.77 3.31
CA CA AD . 53.30 17.69 -6.86
CA CA BD . 59.77 23.49 -25.62
CA CA CD . 43.99 20.40 -32.02
CA CA DD . 31.57 12.42 -16.63
CA CA ED . 9.67 -7.75 8.05
CA CA FD . -5.00 31.51 4.44
CA CA GD . 16.10 47.09 -32.88
CA CA HD . 16.30 33.95 -26.44
CA CA ID . 4.63 30.01 -33.89
CA CA JD . 7.04 75.77 -40.91
CA CA KD . 25.44 67.77 -48.13
CA CA LD . 33.63 52.52 -40.07
CA CA MD . 31.68 34.68 -33.09
CA CA ND . 17.61 25.85 -39.78
CA CA OD . 2.50 31.31 -49.61
CA CA PD . -3.30 52.32 -60.10
CA CA QD . 0.84 70.40 -59.25
CA CA RD . 12.87 70.12 -71.56
CA CA SD . 19.86 60.77 -81.99
CA CA TD . 55.03 52.04 -66.97
CA CA UD . 48.30 39.43 -89.83
NI NI VD . 7.48 -23.89 112.31
C1 NAG WD . 56.12 -69.02 -104.64
C2 NAG WD . 57.51 -68.38 -104.62
C3 NAG WD . 57.48 -67.02 -103.94
C4 NAG WD . 56.39 -66.14 -104.53
C5 NAG WD . 55.05 -66.88 -104.43
C6 NAG WD . 53.91 -66.10 -105.03
C7 NAG WD . 59.21 -70.13 -104.60
C8 NAG WD . 60.36 -70.71 -103.84
N2 NAG WD . 58.47 -69.24 -103.96
O3 NAG WD . 58.76 -66.39 -104.07
O4 NAG WD . 56.31 -64.92 -103.80
O5 NAG WD . 55.15 -68.13 -105.16
O6 NAG WD . 54.03 -66.01 -106.45
O7 NAG WD . 58.97 -70.46 -105.76
C1 NAG XD . 68.45 -73.48 -34.42
C2 NAG XD . 68.49 -74.38 -33.19
C3 NAG XD . 69.60 -73.98 -32.22
C4 NAG XD . 70.93 -73.79 -32.97
C5 NAG XD . 70.72 -72.79 -34.10
C6 NAG XD . 71.99 -72.54 -34.91
C7 NAG XD . 66.45 -73.31 -32.38
C8 NAG XD . 65.05 -73.44 -32.89
N2 NAG XD . 67.21 -74.40 -32.50
O3 NAG XD . 69.74 -74.95 -31.20
O4 NAG XD . 71.91 -73.32 -32.05
O5 NAG XD . 69.73 -73.30 -35.00
O6 NAG XD . 72.39 -73.72 -35.62
O7 NAG XD . 66.87 -72.26 -31.89
C1 NAG YD . 28.84 -84.55 46.47
C2 NAG YD . 28.24 -83.70 47.61
C3 NAG YD . 29.31 -82.92 48.39
C4 NAG YD . 30.50 -83.81 48.75
C5 NAG YD . 31.07 -84.50 47.51
C6 NAG YD . 32.25 -85.45 47.83
C7 NAG YD . 25.91 -83.12 47.00
C8 NAG YD . 24.97 -82.02 46.60
N2 NAG YD . 27.20 -82.77 47.15
O3 NAG YD . 28.76 -82.30 49.55
O4 NAG YD . 31.49 -82.97 49.37
O5 NAG YD . 30.04 -85.26 46.83
O6 NAG YD . 31.87 -86.56 48.65
O7 NAG YD . 25.53 -84.27 47.16
C1 NAG ZD . -37.91 -27.81 94.72
C2 NAG ZD . -38.84 -27.43 93.56
C3 NAG ZD . -39.78 -28.61 93.28
C4 NAG ZD . -38.98 -29.90 93.03
C5 NAG ZD . -38.00 -30.19 94.18
C6 NAG ZD . -37.05 -31.36 93.88
C7 NAG ZD . -39.49 -25.11 93.03
C8 NAG ZD . -40.48 -24.02 93.32
N2 NAG ZD . -39.58 -26.20 93.79
O3 NAG ZD . -40.68 -28.34 92.20
O4 NAG ZD . -39.93 -30.97 92.89
O5 NAG ZD . -37.19 -29.02 94.44
O6 NAG ZD . -37.75 -32.58 93.58
O7 NAG ZD . -38.66 -25.00 92.13
C1 NAG AE . -32.32 13.52 106.57
C2 NAG AE . -32.30 14.15 107.96
C3 NAG AE . -32.99 15.52 107.95
C4 NAG AE . -32.45 16.38 106.81
C5 NAG AE . -32.65 15.64 105.50
C6 NAG AE . -32.14 16.41 104.29
C7 NAG AE . -34.18 13.06 109.13
C8 NAG AE . -34.65 12.88 110.54
N2 NAG AE . -32.88 13.28 108.97
O3 NAG AE . -32.81 16.16 109.21
O4 NAG AE . -33.17 17.62 106.78
O5 NAG AE . -31.90 14.40 105.54
O6 NAG AE . -30.74 16.63 104.39
O7 NAG AE . -34.96 13.02 108.18
C1 NAG BE . -27.65 -4.88 48.30
C2 NAG BE . -28.34 -5.88 49.25
C3 NAG BE . -28.97 -7.08 48.53
C4 NAG BE . -29.58 -6.68 47.19
C5 NAG BE . -28.67 -5.75 46.40
C6 NAG BE . -29.30 -5.29 45.10
C7 NAG BE . -26.95 -7.49 50.54
C8 NAG BE . -27.59 -8.14 51.72
N2 NAG BE . -27.39 -6.26 50.27
O3 NAG BE . -29.97 -7.67 49.35
O4 NAG BE . -29.77 -7.86 46.42
O5 NAG BE . -28.44 -4.56 47.18
O6 NAG BE . -28.45 -4.40 44.40
O7 NAG BE . -26.09 -8.02 49.84
C1 NAG CE . -89.28 34.28 10.51
C2 NAG CE . -89.06 35.77 10.19
C3 NAG CE . -90.33 36.41 9.63
C4 NAG CE . -90.93 35.55 8.51
C5 NAG CE . -91.16 34.14 9.05
C6 NAG CE . -91.75 33.21 8.01
C7 NAG CE . -87.34 36.52 11.76
C8 NAG CE . -87.04 37.39 12.93
N2 NAG CE . -88.62 36.48 11.37
O3 NAG CE . -90.03 37.71 9.16
O4 NAG CE . -92.17 36.11 8.10
O5 NAG CE . -89.90 33.57 9.45
O6 NAG CE . -90.90 33.08 6.87
O7 NAG CE . -86.47 35.86 11.19
C1 NAG DE . -77.59 16.04 29.99
C2 NAG DE . -77.76 14.55 29.67
C3 NAG DE . -77.67 13.69 30.93
C4 NAG DE . -76.47 14.08 31.79
C5 NAG DE . -76.51 15.57 32.12
C6 NAG DE . -75.33 16.03 32.98
C7 NAG DE . -79.16 13.25 28.08
C8 NAG DE . -80.45 13.22 27.32
N2 NAG DE . -78.99 14.28 28.92
O3 NAG DE . -77.61 12.29 30.64
O4 NAG DE . -76.49 13.30 32.99
O5 NAG DE . -76.52 16.34 30.89
O6 NAG DE . -75.51 17.36 33.45
O7 NAG DE . -78.32 12.36 27.97
C1 NAG EE . 10.67 -2.37 -51.99
C2 NAG EE . 12.16 -2.40 -51.64
C3 NAG EE . 12.60 -1.16 -50.85
C4 NAG EE . 12.06 0.15 -51.45
C5 NAG EE . 10.55 0.06 -51.69
C6 NAG EE . 9.97 1.28 -52.38
C7 NAG EE . 13.73 -4.24 -51.05
C8 NAG EE . 13.84 -5.64 -50.50
N2 NAG EE . 12.52 -3.65 -50.97
O3 NAG EE . 14.03 -1.05 -50.73
O4 NAG EE . 12.34 1.24 -50.57
O5 NAG EE . 10.27 -1.11 -52.53
O6 NAG EE . 8.55 1.19 -52.48
O7 NAG EE . 14.68 -3.65 -51.54
C1 NAG FE . -18.91 -8.50 -30.22
C2 NAG FE . -19.81 -9.64 -29.68
C3 NAG FE . -19.11 -10.48 -28.60
C4 NAG FE . -17.65 -10.78 -28.95
C5 NAG FE . -16.90 -9.51 -29.37
C6 NAG FE . -15.45 -9.78 -29.75
C7 NAG FE . -22.22 -9.80 -29.03
C8 NAG FE . -23.41 -9.01 -28.58
N2 NAG FE . -21.07 -9.12 -29.16
O3 NAG FE . -19.83 -11.70 -28.34
O4 NAG FE . -17.00 -11.38 -27.82
O5 NAG FE . -17.57 -8.90 -30.50
O6 NAG FE . -14.66 -10.17 -28.62
O7 NAG FE . -22.28 -11.00 -29.27
C1 NAG GE . -61.71 8.13 -101.02
C2 NAG GE . -61.21 9.10 -102.11
C3 NAG GE . -60.68 8.35 -103.36
C4 NAG GE . -59.81 7.14 -102.99
C5 NAG GE . -60.56 6.22 -102.03
C6 NAG GE . -59.73 4.99 -101.62
C7 NAG GE . -61.95 11.29 -103.02
C8 NAG GE . -63.13 12.17 -103.32
N2 NAG GE . -62.21 10.10 -102.48
O3 NAG GE . -59.97 9.21 -104.24
O4 NAG GE . -59.46 6.45 -104.19
O5 NAG GE . -60.90 6.97 -100.83
O6 NAG GE . -60.55 4.02 -100.96
O7 NAG GE . -60.80 11.66 -103.26
C1 NAG HE . 18.67 -73.87 -63.62
C2 NAG HE . 18.42 -75.34 -63.97
C3 NAG HE . 16.95 -75.72 -63.80
C4 NAG HE . 16.40 -75.24 -62.47
C5 NAG HE . 16.65 -73.76 -62.31
C6 NAG HE . 16.17 -73.20 -61.00
C7 NAG HE . 18.71 -74.90 -66.37
C8 NAG HE . 19.91 -74.72 -67.26
N2 NAG HE . 18.89 -75.67 -65.30
O3 NAG HE . 16.80 -77.13 -63.95
O4 NAG HE . 15.00 -75.51 -62.39
O5 NAG HE . 18.07 -73.49 -62.39
O6 NAG HE . 16.12 -71.78 -61.03
O7 NAG HE . 17.63 -74.35 -66.61
O5 A2G IE . 77.15 -53.06 -71.85
C1 A2G IE . 75.90 -52.41 -71.97
C2 A2G IE . 75.73 -51.13 -71.15
N2 A2G IE . 74.47 -50.43 -71.30
C3 A2G IE . 76.86 -50.19 -71.56
O3 A2G IE . 76.98 -49.04 -70.72
C4 A2G IE . 78.23 -50.91 -71.58
O4 A2G IE . 78.62 -51.21 -70.25
C5 A2G IE . 78.17 -52.19 -72.41
C6 A2G IE . 79.52 -52.95 -72.45
O6 A2G IE . 79.97 -53.35 -71.16
C7 A2G IE . 73.30 -50.91 -70.90
O7 A2G IE . 73.21 -52.07 -70.47
C8 A2G IE . 72.10 -50.02 -71.05
O5 A2G JE . 47.51 -67.54 -8.19
C1 A2G JE . 48.78 -68.06 -7.84
C2 A2G JE . 49.88 -67.22 -8.46
N2 A2G JE . 51.20 -67.71 -8.10
C3 A2G JE . 49.75 -65.75 -8.08
O3 A2G JE . 50.69 -64.94 -8.80
C4 A2G JE . 48.33 -65.23 -8.35
O4 A2G JE . 48.19 -65.11 -9.76
C5 A2G JE . 47.27 -66.16 -7.78
C6 A2G JE . 45.85 -65.77 -8.20
O6 A2G JE . 44.87 -66.56 -7.54
C7 A2G JE . 51.84 -68.64 -8.80
O7 A2G JE . 51.35 -69.10 -9.83
C8 A2G JE . 53.19 -69.06 -8.30
O5 A2G KE . 51.68 -93.53 -14.79
C1 A2G KE . 51.11 -94.76 -15.21
C2 A2G KE . 49.63 -94.93 -14.86
N2 A2G KE . 49.11 -96.12 -15.52
C3 A2G KE . 48.86 -93.67 -15.29
O3 A2G KE . 47.49 -93.69 -14.85
C4 A2G KE . 49.57 -92.40 -14.84
O4 A2G KE . 49.64 -92.32 -13.42
C5 A2G KE . 50.99 -92.42 -15.41
C6 A2G KE . 51.74 -91.09 -15.20
O6 A2G KE . 51.12 -90.05 -15.96
C7 A2G KE . 47.99 -96.75 -15.19
O7 A2G KE . 47.26 -96.35 -14.27
C8 A2G KE . 47.63 -97.97 -15.98
O5 A2G LE . 31.38 -103.81 -48.70
C1 A2G LE . 31.82 -104.64 -49.75
C2 A2G LE . 30.70 -105.32 -50.50
N2 A2G LE . 31.17 -106.25 -51.48
C3 A2G LE . 29.90 -104.19 -51.13
O3 A2G LE . 28.76 -104.72 -51.80
C4 A2G LE . 29.50 -103.16 -50.07
O4 A2G LE . 28.59 -103.76 -49.14
C5 A2G LE . 30.71 -102.66 -49.30
C6 A2G LE . 30.37 -101.70 -48.18
O6 A2G LE . 31.55 -101.23 -47.53
C7 A2G LE . 31.66 -107.45 -51.15
O7 A2G LE . 31.72 -107.81 -49.98
C8 A2G LE . 32.15 -108.32 -52.27
O5 A2G ME . 35.51 -96.45 -74.87
C1 A2G ME . 35.20 -95.59 -73.78
C2 A2G ME . 33.89 -95.98 -73.11
N2 A2G ME . 33.46 -95.07 -72.06
C3 A2G ME . 34.10 -97.39 -72.56
O3 A2G ME . 32.93 -97.89 -71.89
C4 A2G ME . 34.55 -98.34 -73.69
O4 A2G ME . 33.50 -98.52 -74.63
C5 A2G ME . 35.79 -97.80 -74.41
C6 A2G ME . 36.22 -98.71 -75.59
O6 A2G ME . 35.25 -98.77 -76.64
C7 A2G ME . 32.33 -94.36 -72.14
O7 A2G ME . 31.69 -94.28 -73.17
C8 A2G ME . 31.91 -93.65 -70.88
O5 A2G NE . 19.39 -42.56 -50.60
C1 A2G NE . 18.39 -43.51 -50.31
C2 A2G NE . 17.05 -43.27 -50.96
N2 A2G NE . 16.09 -44.29 -50.61
C3 A2G NE . 17.30 -43.26 -52.47
O3 A2G NE . 16.10 -42.91 -53.17
C4 A2G NE . 18.43 -42.31 -52.82
O4 A2G NE . 18.06 -40.97 -52.50
C5 A2G NE . 19.68 -42.66 -52.01
C6 A2G NE . 20.85 -41.72 -52.28
O6 A2G NE . 22.01 -42.13 -51.58
C7 A2G NE . 14.91 -44.02 -50.05
O7 A2G NE . 14.56 -42.86 -49.81
C8 A2G NE . 14.03 -45.19 -49.73
O5 A2G OE . 6.00 -54.90 -11.76
C1 A2G OE . 6.89 -55.66 -12.56
C2 A2G OE . 6.18 -56.59 -13.53
N2 A2G OE . 7.09 -57.44 -14.28
C3 A2G OE . 5.33 -55.70 -14.45
O3 A2G OE . 4.55 -56.47 -15.37
C4 A2G OE . 4.44 -54.76 -13.64
O4 A2G OE . 3.40 -55.52 -13.01
C5 A2G OE . 5.23 -53.98 -12.58
C6 A2G OE . 4.35 -53.09 -11.68
O6 A2G OE . 5.19 -52.21 -10.92
C7 A2G OE . 7.60 -58.56 -13.74
O7 A2G OE . 7.39 -58.83 -12.56
C8 A2G OE . 8.42 -59.44 -14.65
O5 A2G PE . -49.52 31.41 34.08
C1 A2G PE . -49.35 30.20 33.38
C2 A2G PE . -48.36 30.24 32.24
N2 A2G PE . -48.37 28.97 31.56
C3 A2G PE . -47.03 30.56 32.89
O3 A2G PE . -46.03 30.73 31.90
C4 A2G PE . -47.16 31.81 33.77
O4 A2G PE . -47.44 32.94 32.95
C5 A2G PE . -48.29 31.66 34.79
C6 A2G PE . -48.50 32.87 35.65
O6 A2G PE . -49.50 32.62 36.63
C7 A2G PE . -47.66 28.67 30.47
O7 A2G PE . -47.06 29.53 29.83
C8 A2G PE . -47.62 27.22 30.06
O5 A2G QE . -34.87 -31.97 -53.88
C1 A2G QE . -35.28 -31.00 -54.79
C2 A2G QE . -34.99 -31.42 -56.22
N2 A2G QE . -35.28 -30.44 -57.22
C3 A2G QE . -35.81 -32.70 -56.41
O3 A2G QE . -35.48 -33.14 -57.72
C4 A2G QE . -35.44 -33.72 -55.37
O4 A2G QE . -34.04 -33.90 -55.51
C5 A2G QE . -35.69 -33.17 -53.97
C6 A2G QE . -35.28 -34.13 -52.88
O6 A2G QE . -36.01 -35.41 -52.90
C7 A2G QE . -34.40 -29.52 -57.78
O7 A2G QE . -33.17 -29.58 -57.72
C8 A2G QE . -35.05 -28.43 -58.54
O5 A2G RE . 12.70 -13.54 -81.34
C1 A2G RE . 13.47 -14.53 -81.99
C2 A2G RE . 14.41 -15.26 -81.06
N2 A2G RE . 15.22 -16.25 -81.74
C3 A2G RE . 13.54 -15.92 -79.98
O3 A2G RE . 14.34 -16.60 -78.99
C4 A2G RE . 12.63 -14.89 -79.31
O4 A2G RE . 13.43 -13.99 -78.58
C5 A2G RE . 11.81 -14.11 -80.35
C6 A2G RE . 10.97 -12.99 -79.71
O6 A2G RE . 11.76 -11.98 -79.09
C7 A2G RE . 16.54 -16.34 -81.57
O7 A2G RE . 17.15 -15.58 -80.83
C8 A2G RE . 17.24 -17.44 -82.32
O5 A2G SE . 0.41 -34.35 -104.54
C1 A2G SE . -0.16 -34.37 -103.25
C2 A2G SE . 0.16 -35.65 -102.49
N2 A2G SE . -0.52 -35.68 -101.20
C3 A2G SE . 1.67 -35.75 -102.35
O3 A2G SE . 2.07 -36.94 -101.68
C4 A2G SE . 2.33 -35.64 -103.72
O4 A2G SE . 2.00 -36.80 -104.49
C5 A2G SE . 1.86 -34.37 -104.47
C6 A2G SE . 2.45 -34.24 -105.88
O6 A2G SE . 2.13 -32.96 -106.43
C7 A2G SE . -0.98 -36.81 -100.66
O7 A2G SE . -0.95 -37.88 -101.25
C8 A2G SE . -1.56 -36.70 -99.28
CA CA TE . 43.10 4.25 -101.77
CA CA UE . 56.65 30.77 -89.13
CA CA VE . 65.25 -43.48 -86.50
CA CA WE . 54.92 -58.04 -78.90
CA CA XE . 51.86 -94.87 -91.28
CA CA YE . 46.88 -83.23 -63.05
CA CA ZE . 28.89 -54.10 -39.43
CA CA AF . 52.06 -84.28 -23.76
CA CA BF . 55.42 -95.39 -36.65
CA CA CF . 42.76 -89.90 -59.46
CA CA DF . 36.24 -76.53 -64.48
CA CA EF . 28.51 -56.79 -50.92
CA CA FF . 18.69 -46.69 -25.00
CA CA GF . 25.54 -62.29 -7.36
CA CA HF . 44.01 -82.67 23.66
CA CA IF . 9.05 -87.14 44.75
CA CA JF . 13.52 -54.37 66.64
CA CA KF . -3.61 -8.11 111.80
CA CA LF . -55.12 16.56 27.26
CA CA MF . -67.44 25.10 23.41
CA CA NF . -81.20 15.53 11.99
CA CA OF . -69.01 4.69 17.59
CA CA PF . -57.03 -5.34 6.99
CA CA QF . -55.24 -12.83 -18.09
CA CA RF . -63.13 -7.03 -35.40
CA CA SF . -49.23 0.55 -40.15
CA CA TF . -35.91 -3.23 -22.04
CA CA UF . -14.16 -0.69 9.99
CA CA VF . 1.34 -30.24 -17.99
CA CA WF . -19.90 -20.19 -56.60
CA CA XF . -20.41 -13.81 -42.77
CA CA YF . -8.80 -5.61 -45.86
CA CA ZF . -10.56 -37.80 -80.45
CA CA AG . -29.44 -27.01 -81.24
CA CA BG . -38.01 -19.39 -65.70
CA CA CG . -35.03 -10.53 -49.96
CA CA DG . -21.67 1.02 -49.25
CA CA EG . -6.83 3.03 -60.20
CA CA FG . -0.97 -7.44 -80.85
CA CA GG . -4.18 -21.69 -91.67
CA CA HG . -16.97 -13.93 -102.21
CA CA IG . -23.80 -0.87 -103.44
CA CA JG . -59.95 -4.10 -86.07
CA CA KG . -52.37 20.97 -94.69
NI NI LG . 3.19 -43.91 106.67
#